data_7OK2
#
_entry.id   7OK2
#
_cell.length_a   247.292
_cell.length_b   367.650
_cell.length_c   372.076
_cell.angle_alpha   90.000
_cell.angle_beta   90.000
_cell.angle_gamma   90.000
#
_symmetry.space_group_name_H-M   'C 2 2 21'
#
loop_
_entity.id
_entity.type
_entity.pdbx_description
1 polymer 'Acyl-[acyl-carrier-protein]-UDP-N-acetylglucosamine O-acyltransferase'
2 non-polymer ~{N}-[(5-azanyl-1,3,4-oxadiazol-2-yl)methyl]-2-(2-chlorophenyl)sulfanyl-~{N}-[(4-cyanophenyl)methyl]ethanamide
3 non-polymer 'SULFATE ION'
4 water water
#
_entity_poly.entity_id   1
_entity_poly.type   'polypeptide(L)'
_entity_poly.pdbx_seq_one_letter_code
;GSHMSLIDPRAIIDPSARLAADVQVGPWSIVGAEVEIGEGTVIGPHVVLKGPTKIGKHNRIYQFSSVGEDTPDLKYKGEP
TRLVIGDHNVIREGVTIHRGTVQDRAETTIGDHNLIMAYAHIGHDSVIGNHCILVNNTALAGHVHVDDWAILSGYTLVHQ
YCRIGAHSFSGMGSAIGKDVPAYVTVFGNPAEARSMNFEGMRRRGFSSEAIHALRRAYKVVYRQGHTVEEALAELAESAA
QFPEVAVFRDSIQSATRGITR
;
_entity_poly.pdbx_strand_id   1,2,3,4,A,B,C,D,E,F,G,H,I,J,K,L,M,N,O,P,Q,R,S,T,U,V,W,X,Y,Z
#
loop_
_chem_comp.id
_chem_comp.type
_chem_comp.name
_chem_comp.formula
SO4 non-polymer 'SULFATE ION' 'O4 S -2'
VFN non-polymer ~{N}-[(5-azanyl-1,3,4-oxadiazol-2-yl)methyl]-2-(2-chlorophenyl)sulfanyl-~{N}-[(4-cyanophenyl)methyl]ethanamide 'C19 H16 Cl N5 O2 S'
#
# COMPACT_ATOMS: atom_id res chain seq x y z
N MET A 4 -54.83 -40.99 102.69
CA MET A 4 -54.19 -40.29 101.57
C MET A 4 -52.69 -39.97 101.90
N SER A 5 -51.75 -40.85 101.45
CA SER A 5 -50.29 -40.72 101.72
C SER A 5 -49.56 -39.79 100.76
N LEU A 6 -48.48 -39.18 101.27
CA LEU A 6 -47.60 -38.24 100.57
C LEU A 6 -46.94 -38.99 99.41
N ILE A 7 -46.25 -40.09 99.74
CA ILE A 7 -45.59 -40.93 98.76
C ILE A 7 -46.67 -41.87 98.17
N ASP A 8 -46.76 -41.96 96.82
CA ASP A 8 -47.74 -42.76 96.06
C ASP A 8 -47.43 -44.29 95.96
N PRO A 9 -48.43 -45.25 96.02
CA PRO A 9 -48.11 -46.68 95.89
C PRO A 9 -47.42 -47.09 94.60
N ARG A 10 -47.66 -46.37 93.47
CA ARG A 10 -47.06 -46.64 92.15
C ARG A 10 -45.65 -46.08 91.97
N ALA A 11 -45.18 -45.25 92.93
CA ALA A 11 -43.85 -44.67 92.93
C ALA A 11 -42.83 -45.70 93.50
N ILE A 12 -41.50 -45.45 93.32
CA ILE A 12 -40.39 -46.29 93.81
C ILE A 12 -39.45 -45.44 94.69
N ILE A 13 -39.26 -45.79 95.96
CA ILE A 13 -38.34 -45.05 96.82
C ILE A 13 -37.27 -45.98 97.36
N ASP A 14 -35.98 -45.69 97.08
CA ASP A 14 -34.86 -46.50 97.56
C ASP A 14 -34.75 -46.37 99.08
N PRO A 15 -34.53 -47.47 99.85
CA PRO A 15 -34.36 -47.29 101.31
C PRO A 15 -33.08 -46.52 101.58
N SER A 16 -32.17 -46.50 100.56
CA SER A 16 -30.91 -45.76 100.52
C SER A 16 -31.19 -44.26 100.44
N ALA A 17 -32.35 -43.85 99.86
CA ALA A 17 -32.74 -42.44 99.76
C ALA A 17 -33.25 -41.95 101.12
N ARG A 18 -33.22 -40.62 101.34
CA ARG A 18 -33.66 -39.99 102.59
C ARG A 18 -34.64 -38.84 102.30
N LEU A 19 -35.93 -39.12 102.51
CA LEU A 19 -37.02 -38.18 102.32
C LEU A 19 -37.46 -37.68 103.69
N ALA A 20 -37.73 -36.35 103.77
CA ALA A 20 -38.15 -35.64 104.97
C ALA A 20 -39.61 -35.87 105.35
N ALA A 21 -40.28 -34.83 105.86
CA ALA A 21 -41.67 -34.93 106.32
C ALA A 21 -42.69 -34.84 105.16
N ASP A 22 -43.10 -33.60 104.81
CA ASP A 22 -44.12 -33.29 103.81
C ASP A 22 -43.61 -33.49 102.39
N VAL A 23 -42.66 -34.42 102.23
CA VAL A 23 -42.15 -34.80 100.93
C VAL A 23 -43.23 -35.71 100.35
N GLN A 24 -43.68 -35.37 99.14
CA GLN A 24 -44.68 -36.10 98.37
C GLN A 24 -44.00 -36.56 97.09
N VAL A 25 -44.30 -37.79 96.68
CA VAL A 25 -43.79 -38.39 95.46
C VAL A 25 -44.99 -38.88 94.70
N GLY A 26 -45.22 -38.32 93.51
CA GLY A 26 -46.31 -38.70 92.63
C GLY A 26 -46.18 -40.12 92.09
N PRO A 27 -47.22 -40.65 91.40
CA PRO A 27 -47.12 -42.02 90.88
C PRO A 27 -46.06 -42.22 89.80
N TRP A 28 -45.52 -43.44 89.68
CA TRP A 28 -44.54 -43.82 88.65
C TRP A 28 -43.25 -42.94 88.65
N SER A 29 -42.85 -42.49 89.84
CA SER A 29 -41.65 -41.69 90.05
C SER A 29 -40.60 -42.49 90.78
N ILE A 30 -39.34 -42.43 90.33
CA ILE A 30 -38.23 -43.18 90.93
C ILE A 30 -37.35 -42.29 91.77
N VAL A 31 -37.32 -42.55 93.08
CA VAL A 31 -36.40 -41.88 93.98
C VAL A 31 -35.25 -42.86 94.25
N GLY A 32 -34.19 -42.70 93.46
CA GLY A 32 -32.99 -43.53 93.47
C GLY A 32 -32.18 -43.44 94.74
N ALA A 33 -31.11 -44.23 94.82
CA ALA A 33 -30.21 -44.26 95.97
C ALA A 33 -29.48 -42.91 96.16
N GLU A 34 -29.00 -42.67 97.40
CA GLU A 34 -28.20 -41.52 97.87
C GLU A 34 -28.87 -40.12 97.64
N VAL A 35 -30.19 -40.12 97.25
CA VAL A 35 -31.06 -38.93 97.03
C VAL A 35 -31.59 -38.47 98.40
N GLU A 36 -31.54 -37.16 98.67
CA GLU A 36 -32.05 -36.53 99.90
C GLU A 36 -33.00 -35.45 99.47
N ILE A 37 -34.26 -35.51 99.95
CA ILE A 37 -35.31 -34.54 99.61
C ILE A 37 -35.76 -33.87 100.90
N GLY A 38 -35.58 -32.55 100.96
CA GLY A 38 -35.90 -31.76 102.13
C GLY A 38 -37.38 -31.50 102.32
N GLU A 39 -37.72 -30.90 103.46
CA GLU A 39 -39.07 -30.49 103.90
C GLU A 39 -39.96 -29.89 102.79
N GLY A 40 -41.25 -30.18 102.83
CA GLY A 40 -42.26 -29.69 101.90
C GLY A 40 -41.98 -29.70 100.40
N THR A 41 -40.97 -30.49 99.94
CA THR A 41 -40.68 -30.58 98.51
C THR A 41 -41.72 -31.53 97.86
N VAL A 42 -42.18 -31.17 96.65
CA VAL A 42 -43.17 -31.96 95.93
C VAL A 42 -42.60 -32.49 94.62
N ILE A 43 -42.65 -33.81 94.46
CA ILE A 43 -42.16 -34.53 93.29
C ILE A 43 -43.41 -35.02 92.55
N GLY A 44 -43.54 -34.62 91.29
CA GLY A 44 -44.67 -35.04 90.49
C GLY A 44 -44.59 -36.49 90.03
N PRO A 45 -45.48 -36.89 89.09
CA PRO A 45 -45.44 -38.25 88.55
C PRO A 45 -44.45 -38.41 87.39
N HIS A 46 -44.03 -39.65 87.06
CA HIS A 46 -43.06 -39.92 85.98
C HIS A 46 -41.80 -39.05 86.14
N VAL A 47 -41.29 -38.94 87.36
CA VAL A 47 -40.08 -38.14 87.66
C VAL A 47 -38.98 -39.12 88.04
N VAL A 48 -37.76 -38.93 87.46
CA VAL A 48 -36.64 -39.81 87.76
C VAL A 48 -35.59 -39.02 88.51
N LEU A 49 -35.34 -39.41 89.77
CA LEU A 49 -34.34 -38.81 90.65
C LEU A 49 -33.25 -39.87 90.91
N LYS A 50 -31.96 -39.53 90.61
CA LYS A 50 -30.77 -40.39 90.78
C LYS A 50 -29.72 -39.69 91.64
N GLY A 51 -29.09 -40.43 92.54
CA GLY A 51 -28.08 -39.86 93.43
C GLY A 51 -26.63 -40.14 93.09
N PRO A 52 -25.61 -39.61 93.84
CA PRO A 52 -25.68 -38.72 95.02
C PRO A 52 -26.26 -37.33 94.75
N THR A 53 -27.51 -37.11 95.14
CA THR A 53 -28.21 -35.84 94.94
C THR A 53 -28.78 -35.31 96.30
N LYS A 54 -28.85 -33.96 96.46
CA LYS A 54 -29.37 -33.28 97.65
C LYS A 54 -30.36 -32.16 97.23
N ILE A 55 -31.64 -32.52 97.19
CA ILE A 55 -32.74 -31.64 96.84
C ILE A 55 -33.19 -31.02 98.16
N GLY A 56 -33.36 -29.70 98.17
CA GLY A 56 -33.70 -28.94 99.37
C GLY A 56 -35.18 -28.88 99.72
N LYS A 57 -35.56 -27.81 100.45
CA LYS A 57 -36.89 -27.54 100.96
C LYS A 57 -37.77 -26.77 99.98
N HIS A 58 -39.02 -27.22 99.87
CA HIS A 58 -40.11 -26.64 99.06
C HIS A 58 -39.81 -26.44 97.58
N ASN A 59 -39.15 -27.41 96.94
CA ASN A 59 -38.94 -27.30 95.50
C ASN A 59 -40.14 -28.00 94.85
N ARG A 60 -40.41 -27.74 93.56
CA ARG A 60 -41.46 -28.45 92.83
C ARG A 60 -40.85 -29.01 91.54
N ILE A 61 -40.72 -30.37 91.47
CA ILE A 61 -40.17 -31.11 90.32
C ILE A 61 -41.34 -31.74 89.46
N TYR A 62 -41.53 -31.22 88.25
CA TYR A 62 -42.62 -31.65 87.37
C TYR A 62 -42.31 -32.92 86.60
N GLN A 63 -43.36 -33.55 86.09
CA GLN A 63 -43.34 -34.77 85.31
C GLN A 63 -42.27 -34.80 84.19
N PHE A 64 -41.68 -35.99 83.95
CA PHE A 64 -40.69 -36.32 82.89
C PHE A 64 -39.32 -35.66 83.06
N SER A 65 -39.04 -35.05 84.24
CA SER A 65 -37.74 -34.46 84.54
C SER A 65 -36.80 -35.59 84.97
N SER A 66 -35.51 -35.57 84.51
CA SER A 66 -34.50 -36.57 84.88
C SER A 66 -33.45 -35.78 85.65
N VAL A 67 -33.51 -35.82 87.00
CA VAL A 67 -32.68 -35.04 87.94
C VAL A 67 -31.60 -35.88 88.67
N GLY A 68 -30.34 -35.53 88.49
CA GLY A 68 -29.22 -36.22 89.13
C GLY A 68 -28.61 -37.37 88.33
N GLU A 69 -28.84 -37.39 87.01
CA GLU A 69 -28.39 -38.41 86.06
C GLU A 69 -26.90 -38.23 85.67
N ASP A 70 -26.17 -39.33 85.44
CA ASP A 70 -24.77 -39.29 85.03
C ASP A 70 -24.70 -38.56 83.65
N THR A 71 -23.74 -37.58 83.43
CA THR A 71 -23.65 -36.91 82.11
C THR A 71 -23.33 -37.92 81.01
N PRO A 72 -23.82 -37.72 79.77
CA PRO A 72 -23.47 -38.67 78.70
C PRO A 72 -22.05 -38.43 78.27
N ASP A 73 -21.42 -37.30 78.76
CA ASP A 73 -20.04 -36.87 78.44
C ASP A 73 -19.06 -37.99 78.55
N LEU A 74 -18.24 -38.13 77.51
CA LEU A 74 -17.21 -39.16 77.39
C LEU A 74 -16.08 -38.90 78.40
N LYS A 75 -16.12 -37.71 79.03
CA LYS A 75 -15.23 -37.20 80.09
C LYS A 75 -15.51 -37.98 81.39
N TYR A 76 -16.81 -38.18 81.72
CA TYR A 76 -17.28 -38.86 82.92
C TYR A 76 -17.08 -40.35 82.78
N LYS A 77 -16.30 -40.94 83.69
CA LYS A 77 -15.99 -42.37 83.62
C LYS A 77 -16.82 -43.24 84.60
N GLY A 78 -17.65 -42.61 85.45
CA GLY A 78 -18.51 -43.33 86.40
C GLY A 78 -18.46 -42.87 87.84
N GLU A 79 -17.50 -41.96 88.17
CA GLU A 79 -17.19 -41.37 89.48
C GLU A 79 -18.43 -41.02 90.36
N PRO A 80 -18.39 -41.12 91.70
CA PRO A 80 -19.60 -40.78 92.49
C PRO A 80 -19.63 -39.28 92.84
N THR A 81 -19.91 -38.47 91.79
CA THR A 81 -20.01 -37.01 91.80
C THR A 81 -21.41 -36.56 92.29
N ARG A 82 -21.54 -35.34 92.85
CA ARG A 82 -22.81 -34.86 93.42
C ARG A 82 -23.56 -33.81 92.61
N LEU A 83 -24.79 -33.51 93.06
CA LEU A 83 -25.69 -32.45 92.62
C LEU A 83 -26.37 -31.95 93.91
N VAL A 84 -26.47 -30.61 94.06
CA VAL A 84 -27.09 -29.91 95.20
C VAL A 84 -28.10 -28.91 94.66
N ILE A 85 -29.35 -29.00 95.14
CA ILE A 85 -30.46 -28.10 94.78
C ILE A 85 -30.96 -27.42 96.07
N GLY A 86 -31.10 -26.11 95.99
CA GLY A 86 -31.52 -25.26 97.10
C GLY A 86 -32.97 -25.37 97.49
N ASP A 87 -33.52 -24.25 97.96
CA ASP A 87 -34.90 -24.19 98.40
C ASP A 87 -35.73 -23.33 97.49
N HIS A 88 -37.01 -23.66 97.38
CA HIS A 88 -37.98 -22.93 96.58
C HIS A 88 -37.64 -22.84 95.10
N ASN A 89 -37.17 -23.93 94.51
CA ASN A 89 -36.87 -23.97 93.06
C ASN A 89 -38.05 -24.61 92.32
N VAL A 90 -38.27 -24.21 91.07
CA VAL A 90 -39.33 -24.81 90.25
C VAL A 90 -38.68 -25.44 89.05
N ILE A 91 -38.60 -26.78 89.06
CA ILE A 91 -38.01 -27.53 87.96
C ILE A 91 -39.22 -28.02 87.17
N ARG A 92 -39.47 -27.39 86.00
CA ARG A 92 -40.64 -27.71 85.18
C ARG A 92 -40.49 -29.04 84.42
N GLU A 93 -41.41 -29.32 83.49
CA GLU A 93 -41.50 -30.59 82.80
C GLU A 93 -40.28 -30.89 81.93
N GLY A 94 -39.88 -32.15 81.96
CA GLY A 94 -38.77 -32.72 81.19
C GLY A 94 -37.43 -32.03 81.28
N VAL A 95 -37.15 -31.37 82.40
CA VAL A 95 -35.90 -30.67 82.66
C VAL A 95 -34.85 -31.72 82.94
N THR A 96 -33.66 -31.54 82.38
CA THR A 96 -32.52 -32.43 82.53
C THR A 96 -31.46 -31.77 83.40
N ILE A 97 -31.23 -32.33 84.60
CA ILE A 97 -30.17 -31.86 85.51
C ILE A 97 -29.22 -33.06 85.70
N HIS A 98 -27.95 -32.92 85.25
CA HIS A 98 -26.91 -33.95 85.40
C HIS A 98 -25.95 -33.59 86.52
N ARG A 99 -25.38 -34.60 87.21
CA ARG A 99 -24.42 -34.37 88.29
C ARG A 99 -23.06 -34.02 87.71
N GLY A 100 -22.20 -33.43 88.52
CA GLY A 100 -20.87 -33.01 88.11
C GLY A 100 -19.90 -34.11 87.67
N THR A 101 -18.67 -33.68 87.34
CA THR A 101 -17.54 -34.52 86.94
C THR A 101 -16.36 -34.18 87.82
N VAL A 102 -15.60 -35.23 88.20
CA VAL A 102 -14.40 -35.19 89.03
C VAL A 102 -13.37 -34.15 88.53
N GLN A 103 -13.42 -33.89 87.21
CA GLN A 103 -12.59 -33.02 86.41
C GLN A 103 -12.62 -31.55 86.92
N ASP A 104 -13.80 -31.02 87.32
CA ASP A 104 -13.96 -29.68 87.90
C ASP A 104 -13.93 -29.83 89.44
N ARG A 105 -15.09 -29.85 90.09
CA ARG A 105 -15.10 -30.00 91.54
C ARG A 105 -16.16 -31.04 91.99
N ALA A 106 -16.53 -31.96 91.06
CA ALA A 106 -17.49 -33.04 91.27
C ALA A 106 -18.91 -32.58 91.71
N GLU A 107 -19.37 -31.41 91.23
CA GLU A 107 -20.67 -30.90 91.63
C GLU A 107 -21.34 -29.93 90.68
N THR A 108 -22.63 -30.21 90.42
CA THR A 108 -23.62 -29.37 89.71
C THR A 108 -24.38 -28.70 90.87
N THR A 109 -24.49 -27.36 90.88
CA THR A 109 -25.09 -26.67 92.02
C THR A 109 -26.17 -25.66 91.61
N ILE A 110 -27.37 -25.82 92.18
CA ILE A 110 -28.52 -24.92 91.97
C ILE A 110 -28.88 -24.30 93.35
N GLY A 111 -28.99 -22.98 93.36
CA GLY A 111 -29.29 -22.22 94.55
C GLY A 111 -30.76 -22.18 94.86
N ASP A 112 -31.22 -21.07 95.45
CA ASP A 112 -32.61 -20.87 95.87
C ASP A 112 -33.46 -20.00 94.93
N HIS A 113 -34.79 -20.16 95.01
CA HIS A 113 -35.81 -19.38 94.29
C HIS A 113 -35.61 -19.26 92.78
N ASN A 114 -35.10 -20.32 92.14
CA ASN A 114 -34.88 -20.33 90.68
C ASN A 114 -36.08 -20.97 89.99
N LEU A 115 -36.36 -20.53 88.74
CA LEU A 115 -37.43 -21.08 87.91
C LEU A 115 -36.79 -21.59 86.66
N ILE A 116 -36.69 -22.93 86.56
CA ILE A 116 -36.10 -23.67 85.44
C ILE A 116 -37.28 -24.31 84.67
N MET A 117 -37.65 -23.67 83.54
CA MET A 117 -38.80 -24.07 82.71
C MET A 117 -38.56 -25.31 81.86
N ALA A 118 -39.63 -25.81 81.19
CA ALA A 118 -39.66 -27.03 80.37
C ALA A 118 -38.43 -27.32 79.57
N TYR A 119 -38.00 -28.59 79.58
CA TYR A 119 -36.89 -29.23 78.83
C TYR A 119 -35.49 -28.57 78.92
N ALA A 120 -35.37 -27.48 79.72
CA ALA A 120 -34.12 -26.78 80.02
C ALA A 120 -33.05 -27.79 80.48
N HIS A 121 -31.81 -27.56 80.06
CA HIS A 121 -30.73 -28.47 80.38
C HIS A 121 -29.70 -27.82 81.30
N ILE A 122 -29.54 -28.35 82.53
CA ILE A 122 -28.51 -27.88 83.46
C ILE A 122 -27.44 -28.95 83.51
N GLY A 123 -26.56 -28.91 82.52
CA GLY A 123 -25.46 -29.86 82.37
C GLY A 123 -24.44 -29.85 83.48
N HIS A 124 -23.64 -30.93 83.56
CA HIS A 124 -22.57 -31.21 84.53
C HIS A 124 -21.71 -30.02 84.92
N ASP A 125 -21.42 -29.90 86.23
CA ASP A 125 -20.58 -28.91 86.94
C ASP A 125 -21.02 -27.43 86.83
N SER A 126 -22.26 -27.19 86.35
CA SER A 126 -22.86 -25.84 86.26
C SER A 126 -23.23 -25.33 87.67
N VAL A 127 -23.20 -24.01 87.86
CA VAL A 127 -23.49 -23.43 89.17
C VAL A 127 -24.46 -22.28 88.96
N ILE A 128 -25.72 -22.45 89.38
CA ILE A 128 -26.80 -21.44 89.29
C ILE A 128 -27.01 -20.85 90.70
N GLY A 129 -27.15 -19.52 90.76
CA GLY A 129 -27.37 -18.81 92.00
C GLY A 129 -28.81 -18.86 92.45
N ASN A 130 -29.30 -17.73 92.95
CA ASN A 130 -30.66 -17.53 93.45
C ASN A 130 -31.46 -16.62 92.49
N HIS A 131 -32.79 -16.81 92.38
CA HIS A 131 -33.73 -16.03 91.57
C HIS A 131 -33.47 -15.96 90.05
N CYS A 132 -32.92 -17.02 89.46
CA CYS A 132 -32.71 -17.08 88.01
C CYS A 132 -33.97 -17.59 87.36
N ILE A 133 -34.22 -17.17 86.13
CA ILE A 133 -35.31 -17.69 85.32
C ILE A 133 -34.60 -18.27 84.12
N LEU A 134 -34.84 -19.56 83.85
CA LEU A 134 -34.28 -20.31 82.74
C LEU A 134 -35.47 -20.79 81.94
N VAL A 135 -35.82 -20.05 80.89
CA VAL A 135 -36.97 -20.31 80.00
C VAL A 135 -36.77 -21.67 79.24
N ASN A 136 -37.79 -22.16 78.52
CA ASN A 136 -37.82 -23.42 77.79
C ASN A 136 -36.56 -23.83 77.07
N ASN A 137 -36.25 -25.14 77.07
CA ASN A 137 -35.07 -25.74 76.41
C ASN A 137 -33.74 -24.92 76.51
N THR A 138 -33.54 -24.10 77.58
CA THR A 138 -32.29 -23.33 77.77
C THR A 138 -31.19 -24.36 78.11
N ALA A 139 -30.11 -24.44 77.31
CA ALA A 139 -29.11 -25.46 77.59
C ALA A 139 -27.77 -24.94 78.05
N LEU A 140 -27.29 -25.44 79.21
CA LEU A 140 -25.96 -25.11 79.75
C LEU A 140 -25.09 -26.34 79.45
N ALA A 141 -24.05 -26.18 78.61
CA ALA A 141 -23.18 -27.29 78.15
C ALA A 141 -22.41 -28.02 79.24
N GLY A 142 -21.98 -27.27 80.24
CA GLY A 142 -21.20 -27.77 81.36
C GLY A 142 -20.33 -26.68 81.94
N HIS A 143 -20.07 -26.74 83.25
CA HIS A 143 -19.23 -25.75 83.96
C HIS A 143 -19.69 -24.27 83.72
N VAL A 144 -21.04 -24.03 83.54
CA VAL A 144 -21.64 -22.70 83.31
C VAL A 144 -22.03 -22.08 84.66
N HIS A 145 -21.55 -20.86 84.96
CA HIS A 145 -21.84 -20.17 86.21
C HIS A 145 -22.83 -19.05 85.99
N VAL A 146 -24.05 -19.26 86.48
CA VAL A 146 -25.17 -18.34 86.31
C VAL A 146 -25.45 -17.61 87.63
N ASP A 147 -24.98 -16.34 87.75
CA ASP A 147 -25.13 -15.48 88.94
C ASP A 147 -26.61 -15.07 89.09
N ASP A 148 -26.98 -14.56 90.29
CA ASP A 148 -28.33 -14.18 90.71
C ASP A 148 -29.09 -13.30 89.74
N TRP A 149 -30.39 -13.57 89.57
CA TRP A 149 -31.36 -12.83 88.75
C TRP A 149 -31.21 -12.96 87.23
N ALA A 150 -30.22 -13.73 86.73
CA ALA A 150 -30.01 -13.87 85.29
C ALA A 150 -31.25 -14.44 84.61
N ILE A 151 -31.65 -13.82 83.49
CA ILE A 151 -32.81 -14.30 82.73
C ILE A 151 -32.32 -14.89 81.41
N LEU A 152 -32.56 -16.18 81.22
CA LEU A 152 -32.15 -16.81 79.98
C LEU A 152 -33.42 -17.15 79.23
N SER A 153 -33.76 -16.29 78.24
CA SER A 153 -34.90 -16.41 77.33
C SER A 153 -34.92 -17.81 76.66
N GLY A 154 -36.08 -18.20 76.13
CA GLY A 154 -36.30 -19.49 75.48
C GLY A 154 -35.20 -19.95 74.57
N TYR A 155 -34.81 -21.21 74.69
CA TYR A 155 -33.81 -21.88 73.84
C TYR A 155 -32.43 -21.18 73.82
N THR A 156 -32.08 -20.44 74.91
CA THR A 156 -30.78 -19.80 75.08
C THR A 156 -29.82 -20.95 75.28
N LEU A 157 -28.71 -20.97 74.54
CA LEU A 157 -27.73 -22.03 74.64
C LEU A 157 -26.42 -21.43 75.13
N VAL A 158 -25.82 -22.10 76.10
CA VAL A 158 -24.59 -21.64 76.67
C VAL A 158 -23.52 -22.66 76.47
N HIS A 159 -22.40 -22.23 75.90
CA HIS A 159 -21.20 -23.01 75.65
C HIS A 159 -20.55 -23.29 76.99
N GLN A 160 -19.78 -24.39 77.07
CA GLN A 160 -19.08 -24.82 78.27
C GLN A 160 -18.18 -23.73 78.85
N TYR A 161 -18.11 -23.66 80.18
CA TYR A 161 -17.19 -22.82 80.97
C TYR A 161 -17.62 -21.32 81.10
N CYS A 162 -18.58 -20.85 80.28
CA CYS A 162 -19.14 -19.49 80.30
C CYS A 162 -19.64 -19.01 81.67
N ARG A 163 -19.75 -17.69 81.82
CA ARG A 163 -20.28 -17.04 83.03
C ARG A 163 -21.34 -15.97 82.69
N ILE A 164 -22.60 -16.29 83.02
CA ILE A 164 -23.74 -15.40 82.81
C ILE A 164 -23.86 -14.55 84.08
N GLY A 165 -23.54 -13.26 83.94
CA GLY A 165 -23.51 -12.29 85.03
C GLY A 165 -24.83 -12.03 85.70
N ALA A 166 -24.78 -11.42 86.90
CA ALA A 166 -25.97 -11.07 87.70
C ALA A 166 -26.79 -10.02 87.00
N HIS A 167 -28.10 -10.22 87.01
CA HIS A 167 -29.06 -9.32 86.36
C HIS A 167 -29.00 -9.32 84.85
N SER A 168 -28.04 -10.05 84.25
CA SER A 168 -27.92 -10.14 82.80
C SER A 168 -29.15 -10.80 82.15
N PHE A 169 -29.33 -10.65 80.83
CA PHE A 169 -30.44 -11.21 80.05
C PHE A 169 -29.97 -11.70 78.69
N SER A 170 -30.43 -12.87 78.26
CA SER A 170 -30.11 -13.38 76.93
C SER A 170 -31.41 -13.50 76.15
N GLY A 171 -31.44 -12.96 74.93
CA GLY A 171 -32.63 -12.99 74.05
C GLY A 171 -32.96 -14.38 73.56
N MET A 172 -34.22 -14.63 73.14
CA MET A 172 -34.60 -15.99 72.77
C MET A 172 -33.75 -16.54 71.61
N GLY A 173 -33.33 -17.81 71.76
CA GLY A 173 -32.51 -18.53 70.79
C GLY A 173 -31.05 -18.15 70.71
N SER A 174 -30.57 -17.40 71.73
CA SER A 174 -29.19 -16.93 71.88
C SER A 174 -28.21 -18.08 71.91
N ALA A 175 -27.02 -17.91 71.29
CA ALA A 175 -25.93 -18.89 71.38
C ALA A 175 -24.81 -18.13 72.04
N ILE A 176 -24.55 -18.41 73.33
CA ILE A 176 -23.56 -17.71 74.15
C ILE A 176 -22.29 -18.52 74.17
N GLY A 177 -21.19 -17.89 73.75
CA GLY A 177 -19.86 -18.49 73.66
C GLY A 177 -18.78 -17.84 74.49
N LYS A 178 -19.06 -16.62 75.03
CA LYS A 178 -18.19 -15.84 75.92
C LYS A 178 -19.01 -15.42 77.18
N ASP A 179 -18.34 -15.07 78.31
CA ASP A 179 -19.04 -14.63 79.53
C ASP A 179 -20.01 -13.47 79.22
N VAL A 180 -21.21 -13.44 79.79
CA VAL A 180 -22.16 -12.31 79.63
C VAL A 180 -21.92 -11.34 80.84
N PRO A 181 -21.37 -10.10 80.69
CA PRO A 181 -21.17 -9.25 81.90
C PRO A 181 -22.47 -9.03 82.69
N ALA A 182 -22.37 -8.59 83.99
CA ALA A 182 -23.57 -8.35 84.82
C ALA A 182 -24.44 -7.29 84.16
N TYR A 183 -25.78 -7.40 84.26
CA TYR A 183 -26.76 -6.45 83.70
C TYR A 183 -26.85 -6.43 82.17
N VAL A 184 -25.86 -6.97 81.44
CA VAL A 184 -25.81 -6.92 79.97
C VAL A 184 -26.92 -7.76 79.33
N THR A 185 -27.56 -7.22 78.24
CA THR A 185 -28.57 -7.95 77.44
C THR A 185 -27.96 -8.37 76.08
N VAL A 186 -27.69 -9.69 75.95
CA VAL A 186 -27.14 -10.28 74.73
C VAL A 186 -28.24 -10.86 73.88
N PHE A 187 -28.04 -10.82 72.55
CA PHE A 187 -29.04 -11.32 71.62
C PHE A 187 -28.43 -12.04 70.45
N GLY A 188 -29.15 -13.03 69.95
CA GLY A 188 -28.81 -13.78 68.75
C GLY A 188 -27.72 -14.82 68.78
N ASN A 189 -27.52 -15.48 67.63
CA ASN A 189 -26.54 -16.53 67.41
C ASN A 189 -25.60 -16.00 66.32
N PRO A 190 -24.34 -15.65 66.67
CA PRO A 190 -23.73 -15.71 68.02
C PRO A 190 -24.11 -14.50 68.85
N ALA A 191 -24.36 -14.70 70.15
CA ALA A 191 -24.75 -13.62 71.05
C ALA A 191 -23.84 -12.43 70.93
N GLU A 192 -24.43 -11.24 70.78
CA GLU A 192 -23.76 -9.96 70.68
C GLU A 192 -24.45 -9.08 71.72
N ALA A 193 -23.69 -8.23 72.45
CA ALA A 193 -24.31 -7.37 73.46
C ALA A 193 -25.11 -6.28 72.80
N ARG A 194 -26.38 -6.10 73.23
CA ARG A 194 -27.33 -5.08 72.73
C ARG A 194 -27.37 -3.88 73.70
N SER A 195 -27.79 -4.09 74.99
CA SER A 195 -27.80 -3.01 76.01
C SER A 195 -27.65 -3.54 77.43
N MET A 196 -28.43 -2.97 78.36
CA MET A 196 -28.47 -3.37 79.77
C MET A 196 -29.92 -3.60 80.24
N ASN A 197 -30.07 -4.45 81.23
CA ASN A 197 -31.34 -4.87 81.82
C ASN A 197 -31.92 -3.80 82.74
N PHE A 198 -32.10 -2.57 82.22
CA PHE A 198 -32.64 -1.45 83.00
C PHE A 198 -33.96 -1.83 83.72
N GLU A 199 -34.80 -2.70 83.13
CA GLU A 199 -36.03 -3.16 83.79
C GLU A 199 -35.73 -3.90 85.06
N GLY A 200 -34.72 -4.76 85.04
CA GLY A 200 -34.26 -5.53 86.19
C GLY A 200 -33.72 -4.66 87.30
N MET A 201 -32.98 -3.59 86.91
CA MET A 201 -32.39 -2.59 87.80
C MET A 201 -33.54 -1.92 88.55
N ARG A 202 -34.60 -1.50 87.82
CA ARG A 202 -35.80 -0.89 88.38
C ARG A 202 -36.41 -1.81 89.42
N ARG A 203 -36.64 -3.10 89.05
CA ARG A 203 -37.20 -4.17 89.89
C ARG A 203 -36.42 -4.34 91.19
N ARG A 204 -35.08 -4.28 91.11
CA ARG A 204 -34.16 -4.42 92.26
C ARG A 204 -33.98 -3.13 93.06
N GLY A 205 -34.82 -2.12 92.77
CA GLY A 205 -34.82 -0.81 93.40
C GLY A 205 -33.51 -0.02 93.25
N PHE A 206 -32.99 0.04 92.00
CA PHE A 206 -31.75 0.75 91.68
C PHE A 206 -32.04 2.22 91.56
N SER A 207 -31.16 3.05 92.18
CA SER A 207 -31.28 4.49 92.16
C SER A 207 -31.00 4.97 90.73
N SER A 208 -31.74 6.00 90.27
CA SER A 208 -31.62 6.58 88.93
C SER A 208 -30.18 6.96 88.62
N GLU A 209 -29.45 7.47 89.63
CA GLU A 209 -28.04 7.85 89.54
C GLU A 209 -27.17 6.62 89.13
N ALA A 210 -27.46 5.45 89.77
CA ALA A 210 -26.80 4.16 89.56
C ALA A 210 -27.21 3.51 88.26
N ILE A 211 -28.49 3.66 87.83
CA ILE A 211 -28.99 3.13 86.54
C ILE A 211 -28.21 3.75 85.37
N HIS A 212 -28.08 5.09 85.40
CA HIS A 212 -27.36 5.91 84.41
C HIS A 212 -25.88 5.65 84.46
N ALA A 213 -25.35 5.44 85.68
CA ALA A 213 -23.94 5.11 85.90
C ALA A 213 -23.66 3.83 85.16
N LEU A 214 -24.64 2.90 85.21
CA LEU A 214 -24.58 1.63 84.49
C LEU A 214 -24.77 1.83 82.96
N ARG A 215 -25.60 2.82 82.53
CA ARG A 215 -25.75 3.15 81.10
C ARG A 215 -24.42 3.66 80.54
N ARG A 216 -23.70 4.55 81.28
CA ARG A 216 -22.37 5.07 80.88
C ARG A 216 -21.39 3.91 80.94
N ALA A 217 -21.50 3.06 81.99
CA ALA A 217 -20.62 1.89 82.17
C ALA A 217 -20.62 0.95 80.96
N TYR A 218 -21.76 0.81 80.26
CA TYR A 218 -21.89 0.00 79.04
C TYR A 218 -21.14 0.67 77.89
N LYS A 219 -21.46 1.94 77.64
CA LYS A 219 -20.88 2.76 76.57
C LYS A 219 -19.34 2.74 76.60
N VAL A 220 -18.73 2.82 77.81
CA VAL A 220 -17.26 2.74 78.06
C VAL A 220 -16.68 1.39 77.54
N VAL A 221 -17.32 0.24 77.92
CA VAL A 221 -16.89 -1.11 77.55
C VAL A 221 -17.07 -1.37 76.04
N TYR A 222 -18.30 -1.15 75.53
CA TYR A 222 -18.64 -1.36 74.13
C TYR A 222 -18.46 -0.07 73.25
N ARG A 223 -19.55 0.73 73.09
CA ARG A 223 -19.73 1.95 72.27
C ARG A 223 -18.50 2.94 72.14
N GLN A 224 -17.67 3.13 73.19
CA GLN A 224 -16.54 4.09 73.22
C GLN A 224 -15.26 3.64 72.50
N GLY A 225 -15.29 2.47 71.86
CA GLY A 225 -14.15 1.98 71.09
C GLY A 225 -12.93 1.61 71.91
N HIS A 226 -13.12 1.46 73.21
CA HIS A 226 -12.06 1.09 74.12
C HIS A 226 -11.88 -0.39 74.04
N THR A 227 -10.68 -0.85 74.41
CA THR A 227 -10.33 -2.26 74.51
C THR A 227 -10.81 -2.71 75.90
N VAL A 228 -10.66 -3.99 76.27
CA VAL A 228 -11.13 -4.46 77.58
C VAL A 228 -10.24 -3.86 78.67
N GLU A 229 -8.94 -4.05 78.52
CA GLU A 229 -7.87 -3.62 79.41
C GLU A 229 -7.94 -2.10 79.68
N GLU A 230 -8.51 -1.32 78.74
CA GLU A 230 -8.69 0.13 78.79
C GLU A 230 -9.99 0.49 79.48
N ALA A 231 -11.10 -0.17 79.06
CA ALA A 231 -12.45 0.03 79.58
C ALA A 231 -12.43 -0.19 81.08
N LEU A 232 -11.82 -1.32 81.53
CA LEU A 232 -11.66 -1.70 82.93
C LEU A 232 -11.01 -0.58 83.73
N ALA A 233 -9.95 0.02 83.14
CA ALA A 233 -9.19 1.11 83.72
C ALA A 233 -10.02 2.41 83.81
N GLU A 234 -10.85 2.69 82.78
CA GLU A 234 -11.73 3.87 82.73
C GLU A 234 -12.83 3.73 83.82
N LEU A 235 -13.52 2.55 83.83
CA LEU A 235 -14.57 2.13 84.75
C LEU A 235 -14.20 2.33 86.22
N ALA A 236 -12.92 2.10 86.58
CA ALA A 236 -12.35 2.27 87.92
C ALA A 236 -12.92 3.41 88.80
N GLU A 237 -13.17 4.61 88.22
CA GLU A 237 -13.72 5.74 88.99
C GLU A 237 -15.21 5.50 89.33
N SER A 238 -16.06 5.37 88.28
CA SER A 238 -17.50 5.10 88.37
C SER A 238 -17.74 3.91 89.27
N ALA A 239 -16.89 2.86 89.13
CA ALA A 239 -16.91 1.62 89.91
C ALA A 239 -16.63 1.84 91.37
N ALA A 240 -15.84 2.87 91.69
CA ALA A 240 -15.52 3.17 93.08
C ALA A 240 -16.67 3.94 93.69
N GLN A 241 -17.40 4.72 92.86
CA GLN A 241 -18.56 5.52 93.24
C GLN A 241 -19.85 4.69 93.34
N PHE A 242 -19.99 3.60 92.53
CA PHE A 242 -21.20 2.77 92.51
C PHE A 242 -20.94 1.28 92.71
N PRO A 243 -21.49 0.70 93.81
CA PRO A 243 -21.31 -0.73 94.08
C PRO A 243 -21.90 -1.61 92.98
N GLU A 244 -22.86 -1.04 92.22
CA GLU A 244 -23.58 -1.61 91.09
C GLU A 244 -22.64 -1.61 89.89
N VAL A 245 -21.95 -0.48 89.64
CA VAL A 245 -20.95 -0.33 88.56
C VAL A 245 -19.74 -1.21 88.88
N ALA A 246 -19.51 -1.47 90.19
CA ALA A 246 -18.42 -2.30 90.69
C ALA A 246 -18.70 -3.76 90.43
N VAL A 247 -19.98 -4.16 90.43
CA VAL A 247 -20.42 -5.54 90.11
C VAL A 247 -20.13 -5.76 88.64
N PHE A 248 -20.52 -4.75 87.82
CA PHE A 248 -20.38 -4.74 86.38
C PHE A 248 -18.92 -4.80 85.97
N ARG A 249 -18.03 -4.06 86.67
CA ARG A 249 -16.59 -4.07 86.39
C ARG A 249 -15.94 -5.40 86.79
N ASP A 250 -16.27 -5.92 87.97
CA ASP A 250 -15.70 -7.16 88.46
C ASP A 250 -16.05 -8.37 87.56
N SER A 251 -17.23 -8.30 86.89
CA SER A 251 -17.67 -9.34 85.98
C SER A 251 -16.83 -9.36 84.72
N ILE A 252 -16.34 -8.18 84.30
CA ILE A 252 -15.50 -7.99 83.11
C ILE A 252 -14.04 -8.28 83.46
N GLN A 253 -13.64 -7.99 84.71
CA GLN A 253 -12.30 -8.27 85.19
C GLN A 253 -12.08 -9.77 85.36
N SER A 254 -13.08 -10.52 85.89
CA SER A 254 -12.96 -11.97 86.07
C SER A 254 -12.99 -12.77 84.75
N ALA A 255 -13.58 -12.19 83.68
CA ALA A 255 -13.69 -12.83 82.36
C ALA A 255 -12.39 -12.76 81.60
N THR A 256 -11.66 -11.64 81.76
CA THR A 256 -10.39 -11.35 81.11
C THR A 256 -9.15 -11.63 81.97
N ARG A 257 -8.24 -12.44 81.41
CA ARG A 257 -6.92 -12.69 81.97
C ARG A 257 -5.94 -12.16 80.89
N GLY A 258 -5.79 -12.92 79.81
CA GLY A 258 -4.89 -12.61 78.71
C GLY A 258 -3.54 -13.25 78.94
N ILE A 259 -2.66 -13.08 77.96
CA ILE A 259 -1.27 -13.56 77.94
C ILE A 259 -0.32 -12.39 77.78
N THR A 260 0.97 -12.63 78.03
CA THR A 260 2.07 -11.67 77.97
C THR A 260 2.40 -11.36 76.50
N ARG A 261 2.84 -10.12 76.20
CA ARG A 261 3.29 -9.71 74.86
C ARG A 261 4.68 -9.12 74.95
N MET B 4 105.95 31.33 -28.34
CA MET B 4 105.04 32.27 -27.67
C MET B 4 105.22 32.32 -26.13
N SER B 5 105.25 33.56 -25.55
CA SER B 5 105.35 33.84 -24.10
C SER B 5 103.94 33.77 -23.43
N LEU B 6 103.90 33.49 -22.10
CA LEU B 6 102.68 33.35 -21.30
C LEU B 6 101.92 34.68 -21.15
N ILE B 7 102.65 35.78 -20.85
CA ILE B 7 102.16 37.16 -20.73
C ILE B 7 102.16 37.81 -22.12
N ASP B 8 100.97 38.24 -22.58
CA ASP B 8 100.76 38.88 -23.87
C ASP B 8 101.43 40.24 -23.95
N PRO B 9 102.19 40.52 -25.04
CA PRO B 9 102.82 41.84 -25.19
C PRO B 9 101.92 43.07 -25.02
N ARG B 10 100.56 42.93 -25.16
CA ARG B 10 99.62 44.05 -25.02
C ARG B 10 99.10 44.26 -23.58
N ALA B 11 99.50 43.39 -22.63
CA ALA B 11 99.13 43.50 -21.22
C ALA B 11 100.02 44.53 -20.49
N ILE B 12 99.71 44.82 -19.22
CA ILE B 12 100.47 45.70 -18.33
C ILE B 12 100.67 44.87 -17.03
N ILE B 13 101.93 44.71 -16.60
CA ILE B 13 102.27 43.98 -15.39
C ILE B 13 103.10 44.94 -14.56
N ASP B 14 102.60 45.39 -13.40
CA ASP B 14 103.43 46.27 -12.58
C ASP B 14 104.60 45.44 -12.03
N PRO B 15 105.84 45.98 -12.00
CA PRO B 15 106.99 45.16 -11.52
C PRO B 15 106.92 44.73 -10.05
N SER B 16 105.92 45.27 -9.29
CA SER B 16 105.68 44.97 -7.88
C SER B 16 104.65 43.87 -7.76
N ALA B 17 104.23 43.30 -8.90
CA ALA B 17 103.31 42.17 -8.92
C ALA B 17 104.16 40.90 -8.97
N ARG B 18 103.67 39.84 -8.32
CA ARG B 18 104.40 38.57 -8.22
C ARG B 18 103.56 37.45 -8.86
N LEU B 19 103.88 37.14 -10.11
CA LEU B 19 103.22 36.11 -10.90
C LEU B 19 104.16 34.89 -10.92
N ALA B 20 103.65 33.68 -10.63
CA ALA B 20 104.50 32.49 -10.63
C ALA B 20 104.61 31.97 -12.04
N ALA B 21 105.85 31.91 -12.53
CA ALA B 21 106.29 31.50 -13.87
C ALA B 21 105.16 31.27 -14.94
N ASP B 22 104.39 30.14 -14.84
CA ASP B 22 103.39 29.65 -15.79
C ASP B 22 102.06 30.40 -15.84
N VAL B 23 101.88 31.42 -14.97
CA VAL B 23 100.67 32.28 -14.93
C VAL B 23 100.54 32.96 -16.33
N GLN B 24 99.34 32.98 -16.90
CA GLN B 24 99.13 33.60 -18.21
C GLN B 24 98.26 34.81 -18.08
N VAL B 25 98.64 35.87 -18.79
CA VAL B 25 97.97 37.18 -18.84
C VAL B 25 97.61 37.48 -20.32
N GLY B 26 96.33 37.75 -20.60
CA GLY B 26 95.88 38.06 -21.95
C GLY B 26 96.23 39.48 -22.39
N PRO B 27 95.85 39.91 -23.61
CA PRO B 27 96.14 41.30 -24.02
C PRO B 27 95.23 42.30 -23.31
N TRP B 28 95.68 43.56 -23.20
CA TRP B 28 94.94 44.69 -22.62
C TRP B 28 94.49 44.45 -21.14
N SER B 29 95.17 43.51 -20.47
CA SER B 29 94.93 43.20 -19.06
C SER B 29 95.94 43.93 -18.19
N ILE B 30 95.48 44.47 -17.05
CA ILE B 30 96.34 45.19 -16.10
C ILE B 30 96.57 44.40 -14.81
N VAL B 31 97.83 44.03 -14.54
CA VAL B 31 98.17 43.37 -13.27
C VAL B 31 98.79 44.48 -12.40
N GLY B 32 97.98 45.03 -11.50
CA GLY B 32 98.32 46.15 -10.63
C GLY B 32 99.41 45.89 -9.63
N ALA B 33 99.71 46.90 -8.81
CA ALA B 33 100.76 46.77 -7.79
C ALA B 33 100.26 45.90 -6.61
N GLU B 34 101.22 45.23 -5.93
CA GLU B 34 101.00 44.36 -4.75
C GLU B 34 100.03 43.15 -5.00
N VAL B 35 99.77 42.84 -6.29
CA VAL B 35 98.95 41.71 -6.76
C VAL B 35 99.86 40.48 -6.91
N GLU B 36 99.52 39.35 -6.25
CA GLU B 36 100.26 38.09 -6.33
C GLU B 36 99.40 37.07 -7.06
N ILE B 37 99.98 36.32 -8.00
CA ILE B 37 99.22 35.32 -8.76
C ILE B 37 99.93 33.98 -8.68
N GLY B 38 99.17 32.99 -8.20
CA GLY B 38 99.63 31.63 -8.01
C GLY B 38 99.75 30.82 -9.28
N GLU B 39 100.74 29.91 -9.30
CA GLU B 39 101.06 29.00 -10.41
C GLU B 39 99.83 28.26 -10.95
N GLY B 40 99.61 28.32 -12.26
CA GLY B 40 98.48 27.64 -12.89
C GLY B 40 97.37 28.56 -13.37
N THR B 41 97.23 29.73 -12.71
CA THR B 41 96.23 30.76 -13.00
C THR B 41 96.30 31.32 -14.41
N VAL B 42 95.12 31.55 -15.00
CA VAL B 42 94.92 32.10 -16.33
C VAL B 42 94.09 33.40 -16.19
N ILE B 43 94.63 34.53 -16.64
CA ILE B 43 93.99 35.85 -16.63
C ILE B 43 93.64 36.18 -18.09
N GLY B 44 92.34 36.34 -18.38
CA GLY B 44 91.84 36.61 -19.74
C GLY B 44 92.20 37.99 -20.27
N PRO B 45 91.69 38.42 -21.47
CA PRO B 45 92.00 39.78 -21.92
C PRO B 45 91.10 40.74 -21.19
N HIS B 46 91.34 42.05 -21.34
CA HIS B 46 90.52 43.08 -20.71
C HIS B 46 90.14 42.77 -19.24
N VAL B 47 91.11 42.27 -18.43
CA VAL B 47 90.94 42.00 -16.99
C VAL B 47 91.75 43.06 -16.23
N VAL B 48 91.10 43.74 -15.28
CA VAL B 48 91.76 44.75 -14.46
C VAL B 48 91.92 44.10 -13.07
N LEU B 49 93.18 44.01 -12.58
CA LEU B 49 93.52 43.46 -11.26
C LEU B 49 94.23 44.55 -10.43
N LYS B 50 93.69 44.85 -9.22
CA LYS B 50 94.23 45.88 -8.31
C LYS B 50 94.63 45.19 -7.01
N GLY B 51 95.61 45.74 -6.31
CA GLY B 51 96.08 45.16 -5.06
C GLY B 51 95.92 46.05 -3.84
N PRO B 52 96.40 45.63 -2.63
CA PRO B 52 97.00 44.33 -2.26
C PRO B 52 96.00 43.20 -2.48
N THR B 53 96.40 42.21 -3.30
CA THR B 53 95.60 41.04 -3.67
C THR B 53 96.51 39.82 -3.69
N LYS B 54 95.93 38.66 -3.36
CA LYS B 54 96.62 37.39 -3.39
C LYS B 54 95.67 36.40 -4.08
N ILE B 55 95.93 36.12 -5.37
CA ILE B 55 95.21 35.16 -6.22
C ILE B 55 96.01 33.86 -6.17
N GLY B 56 95.34 32.79 -5.77
CA GLY B 56 95.97 31.47 -5.63
C GLY B 56 96.28 30.79 -6.94
N LYS B 57 96.39 29.45 -6.87
CA LYS B 57 96.69 28.55 -7.97
C LYS B 57 95.47 28.19 -8.83
N HIS B 58 95.72 27.83 -10.09
CA HIS B 58 94.82 27.30 -11.12
C HIS B 58 93.47 27.98 -11.30
N ASN B 59 93.38 29.31 -11.07
CA ASN B 59 92.12 30.04 -11.27
C ASN B 59 91.97 30.51 -12.74
N ARG B 60 90.74 30.88 -13.16
CA ARG B 60 90.46 31.40 -14.49
C ARG B 60 89.61 32.65 -14.35
N ILE B 61 90.25 33.83 -14.47
CA ILE B 61 89.58 35.13 -14.44
C ILE B 61 89.33 35.50 -15.89
N TYR B 62 88.04 35.68 -16.26
CA TYR B 62 87.61 35.99 -17.62
C TYR B 62 87.64 37.47 -17.96
N GLN B 63 87.47 37.78 -19.25
CA GLN B 63 87.44 39.14 -19.80
C GLN B 63 86.46 40.08 -19.10
N PHE B 64 86.75 41.37 -19.16
CA PHE B 64 85.93 42.48 -18.65
C PHE B 64 85.73 42.50 -17.12
N SER B 65 86.46 41.66 -16.37
CA SER B 65 86.39 41.61 -14.91
C SER B 65 87.24 42.71 -14.26
N SER B 66 86.71 43.34 -13.18
CA SER B 66 87.42 44.38 -12.39
C SER B 66 87.57 43.82 -10.94
N VAL B 67 88.62 42.99 -10.71
CA VAL B 67 88.97 42.25 -9.48
C VAL B 67 90.06 42.97 -8.64
N GLY B 68 89.83 43.15 -7.35
CA GLY B 68 90.78 43.78 -6.44
C GLY B 68 90.54 45.26 -6.20
N GLU B 69 89.57 45.88 -6.89
CA GLU B 69 89.23 47.31 -6.83
C GLU B 69 88.87 47.79 -5.41
N ASP B 70 88.92 49.10 -5.11
CA ASP B 70 88.53 49.63 -3.79
C ASP B 70 87.00 49.72 -3.77
N THR B 71 86.30 49.48 -2.62
CA THR B 71 84.83 49.64 -2.61
C THR B 71 84.43 51.11 -2.79
N PRO B 72 83.35 51.41 -3.55
CA PRO B 72 82.87 52.80 -3.61
C PRO B 72 82.17 53.23 -2.32
N ASP B 73 81.97 52.30 -1.30
CA ASP B 73 81.27 52.57 -0.02
C ASP B 73 81.99 53.61 0.79
N LEU B 74 81.38 54.80 0.94
CA LEU B 74 81.82 56.01 1.65
C LEU B 74 82.57 55.78 3.00
N LYS B 75 82.39 54.59 3.62
CA LYS B 75 83.06 54.17 4.86
C LYS B 75 84.59 53.95 4.63
N TYR B 76 84.95 53.46 3.45
CA TYR B 76 86.32 53.20 3.07
C TYR B 76 86.90 54.56 2.72
N LYS B 77 87.80 55.04 3.58
CA LYS B 77 88.44 56.34 3.42
C LYS B 77 89.86 56.23 2.79
N GLY B 78 90.19 55.06 2.25
CA GLY B 78 91.46 54.86 1.54
C GLY B 78 92.46 53.92 2.17
N GLU B 79 92.02 53.11 3.16
CA GLU B 79 92.86 52.16 3.90
C GLU B 79 93.60 51.16 2.98
N PRO B 80 94.73 50.56 3.42
CA PRO B 80 95.43 49.62 2.54
C PRO B 80 95.00 48.15 2.78
N THR B 81 93.68 47.92 2.65
CA THR B 81 92.97 46.64 2.86
C THR B 81 93.23 45.65 1.71
N ARG B 82 92.98 44.35 1.95
CA ARG B 82 93.31 43.27 1.01
C ARG B 82 92.14 42.50 0.45
N LEU B 83 92.43 41.67 -0.59
CA LEU B 83 91.55 40.68 -1.21
C LEU B 83 92.37 39.40 -1.42
N VAL B 84 91.82 38.22 -1.01
CA VAL B 84 92.44 36.90 -1.18
C VAL B 84 91.50 35.95 -1.95
N ILE B 85 92.03 35.25 -2.94
CA ILE B 85 91.31 34.25 -3.72
C ILE B 85 92.13 32.93 -3.55
N GLY B 86 91.42 31.83 -3.30
CA GLY B 86 92.05 30.53 -3.11
C GLY B 86 92.49 29.90 -4.42
N ASP B 87 92.31 28.58 -4.53
CA ASP B 87 92.68 27.81 -5.72
C ASP B 87 91.47 27.28 -6.48
N HIS B 88 91.62 27.04 -7.80
CA HIS B 88 90.60 26.49 -8.70
C HIS B 88 89.28 27.24 -8.67
N ASN B 89 89.31 28.54 -8.93
CA ASN B 89 88.12 29.38 -8.96
C ASN B 89 87.92 29.86 -10.39
N VAL B 90 86.65 29.95 -10.83
CA VAL B 90 86.29 30.43 -12.16
C VAL B 90 85.54 31.74 -11.93
N ILE B 91 86.19 32.86 -12.31
CA ILE B 91 85.64 34.20 -12.19
C ILE B 91 85.33 34.67 -13.61
N ARG B 92 84.05 34.51 -14.01
CA ARG B 92 83.55 34.77 -15.35
C ARG B 92 83.54 36.25 -15.73
N GLU B 93 83.13 36.51 -16.98
CA GLU B 93 83.08 37.82 -17.59
C GLU B 93 82.40 38.86 -16.73
N GLY B 94 82.98 40.03 -16.72
CA GLY B 94 82.48 41.22 -16.03
C GLY B 94 82.13 41.12 -14.58
N VAL B 95 82.80 40.22 -13.83
CA VAL B 95 82.60 40.08 -12.37
C VAL B 95 83.37 41.23 -11.69
N THR B 96 82.90 41.67 -10.52
CA THR B 96 83.51 42.73 -9.69
C THR B 96 83.70 42.20 -8.28
N ILE B 97 84.94 42.23 -7.79
CA ILE B 97 85.32 41.81 -6.45
C ILE B 97 86.10 42.98 -5.81
N HIS B 98 85.60 43.55 -4.71
CA HIS B 98 86.24 44.68 -4.05
C HIS B 98 87.01 44.28 -2.82
N ARG B 99 88.08 45.01 -2.46
CA ARG B 99 88.87 44.72 -1.26
C ARG B 99 88.18 45.28 -0.01
N GLY B 100 88.26 44.52 1.08
CA GLY B 100 87.68 44.80 2.39
C GLY B 100 87.87 46.18 2.98
N THR B 101 87.11 46.48 4.06
CA THR B 101 87.21 47.75 4.80
C THR B 101 87.95 47.45 6.07
N VAL B 102 88.62 48.45 6.63
CA VAL B 102 89.38 48.34 7.88
C VAL B 102 88.46 48.01 9.07
N GLN B 103 87.19 48.43 8.95
CA GLN B 103 86.09 48.33 9.91
C GLN B 103 85.74 46.88 10.25
N ASP B 104 85.71 45.98 9.26
CA ASP B 104 85.45 44.56 9.53
C ASP B 104 86.81 43.93 9.82
N ARG B 105 87.40 43.17 8.88
CA ARG B 105 88.69 42.49 9.09
C ARG B 105 89.77 42.87 8.03
N ALA B 106 89.50 43.92 7.22
CA ALA B 106 90.36 44.44 6.14
C ALA B 106 90.61 43.43 5.02
N GLU B 107 89.69 42.43 4.85
CA GLU B 107 89.82 41.37 3.85
C GLU B 107 88.52 40.81 3.29
N THR B 108 88.47 40.72 1.93
CA THR B 108 87.45 40.09 1.07
C THR B 108 88.13 38.76 0.70
N THR B 109 87.56 37.65 1.17
CA THR B 109 88.22 36.37 0.95
C THR B 109 87.32 35.38 0.20
N ILE B 110 87.90 34.71 -0.81
CA ILE B 110 87.24 33.69 -1.63
C ILE B 110 88.05 32.37 -1.43
N GLY B 111 87.32 31.28 -1.21
CA GLY B 111 87.90 29.98 -0.96
C GLY B 111 88.37 29.24 -2.19
N ASP B 112 88.10 27.94 -2.21
CA ASP B 112 88.51 27.06 -3.30
C ASP B 112 87.30 26.48 -4.08
N HIS B 113 87.47 26.19 -5.38
CA HIS B 113 86.50 25.56 -6.29
C HIS B 113 85.18 26.30 -6.43
N ASN B 114 85.24 27.63 -6.38
CA ASN B 114 84.02 28.42 -6.55
C ASN B 114 83.81 28.78 -8.03
N LEU B 115 82.54 28.85 -8.44
CA LEU B 115 82.13 29.24 -9.78
C LEU B 115 81.32 30.52 -9.64
N ILE B 116 82.01 31.66 -9.84
CA ILE B 116 81.46 33.01 -9.78
C ILE B 116 81.21 33.37 -11.23
N MET B 117 79.94 33.35 -11.65
CA MET B 117 79.48 33.53 -13.02
C MET B 117 79.45 34.99 -13.46
N ALA B 118 79.16 35.22 -14.75
CA ALA B 118 79.11 36.52 -15.40
C ALA B 118 78.44 37.64 -14.62
N TYR B 119 79.04 38.83 -14.64
CA TYR B 119 78.59 40.11 -14.04
C TYR B 119 78.24 40.10 -12.49
N ALA B 120 78.49 38.98 -11.76
CA ALA B 120 78.30 38.87 -10.29
C ALA B 120 79.15 39.91 -9.52
N HIS B 121 78.85 40.11 -8.22
CA HIS B 121 79.55 41.10 -7.37
C HIS B 121 79.89 40.56 -5.98
N ILE B 122 81.17 40.71 -5.56
CA ILE B 122 81.69 40.29 -4.25
C ILE B 122 82.22 41.53 -3.51
N GLY B 123 81.31 42.31 -2.95
CA GLY B 123 81.65 43.55 -2.25
C GLY B 123 82.42 43.37 -0.96
N HIS B 124 83.04 44.49 -0.48
CA HIS B 124 83.89 44.66 0.72
C HIS B 124 83.62 43.70 1.87
N ASP B 125 84.69 43.05 2.36
CA ASP B 125 84.72 42.10 3.49
C ASP B 125 83.88 40.84 3.35
N SER B 126 83.34 40.55 2.16
CA SER B 126 82.56 39.31 1.96
C SER B 126 83.50 38.09 2.12
N VAL B 127 82.97 36.99 2.68
CA VAL B 127 83.78 35.78 2.88
C VAL B 127 83.08 34.55 2.24
N ILE B 128 83.57 34.10 1.05
CA ILE B 128 83.05 32.94 0.31
C ILE B 128 83.93 31.72 0.60
N GLY B 129 83.28 30.62 0.99
CA GLY B 129 83.95 29.36 1.33
C GLY B 129 84.42 28.62 0.09
N ASN B 130 84.27 27.29 0.10
CA ASN B 130 84.63 26.40 -1.01
C ASN B 130 83.39 25.83 -1.75
N HIS B 131 83.57 25.41 -3.00
CA HIS B 131 82.59 24.77 -3.88
C HIS B 131 81.25 25.50 -4.03
N CYS B 132 81.24 26.84 -3.85
CA CYS B 132 80.03 27.66 -4.04
C CYS B 132 79.79 27.93 -5.53
N ILE B 133 78.53 28.29 -5.88
CA ILE B 133 78.11 28.71 -7.21
C ILE B 133 77.32 30.01 -7.07
N LEU B 134 77.91 31.08 -7.54
CA LEU B 134 77.25 32.38 -7.57
C LEU B 134 76.96 32.58 -9.03
N VAL B 135 75.67 32.47 -9.38
CA VAL B 135 75.18 32.57 -10.75
C VAL B 135 75.21 34.06 -11.19
N ASN B 136 74.92 34.34 -12.47
CA ASN B 136 74.90 35.65 -13.09
C ASN B 136 74.38 36.76 -12.20
N ASN B 137 75.02 37.91 -12.23
CA ASN B 137 74.63 39.15 -11.54
C ASN B 137 74.23 38.97 -10.05
N THR B 138 74.77 37.94 -9.36
CA THR B 138 74.51 37.74 -7.91
C THR B 138 75.29 38.85 -7.19
N ALA B 139 74.66 39.58 -6.26
CA ALA B 139 75.36 40.66 -5.57
C ALA B 139 75.30 40.58 -4.05
N LEU B 140 76.47 40.41 -3.42
CA LEU B 140 76.65 40.40 -1.97
C LEU B 140 77.11 41.81 -1.65
N ALA B 141 76.23 42.57 -0.95
CA ALA B 141 76.40 43.99 -0.58
C ALA B 141 77.73 44.32 0.10
N GLY B 142 78.12 43.43 1.03
CA GLY B 142 79.35 43.54 1.80
C GLY B 142 79.23 42.81 3.11
N HIS B 143 80.37 42.47 3.72
CA HIS B 143 80.46 41.73 4.99
C HIS B 143 79.57 40.41 4.97
N VAL B 144 79.22 39.93 3.76
CA VAL B 144 78.40 38.75 3.51
C VAL B 144 79.23 37.46 3.61
N HIS B 145 78.81 36.53 4.45
CA HIS B 145 79.44 35.24 4.66
C HIS B 145 78.68 34.14 3.96
N VAL B 146 79.33 33.47 3.03
CA VAL B 146 78.74 32.39 2.25
C VAL B 146 79.53 31.12 2.60
N ASP B 147 78.83 30.14 3.14
CA ASP B 147 79.43 28.87 3.53
C ASP B 147 79.46 27.90 2.32
N ASP B 148 80.34 26.89 2.38
CA ASP B 148 80.60 25.88 1.36
C ASP B 148 79.38 25.30 0.69
N TRP B 149 79.51 24.99 -0.62
CA TRP B 149 78.54 24.33 -1.50
C TRP B 149 77.27 25.13 -1.86
N ALA B 150 76.98 26.23 -1.14
CA ALA B 150 75.87 27.14 -1.37
C ALA B 150 75.72 27.55 -2.85
N ILE B 151 74.49 27.51 -3.36
CA ILE B 151 74.13 27.84 -4.75
C ILE B 151 73.22 29.10 -4.69
N LEU B 152 73.66 30.17 -5.38
CA LEU B 152 72.94 31.45 -5.45
C LEU B 152 72.47 31.69 -6.86
N SER B 153 71.20 31.32 -7.16
CA SER B 153 70.64 31.45 -8.51
C SER B 153 70.71 32.87 -9.05
N GLY B 154 70.72 32.99 -10.37
CA GLY B 154 70.85 34.26 -11.09
C GLY B 154 70.15 35.43 -10.49
N TYR B 155 70.85 36.57 -10.43
CA TYR B 155 70.43 37.87 -9.92
C TYR B 155 69.96 37.81 -8.47
N THR B 156 70.65 37.01 -7.62
CA THR B 156 70.36 36.93 -6.18
C THR B 156 71.01 38.18 -5.55
N LEU B 157 70.30 38.85 -4.67
CA LEU B 157 70.78 40.04 -3.98
C LEU B 157 70.89 39.72 -2.50
N VAL B 158 72.02 40.00 -1.88
CA VAL B 158 72.21 39.67 -0.46
C VAL B 158 72.56 40.93 0.30
N HIS B 159 71.74 41.30 1.30
CA HIS B 159 72.00 42.48 2.15
C HIS B 159 73.32 42.32 2.91
N GLN B 160 73.86 43.39 3.50
CA GLN B 160 75.10 43.26 4.27
C GLN B 160 74.93 42.36 5.49
N TYR B 161 76.06 41.77 5.95
CA TYR B 161 76.22 40.93 7.14
C TYR B 161 75.63 39.52 7.07
N CYS B 162 74.64 39.28 6.17
CA CYS B 162 73.96 37.99 5.95
C CYS B 162 74.88 36.79 5.84
N ARG B 163 74.43 35.66 6.38
CA ARG B 163 75.16 34.41 6.30
C ARG B 163 74.33 33.44 5.50
N ILE B 164 74.85 33.01 4.34
CA ILE B 164 74.21 32.08 3.43
C ILE B 164 74.85 30.73 3.75
N GLY B 165 74.17 29.99 4.64
CA GLY B 165 74.60 28.71 5.18
C GLY B 165 75.07 27.66 4.19
N ALA B 166 75.80 26.65 4.70
CA ALA B 166 76.37 25.54 3.92
C ALA B 166 75.29 24.75 3.24
N HIS B 167 75.57 24.29 2.01
CA HIS B 167 74.64 23.51 1.18
C HIS B 167 73.28 24.21 0.93
N SER B 168 73.15 25.53 1.19
CA SER B 168 71.87 26.21 0.97
C SER B 168 71.66 26.61 -0.50
N PHE B 169 70.42 26.99 -0.87
CA PHE B 169 70.05 27.36 -2.24
C PHE B 169 69.08 28.53 -2.27
N SER B 170 69.38 29.56 -3.09
CA SER B 170 68.52 30.74 -3.25
C SER B 170 68.07 30.84 -4.70
N GLY B 171 66.77 30.97 -4.93
CA GLY B 171 66.21 31.03 -6.28
C GLY B 171 66.52 32.29 -7.06
N MET B 172 66.28 32.27 -8.39
CA MET B 172 66.60 33.43 -9.22
C MET B 172 65.72 34.64 -8.89
N GLY B 173 66.37 35.79 -8.68
CA GLY B 173 65.71 37.04 -8.31
C GLY B 173 65.57 37.27 -6.82
N SER B 174 66.00 36.26 -5.98
CA SER B 174 66.00 36.29 -4.50
C SER B 174 66.64 37.54 -3.94
N ALA B 175 66.00 38.15 -2.94
CA ALA B 175 66.50 39.33 -2.27
C ALA B 175 66.58 38.95 -0.79
N ILE B 176 67.76 38.53 -0.36
CA ILE B 176 68.06 38.05 0.98
C ILE B 176 68.37 39.23 1.91
N GLY B 177 67.66 39.27 3.03
CA GLY B 177 67.77 40.31 4.04
C GLY B 177 68.14 39.81 5.41
N LYS B 178 67.92 38.51 5.70
CA LYS B 178 68.28 37.84 6.96
C LYS B 178 69.08 36.56 6.60
N ASP B 179 69.76 35.88 7.57
CA ASP B 179 70.53 34.64 7.31
C ASP B 179 69.74 33.50 6.69
N VAL B 180 70.36 32.79 5.73
CA VAL B 180 69.77 31.61 5.10
C VAL B 180 70.41 30.46 5.88
N PRO B 181 69.68 29.75 6.78
CA PRO B 181 70.32 28.63 7.51
C PRO B 181 70.87 27.58 6.56
N ALA B 182 71.74 26.69 7.05
CA ALA B 182 72.30 25.65 6.18
C ALA B 182 71.20 24.79 5.53
N TYR B 183 71.45 24.28 4.30
CA TYR B 183 70.55 23.41 3.52
C TYR B 183 69.24 24.04 3.02
N VAL B 184 68.75 25.11 3.66
CA VAL B 184 67.46 25.75 3.35
C VAL B 184 67.43 26.42 1.94
N THR B 185 66.26 26.26 1.26
CA THR B 185 66.01 26.87 -0.05
C THR B 185 65.09 28.07 0.18
N VAL B 186 65.60 29.26 -0.16
CA VAL B 186 64.89 30.53 -0.02
C VAL B 186 64.54 31.11 -1.40
N PHE B 187 63.39 31.84 -1.52
CA PHE B 187 62.96 32.39 -2.80
C PHE B 187 62.19 33.70 -2.65
N GLY B 188 62.34 34.61 -3.62
CA GLY B 188 61.57 35.86 -3.70
C GLY B 188 62.14 37.15 -3.15
N ASN B 189 61.35 38.24 -3.28
CA ASN B 189 61.71 39.58 -2.81
C ASN B 189 60.57 40.09 -1.93
N PRO B 190 60.64 39.94 -0.59
CA PRO B 190 61.73 39.37 0.21
C PRO B 190 61.80 37.84 0.18
N ALA B 191 63.05 37.30 0.14
CA ALA B 191 63.31 35.87 0.16
C ALA B 191 62.66 35.27 1.38
N GLU B 192 62.01 34.12 1.18
CA GLU B 192 61.33 33.35 2.22
C GLU B 192 61.71 31.90 2.01
N ALA B 193 61.85 31.12 3.11
CA ALA B 193 62.19 29.70 3.05
C ALA B 193 61.01 28.91 2.49
N ARG B 194 61.31 27.97 1.58
CA ARG B 194 60.31 27.11 0.91
C ARG B 194 60.45 25.64 1.33
N SER B 195 61.64 25.04 1.19
CA SER B 195 61.94 23.66 1.54
C SER B 195 63.42 23.55 1.85
N MET B 196 64.02 22.43 1.52
CA MET B 196 65.45 22.20 1.73
C MET B 196 66.10 21.71 0.44
N ASN B 197 67.43 21.74 0.40
CA ASN B 197 68.16 21.31 -0.80
C ASN B 197 68.41 19.79 -0.77
N PHE B 198 67.40 19.01 -1.15
CA PHE B 198 67.52 17.56 -1.13
C PHE B 198 68.43 17.07 -2.23
N GLU B 199 68.44 17.76 -3.38
CA GLU B 199 69.32 17.38 -4.48
C GLU B 199 70.82 17.58 -4.11
N GLY B 200 71.11 18.62 -3.33
CA GLY B 200 72.46 18.88 -2.84
C GLY B 200 72.90 17.83 -1.84
N MET B 201 71.94 17.33 -1.05
CA MET B 201 72.11 16.28 -0.04
C MET B 201 72.41 14.97 -0.79
N ARG B 202 71.60 14.65 -1.84
CA ARG B 202 71.74 13.44 -2.65
C ARG B 202 73.16 13.36 -3.12
N ARG B 203 73.58 14.46 -3.79
CA ARG B 203 74.88 14.68 -4.38
C ARG B 203 76.00 14.55 -3.39
N ARG B 204 75.86 15.13 -2.19
CA ARG B 204 76.91 15.02 -1.19
C ARG B 204 76.70 13.75 -0.32
N GLY B 205 76.27 12.67 -0.98
CA GLY B 205 76.04 11.34 -0.41
C GLY B 205 75.42 11.23 0.97
N PHE B 206 74.48 12.11 1.28
CA PHE B 206 73.83 12.08 2.58
C PHE B 206 73.00 10.81 2.68
N SER B 207 73.02 10.17 3.88
CA SER B 207 72.26 8.96 4.14
C SER B 207 70.76 9.26 3.99
N SER B 208 70.00 8.31 3.42
CA SER B 208 68.55 8.47 3.25
C SER B 208 67.92 8.84 4.59
N GLU B 209 68.53 8.34 5.70
CA GLU B 209 68.16 8.60 7.10
C GLU B 209 68.31 10.08 7.42
N ALA B 210 69.53 10.62 7.23
CA ALA B 210 69.89 12.02 7.51
C ALA B 210 69.14 13.03 6.64
N ILE B 211 68.78 12.65 5.39
CA ILE B 211 67.96 13.44 4.46
C ILE B 211 66.56 13.63 5.09
N HIS B 212 66.07 12.62 5.82
CA HIS B 212 64.78 12.69 6.50
C HIS B 212 64.90 13.47 7.79
N ALA B 213 65.98 13.24 8.57
CA ALA B 213 66.21 13.94 9.84
C ALA B 213 66.24 15.46 9.64
N LEU B 214 66.76 15.93 8.48
CA LEU B 214 66.81 17.34 8.07
C LEU B 214 65.47 17.89 7.59
N ARG B 215 64.58 17.04 7.01
CA ARG B 215 63.21 17.46 6.62
C ARG B 215 62.42 17.74 7.89
N ARG B 216 62.47 16.78 8.85
CA ARG B 216 61.82 16.89 10.15
C ARG B 216 62.39 18.10 10.87
N ALA B 217 63.69 18.38 10.71
CA ALA B 217 64.37 19.54 11.28
C ALA B 217 63.79 20.84 10.71
N TYR B 218 63.59 20.92 9.39
CA TYR B 218 63.03 22.10 8.73
C TYR B 218 61.61 22.35 9.23
N LYS B 219 60.79 21.28 9.28
CA LYS B 219 59.40 21.33 9.72
C LYS B 219 59.27 21.93 11.14
N VAL B 220 60.22 21.61 12.08
CA VAL B 220 60.23 22.14 13.46
C VAL B 220 60.31 23.66 13.39
N VAL B 221 61.41 24.15 12.76
CA VAL B 221 61.78 25.55 12.63
C VAL B 221 60.67 26.39 12.01
N TYR B 222 60.19 25.95 10.84
CA TYR B 222 59.21 26.63 10.03
C TYR B 222 57.77 26.10 10.19
N ARG B 223 57.40 25.09 9.36
CA ARG B 223 56.10 24.41 9.18
C ARG B 223 55.38 23.93 10.52
N GLN B 224 56.01 24.06 11.70
CA GLN B 224 55.40 23.65 12.99
C GLN B 224 55.12 24.85 13.89
N GLY B 225 55.54 26.02 13.44
CA GLY B 225 55.32 27.29 14.14
C GLY B 225 55.77 27.39 15.59
N HIS B 226 57.05 27.16 15.81
CA HIS B 226 57.64 27.33 17.13
C HIS B 226 58.39 28.58 16.97
N THR B 227 58.75 29.20 18.09
CA THR B 227 59.62 30.38 18.02
C THR B 227 61.04 29.85 17.75
N VAL B 228 61.97 30.71 17.29
CA VAL B 228 63.35 30.31 17.01
C VAL B 228 63.97 29.71 18.31
N GLU B 229 63.64 30.31 19.48
CA GLU B 229 64.04 29.86 20.82
C GLU B 229 63.61 28.39 21.06
N GLU B 230 62.34 28.08 20.71
CA GLU B 230 61.65 26.78 20.83
C GLU B 230 62.17 25.74 19.82
N ALA B 231 62.42 26.19 18.56
CA ALA B 231 62.94 25.38 17.46
C ALA B 231 64.28 24.76 17.85
N LEU B 232 65.19 25.58 18.40
CA LEU B 232 66.54 25.19 18.83
C LEU B 232 66.59 24.21 20.02
N ALA B 233 65.46 24.09 20.74
CA ALA B 233 65.27 23.24 21.91
C ALA B 233 64.81 21.85 21.50
N GLU B 234 63.94 21.81 20.48
CA GLU B 234 63.39 20.59 19.91
C GLU B 234 64.48 19.90 19.09
N LEU B 235 65.30 20.74 18.41
CA LEU B 235 66.41 20.29 17.57
C LEU B 235 67.51 19.64 18.41
N ALA B 236 67.75 20.11 19.66
CA ALA B 236 68.73 19.53 20.59
C ALA B 236 68.94 18.01 20.48
N GLU B 237 67.83 17.23 20.46
CA GLU B 237 67.82 15.76 20.33
C GLU B 237 68.36 15.32 18.95
N SER B 238 67.61 15.63 17.88
CA SER B 238 67.92 15.29 16.50
C SER B 238 69.29 15.78 16.04
N ALA B 239 69.84 16.86 16.66
CA ALA B 239 71.17 17.39 16.35
C ALA B 239 72.26 16.53 17.01
N ALA B 240 71.95 15.91 18.16
CA ALA B 240 72.90 15.04 18.85
C ALA B 240 72.92 13.68 18.16
N GLN B 241 71.79 13.32 17.52
CA GLN B 241 71.59 12.09 16.77
C GLN B 241 72.25 12.15 15.38
N PHE B 242 72.12 13.30 14.69
CA PHE B 242 72.65 13.45 13.33
C PHE B 242 73.55 14.66 13.21
N PRO B 243 74.84 14.43 12.91
CA PRO B 243 75.76 15.56 12.74
C PRO B 243 75.40 16.52 11.61
N GLU B 244 74.48 16.12 10.69
CA GLU B 244 74.01 16.97 9.59
C GLU B 244 72.96 17.96 10.09
N VAL B 245 72.07 17.51 11.01
CA VAL B 245 71.06 18.35 11.64
C VAL B 245 71.79 19.29 12.61
N ALA B 246 72.94 18.83 13.17
CA ALA B 246 73.75 19.62 14.06
C ALA B 246 74.33 20.83 13.32
N VAL B 247 74.78 20.64 12.06
CA VAL B 247 75.30 21.67 11.16
C VAL B 247 74.20 22.70 10.88
N PHE B 248 72.96 22.23 10.82
CA PHE B 248 71.80 23.04 10.57
C PHE B 248 71.34 23.81 11.84
N ARG B 249 71.33 23.14 13.03
CA ARG B 249 70.96 23.72 14.32
C ARG B 249 71.96 24.79 14.73
N ASP B 250 73.27 24.51 14.54
CA ASP B 250 74.33 25.45 14.85
C ASP B 250 74.14 26.69 14.02
N SER B 251 73.84 26.52 12.71
CA SER B 251 73.60 27.61 11.77
C SER B 251 72.47 28.56 12.21
N ILE B 252 71.35 28.00 12.72
CA ILE B 252 70.19 28.79 13.21
C ILE B 252 70.56 29.53 14.47
N GLN B 253 71.18 28.80 15.42
CA GLN B 253 71.67 29.29 16.70
C GLN B 253 72.56 30.52 16.54
N SER B 254 73.58 30.48 15.65
CA SER B 254 74.52 31.57 15.39
C SER B 254 74.03 32.48 14.24
N ALA B 255 72.92 33.15 14.51
CA ALA B 255 72.21 34.10 13.67
C ALA B 255 71.33 34.89 14.61
N THR B 256 70.89 34.21 15.68
CA THR B 256 70.01 34.68 16.76
C THR B 256 70.70 34.78 18.14
N ARG B 257 70.50 35.92 18.82
CA ARG B 257 70.88 36.13 20.22
C ARG B 257 69.72 36.82 20.91
N GLY B 258 69.31 37.94 20.33
CA GLY B 258 68.18 38.73 20.81
C GLY B 258 68.57 39.59 21.98
N ILE B 259 67.57 40.29 22.52
CA ILE B 259 67.75 41.16 23.66
C ILE B 259 66.94 40.67 24.86
N THR B 260 67.45 41.00 26.05
CA THR B 260 66.93 40.67 27.38
C THR B 260 65.58 41.35 27.58
N ARG B 261 64.57 40.59 28.06
CA ARG B 261 63.21 40.99 28.44
C ARG B 261 62.59 39.89 29.29
N MET C 4 92.88 54.98 -44.78
CA MET C 4 92.61 54.34 -43.48
C MET C 4 92.49 52.78 -43.61
N SER C 5 91.67 52.11 -42.71
CA SER C 5 91.45 50.66 -42.62
C SER C 5 90.19 50.31 -41.80
N LEU C 6 89.34 49.37 -42.32
CA LEU C 6 88.06 48.90 -41.73
C LEU C 6 88.24 48.05 -40.49
N ILE C 7 89.21 47.11 -40.54
CA ILE C 7 89.57 46.21 -39.46
C ILE C 7 90.72 46.94 -38.76
N ASP C 8 90.43 47.59 -37.62
CA ASP C 8 91.38 48.42 -36.87
C ASP C 8 92.70 47.71 -36.59
N PRO C 9 93.90 48.34 -36.85
CA PRO C 9 95.17 47.62 -36.61
C PRO C 9 95.37 47.04 -35.20
N ARG C 10 94.66 47.61 -34.17
CA ARG C 10 94.76 47.17 -32.77
C ARG C 10 93.96 45.90 -32.45
N ALA C 11 92.97 45.55 -33.30
CA ALA C 11 92.15 44.35 -33.16
C ALA C 11 92.94 43.12 -33.57
N ILE C 12 92.60 41.96 -32.98
CA ILE C 12 93.20 40.64 -33.19
C ILE C 12 92.23 39.75 -33.98
N ILE C 13 92.66 39.21 -35.12
CA ILE C 13 91.81 38.33 -35.94
C ILE C 13 92.55 37.01 -36.12
N ASP C 14 91.86 35.91 -35.80
CA ASP C 14 92.43 34.58 -35.94
C ASP C 14 92.46 34.16 -37.40
N PRO C 15 93.65 33.69 -37.91
CA PRO C 15 93.76 33.22 -39.30
C PRO C 15 92.58 32.38 -39.80
N SER C 16 91.93 31.60 -38.88
CA SER C 16 90.80 30.74 -39.18
C SER C 16 89.46 31.36 -38.87
N ALA C 17 89.33 32.66 -39.15
CA ALA C 17 88.07 33.39 -39.03
C ALA C 17 87.76 33.87 -40.44
N ARG C 18 86.46 34.01 -40.78
CA ARG C 18 86.06 34.45 -42.12
C ARG C 18 85.17 35.72 -42.06
N LEU C 19 85.74 36.85 -42.53
CA LEU C 19 85.12 38.17 -42.48
C LEU C 19 84.87 38.67 -43.89
N ALA C 20 83.58 38.80 -44.27
CA ALA C 20 83.18 39.25 -45.60
C ALA C 20 83.55 40.72 -45.84
N ALA C 21 84.47 40.95 -46.79
CA ALA C 21 85.06 42.22 -47.23
C ALA C 21 84.68 43.51 -46.40
N ASP C 22 83.42 44.05 -46.51
CA ASP C 22 82.98 45.32 -45.89
C ASP C 22 82.90 45.34 -44.35
N VAL C 23 83.09 44.17 -43.68
CA VAL C 23 83.09 43.98 -42.24
C VAL C 23 84.11 44.90 -41.55
N GLN C 24 83.69 45.55 -40.45
CA GLN C 24 84.54 46.40 -39.64
C GLN C 24 84.73 45.78 -38.26
N VAL C 25 85.96 45.86 -37.75
CA VAL C 25 86.34 45.36 -36.42
C VAL C 25 86.99 46.52 -35.71
N GLY C 26 86.44 46.90 -34.56
CA GLY C 26 86.94 48.01 -33.75
C GLY C 26 88.31 47.76 -33.13
N PRO C 27 88.96 48.82 -32.56
CA PRO C 27 90.26 48.62 -31.92
C PRO C 27 90.12 47.81 -30.63
N TRP C 28 91.10 46.93 -30.35
CA TRP C 28 91.18 46.06 -29.17
C TRP C 28 90.05 44.99 -29.12
N SER C 29 89.68 44.48 -30.28
CA SER C 29 88.68 43.44 -30.40
C SER C 29 89.37 42.13 -30.75
N ILE C 30 88.85 41.00 -30.28
CA ILE C 30 89.37 39.67 -30.56
C ILE C 30 88.34 38.90 -31.41
N VAL C 31 88.73 38.49 -32.63
CA VAL C 31 87.91 37.68 -33.54
C VAL C 31 88.54 36.29 -33.55
N GLY C 32 87.97 35.39 -32.75
CA GLY C 32 88.49 34.06 -32.53
C GLY C 32 88.43 33.10 -33.69
N ALA C 33 89.08 31.94 -33.52
CA ALA C 33 89.10 30.86 -34.49
C ALA C 33 87.68 30.34 -34.67
N GLU C 34 87.35 30.00 -35.92
CA GLU C 34 86.05 29.49 -36.38
C GLU C 34 84.86 30.47 -36.13
N VAL C 35 85.15 31.80 -36.07
CA VAL C 35 84.14 32.86 -36.05
C VAL C 35 83.96 33.18 -37.54
N GLU C 36 82.79 33.67 -37.93
CA GLU C 36 82.49 33.97 -39.33
C GLU C 36 81.55 35.18 -39.33
N ILE C 37 82.03 36.34 -39.81
CA ILE C 37 81.25 37.59 -39.80
C ILE C 37 80.83 37.98 -41.22
N GLY C 38 79.53 37.95 -41.49
CA GLY C 38 78.96 38.26 -42.80
C GLY C 38 78.94 39.72 -43.20
N GLU C 39 78.61 39.97 -44.49
CA GLU C 39 78.52 41.26 -45.19
C GLU C 39 77.80 42.36 -44.39
N GLY C 40 78.39 43.54 -44.34
CA GLY C 40 77.76 44.67 -43.65
C GLY C 40 78.26 44.88 -42.25
N THR C 41 77.97 43.89 -41.38
CA THR C 41 78.28 43.77 -39.95
C THR C 41 79.46 44.64 -39.45
N VAL C 42 79.21 45.33 -38.33
CA VAL C 42 80.19 46.19 -37.66
C VAL C 42 80.38 45.65 -36.24
N ILE C 43 81.64 45.32 -35.89
CA ILE C 43 82.07 44.86 -34.56
C ILE C 43 82.76 46.06 -33.93
N GLY C 44 82.28 46.48 -32.77
CA GLY C 44 82.80 47.65 -32.08
C GLY C 44 84.14 47.40 -31.44
N PRO C 45 84.58 48.30 -30.56
CA PRO C 45 85.86 48.06 -29.86
C PRO C 45 85.65 47.12 -28.66
N HIS C 46 86.74 46.61 -28.05
CA HIS C 46 86.68 45.71 -26.88
C HIS C 46 85.57 44.66 -26.98
N VAL C 47 85.45 43.95 -28.10
CA VAL C 47 84.43 42.89 -28.32
C VAL C 47 85.16 41.54 -28.31
N VAL C 48 84.70 40.57 -27.49
CA VAL C 48 85.34 39.26 -27.44
C VAL C 48 84.49 38.27 -28.21
N LEU C 49 84.93 37.87 -29.41
CA LEU C 49 84.19 36.92 -30.24
C LEU C 49 84.91 35.57 -30.25
N LYS C 50 84.24 34.53 -29.76
CA LYS C 50 84.78 33.17 -29.72
C LYS C 50 83.92 32.23 -30.56
N GLY C 51 84.58 31.30 -31.24
CA GLY C 51 83.91 30.32 -32.11
C GLY C 51 83.75 28.93 -31.51
N PRO C 52 83.09 27.98 -32.24
CA PRO C 52 82.45 28.08 -33.56
C PRO C 52 81.18 28.92 -33.51
N THR C 53 81.17 30.00 -34.30
CA THR C 53 80.14 31.02 -34.37
C THR C 53 79.89 31.44 -35.83
N LYS C 54 78.64 31.77 -36.17
CA LYS C 54 78.28 32.30 -37.50
C LYS C 54 77.42 33.55 -37.33
N ILE C 55 78.03 34.72 -37.56
CA ILE C 55 77.42 36.05 -37.49
C ILE C 55 77.01 36.45 -38.91
N GLY C 56 75.73 36.80 -39.04
CA GLY C 56 75.09 37.15 -40.30
C GLY C 56 75.49 38.50 -40.87
N LYS C 57 74.62 39.00 -41.74
CA LYS C 57 74.79 40.27 -42.43
C LYS C 57 74.24 41.46 -41.60
N HIS C 58 74.78 42.65 -41.83
CA HIS C 58 74.38 43.94 -41.24
C HIS C 58 74.07 43.93 -39.74
N ASN C 59 74.85 43.17 -38.94
CA ASN C 59 74.72 43.18 -37.46
C ASN C 59 75.61 44.30 -36.87
N ARG C 60 75.33 44.73 -35.63
CA ARG C 60 76.16 45.72 -34.97
C ARG C 60 76.31 45.24 -33.53
N ILE C 61 77.50 44.65 -33.24
CA ILE C 61 77.86 44.13 -31.93
C ILE C 61 78.69 45.23 -31.26
N TYR C 62 78.15 45.82 -30.19
CA TYR C 62 78.76 46.90 -29.42
C TYR C 62 79.89 46.43 -28.50
N GLN C 63 80.64 47.38 -27.93
CA GLN C 63 81.76 47.17 -27.03
C GLN C 63 81.42 46.38 -25.77
N PHE C 64 82.44 45.75 -25.15
CA PHE C 64 82.41 44.97 -23.90
C PHE C 64 81.48 43.74 -23.92
N SER C 65 81.07 43.33 -25.12
CA SER C 65 80.25 42.14 -25.30
C SER C 65 81.20 40.92 -25.39
N SER C 66 80.78 39.77 -24.86
CA SER C 66 81.56 38.53 -24.92
C SER C 66 80.61 37.56 -25.65
N VAL C 67 80.72 37.50 -26.99
CA VAL C 67 79.82 36.71 -27.83
C VAL C 67 80.45 35.41 -28.36
N GLY C 68 79.86 34.28 -28.00
CA GLY C 68 80.31 32.96 -28.42
C GLY C 68 81.10 32.19 -27.38
N GLU C 69 81.26 32.71 -26.17
CA GLU C 69 82.02 32.06 -25.10
C GLU C 69 81.31 30.77 -24.62
N ASP C 70 82.06 29.78 -24.09
CA ASP C 70 81.48 28.52 -23.58
C ASP C 70 80.64 28.81 -22.34
N THR C 71 79.48 28.11 -22.14
CA THR C 71 78.66 28.31 -20.93
C THR C 71 79.44 27.88 -19.71
N PRO C 72 79.31 28.58 -18.57
CA PRO C 72 80.02 28.13 -17.38
C PRO C 72 79.33 26.91 -16.77
N ASP C 73 78.07 26.57 -17.24
CA ASP C 73 77.27 25.41 -16.78
C ASP C 73 78.14 24.18 -16.79
N LEU C 74 78.24 23.56 -15.62
CA LEU C 74 79.05 22.38 -15.37
C LEU C 74 78.74 21.18 -16.25
N LYS C 75 77.51 21.05 -16.78
CA LYS C 75 77.13 19.96 -17.68
C LYS C 75 78.00 19.98 -18.94
N TYR C 76 78.27 21.19 -19.46
CA TYR C 76 79.10 21.42 -20.62
C TYR C 76 80.55 21.14 -20.20
N LYS C 77 81.17 20.11 -20.84
CA LYS C 77 82.51 19.62 -20.52
C LYS C 77 83.53 19.71 -21.70
N GLY C 78 83.51 20.84 -22.41
CA GLY C 78 84.44 21.16 -23.50
C GLY C 78 84.02 20.86 -24.92
N GLU C 79 82.80 20.32 -25.10
CA GLU C 79 82.18 19.95 -26.38
C GLU C 79 82.35 21.03 -27.50
N PRO C 80 82.30 20.70 -28.81
CA PRO C 80 82.60 21.72 -29.83
C PRO C 80 81.37 22.45 -30.41
N THR C 81 80.36 22.65 -29.57
CA THR C 81 79.06 23.27 -29.85
C THR C 81 79.13 24.65 -30.55
N ARG C 82 78.03 25.04 -31.24
CA ARG C 82 77.97 26.27 -32.03
C ARG C 82 77.07 27.38 -31.51
N LEU C 83 77.15 28.52 -32.24
CA LEU C 83 76.39 29.77 -32.13
C LEU C 83 76.04 30.29 -33.55
N VAL C 84 74.79 30.71 -33.74
CA VAL C 84 74.35 31.28 -35.02
C VAL C 84 73.63 32.60 -34.71
N ILE C 85 74.04 33.66 -35.39
CA ILE C 85 73.41 34.98 -35.30
C ILE C 85 72.95 35.33 -36.73
N GLY C 86 71.68 35.69 -36.84
CA GLY C 86 71.05 36.05 -38.11
C GLY C 86 71.58 37.37 -38.66
N ASP C 87 70.80 37.97 -39.56
CA ASP C 87 71.18 39.25 -40.15
C ASP C 87 70.53 40.40 -39.34
N HIS C 88 70.82 41.64 -39.71
CA HIS C 88 70.27 42.87 -39.15
C HIS C 88 70.01 42.90 -37.62
N ASN C 89 70.96 42.41 -36.79
CA ASN C 89 70.81 42.42 -35.32
C ASN C 89 71.63 43.49 -34.63
N VAL C 90 71.10 44.05 -33.54
CA VAL C 90 71.80 45.02 -32.70
C VAL C 90 72.07 44.36 -31.34
N ILE C 91 73.33 43.98 -31.11
CA ILE C 91 73.79 43.40 -29.84
C ILE C 91 74.48 44.56 -29.11
N ARG C 92 73.80 45.13 -28.10
CA ARG C 92 74.29 46.28 -27.34
C ARG C 92 75.50 45.96 -26.46
N GLU C 93 75.93 46.96 -25.66
CA GLU C 93 77.16 46.95 -24.88
C GLU C 93 77.12 46.05 -23.61
N GLY C 94 78.11 45.17 -23.51
CA GLY C 94 78.28 44.25 -22.39
C GLY C 94 77.40 43.02 -22.45
N VAL C 95 76.79 42.78 -23.61
CA VAL C 95 75.93 41.61 -23.80
C VAL C 95 76.80 40.31 -23.75
N THR C 96 76.26 39.26 -23.11
CA THR C 96 76.90 37.94 -23.07
C THR C 96 76.01 36.97 -23.82
N ILE C 97 76.60 36.19 -24.73
CA ILE C 97 75.89 35.19 -25.53
C ILE C 97 76.78 33.95 -25.52
N HIS C 98 76.29 32.85 -24.94
CA HIS C 98 77.02 31.58 -24.88
C HIS C 98 76.62 30.55 -25.94
N ARG C 99 77.56 29.69 -26.37
CA ARG C 99 77.32 28.63 -27.36
C ARG C 99 76.49 27.46 -26.79
N GLY C 100 76.02 26.58 -27.68
CA GLY C 100 75.18 25.45 -27.28
C GLY C 100 75.86 24.40 -26.42
N THR C 101 75.08 23.36 -26.02
CA THR C 101 75.52 22.18 -25.25
C THR C 101 75.07 20.91 -26.00
N VAL C 102 75.98 19.92 -26.17
CA VAL C 102 75.68 18.67 -26.85
C VAL C 102 74.36 18.05 -26.36
N GLN C 103 74.10 18.22 -25.06
CA GLN C 103 72.94 17.79 -24.28
C GLN C 103 71.60 18.06 -25.02
N ASP C 104 71.41 19.30 -25.56
CA ASP C 104 70.22 19.71 -26.34
C ASP C 104 70.54 19.37 -27.82
N ARG C 105 70.76 20.38 -28.68
CA ARG C 105 71.14 20.09 -30.06
C ARG C 105 72.36 20.98 -30.47
N ALA C 106 73.32 21.10 -29.54
CA ALA C 106 74.64 21.75 -29.65
C ALA C 106 74.66 23.18 -30.26
N GLU C 107 73.54 23.94 -30.20
CA GLU C 107 73.52 25.26 -30.84
C GLU C 107 72.64 26.32 -30.17
N THR C 108 73.23 27.51 -29.93
CA THR C 108 72.56 28.72 -29.47
C THR C 108 72.25 29.46 -30.76
N THR C 109 70.98 29.80 -30.97
CA THR C 109 70.52 30.37 -32.23
C THR C 109 69.80 31.72 -32.07
N ILE C 110 70.07 32.65 -33.00
CA ILE C 110 69.47 33.99 -33.04
C ILE C 110 69.08 34.31 -34.49
N GLY C 111 67.87 34.83 -34.67
CA GLY C 111 67.32 35.21 -35.96
C GLY C 111 67.71 36.62 -36.34
N ASP C 112 67.01 37.18 -37.33
CA ASP C 112 67.26 38.51 -37.88
C ASP C 112 66.48 39.61 -37.15
N HIS C 113 66.88 40.88 -37.35
CA HIS C 113 66.24 42.10 -36.85
C HIS C 113 65.98 42.19 -35.33
N ASN C 114 66.85 41.60 -34.49
CA ASN C 114 66.67 41.65 -33.03
C ASN C 114 67.46 42.75 -32.32
N LEU C 115 66.86 43.37 -31.26
CA LEU C 115 67.50 44.40 -30.42
C LEU C 115 67.75 43.81 -29.06
N ILE C 116 69.00 43.39 -28.86
CA ILE C 116 69.46 42.79 -27.61
C ILE C 116 70.20 43.94 -26.88
N MET C 117 69.63 44.43 -25.78
CA MET C 117 70.14 45.59 -25.04
C MET C 117 71.20 45.23 -23.99
N ALA C 118 71.95 46.23 -23.54
CA ALA C 118 73.09 46.19 -22.62
C ALA C 118 73.04 45.15 -21.52
N TYR C 119 74.18 44.50 -21.28
CA TYR C 119 74.50 43.48 -20.25
C TYR C 119 73.55 42.25 -20.20
N ALA C 120 72.53 42.19 -21.11
CA ALA C 120 71.57 41.07 -21.28
C ALA C 120 72.36 39.75 -21.51
N HIS C 121 71.83 38.61 -21.02
CA HIS C 121 72.49 37.28 -21.11
C HIS C 121 71.72 36.25 -21.99
N ILE C 122 72.35 35.72 -23.06
CA ILE C 122 71.69 34.68 -23.88
C ILE C 122 72.42 33.34 -23.65
N GLY C 123 71.99 32.60 -22.61
CA GLY C 123 72.57 31.32 -22.19
C GLY C 123 72.38 30.19 -23.18
N HIS C 124 73.26 29.16 -23.10
CA HIS C 124 73.34 27.95 -23.94
C HIS C 124 72.00 27.43 -24.53
N ASP C 125 72.02 27.03 -25.83
CA ASP C 125 70.90 26.46 -26.61
C ASP C 125 69.59 27.28 -26.61
N SER C 126 69.65 28.58 -26.24
CA SER C 126 68.49 29.47 -26.25
C SER C 126 68.20 29.81 -27.69
N VAL C 127 66.94 30.03 -28.05
CA VAL C 127 66.60 30.29 -29.43
C VAL C 127 65.71 31.53 -29.57
N ILE C 128 66.18 32.52 -30.35
CA ILE C 128 65.46 33.78 -30.59
C ILE C 128 65.06 33.89 -32.08
N GLY C 129 63.86 34.39 -32.31
CA GLY C 129 63.33 34.56 -33.65
C GLY C 129 63.67 35.90 -34.23
N ASN C 130 62.66 36.64 -34.68
CA ASN C 130 62.83 37.94 -35.33
C ASN C 130 62.12 39.09 -34.60
N HIS C 131 62.67 40.30 -34.72
CA HIS C 131 62.16 41.55 -34.15
C HIS C 131 61.89 41.49 -32.64
N CYS C 132 62.76 40.80 -31.93
CA CYS C 132 62.66 40.70 -30.48
C CYS C 132 63.42 41.86 -29.85
N ILE C 133 62.83 42.49 -28.84
CA ILE C 133 63.52 43.48 -28.03
C ILE C 133 63.75 42.71 -26.71
N LEU C 134 65.00 42.73 -26.21
CA LEU C 134 65.40 42.10 -24.95
C LEU C 134 66.08 43.22 -24.22
N VAL C 135 65.33 43.98 -23.41
CA VAL C 135 65.81 45.18 -22.69
C VAL C 135 67.02 44.83 -21.76
N ASN C 136 67.61 45.84 -21.10
CA ASN C 136 68.78 45.73 -20.23
C ASN C 136 68.76 44.55 -19.26
N ASN C 137 69.97 43.99 -19.00
CA ASN C 137 70.24 42.85 -18.09
C ASN C 137 69.12 41.76 -18.08
N THR C 138 68.55 41.44 -19.25
CA THR C 138 67.55 40.39 -19.42
C THR C 138 68.34 39.07 -19.49
N ALA C 139 68.12 38.14 -18.52
CA ALA C 139 68.88 36.88 -18.52
C ALA C 139 68.08 35.65 -18.94
N LEU C 140 68.57 34.94 -19.98
CA LEU C 140 67.99 33.67 -20.48
C LEU C 140 68.87 32.54 -19.89
N ALA C 141 68.36 31.85 -18.84
CA ALA C 141 69.06 30.80 -18.07
C ALA C 141 69.65 29.67 -18.91
N GLY C 142 69.05 29.38 -20.05
CA GLY C 142 69.47 28.32 -20.94
C GLY C 142 68.30 27.59 -21.54
N HIS C 143 68.45 27.07 -22.77
CA HIS C 143 67.41 26.39 -23.54
C HIS C 143 66.07 27.17 -23.62
N VAL C 144 66.10 28.50 -23.39
CA VAL C 144 64.90 29.37 -23.44
C VAL C 144 64.58 29.69 -24.90
N HIS C 145 63.31 29.62 -25.30
CA HIS C 145 62.90 29.88 -26.68
C HIS C 145 62.00 31.10 -26.76
N VAL C 146 62.55 32.20 -27.30
CA VAL C 146 61.84 33.47 -27.47
C VAL C 146 61.39 33.57 -28.95
N ASP C 147 60.08 33.77 -29.17
CA ASP C 147 59.46 33.85 -30.50
C ASP C 147 59.31 35.30 -30.98
N ASP C 148 59.15 35.49 -32.32
CA ASP C 148 59.07 36.77 -33.01
C ASP C 148 58.27 37.83 -32.28
N TRP C 149 58.79 39.07 -32.25
CA TRP C 149 58.22 40.34 -31.76
C TRP C 149 58.22 40.54 -30.23
N ALA C 150 58.26 39.44 -29.44
CA ALA C 150 58.33 39.44 -28.00
C ALA C 150 59.26 40.54 -27.45
N ILE C 151 58.74 41.33 -26.50
CA ILE C 151 59.49 42.42 -25.82
C ILE C 151 59.72 41.96 -24.37
N LEU C 152 60.98 41.75 -23.97
CA LEU C 152 61.30 41.35 -22.59
C LEU C 152 61.83 42.61 -21.92
N SER C 153 61.03 43.20 -20.99
CA SER C 153 61.40 44.43 -20.26
C SER C 153 62.70 44.25 -19.47
N GLY C 154 63.27 45.36 -19.02
CA GLY C 154 64.52 45.37 -18.27
C GLY C 154 64.58 44.37 -17.13
N TYR C 155 65.78 43.86 -16.86
CA TYR C 155 66.15 42.92 -15.81
C TYR C 155 65.19 41.71 -15.66
N THR C 156 64.60 41.25 -16.82
CA THR C 156 63.74 40.05 -16.92
C THR C 156 64.64 38.82 -16.72
N LEU C 157 64.11 37.84 -16.03
CA LEU C 157 64.84 36.61 -15.80
C LEU C 157 63.97 35.46 -16.31
N VAL C 158 64.50 34.66 -17.22
CA VAL C 158 63.73 33.54 -17.74
C VAL C 158 64.46 32.25 -17.37
N HIS C 159 63.76 31.29 -16.73
CA HIS C 159 64.30 29.99 -16.29
C HIS C 159 64.65 29.09 -17.46
N GLN C 160 65.50 28.06 -17.24
CA GLN C 160 65.83 27.10 -18.28
C GLN C 160 64.57 26.46 -18.87
N TYR C 161 64.63 26.18 -20.16
CA TYR C 161 63.64 25.47 -21.00
C TYR C 161 62.31 26.19 -21.27
N CYS C 162 62.06 27.38 -20.65
CA CYS C 162 60.84 28.20 -20.83
C CYS C 162 60.62 28.68 -22.25
N ARG C 163 59.35 28.73 -22.68
CA ARG C 163 59.01 29.22 -23.98
C ARG C 163 58.23 30.55 -23.93
N ILE C 164 58.87 31.65 -24.42
CA ILE C 164 58.30 33.01 -24.51
C ILE C 164 57.71 33.12 -25.93
N GLY C 165 56.37 33.19 -26.02
CA GLY C 165 55.60 33.21 -27.26
C GLY C 165 55.72 34.45 -28.13
N ALA C 166 55.12 34.40 -29.34
CA ALA C 166 55.16 35.52 -30.28
C ALA C 166 54.37 36.71 -29.75
N HIS C 167 54.98 37.90 -29.71
CA HIS C 167 54.36 39.15 -29.23
C HIS C 167 54.18 39.21 -27.73
N SER C 168 54.55 38.15 -26.98
CA SER C 168 54.37 38.18 -25.52
C SER C 168 55.19 39.29 -24.86
N PHE C 169 54.76 39.78 -23.68
CA PHE C 169 55.46 40.89 -23.05
C PHE C 169 55.78 40.65 -21.59
N SER C 170 57.05 40.77 -21.19
CA SER C 170 57.35 40.66 -19.76
C SER C 170 57.61 42.05 -19.19
N GLY C 171 57.02 42.36 -18.04
CA GLY C 171 57.21 43.63 -17.35
C GLY C 171 58.60 43.74 -16.75
N MET C 172 59.04 44.94 -16.34
CA MET C 172 60.41 45.10 -15.86
C MET C 172 60.68 44.31 -14.59
N GLY C 173 61.69 43.47 -14.64
CA GLY C 173 62.08 42.60 -13.53
C GLY C 173 61.09 41.49 -13.25
N SER C 174 60.68 40.75 -14.29
CA SER C 174 59.77 39.59 -14.25
C SER C 174 60.60 38.32 -14.05
N ALA C 175 60.18 37.38 -13.16
CA ALA C 175 60.96 36.15 -12.99
C ALA C 175 60.14 35.01 -13.55
N ILE C 176 60.29 34.79 -14.88
CA ILE C 176 59.55 33.81 -15.66
C ILE C 176 60.04 32.40 -15.34
N GLY C 177 59.09 31.57 -14.89
CA GLY C 177 59.32 30.18 -14.51
C GLY C 177 58.59 29.13 -15.33
N LYS C 178 57.48 29.56 -15.96
CA LYS C 178 56.64 28.74 -16.84
C LYS C 178 56.50 29.47 -18.19
N ASP C 179 56.09 28.76 -19.26
CA ASP C 179 55.93 29.34 -20.58
C ASP C 179 55.04 30.57 -20.61
N VAL C 180 55.41 31.55 -21.42
CA VAL C 180 54.59 32.74 -21.63
C VAL C 180 53.93 32.48 -22.99
N PRO C 181 52.58 32.40 -23.04
CA PRO C 181 51.90 32.20 -24.33
C PRO C 181 52.08 33.41 -25.24
N ALA C 182 51.73 33.27 -26.53
CA ALA C 182 51.84 34.37 -27.46
C ALA C 182 50.90 35.48 -27.00
N TYR C 183 51.31 36.73 -27.19
CA TYR C 183 50.58 37.97 -26.83
C TYR C 183 50.48 38.23 -25.33
N VAL C 184 50.31 37.21 -24.46
CA VAL C 184 50.17 37.38 -22.99
C VAL C 184 51.22 38.29 -22.36
N THR C 185 50.79 39.22 -21.46
CA THR C 185 51.69 40.06 -20.65
C THR C 185 51.86 39.40 -19.27
N VAL C 186 53.12 39.30 -18.79
CA VAL C 186 53.49 38.65 -17.52
C VAL C 186 54.20 39.62 -16.62
N PHE C 187 53.98 39.52 -15.30
CA PHE C 187 54.57 40.47 -14.36
C PHE C 187 54.94 39.91 -12.99
N GLY C 188 56.06 40.38 -12.46
CA GLY C 188 56.48 40.05 -11.10
C GLY C 188 57.41 38.88 -10.85
N ASN C 189 57.70 38.66 -9.58
CA ASN C 189 58.54 37.58 -9.07
C ASN C 189 57.66 36.79 -8.08
N PRO C 190 57.00 35.68 -8.52
CA PRO C 190 57.04 35.09 -9.86
C PRO C 190 56.10 35.77 -10.85
N ALA C 191 56.43 35.69 -12.15
CA ALA C 191 55.64 36.27 -13.24
C ALA C 191 54.21 35.68 -13.24
N GLU C 192 53.16 36.55 -13.25
CA GLU C 192 51.73 36.19 -13.31
C GLU C 192 51.11 36.87 -14.52
N ALA C 193 50.28 36.15 -15.30
CA ALA C 193 49.62 36.76 -16.47
C ALA C 193 48.73 37.94 -16.04
N ARG C 194 48.77 39.06 -16.78
CA ARG C 194 47.98 40.28 -16.50
C ARG C 194 46.95 40.56 -17.61
N SER C 195 47.42 40.69 -18.88
CA SER C 195 46.56 40.94 -20.05
C SER C 195 47.27 40.48 -21.33
N MET C 196 46.92 41.06 -22.47
CA MET C 196 47.48 40.76 -23.77
C MET C 196 48.30 41.95 -24.28
N ASN C 197 49.17 41.74 -25.26
CA ASN C 197 49.98 42.82 -25.83
C ASN C 197 49.14 43.55 -26.91
N PHE C 198 48.22 44.43 -26.48
CA PHE C 198 47.34 45.12 -27.43
C PHE C 198 48.07 46.13 -28.33
N GLU C 199 49.22 46.65 -27.88
CA GLU C 199 50.01 47.58 -28.69
C GLU C 199 50.73 46.85 -29.82
N GLY C 200 51.25 45.67 -29.52
CA GLY C 200 51.97 44.82 -30.46
C GLY C 200 51.07 44.26 -31.55
N MET C 201 49.76 44.15 -31.23
CA MET C 201 48.71 43.66 -32.13
C MET C 201 48.30 44.81 -33.04
N ARG C 202 48.31 46.05 -32.49
CA ARG C 202 47.99 47.29 -33.20
C ARG C 202 49.10 47.62 -34.17
N ARG C 203 50.39 47.54 -33.68
CA ARG C 203 51.63 47.82 -34.42
C ARG C 203 51.72 46.92 -35.65
N ARG C 204 51.33 45.64 -35.50
CA ARG C 204 51.29 44.67 -36.59
C ARG C 204 49.97 44.75 -37.37
N GLY C 205 49.34 45.91 -37.33
CA GLY C 205 48.07 46.24 -37.98
C GLY C 205 47.03 45.14 -38.07
N PHE C 206 46.83 44.36 -36.96
CA PHE C 206 45.84 43.27 -36.85
C PHE C 206 44.43 43.86 -37.03
N SER C 207 43.49 43.05 -37.56
CA SER C 207 42.11 43.50 -37.73
C SER C 207 41.48 43.66 -36.34
N SER C 208 40.73 44.77 -36.13
CA SER C 208 40.03 45.05 -34.86
C SER C 208 39.17 43.86 -34.42
N GLU C 209 38.75 43.03 -35.40
CA GLU C 209 37.92 41.82 -35.31
C GLU C 209 38.70 40.66 -34.73
N ALA C 210 40.02 40.62 -35.02
CA ALA C 210 40.96 39.62 -34.53
C ALA C 210 41.56 40.04 -33.21
N ILE C 211 41.61 41.38 -32.96
CA ILE C 211 42.13 41.96 -31.71
C ILE C 211 41.22 41.55 -30.54
N HIS C 212 39.91 41.71 -30.72
CA HIS C 212 38.88 41.31 -29.74
C HIS C 212 38.89 39.77 -29.57
N ALA C 213 39.07 39.01 -30.68
CA ALA C 213 39.13 37.53 -30.67
C ALA C 213 40.20 37.02 -29.72
N LEU C 214 41.25 37.83 -29.53
CA LEU C 214 42.32 37.52 -28.60
C LEU C 214 41.95 38.00 -27.21
N ARG C 215 41.22 39.13 -27.05
CA ARG C 215 40.74 39.55 -25.71
C ARG C 215 39.93 38.40 -25.12
N ARG C 216 38.89 37.91 -25.88
CA ARG C 216 38.01 36.78 -25.55
C ARG C 216 38.84 35.53 -25.24
N ALA C 217 39.93 35.29 -26.04
CA ALA C 217 40.81 34.13 -25.88
C ALA C 217 41.59 34.12 -24.58
N TYR C 218 41.98 35.29 -24.07
CA TYR C 218 42.71 35.40 -22.81
C TYR C 218 41.78 35.02 -21.67
N LYS C 219 40.56 35.62 -21.68
CA LYS C 219 39.48 35.43 -20.71
C LYS C 219 39.11 33.96 -20.48
N VAL C 220 39.22 33.11 -21.54
CA VAL C 220 38.95 31.65 -21.49
C VAL C 220 40.02 30.93 -20.58
N VAL C 221 41.30 31.00 -21.01
CA VAL C 221 42.49 30.38 -20.40
C VAL C 221 42.66 30.74 -18.92
N TYR C 222 42.46 32.04 -18.59
CA TYR C 222 42.64 32.65 -17.28
C TYR C 222 41.34 32.98 -16.55
N ARG C 223 40.75 34.17 -16.86
CA ARG C 223 39.52 34.77 -16.30
C ARG C 223 38.22 33.89 -16.30
N GLN C 224 38.31 32.57 -16.61
CA GLN C 224 37.10 31.71 -16.66
C GLN C 224 37.16 30.42 -15.85
N GLY C 225 38.28 30.19 -15.16
CA GLY C 225 38.42 29.01 -14.31
C GLY C 225 38.29 27.71 -15.07
N HIS C 226 39.07 27.63 -16.15
CA HIS C 226 39.12 26.46 -17.00
C HIS C 226 40.45 25.84 -16.85
N THR C 227 40.46 24.49 -16.74
CA THR C 227 41.72 23.74 -16.71
C THR C 227 42.37 24.05 -18.07
N VAL C 228 43.69 24.11 -18.10
CA VAL C 228 44.37 24.40 -19.35
C VAL C 228 43.78 23.53 -20.50
N GLU C 229 43.31 22.30 -20.15
CA GLU C 229 42.68 21.29 -21.00
C GLU C 229 41.33 21.74 -21.57
N GLU C 230 40.46 22.27 -20.67
CA GLU C 230 39.13 22.80 -20.97
C GLU C 230 39.33 24.05 -21.83
N ALA C 231 40.31 24.89 -21.44
CA ALA C 231 40.63 26.14 -22.10
C ALA C 231 40.95 25.94 -23.59
N LEU C 232 41.78 24.93 -23.91
CA LEU C 232 42.25 24.65 -25.28
C LEU C 232 41.13 24.24 -26.19
N ALA C 233 40.25 23.41 -25.65
CA ALA C 233 39.08 22.87 -26.31
C ALA C 233 38.15 24.03 -26.69
N GLU C 234 37.95 24.98 -25.75
CA GLU C 234 37.10 26.16 -25.94
C GLU C 234 37.66 27.01 -27.05
N LEU C 235 38.99 27.21 -27.02
CA LEU C 235 39.77 28.01 -27.98
C LEU C 235 39.74 27.47 -29.40
N ALA C 236 39.62 26.14 -29.58
CA ALA C 236 39.59 25.52 -30.91
C ALA C 236 38.57 26.11 -31.88
N GLU C 237 37.45 26.65 -31.40
CA GLU C 237 36.44 27.30 -32.24
C GLU C 237 37.04 28.57 -32.87
N SER C 238 37.51 29.50 -32.00
CA SER C 238 38.10 30.79 -32.32
C SER C 238 39.39 30.67 -33.13
N ALA C 239 40.28 29.76 -32.72
CA ALA C 239 41.57 29.49 -33.35
C ALA C 239 41.47 29.03 -34.80
N ALA C 240 40.36 28.37 -35.16
CA ALA C 240 40.08 27.90 -36.53
C ALA C 240 39.67 29.09 -37.41
N GLN C 241 38.91 30.07 -36.83
CA GLN C 241 38.46 31.28 -37.51
C GLN C 241 39.63 32.27 -37.74
N PHE C 242 40.45 32.54 -36.68
CA PHE C 242 41.54 33.50 -36.72
C PHE C 242 42.90 32.85 -36.65
N PRO C 243 43.78 33.10 -37.64
CA PRO C 243 45.12 32.50 -37.59
C PRO C 243 46.01 33.12 -36.51
N GLU C 244 45.61 34.31 -35.99
CA GLU C 244 46.26 35.07 -34.92
C GLU C 244 46.04 34.36 -33.62
N VAL C 245 44.77 33.92 -33.35
CA VAL C 245 44.31 33.23 -32.14
C VAL C 245 44.94 31.82 -32.10
N ALA C 246 45.11 31.20 -33.29
CA ALA C 246 45.73 29.89 -33.47
C ALA C 246 47.18 29.92 -32.98
N VAL C 247 47.88 31.07 -33.11
CA VAL C 247 49.24 31.32 -32.63
C VAL C 247 49.23 31.27 -31.08
N PHE C 248 48.06 31.58 -30.47
CA PHE C 248 47.85 31.56 -29.03
C PHE C 248 47.45 30.14 -28.56
N ARG C 249 46.57 29.45 -29.30
CA ARG C 249 46.15 28.09 -28.95
C ARG C 249 47.32 27.09 -29.08
N ASP C 250 48.18 27.30 -30.08
CA ASP C 250 49.33 26.45 -30.31
C ASP C 250 50.47 26.72 -29.31
N SER C 251 50.48 27.90 -28.68
CA SER C 251 51.51 28.27 -27.69
C SER C 251 51.29 27.58 -26.34
N ILE C 252 50.01 27.29 -26.04
CA ILE C 252 49.49 26.69 -24.82
C ILE C 252 49.52 25.15 -24.95
N GLN C 253 49.25 24.68 -26.19
CA GLN C 253 49.26 23.27 -26.56
C GLN C 253 50.68 22.74 -26.38
N SER C 254 51.64 23.40 -27.02
CA SER C 254 53.07 23.09 -27.02
C SER C 254 53.80 23.47 -25.73
N ALA C 255 53.08 23.51 -24.58
CA ALA C 255 53.68 23.91 -23.30
C ALA C 255 53.46 22.86 -22.25
N THR C 256 52.33 22.17 -22.34
CA THR C 256 51.90 21.13 -21.39
C THR C 256 51.34 19.89 -22.12
N ARG C 257 51.66 18.69 -21.60
CA ARG C 257 51.16 17.40 -22.08
C ARG C 257 50.31 16.79 -20.97
N GLY C 258 50.84 16.84 -19.74
CA GLY C 258 50.21 16.31 -18.54
C GLY C 258 50.52 14.83 -18.31
N ILE C 259 50.09 14.29 -17.16
CA ILE C 259 50.30 12.87 -16.86
C ILE C 259 48.96 12.17 -16.70
N THR C 260 48.92 10.86 -17.03
CA THR C 260 47.72 10.04 -16.99
C THR C 260 47.19 9.92 -15.56
N ARG C 261 45.95 10.40 -15.29
CA ARG C 261 45.31 10.26 -13.97
C ARG C 261 44.19 9.24 -14.06
N MET D 4 104.25 57.82 -14.56
CA MET D 4 102.90 57.88 -15.13
C MET D 4 102.63 59.18 -15.92
N SER D 5 102.12 59.05 -17.16
CA SER D 5 101.72 60.22 -17.99
C SER D 5 100.22 60.55 -17.77
N LEU D 6 99.77 61.77 -18.18
CA LEU D 6 98.37 62.14 -18.00
C LEU D 6 97.46 61.36 -18.95
N ILE D 7 97.66 61.57 -20.25
CA ILE D 7 96.94 60.81 -21.28
C ILE D 7 97.89 59.68 -21.72
N ASP D 8 97.48 58.40 -21.52
CA ASP D 8 98.28 57.21 -21.87
C ASP D 8 98.41 57.11 -23.40
N PRO D 9 99.60 56.72 -23.97
CA PRO D 9 99.73 56.66 -25.44
C PRO D 9 98.71 55.76 -26.17
N ARG D 10 98.30 54.62 -25.55
CA ARG D 10 97.33 53.65 -26.10
C ARG D 10 95.91 54.21 -26.27
N ALA D 11 95.52 55.25 -25.49
CA ALA D 11 94.21 55.93 -25.53
C ALA D 11 93.99 56.67 -26.86
N ILE D 12 92.71 56.69 -27.37
CA ILE D 12 92.33 57.36 -28.64
C ILE D 12 91.59 58.69 -28.38
N ILE D 13 92.32 59.81 -28.39
CA ILE D 13 91.74 61.14 -28.21
C ILE D 13 91.39 61.65 -29.58
N ASP D 14 90.12 62.02 -29.78
CA ASP D 14 89.67 62.57 -31.06
C ASP D 14 90.04 64.04 -31.10
N PRO D 15 90.51 64.58 -32.24
CA PRO D 15 90.86 66.01 -32.30
C PRO D 15 89.70 66.96 -31.95
N SER D 16 88.43 66.50 -32.16
CA SER D 16 87.21 67.28 -31.89
C SER D 16 86.92 67.34 -30.42
N ALA D 17 87.65 66.54 -29.62
CA ALA D 17 87.48 66.55 -28.18
C ALA D 17 88.22 67.73 -27.55
N ARG D 18 87.76 68.18 -26.37
CA ARG D 18 88.37 69.29 -25.66
C ARG D 18 88.68 68.89 -24.19
N LEU D 19 89.94 68.45 -23.97
CA LEU D 19 90.47 68.01 -22.68
C LEU D 19 91.23 69.16 -22.04
N ALA D 20 90.79 69.56 -20.85
CA ALA D 20 91.37 70.67 -20.12
C ALA D 20 92.68 70.30 -19.45
N ALA D 21 93.79 70.40 -20.22
CA ALA D 21 95.18 70.17 -19.82
C ALA D 21 95.38 68.97 -18.88
N ASP D 22 95.26 69.19 -17.54
CA ASP D 22 95.47 68.24 -16.43
C ASP D 22 94.49 67.03 -16.39
N VAL D 23 93.64 66.88 -17.42
CA VAL D 23 92.69 65.78 -17.59
C VAL D 23 93.52 64.51 -17.85
N GLN D 24 93.08 63.39 -17.25
CA GLN D 24 93.75 62.09 -17.32
C GLN D 24 92.90 61.07 -18.05
N VAL D 25 93.53 60.32 -18.95
CA VAL D 25 92.90 59.27 -19.76
C VAL D 25 93.80 58.02 -19.67
N GLY D 26 93.21 56.90 -19.30
CA GLY D 26 93.95 55.65 -19.17
C GLY D 26 94.17 54.91 -20.48
N PRO D 27 94.96 53.81 -20.46
CA PRO D 27 95.15 53.04 -21.69
C PRO D 27 93.86 52.47 -22.25
N TRP D 28 93.78 52.38 -23.58
CA TRP D 28 92.69 51.81 -24.36
C TRP D 28 91.35 52.45 -24.08
N SER D 29 91.38 53.75 -23.78
CA SER D 29 90.16 54.51 -23.54
C SER D 29 89.91 55.38 -24.77
N ILE D 30 88.63 55.53 -25.16
CA ILE D 30 88.32 56.32 -26.34
C ILE D 30 87.61 57.60 -25.97
N VAL D 31 88.21 58.74 -26.38
CA VAL D 31 87.61 60.06 -26.18
C VAL D 31 87.14 60.51 -27.57
N GLY D 32 85.91 60.13 -27.90
CA GLY D 32 85.26 60.41 -29.19
C GLY D 32 85.12 61.88 -29.55
N ALA D 33 84.64 62.15 -30.77
CA ALA D 33 84.41 63.52 -31.25
C ALA D 33 83.30 64.14 -30.42
N GLU D 34 83.37 65.48 -30.22
CA GLU D 34 82.40 66.29 -29.47
C GLU D 34 82.30 65.97 -27.93
N VAL D 35 83.22 65.14 -27.38
CA VAL D 35 83.33 64.89 -25.92
C VAL D 35 84.22 66.02 -25.39
N GLU D 36 83.78 66.75 -24.38
CA GLU D 36 84.56 67.84 -23.80
C GLU D 36 84.69 67.54 -22.31
N ILE D 37 85.94 67.35 -21.83
CA ILE D 37 86.25 66.96 -20.45
C ILE D 37 86.93 68.09 -19.66
N GLY D 38 86.33 68.44 -18.51
CA GLY D 38 86.81 69.51 -17.64
C GLY D 38 87.94 69.17 -16.69
N GLU D 39 88.61 70.23 -16.19
CA GLU D 39 89.73 70.25 -15.25
C GLU D 39 89.66 69.19 -14.13
N GLY D 40 90.78 68.52 -13.89
CA GLY D 40 90.95 67.54 -12.82
C GLY D 40 90.39 66.15 -13.04
N THR D 41 89.43 65.98 -13.98
CA THR D 41 88.76 64.71 -14.29
C THR D 41 89.74 63.61 -14.67
N VAL D 42 89.47 62.41 -14.14
CA VAL D 42 90.23 61.19 -14.38
C VAL D 42 89.32 60.21 -15.12
N ILE D 43 89.76 59.80 -16.31
CA ILE D 43 89.10 58.80 -17.12
C ILE D 43 90.04 57.60 -17.03
N GLY D 44 89.55 56.47 -16.52
CA GLY D 44 90.33 55.26 -16.36
C GLY D 44 90.67 54.55 -17.66
N PRO D 45 90.98 53.23 -17.60
CA PRO D 45 91.28 52.48 -18.83
C PRO D 45 90.02 51.82 -19.39
N HIS D 46 90.03 51.34 -20.64
CA HIS D 46 88.85 50.68 -21.23
C HIS D 46 87.56 51.49 -21.07
N VAL D 47 87.58 52.83 -21.24
CA VAL D 47 86.38 53.68 -21.11
C VAL D 47 86.01 54.24 -22.49
N VAL D 48 84.70 54.19 -22.83
CA VAL D 48 84.21 54.73 -24.10
C VAL D 48 83.36 55.98 -23.85
N LEU D 49 83.82 57.12 -24.40
CA LEU D 49 83.14 58.41 -24.28
C LEU D 49 82.79 58.88 -25.68
N LYS D 50 81.48 59.09 -25.94
CA LYS D 50 80.93 59.52 -27.24
C LYS D 50 80.24 60.87 -27.09
N GLY D 51 80.38 61.74 -28.07
CA GLY D 51 79.79 63.07 -28.00
C GLY D 51 78.45 63.21 -28.70
N PRO D 52 77.76 64.38 -28.63
CA PRO D 52 78.07 65.61 -27.86
C PRO D 52 77.84 65.43 -26.36
N THR D 53 78.97 65.30 -25.63
CA THR D 53 79.01 65.09 -24.19
C THR D 53 79.93 66.12 -23.56
N LYS D 54 79.44 66.80 -22.50
CA LYS D 54 80.19 67.79 -21.74
C LYS D 54 80.32 67.21 -20.32
N ILE D 55 81.55 66.89 -19.92
CA ILE D 55 81.94 66.34 -18.61
C ILE D 55 82.70 67.46 -17.89
N GLY D 56 82.33 67.70 -16.62
CA GLY D 56 82.89 68.76 -15.79
C GLY D 56 84.21 68.50 -15.12
N LYS D 57 84.42 69.20 -14.00
CA LYS D 57 85.63 69.16 -13.18
C LYS D 57 85.68 68.02 -12.18
N HIS D 58 86.91 67.62 -11.81
CA HIS D 58 87.27 66.61 -10.82
C HIS D 58 86.37 65.37 -10.74
N ASN D 59 85.99 64.81 -11.90
CA ASN D 59 85.18 63.58 -11.94
C ASN D 59 86.11 62.33 -11.92
N ARG D 60 85.54 61.12 -11.69
CA ARG D 60 86.27 59.86 -11.82
C ARG D 60 85.38 58.84 -12.55
N ILE D 61 85.73 58.49 -13.81
CA ILE D 61 84.99 57.54 -14.67
C ILE D 61 85.82 56.23 -14.81
N TYR D 62 85.38 55.20 -14.11
CA TYR D 62 86.02 53.89 -14.06
C TYR D 62 85.94 53.07 -15.36
N GLN D 63 86.81 52.04 -15.41
CA GLN D 63 86.97 51.07 -16.49
C GLN D 63 85.65 50.40 -16.96
N PHE D 64 85.52 50.19 -18.29
CA PHE D 64 84.42 49.51 -18.99
C PHE D 64 83.12 50.28 -19.07
N SER D 65 83.17 51.56 -18.73
CA SER D 65 82.00 52.42 -18.75
C SER D 65 81.76 52.97 -20.17
N SER D 66 80.49 52.97 -20.62
CA SER D 66 80.10 53.53 -21.92
C SER D 66 79.25 54.79 -21.63
N VAL D 67 79.94 55.95 -21.57
CA VAL D 67 79.38 57.25 -21.21
C VAL D 67 79.21 58.18 -22.45
N GLY D 68 77.95 58.43 -22.82
CA GLY D 68 77.57 59.26 -23.97
C GLY D 68 77.10 58.53 -25.22
N GLU D 69 76.82 57.25 -25.12
CA GLU D 69 76.40 56.43 -26.25
C GLU D 69 74.94 56.76 -26.69
N ASP D 70 74.58 56.52 -27.99
CA ASP D 70 73.21 56.70 -28.51
C ASP D 70 72.30 55.72 -27.75
N THR D 71 71.07 56.11 -27.35
CA THR D 71 70.17 55.14 -26.70
C THR D 71 69.78 54.06 -27.70
N PRO D 72 69.53 52.80 -27.27
CA PRO D 72 69.09 51.80 -28.24
C PRO D 72 67.63 52.03 -28.64
N ASP D 73 66.87 52.93 -27.91
CA ASP D 73 65.46 53.25 -28.14
C ASP D 73 65.13 53.54 -29.59
N LEU D 74 64.03 52.96 -30.09
CA LEU D 74 63.61 53.12 -31.49
C LEU D 74 63.04 54.52 -31.73
N LYS D 75 62.69 55.25 -30.64
CA LYS D 75 62.23 56.65 -30.67
C LYS D 75 63.42 57.53 -31.13
N TYR D 76 64.67 57.12 -30.80
CA TYR D 76 65.89 57.82 -31.20
C TYR D 76 66.31 57.45 -32.60
N LYS D 77 66.39 58.47 -33.44
CA LYS D 77 66.73 58.35 -34.84
C LYS D 77 67.94 59.21 -35.29
N GLY D 78 69.11 58.94 -34.72
CA GLY D 78 70.38 59.58 -35.08
C GLY D 78 70.67 60.97 -34.57
N GLU D 79 69.62 61.76 -34.27
CA GLU D 79 69.56 63.17 -33.79
C GLU D 79 70.80 63.63 -32.97
N PRO D 80 71.33 64.87 -33.15
CA PRO D 80 72.54 65.28 -32.41
C PRO D 80 72.30 65.73 -30.95
N THR D 81 71.58 64.89 -30.18
CA THR D 81 71.19 65.08 -28.79
C THR D 81 72.39 65.02 -27.85
N ARG D 82 72.31 65.66 -26.66
CA ARG D 82 73.45 65.75 -25.75
C ARG D 82 73.33 64.97 -24.43
N LEU D 83 74.44 65.04 -23.63
CA LEU D 83 74.63 64.53 -22.27
C LEU D 83 75.50 65.56 -21.59
N VAL D 84 75.14 65.93 -20.34
CA VAL D 84 75.89 66.92 -19.58
C VAL D 84 76.13 66.38 -18.17
N ILE D 85 77.40 66.29 -17.74
CA ILE D 85 77.85 65.76 -16.43
C ILE D 85 78.61 66.87 -15.70
N GLY D 86 78.19 67.12 -14.49
CA GLY D 86 78.77 68.14 -13.64
C GLY D 86 80.12 67.77 -13.06
N ASP D 87 80.39 68.30 -11.87
CA ASP D 87 81.65 68.13 -11.18
C ASP D 87 81.55 67.13 -10.05
N HIS D 88 82.71 66.63 -9.60
CA HIS D 88 82.89 65.69 -8.50
C HIS D 88 82.04 64.41 -8.54
N ASN D 89 81.79 63.89 -9.74
CA ASN D 89 81.02 62.64 -9.88
C ASN D 89 81.94 61.41 -9.84
N VAL D 90 81.39 60.24 -9.43
CA VAL D 90 82.12 58.96 -9.40
C VAL D 90 81.31 57.92 -10.16
N ILE D 91 81.70 57.66 -11.43
CA ILE D 91 81.05 56.71 -12.35
C ILE D 91 81.84 55.38 -12.34
N ARG D 92 81.46 54.47 -11.46
CA ARG D 92 82.14 53.19 -11.24
C ARG D 92 82.11 52.27 -12.46
N GLU D 93 82.72 51.06 -12.31
CA GLU D 93 82.92 50.06 -13.37
C GLU D 93 81.65 49.72 -14.17
N GLY D 94 81.81 49.66 -15.49
CA GLY D 94 80.76 49.33 -16.46
C GLY D 94 79.45 50.06 -16.38
N VAL D 95 79.48 51.35 -16.12
CA VAL D 95 78.25 52.15 -16.06
C VAL D 95 77.92 52.67 -17.47
N THR D 96 76.67 52.53 -17.89
CA THR D 96 76.18 53.03 -19.18
C THR D 96 75.32 54.28 -18.97
N ILE D 97 75.77 55.40 -19.54
CA ILE D 97 75.03 56.65 -19.50
C ILE D 97 74.78 56.96 -20.97
N HIS D 98 73.52 57.13 -21.33
CA HIS D 98 73.10 57.41 -22.71
C HIS D 98 72.67 58.86 -22.88
N ARG D 99 72.94 59.43 -24.06
CA ARG D 99 72.57 60.81 -24.39
C ARG D 99 71.09 60.87 -24.71
N GLY D 100 70.49 62.04 -24.49
CA GLY D 100 69.08 62.32 -24.68
C GLY D 100 68.49 61.98 -26.04
N THR D 101 67.17 62.31 -26.19
CA THR D 101 66.34 62.16 -27.39
C THR D 101 65.59 63.49 -27.60
N VAL D 102 65.46 63.96 -28.86
CA VAL D 102 64.75 65.22 -29.21
C VAL D 102 63.34 65.33 -28.64
N GLN D 103 62.69 64.16 -28.46
CA GLN D 103 61.33 63.95 -27.96
C GLN D 103 61.08 64.61 -26.60
N ASP D 104 62.15 64.83 -25.77
CA ASP D 104 62.09 65.52 -24.48
C ASP D 104 62.89 66.81 -24.59
N ARG D 105 63.95 66.99 -23.76
CA ARG D 105 64.78 68.19 -23.79
C ARG D 105 66.08 67.98 -24.63
N ALA D 106 66.25 66.76 -25.22
CA ALA D 106 67.39 66.33 -26.02
C ALA D 106 68.67 66.38 -25.21
N GLU D 107 68.59 65.98 -23.90
CA GLU D 107 69.72 66.03 -22.97
C GLU D 107 69.51 65.25 -21.68
N THR D 108 70.50 64.39 -21.36
CA THR D 108 70.64 63.60 -20.13
C THR D 108 71.59 64.43 -19.24
N THR D 109 71.13 64.92 -18.06
CA THR D 109 71.98 65.78 -17.25
C THR D 109 72.28 65.13 -15.89
N ILE D 110 73.57 65.13 -15.49
CA ILE D 110 74.08 64.62 -14.20
C ILE D 110 74.75 65.79 -13.43
N GLY D 111 74.24 66.11 -12.24
CA GLY D 111 74.72 67.18 -11.38
C GLY D 111 76.10 66.96 -10.78
N ASP D 112 76.29 67.42 -9.52
CA ASP D 112 77.57 67.30 -8.83
C ASP D 112 77.56 66.33 -7.64
N HIS D 113 78.74 65.79 -7.29
CA HIS D 113 78.96 64.90 -6.15
C HIS D 113 78.12 63.64 -6.12
N ASN D 114 77.77 63.11 -7.29
CA ASN D 114 76.94 61.91 -7.35
C ASN D 114 77.82 60.65 -7.34
N LEU D 115 77.28 59.55 -6.77
CA LEU D 115 77.98 58.25 -6.72
C LEU D 115 77.21 57.21 -7.48
N ILE D 116 77.62 57.01 -8.71
CA ILE D 116 76.97 56.07 -9.60
C ILE D 116 77.84 54.81 -9.60
N MET D 117 77.37 53.80 -8.87
CA MET D 117 78.07 52.54 -8.66
C MET D 117 77.94 51.61 -9.82
N ALA D 118 78.84 50.61 -9.83
CA ALA D 118 79.08 49.58 -10.84
C ALA D 118 77.84 49.13 -11.62
N TYR D 119 78.04 48.87 -12.91
CA TYR D 119 77.07 48.38 -13.90
C TYR D 119 75.66 49.05 -13.85
N ALA D 120 75.56 50.30 -13.35
CA ALA D 120 74.31 51.04 -13.30
C ALA D 120 73.96 51.51 -14.75
N HIS D 121 72.73 52.04 -14.98
CA HIS D 121 72.24 52.54 -16.28
C HIS D 121 71.46 53.88 -16.16
N ILE D 122 71.99 54.95 -16.80
CA ILE D 122 71.28 56.21 -16.83
C ILE D 122 70.83 56.39 -18.27
N GLY D 123 69.56 56.06 -18.54
CA GLY D 123 68.95 56.11 -19.86
C GLY D 123 68.66 57.51 -20.35
N HIS D 124 68.28 57.62 -21.63
CA HIS D 124 67.97 58.87 -22.32
C HIS D 124 67.16 59.86 -21.53
N ASP D 125 67.53 61.14 -21.61
CA ASP D 125 66.88 62.32 -20.98
C ASP D 125 66.72 62.25 -19.46
N SER D 126 67.35 61.26 -18.80
CA SER D 126 67.28 61.18 -17.34
C SER D 126 67.99 62.41 -16.72
N VAL D 127 67.48 62.90 -15.57
CA VAL D 127 68.06 64.07 -14.90
C VAL D 127 68.44 63.77 -13.43
N ILE D 128 69.76 63.77 -13.14
CA ILE D 128 70.26 63.51 -11.78
C ILE D 128 70.76 64.83 -11.17
N GLY D 129 70.25 65.13 -9.97
CA GLY D 129 70.59 66.31 -9.21
C GLY D 129 71.96 66.15 -8.57
N ASN D 130 72.06 66.53 -7.29
CA ASN D 130 73.33 66.46 -6.59
C ASN D 130 73.34 65.47 -5.40
N HIS D 131 74.54 64.98 -5.03
CA HIS D 131 74.83 64.06 -3.91
C HIS D 131 73.98 62.76 -3.86
N CYS D 132 73.48 62.31 -5.03
CA CYS D 132 72.72 61.07 -5.13
C CYS D 132 73.67 59.86 -5.03
N ILE D 133 73.16 58.71 -4.60
CA ILE D 133 73.91 57.44 -4.55
C ILE D 133 73.08 56.48 -5.39
N LEU D 134 73.62 56.00 -6.53
CA LEU D 134 72.95 55.04 -7.40
C LEU D 134 73.76 53.75 -7.31
N VAL D 135 73.27 52.79 -6.51
CA VAL D 135 73.98 51.54 -6.18
C VAL D 135 73.99 50.54 -7.39
N ASN D 136 74.88 49.51 -7.30
CA ASN D 136 75.12 48.48 -8.32
C ASN D 136 73.90 48.10 -9.10
N ASN D 137 74.01 48.15 -10.44
CA ASN D 137 72.98 47.76 -11.41
C ASN D 137 71.62 48.53 -11.28
N THR D 138 71.63 49.78 -10.75
CA THR D 138 70.43 50.65 -10.74
C THR D 138 70.17 51.01 -12.23
N ALA D 139 68.90 51.06 -12.65
CA ALA D 139 68.55 51.33 -14.04
C ALA D 139 67.39 52.30 -14.11
N LEU D 140 67.58 53.42 -14.82
CA LEU D 140 66.56 54.44 -15.05
C LEU D 140 66.19 54.32 -16.52
N ALA D 141 64.99 53.74 -16.78
CA ALA D 141 64.48 53.45 -18.14
C ALA D 141 64.70 54.57 -19.15
N GLY D 142 64.40 55.80 -18.72
CA GLY D 142 64.52 57.04 -19.47
C GLY D 142 63.64 58.14 -18.94
N HIS D 143 63.93 59.40 -19.27
CA HIS D 143 63.17 60.59 -18.82
C HIS D 143 62.91 60.64 -17.29
N VAL D 144 63.68 59.82 -16.49
CA VAL D 144 63.64 59.66 -15.03
C VAL D 144 64.34 60.84 -14.34
N HIS D 145 63.73 61.44 -13.30
CA HIS D 145 64.30 62.59 -12.61
C HIS D 145 64.57 62.22 -11.19
N VAL D 146 65.85 62.20 -10.82
CA VAL D 146 66.27 61.88 -9.46
C VAL D 146 66.79 63.18 -8.83
N ASP D 147 66.08 63.69 -7.82
CA ASP D 147 66.45 64.92 -7.12
C ASP D 147 67.50 64.65 -6.06
N ASP D 148 68.19 65.70 -5.62
CA ASP D 148 69.25 65.74 -4.61
C ASP D 148 69.17 64.74 -3.45
N TRP D 149 70.34 64.22 -3.08
CA TRP D 149 70.62 63.36 -1.94
C TRP D 149 70.01 61.96 -1.99
N ALA D 150 68.97 61.71 -2.85
CA ALA D 150 68.28 60.41 -3.05
C ALA D 150 69.21 59.20 -3.10
N ILE D 151 68.84 58.10 -2.44
CA ILE D 151 69.63 56.87 -2.40
C ILE D 151 68.88 55.71 -3.06
N LEU D 152 69.37 55.25 -4.21
CA LEU D 152 68.74 54.10 -4.85
C LEU D 152 69.62 52.88 -4.61
N SER D 153 69.10 51.91 -3.78
CA SER D 153 69.79 50.66 -3.41
C SER D 153 70.06 49.76 -4.62
N GLY D 154 70.86 48.72 -4.43
CA GLY D 154 71.24 47.81 -5.50
C GLY D 154 70.10 47.32 -6.37
N TYR D 155 70.31 47.23 -7.67
CA TYR D 155 69.34 46.73 -8.63
C TYR D 155 67.93 47.37 -8.54
N THR D 156 67.84 48.67 -8.18
CA THR D 156 66.60 49.45 -8.16
C THR D 156 66.27 49.79 -9.62
N LEU D 157 65.09 49.35 -10.07
CA LEU D 157 64.61 49.57 -11.43
C LEU D 157 63.55 50.66 -11.45
N VAL D 158 63.79 51.71 -12.26
CA VAL D 158 62.87 52.85 -12.37
C VAL D 158 62.27 52.96 -13.77
N HIS D 159 60.93 52.89 -13.86
CA HIS D 159 60.17 53.03 -15.11
C HIS D 159 60.40 54.46 -15.63
N GLN D 160 60.13 54.68 -16.93
CA GLN D 160 60.27 55.98 -17.55
C GLN D 160 59.39 57.04 -16.91
N TYR D 161 59.85 58.30 -17.00
CA TYR D 161 59.20 59.54 -16.59
C TYR D 161 59.02 59.75 -15.04
N CYS D 162 59.33 58.71 -14.20
CA CYS D 162 59.25 58.77 -12.74
C CYS D 162 60.14 59.86 -12.13
N ARG D 163 59.68 60.47 -11.03
CA ARG D 163 60.43 61.51 -10.31
C ARG D 163 60.74 61.01 -8.88
N ILE D 164 62.03 60.67 -8.66
CA ILE D 164 62.56 60.17 -7.39
C ILE D 164 62.98 61.38 -6.58
N GLY D 165 62.16 61.75 -5.58
CA GLY D 165 62.33 62.92 -4.72
C GLY D 165 63.64 63.09 -3.98
N ALA D 166 63.78 64.24 -3.30
CA ALA D 166 64.96 64.57 -2.52
C ALA D 166 65.02 63.69 -1.29
N HIS D 167 66.20 63.10 -1.01
CA HIS D 167 66.45 62.19 0.14
C HIS D 167 65.72 60.84 0.11
N SER D 168 64.89 60.58 -0.92
CA SER D 168 64.12 59.34 -1.02
C SER D 168 64.98 58.12 -1.16
N PHE D 169 64.76 57.14 -0.29
CA PHE D 169 65.47 55.89 -0.30
C PHE D 169 64.60 54.88 -1.02
N SER D 170 65.19 53.93 -1.72
CA SER D 170 64.44 52.88 -2.38
C SER D 170 65.24 51.62 -2.15
N GLY D 171 64.64 50.67 -1.44
CA GLY D 171 65.25 49.40 -1.08
C GLY D 171 65.83 48.61 -2.25
N MET D 172 66.63 47.55 -1.98
CA MET D 172 67.22 46.78 -3.08
C MET D 172 66.18 46.02 -3.90
N GLY D 173 66.48 45.82 -5.18
CA GLY D 173 65.61 45.15 -6.13
C GLY D 173 64.18 45.70 -6.24
N SER D 174 64.02 47.04 -6.08
CA SER D 174 62.74 47.77 -6.17
C SER D 174 62.29 47.99 -7.63
N ALA D 175 60.97 47.93 -7.92
CA ALA D 175 60.46 48.24 -9.27
C ALA D 175 59.55 49.45 -9.14
N ILE D 176 60.10 50.65 -9.46
CA ILE D 176 59.42 51.94 -9.37
C ILE D 176 58.64 52.18 -10.64
N GLY D 177 57.35 52.47 -10.49
CA GLY D 177 56.42 52.76 -11.59
C GLY D 177 55.67 54.08 -11.43
N LYS D 178 55.53 54.53 -10.17
CA LYS D 178 54.91 55.80 -9.77
C LYS D 178 56.03 56.64 -9.10
N ASP D 179 55.84 57.95 -8.98
CA ASP D 179 56.79 58.86 -8.34
C ASP D 179 57.02 58.48 -6.89
N VAL D 180 58.26 58.59 -6.43
CA VAL D 180 58.64 58.35 -5.03
C VAL D 180 58.73 59.75 -4.39
N PRO D 181 57.75 60.19 -3.54
CA PRO D 181 57.85 61.55 -2.95
C PRO D 181 59.14 61.77 -2.17
N ALA D 182 59.52 63.03 -1.97
CA ALA D 182 60.76 63.34 -1.27
C ALA D 182 60.73 62.75 0.12
N TYR D 183 61.89 62.23 0.59
CA TYR D 183 62.19 61.58 1.90
C TYR D 183 61.65 60.16 2.08
N VAL D 184 60.59 59.81 1.37
CA VAL D 184 59.87 58.53 1.44
C VAL D 184 60.77 57.33 1.05
N THR D 185 60.55 56.15 1.69
CA THR D 185 61.25 54.89 1.43
C THR D 185 60.30 53.95 0.69
N VAL D 186 60.72 53.43 -0.47
CA VAL D 186 59.89 52.51 -1.24
C VAL D 186 60.58 51.17 -1.34
N PHE D 187 59.80 50.08 -1.30
CA PHE D 187 60.38 48.75 -1.30
C PHE D 187 59.61 47.75 -2.15
N GLY D 188 60.35 46.77 -2.69
CA GLY D 188 59.79 45.67 -3.46
C GLY D 188 59.37 46.00 -4.88
N ASN D 189 58.92 44.94 -5.58
CA ASN D 189 58.43 44.92 -6.97
C ASN D 189 56.96 44.42 -6.92
N PRO D 190 55.97 45.35 -7.06
CA PRO D 190 56.11 46.79 -7.28
C PRO D 190 56.36 47.58 -5.99
N ALA D 191 57.12 48.68 -6.12
CA ALA D 191 57.45 49.61 -5.05
C ALA D 191 56.21 49.97 -4.22
N GLU D 192 56.39 49.85 -2.88
CA GLU D 192 55.41 50.14 -1.84
C GLU D 192 56.05 51.10 -0.86
N ALA D 193 55.40 52.25 -0.58
CA ALA D 193 55.92 53.26 0.37
C ALA D 193 55.85 52.68 1.81
N ARG D 194 57.02 52.57 2.50
CA ARG D 194 57.20 52.00 3.85
C ARG D 194 57.15 53.04 4.99
N SER D 195 58.11 53.98 5.00
CA SER D 195 58.21 55.07 5.99
C SER D 195 59.02 56.22 5.41
N MET D 196 59.98 56.72 6.17
CA MET D 196 60.82 57.81 5.71
C MET D 196 62.30 57.62 6.03
N ASN D 197 63.16 58.21 5.20
CA ASN D 197 64.60 58.12 5.35
C ASN D 197 65.03 59.14 6.38
N PHE D 198 64.77 58.82 7.64
CA PHE D 198 65.09 59.65 8.80
C PHE D 198 66.59 59.69 9.00
N GLU D 199 67.30 58.64 8.51
CA GLU D 199 68.75 58.53 8.62
C GLU D 199 69.44 59.63 7.87
N GLY D 200 68.90 59.94 6.70
CA GLY D 200 69.39 61.01 5.82
C GLY D 200 69.03 62.39 6.35
N MET D 201 67.95 62.48 7.18
CA MET D 201 67.49 63.71 7.84
C MET D 201 68.49 64.00 8.95
N ARG D 202 68.95 62.93 9.64
CA ARG D 202 69.94 63.03 10.72
C ARG D 202 71.26 63.50 10.17
N ARG D 203 71.68 62.94 9.01
CA ARG D 203 72.94 63.25 8.33
C ARG D 203 72.95 64.71 7.92
N ARG D 204 71.82 65.19 7.34
CA ARG D 204 71.69 66.57 6.88
C ARG D 204 71.46 67.58 8.02
N GLY D 205 71.45 67.09 9.26
CA GLY D 205 71.26 67.93 10.43
C GLY D 205 69.92 68.63 10.50
N PHE D 206 68.84 67.90 10.21
CA PHE D 206 67.49 68.44 10.24
C PHE D 206 67.12 68.60 11.69
N SER D 207 66.33 69.64 12.01
CA SER D 207 65.90 69.90 13.37
C SER D 207 65.02 68.76 13.85
N SER D 208 65.11 68.41 15.15
CA SER D 208 64.30 67.32 15.72
C SER D 208 62.83 67.58 15.44
N GLU D 209 62.49 68.87 15.25
CA GLU D 209 61.14 69.40 14.98
C GLU D 209 60.73 69.08 13.55
N ALA D 210 61.65 69.30 12.59
CA ALA D 210 61.49 69.04 11.15
C ALA D 210 61.34 67.55 10.92
N ILE D 211 62.22 66.74 11.53
CA ILE D 211 62.18 65.28 11.45
C ILE D 211 60.77 64.78 11.83
N HIS D 212 60.24 65.26 12.95
CA HIS D 212 58.90 64.93 13.41
C HIS D 212 57.81 65.51 12.50
N ALA D 213 57.99 66.75 12.04
CA ALA D 213 57.04 67.43 11.16
C ALA D 213 56.86 66.67 9.86
N LEU D 214 57.92 65.99 9.42
CA LEU D 214 57.94 65.18 8.21
C LEU D 214 57.26 63.84 8.47
N ARG D 215 57.48 63.22 9.67
CA ARG D 215 56.79 61.95 9.98
C ARG D 215 55.28 62.18 9.96
N ARG D 216 54.77 63.19 10.71
CA ARG D 216 53.36 63.59 10.74
C ARG D 216 52.84 63.73 9.31
N ALA D 217 53.68 64.30 8.40
CA ALA D 217 53.39 64.55 6.99
C ALA D 217 53.23 63.27 6.14
N TYR D 218 54.10 62.26 6.38
CA TYR D 218 54.02 60.97 5.71
C TYR D 218 52.69 60.34 6.11
N LYS D 219 52.34 60.39 7.44
CA LYS D 219 51.10 59.89 8.05
C LYS D 219 49.85 60.53 7.43
N VAL D 220 49.91 61.81 6.97
CA VAL D 220 48.81 62.54 6.30
C VAL D 220 48.57 61.93 4.90
N VAL D 221 49.60 62.01 4.02
CA VAL D 221 49.55 61.49 2.66
C VAL D 221 49.05 60.03 2.62
N TYR D 222 49.66 59.18 3.44
CA TYR D 222 49.35 57.75 3.46
C TYR D 222 48.35 57.29 4.56
N ARG D 223 48.86 56.91 5.76
CA ARG D 223 48.15 56.36 6.93
C ARG D 223 46.81 57.03 7.36
N GLN D 224 46.58 58.32 7.08
CA GLN D 224 45.38 59.02 7.56
C GLN D 224 44.14 58.89 6.68
N GLY D 225 44.16 58.02 5.68
CA GLY D 225 43.00 57.80 4.82
C GLY D 225 42.61 58.97 3.94
N HIS D 226 43.53 59.92 3.78
CA HIS D 226 43.28 61.07 2.94
C HIS D 226 43.60 60.69 1.49
N THR D 227 42.79 61.22 0.54
CA THR D 227 42.98 61.12 -0.91
C THR D 227 44.11 62.14 -1.13
N VAL D 228 45.00 61.91 -2.12
CA VAL D 228 46.14 62.81 -2.44
C VAL D 228 45.74 64.31 -2.43
N GLU D 229 44.54 64.63 -2.96
CA GLU D 229 43.92 65.96 -3.03
C GLU D 229 43.82 66.59 -1.62
N GLU D 230 43.08 65.94 -0.71
CA GLU D 230 42.90 66.38 0.68
C GLU D 230 44.19 66.23 1.51
N ALA D 231 45.11 65.31 1.12
CA ALA D 231 46.39 65.07 1.79
C ALA D 231 47.20 66.33 1.64
N LEU D 232 47.30 66.82 0.38
CA LEU D 232 48.02 68.03 -0.02
C LEU D 232 47.48 69.30 0.64
N ALA D 233 46.19 69.32 0.90
CA ALA D 233 45.51 70.45 1.52
C ALA D 233 45.84 70.54 3.00
N GLU D 234 45.95 69.41 3.67
CA GLU D 234 46.32 69.33 5.09
C GLU D 234 47.81 69.74 5.25
N LEU D 235 48.67 69.30 4.29
CA LEU D 235 50.12 69.58 4.31
C LEU D 235 50.44 71.07 4.22
N ALA D 236 49.57 71.87 3.56
CA ALA D 236 49.73 73.31 3.35
C ALA D 236 50.21 74.11 4.57
N GLU D 237 49.66 73.79 5.77
CA GLU D 237 50.00 74.41 7.04
C GLU D 237 51.44 74.13 7.42
N SER D 238 51.80 72.82 7.45
CA SER D 238 53.12 72.30 7.82
C SER D 238 54.18 72.67 6.79
N ALA D 239 53.79 72.75 5.49
CA ALA D 239 54.69 73.12 4.39
C ALA D 239 55.11 74.57 4.54
N ALA D 240 54.22 75.41 5.11
CA ALA D 240 54.46 76.83 5.38
C ALA D 240 55.39 77.03 6.60
N GLN D 241 55.33 76.08 7.57
CA GLN D 241 56.10 76.08 8.81
C GLN D 241 57.49 75.50 8.62
N PHE D 242 57.62 74.41 7.83
CA PHE D 242 58.90 73.78 7.60
C PHE D 242 59.21 73.72 6.13
N PRO D 243 60.29 74.40 5.68
CA PRO D 243 60.63 74.36 4.26
C PRO D 243 61.17 73.00 3.77
N GLU D 244 61.27 72.01 4.71
CA GLU D 244 61.72 70.64 4.47
C GLU D 244 60.47 69.86 4.20
N VAL D 245 59.35 70.26 4.82
CA VAL D 245 58.02 69.68 4.62
C VAL D 245 57.45 70.30 3.33
N ALA D 246 57.92 71.52 2.97
CA ALA D 246 57.53 72.18 1.73
C ALA D 246 58.12 71.38 0.56
N VAL D 247 59.36 70.85 0.75
CA VAL D 247 60.05 70.00 -0.22
C VAL D 247 59.14 68.78 -0.42
N PHE D 248 58.66 68.17 0.69
CA PHE D 248 57.76 67.03 0.67
C PHE D 248 56.42 67.34 0.00
N ARG D 249 55.75 68.48 0.32
CA ARG D 249 54.45 68.77 -0.32
C ARG D 249 54.60 68.90 -1.83
N ASP D 250 55.57 69.70 -2.28
CA ASP D 250 55.84 69.97 -3.67
C ASP D 250 56.09 68.69 -4.54
N SER D 251 56.77 67.66 -3.98
CA SER D 251 57.06 66.39 -4.68
C SER D 251 55.81 65.61 -5.05
N ILE D 252 54.79 65.67 -4.19
CA ILE D 252 53.48 65.04 -4.33
C ILE D 252 52.63 65.92 -5.27
N GLN D 253 52.70 67.25 -5.05
CA GLN D 253 52.00 68.30 -5.80
C GLN D 253 52.28 68.17 -7.29
N SER D 254 53.58 68.03 -7.65
CA SER D 254 54.09 67.89 -9.03
C SER D 254 53.68 66.58 -9.70
N ALA D 255 53.74 65.46 -8.97
CA ALA D 255 53.41 64.11 -9.42
C ALA D 255 51.94 63.91 -9.80
N THR D 256 51.02 64.66 -9.14
CA THR D 256 49.57 64.54 -9.40
C THR D 256 48.97 65.78 -10.13
N ARG D 257 48.22 65.54 -11.22
CA ARG D 257 47.46 66.59 -11.89
C ARG D 257 46.02 66.14 -12.13
N GLY D 258 45.86 64.87 -12.52
CA GLY D 258 44.56 64.23 -12.71
C GLY D 258 43.78 64.64 -13.93
N ILE D 259 42.62 63.96 -14.16
CA ILE D 259 41.72 64.25 -15.28
C ILE D 259 40.44 64.84 -14.74
N THR D 260 39.82 65.77 -15.48
CA THR D 260 38.60 66.45 -15.08
C THR D 260 37.44 65.43 -14.92
N ARG D 261 36.69 65.49 -13.79
CA ARG D 261 35.59 64.56 -13.52
C ARG D 261 34.24 65.29 -13.50
N MET E 4 41.40 -79.72 15.30
CA MET E 4 41.34 -78.26 15.32
C MET E 4 42.18 -77.63 16.48
N SER E 5 42.55 -76.32 16.36
CA SER E 5 43.39 -75.60 17.34
C SER E 5 42.74 -74.28 17.84
N LEU E 6 43.35 -73.66 18.88
CA LEU E 6 42.92 -72.38 19.43
C LEU E 6 43.63 -71.31 18.63
N ILE E 7 44.99 -71.39 18.60
CA ILE E 7 45.87 -70.52 17.83
C ILE E 7 45.90 -71.12 16.42
N ASP E 8 45.24 -70.42 15.46
CA ASP E 8 45.11 -70.85 14.07
C ASP E 8 46.44 -71.00 13.36
N PRO E 9 46.63 -72.15 12.65
CA PRO E 9 47.88 -72.38 11.90
C PRO E 9 48.21 -71.32 10.84
N ARG E 10 47.18 -70.70 10.24
CA ARG E 10 47.33 -69.64 9.23
C ARG E 10 47.84 -68.31 9.84
N ALA E 11 47.79 -68.16 11.19
CA ALA E 11 48.30 -67.00 11.93
C ALA E 11 49.85 -67.02 12.13
N ILE E 12 50.42 -65.86 12.55
CA ILE E 12 51.86 -65.65 12.80
C ILE E 12 52.04 -65.18 14.26
N ILE E 13 52.70 -65.99 15.10
CA ILE E 13 52.95 -65.61 16.51
C ILE E 13 54.45 -65.56 16.75
N ASP E 14 54.96 -64.40 17.23
CA ASP E 14 56.37 -64.20 17.54
C ASP E 14 56.74 -65.03 18.76
N PRO E 15 57.94 -65.66 18.79
CA PRO E 15 58.32 -66.47 19.96
C PRO E 15 58.58 -65.64 21.22
N SER E 16 58.64 -64.30 21.06
CA SER E 16 58.82 -63.35 22.15
C SER E 16 57.46 -63.02 22.77
N ALA E 17 56.36 -63.26 22.04
CA ALA E 17 55.02 -63.05 22.54
C ALA E 17 54.70 -64.17 23.52
N ARG E 18 54.09 -63.82 24.68
CA ARG E 18 53.68 -64.79 25.70
C ARG E 18 52.15 -64.80 25.75
N LEU E 19 51.55 -65.93 25.36
CA LEU E 19 50.10 -66.14 25.32
C LEU E 19 49.69 -67.13 26.42
N ALA E 20 48.63 -66.80 27.20
CA ALA E 20 48.13 -67.71 28.24
C ALA E 20 47.52 -68.94 27.58
N ALA E 21 47.46 -70.05 28.32
CA ALA E 21 46.98 -71.36 27.88
C ALA E 21 45.78 -71.36 26.86
N ASP E 22 44.60 -70.82 27.26
CA ASP E 22 43.36 -70.84 26.48
C ASP E 22 43.08 -69.62 25.59
N VAL E 23 44.14 -69.02 25.02
CA VAL E 23 43.98 -67.89 24.10
C VAL E 23 43.70 -68.43 22.68
N GLN E 24 42.68 -67.86 22.00
CA GLN E 24 42.31 -68.19 20.61
C GLN E 24 42.79 -67.09 19.70
N VAL E 25 43.51 -67.47 18.64
CA VAL E 25 44.01 -66.53 17.63
C VAL E 25 43.45 -66.97 16.27
N GLY E 26 42.83 -66.02 15.57
CA GLY E 26 42.23 -66.27 14.27
C GLY E 26 43.22 -66.46 13.13
N PRO E 27 42.74 -66.85 11.93
CA PRO E 27 43.65 -67.03 10.78
C PRO E 27 44.07 -65.70 10.13
N TRP E 28 45.31 -65.63 9.61
CA TRP E 28 45.88 -64.44 8.97
C TRP E 28 46.07 -63.28 10.00
N SER E 29 46.27 -63.62 11.26
CA SER E 29 46.54 -62.65 12.32
C SER E 29 48.02 -62.67 12.71
N ILE E 30 48.51 -61.55 13.24
CA ILE E 30 49.91 -61.41 13.65
C ILE E 30 49.98 -60.99 15.10
N VAL E 31 50.74 -61.75 15.90
CA VAL E 31 51.02 -61.49 17.32
C VAL E 31 52.53 -61.27 17.40
N GLY E 32 52.94 -60.00 17.38
CA GLY E 32 54.34 -59.57 17.42
C GLY E 32 55.08 -59.90 18.70
N ALA E 33 56.34 -59.46 18.77
CA ALA E 33 57.18 -59.68 19.93
C ALA E 33 56.73 -58.76 21.07
N GLU E 34 57.10 -59.13 22.31
CA GLU E 34 56.81 -58.39 23.57
C GLU E 34 55.29 -58.22 23.84
N VAL E 35 54.44 -59.06 23.21
CA VAL E 35 52.97 -59.08 23.36
C VAL E 35 52.56 -60.21 24.33
N GLU E 36 51.92 -59.85 25.46
CA GLU E 36 51.38 -60.80 26.44
C GLU E 36 49.88 -60.86 26.27
N ILE E 37 49.30 -62.05 26.24
CA ILE E 37 47.85 -62.17 26.11
C ILE E 37 47.34 -63.02 27.25
N GLY E 38 46.50 -62.41 28.09
CA GLY E 38 45.90 -63.06 29.27
C GLY E 38 44.88 -64.13 28.92
N GLU E 39 44.56 -64.96 29.91
CA GLU E 39 43.65 -66.12 29.89
C GLU E 39 42.31 -65.93 29.16
N GLY E 40 42.00 -66.84 28.26
CA GLY E 40 40.73 -66.89 27.52
C GLY E 40 40.37 -65.72 26.65
N THR E 41 41.37 -65.00 26.15
CA THR E 41 41.19 -63.86 25.25
C THR E 41 41.00 -64.41 23.84
N VAL E 42 40.13 -63.77 23.03
CA VAL E 42 39.90 -64.21 21.66
C VAL E 42 40.28 -63.11 20.69
N ILE E 43 41.12 -63.50 19.73
CA ILE E 43 41.63 -62.62 18.68
C ILE E 43 41.04 -63.13 17.39
N GLY E 44 40.39 -62.24 16.64
CA GLY E 44 39.79 -62.61 15.37
C GLY E 44 40.79 -62.77 14.24
N PRO E 45 40.34 -62.95 12.98
CA PRO E 45 41.27 -63.02 11.85
C PRO E 45 41.79 -61.62 11.50
N HIS E 46 42.76 -61.52 10.60
CA HIS E 46 43.28 -60.23 10.15
C HIS E 46 43.48 -59.18 11.28
N VAL E 47 44.01 -59.58 12.44
CA VAL E 47 44.29 -58.69 13.56
C VAL E 47 45.79 -58.44 13.66
N VAL E 48 46.20 -57.19 13.87
CA VAL E 48 47.60 -56.88 13.99
C VAL E 48 47.96 -56.50 15.41
N LEU E 49 48.80 -57.33 16.05
CA LEU E 49 49.28 -57.10 17.41
C LEU E 49 50.77 -56.82 17.41
N LYS E 50 51.16 -55.61 17.86
CA LYS E 50 52.54 -55.16 17.96
C LYS E 50 52.84 -54.88 19.43
N GLY E 51 54.07 -55.17 19.84
CA GLY E 51 54.50 -54.97 21.21
C GLY E 51 55.33 -53.73 21.42
N PRO E 52 55.67 -53.39 22.69
CA PRO E 52 55.28 -54.09 23.92
C PRO E 52 53.86 -53.73 24.36
N THR E 53 53.01 -54.76 24.34
CA THR E 53 51.61 -54.67 24.70
C THR E 53 51.32 -55.82 25.67
N LYS E 54 50.51 -55.55 26.70
CA LYS E 54 50.09 -56.57 27.67
C LYS E 54 48.58 -56.54 27.66
N ILE E 55 47.98 -57.65 27.21
CA ILE E 55 46.53 -57.86 27.16
C ILE E 55 46.11 -58.80 28.31
N GLY E 56 44.95 -58.50 28.89
CA GLY E 56 44.40 -59.25 30.01
C GLY E 56 43.51 -60.40 29.62
N LYS E 57 42.73 -60.90 30.58
CA LYS E 57 41.83 -62.04 30.45
C LYS E 57 40.49 -61.68 29.81
N HIS E 58 39.92 -62.63 29.05
CA HIS E 58 38.62 -62.58 28.39
C HIS E 58 38.31 -61.37 27.53
N ASN E 59 39.30 -60.87 26.77
CA ASN E 59 39.07 -59.75 25.86
C ASN E 59 38.69 -60.32 24.50
N ARG E 60 37.88 -59.58 23.72
CA ARG E 60 37.47 -59.99 22.39
C ARG E 60 37.89 -58.90 21.40
N ILE E 61 39.03 -59.16 20.68
CA ILE E 61 39.61 -58.27 19.66
C ILE E 61 39.18 -58.76 18.27
N TYR E 62 38.44 -57.90 17.54
CA TYR E 62 37.86 -58.14 16.21
C TYR E 62 38.81 -57.89 15.03
N GLN E 63 38.47 -58.50 13.86
CA GLN E 63 39.17 -58.47 12.57
C GLN E 63 39.45 -57.06 12.07
N PHE E 64 40.62 -56.86 11.42
CA PHE E 64 41.14 -55.59 10.83
C PHE E 64 41.56 -54.54 11.89
N SER E 65 41.77 -54.95 13.15
CA SER E 65 42.22 -54.08 14.23
C SER E 65 43.75 -54.01 14.25
N SER E 66 44.29 -52.88 14.68
CA SER E 66 45.74 -52.65 14.79
C SER E 66 45.99 -52.17 16.24
N VAL E 67 46.30 -53.13 17.15
CA VAL E 67 46.52 -52.86 18.58
C VAL E 67 48.02 -52.96 18.95
N GLY E 68 48.60 -51.83 19.38
CA GLY E 68 50.01 -51.76 19.77
C GLY E 68 50.94 -51.12 18.73
N GLU E 69 50.35 -50.50 17.69
CA GLU E 69 51.12 -49.85 16.64
C GLU E 69 51.76 -48.56 17.17
N ASP E 70 52.95 -48.16 16.63
CA ASP E 70 53.63 -46.92 17.07
C ASP E 70 52.76 -45.74 16.59
N THR E 71 52.57 -44.65 17.42
CA THR E 71 51.79 -43.48 16.93
C THR E 71 52.42 -42.88 15.70
N PRO E 72 51.61 -42.35 14.74
CA PRO E 72 52.23 -41.74 13.55
C PRO E 72 52.86 -40.39 13.89
N ASP E 73 52.68 -39.93 15.16
CA ASP E 73 53.16 -38.66 15.73
C ASP E 73 54.64 -38.55 15.56
N LEU E 74 55.07 -37.38 15.08
CA LEU E 74 56.47 -37.05 14.82
C LEU E 74 57.24 -36.73 16.13
N LYS E 75 56.53 -36.55 17.27
CA LYS E 75 57.14 -36.32 18.59
C LYS E 75 57.82 -37.60 19.06
N TYR E 76 57.23 -38.75 18.69
CA TYR E 76 57.68 -40.09 19.02
C TYR E 76 58.86 -40.47 18.12
N LYS E 77 59.95 -40.98 18.73
CA LYS E 77 61.15 -41.37 18.02
C LYS E 77 61.61 -42.80 18.38
N GLY E 78 60.89 -43.80 17.88
CA GLY E 78 61.18 -45.23 18.03
C GLY E 78 61.36 -45.80 19.42
N GLU E 79 61.26 -44.95 20.46
CA GLU E 79 61.39 -45.28 21.89
C GLU E 79 60.50 -46.51 22.29
N PRO E 80 60.92 -47.43 23.22
CA PRO E 80 60.08 -48.62 23.51
C PRO E 80 59.00 -48.41 24.57
N THR E 81 57.91 -47.84 24.11
CA THR E 81 56.75 -47.48 24.92
C THR E 81 55.76 -48.63 24.99
N ARG E 82 55.03 -48.75 26.12
CA ARG E 82 54.05 -49.80 26.36
C ARG E 82 52.62 -49.47 25.90
N LEU E 83 51.74 -50.49 26.04
CA LEU E 83 50.27 -50.53 25.86
C LEU E 83 49.79 -51.60 26.87
N VAL E 84 48.69 -51.30 27.60
CA VAL E 84 48.08 -52.19 28.62
C VAL E 84 46.56 -52.28 28.46
N ILE E 85 46.02 -53.51 28.31
CA ILE E 85 44.57 -53.74 28.18
C ILE E 85 44.13 -54.64 29.34
N GLY E 86 43.07 -54.21 30.03
CA GLY E 86 42.49 -54.91 31.18
C GLY E 86 41.74 -56.17 30.85
N ASP E 87 40.60 -56.39 31.49
CA ASP E 87 39.85 -57.62 31.24
C ASP E 87 38.46 -57.38 30.70
N HIS E 88 37.90 -58.37 29.98
CA HIS E 88 36.56 -58.35 29.40
C HIS E 88 36.30 -57.15 28.50
N ASN E 89 37.31 -56.73 27.72
CA ASN E 89 37.12 -55.63 26.78
C ASN E 89 36.60 -56.18 25.46
N VAL E 90 36.01 -55.31 24.64
CA VAL E 90 35.51 -55.64 23.32
C VAL E 90 36.08 -54.56 22.46
N ILE E 91 37.19 -54.86 21.75
CA ILE E 91 37.78 -53.93 20.81
C ILE E 91 37.16 -54.43 19.51
N ARG E 92 36.19 -53.67 18.93
CA ARG E 92 35.46 -54.13 17.73
C ARG E 92 36.29 -54.02 16.44
N GLU E 93 35.64 -54.22 15.26
CA GLU E 93 36.31 -54.28 13.96
C GLU E 93 37.03 -53.04 13.56
N GLY E 94 38.22 -53.23 13.00
CA GLY E 94 39.12 -52.19 12.51
C GLY E 94 39.51 -51.08 13.47
N VAL E 95 39.70 -51.39 14.75
CA VAL E 95 40.09 -50.35 15.71
C VAL E 95 41.61 -50.10 15.57
N THR E 96 42.09 -48.90 15.96
CA THR E 96 43.52 -48.54 16.01
C THR E 96 43.81 -48.06 17.40
N ILE E 97 44.54 -48.87 18.17
CA ILE E 97 44.95 -48.55 19.54
C ILE E 97 46.47 -48.43 19.50
N HIS E 98 47.00 -47.21 19.69
CA HIS E 98 48.44 -46.92 19.67
C HIS E 98 49.10 -46.87 21.05
N ARG E 99 50.41 -47.19 21.11
CA ARG E 99 51.23 -47.21 22.33
C ARG E 99 51.58 -45.79 22.77
N GLY E 100 52.10 -45.64 23.98
CA GLY E 100 52.46 -44.33 24.52
C GLY E 100 53.67 -43.71 23.87
N THR E 101 54.06 -42.50 24.35
CA THR E 101 55.25 -41.69 23.96
C THR E 101 55.97 -41.39 25.27
N VAL E 102 57.32 -41.30 25.24
CA VAL E 102 58.11 -41.05 26.46
C VAL E 102 57.88 -39.62 27.04
N GLN E 103 57.17 -38.78 26.28
CA GLN E 103 56.82 -37.41 26.60
C GLN E 103 55.83 -37.36 27.79
N ASP E 104 54.92 -38.34 27.88
CA ASP E 104 53.96 -38.49 29.00
C ASP E 104 54.55 -39.56 29.94
N ARG E 105 53.78 -40.62 30.26
CA ARG E 105 54.27 -41.69 31.12
C ARG E 105 54.67 -42.94 30.33
N ALA E 106 54.90 -42.76 29.00
CA ALA E 106 55.33 -43.79 28.03
C ALA E 106 54.48 -45.06 28.02
N GLU E 107 53.14 -44.91 28.08
CA GLU E 107 52.20 -46.03 28.10
C GLU E 107 50.77 -45.60 27.79
N THR E 108 50.02 -46.46 27.05
CA THR E 108 48.59 -46.26 26.81
C THR E 108 47.87 -47.34 27.65
N THR E 109 46.91 -46.93 28.51
CA THR E 109 46.17 -47.90 29.31
C THR E 109 44.70 -47.85 29.06
N ILE E 110 44.10 -49.04 29.03
CA ILE E 110 42.69 -49.33 28.91
C ILE E 110 42.42 -50.30 30.07
N GLY E 111 41.33 -50.06 30.80
CA GLY E 111 40.94 -50.87 31.94
C GLY E 111 40.07 -52.07 31.61
N ASP E 112 39.15 -52.41 32.51
CA ASP E 112 38.24 -53.55 32.35
C ASP E 112 36.87 -53.16 31.80
N HIS E 113 36.16 -54.14 31.22
CA HIS E 113 34.80 -54.10 30.65
C HIS E 113 34.49 -52.90 29.76
N ASN E 114 35.42 -52.50 28.89
CA ASN E 114 35.16 -51.38 27.99
C ASN E 114 34.75 -51.87 26.61
N LEU E 115 33.71 -51.25 26.04
CA LEU E 115 33.24 -51.57 24.70
C LEU E 115 33.75 -50.44 23.81
N ILE E 116 34.77 -50.76 22.97
CA ILE E 116 35.41 -49.85 22.02
C ILE E 116 35.01 -50.33 20.64
N MET E 117 33.99 -49.68 20.06
CA MET E 117 33.32 -50.05 18.81
C MET E 117 34.16 -49.81 17.58
N ALA E 118 33.65 -50.29 16.41
CA ALA E 118 34.27 -50.27 15.08
C ALA E 118 35.02 -48.99 14.71
N TYR E 119 36.18 -49.16 14.04
CA TYR E 119 37.08 -48.12 13.49
C TYR E 119 37.42 -46.95 14.45
N ALA E 120 37.12 -47.07 15.76
CA ALA E 120 37.47 -46.05 16.76
C ALA E 120 39.01 -45.99 16.92
N HIS E 121 39.56 -44.86 17.37
CA HIS E 121 40.99 -44.66 17.52
C HIS E 121 41.35 -44.17 18.91
N ILE E 122 42.26 -44.88 19.58
CA ILE E 122 42.79 -44.50 20.87
C ILE E 122 44.25 -44.22 20.68
N GLY E 123 44.59 -42.95 20.59
CA GLY E 123 45.96 -42.50 20.36
C GLY E 123 46.85 -42.60 21.58
N HIS E 124 48.18 -42.38 21.39
CA HIS E 124 49.23 -42.41 22.40
C HIS E 124 48.85 -41.85 23.76
N ASP E 125 49.35 -42.47 24.83
CA ASP E 125 49.23 -42.08 26.23
C ASP E 125 47.80 -41.80 26.78
N SER E 126 46.72 -42.19 26.03
CA SER E 126 45.34 -42.06 26.50
C SER E 126 45.11 -43.06 27.64
N VAL E 127 44.24 -42.73 28.58
CA VAL E 127 43.95 -43.64 29.69
C VAL E 127 42.44 -43.89 29.71
N ILE E 128 42.02 -45.16 29.55
CA ILE E 128 40.61 -45.54 29.57
C ILE E 128 40.34 -46.35 30.84
N GLY E 129 39.31 -45.92 31.58
CA GLY E 129 38.92 -46.53 32.84
C GLY E 129 38.22 -47.86 32.67
N ASN E 130 37.02 -47.99 33.28
CA ASN E 130 36.23 -49.21 33.24
C ASN E 130 34.77 -48.90 32.87
N HIS E 131 34.14 -49.82 32.13
CA HIS E 131 32.76 -49.70 31.65
C HIS E 131 32.52 -48.51 30.70
N CYS E 132 33.54 -48.13 29.93
CA CYS E 132 33.46 -47.06 28.95
C CYS E 132 32.90 -47.57 27.63
N ILE E 133 31.92 -46.86 27.05
CA ILE E 133 31.38 -47.21 25.72
C ILE E 133 31.93 -46.15 24.77
N LEU E 134 32.62 -46.58 23.72
CA LEU E 134 33.23 -45.68 22.73
C LEU E 134 32.74 -46.15 21.38
N VAL E 135 31.69 -45.50 20.89
CA VAL E 135 30.96 -45.81 19.64
C VAL E 135 31.86 -45.62 18.39
N ASN E 136 31.40 -46.15 17.26
CA ASN E 136 32.04 -46.10 15.97
C ASN E 136 32.82 -44.82 15.68
N ASN E 137 34.08 -45.00 15.24
CA ASN E 137 35.01 -43.97 14.80
C ASN E 137 35.29 -42.85 15.80
N THR E 138 35.05 -43.07 17.12
CA THR E 138 35.37 -42.11 18.20
C THR E 138 36.90 -41.93 18.10
N ALA E 139 37.41 -40.69 18.12
CA ALA E 139 38.84 -40.48 17.98
C ALA E 139 39.45 -39.76 19.19
N LEU E 140 40.48 -40.36 19.82
CA LEU E 140 41.21 -39.77 20.96
C LEU E 140 42.62 -39.36 20.49
N ALA E 141 42.83 -38.05 20.24
CA ALA E 141 44.08 -37.46 19.72
C ALA E 141 45.38 -37.93 20.39
N GLY E 142 45.32 -38.04 21.71
CA GLY E 142 46.44 -38.42 22.55
C GLY E 142 46.27 -37.84 23.92
N HIS E 143 46.88 -38.48 24.93
CA HIS E 143 46.86 -38.07 26.34
C HIS E 143 45.48 -37.76 26.90
N VAL E 144 44.39 -38.22 26.20
CA VAL E 144 42.97 -38.06 26.59
C VAL E 144 42.68 -39.01 27.75
N HIS E 145 41.99 -38.55 28.81
CA HIS E 145 41.72 -39.41 29.96
C HIS E 145 40.22 -39.70 30.15
N VAL E 146 39.78 -40.88 29.70
CA VAL E 146 38.38 -41.28 29.77
C VAL E 146 38.12 -42.14 31.05
N ASP E 147 37.50 -41.49 32.04
CA ASP E 147 37.13 -42.00 33.34
C ASP E 147 35.88 -42.90 33.19
N ASP E 148 35.65 -43.78 34.20
CA ASP E 148 34.59 -44.80 34.26
C ASP E 148 33.22 -44.38 33.78
N TRP E 149 32.51 -45.36 33.16
CA TRP E 149 31.12 -45.33 32.69
C TRP E 149 30.80 -44.35 31.57
N ALA E 150 31.81 -43.62 31.06
CA ALA E 150 31.59 -42.64 30.00
C ALA E 150 31.08 -43.29 28.71
N ILE E 151 30.11 -42.62 28.06
CA ILE E 151 29.51 -43.05 26.79
C ILE E 151 29.91 -41.96 25.80
N LEU E 152 30.77 -42.30 24.83
CA LEU E 152 31.19 -41.33 23.83
C LEU E 152 30.55 -41.71 22.51
N SER E 153 29.45 -40.99 22.10
CA SER E 153 28.66 -41.27 20.88
C SER E 153 29.48 -41.33 19.56
N GLY E 154 28.91 -41.93 18.52
CA GLY E 154 29.54 -42.09 17.22
C GLY E 154 30.27 -40.88 16.68
N TYR E 155 31.50 -41.09 16.19
CA TYR E 155 32.40 -40.07 15.61
C TYR E 155 32.66 -38.86 16.56
N THR E 156 32.83 -39.12 17.89
CA THR E 156 33.14 -38.09 18.90
C THR E 156 34.66 -37.93 18.86
N LEU E 157 35.12 -36.74 18.47
CA LEU E 157 36.54 -36.42 18.32
C LEU E 157 37.01 -35.66 19.52
N VAL E 158 38.10 -36.14 20.14
CA VAL E 158 38.64 -35.57 21.37
C VAL E 158 40.08 -35.09 21.16
N HIS E 159 40.32 -33.79 21.38
CA HIS E 159 41.63 -33.13 21.33
C HIS E 159 42.54 -33.69 22.44
N GLN E 160 43.85 -33.58 22.25
CA GLN E 160 44.87 -34.03 23.17
C GLN E 160 44.76 -33.42 24.57
N TYR E 161 45.28 -34.17 25.58
CA TYR E 161 45.41 -33.90 27.04
C TYR E 161 44.05 -33.81 27.81
N CYS E 162 42.91 -33.67 27.06
CA CYS E 162 41.52 -33.62 27.52
C CYS E 162 41.17 -34.76 28.48
N ARG E 163 40.27 -34.50 29.43
CA ARG E 163 39.81 -35.50 30.37
C ARG E 163 38.25 -35.59 30.31
N ILE E 164 37.71 -36.78 30.03
CA ILE E 164 36.26 -37.04 30.00
C ILE E 164 35.98 -37.69 31.38
N GLY E 165 35.12 -37.07 32.19
CA GLY E 165 34.81 -37.53 33.55
C GLY E 165 33.93 -38.76 33.65
N ALA E 166 33.56 -39.15 34.89
CA ALA E 166 32.71 -40.33 35.13
C ALA E 166 31.26 -40.15 34.64
N HIS E 167 30.71 -41.12 33.92
CA HIS E 167 29.33 -41.12 33.38
C HIS E 167 29.03 -39.91 32.48
N SER E 168 30.06 -39.39 31.80
CA SER E 168 29.90 -38.26 30.89
C SER E 168 29.35 -38.79 29.58
N PHE E 169 28.55 -37.98 28.89
CA PHE E 169 28.00 -38.35 27.61
C PHE E 169 28.37 -37.29 26.62
N SER E 170 28.56 -37.69 25.37
CA SER E 170 28.80 -36.76 24.27
C SER E 170 27.99 -37.27 23.08
N GLY E 171 27.19 -36.39 22.47
CA GLY E 171 26.36 -36.71 21.31
C GLY E 171 27.18 -36.97 20.07
N MET E 172 26.57 -37.60 19.04
CA MET E 172 27.33 -37.93 17.83
C MET E 172 27.91 -36.70 17.11
N GLY E 173 29.11 -36.88 16.53
CA GLY E 173 29.85 -35.83 15.82
C GLY E 173 30.38 -34.68 16.66
N SER E 174 30.47 -34.91 18.00
CA SER E 174 30.92 -33.99 19.04
C SER E 174 32.43 -33.80 18.96
N ALA E 175 32.90 -32.53 18.99
CA ALA E 175 34.32 -32.16 18.96
C ALA E 175 34.66 -31.55 20.31
N ILE E 176 35.47 -32.27 21.11
CA ILE E 176 35.85 -31.90 22.48
C ILE E 176 37.30 -31.37 22.55
N GLY E 177 37.44 -30.14 23.01
CA GLY E 177 38.75 -29.50 23.15
C GLY E 177 39.02 -28.87 24.50
N LYS E 178 38.17 -29.19 25.50
CA LYS E 178 38.22 -28.76 26.88
C LYS E 178 37.60 -29.91 27.68
N ASP E 179 38.06 -30.16 28.91
CA ASP E 179 37.61 -31.27 29.76
C ASP E 179 36.08 -31.39 29.90
N VAL E 180 35.58 -32.63 30.00
CA VAL E 180 34.14 -32.89 30.20
C VAL E 180 33.94 -33.27 31.70
N PRO E 181 33.26 -32.43 32.54
CA PRO E 181 33.06 -32.82 33.96
C PRO E 181 32.17 -34.05 34.06
N ALA E 182 32.33 -34.85 35.13
CA ALA E 182 31.55 -36.07 35.36
C ALA E 182 30.05 -35.82 35.15
N TYR E 183 29.31 -36.79 34.56
CA TYR E 183 27.86 -36.75 34.31
C TYR E 183 27.42 -35.81 33.17
N VAL E 184 28.18 -34.73 32.87
CA VAL E 184 27.81 -33.73 31.85
C VAL E 184 27.60 -34.35 30.46
N THR E 185 26.53 -33.89 29.72
CA THR E 185 26.20 -34.24 28.32
C THR E 185 26.59 -33.04 27.44
N VAL E 186 27.54 -33.22 26.48
CA VAL E 186 28.07 -32.17 25.56
C VAL E 186 27.73 -32.50 24.10
N PHE E 187 27.50 -31.46 23.26
CA PHE E 187 27.12 -31.66 21.86
C PHE E 187 27.69 -30.65 20.87
N GLY E 188 28.07 -31.14 19.69
CA GLY E 188 28.50 -30.36 18.53
C GLY E 188 29.97 -30.14 18.25
N ASN E 189 30.26 -29.45 17.13
CA ASN E 189 31.61 -29.04 16.71
C ASN E 189 31.65 -27.49 16.68
N PRO E 190 32.02 -26.82 17.82
CA PRO E 190 32.53 -27.39 19.08
C PRO E 190 31.47 -27.80 20.10
N ALA E 191 31.83 -28.73 21.00
CA ALA E 191 30.92 -29.21 22.04
C ALA E 191 30.73 -28.16 23.12
N GLU E 192 29.46 -27.97 23.56
CA GLU E 192 29.01 -27.09 24.66
C GLU E 192 28.16 -28.04 25.54
N ALA E 193 28.05 -27.78 26.86
CA ALA E 193 27.24 -28.65 27.71
C ALA E 193 25.76 -28.46 27.46
N ARG E 194 24.93 -29.49 27.77
CA ARG E 194 23.46 -29.47 27.59
C ARG E 194 22.72 -29.80 28.91
N SER E 195 23.16 -30.89 29.62
CA SER E 195 22.66 -31.30 30.96
C SER E 195 23.51 -32.42 31.57
N MET E 196 22.87 -33.30 32.34
CA MET E 196 23.50 -34.43 33.02
C MET E 196 22.95 -35.74 32.46
N ASN E 197 23.80 -36.79 32.40
CA ASN E 197 23.45 -38.12 31.94
C ASN E 197 22.56 -38.70 33.01
N PHE E 198 21.26 -38.39 32.95
CA PHE E 198 20.35 -38.84 33.99
C PHE E 198 20.08 -40.31 33.88
N GLU E 199 20.16 -40.85 32.66
CA GLU E 199 19.98 -42.28 32.47
C GLU E 199 21.17 -43.03 33.11
N GLY E 200 22.40 -42.56 32.87
CA GLY E 200 23.60 -43.16 33.46
C GLY E 200 23.53 -43.32 34.98
N MET E 201 22.87 -42.36 35.66
CA MET E 201 22.65 -42.35 37.10
C MET E 201 21.59 -43.40 37.42
N ARG E 202 20.41 -43.35 36.70
CA ARG E 202 19.30 -44.29 36.85
C ARG E 202 19.77 -45.73 36.68
N ARG E 203 20.68 -45.97 35.70
CA ARG E 203 21.26 -47.28 35.39
C ARG E 203 22.14 -47.72 36.56
N ARG E 204 22.88 -46.77 37.17
CA ARG E 204 23.82 -47.04 38.25
C ARG E 204 23.23 -47.05 39.67
N GLY E 205 21.90 -46.96 39.79
CA GLY E 205 21.17 -47.01 41.06
C GLY E 205 21.39 -45.85 42.02
N PHE E 206 21.41 -44.61 41.49
CA PHE E 206 21.59 -43.39 42.30
C PHE E 206 20.30 -43.10 43.01
N SER E 207 20.37 -42.45 44.19
CA SER E 207 19.13 -42.09 44.86
C SER E 207 18.47 -40.90 44.14
N SER E 208 17.15 -40.79 44.27
CA SER E 208 16.30 -39.72 43.73
C SER E 208 16.89 -38.37 44.16
N GLU E 209 17.45 -38.33 45.40
CA GLU E 209 18.11 -37.19 46.07
C GLU E 209 19.46 -36.88 45.44
N ALA E 210 20.26 -37.93 45.17
CA ALA E 210 21.58 -37.84 44.53
C ALA E 210 21.43 -37.34 43.10
N ILE E 211 20.41 -37.84 42.35
CA ILE E 211 20.04 -37.42 40.99
C ILE E 211 19.66 -35.93 41.00
N HIS E 212 18.80 -35.49 41.93
CA HIS E 212 18.40 -34.10 42.01
C HIS E 212 19.55 -33.16 42.44
N ALA E 213 20.43 -33.60 43.36
CA ALA E 213 21.57 -32.80 43.84
C ALA E 213 22.52 -32.48 42.72
N LEU E 214 22.65 -33.45 41.77
CA LEU E 214 23.47 -33.39 40.56
C LEU E 214 22.81 -32.53 39.48
N ARG E 215 21.46 -32.41 39.47
CA ARG E 215 20.83 -31.47 38.52
C ARG E 215 21.23 -30.09 39.03
N ARG E 216 20.90 -29.79 40.32
CA ARG E 216 21.23 -28.52 41.00
C ARG E 216 22.72 -28.18 40.97
N ALA E 217 23.61 -29.19 40.85
CA ALA E 217 25.06 -28.99 40.78
C ALA E 217 25.49 -28.40 39.45
N TYR E 218 24.92 -28.93 38.35
CA TYR E 218 25.16 -28.49 36.98
C TYR E 218 24.70 -27.06 36.87
N LYS E 219 23.47 -26.76 37.34
CA LYS E 219 22.86 -25.42 37.39
C LYS E 219 23.78 -24.40 38.11
N VAL E 220 24.51 -24.80 39.19
CA VAL E 220 25.47 -23.93 39.92
C VAL E 220 26.63 -23.51 38.97
N VAL E 221 27.27 -24.50 38.34
CA VAL E 221 28.39 -24.30 37.45
C VAL E 221 27.96 -23.47 36.25
N TYR E 222 27.05 -24.04 35.43
CA TYR E 222 26.61 -23.45 34.19
C TYR E 222 25.51 -22.35 34.37
N ARG E 223 24.21 -22.72 34.21
CA ARG E 223 22.98 -21.89 34.23
C ARG E 223 22.84 -20.78 35.33
N GLN E 224 23.69 -20.78 36.38
CA GLN E 224 23.64 -19.75 37.43
C GLN E 224 24.63 -18.62 37.19
N GLY E 225 25.40 -18.72 36.11
CA GLY E 225 26.37 -17.70 35.73
C GLY E 225 27.45 -17.50 36.76
N HIS E 226 28.27 -18.53 36.94
CA HIS E 226 29.32 -18.44 37.92
C HIS E 226 30.65 -18.66 37.28
N THR E 227 31.67 -18.02 37.86
CA THR E 227 33.06 -18.25 37.46
C THR E 227 33.36 -19.63 38.02
N VAL E 228 34.20 -20.40 37.36
CA VAL E 228 34.48 -21.75 37.84
C VAL E 228 35.02 -21.72 39.29
N GLU E 229 35.88 -20.72 39.65
CA GLU E 229 36.40 -20.59 41.01
C GLU E 229 35.24 -20.42 41.98
N GLU E 230 34.24 -19.57 41.62
CA GLU E 230 33.01 -19.33 42.39
C GLU E 230 32.14 -20.59 42.50
N ALA E 231 31.84 -21.27 41.37
CA ALA E 231 31.00 -22.47 41.33
C ALA E 231 31.50 -23.57 42.24
N LEU E 232 32.81 -23.90 42.15
CA LEU E 232 33.48 -24.93 42.94
C LEU E 232 33.27 -24.76 44.45
N ALA E 233 33.28 -23.49 44.89
CA ALA E 233 33.10 -23.17 46.28
C ALA E 233 31.62 -23.24 46.68
N GLU E 234 30.69 -23.03 45.73
CA GLU E 234 29.24 -23.14 46.03
C GLU E 234 28.82 -24.63 46.07
N LEU E 235 29.57 -25.50 45.32
CA LEU E 235 29.40 -26.95 45.26
C LEU E 235 29.97 -27.64 46.53
N ALA E 236 30.67 -26.88 47.41
CA ALA E 236 31.35 -27.37 48.63
C ALA E 236 30.47 -28.07 49.63
N GLU E 237 29.27 -27.54 49.87
CA GLU E 237 28.33 -28.14 50.81
C GLU E 237 27.86 -29.45 50.25
N SER E 238 27.36 -29.40 49.00
CA SER E 238 26.79 -30.50 48.22
C SER E 238 27.73 -31.68 48.07
N ALA E 239 29.01 -31.41 47.78
CA ALA E 239 30.02 -32.43 47.57
C ALA E 239 30.49 -33.11 48.85
N ALA E 240 30.09 -32.54 50.00
CA ALA E 240 30.40 -33.07 51.33
C ALA E 240 29.21 -33.91 51.81
N GLN E 241 27.99 -33.53 51.33
CA GLN E 241 26.68 -34.15 51.58
C GLN E 241 26.48 -35.38 50.66
N PHE E 242 27.07 -35.36 49.43
CA PHE E 242 26.93 -36.41 48.43
C PHE E 242 28.24 -36.76 47.78
N PRO E 243 28.66 -38.04 47.86
CA PRO E 243 29.90 -38.44 47.17
C PRO E 243 29.73 -38.46 45.64
N GLU E 244 28.48 -38.54 45.18
CA GLU E 244 28.09 -38.52 43.77
C GLU E 244 28.42 -37.14 43.20
N VAL E 245 28.11 -36.06 43.97
CA VAL E 245 28.40 -34.66 43.62
C VAL E 245 29.88 -34.38 43.83
N ALA E 246 30.56 -35.13 44.73
CA ALA E 246 31.99 -34.93 44.97
C ALA E 246 32.76 -35.30 43.71
N VAL E 247 32.28 -36.34 42.96
CA VAL E 247 32.82 -36.77 41.66
C VAL E 247 32.74 -35.59 40.68
N PHE E 248 31.63 -34.80 40.76
CA PHE E 248 31.40 -33.60 39.96
C PHE E 248 32.35 -32.46 40.38
N ARG E 249 32.36 -32.05 41.67
CA ARG E 249 33.27 -30.99 42.16
C ARG E 249 34.72 -31.30 41.79
N ASP E 250 35.20 -32.55 42.08
CA ASP E 250 36.55 -33.01 41.78
C ASP E 250 36.93 -32.96 40.31
N SER E 251 36.00 -33.29 39.40
CA SER E 251 36.24 -33.27 37.95
C SER E 251 36.47 -31.84 37.40
N ILE E 252 35.73 -30.88 37.93
CA ILE E 252 35.83 -29.47 37.59
C ILE E 252 37.09 -28.88 38.26
N GLN E 253 37.42 -29.38 39.46
CA GLN E 253 38.56 -28.97 40.27
C GLN E 253 39.90 -29.20 39.58
N SER E 254 40.12 -30.44 39.05
CA SER E 254 41.35 -30.86 38.37
C SER E 254 41.39 -30.57 36.87
N ALA E 255 40.46 -29.72 36.38
CA ALA E 255 40.39 -29.28 34.99
C ALA E 255 40.79 -27.82 34.95
N THR E 256 40.41 -27.08 36.01
CA THR E 256 40.73 -25.65 36.16
C THR E 256 41.89 -25.43 37.19
N ARG E 257 43.10 -25.06 36.67
CA ARG E 257 44.29 -24.71 37.48
C ARG E 257 44.45 -23.18 37.48
N GLY E 258 44.57 -22.61 36.28
CA GLY E 258 44.65 -21.17 36.05
C GLY E 258 45.96 -20.47 36.33
N ILE E 259 46.04 -19.18 35.92
CA ILE E 259 47.19 -18.27 36.13
C ILE E 259 46.84 -17.20 37.15
N THR E 260 47.86 -16.71 37.84
CA THR E 260 47.77 -15.65 38.82
C THR E 260 47.46 -14.31 38.11
N ARG E 261 46.68 -13.41 38.76
CA ARG E 261 46.35 -12.03 38.33
C ARG E 261 45.83 -11.20 39.48
N MET F 4 39.95 -75.05 -12.03
CA MET F 4 39.49 -73.74 -12.51
C MET F 4 38.22 -73.23 -11.76
N SER F 5 38.35 -73.03 -10.42
CA SER F 5 37.29 -72.55 -9.51
C SER F 5 37.37 -71.04 -9.29
N LEU F 6 36.18 -70.42 -9.18
CA LEU F 6 36.00 -68.99 -9.00
C LEU F 6 36.32 -68.56 -7.56
N ILE F 7 36.34 -69.54 -6.65
CA ILE F 7 36.64 -69.42 -5.23
C ILE F 7 38.16 -69.68 -5.04
N ASP F 8 38.90 -68.65 -4.60
CA ASP F 8 40.34 -68.69 -4.36
C ASP F 8 40.64 -69.66 -3.22
N PRO F 9 41.69 -70.52 -3.37
CA PRO F 9 42.04 -71.50 -2.32
C PRO F 9 42.33 -70.94 -0.91
N ARG F 10 42.87 -69.70 -0.81
CA ARG F 10 43.20 -69.06 0.47
C ARG F 10 41.98 -68.62 1.29
N ALA F 11 40.76 -68.78 0.74
CA ALA F 11 39.47 -68.47 1.35
C ALA F 11 38.94 -69.61 2.26
N ILE F 12 38.05 -69.25 3.21
CA ILE F 12 37.38 -70.20 4.11
C ILE F 12 35.89 -70.13 3.74
N ILE F 13 35.30 -71.27 3.34
CA ILE F 13 33.88 -71.37 2.99
C ILE F 13 33.24 -72.46 3.85
N ASP F 14 32.39 -72.07 4.83
CA ASP F 14 31.73 -72.99 5.76
C ASP F 14 30.86 -74.00 5.03
N PRO F 15 30.84 -75.28 5.45
CA PRO F 15 30.00 -76.27 4.77
C PRO F 15 28.52 -75.88 4.70
N SER F 16 28.11 -75.10 5.72
CA SER F 16 26.77 -74.53 5.93
C SER F 16 26.48 -73.38 4.97
N ALA F 17 27.51 -72.81 4.30
CA ALA F 17 27.28 -71.71 3.35
C ALA F 17 26.70 -72.25 2.03
N ARG F 18 25.87 -71.43 1.34
CA ARG F 18 25.24 -71.80 0.07
C ARG F 18 25.63 -70.73 -0.96
N LEU F 19 26.39 -71.13 -1.98
CA LEU F 19 26.94 -70.25 -3.02
C LEU F 19 26.60 -70.73 -4.42
N ALA F 20 26.20 -69.80 -5.33
CA ALA F 20 25.91 -70.08 -6.76
C ALA F 20 27.16 -70.62 -7.46
N ALA F 21 27.02 -71.28 -8.63
CA ALA F 21 28.17 -71.90 -9.32
C ALA F 21 29.07 -70.90 -10.13
N ASP F 22 29.01 -69.58 -9.78
CA ASP F 22 29.81 -68.51 -10.43
C ASP F 22 30.15 -67.35 -9.48
N VAL F 23 29.96 -67.60 -8.17
CA VAL F 23 30.31 -66.65 -7.12
C VAL F 23 31.82 -66.73 -7.00
N GLN F 24 32.50 -65.59 -7.20
CA GLN F 24 33.94 -65.51 -7.03
C GLN F 24 34.20 -65.08 -5.61
N VAL F 25 35.18 -65.71 -4.97
CA VAL F 25 35.59 -65.38 -3.61
C VAL F 25 37.11 -65.28 -3.70
N GLY F 26 37.65 -64.14 -3.31
CA GLY F 26 39.09 -63.88 -3.35
C GLY F 26 39.86 -64.50 -2.20
N PRO F 27 41.20 -64.24 -2.10
CA PRO F 27 41.97 -64.85 -1.02
C PRO F 27 41.72 -64.22 0.34
N TRP F 28 41.96 -64.99 1.40
CA TRP F 28 41.89 -64.51 2.78
C TRP F 28 40.53 -63.92 3.16
N SER F 29 39.46 -64.57 2.68
CA SER F 29 38.08 -64.17 2.97
C SER F 29 37.38 -65.28 3.72
N ILE F 30 36.48 -64.94 4.67
CA ILE F 30 35.73 -65.95 5.40
C ILE F 30 34.27 -65.82 5.02
N VAL F 31 33.73 -66.82 4.30
CA VAL F 31 32.30 -66.94 3.97
C VAL F 31 31.79 -67.93 5.04
N GLY F 32 31.28 -67.37 6.14
CA GLY F 32 30.84 -68.10 7.32
C GLY F 32 29.65 -69.03 7.17
N ALA F 33 29.21 -69.55 8.30
CA ALA F 33 28.07 -70.45 8.38
C ALA F 33 26.80 -69.68 8.14
N GLU F 34 25.79 -70.34 7.55
CA GLU F 34 24.47 -69.79 7.22
C GLU F 34 24.51 -68.55 6.29
N VAL F 35 25.69 -68.30 5.67
CA VAL F 35 25.93 -67.24 4.69
C VAL F 35 25.59 -67.83 3.32
N GLU F 36 24.66 -67.18 2.61
CA GLU F 36 24.15 -67.58 1.30
C GLU F 36 24.44 -66.46 0.28
N ILE F 37 25.13 -66.78 -0.85
CA ILE F 37 25.52 -65.83 -1.92
C ILE F 37 24.90 -66.25 -3.28
N GLY F 38 24.35 -65.28 -4.01
CA GLY F 38 23.71 -65.51 -5.30
C GLY F 38 24.58 -65.44 -6.54
N GLU F 39 23.93 -65.54 -7.72
CA GLU F 39 24.53 -65.50 -9.07
C GLU F 39 25.47 -64.31 -9.26
N GLY F 40 26.53 -64.49 -10.04
CA GLY F 40 27.52 -63.47 -10.41
C GLY F 40 28.01 -62.48 -9.38
N THR F 41 27.89 -62.81 -8.07
CA THR F 41 28.37 -61.93 -6.98
C THR F 41 29.90 -62.07 -6.92
N VAL F 42 30.60 -60.96 -6.68
CA VAL F 42 32.06 -60.94 -6.59
C VAL F 42 32.51 -60.57 -5.18
N ILE F 43 33.09 -61.56 -4.47
CA ILE F 43 33.65 -61.36 -3.14
C ILE F 43 35.14 -61.14 -3.31
N GLY F 44 35.63 -60.02 -2.78
CA GLY F 44 37.04 -59.66 -2.90
C GLY F 44 37.93 -60.38 -1.90
N PRO F 45 39.18 -59.88 -1.72
CA PRO F 45 40.07 -60.49 -0.72
C PRO F 45 39.83 -59.86 0.64
N HIS F 46 40.24 -60.52 1.73
CA HIS F 46 40.08 -59.98 3.09
C HIS F 46 38.63 -59.52 3.36
N VAL F 47 37.63 -60.36 3.04
CA VAL F 47 36.20 -60.06 3.30
C VAL F 47 35.68 -61.04 4.39
N VAL F 48 35.01 -60.52 5.40
CA VAL F 48 34.50 -61.34 6.51
C VAL F 48 32.97 -61.37 6.44
N LEU F 49 32.38 -62.57 6.27
CA LEU F 49 30.92 -62.74 6.16
C LEU F 49 30.36 -63.67 7.22
N LYS F 50 29.52 -63.14 8.12
CA LYS F 50 28.85 -63.92 9.17
C LYS F 50 27.36 -64.12 8.76
N GLY F 51 26.73 -65.15 9.34
CA GLY F 51 25.34 -65.47 9.04
C GLY F 51 24.40 -65.44 10.24
N PRO F 52 23.07 -65.62 10.04
CA PRO F 52 22.35 -65.83 8.77
C PRO F 52 22.36 -64.59 7.89
N THR F 53 22.89 -64.74 6.68
CA THR F 53 22.97 -63.67 5.69
C THR F 53 22.55 -64.25 4.36
N LYS F 54 21.80 -63.47 3.57
CA LYS F 54 21.38 -63.84 2.22
C LYS F 54 21.79 -62.70 1.29
N ILE F 55 22.69 -62.99 0.34
CA ILE F 55 23.19 -62.04 -0.66
C ILE F 55 22.68 -62.47 -2.05
N GLY F 56 22.27 -61.47 -2.83
CA GLY F 56 21.68 -61.69 -4.14
C GLY F 56 22.67 -61.80 -5.26
N LYS F 57 22.16 -61.56 -6.47
CA LYS F 57 22.90 -61.62 -7.71
C LYS F 57 23.82 -60.40 -7.88
N HIS F 58 24.83 -60.54 -8.73
CA HIS F 58 25.83 -59.57 -9.17
C HIS F 58 26.16 -58.45 -8.17
N ASN F 59 26.65 -58.82 -6.98
CA ASN F 59 27.03 -57.85 -5.96
C ASN F 59 28.55 -57.78 -5.84
N ARG F 60 29.16 -56.60 -5.90
CA ARG F 60 30.60 -56.57 -5.70
C ARG F 60 30.83 -56.10 -4.29
N ILE F 61 31.41 -56.98 -3.43
CA ILE F 61 31.75 -56.65 -2.05
C ILE F 61 33.27 -56.56 -1.93
N TYR F 62 33.79 -55.35 -1.63
CA TYR F 62 35.22 -55.04 -1.50
C TYR F 62 35.91 -55.46 -0.21
N GLN F 63 37.27 -55.38 -0.23
CA GLN F 63 38.21 -55.74 0.83
C GLN F 63 37.93 -55.11 2.17
N PHE F 64 38.43 -55.77 3.21
CA PHE F 64 38.41 -55.37 4.61
C PHE F 64 36.97 -55.09 5.14
N SER F 65 35.96 -55.67 4.46
CA SER F 65 34.54 -55.54 4.83
C SER F 65 34.11 -56.61 5.86
N SER F 66 33.37 -56.17 6.90
CA SER F 66 32.78 -57.01 7.95
C SER F 66 31.27 -56.99 7.64
N VAL F 67 30.75 -58.05 6.98
CA VAL F 67 29.36 -58.08 6.49
C VAL F 67 28.56 -59.25 7.07
N GLY F 68 27.55 -58.90 7.87
CA GLY F 68 26.67 -59.85 8.55
C GLY F 68 27.06 -60.10 9.99
N GLU F 69 27.92 -59.23 10.55
CA GLU F 69 28.43 -59.33 11.92
C GLU F 69 27.36 -59.00 12.96
N ASP F 70 27.51 -59.55 14.17
CA ASP F 70 26.62 -59.28 15.32
C ASP F 70 26.77 -57.79 15.70
N THR F 71 25.70 -57.08 16.16
CA THR F 71 25.87 -55.67 16.59
C THR F 71 26.57 -55.65 17.94
N PRO F 72 27.45 -54.66 18.23
CA PRO F 72 28.11 -54.63 19.54
C PRO F 72 27.16 -54.14 20.63
N ASP F 73 25.98 -53.58 20.20
CA ASP F 73 24.92 -53.05 21.06
C ASP F 73 24.63 -54.04 22.15
N LEU F 74 24.44 -53.51 23.36
CA LEU F 74 24.23 -54.29 24.56
C LEU F 74 22.84 -54.95 24.61
N LYS F 75 21.84 -54.40 23.86
CA LYS F 75 20.47 -54.97 23.74
C LYS F 75 20.46 -56.32 22.98
N TYR F 76 21.44 -56.54 22.06
CA TYR F 76 21.58 -57.78 21.31
C TYR F 76 22.16 -58.81 22.26
N LYS F 77 21.45 -59.92 22.43
CA LYS F 77 21.88 -60.96 23.34
C LYS F 77 22.14 -62.33 22.66
N GLY F 78 22.82 -62.30 21.51
CA GLY F 78 23.21 -63.50 20.77
C GLY F 78 22.18 -64.14 19.85
N GLU F 79 20.93 -63.68 19.93
CA GLU F 79 19.74 -64.11 19.19
C GLU F 79 19.99 -64.34 17.64
N PRO F 80 19.37 -65.37 16.98
CA PRO F 80 19.66 -65.60 15.54
C PRO F 80 18.93 -64.67 14.55
N THR F 81 19.44 -63.45 14.48
CA THR F 81 18.89 -62.40 13.62
C THR F 81 19.51 -62.49 12.23
N ARG F 82 18.92 -61.82 11.21
CA ARG F 82 19.39 -61.96 9.82
C ARG F 82 19.87 -60.69 9.16
N LEU F 83 20.46 -60.84 7.97
CA LEU F 83 20.88 -59.77 7.07
C LEU F 83 20.42 -60.21 5.66
N VAL F 84 19.78 -59.30 4.90
CA VAL F 84 19.34 -59.58 3.53
C VAL F 84 19.86 -58.44 2.63
N ILE F 85 20.63 -58.79 1.61
CA ILE F 85 21.18 -57.86 0.64
C ILE F 85 20.63 -58.33 -0.73
N GLY F 86 20.11 -57.40 -1.52
CA GLY F 86 19.53 -57.74 -2.82
C GLY F 86 20.52 -57.97 -3.95
N ASP F 87 20.18 -57.53 -5.17
CA ASP F 87 21.02 -57.68 -6.34
C ASP F 87 21.71 -56.37 -6.70
N HIS F 88 22.77 -56.43 -7.52
CA HIS F 88 23.49 -55.30 -8.08
C HIS F 88 23.88 -54.14 -7.11
N ASN F 89 24.47 -54.46 -5.95
CA ASN F 89 24.93 -53.47 -4.95
C ASN F 89 26.46 -53.47 -4.92
N VAL F 90 27.08 -52.33 -4.57
CA VAL F 90 28.54 -52.18 -4.47
C VAL F 90 28.86 -51.78 -3.02
N ILE F 91 29.34 -52.75 -2.24
CA ILE F 91 29.75 -52.56 -0.85
C ILE F 91 31.24 -52.33 -1.00
N ARG F 92 31.69 -51.06 -0.93
CA ARG F 92 33.10 -50.70 -1.09
C ARG F 92 33.99 -51.17 0.10
N GLU F 93 35.28 -50.75 0.13
CA GLU F 93 36.26 -51.21 1.11
C GLU F 93 35.94 -50.86 2.55
N GLY F 94 36.24 -51.79 3.45
CA GLY F 94 36.06 -51.67 4.89
C GLY F 94 34.67 -51.29 5.37
N VAL F 95 33.62 -51.62 4.60
CA VAL F 95 32.22 -51.31 4.99
C VAL F 95 31.82 -52.27 6.11
N THR F 96 30.98 -51.82 7.08
CA THR F 96 30.44 -52.71 8.12
C THR F 96 28.94 -52.76 8.01
N ILE F 97 28.38 -53.97 7.90
CA ILE F 97 26.95 -54.18 7.87
C ILE F 97 26.66 -55.22 8.93
N HIS F 98 25.88 -54.80 9.95
CA HIS F 98 25.42 -55.59 11.11
C HIS F 98 23.99 -56.11 10.93
N ARG F 99 23.71 -57.32 11.47
CA ARG F 99 22.40 -57.97 11.37
C ARG F 99 21.50 -57.46 12.47
N GLY F 100 20.21 -57.35 12.16
CA GLY F 100 19.17 -56.86 13.07
C GLY F 100 19.12 -57.47 14.47
N THR F 101 18.18 -56.95 15.31
CA THR F 101 17.96 -57.37 16.69
C THR F 101 16.49 -57.70 16.83
N VAL F 102 16.14 -58.78 17.58
CA VAL F 102 14.74 -59.22 17.82
C VAL F 102 13.83 -58.08 18.25
N GLN F 103 14.40 -57.14 19.01
CA GLN F 103 13.81 -55.92 19.53
C GLN F 103 13.05 -55.10 18.46
N ASP F 104 13.25 -55.39 17.16
CA ASP F 104 12.54 -54.73 16.06
C ASP F 104 11.89 -55.81 15.15
N ARG F 105 12.55 -56.15 14.02
CA ARG F 105 12.06 -57.11 13.04
C ARG F 105 13.04 -58.27 12.88
N ALA F 106 14.16 -58.21 13.64
CA ALA F 106 15.26 -59.20 13.67
C ALA F 106 15.91 -59.38 12.29
N GLU F 107 16.04 -58.29 11.51
CA GLU F 107 16.60 -58.34 10.16
C GLU F 107 16.97 -56.94 9.67
N THR F 108 18.18 -56.84 9.04
CA THR F 108 18.75 -55.67 8.36
C THR F 108 18.60 -55.98 6.87
N THR F 109 18.10 -55.03 6.07
CA THR F 109 17.85 -55.28 4.65
C THR F 109 18.40 -54.16 3.77
N ILE F 110 19.06 -54.55 2.67
CA ILE F 110 19.58 -53.67 1.62
C ILE F 110 18.92 -54.17 0.30
N GLY F 111 18.40 -53.24 -0.49
CA GLY F 111 17.69 -53.59 -1.72
C GLY F 111 18.60 -53.86 -2.89
N ASP F 112 18.23 -53.32 -4.06
CA ASP F 112 19.04 -53.47 -5.28
C ASP F 112 19.72 -52.13 -5.72
N HIS F 113 20.82 -52.22 -6.49
CA HIS F 113 21.59 -51.13 -7.12
C HIS F 113 22.16 -50.02 -6.19
N ASN F 114 22.34 -50.29 -4.89
CA ASN F 114 22.89 -49.32 -3.93
C ASN F 114 24.42 -49.17 -4.06
N LEU F 115 24.96 -48.01 -3.63
CA LEU F 115 26.40 -47.77 -3.64
C LEU F 115 26.84 -47.31 -2.24
N ILE F 116 27.26 -48.29 -1.45
CA ILE F 116 27.75 -48.10 -0.09
C ILE F 116 29.31 -47.92 -0.20
N MET F 117 29.76 -46.65 -0.21
CA MET F 117 31.17 -46.24 -0.33
C MET F 117 31.98 -46.70 0.90
N ALA F 118 33.33 -46.58 0.81
CA ALA F 118 34.31 -46.96 1.83
C ALA F 118 33.96 -46.58 3.29
N TYR F 119 34.38 -47.44 4.24
CA TYR F 119 34.25 -47.38 5.73
C TYR F 119 32.84 -46.98 6.28
N ALA F 120 31.80 -46.99 5.42
CA ALA F 120 30.42 -46.72 5.80
C ALA F 120 29.97 -47.78 6.82
N HIS F 121 28.90 -47.49 7.56
CA HIS F 121 28.32 -48.37 8.60
C HIS F 121 26.81 -48.48 8.43
N ILE F 122 26.31 -49.70 8.38
CA ILE F 122 24.88 -49.93 8.34
C ILE F 122 24.63 -50.76 9.60
N GLY F 123 24.09 -50.12 10.64
CA GLY F 123 23.81 -50.76 11.94
C GLY F 123 22.54 -51.57 11.94
N HIS F 124 22.35 -52.36 13.02
CA HIS F 124 21.20 -53.26 13.22
C HIS F 124 19.86 -52.70 12.76
N ASP F 125 19.08 -53.56 12.10
CA ASP F 125 17.71 -53.33 11.58
C ASP F 125 17.57 -52.13 10.61
N SER F 126 18.68 -51.68 10.01
CA SER F 126 18.61 -50.60 9.02
C SER F 126 17.90 -51.15 7.76
N VAL F 127 17.09 -50.32 7.10
CA VAL F 127 16.30 -50.73 5.93
C VAL F 127 16.61 -49.78 4.78
N ILE F 128 17.50 -50.25 3.86
CA ILE F 128 17.93 -49.50 2.67
C ILE F 128 17.21 -50.05 1.44
N GLY F 129 16.64 -49.14 0.64
CA GLY F 129 15.86 -49.45 -0.55
C GLY F 129 16.69 -49.69 -1.78
N ASN F 130 16.35 -49.03 -2.91
CA ASN F 130 17.04 -49.20 -4.18
C ASN F 130 17.80 -47.94 -4.68
N HIS F 131 18.83 -48.12 -5.52
CA HIS F 131 19.63 -47.04 -6.12
C HIS F 131 20.14 -45.93 -5.19
N CYS F 132 20.29 -46.21 -3.88
CA CYS F 132 20.83 -45.26 -2.89
C CYS F 132 22.37 -45.12 -3.07
N ILE F 133 22.95 -44.05 -2.54
CA ILE F 133 24.39 -43.86 -2.50
C ILE F 133 24.70 -43.46 -1.08
N LEU F 134 25.52 -44.26 -0.41
CA LEU F 134 25.99 -43.96 0.93
C LEU F 134 27.49 -43.67 0.86
N VAL F 135 27.83 -42.38 0.71
CA VAL F 135 29.20 -41.89 0.56
C VAL F 135 30.10 -42.25 1.77
N ASN F 136 31.43 -42.21 1.56
CA ASN F 136 32.49 -42.52 2.51
C ASN F 136 32.14 -42.28 3.97
N ASN F 137 32.38 -43.27 4.83
CA ASN F 137 32.20 -43.23 6.28
C ASN F 137 30.79 -42.79 6.77
N THR F 138 29.70 -43.18 6.07
CA THR F 138 28.34 -42.86 6.59
C THR F 138 28.09 -43.81 7.78
N ALA F 139 27.21 -43.43 8.71
CA ALA F 139 26.89 -44.25 9.86
C ALA F 139 25.42 -44.20 10.11
N LEU F 140 24.81 -45.37 10.13
CA LEU F 140 23.40 -45.52 10.40
C LEU F 140 23.40 -46.28 11.74
N ALA F 141 23.25 -45.54 12.86
CA ALA F 141 23.26 -46.04 14.25
C ALA F 141 22.49 -47.36 14.38
N GLY F 142 21.34 -47.42 13.70
CA GLY F 142 20.45 -48.57 13.66
C GLY F 142 19.00 -48.17 13.46
N HIS F 143 18.20 -49.08 12.93
CA HIS F 143 16.79 -48.91 12.63
C HIS F 143 16.52 -47.76 11.67
N VAL F 144 17.58 -47.26 11.00
CA VAL F 144 17.51 -46.17 10.03
C VAL F 144 16.88 -46.74 8.74
N HIS F 145 15.88 -46.03 8.19
CA HIS F 145 15.17 -46.42 6.97
C HIS F 145 15.51 -45.42 5.89
N VAL F 146 16.28 -45.83 4.86
CA VAL F 146 16.70 -44.98 3.72
C VAL F 146 15.97 -45.46 2.43
N ASP F 147 14.98 -44.69 1.95
CA ASP F 147 14.19 -45.04 0.76
C ASP F 147 14.94 -44.74 -0.55
N ASP F 148 14.43 -45.26 -1.70
CA ASP F 148 14.99 -45.16 -3.05
C ASP F 148 15.69 -43.84 -3.41
N TRP F 149 16.79 -43.93 -4.20
CA TRP F 149 17.55 -42.82 -4.80
C TRP F 149 18.09 -41.76 -3.85
N ALA F 150 18.14 -42.04 -2.55
CA ALA F 150 18.68 -41.13 -1.56
C ALA F 150 20.22 -41.03 -1.73
N ILE F 151 20.83 -39.90 -1.34
CA ILE F 151 22.28 -39.64 -1.39
C ILE F 151 22.73 -39.08 -0.02
N LEU F 152 23.49 -39.89 0.71
CA LEU F 152 23.99 -39.54 2.05
C LEU F 152 25.47 -39.25 1.95
N SER F 153 25.84 -37.95 1.75
CA SER F 153 27.21 -37.44 1.60
C SER F 153 28.21 -37.91 2.67
N GLY F 154 29.49 -37.90 2.30
CA GLY F 154 30.61 -38.30 3.13
C GLY F 154 30.52 -37.93 4.60
N TYR F 155 30.75 -38.92 5.49
CA TYR F 155 30.73 -38.84 6.95
C TYR F 155 29.35 -38.40 7.54
N THR F 156 28.21 -38.55 6.77
CA THR F 156 26.83 -38.26 7.25
C THR F 156 26.55 -39.19 8.41
N LEU F 157 26.05 -38.63 9.51
CA LEU F 157 25.71 -39.43 10.68
C LEU F 157 24.21 -39.44 10.86
N VAL F 158 23.64 -40.61 11.15
CA VAL F 158 22.21 -40.75 11.29
C VAL F 158 21.87 -41.47 12.59
N HIS F 159 21.05 -40.82 13.41
CA HIS F 159 20.58 -41.30 14.71
C HIS F 159 19.65 -42.48 14.51
N GLN F 160 19.38 -43.28 15.58
CA GLN F 160 18.47 -44.43 15.54
C GLN F 160 17.04 -44.05 15.19
N TYR F 161 16.43 -44.92 14.37
CA TYR F 161 15.03 -44.93 13.92
C TYR F 161 14.67 -43.89 12.86
N CYS F 162 15.66 -43.07 12.43
CA CYS F 162 15.40 -42.00 11.46
C CYS F 162 14.95 -42.48 10.09
N ARG F 163 14.07 -41.70 9.47
CA ARG F 163 13.64 -42.07 8.15
C ARG F 163 14.19 -41.06 7.12
N ILE F 164 15.06 -41.55 6.23
CA ILE F 164 15.70 -40.78 5.16
C ILE F 164 14.87 -41.05 3.90
N GLY F 165 14.14 -40.03 3.45
CA GLY F 165 13.24 -40.10 2.31
C GLY F 165 13.83 -40.41 0.96
N ALA F 166 12.94 -40.71 -0.02
CA ALA F 166 13.30 -40.99 -1.42
C ALA F 166 13.93 -39.74 -2.01
N HIS F 167 14.94 -39.88 -2.87
CA HIS F 167 15.66 -38.79 -3.54
C HIS F 167 16.17 -37.66 -2.58
N SER F 168 16.13 -37.87 -1.25
CA SER F 168 16.61 -36.83 -0.36
C SER F 168 18.13 -36.75 -0.40
N PHE F 169 18.71 -35.68 0.19
CA PHE F 169 20.15 -35.46 0.17
C PHE F 169 20.67 -34.84 1.46
N SER F 170 21.79 -35.38 1.96
CA SER F 170 22.43 -34.90 3.19
C SER F 170 23.85 -34.48 2.91
N GLY F 171 24.21 -33.28 3.40
CA GLY F 171 25.52 -32.65 3.21
C GLY F 171 26.63 -33.32 4.00
N MET F 172 27.87 -33.25 3.49
CA MET F 172 28.99 -33.95 4.14
C MET F 172 29.12 -33.58 5.64
N GLY F 173 29.49 -34.58 6.43
CA GLY F 173 29.68 -34.45 7.87
C GLY F 173 28.45 -34.08 8.67
N SER F 174 27.24 -34.29 8.06
CA SER F 174 25.90 -34.07 8.62
C SER F 174 25.64 -34.81 9.94
N ALA F 175 24.56 -34.45 10.63
CA ALA F 175 24.16 -35.10 11.87
C ALA F 175 22.65 -35.06 11.92
N ILE F 176 22.01 -36.10 11.37
CA ILE F 176 20.56 -36.28 11.26
C ILE F 176 20.04 -36.93 12.54
N GLY F 177 18.97 -36.37 13.07
CA GLY F 177 18.35 -36.86 14.29
C GLY F 177 16.85 -37.01 14.17
N LYS F 178 16.30 -36.38 13.12
CA LYS F 178 14.89 -36.42 12.79
C LYS F 178 14.83 -36.82 11.31
N ASP F 179 13.70 -37.42 10.89
CA ASP F 179 13.42 -37.84 9.52
C ASP F 179 13.75 -36.74 8.53
N VAL F 180 14.18 -37.14 7.34
CA VAL F 180 14.44 -36.23 6.23
C VAL F 180 13.33 -36.54 5.20
N PRO F 181 12.37 -35.60 4.94
CA PRO F 181 11.33 -35.90 3.93
C PRO F 181 11.90 -36.16 2.52
N ALA F 182 11.08 -36.74 1.63
CA ALA F 182 11.50 -37.05 0.25
C ALA F 182 11.94 -35.79 -0.44
N TYR F 183 12.97 -35.89 -1.29
CA TYR F 183 13.59 -34.83 -2.11
C TYR F 183 14.41 -33.79 -1.31
N VAL F 184 14.04 -33.46 -0.05
CA VAL F 184 14.69 -32.43 0.79
C VAL F 184 16.22 -32.55 0.87
N THR F 185 16.93 -31.40 0.93
CA THR F 185 18.38 -31.33 1.13
C THR F 185 18.63 -30.88 2.58
N VAL F 186 19.30 -31.71 3.43
CA VAL F 186 19.63 -31.35 4.82
C VAL F 186 21.13 -31.14 4.99
N PHE F 187 21.54 -30.23 5.91
CA PHE F 187 22.95 -29.88 6.07
C PHE F 187 23.37 -29.45 7.47
N GLY F 188 24.49 -30.03 7.93
CA GLY F 188 25.16 -29.67 9.16
C GLY F 188 24.96 -30.53 10.39
N ASN F 189 25.52 -30.08 11.50
CA ASN F 189 25.44 -30.73 12.81
C ASN F 189 24.81 -29.70 13.79
N PRO F 190 23.48 -29.78 14.04
CA PRO F 190 22.51 -30.75 13.52
C PRO F 190 22.04 -30.41 12.10
N ALA F 191 21.59 -31.43 11.33
CA ALA F 191 21.11 -31.23 9.97
C ALA F 191 19.90 -30.29 9.95
N GLU F 192 19.89 -29.35 9.00
CA GLU F 192 18.81 -28.38 8.85
C GLU F 192 18.39 -28.37 7.38
N ALA F 193 17.08 -28.46 7.07
CA ALA F 193 16.56 -28.45 5.70
C ALA F 193 16.90 -27.13 4.98
N ARG F 194 17.50 -27.21 3.75
CA ARG F 194 17.96 -26.10 2.88
C ARG F 194 17.05 -25.94 1.66
N SER F 195 16.88 -27.00 0.86
CA SER F 195 16.00 -27.00 -0.30
C SER F 195 15.55 -28.38 -0.68
N MET F 196 15.63 -28.71 -1.97
CA MET F 196 15.20 -29.98 -2.53
C MET F 196 16.23 -30.42 -3.53
N ASN F 197 16.42 -31.73 -3.71
CA ASN F 197 17.41 -32.29 -4.61
C ASN F 197 16.89 -32.26 -6.06
N PHE F 198 16.88 -31.05 -6.66
CA PHE F 198 16.40 -30.81 -8.03
C PHE F 198 17.18 -31.59 -9.08
N GLU F 199 18.44 -31.91 -8.76
CA GLU F 199 19.32 -32.70 -9.62
C GLU F 199 18.86 -34.15 -9.71
N GLY F 200 18.48 -34.75 -8.59
CA GLY F 200 17.98 -36.12 -8.55
C GLY F 200 16.63 -36.29 -9.23
N MET F 201 15.86 -35.19 -9.30
CA MET F 201 14.57 -35.12 -9.98
C MET F 201 14.85 -35.06 -11.49
N ARG F 202 15.90 -34.33 -11.92
CA ARG F 202 16.29 -34.22 -13.33
C ARG F 202 16.79 -35.58 -13.86
N ARG F 203 17.69 -36.25 -13.11
CA ARG F 203 18.25 -37.58 -13.42
C ARG F 203 17.11 -38.58 -13.72
N ARG F 204 16.05 -38.54 -12.91
CA ARG F 204 14.89 -39.41 -13.03
C ARG F 204 13.83 -38.91 -14.03
N GLY F 205 14.16 -37.85 -14.77
CA GLY F 205 13.31 -37.25 -15.79
C GLY F 205 11.95 -36.77 -15.33
N PHE F 206 11.89 -36.07 -14.18
CA PHE F 206 10.65 -35.49 -13.62
C PHE F 206 10.19 -34.38 -14.53
N SER F 207 8.88 -34.27 -14.77
CA SER F 207 8.33 -33.20 -15.60
C SER F 207 8.65 -31.85 -14.97
N SER F 208 8.72 -30.78 -15.76
CA SER F 208 8.97 -29.46 -15.18
C SER F 208 7.76 -29.03 -14.31
N GLU F 209 6.57 -29.61 -14.57
CA GLU F 209 5.36 -29.40 -13.77
C GLU F 209 5.64 -30.00 -12.40
N ALA F 210 6.18 -31.25 -12.38
CA ALA F 210 6.51 -32.00 -11.17
C ALA F 210 7.63 -31.40 -10.33
N ILE F 211 8.59 -30.71 -10.97
CA ILE F 211 9.72 -30.10 -10.28
C ILE F 211 9.24 -28.84 -9.57
N HIS F 212 8.45 -28.01 -10.26
CA HIS F 212 7.89 -26.78 -9.71
C HIS F 212 6.86 -27.06 -8.61
N ALA F 213 6.04 -28.11 -8.80
CA ALA F 213 5.07 -28.48 -7.78
C ALA F 213 5.83 -28.98 -6.55
N LEU F 214 7.06 -29.51 -6.73
CA LEU F 214 7.90 -29.97 -5.63
C LEU F 214 8.57 -28.79 -4.92
N ARG F 215 8.87 -27.68 -5.66
CA ARG F 215 9.38 -26.44 -5.06
C ARG F 215 8.28 -25.91 -4.18
N ARG F 216 7.11 -25.58 -4.80
CA ARG F 216 5.91 -25.07 -4.13
C ARG F 216 5.57 -25.85 -2.87
N ALA F 217 5.77 -27.18 -2.91
CA ALA F 217 5.50 -28.09 -1.81
C ALA F 217 6.43 -27.92 -0.61
N TYR F 218 7.73 -27.72 -0.86
CA TYR F 218 8.71 -27.52 0.22
C TYR F 218 8.35 -26.21 0.94
N LYS F 219 7.99 -25.17 0.15
CA LYS F 219 7.61 -23.86 0.67
C LYS F 219 6.41 -23.94 1.61
N VAL F 220 5.52 -24.94 1.45
CA VAL F 220 4.34 -25.12 2.30
C VAL F 220 4.74 -25.52 3.73
N VAL F 221 5.53 -26.59 3.82
CA VAL F 221 6.06 -27.17 5.07
C VAL F 221 6.92 -26.12 5.83
N TYR F 222 8.08 -25.78 5.21
CA TYR F 222 9.11 -24.90 5.74
C TYR F 222 8.87 -23.38 5.50
N ARG F 223 9.13 -22.85 4.29
CA ARG F 223 9.05 -21.39 3.98
C ARG F 223 7.66 -20.66 4.23
N GLN F 224 6.64 -21.32 4.81
CA GLN F 224 5.34 -20.67 5.04
C GLN F 224 4.89 -20.63 6.51
N GLY F 225 5.67 -21.24 7.38
CA GLY F 225 5.39 -21.26 8.82
C GLY F 225 4.13 -22.01 9.23
N HIS F 226 3.71 -22.97 8.39
CA HIS F 226 2.56 -23.80 8.71
C HIS F 226 3.04 -24.88 9.67
N THR F 227 2.12 -25.41 10.50
CA THR F 227 2.44 -26.54 11.39
C THR F 227 2.42 -27.76 10.48
N VAL F 228 2.88 -28.91 10.96
CA VAL F 228 2.89 -30.09 10.10
C VAL F 228 1.45 -30.50 9.79
N GLU F 229 0.54 -30.39 10.78
CA GLU F 229 -0.89 -30.68 10.59
C GLU F 229 -1.49 -29.78 9.49
N GLU F 230 -1.11 -28.49 9.48
CA GLU F 230 -1.56 -27.47 8.52
C GLU F 230 -0.97 -27.75 7.13
N ALA F 231 0.35 -28.00 7.08
CA ALA F 231 1.11 -28.29 5.89
C ALA F 231 0.47 -29.44 5.16
N LEU F 232 0.38 -30.63 5.83
CA LEU F 232 -0.18 -31.90 5.33
C LEU F 232 -1.54 -31.76 4.65
N ALA F 233 -2.32 -30.75 5.09
CA ALA F 233 -3.64 -30.46 4.56
C ALA F 233 -3.56 -29.63 3.26
N GLU F 234 -2.63 -28.63 3.20
CA GLU F 234 -2.41 -27.78 2.01
C GLU F 234 -1.76 -28.62 0.88
N LEU F 235 -0.91 -29.59 1.28
CA LEU F 235 -0.23 -30.53 0.38
C LEU F 235 -1.19 -31.58 -0.18
N ALA F 236 -2.44 -31.62 0.34
CA ALA F 236 -3.48 -32.59 -0.04
C ALA F 236 -4.04 -32.40 -1.47
N GLU F 237 -3.97 -31.16 -2.02
CA GLU F 237 -4.44 -30.86 -3.39
C GLU F 237 -3.38 -31.31 -4.39
N SER F 238 -2.13 -30.83 -4.19
CA SER F 238 -0.96 -31.07 -5.02
C SER F 238 -0.52 -32.54 -4.99
N ALA F 239 -0.83 -33.27 -3.91
CA ALA F 239 -0.50 -34.69 -3.74
C ALA F 239 -1.40 -35.61 -4.56
N ALA F 240 -2.61 -35.13 -4.90
CA ALA F 240 -3.59 -35.86 -5.69
C ALA F 240 -3.29 -35.73 -7.20
N GLN F 241 -2.68 -34.59 -7.58
CA GLN F 241 -2.27 -34.26 -8.94
C GLN F 241 -0.92 -34.88 -9.31
N PHE F 242 0.05 -34.86 -8.36
CA PHE F 242 1.38 -35.37 -8.62
C PHE F 242 1.81 -36.48 -7.72
N PRO F 243 2.03 -37.67 -8.31
CA PRO F 243 2.51 -38.82 -7.54
C PRO F 243 3.84 -38.55 -6.85
N GLU F 244 4.57 -37.57 -7.38
CA GLU F 244 5.87 -37.15 -6.90
C GLU F 244 5.69 -36.30 -5.64
N VAL F 245 4.61 -35.50 -5.60
CA VAL F 245 4.23 -34.62 -4.49
C VAL F 245 3.65 -35.50 -3.38
N ALA F 246 2.92 -36.56 -3.78
CA ALA F 246 2.35 -37.56 -2.87
C ALA F 246 3.47 -38.30 -2.12
N VAL F 247 4.64 -38.50 -2.73
CA VAL F 247 5.77 -39.14 -2.05
C VAL F 247 6.34 -38.19 -1.00
N PHE F 248 6.31 -36.87 -1.28
CA PHE F 248 6.78 -35.85 -0.34
C PHE F 248 5.81 -35.70 0.82
N ARG F 249 4.46 -35.58 0.55
CA ARG F 249 3.42 -35.49 1.58
C ARG F 249 3.51 -36.69 2.52
N ASP F 250 3.67 -37.90 1.96
CA ASP F 250 3.76 -39.18 2.68
C ASP F 250 4.99 -39.31 3.60
N SER F 251 6.17 -38.81 3.21
CA SER F 251 7.39 -38.89 4.05
C SER F 251 7.28 -38.04 5.34
N ILE F 252 6.36 -37.05 5.30
CA ILE F 252 5.98 -36.09 6.34
C ILE F 252 4.80 -36.63 7.15
N GLN F 253 3.94 -37.44 6.54
CA GLN F 253 2.83 -38.05 7.25
C GLN F 253 3.46 -39.12 8.16
N SER F 254 4.41 -39.92 7.60
CA SER F 254 5.15 -41.05 8.23
C SER F 254 6.02 -40.70 9.46
N ALA F 255 6.34 -39.41 9.70
CA ALA F 255 7.21 -39.01 10.81
C ALA F 255 6.42 -38.65 12.05
N THR F 256 5.44 -37.77 11.82
CA THR F 256 4.57 -37.20 12.83
C THR F 256 3.28 -38.00 13.08
N ARG F 257 2.96 -38.19 14.37
CA ARG F 257 1.70 -38.75 14.89
C ARG F 257 1.36 -37.86 16.07
N GLY F 258 2.36 -37.67 16.93
CA GLY F 258 2.30 -36.79 18.08
C GLY F 258 1.34 -37.21 19.16
N ILE F 259 1.42 -36.49 20.27
CA ILE F 259 0.62 -36.72 21.45
C ILE F 259 -0.67 -35.90 21.37
N THR F 260 -1.74 -36.40 22.00
CA THR F 260 -3.02 -35.71 22.00
C THR F 260 -2.91 -34.50 22.93
N ARG F 261 -3.40 -33.33 22.48
CA ARG F 261 -3.43 -32.12 23.29
C ARG F 261 -4.84 -31.60 23.45
N MET G 4 66.61 -65.12 2.71
CA MET G 4 66.96 -63.81 2.13
C MET G 4 65.71 -63.07 1.55
N SER G 5 64.50 -63.51 1.98
CA SER G 5 63.18 -63.04 1.54
C SER G 5 62.78 -61.63 2.00
N LEU G 6 62.64 -60.69 1.05
CA LEU G 6 62.18 -59.34 1.34
C LEU G 6 60.68 -59.33 1.11
N ILE G 7 60.24 -60.15 0.13
CA ILE G 7 58.84 -60.34 -0.22
C ILE G 7 58.36 -61.62 0.48
N ASP G 8 57.46 -61.45 1.49
CA ASP G 8 56.89 -62.52 2.31
C ASP G 8 56.14 -63.55 1.46
N PRO G 9 56.43 -64.86 1.62
CA PRO G 9 55.78 -65.87 0.78
C PRO G 9 54.25 -65.90 0.78
N ARG G 10 53.61 -65.21 1.76
CA ARG G 10 52.14 -65.14 1.87
C ARG G 10 51.57 -64.07 0.96
N ALA G 11 52.38 -63.06 0.60
CA ALA G 11 52.05 -61.94 -0.31
C ALA G 11 51.91 -62.42 -1.75
N ILE G 12 51.15 -61.66 -2.57
CA ILE G 12 50.90 -61.94 -3.98
C ILE G 12 51.51 -60.82 -4.81
N ILE G 13 52.40 -61.17 -5.74
CA ILE G 13 53.04 -60.17 -6.60
C ILE G 13 52.70 -60.48 -8.06
N ASP G 14 51.82 -59.64 -8.67
CA ASP G 14 51.39 -59.79 -10.06
C ASP G 14 52.56 -59.75 -11.03
N PRO G 15 52.62 -60.66 -12.04
CA PRO G 15 53.72 -60.64 -13.02
C PRO G 15 54.00 -59.29 -13.71
N SER G 16 53.03 -58.33 -13.65
CA SER G 16 53.05 -56.99 -14.26
C SER G 16 53.65 -55.95 -13.32
N ALA G 17 53.55 -56.20 -12.01
CA ALA G 17 54.12 -55.34 -10.99
C ALA G 17 55.65 -55.40 -11.11
N ARG G 18 56.31 -54.25 -10.95
CA ARG G 18 57.77 -54.12 -11.05
C ARG G 18 58.33 -53.61 -9.73
N LEU G 19 59.16 -54.44 -9.05
CA LEU G 19 59.70 -54.17 -7.71
C LEU G 19 61.21 -54.01 -7.71
N ALA G 20 61.71 -52.96 -7.01
CA ALA G 20 63.09 -52.48 -7.01
C ALA G 20 64.16 -53.27 -6.23
N ALA G 21 64.02 -54.62 -6.16
CA ALA G 21 64.95 -55.62 -5.58
C ALA G 21 65.37 -55.39 -4.10
N ASP G 22 64.81 -54.36 -3.43
CA ASP G 22 65.04 -54.01 -2.02
C ASP G 22 63.72 -53.56 -1.35
N VAL G 23 62.61 -53.64 -2.12
CA VAL G 23 61.24 -53.36 -1.68
C VAL G 23 60.86 -54.54 -0.77
N GLN G 24 60.00 -54.30 0.23
CA GLN G 24 59.51 -55.36 1.11
C GLN G 24 58.02 -55.45 1.01
N VAL G 25 57.52 -56.67 1.00
CA VAL G 25 56.08 -56.89 0.92
C VAL G 25 55.71 -57.91 1.98
N GLY G 26 55.04 -57.44 3.03
CA GLY G 26 54.56 -58.25 4.14
C GLY G 26 53.55 -59.35 3.78
N PRO G 27 53.29 -60.30 4.72
CA PRO G 27 52.34 -61.39 4.44
C PRO G 27 50.93 -60.92 4.11
N TRP G 28 50.24 -61.65 3.21
CA TRP G 28 48.85 -61.41 2.80
C TRP G 28 48.60 -60.02 2.15
N SER G 29 49.59 -59.52 1.42
CA SER G 29 49.48 -58.26 0.71
C SER G 29 49.44 -58.50 -0.80
N ILE G 30 48.55 -57.76 -1.53
CA ILE G 30 48.43 -57.93 -2.98
C ILE G 30 49.13 -56.81 -3.74
N VAL G 31 50.17 -57.13 -4.50
CA VAL G 31 50.84 -56.15 -5.35
C VAL G 31 50.28 -56.45 -6.75
N GLY G 32 49.21 -55.74 -7.09
CA GLY G 32 48.47 -55.88 -8.35
C GLY G 32 49.22 -55.53 -9.61
N ALA G 33 48.57 -55.78 -10.79
CA ALA G 33 49.15 -55.50 -12.13
C ALA G 33 49.36 -54.02 -12.35
N GLU G 34 50.38 -53.66 -13.16
CA GLU G 34 50.75 -52.27 -13.48
C GLU G 34 51.01 -51.41 -12.19
N VAL G 35 51.51 -52.08 -11.11
CA VAL G 35 51.92 -51.48 -9.83
C VAL G 35 53.47 -51.46 -9.85
N GLU G 36 54.05 -50.27 -9.71
CA GLU G 36 55.48 -50.09 -9.75
C GLU G 36 55.94 -49.51 -8.43
N ILE G 37 56.83 -50.21 -7.74
CA ILE G 37 57.33 -49.77 -6.45
C ILE G 37 58.84 -49.55 -6.58
N GLY G 38 59.35 -48.48 -5.96
CA GLY G 38 60.76 -48.11 -5.99
C GLY G 38 61.61 -48.48 -4.79
N GLU G 39 62.92 -48.21 -4.91
CA GLU G 39 63.98 -48.50 -3.95
C GLU G 39 63.66 -48.10 -2.53
N GLY G 40 63.81 -49.03 -1.59
CA GLY G 40 63.63 -48.77 -0.16
C GLY G 40 62.22 -48.79 0.43
N THR G 41 61.17 -48.82 -0.44
CA THR G 41 59.76 -48.89 -0.03
C THR G 41 59.51 -50.18 0.77
N VAL G 42 58.57 -50.11 1.73
CA VAL G 42 58.13 -51.22 2.57
C VAL G 42 56.61 -51.25 2.58
N ILE G 43 56.04 -52.39 2.17
CA ILE G 43 54.59 -52.66 2.17
C ILE G 43 54.33 -53.61 3.34
N GLY G 44 53.45 -53.20 4.25
CA GLY G 44 53.13 -53.96 5.45
C GLY G 44 52.25 -55.17 5.17
N PRO G 45 51.74 -55.89 6.20
CA PRO G 45 50.85 -57.02 5.91
C PRO G 45 49.48 -56.51 5.49
N HIS G 46 48.67 -57.34 4.82
CA HIS G 46 47.29 -57.04 4.43
C HIS G 46 47.12 -55.73 3.70
N VAL G 47 48.01 -55.45 2.77
CA VAL G 47 47.91 -54.20 2.00
C VAL G 47 47.44 -54.55 0.59
N VAL G 48 46.50 -53.77 0.07
CA VAL G 48 46.04 -54.02 -1.29
C VAL G 48 46.47 -52.88 -2.20
N LEU G 49 47.31 -53.20 -3.18
CA LEU G 49 47.80 -52.23 -4.15
C LEU G 49 47.28 -52.63 -5.55
N LYS G 50 46.62 -51.68 -6.23
CA LYS G 50 46.05 -51.85 -7.57
C LYS G 50 46.72 -50.82 -8.50
N GLY G 51 46.76 -51.11 -9.81
CA GLY G 51 47.39 -50.22 -10.78
C GLY G 51 46.50 -49.75 -11.91
N PRO G 52 46.97 -48.89 -12.87
CA PRO G 52 48.32 -48.29 -13.06
C PRO G 52 48.76 -47.37 -11.92
N THR G 53 49.79 -47.79 -11.15
CA THR G 53 50.27 -47.02 -10.00
C THR G 53 51.77 -47.01 -9.94
N LYS G 54 52.39 -45.81 -9.79
CA LYS G 54 53.83 -45.64 -9.61
C LYS G 54 54.02 -45.24 -8.14
N ILE G 55 54.92 -45.92 -7.42
CA ILE G 55 55.22 -45.68 -6.00
C ILE G 55 56.70 -45.46 -5.92
N GLY G 56 57.07 -44.36 -5.29
CA GLY G 56 58.45 -43.89 -5.16
C GLY G 56 59.38 -44.68 -4.28
N LYS G 57 60.40 -43.97 -3.74
CA LYS G 57 61.45 -44.50 -2.87
C LYS G 57 61.12 -44.31 -1.38
N HIS G 58 61.66 -45.21 -0.56
CA HIS G 58 61.60 -45.17 0.89
C HIS G 58 60.23 -44.87 1.52
N ASN G 59 59.14 -45.26 0.85
CA ASN G 59 57.79 -45.10 1.42
C ASN G 59 57.58 -46.22 2.44
N ARG G 60 56.59 -46.05 3.32
CA ARG G 60 56.17 -47.04 4.29
C ARG G 60 54.64 -47.01 4.19
N ILE G 61 54.01 -48.16 3.82
CA ILE G 61 52.54 -48.33 3.67
C ILE G 61 52.01 -49.40 4.63
N TYR G 62 51.22 -48.97 5.62
CA TYR G 62 50.66 -49.82 6.67
C TYR G 62 49.45 -50.69 6.29
N GLN G 63 49.18 -51.70 7.14
CA GLN G 63 48.13 -52.71 7.02
C GLN G 63 46.72 -52.19 6.72
N PHE G 64 45.98 -52.96 5.89
CA PHE G 64 44.57 -52.76 5.54
C PHE G 64 44.28 -51.55 4.64
N SER G 65 45.30 -51.02 3.97
CA SER G 65 45.13 -49.88 3.06
C SER G 65 44.84 -50.37 1.64
N SER G 66 43.92 -49.68 0.93
CA SER G 66 43.58 -49.95 -0.47
C SER G 66 44.11 -48.73 -1.26
N VAL G 67 45.33 -48.87 -1.84
CA VAL G 67 46.09 -47.82 -2.53
C VAL G 67 46.16 -48.13 -4.03
N GLY G 68 45.45 -47.32 -4.84
CA GLY G 68 45.38 -47.49 -6.29
C GLY G 68 44.10 -48.12 -6.82
N GLU G 69 43.02 -48.06 -6.07
CA GLU G 69 41.75 -48.65 -6.49
C GLU G 69 40.98 -47.66 -7.37
N ASP G 70 40.02 -48.17 -8.16
CA ASP G 70 39.13 -47.35 -8.99
C ASP G 70 38.25 -46.56 -8.01
N THR G 71 37.92 -45.25 -8.29
CA THR G 71 37.01 -44.51 -7.40
C THR G 71 35.62 -45.11 -7.60
N PRO G 72 34.79 -45.20 -6.53
CA PRO G 72 33.44 -45.72 -6.73
C PRO G 72 32.56 -44.72 -7.48
N ASP G 73 33.10 -43.49 -7.79
CA ASP G 73 32.39 -42.43 -8.50
C ASP G 73 31.81 -42.94 -9.79
N LEU G 74 30.53 -42.64 -10.00
CA LEU G 74 29.70 -43.09 -11.13
C LEU G 74 30.07 -42.47 -12.47
N LYS G 75 30.99 -41.47 -12.46
CA LYS G 75 31.51 -40.81 -13.67
C LYS G 75 32.64 -41.70 -14.26
N TYR G 76 33.39 -42.41 -13.38
CA TYR G 76 34.46 -43.30 -13.76
C TYR G 76 33.86 -44.49 -14.45
N LYS G 77 34.37 -44.79 -15.66
CA LYS G 77 33.85 -45.90 -16.43
C LYS G 77 34.97 -46.85 -16.96
N GLY G 78 35.86 -47.31 -16.08
CA GLY G 78 36.89 -48.28 -16.39
C GLY G 78 38.27 -47.81 -16.85
N GLU G 79 38.31 -46.68 -17.60
CA GLU G 79 39.47 -45.98 -18.19
C GLU G 79 40.82 -46.24 -17.44
N PRO G 80 41.93 -46.62 -18.13
CA PRO G 80 43.20 -46.89 -17.42
C PRO G 80 43.94 -45.64 -16.92
N THR G 81 43.35 -45.06 -15.88
CA THR G 81 43.80 -43.86 -15.22
C THR G 81 44.84 -44.25 -14.17
N ARG G 82 45.67 -43.30 -13.73
CA ARG G 82 46.78 -43.59 -12.84
C ARG G 82 46.74 -42.97 -11.48
N LEU G 83 47.65 -43.46 -10.63
CA LEU G 83 47.99 -42.97 -9.31
C LEU G 83 49.49 -42.86 -9.36
N VAL G 84 50.04 -41.84 -8.71
CA VAL G 84 51.47 -41.61 -8.63
C VAL G 84 51.81 -41.17 -7.21
N ILE G 85 52.70 -41.93 -6.54
CA ILE G 85 53.14 -41.66 -5.18
C ILE G 85 54.63 -41.45 -5.17
N GLY G 86 55.05 -40.33 -4.61
CA GLY G 86 56.44 -39.92 -4.55
C GLY G 86 57.26 -40.66 -3.52
N ASP G 87 58.31 -39.99 -3.03
CA ASP G 87 59.29 -40.51 -2.08
C ASP G 87 58.99 -40.21 -0.63
N HIS G 88 59.58 -41.01 0.26
CA HIS G 88 59.56 -40.91 1.70
C HIS G 88 58.18 -40.67 2.33
N ASN G 89 57.10 -41.08 1.65
CA ASN G 89 55.76 -40.92 2.21
C ASN G 89 55.46 -42.01 3.24
N VAL G 90 54.58 -41.70 4.19
CA VAL G 90 54.10 -42.65 5.21
C VAL G 90 52.58 -42.70 5.10
N ILE G 91 52.07 -43.82 4.59
CA ILE G 91 50.65 -44.06 4.44
C ILE G 91 50.31 -45.05 5.57
N ARG G 92 49.53 -44.58 6.55
CA ARG G 92 49.21 -45.36 7.73
C ARG G 92 48.11 -46.39 7.46
N GLU G 93 47.59 -47.03 8.53
CA GLU G 93 46.60 -48.11 8.40
C GLU G 93 45.28 -47.68 7.78
N GLY G 94 44.65 -48.62 7.10
CA GLY G 94 43.38 -48.47 6.41
C GLY G 94 43.18 -47.23 5.56
N VAL G 95 44.27 -46.67 4.98
CA VAL G 95 44.21 -45.47 4.14
C VAL G 95 43.61 -45.81 2.76
N THR G 96 42.71 -44.94 2.26
CA THR G 96 42.09 -45.14 0.97
C THR G 96 42.69 -44.16 -0.06
N ILE G 97 43.35 -44.67 -1.11
CA ILE G 97 43.88 -43.79 -2.14
C ILE G 97 43.34 -44.30 -3.46
N HIS G 98 42.64 -43.45 -4.21
CA HIS G 98 42.02 -43.82 -5.48
C HIS G 98 42.68 -43.19 -6.70
N ARG G 99 42.72 -43.93 -7.82
CA ARG G 99 43.29 -43.43 -9.08
C ARG G 99 42.35 -42.42 -9.76
N GLY G 100 42.92 -41.59 -10.65
CA GLY G 100 42.22 -40.54 -11.36
C GLY G 100 41.11 -40.98 -12.31
N THR G 101 40.50 -39.98 -13.03
CA THR G 101 39.44 -40.12 -14.04
C THR G 101 39.82 -39.21 -15.22
N VAL G 102 39.43 -39.57 -16.46
CA VAL G 102 39.78 -38.80 -17.67
C VAL G 102 39.07 -37.44 -17.70
N GLN G 103 38.06 -37.30 -16.86
CA GLN G 103 37.28 -36.08 -16.67
C GLN G 103 38.17 -34.92 -16.19
N ASP G 104 39.32 -35.22 -15.53
CA ASP G 104 40.26 -34.22 -15.04
C ASP G 104 41.55 -34.34 -15.82
N ARG G 105 42.54 -35.08 -15.29
CA ARG G 105 43.85 -35.26 -15.92
C ARG G 105 44.26 -36.74 -15.85
N ALA G 106 43.28 -37.62 -15.56
CA ALA G 106 43.42 -39.07 -15.42
C ALA G 106 44.56 -39.45 -14.48
N GLU G 107 44.68 -38.75 -13.34
CA GLU G 107 45.75 -39.02 -12.38
C GLU G 107 45.54 -38.42 -11.03
N THR G 108 45.87 -39.23 -9.99
CA THR G 108 45.94 -38.87 -8.57
C THR G 108 47.45 -38.76 -8.27
N THR G 109 47.88 -37.65 -7.68
CA THR G 109 49.31 -37.41 -7.41
C THR G 109 49.58 -37.10 -5.94
N ILE G 110 50.66 -37.68 -5.38
CA ILE G 110 51.17 -37.50 -4.01
C ILE G 110 52.68 -37.31 -4.13
N GLY G 111 53.17 -36.25 -3.49
CA GLY G 111 54.57 -35.86 -3.52
C GLY G 111 55.45 -36.59 -2.55
N ASP G 112 56.45 -35.90 -2.03
CA ASP G 112 57.39 -36.51 -1.11
C ASP G 112 57.21 -36.07 0.32
N HIS G 113 57.56 -36.96 1.26
CA HIS G 113 57.55 -36.72 2.69
C HIS G 113 56.20 -36.36 3.26
N ASN G 114 55.15 -37.00 2.76
CA ASN G 114 53.82 -36.74 3.30
C ASN G 114 53.43 -37.81 4.34
N LEU G 115 52.84 -37.38 5.47
CA LEU G 115 52.36 -38.30 6.53
C LEU G 115 50.84 -38.36 6.43
N ILE G 116 50.31 -39.49 5.93
CA ILE G 116 48.88 -39.74 5.76
C ILE G 116 48.40 -40.74 6.88
N MET G 117 47.82 -40.21 7.97
CA MET G 117 47.43 -40.99 9.14
C MET G 117 46.21 -41.89 8.89
N ALA G 118 45.97 -42.85 9.81
CA ALA G 118 44.92 -43.87 9.77
C ALA G 118 43.57 -43.45 9.14
N TYR G 119 42.96 -44.41 8.41
CA TYR G 119 41.66 -44.42 7.74
C TYR G 119 41.36 -43.18 6.83
N ALA G 120 42.35 -42.27 6.63
CA ALA G 120 42.24 -41.09 5.76
C ALA G 120 41.96 -41.51 4.31
N HIS G 121 41.22 -40.67 3.56
CA HIS G 121 40.86 -40.97 2.17
C HIS G 121 41.29 -39.85 1.23
N ILE G 122 42.11 -40.19 0.21
CA ILE G 122 42.60 -39.30 -0.86
C ILE G 122 41.84 -39.72 -2.15
N GLY G 123 40.72 -39.07 -2.42
CA GLY G 123 39.86 -39.40 -3.57
C GLY G 123 40.46 -39.00 -4.88
N HIS G 124 40.02 -39.68 -5.98
CA HIS G 124 40.43 -39.49 -7.38
C HIS G 124 40.86 -38.09 -7.76
N ASP G 125 41.88 -37.95 -8.62
CA ASP G 125 42.36 -36.66 -9.17
C ASP G 125 42.89 -35.62 -8.15
N SER G 126 43.14 -36.05 -6.90
CA SER G 126 43.69 -35.18 -5.87
C SER G 126 45.17 -34.97 -6.10
N VAL G 127 45.68 -33.79 -5.80
CA VAL G 127 47.09 -33.50 -6.00
C VAL G 127 47.64 -33.15 -4.62
N ILE G 128 48.74 -33.79 -4.17
CA ILE G 128 49.37 -33.51 -2.87
C ILE G 128 50.86 -33.18 -3.02
N GLY G 129 51.28 -32.07 -2.42
CA GLY G 129 52.66 -31.60 -2.45
C GLY G 129 53.57 -32.32 -1.48
N ASN G 130 54.37 -31.56 -0.72
CA ASN G 130 55.31 -32.16 0.21
C ASN G 130 55.04 -31.77 1.65
N HIS G 131 55.52 -32.60 2.59
CA HIS G 131 55.39 -32.39 4.04
C HIS G 131 53.98 -32.06 4.55
N CYS G 132 52.97 -32.67 3.92
CA CYS G 132 51.57 -32.54 4.29
C CYS G 132 51.24 -33.58 5.36
N ILE G 133 50.64 -33.16 6.48
CA ILE G 133 50.19 -34.09 7.51
C ILE G 133 48.68 -34.17 7.28
N LEU G 134 48.19 -35.38 7.01
CA LEU G 134 46.76 -35.66 6.82
C LEU G 134 46.33 -36.59 7.93
N VAL G 135 46.04 -35.99 9.11
CA VAL G 135 45.60 -36.64 10.36
C VAL G 135 44.38 -37.56 10.06
N ASN G 136 44.12 -38.54 10.94
CA ASN G 136 43.07 -39.56 10.85
C ASN G 136 41.78 -39.17 10.16
N ASN G 137 41.29 -40.05 9.29
CA ASN G 137 40.02 -39.96 8.55
C ASN G 137 39.80 -38.62 7.80
N THR G 138 40.88 -37.91 7.44
CA THR G 138 40.79 -36.70 6.60
C THR G 138 40.23 -37.22 5.25
N ALA G 139 39.20 -36.56 4.70
CA ALA G 139 38.65 -37.03 3.43
C ALA G 139 38.72 -36.00 2.31
N LEU G 140 39.33 -36.35 1.19
CA LEU G 140 39.45 -35.49 0.00
C LEU G 140 38.46 -36.03 -1.06
N ALA G 141 37.33 -35.33 -1.23
CA ALA G 141 36.24 -35.73 -2.13
C ALA G 141 36.63 -36.05 -3.56
N GLY G 142 37.67 -35.41 -4.03
CA GLY G 142 38.16 -35.54 -5.39
C GLY G 142 38.56 -34.22 -5.98
N HIS G 143 39.50 -34.23 -6.91
CA HIS G 143 40.04 -33.02 -7.55
C HIS G 143 40.62 -32.01 -6.55
N VAL G 144 40.73 -32.41 -5.24
CA VAL G 144 41.26 -31.60 -4.14
C VAL G 144 42.77 -31.51 -4.28
N HIS G 145 43.32 -30.27 -4.32
CA HIS G 145 44.73 -29.93 -4.47
C HIS G 145 45.26 -29.40 -3.14
N VAL G 146 46.16 -30.16 -2.50
CA VAL G 146 46.75 -29.82 -1.20
C VAL G 146 48.22 -29.45 -1.42
N ASP G 147 48.60 -28.20 -1.13
CA ASP G 147 49.95 -27.65 -1.31
C ASP G 147 50.89 -27.96 -0.12
N ASP G 148 52.21 -27.74 -0.32
CA ASP G 148 53.30 -28.02 0.64
C ASP G 148 53.06 -27.51 2.08
N TRP G 149 53.31 -28.39 3.06
CA TRP G 149 53.26 -28.17 4.51
C TRP G 149 51.89 -27.84 5.10
N ALA G 150 50.81 -28.11 4.35
CA ALA G 150 49.44 -27.95 4.87
C ALA G 150 49.24 -29.00 5.96
N ILE G 151 48.42 -28.71 6.96
CA ILE G 151 48.13 -29.68 8.02
C ILE G 151 46.61 -29.80 8.12
N LEU G 152 46.07 -30.96 7.73
CA LEU G 152 44.62 -31.16 7.84
C LEU G 152 44.38 -32.01 9.09
N SER G 153 43.69 -31.44 10.08
CA SER G 153 43.44 -32.13 11.34
C SER G 153 42.44 -33.31 11.22
N GLY G 154 42.30 -34.07 12.30
CA GLY G 154 41.46 -35.24 12.36
C GLY G 154 40.06 -35.04 11.83
N TYR G 155 39.68 -35.90 10.89
CA TYR G 155 38.37 -35.93 10.28
C TYR G 155 38.03 -34.68 9.49
N THR G 156 39.04 -34.06 8.82
CA THR G 156 38.85 -32.88 7.97
C THR G 156 38.29 -33.33 6.63
N LEU G 157 37.08 -32.86 6.31
CA LEU G 157 36.42 -33.24 5.07
C LEU G 157 36.52 -32.06 4.11
N VAL G 158 37.02 -32.32 2.90
CA VAL G 158 37.27 -31.31 1.86
C VAL G 158 36.37 -31.61 0.65
N HIS G 159 35.61 -30.60 0.17
CA HIS G 159 34.74 -30.76 -0.99
C HIS G 159 35.55 -30.90 -2.29
N GLN G 160 34.95 -31.50 -3.34
CA GLN G 160 35.58 -31.69 -4.65
C GLN G 160 36.10 -30.36 -5.22
N TYR G 161 37.10 -30.41 -6.12
CA TYR G 161 37.74 -29.29 -6.84
C TYR G 161 38.42 -28.21 -5.94
N CYS G 162 38.22 -28.29 -4.61
CA CYS G 162 38.77 -27.40 -3.59
C CYS G 162 40.29 -27.36 -3.58
N ARG G 163 40.84 -26.28 -3.04
CA ARG G 163 42.28 -26.12 -2.90
C ARG G 163 42.70 -25.72 -1.48
N ILE G 164 43.67 -26.48 -0.93
CA ILE G 164 44.27 -26.28 0.38
C ILE G 164 45.65 -25.65 0.12
N GLY G 165 45.86 -24.44 0.63
CA GLY G 165 47.09 -23.68 0.42
C GLY G 165 48.31 -24.14 1.19
N ALA G 166 49.50 -23.61 0.84
CA ALA G 166 50.76 -23.96 1.50
C ALA G 166 50.79 -23.45 2.94
N HIS G 167 51.20 -24.28 3.92
CA HIS G 167 51.28 -23.98 5.37
C HIS G 167 49.94 -23.71 6.02
N SER G 168 48.85 -23.84 5.25
CA SER G 168 47.49 -23.68 5.73
C SER G 168 47.18 -24.71 6.81
N PHE G 169 46.09 -24.52 7.54
CA PHE G 169 45.72 -25.45 8.61
C PHE G 169 44.21 -25.51 8.79
N SER G 170 43.67 -26.72 8.87
CA SER G 170 42.23 -26.90 9.14
C SER G 170 42.10 -27.60 10.50
N GLY G 171 41.15 -27.15 11.31
CA GLY G 171 40.91 -27.71 12.65
C GLY G 171 40.33 -29.12 12.65
N MET G 172 40.20 -29.76 13.84
CA MET G 172 39.63 -31.11 13.83
C MET G 172 38.16 -31.05 13.50
N GLY G 173 37.72 -32.00 12.68
CA GLY G 173 36.36 -32.09 12.19
C GLY G 173 35.89 -30.97 11.26
N SER G 174 36.83 -30.22 10.63
CA SER G 174 36.54 -29.14 9.66
C SER G 174 35.81 -29.66 8.41
N ALA G 175 34.95 -28.82 7.79
CA ALA G 175 34.23 -29.18 6.56
C ALA G 175 34.41 -28.13 5.44
N ILE G 176 35.63 -28.15 4.81
CA ILE G 176 36.09 -27.27 3.73
C ILE G 176 35.25 -27.49 2.47
N GLY G 177 34.73 -26.40 1.91
CA GLY G 177 33.89 -26.40 0.71
C GLY G 177 34.30 -25.37 -0.32
N LYS G 178 35.12 -24.38 0.11
CA LYS G 178 35.71 -23.30 -0.68
C LYS G 178 37.25 -23.33 -0.48
N ASP G 179 38.04 -22.81 -1.43
CA ASP G 179 39.51 -22.79 -1.31
C ASP G 179 40.03 -22.20 0.01
N VAL G 180 40.99 -22.89 0.66
CA VAL G 180 41.66 -22.44 1.88
C VAL G 180 42.97 -21.73 1.47
N PRO G 181 43.12 -20.40 1.74
CA PRO G 181 44.36 -19.73 1.34
C PRO G 181 45.60 -20.28 2.04
N ALA G 182 46.79 -19.92 1.50
CA ALA G 182 48.05 -20.34 2.09
C ALA G 182 48.17 -19.69 3.47
N TYR G 183 48.73 -20.43 4.42
CA TYR G 183 48.98 -20.06 5.82
C TYR G 183 47.74 -20.06 6.70
N VAL G 184 46.58 -19.68 6.15
CA VAL G 184 45.29 -19.50 6.85
C VAL G 184 44.81 -20.75 7.62
N THR G 185 44.29 -20.53 8.86
CA THR G 185 43.67 -21.56 9.69
C THR G 185 42.14 -21.48 9.50
N VAL G 186 41.48 -22.64 9.24
CA VAL G 186 40.02 -22.75 9.05
C VAL G 186 39.46 -23.70 10.09
N PHE G 187 38.24 -23.45 10.58
CA PHE G 187 37.63 -24.26 11.65
C PHE G 187 36.13 -24.57 11.49
N GLY G 188 35.71 -25.75 12.02
CA GLY G 188 34.34 -26.26 12.12
C GLY G 188 33.55 -26.54 10.85
N ASN G 189 32.29 -26.95 11.00
CA ASN G 189 31.43 -27.23 9.85
C ASN G 189 30.32 -26.16 9.78
N PRO G 190 30.30 -25.32 8.70
CA PRO G 190 31.25 -25.30 7.56
C PRO G 190 32.50 -24.48 7.87
N ALA G 191 33.68 -24.93 7.40
CA ALA G 191 34.96 -24.23 7.65
C ALA G 191 34.90 -22.69 7.50
N GLU G 192 35.45 -21.96 8.50
CA GLU G 192 35.54 -20.50 8.57
C GLU G 192 36.97 -20.07 8.92
N ALA G 193 37.48 -18.98 8.31
CA ALA G 193 38.83 -18.46 8.59
C ALA G 193 38.94 -17.97 10.03
N ARG G 194 40.13 -18.13 10.64
CA ARG G 194 40.38 -17.74 12.03
C ARG G 194 41.60 -16.84 12.15
N SER G 195 42.77 -17.37 11.82
CA SER G 195 44.05 -16.65 11.83
C SER G 195 44.93 -17.36 10.81
N MET G 196 46.25 -17.43 11.07
CA MET G 196 47.22 -18.09 10.21
C MET G 196 48.15 -18.96 11.04
N ASN G 197 48.70 -20.02 10.42
CA ASN G 197 49.59 -21.01 11.05
C ASN G 197 50.95 -20.38 11.37
N PHE G 198 51.03 -19.53 12.42
CA PHE G 198 52.27 -18.85 12.83
C PHE G 198 53.32 -19.82 13.41
N GLU G 199 52.84 -20.91 14.04
CA GLU G 199 53.72 -21.95 14.58
C GLU G 199 54.38 -22.72 13.44
N GLY G 200 53.67 -22.80 12.33
CA GLY G 200 54.15 -23.39 11.09
C GLY G 200 55.20 -22.48 10.46
N MET G 201 55.02 -21.14 10.61
CA MET G 201 55.94 -20.11 10.09
C MET G 201 57.23 -20.12 10.92
N ARG G 202 57.12 -20.19 12.28
CA ARG G 202 58.29 -20.31 13.17
C ARG G 202 59.02 -21.63 12.82
N ARG G 203 58.25 -22.73 12.61
CA ARG G 203 58.73 -24.07 12.23
C ARG G 203 59.51 -24.06 10.90
N ARG G 204 59.26 -23.07 10.01
CA ARG G 204 59.93 -22.97 8.71
C ARG G 204 60.94 -21.79 8.65
N GLY G 205 61.34 -21.31 9.82
CA GLY G 205 62.33 -20.26 10.00
C GLY G 205 62.00 -18.97 9.28
N PHE G 206 60.74 -18.55 9.34
CA PHE G 206 60.27 -17.32 8.71
C PHE G 206 60.78 -16.12 9.46
N SER G 207 61.15 -15.08 8.69
CA SER G 207 61.65 -13.80 9.20
C SER G 207 60.60 -13.25 10.14
N SER G 208 61.01 -12.82 11.36
CA SER G 208 60.10 -12.22 12.35
C SER G 208 59.34 -11.10 11.65
N GLU G 209 60.07 -10.43 10.75
CA GLU G 209 59.71 -9.33 9.88
C GLU G 209 58.62 -9.74 8.83
N ALA G 210 58.68 -11.01 8.33
CA ALA G 210 57.74 -11.61 7.37
C ALA G 210 56.50 -12.21 8.04
N ILE G 211 56.66 -12.84 9.23
CA ILE G 211 55.55 -13.39 10.01
C ILE G 211 54.54 -12.25 10.24
N HIS G 212 55.03 -11.03 10.54
CA HIS G 212 54.18 -9.88 10.73
C HIS G 212 53.57 -9.45 9.42
N ALA G 213 54.36 -9.39 8.34
CA ALA G 213 53.87 -9.02 7.01
C ALA G 213 52.70 -9.92 6.51
N LEU G 214 52.61 -11.15 7.07
CA LEU G 214 51.56 -12.13 6.79
C LEU G 214 50.32 -11.89 7.64
N ARG G 215 50.48 -11.52 8.95
CA ARG G 215 49.32 -11.22 9.80
C ARG G 215 48.63 -9.99 9.22
N ARG G 216 49.44 -9.01 8.82
CA ARG G 216 49.01 -7.76 8.17
C ARG G 216 48.23 -8.12 6.90
N ALA G 217 48.70 -9.15 6.14
CA ALA G 217 48.07 -9.62 4.89
C ALA G 217 46.76 -10.35 5.08
N TYR G 218 46.61 -11.08 6.21
CA TYR G 218 45.36 -11.78 6.51
C TYR G 218 44.31 -10.74 6.75
N LYS G 219 44.59 -9.78 7.69
CA LYS G 219 43.74 -8.65 8.08
C LYS G 219 43.19 -7.92 6.85
N VAL G 220 44.06 -7.61 5.85
CA VAL G 220 43.72 -6.96 4.57
C VAL G 220 42.61 -7.73 3.84
N VAL G 221 42.76 -9.06 3.79
CA VAL G 221 41.81 -9.97 3.16
C VAL G 221 40.49 -10.07 3.97
N TYR G 222 40.57 -10.65 5.18
CA TYR G 222 39.43 -10.90 6.05
C TYR G 222 39.01 -9.70 6.94
N ARG G 223 39.64 -9.53 8.13
CA ARG G 223 39.38 -8.52 9.17
C ARG G 223 39.34 -7.00 8.73
N GLN G 224 39.28 -6.68 7.40
CA GLN G 224 39.30 -5.29 6.89
C GLN G 224 38.06 -4.83 6.10
N GLY G 225 37.33 -5.76 5.50
CA GLY G 225 36.14 -5.40 4.72
C GLY G 225 36.49 -4.87 3.36
N HIS G 226 37.08 -5.74 2.54
CA HIS G 226 37.49 -5.51 1.18
C HIS G 226 36.99 -6.66 0.37
N THR G 227 36.70 -6.42 -0.92
CA THR G 227 36.30 -7.50 -1.81
C THR G 227 37.49 -8.43 -1.98
N VAL G 228 37.26 -9.63 -2.52
CA VAL G 228 38.36 -10.57 -2.74
C VAL G 228 39.29 -9.93 -3.78
N GLU G 229 38.69 -9.28 -4.81
CA GLU G 229 39.39 -8.59 -5.88
C GLU G 229 40.12 -7.36 -5.36
N GLU G 230 39.52 -6.65 -4.38
CA GLU G 230 40.10 -5.45 -3.75
C GLU G 230 41.34 -5.76 -2.90
N ALA G 231 41.29 -6.87 -2.16
CA ALA G 231 42.39 -7.29 -1.29
C ALA G 231 43.61 -7.64 -2.12
N LEU G 232 43.41 -8.31 -3.27
CA LEU G 232 44.45 -8.75 -4.24
C LEU G 232 45.31 -7.61 -4.78
N ALA G 233 44.72 -6.41 -4.74
CA ALA G 233 45.29 -5.13 -5.18
C ALA G 233 46.13 -4.51 -4.05
N GLU G 234 45.62 -4.59 -2.82
CA GLU G 234 46.28 -4.09 -1.62
C GLU G 234 47.44 -5.03 -1.25
N LEU G 235 47.36 -6.27 -1.72
CA LEU G 235 48.41 -7.26 -1.44
C LEU G 235 49.57 -7.08 -2.39
N ALA G 236 49.31 -6.57 -3.61
CA ALA G 236 50.30 -6.31 -4.68
C ALA G 236 51.64 -5.74 -4.20
N GLU G 237 51.62 -4.79 -3.25
CA GLU G 237 52.83 -4.17 -2.71
C GLU G 237 53.52 -5.13 -1.72
N SER G 238 52.76 -5.59 -0.71
CA SER G 238 53.21 -6.49 0.36
C SER G 238 53.86 -7.75 -0.26
N ALA G 239 53.23 -8.30 -1.33
CA ALA G 239 53.63 -9.47 -2.10
C ALA G 239 54.90 -9.28 -2.88
N ALA G 240 55.20 -8.05 -3.29
CA ALA G 240 56.43 -7.74 -4.05
C ALA G 240 57.65 -7.74 -3.14
N GLN G 241 57.51 -7.17 -1.92
CA GLN G 241 58.57 -7.09 -0.89
C GLN G 241 58.81 -8.45 -0.28
N PHE G 242 57.73 -9.27 -0.10
CA PHE G 242 57.83 -10.58 0.56
C PHE G 242 57.47 -11.82 -0.28
N PRO G 243 58.47 -12.73 -0.52
CA PRO G 243 58.19 -13.97 -1.28
C PRO G 243 57.18 -14.90 -0.59
N GLU G 244 56.84 -14.60 0.68
CA GLU G 244 55.93 -15.38 1.52
C GLU G 244 54.52 -14.83 1.41
N VAL G 245 54.41 -13.50 1.31
CA VAL G 245 53.15 -12.79 1.11
C VAL G 245 52.74 -13.08 -0.36
N ALA G 246 53.74 -13.33 -1.24
CA ALA G 246 53.55 -13.69 -2.64
C ALA G 246 52.81 -15.05 -2.78
N VAL G 247 53.17 -16.04 -1.93
CA VAL G 247 52.53 -17.36 -1.84
C VAL G 247 51.04 -17.18 -1.52
N PHE G 248 50.76 -16.24 -0.62
CA PHE G 248 49.42 -15.91 -0.15
C PHE G 248 48.54 -15.22 -1.21
N ARG G 249 49.07 -14.20 -1.94
CA ARG G 249 48.29 -13.50 -2.98
C ARG G 249 47.91 -14.44 -4.11
N ASP G 250 48.88 -15.29 -4.53
CA ASP G 250 48.67 -16.27 -5.58
C ASP G 250 47.70 -17.35 -5.16
N SER G 251 47.57 -17.61 -3.84
CA SER G 251 46.62 -18.61 -3.34
C SER G 251 45.17 -18.13 -3.45
N ILE G 252 44.97 -16.79 -3.46
CA ILE G 252 43.68 -16.07 -3.56
C ILE G 252 43.31 -15.74 -5.04
N GLN G 253 44.31 -15.26 -5.83
CA GLN G 253 44.19 -14.92 -7.25
C GLN G 253 43.68 -16.11 -8.06
N SER G 254 44.08 -17.36 -7.65
CA SER G 254 43.77 -18.67 -8.23
C SER G 254 42.41 -19.26 -7.83
N ALA G 255 42.01 -19.03 -6.57
CA ALA G 255 40.74 -19.49 -5.99
C ALA G 255 39.54 -18.78 -6.60
N THR G 256 39.68 -17.46 -6.82
CA THR G 256 38.61 -16.60 -7.30
C THR G 256 38.90 -16.06 -8.75
N ARG G 257 38.03 -16.49 -9.73
CA ARG G 257 38.04 -16.09 -11.15
C ARG G 257 36.87 -15.13 -11.46
N GLY G 258 35.65 -15.66 -11.35
CA GLY G 258 34.42 -14.92 -11.52
C GLY G 258 33.81 -14.88 -12.91
N ILE G 259 32.54 -14.45 -12.93
CA ILE G 259 31.71 -14.22 -14.11
C ILE G 259 31.67 -12.70 -14.36
N THR G 260 31.70 -12.28 -15.64
CA THR G 260 31.63 -10.89 -16.08
C THR G 260 30.25 -10.29 -15.72
N ARG G 261 30.21 -9.21 -14.88
CA ARG G 261 28.97 -8.53 -14.48
C ARG G 261 28.96 -7.07 -14.84
N MET H 4 -27.36 15.78 -88.27
CA MET H 4 -26.56 15.12 -87.23
C MET H 4 -27.44 14.39 -86.18
N SER H 5 -26.85 13.33 -85.57
CA SER H 5 -27.43 12.50 -84.51
C SER H 5 -26.88 13.02 -83.17
N LEU H 6 -27.58 12.69 -82.06
CA LEU H 6 -27.21 13.12 -80.70
C LEU H 6 -26.11 12.21 -80.15
N ILE H 7 -26.08 10.97 -80.63
CA ILE H 7 -25.06 10.01 -80.27
C ILE H 7 -23.87 10.24 -81.23
N ASP H 8 -22.71 10.63 -80.67
CA ASP H 8 -21.46 10.90 -81.39
C ASP H 8 -20.98 9.68 -82.18
N PRO H 9 -20.28 9.88 -83.33
CA PRO H 9 -19.78 8.71 -84.10
C PRO H 9 -18.57 8.02 -83.45
N ARG H 10 -17.94 8.70 -82.48
CA ARG H 10 -16.77 8.22 -81.77
C ARG H 10 -17.14 7.41 -80.57
N ALA H 11 -18.44 7.46 -80.17
CA ALA H 11 -19.07 6.76 -79.02
C ALA H 11 -19.45 5.30 -79.32
N ILE H 12 -19.46 4.45 -78.24
CA ILE H 12 -19.81 3.02 -78.26
C ILE H 12 -21.10 2.85 -77.47
N ILE H 13 -22.17 2.34 -78.10
CA ILE H 13 -23.48 2.09 -77.48
C ILE H 13 -23.75 0.56 -77.62
N ASP H 14 -23.56 -0.23 -76.52
CA ASP H 14 -23.74 -1.69 -76.54
C ASP H 14 -25.16 -2.06 -76.98
N PRO H 15 -25.31 -3.03 -77.95
CA PRO H 15 -26.65 -3.39 -78.47
C PRO H 15 -27.79 -3.63 -77.48
N SER H 16 -27.43 -3.93 -76.19
CA SER H 16 -28.33 -4.20 -75.05
C SER H 16 -28.46 -3.00 -74.08
N ALA H 17 -28.19 -1.80 -74.59
CA ALA H 17 -28.38 -0.56 -73.88
C ALA H 17 -29.63 0.08 -74.50
N ARG H 18 -30.50 0.66 -73.65
CA ARG H 18 -31.74 1.32 -74.08
C ARG H 18 -31.64 2.85 -73.86
N LEU H 19 -31.78 3.62 -74.96
CA LEU H 19 -31.71 5.08 -74.96
C LEU H 19 -33.02 5.68 -75.49
N ALA H 20 -33.47 6.83 -74.97
CA ALA H 20 -34.72 7.47 -75.42
C ALA H 20 -34.48 8.69 -76.33
N ALA H 21 -34.31 8.43 -77.65
CA ALA H 21 -34.06 9.35 -78.79
C ALA H 21 -33.14 10.56 -78.48
N ASP H 22 -33.68 11.60 -77.75
CA ASP H 22 -33.01 12.87 -77.38
C ASP H 22 -31.85 12.73 -76.35
N VAL H 23 -31.50 11.48 -76.00
CA VAL H 23 -30.36 11.15 -75.14
C VAL H 23 -29.12 11.45 -75.98
N GLN H 24 -28.19 12.22 -75.41
CA GLN H 24 -26.96 12.57 -76.09
C GLN H 24 -25.80 11.78 -75.53
N VAL H 25 -24.91 11.33 -76.40
CA VAL H 25 -23.70 10.63 -76.00
C VAL H 25 -22.54 11.27 -76.76
N GLY H 26 -21.54 11.71 -76.00
CA GLY H 26 -20.34 12.38 -76.51
C GLY H 26 -19.28 11.45 -77.09
N PRO H 27 -18.21 12.01 -77.66
CA PRO H 27 -17.16 11.18 -78.27
C PRO H 27 -16.32 10.32 -77.33
N TRP H 28 -16.03 9.08 -77.77
CA TRP H 28 -15.19 8.11 -77.06
C TRP H 28 -15.76 7.72 -75.71
N SER H 29 -17.09 7.80 -75.59
CA SER H 29 -17.87 7.45 -74.42
C SER H 29 -18.37 6.02 -74.63
N ILE H 30 -18.56 5.22 -73.56
CA ILE H 30 -19.05 3.84 -73.70
C ILE H 30 -20.32 3.63 -72.92
N VAL H 31 -21.42 3.32 -73.59
CA VAL H 31 -22.72 3.03 -72.96
C VAL H 31 -22.81 1.52 -73.01
N GLY H 32 -22.54 0.91 -71.86
CA GLY H 32 -22.46 -0.52 -71.67
C GLY H 32 -23.72 -1.33 -71.91
N ALA H 33 -23.63 -2.61 -71.57
CA ALA H 33 -24.75 -3.51 -71.67
C ALA H 33 -25.59 -3.26 -70.44
N GLU H 34 -26.90 -3.48 -70.54
CA GLU H 34 -27.85 -3.33 -69.45
C GLU H 34 -27.94 -1.88 -68.90
N VAL H 35 -27.47 -0.90 -69.70
CA VAL H 35 -27.56 0.52 -69.35
C VAL H 35 -28.84 1.11 -69.97
N GLU H 36 -29.65 1.77 -69.12
CA GLU H 36 -30.91 2.40 -69.46
C GLU H 36 -30.76 3.89 -69.25
N ILE H 37 -30.75 4.69 -70.33
CA ILE H 37 -30.61 6.16 -70.25
C ILE H 37 -31.89 6.79 -70.76
N GLY H 38 -32.51 7.57 -69.88
CA GLY H 38 -33.81 8.19 -70.09
C GLY H 38 -33.84 9.55 -70.73
N GLU H 39 -34.98 9.82 -71.41
CA GLU H 39 -35.39 11.02 -72.14
C GLU H 39 -34.72 12.30 -71.65
N GLY H 40 -33.89 12.92 -72.49
CA GLY H 40 -33.25 14.20 -72.20
C GLY H 40 -31.90 14.22 -71.49
N THR H 41 -31.37 13.04 -71.05
CA THR H 41 -30.06 12.95 -70.38
C THR H 41 -28.90 13.25 -71.39
N VAL H 42 -27.77 13.82 -70.89
CA VAL H 42 -26.57 14.18 -71.65
C VAL H 42 -25.35 13.47 -71.07
N ILE H 43 -24.77 12.57 -71.86
CA ILE H 43 -23.55 11.84 -71.51
C ILE H 43 -22.43 12.48 -72.31
N GLY H 44 -21.41 12.98 -71.61
CA GLY H 44 -20.28 13.67 -72.23
C GLY H 44 -19.28 12.76 -72.90
N PRO H 45 -18.10 13.30 -73.25
CA PRO H 45 -17.05 12.47 -73.87
C PRO H 45 -16.28 11.69 -72.81
N HIS H 46 -15.56 10.65 -73.21
CA HIS H 46 -14.77 9.83 -72.29
C HIS H 46 -15.52 9.45 -71.03
N VAL H 47 -16.79 9.03 -71.14
CA VAL H 47 -17.58 8.62 -69.96
C VAL H 47 -17.74 7.10 -70.10
N VAL H 48 -17.52 6.36 -69.02
CA VAL H 48 -17.67 4.90 -69.03
C VAL H 48 -18.95 4.52 -68.26
N LEU H 49 -20.04 4.16 -68.97
CA LEU H 49 -21.32 3.72 -68.37
C LEU H 49 -21.44 2.20 -68.46
N LYS H 50 -21.49 1.49 -67.30
CA LYS H 50 -21.61 0.03 -67.21
C LYS H 50 -22.91 -0.35 -66.48
N GLY H 51 -23.58 -1.41 -66.94
CA GLY H 51 -24.83 -1.87 -66.36
C GLY H 51 -24.71 -3.09 -65.47
N PRO H 52 -25.81 -3.59 -64.81
CA PRO H 52 -27.22 -3.13 -64.84
C PRO H 52 -27.41 -1.76 -64.21
N THR H 53 -27.75 -0.74 -65.03
CA THR H 53 -27.93 0.64 -64.56
C THR H 53 -29.13 1.32 -65.22
N LYS H 54 -29.90 2.05 -64.42
CA LYS H 54 -31.06 2.80 -64.86
C LYS H 54 -30.81 4.27 -64.53
N ILE H 55 -30.59 5.12 -65.55
CA ILE H 55 -30.39 6.57 -65.40
C ILE H 55 -31.67 7.24 -65.90
N GLY H 56 -32.18 8.18 -65.13
CA GLY H 56 -33.41 8.90 -65.42
C GLY H 56 -33.35 9.91 -66.55
N LYS H 57 -34.26 10.88 -66.49
CA LYS H 57 -34.44 11.97 -67.45
C LYS H 57 -33.63 13.20 -67.04
N HIS H 58 -33.17 13.95 -68.04
CA HIS H 58 -32.46 15.23 -67.92
C HIS H 58 -31.26 15.22 -66.95
N ASN H 59 -30.50 14.11 -66.92
CA ASN H 59 -29.28 14.05 -66.11
C ASN H 59 -28.10 14.59 -66.97
N ARG H 60 -27.00 15.04 -66.34
CA ARG H 60 -25.82 15.48 -67.07
C ARG H 60 -24.64 14.79 -66.43
N ILE H 61 -24.01 13.91 -67.21
CA ILE H 61 -22.82 13.17 -66.79
C ILE H 61 -21.62 13.76 -67.57
N TYR H 62 -20.64 14.28 -66.84
CA TYR H 62 -19.47 14.89 -67.45
C TYR H 62 -18.36 13.85 -67.70
N GLN H 63 -17.38 14.25 -68.54
CA GLN H 63 -16.21 13.51 -68.98
C GLN H 63 -15.37 12.90 -67.86
N PHE H 64 -14.93 11.66 -68.05
CA PHE H 64 -13.98 10.92 -67.18
C PHE H 64 -14.68 10.25 -66.00
N SER H 65 -16.01 10.12 -66.07
CA SER H 65 -16.82 9.44 -65.06
C SER H 65 -16.90 7.97 -65.36
N SER H 66 -16.76 7.11 -64.31
CA SER H 66 -16.88 5.64 -64.36
C SER H 66 -18.17 5.29 -63.56
N VAL H 67 -19.34 5.47 -64.20
CA VAL H 67 -20.65 5.27 -63.59
C VAL H 67 -21.23 3.87 -63.88
N GLY H 68 -21.55 3.12 -62.81
CA GLY H 68 -22.13 1.77 -62.88
C GLY H 68 -21.12 0.63 -62.85
N GLU H 69 -19.98 0.86 -62.21
CA GLU H 69 -18.88 -0.12 -62.15
C GLU H 69 -19.03 -1.16 -61.02
N ASP H 70 -18.35 -2.34 -61.12
CA ASP H 70 -18.33 -3.37 -60.07
C ASP H 70 -17.41 -2.87 -58.90
N THR H 71 -17.89 -2.68 -57.61
CA THR H 71 -17.01 -2.21 -56.50
C THR H 71 -15.75 -3.06 -56.37
N PRO H 72 -14.58 -2.48 -55.99
CA PRO H 72 -13.39 -3.33 -55.82
C PRO H 72 -13.45 -4.17 -54.55
N ASP H 73 -14.39 -3.83 -53.60
CA ASP H 73 -14.62 -4.50 -52.31
C ASP H 73 -14.59 -5.97 -52.55
N LEU H 74 -13.76 -6.66 -51.77
CA LEU H 74 -13.49 -8.09 -51.88
C LEU H 74 -14.70 -8.99 -51.57
N LYS H 75 -15.75 -8.43 -50.92
CA LYS H 75 -17.00 -9.16 -50.63
C LYS H 75 -17.82 -9.40 -51.90
N TYR H 76 -17.64 -8.52 -52.92
CA TYR H 76 -18.35 -8.63 -54.19
C TYR H 76 -17.73 -9.79 -54.97
N LYS H 77 -18.58 -10.71 -55.46
CA LYS H 77 -18.16 -11.88 -56.18
C LYS H 77 -18.86 -11.99 -57.55
N GLY H 78 -19.06 -10.85 -58.20
CA GLY H 78 -19.65 -10.76 -59.54
C GLY H 78 -21.16 -10.70 -59.66
N GLU H 79 -21.88 -10.99 -58.54
CA GLU H 79 -23.36 -10.99 -58.39
C GLU H 79 -24.03 -9.87 -59.24
N PRO H 80 -25.09 -10.12 -60.04
CA PRO H 80 -25.62 -9.04 -60.90
C PRO H 80 -26.52 -8.07 -60.15
N THR H 81 -25.84 -7.12 -59.49
CA THR H 81 -26.39 -6.05 -58.66
C THR H 81 -26.70 -4.87 -59.56
N ARG H 82 -27.45 -3.87 -59.05
CA ARG H 82 -27.92 -2.72 -59.84
C ARG H 82 -27.47 -1.33 -59.37
N LEU H 83 -27.77 -0.30 -60.20
CA LEU H 83 -27.52 1.13 -59.93
C LEU H 83 -28.73 1.92 -60.41
N VAL H 84 -29.28 2.74 -59.52
CA VAL H 84 -30.42 3.54 -59.92
C VAL H 84 -30.13 5.01 -59.69
N ILE H 85 -30.17 5.81 -60.79
CA ILE H 85 -29.97 7.27 -60.79
C ILE H 85 -31.30 7.89 -61.28
N GLY H 86 -31.85 8.80 -60.47
CA GLY H 86 -33.11 9.47 -60.78
C GLY H 86 -33.06 10.49 -61.89
N ASP H 87 -33.94 11.49 -61.82
CA ASP H 87 -34.02 12.57 -62.79
C ASP H 87 -33.23 13.81 -62.37
N HIS H 88 -32.91 14.67 -63.35
CA HIS H 88 -32.23 15.94 -63.12
C HIS H 88 -31.03 15.92 -62.19
N ASN H 89 -30.09 14.99 -62.35
CA ASN H 89 -28.88 15.05 -61.52
C ASN H 89 -27.74 15.66 -62.38
N VAL H 90 -26.60 16.06 -61.73
CA VAL H 90 -25.37 16.60 -62.35
C VAL H 90 -24.22 15.84 -61.72
N ILE H 91 -23.61 14.96 -62.53
CA ILE H 91 -22.50 14.12 -62.15
C ILE H 91 -21.29 14.66 -62.91
N ARG H 92 -20.51 15.53 -62.23
CA ARG H 92 -19.34 16.24 -62.77
C ARG H 92 -18.19 15.31 -63.18
N GLU H 93 -17.10 15.90 -63.74
CA GLU H 93 -15.93 15.22 -64.29
C GLU H 93 -15.19 14.30 -63.28
N GLY H 94 -14.91 13.08 -63.69
CA GLY H 94 -14.20 12.10 -62.89
C GLY H 94 -14.94 11.43 -61.76
N VAL H 95 -16.26 11.61 -61.64
CA VAL H 95 -17.01 10.96 -60.55
C VAL H 95 -17.06 9.43 -60.75
N THR H 96 -16.88 8.65 -59.67
CA THR H 96 -16.98 7.19 -59.67
C THR H 96 -18.23 6.79 -58.85
N ILE H 97 -19.18 6.06 -59.50
CA ILE H 97 -20.37 5.50 -58.86
C ILE H 97 -20.29 4.00 -59.11
N HIS H 98 -20.21 3.21 -58.02
CA HIS H 98 -20.16 1.75 -58.03
C HIS H 98 -21.50 1.14 -57.70
N ARG H 99 -21.78 -0.08 -58.21
CA ARG H 99 -23.05 -0.76 -58.00
C ARG H 99 -23.02 -1.56 -56.73
N GLY H 100 -24.23 -1.82 -56.21
CA GLY H 100 -24.48 -2.55 -54.99
C GLY H 100 -23.84 -3.93 -54.89
N THR H 101 -23.98 -4.55 -53.69
CA THR H 101 -23.49 -5.89 -53.38
C THR H 101 -24.66 -6.67 -52.86
N VAL H 102 -24.68 -7.97 -53.16
CA VAL H 102 -25.74 -8.91 -52.78
C VAL H 102 -25.96 -8.96 -51.23
N GLN H 103 -24.91 -8.56 -50.46
CA GLN H 103 -24.80 -8.50 -49.00
C GLN H 103 -25.83 -7.55 -48.34
N ASP H 104 -26.23 -6.48 -49.04
CA ASP H 104 -27.21 -5.49 -48.60
C ASP H 104 -28.47 -5.73 -49.48
N ARG H 105 -29.00 -4.72 -50.21
CA ARG H 105 -30.16 -4.99 -51.07
C ARG H 105 -29.78 -4.96 -52.59
N ALA H 106 -28.47 -5.14 -52.89
CA ALA H 106 -27.84 -5.25 -54.22
C ALA H 106 -28.20 -4.12 -55.19
N GLU H 107 -28.25 -2.89 -54.65
CA GLU H 107 -28.53 -1.70 -55.43
C GLU H 107 -27.96 -0.48 -54.73
N THR H 108 -27.22 0.35 -55.51
CA THR H 108 -26.68 1.67 -55.15
C THR H 108 -27.73 2.58 -55.76
N THR H 109 -28.38 3.44 -54.97
CA THR H 109 -29.47 4.24 -55.53
C THR H 109 -29.31 5.72 -55.19
N ILE H 110 -29.47 6.61 -56.21
CA ILE H 110 -29.40 8.08 -56.17
C ILE H 110 -30.77 8.62 -56.64
N GLY H 111 -31.23 9.68 -55.99
CA GLY H 111 -32.50 10.31 -56.30
C GLY H 111 -32.47 11.34 -57.41
N ASP H 112 -33.36 12.34 -57.31
CA ASP H 112 -33.49 13.45 -58.25
C ASP H 112 -32.71 14.68 -57.75
N HIS H 113 -32.50 15.69 -58.62
CA HIS H 113 -31.87 17.00 -58.39
C HIS H 113 -30.57 17.11 -57.50
N ASN H 114 -29.76 16.04 -57.40
CA ASN H 114 -28.49 16.14 -56.64
C ASN H 114 -27.35 16.64 -57.57
N LEU H 115 -26.32 17.31 -56.99
CA LEU H 115 -25.13 17.78 -57.70
C LEU H 115 -23.92 17.11 -57.05
N ILE H 116 -23.29 16.21 -57.81
CA ILE H 116 -22.14 15.46 -57.37
C ILE H 116 -20.97 16.04 -58.15
N MET H 117 -20.12 16.83 -57.46
CA MET H 117 -18.95 17.53 -58.02
C MET H 117 -17.86 16.56 -58.53
N ALA H 118 -16.81 17.12 -59.16
CA ALA H 118 -15.68 16.40 -59.72
C ALA H 118 -15.00 15.36 -58.78
N TYR H 119 -14.53 14.24 -59.36
CA TYR H 119 -13.77 13.12 -58.77
C TYR H 119 -14.41 12.42 -57.52
N ALA H 120 -15.63 12.84 -57.09
CA ALA H 120 -16.40 12.28 -55.95
C ALA H 120 -16.59 10.76 -56.06
N HIS H 121 -16.80 10.08 -54.93
CA HIS H 121 -17.00 8.63 -54.90
C HIS H 121 -18.34 8.21 -54.23
N ILE H 122 -19.11 7.36 -54.91
CA ILE H 122 -20.37 6.84 -54.38
C ILE H 122 -20.29 5.31 -54.41
N GLY H 123 -19.61 4.74 -53.41
CA GLY H 123 -19.41 3.30 -53.28
C GLY H 123 -20.68 2.52 -53.11
N HIS H 124 -20.59 1.18 -53.34
CA HIS H 124 -21.64 0.18 -53.24
C HIS H 124 -22.73 0.42 -52.17
N ASP H 125 -23.99 0.19 -52.56
CA ASP H 125 -25.23 0.23 -51.76
C ASP H 125 -25.54 1.57 -51.07
N SER H 126 -24.79 2.64 -51.41
CA SER H 126 -25.05 4.00 -50.88
C SER H 126 -26.44 4.48 -51.34
N VAL H 127 -27.10 5.30 -50.52
CA VAL H 127 -28.43 5.79 -50.88
C VAL H 127 -28.46 7.31 -50.74
N ILE H 128 -28.69 8.00 -51.86
CA ILE H 128 -28.71 9.46 -51.91
C ILE H 128 -30.13 9.94 -52.18
N GLY H 129 -30.59 10.90 -51.39
CA GLY H 129 -31.92 11.49 -51.56
C GLY H 129 -31.96 12.48 -52.71
N ASN H 130 -32.66 13.61 -52.49
CA ASN H 130 -32.80 14.68 -53.49
C ASN H 130 -32.19 15.99 -53.01
N HIS H 131 -31.66 16.80 -53.93
CA HIS H 131 -31.04 18.11 -53.70
C HIS H 131 -29.79 18.10 -52.80
N CYS H 132 -29.22 16.90 -52.58
CA CYS H 132 -28.00 16.77 -51.79
C CYS H 132 -26.88 17.33 -52.67
N ILE H 133 -25.85 17.97 -52.07
CA ILE H 133 -24.67 18.48 -52.80
C ILE H 133 -23.45 17.72 -52.24
N LEU H 134 -22.70 17.06 -53.11
CA LEU H 134 -21.50 16.29 -52.75
C LEU H 134 -20.32 16.92 -53.50
N VAL H 135 -19.60 17.85 -52.83
CA VAL H 135 -18.47 18.63 -53.35
C VAL H 135 -17.26 17.73 -53.74
N ASN H 136 -16.28 18.29 -54.45
CA ASN H 136 -15.09 17.60 -54.93
C ASN H 136 -14.52 16.54 -54.00
N ASN H 137 -14.26 15.36 -54.57
CA ASN H 137 -13.63 14.20 -53.95
C ASN H 137 -14.31 13.73 -52.63
N THR H 138 -15.66 13.91 -52.51
CA THR H 138 -16.43 13.44 -51.35
C THR H 138 -16.53 11.91 -51.48
N ALA H 139 -16.14 11.14 -50.45
CA ALA H 139 -16.23 9.69 -50.61
C ALA H 139 -17.21 9.04 -49.65
N LEU H 140 -18.12 8.24 -50.21
CA LEU H 140 -19.09 7.45 -49.46
C LEU H 140 -18.55 6.00 -49.55
N ALA H 141 -17.84 5.51 -48.48
CA ALA H 141 -17.21 4.16 -48.43
C ALA H 141 -18.11 2.99 -48.90
N GLY H 142 -19.39 3.05 -48.51
CA GLY H 142 -20.39 2.06 -48.86
C GLY H 142 -21.54 2.01 -47.88
N HIS H 143 -22.74 1.65 -48.37
CA HIS H 143 -23.98 1.54 -47.58
C HIS H 143 -24.28 2.87 -46.84
N VAL H 144 -23.79 4.01 -47.40
CA VAL H 144 -23.93 5.36 -46.86
C VAL H 144 -25.25 5.99 -47.34
N HIS H 145 -26.16 6.22 -46.40
CA HIS H 145 -27.47 6.79 -46.66
C HIS H 145 -27.40 8.30 -46.39
N VAL H 146 -27.83 9.10 -47.37
CA VAL H 146 -27.76 10.57 -47.35
C VAL H 146 -29.16 11.16 -47.63
N ASP H 147 -29.87 11.63 -46.57
CA ASP H 147 -31.21 12.23 -46.74
C ASP H 147 -31.12 13.60 -47.42
N ASP H 148 -32.24 14.05 -47.99
CA ASP H 148 -32.44 15.30 -48.75
C ASP H 148 -31.71 16.53 -48.24
N TRP H 149 -31.17 17.33 -49.16
CA TRP H 149 -30.51 18.64 -48.97
C TRP H 149 -29.19 18.64 -48.22
N ALA H 150 -28.70 17.48 -47.73
CA ALA H 150 -27.39 17.43 -47.05
C ALA H 150 -26.30 18.02 -47.93
N ILE H 151 -25.46 18.86 -47.35
CA ILE H 151 -24.35 19.43 -48.12
C ILE H 151 -23.06 18.82 -47.60
N LEU H 152 -22.35 18.10 -48.48
CA LEU H 152 -21.10 17.48 -48.10
C LEU H 152 -19.96 18.27 -48.76
N SER H 153 -19.41 19.25 -48.01
CA SER H 153 -18.29 20.12 -48.37
C SER H 153 -17.09 19.26 -48.90
N GLY H 154 -16.20 19.90 -49.66
CA GLY H 154 -15.07 19.27 -50.33
C GLY H 154 -14.31 18.28 -49.49
N TYR H 155 -14.07 17.10 -50.07
CA TYR H 155 -13.26 16.01 -49.51
C TYR H 155 -13.81 15.39 -48.22
N THR H 156 -15.14 15.42 -48.05
CA THR H 156 -15.82 14.78 -46.92
C THR H 156 -15.69 13.26 -47.13
N LEU H 157 -15.17 12.55 -46.14
CA LEU H 157 -15.05 11.10 -46.26
C LEU H 157 -16.00 10.53 -45.25
N VAL H 158 -16.81 9.57 -45.69
CA VAL H 158 -17.86 8.94 -44.89
C VAL H 158 -17.59 7.43 -44.79
N HIS H 159 -17.55 6.87 -43.58
CA HIS H 159 -17.31 5.45 -43.33
C HIS H 159 -18.55 4.65 -43.72
N GLN H 160 -18.38 3.34 -43.97
CA GLN H 160 -19.44 2.42 -44.36
C GLN H 160 -20.63 2.43 -43.38
N TYR H 161 -21.86 2.23 -43.91
CA TYR H 161 -23.15 2.07 -43.20
C TYR H 161 -23.74 3.36 -42.54
N CYS H 162 -22.98 4.49 -42.53
CA CYS H 162 -23.31 5.81 -41.97
C CYS H 162 -24.53 6.50 -42.58
N ARG H 163 -25.24 7.29 -41.76
CA ARG H 163 -26.39 8.08 -42.21
C ARG H 163 -26.21 9.61 -42.03
N ILE H 164 -26.16 10.34 -43.17
CA ILE H 164 -26.06 11.80 -43.25
C ILE H 164 -27.52 12.34 -43.31
N GLY H 165 -27.91 13.05 -42.27
CA GLY H 165 -29.25 13.59 -42.09
C GLY H 165 -29.67 14.66 -43.08
N ALA H 166 -30.99 14.99 -43.09
CA ALA H 166 -31.58 16.00 -43.95
C ALA H 166 -31.01 17.36 -43.59
N HIS H 167 -30.54 18.11 -44.59
CA HIS H 167 -29.97 19.46 -44.48
C HIS H 167 -28.63 19.54 -43.75
N SER H 168 -28.18 18.41 -43.16
CA SER H 168 -26.92 18.35 -42.42
C SER H 168 -25.69 18.68 -43.27
N PHE H 169 -25.02 19.80 -42.94
CA PHE H 169 -23.79 20.21 -43.61
C PHE H 169 -22.59 19.52 -42.98
N SER H 170 -21.68 18.99 -43.80
CA SER H 170 -20.44 18.43 -43.28
C SER H 170 -19.27 19.30 -43.80
N GLY H 171 -18.40 19.74 -42.90
CA GLY H 171 -17.26 20.64 -43.15
C GLY H 171 -16.23 20.17 -44.15
N MET H 172 -15.39 21.10 -44.67
CA MET H 172 -14.34 20.77 -45.67
C MET H 172 -13.29 19.83 -45.08
N GLY H 173 -12.98 18.75 -45.80
CA GLY H 173 -12.06 17.69 -45.39
C GLY H 173 -12.47 17.02 -44.08
N SER H 174 -13.79 16.75 -43.91
CA SER H 174 -14.43 16.11 -42.75
C SER H 174 -14.30 14.59 -42.81
N ALA H 175 -14.06 13.91 -41.66
CA ALA H 175 -14.02 12.45 -41.64
C ALA H 175 -15.12 11.92 -40.75
N ILE H 176 -16.21 11.48 -41.41
CA ILE H 176 -17.43 10.98 -40.76
C ILE H 176 -17.39 9.47 -40.59
N GLY H 177 -17.52 9.01 -39.36
CA GLY H 177 -17.51 7.59 -39.02
C GLY H 177 -18.76 7.12 -38.30
N LYS H 178 -19.58 8.09 -37.79
CA LYS H 178 -20.85 7.95 -37.04
C LYS H 178 -21.87 8.93 -37.64
N ASP H 179 -23.15 8.55 -37.65
CA ASP H 179 -24.27 9.28 -38.23
C ASP H 179 -24.34 10.76 -37.91
N VAL H 180 -24.54 11.62 -38.94
CA VAL H 180 -24.70 13.08 -38.79
C VAL H 180 -26.23 13.34 -38.67
N PRO H 181 -26.79 13.72 -37.49
CA PRO H 181 -28.26 13.92 -37.42
C PRO H 181 -28.70 15.07 -38.31
N ALA H 182 -30.00 15.10 -38.71
CA ALA H 182 -30.51 16.14 -39.62
C ALA H 182 -30.26 17.52 -39.11
N TYR H 183 -29.80 18.43 -40.00
CA TYR H 183 -29.48 19.85 -39.77
C TYR H 183 -28.07 20.07 -39.22
N VAL H 184 -27.55 19.17 -38.35
CA VAL H 184 -26.22 19.30 -37.71
C VAL H 184 -25.07 19.56 -38.71
N THR H 185 -24.20 20.56 -38.40
CA THR H 185 -22.96 20.89 -39.11
C THR H 185 -21.84 20.18 -38.35
N VAL H 186 -21.11 19.28 -39.03
CA VAL H 186 -20.01 18.52 -38.43
C VAL H 186 -18.71 18.94 -39.07
N PHE H 187 -17.57 18.82 -38.34
CA PHE H 187 -16.27 19.28 -38.83
C PHE H 187 -15.02 18.42 -38.46
N GLY H 188 -14.05 18.34 -39.39
CA GLY H 188 -12.72 17.72 -39.25
C GLY H 188 -12.58 16.22 -39.06
N ASN H 189 -11.34 15.75 -38.84
CA ASN H 189 -11.04 14.33 -38.61
C ASN H 189 -10.58 14.10 -37.14
N PRO H 190 -11.42 13.45 -36.30
CA PRO H 190 -12.76 12.91 -36.60
C PRO H 190 -13.82 13.99 -36.55
N ALA H 191 -14.90 13.81 -37.35
CA ALA H 191 -15.99 14.77 -37.43
C ALA H 191 -16.60 14.99 -36.06
N GLU H 192 -16.77 16.27 -35.71
CA GLU H 192 -17.35 16.68 -34.44
C GLU H 192 -18.44 17.72 -34.69
N ALA H 193 -19.61 17.55 -34.02
CA ALA H 193 -20.77 18.42 -34.16
C ALA H 193 -20.42 19.85 -33.79
N ARG H 194 -21.01 20.85 -34.49
CA ARG H 194 -20.72 22.27 -34.26
C ARG H 194 -21.95 23.12 -33.91
N SER H 195 -22.93 23.14 -34.82
CA SER H 195 -24.22 23.82 -34.72
C SER H 195 -25.12 23.23 -35.79
N MET H 196 -26.19 23.92 -36.13
CA MET H 196 -27.18 23.51 -37.12
C MET H 196 -27.02 24.34 -38.39
N ASN H 197 -27.41 23.79 -39.55
CA ASN H 197 -27.34 24.47 -40.85
C ASN H 197 -28.46 25.52 -40.97
N PHE H 198 -28.38 26.63 -40.20
CA PHE H 198 -29.40 27.70 -40.18
C PHE H 198 -29.70 28.29 -41.58
N GLU H 199 -28.66 28.40 -42.46
CA GLU H 199 -28.81 28.90 -43.83
C GLU H 199 -29.61 27.94 -44.69
N GLY H 200 -29.53 26.66 -44.37
CA GLY H 200 -30.28 25.63 -45.06
C GLY H 200 -31.75 25.78 -44.78
N MET H 201 -32.08 26.01 -43.49
CA MET H 201 -33.42 26.27 -42.96
C MET H 201 -33.95 27.59 -43.55
N ARG H 202 -33.11 28.67 -43.58
CA ARG H 202 -33.42 30.01 -44.15
C ARG H 202 -33.98 29.80 -45.57
N ARG H 203 -33.18 29.09 -46.40
CA ARG H 203 -33.43 28.75 -47.79
C ARG H 203 -34.75 27.98 -47.94
N ARG H 204 -34.88 26.87 -47.20
CA ARG H 204 -36.06 26.01 -47.21
C ARG H 204 -37.23 26.64 -46.42
N GLY H 205 -37.28 27.97 -46.43
CA GLY H 205 -38.30 28.82 -45.83
C GLY H 205 -38.86 28.49 -44.46
N PHE H 206 -38.06 27.86 -43.58
CA PHE H 206 -38.42 27.48 -42.22
C PHE H 206 -38.79 28.71 -41.41
N SER H 207 -39.86 28.60 -40.60
CA SER H 207 -40.35 29.67 -39.74
C SER H 207 -39.30 30.01 -38.71
N SER H 208 -39.26 31.29 -38.31
CA SER H 208 -38.37 31.84 -37.28
C SER H 208 -38.52 31.05 -35.97
N GLU H 209 -39.76 30.57 -35.72
CA GLU H 209 -40.21 29.77 -34.58
C GLU H 209 -39.56 28.38 -34.60
N ALA H 210 -39.49 27.77 -35.80
CA ALA H 210 -38.88 26.46 -35.98
C ALA H 210 -37.37 26.57 -35.99
N ILE H 211 -36.82 27.68 -36.53
CA ILE H 211 -35.38 27.88 -36.55
C ILE H 211 -34.89 27.89 -35.09
N HIS H 212 -35.55 28.68 -34.21
CA HIS H 212 -35.20 28.75 -32.79
C HIS H 212 -35.54 27.44 -32.03
N ALA H 213 -36.55 26.68 -32.49
CA ALA H 213 -36.93 25.40 -31.87
C ALA H 213 -35.88 24.34 -32.09
N LEU H 214 -35.23 24.39 -33.26
CA LEU H 214 -34.18 23.45 -33.68
C LEU H 214 -32.85 23.85 -33.10
N ARG H 215 -32.64 25.16 -32.82
CA ARG H 215 -31.41 25.64 -32.18
C ARG H 215 -31.42 24.99 -30.79
N ARG H 216 -32.57 25.12 -30.08
CA ARG H 216 -32.87 24.60 -28.75
C ARG H 216 -32.72 23.08 -28.71
N ALA H 217 -33.13 22.40 -29.80
CA ALA H 217 -33.05 20.94 -29.95
C ALA H 217 -31.59 20.45 -29.96
N TYR H 218 -30.69 21.17 -30.66
CA TYR H 218 -29.26 20.85 -30.73
C TYR H 218 -28.71 20.96 -29.33
N LYS H 219 -29.07 22.06 -28.62
CA LYS H 219 -28.64 22.31 -27.25
C LYS H 219 -28.95 21.10 -26.36
N VAL H 220 -30.22 20.58 -26.36
CA VAL H 220 -30.70 19.40 -25.59
C VAL H 220 -29.79 18.16 -25.74
N VAL H 221 -29.37 17.87 -26.99
CA VAL H 221 -28.52 16.72 -27.28
C VAL H 221 -27.06 17.03 -26.80
N TYR H 222 -26.38 17.89 -27.59
CA TYR H 222 -24.99 18.32 -27.50
C TYR H 222 -24.61 19.24 -26.33
N ARG H 223 -24.99 20.55 -26.33
CA ARG H 223 -24.56 21.49 -25.27
C ARG H 223 -25.19 21.25 -23.87
N GLN H 224 -26.16 20.29 -23.72
CA GLN H 224 -26.89 20.08 -22.46
C GLN H 224 -26.42 18.91 -21.58
N GLY H 225 -25.48 18.13 -22.08
CA GLY H 225 -24.90 17.04 -21.30
C GLY H 225 -25.78 15.90 -20.88
N HIS H 226 -26.82 15.61 -21.70
CA HIS H 226 -27.73 14.48 -21.51
C HIS H 226 -27.16 13.30 -22.32
N THR H 227 -27.60 12.07 -22.03
CA THR H 227 -27.19 10.93 -22.83
C THR H 227 -28.07 10.94 -24.08
N VAL H 228 -27.85 10.01 -25.05
CA VAL H 228 -28.67 9.99 -26.26
C VAL H 228 -30.10 9.64 -25.90
N GLU H 229 -30.29 8.71 -24.95
CA GLU H 229 -31.60 8.23 -24.47
C GLU H 229 -32.35 9.31 -23.70
N GLU H 230 -31.59 10.15 -22.95
CA GLU H 230 -32.09 11.27 -22.16
C GLU H 230 -32.44 12.44 -23.07
N ALA H 231 -31.58 12.71 -24.09
CA ALA H 231 -31.75 13.79 -25.08
C ALA H 231 -33.07 13.58 -25.76
N LEU H 232 -33.25 12.39 -26.39
CA LEU H 232 -34.45 11.92 -27.11
C LEU H 232 -35.73 12.10 -26.30
N ALA H 233 -35.61 12.00 -24.96
CA ALA H 233 -36.72 12.17 -24.05
C ALA H 233 -37.16 13.66 -23.95
N GLU H 234 -36.20 14.62 -23.85
CA GLU H 234 -36.53 16.04 -23.80
C GLU H 234 -37.13 16.50 -25.12
N LEU H 235 -36.64 15.90 -26.21
CA LEU H 235 -37.03 16.17 -27.59
C LEU H 235 -38.43 15.61 -27.94
N ALA H 236 -39.02 14.75 -27.10
CA ALA H 236 -40.36 14.20 -27.38
C ALA H 236 -41.40 15.30 -27.39
N GLU H 237 -41.26 16.29 -26.49
CA GLU H 237 -42.20 17.39 -26.47
C GLU H 237 -42.02 18.22 -27.73
N SER H 238 -40.79 18.79 -27.91
CA SER H 238 -40.41 19.67 -29.01
C SER H 238 -40.68 19.07 -30.37
N ALA H 239 -40.60 17.72 -30.48
CA ALA H 239 -40.84 16.97 -31.72
C ALA H 239 -42.30 16.94 -32.08
N ALA H 240 -43.18 16.91 -31.07
CA ALA H 240 -44.62 16.89 -31.26
C ALA H 240 -45.15 18.27 -31.69
N GLN H 241 -44.51 19.39 -31.22
CA GLN H 241 -44.94 20.77 -31.56
C GLN H 241 -44.48 21.19 -32.95
N PHE H 242 -43.32 20.67 -33.42
CA PHE H 242 -42.73 21.02 -34.71
C PHE H 242 -42.30 19.81 -35.50
N PRO H 243 -42.81 19.66 -36.76
CA PRO H 243 -42.41 18.53 -37.60
C PRO H 243 -40.92 18.54 -37.98
N GLU H 244 -40.34 19.74 -37.99
CA GLU H 244 -38.95 20.00 -38.31
C GLU H 244 -38.04 19.56 -37.14
N VAL H 245 -38.57 19.54 -35.90
CA VAL H 245 -37.80 19.06 -34.76
C VAL H 245 -37.97 17.53 -34.70
N ALA H 246 -39.08 17.02 -35.26
CA ALA H 246 -39.37 15.59 -35.30
C ALA H 246 -38.40 14.92 -36.24
N VAL H 247 -38.06 15.59 -37.37
CA VAL H 247 -37.10 15.11 -38.36
C VAL H 247 -35.76 14.84 -37.68
N PHE H 248 -35.32 15.81 -36.85
CA PHE H 248 -34.09 15.77 -36.08
C PHE H 248 -34.15 14.68 -35.01
N ARG H 249 -35.28 14.55 -34.27
CA ARG H 249 -35.47 13.54 -33.22
C ARG H 249 -35.35 12.16 -33.85
N ASP H 250 -36.13 11.91 -34.92
CA ASP H 250 -36.16 10.68 -35.71
C ASP H 250 -34.80 10.31 -36.31
N SER H 251 -33.93 11.32 -36.59
CA SER H 251 -32.59 11.15 -37.16
C SER H 251 -31.57 10.67 -36.13
N ILE H 252 -31.81 11.00 -34.85
CA ILE H 252 -31.02 10.58 -33.68
C ILE H 252 -31.59 9.22 -33.25
N GLN H 253 -32.94 9.09 -33.29
CA GLN H 253 -33.71 7.90 -32.94
C GLN H 253 -33.25 6.66 -33.70
N SER H 254 -33.21 6.75 -35.05
CA SER H 254 -32.81 5.68 -35.99
C SER H 254 -31.34 5.26 -35.82
N ALA H 255 -30.49 6.19 -35.38
CA ALA H 255 -29.07 5.95 -35.18
C ALA H 255 -28.75 5.65 -33.70
N THR H 256 -29.78 5.25 -32.88
CA THR H 256 -29.69 4.93 -31.43
C THR H 256 -30.47 3.61 -31.08
N ARG H 257 -29.78 2.43 -31.27
CA ARG H 257 -30.33 1.10 -30.96
C ARG H 257 -29.96 0.65 -29.53
N GLY H 258 -28.66 0.45 -29.28
CA GLY H 258 -28.12 0.06 -27.99
C GLY H 258 -28.31 -1.39 -27.60
N ILE H 259 -27.50 -1.86 -26.63
CA ILE H 259 -27.57 -3.22 -26.08
C ILE H 259 -28.07 -3.14 -24.65
N THR H 260 -28.81 -4.16 -24.18
CA THR H 260 -29.31 -4.22 -22.80
C THR H 260 -28.12 -4.20 -21.85
N ARG H 261 -28.27 -3.49 -20.71
CA ARG H 261 -27.27 -3.43 -19.65
C ARG H 261 -27.91 -3.73 -18.32
N MET I 4 3.54 11.55 -87.47
CA MET I 4 2.55 12.48 -86.91
C MET I 4 2.52 13.83 -87.67
N SER I 5 1.45 14.60 -87.38
CA SER I 5 1.12 15.98 -87.76
C SER I 5 0.74 16.59 -86.42
N LEU I 6 1.41 17.69 -85.99
CA LEU I 6 1.22 18.40 -84.72
C LEU I 6 -0.11 18.08 -84.02
N ILE I 7 -1.23 18.36 -84.71
CA ILE I 7 -2.57 18.05 -84.25
C ILE I 7 -2.97 16.64 -84.79
N ASP I 8 -3.05 15.65 -83.87
CA ASP I 8 -3.40 14.26 -84.17
C ASP I 8 -4.76 14.22 -84.91
N PRO I 9 -4.92 13.37 -85.95
CA PRO I 9 -6.22 13.33 -86.67
C PRO I 9 -7.40 12.77 -85.86
N ARG I 10 -7.13 12.10 -84.71
CA ARG I 10 -8.12 11.54 -83.78
C ARG I 10 -8.63 12.58 -82.76
N ALA I 11 -8.05 13.80 -82.80
CA ALA I 11 -8.41 14.92 -81.93
C ALA I 11 -9.46 15.83 -82.59
N ILE I 12 -10.35 16.43 -81.77
CA ILE I 12 -11.43 17.34 -82.20
C ILE I 12 -10.98 18.80 -81.95
N ILE I 13 -11.01 19.66 -83.00
CA ILE I 13 -10.66 21.11 -82.89
C ILE I 13 -11.86 21.94 -83.43
N ASP I 14 -12.49 22.79 -82.55
CA ASP I 14 -13.59 23.68 -82.97
C ASP I 14 -12.99 24.72 -83.89
N PRO I 15 -13.61 25.02 -85.05
CA PRO I 15 -13.00 25.98 -86.00
C PRO I 15 -12.67 27.35 -85.40
N SER I 16 -13.47 27.73 -84.37
CA SER I 16 -13.34 28.98 -83.61
C SER I 16 -12.03 29.01 -82.85
N ALA I 17 -11.46 27.82 -82.54
CA ALA I 17 -10.17 27.70 -81.87
C ALA I 17 -9.01 28.21 -82.73
N ARG I 18 -8.14 29.01 -82.09
CA ARG I 18 -6.93 29.62 -82.65
C ARG I 18 -5.76 28.92 -81.96
N LEU I 19 -4.81 28.44 -82.75
CA LEU I 19 -3.67 27.66 -82.29
C LEU I 19 -2.41 28.06 -83.06
N ALA I 20 -1.29 28.32 -82.36
CA ALA I 20 -0.02 28.67 -82.98
C ALA I 20 0.52 27.49 -83.80
N ALA I 21 1.31 27.79 -84.84
CA ALA I 21 1.86 26.83 -85.80
C ALA I 21 2.67 25.64 -85.21
N ASP I 22 3.20 25.73 -83.94
CA ASP I 22 3.98 24.61 -83.37
C ASP I 22 3.32 23.99 -82.13
N VAL I 23 2.00 24.19 -81.99
CA VAL I 23 1.20 23.63 -80.92
C VAL I 23 0.85 22.20 -81.36
N GLN I 24 0.93 21.21 -80.43
CA GLN I 24 0.58 19.80 -80.65
C GLN I 24 -0.68 19.44 -79.93
N VAL I 25 -1.54 18.59 -80.53
CA VAL I 25 -2.76 18.12 -79.87
C VAL I 25 -2.77 16.60 -79.97
N GLY I 26 -2.72 15.95 -78.83
CA GLY I 26 -2.74 14.50 -78.74
C GLY I 26 -4.06 13.87 -79.19
N PRO I 27 -4.12 12.54 -79.43
CA PRO I 27 -5.37 11.95 -79.89
C PRO I 27 -6.45 11.95 -78.82
N TRP I 28 -7.72 11.96 -79.24
CA TRP I 28 -8.89 11.90 -78.38
C TRP I 28 -9.04 13.15 -77.48
N SER I 29 -8.44 14.25 -77.90
CA SER I 29 -8.51 15.50 -77.18
C SER I 29 -9.48 16.47 -77.85
N ILE I 30 -10.19 17.28 -77.05
CA ILE I 30 -11.15 18.23 -77.60
C ILE I 30 -10.71 19.69 -77.33
N VAL I 31 -10.52 20.49 -78.41
CA VAL I 31 -10.15 21.91 -78.35
C VAL I 31 -11.37 22.78 -78.68
N GLY I 32 -12.07 23.16 -77.62
CA GLY I 32 -13.32 23.90 -77.64
C GLY I 32 -13.39 25.20 -78.40
N ALA I 33 -14.61 25.69 -78.55
CA ALA I 33 -14.95 26.94 -79.20
C ALA I 33 -14.40 28.08 -78.37
N GLU I 34 -13.67 28.98 -79.01
CA GLU I 34 -13.06 30.13 -78.34
C GLU I 34 -11.95 29.72 -77.32
N VAL I 35 -11.13 28.69 -77.68
CA VAL I 35 -9.94 28.24 -76.94
C VAL I 35 -8.73 28.68 -77.78
N GLU I 36 -7.82 29.48 -77.17
CA GLU I 36 -6.61 30.01 -77.77
C GLU I 36 -5.39 29.31 -77.20
N ILE I 37 -4.52 28.79 -78.07
CA ILE I 37 -3.29 28.12 -77.65
C ILE I 37 -2.13 28.72 -78.42
N GLY I 38 -1.13 29.18 -77.70
CA GLY I 38 0.06 29.78 -78.27
C GLY I 38 1.23 28.83 -78.38
N GLU I 39 2.27 29.32 -79.05
CA GLU I 39 3.57 28.76 -79.38
C GLU I 39 4.13 27.69 -78.44
N GLY I 40 4.39 26.51 -78.99
CA GLY I 40 5.04 25.39 -78.31
C GLY I 40 4.27 24.67 -77.21
N THR I 41 2.95 24.83 -77.17
CA THR I 41 2.16 24.14 -76.18
C THR I 41 1.91 22.75 -76.70
N VAL I 42 1.98 21.77 -75.80
CA VAL I 42 1.70 20.38 -76.12
C VAL I 42 0.48 20.00 -75.31
N ILE I 43 -0.56 19.52 -76.00
CA ILE I 43 -1.79 19.05 -75.37
C ILE I 43 -1.68 17.54 -75.54
N GLY I 44 -1.80 16.81 -74.43
CA GLY I 44 -1.68 15.36 -74.43
C GLY I 44 -2.91 14.69 -75.00
N PRO I 45 -3.04 13.34 -74.98
CA PRO I 45 -4.31 12.73 -75.43
C PRO I 45 -5.39 12.95 -74.38
N HIS I 46 -6.64 12.54 -74.63
CA HIS I 46 -7.76 12.66 -73.66
C HIS I 46 -7.83 13.99 -72.84
N VAL I 47 -7.64 15.17 -73.48
CA VAL I 47 -7.72 16.47 -72.79
C VAL I 47 -9.00 17.19 -73.21
N VAL I 48 -9.65 17.87 -72.25
CA VAL I 48 -10.85 18.64 -72.56
C VAL I 48 -10.54 20.09 -72.31
N LEU I 49 -10.55 20.87 -73.39
CA LEU I 49 -10.34 22.32 -73.38
C LEU I 49 -11.67 22.93 -73.81
N LYS I 50 -12.22 23.84 -73.00
CA LYS I 50 -13.49 24.54 -73.24
C LYS I 50 -13.22 26.04 -73.18
N GLY I 51 -13.96 26.83 -73.96
CA GLY I 51 -13.77 28.27 -74.00
C GLY I 51 -14.87 29.07 -73.33
N PRO I 52 -14.75 30.41 -73.22
CA PRO I 52 -13.61 31.26 -73.64
C PRO I 52 -12.38 31.13 -72.70
N THR I 53 -11.27 30.64 -73.28
CA THR I 53 -10.00 30.32 -72.61
C THR I 53 -8.80 30.72 -73.49
N LYS I 54 -7.73 31.25 -72.88
CA LYS I 54 -6.49 31.66 -73.54
C LYS I 54 -5.30 30.96 -72.82
N ILE I 55 -4.67 29.95 -73.48
CA ILE I 55 -3.53 29.17 -72.99
C ILE I 55 -2.30 29.76 -73.67
N GLY I 56 -1.27 30.03 -72.87
CA GLY I 56 -0.04 30.69 -73.29
C GLY I 56 0.93 29.91 -74.15
N LYS I 57 2.23 30.11 -73.88
CA LYS I 57 3.31 29.47 -74.60
C LYS I 57 4.00 28.38 -73.81
N HIS I 58 4.54 27.35 -74.50
CA HIS I 58 5.30 26.23 -73.95
C HIS I 58 4.72 25.56 -72.73
N ASN I 59 3.37 25.50 -72.64
CA ASN I 59 2.67 24.84 -71.53
C ASN I 59 2.59 23.34 -71.86
N ARG I 60 2.60 22.47 -70.83
CA ARG I 60 2.43 21.04 -71.06
C ARG I 60 1.20 20.55 -70.31
N ILE I 61 0.08 20.34 -71.03
CA ILE I 61 -1.21 19.87 -70.47
C ILE I 61 -1.36 18.35 -70.66
N TYR I 62 -1.23 17.62 -69.54
CA TYR I 62 -1.31 16.16 -69.50
C TYR I 62 -2.76 15.67 -69.65
N GLN I 63 -2.90 14.35 -69.91
CA GLN I 63 -4.15 13.66 -70.20
C GLN I 63 -5.16 13.65 -69.06
N PHE I 64 -6.44 13.62 -69.42
CA PHE I 64 -7.60 13.52 -68.53
C PHE I 64 -7.87 14.82 -67.72
N SER I 65 -7.27 15.93 -68.16
CA SER I 65 -7.51 17.23 -67.55
C SER I 65 -8.73 17.88 -68.19
N SER I 66 -9.55 18.48 -67.34
CA SER I 66 -10.78 19.18 -67.72
C SER I 66 -10.48 20.70 -67.51
N VAL I 67 -9.83 21.35 -68.51
CA VAL I 67 -9.37 22.75 -68.46
C VAL I 67 -10.30 23.74 -69.18
N GLY I 68 -10.90 24.67 -68.43
CA GLY I 68 -11.78 25.71 -68.95
C GLY I 68 -13.27 25.41 -68.80
N GLU I 69 -13.57 24.32 -68.08
CA GLU I 69 -14.93 23.81 -67.85
C GLU I 69 -15.63 24.78 -66.87
N ASP I 70 -16.91 25.11 -67.11
CA ASP I 70 -17.65 26.05 -66.26
C ASP I 70 -17.98 25.40 -64.93
N THR I 71 -17.79 26.15 -63.80
CA THR I 71 -18.03 25.61 -62.44
C THR I 71 -19.37 24.99 -62.18
N PRO I 72 -19.43 23.96 -61.26
CA PRO I 72 -20.72 23.41 -60.87
C PRO I 72 -21.51 24.39 -60.01
N ASP I 73 -20.81 25.29 -59.24
CA ASP I 73 -21.36 26.32 -58.32
C ASP I 73 -22.63 26.92 -58.86
N LEU I 74 -23.76 26.75 -58.11
CA LEU I 74 -25.12 27.22 -58.49
C LEU I 74 -25.21 28.74 -58.69
N LYS I 75 -24.22 29.49 -58.14
CA LYS I 75 -23.95 30.94 -58.27
C LYS I 75 -23.76 31.24 -59.79
N TYR I 76 -22.94 30.44 -60.50
CA TYR I 76 -22.67 30.59 -61.94
C TYR I 76 -23.87 30.13 -62.69
N LYS I 77 -24.40 30.99 -63.56
CA LYS I 77 -25.60 30.69 -64.34
C LYS I 77 -25.43 31.07 -65.84
N GLY I 78 -24.77 30.18 -66.60
CA GLY I 78 -24.54 30.31 -68.05
C GLY I 78 -23.62 31.39 -68.58
N GLU I 79 -23.50 32.51 -67.82
CA GLU I 79 -22.72 33.74 -68.06
C GLU I 79 -21.43 33.50 -68.86
N PRO I 80 -21.12 34.26 -69.94
CA PRO I 80 -19.85 34.03 -70.66
C PRO I 80 -18.69 34.67 -69.90
N THR I 81 -17.89 33.82 -69.23
CA THR I 81 -16.74 34.19 -68.41
C THR I 81 -15.47 33.51 -68.93
N ARG I 82 -14.28 34.05 -68.59
CA ARG I 82 -12.98 33.57 -69.12
C ARG I 82 -12.12 32.72 -68.18
N LEU I 83 -11.01 32.18 -68.76
CA LEU I 83 -9.87 31.48 -68.15
C LEU I 83 -8.62 31.91 -68.92
N VAL I 84 -7.52 32.17 -68.18
CA VAL I 84 -6.25 32.56 -68.79
C VAL I 84 -5.13 31.76 -68.15
N ILE I 85 -4.18 31.31 -68.97
CA ILE I 85 -3.03 30.52 -68.55
C ILE I 85 -1.79 31.12 -69.24
N GLY I 86 -0.77 31.41 -68.45
CA GLY I 86 0.46 31.98 -68.96
C GLY I 86 1.33 30.99 -69.72
N ASP I 87 2.65 31.20 -69.61
CA ASP I 87 3.61 30.37 -70.29
C ASP I 87 4.36 29.38 -69.36
N HIS I 88 4.94 28.32 -69.94
CA HIS I 88 5.76 27.30 -69.27
C HIS I 88 5.11 26.55 -68.09
N ASN I 89 3.77 26.56 -68.00
CA ASN I 89 3.06 25.87 -66.94
C ASN I 89 2.95 24.38 -67.23
N VAL I 90 2.97 23.54 -66.20
CA VAL I 90 2.79 22.10 -66.37
C VAL I 90 1.60 21.70 -65.55
N ILE I 91 0.49 21.46 -66.26
CA ILE I 91 -0.80 21.03 -65.77
C ILE I 91 -0.76 19.52 -66.00
N ARG I 92 -0.61 18.76 -64.90
CA ARG I 92 -0.46 17.30 -64.91
C ARG I 92 -1.80 16.55 -65.11
N GLU I 93 -1.74 15.21 -65.10
CA GLU I 93 -2.86 14.32 -65.35
C GLU I 93 -4.09 14.56 -64.45
N GLY I 94 -5.28 14.57 -65.04
CA GLY I 94 -6.55 14.75 -64.34
C GLY I 94 -6.79 16.05 -63.57
N VAL I 95 -6.13 17.15 -63.95
CA VAL I 95 -6.31 18.45 -63.28
C VAL I 95 -7.62 19.08 -63.75
N THR I 96 -8.37 19.70 -62.85
CA THR I 96 -9.62 20.41 -63.19
C THR I 96 -9.44 21.90 -62.98
N ILE I 97 -9.65 22.67 -64.05
CA ILE I 97 -9.49 24.12 -63.99
C ILE I 97 -10.78 24.75 -64.50
N HIS I 98 -11.45 25.48 -63.61
CA HIS I 98 -12.71 26.11 -63.98
C HIS I 98 -12.58 27.59 -64.33
N ARG I 99 -13.47 28.05 -65.21
CA ARG I 99 -13.54 29.45 -65.63
C ARG I 99 -14.24 30.29 -64.55
N GLY I 100 -14.00 31.60 -64.63
CA GLY I 100 -14.54 32.59 -63.72
C GLY I 100 -16.05 32.74 -63.71
N THR I 101 -16.54 33.59 -62.78
CA THR I 101 -17.96 33.94 -62.59
C THR I 101 -18.07 35.47 -62.59
N VAL I 102 -19.17 36.00 -63.15
CA VAL I 102 -19.51 37.43 -63.22
C VAL I 102 -19.46 38.11 -61.81
N GLN I 103 -19.77 37.30 -60.78
CA GLN I 103 -19.80 37.64 -59.36
C GLN I 103 -18.46 38.14 -58.83
N ASP I 104 -17.37 37.96 -59.62
CA ASP I 104 -16.02 38.45 -59.26
C ASP I 104 -15.52 39.31 -60.42
N ARG I 105 -14.41 38.96 -61.12
CA ARG I 105 -13.97 39.78 -62.26
C ARG I 105 -14.20 39.02 -63.61
N ALA I 106 -15.01 37.93 -63.58
CA ALA I 106 -15.38 37.07 -64.71
C ALA I 106 -14.21 36.29 -65.27
N GLU I 107 -13.21 36.02 -64.43
CA GLU I 107 -12.00 35.35 -64.90
C GLU I 107 -11.25 34.56 -63.84
N THR I 108 -10.69 33.39 -64.26
CA THR I 108 -9.75 32.56 -63.52
C THR I 108 -8.45 32.82 -64.28
N THR I 109 -7.38 33.17 -63.59
CA THR I 109 -6.12 33.45 -64.28
C THR I 109 -4.97 32.67 -63.62
N ILE I 110 -4.12 32.05 -64.45
CA ILE I 110 -2.92 31.34 -64.01
C ILE I 110 -1.72 32.01 -64.74
N GLY I 111 -0.69 32.36 -63.97
CA GLY I 111 0.51 33.02 -64.47
C GLY I 111 1.45 32.07 -65.20
N ASP I 112 2.75 32.26 -65.04
CA ASP I 112 3.75 31.45 -65.74
C ASP I 112 4.58 30.51 -64.82
N HIS I 113 5.23 29.47 -65.39
CA HIS I 113 6.14 28.54 -64.73
C HIS I 113 5.61 27.80 -63.50
N ASN I 114 4.31 27.57 -63.45
CA ASN I 114 3.69 26.88 -62.32
C ASN I 114 3.63 25.37 -62.58
N LEU I 115 3.77 24.54 -61.52
CA LEU I 115 3.63 23.10 -61.63
C LEU I 115 2.40 22.69 -60.87
N ILE I 116 1.35 22.40 -61.62
CA ILE I 116 0.09 21.96 -61.07
C ILE I 116 0.04 20.45 -61.31
N MET I 117 0.23 19.67 -60.20
CA MET I 117 0.36 18.19 -60.14
C MET I 117 -0.97 17.41 -60.29
N ALA I 118 -0.89 16.07 -60.48
CA ALA I 118 -2.03 15.16 -60.68
C ALA I 118 -3.31 15.51 -59.91
N TYR I 119 -4.47 15.30 -60.52
CA TYR I 119 -5.85 15.46 -60.00
C TYR I 119 -6.14 16.76 -59.15
N ALA I 120 -5.29 17.80 -59.24
CA ALA I 120 -5.54 19.05 -58.52
C ALA I 120 -6.79 19.80 -59.06
N HIS I 121 -7.27 20.83 -58.35
CA HIS I 121 -8.45 21.59 -58.76
C HIS I 121 -8.29 23.10 -58.60
N ILE I 122 -8.38 23.86 -59.71
CA ILE I 122 -8.33 25.32 -59.65
C ILE I 122 -9.73 25.85 -59.94
N GLY I 123 -10.41 26.27 -58.87
CA GLY I 123 -11.80 26.70 -58.92
C GLY I 123 -12.03 28.11 -59.43
N HIS I 124 -13.31 28.44 -59.77
CA HIS I 124 -13.77 29.73 -60.29
C HIS I 124 -13.11 30.92 -59.66
N ASP I 125 -12.75 31.93 -60.46
CA ASP I 125 -12.17 33.21 -60.05
C ASP I 125 -10.81 33.13 -59.30
N SER I 126 -10.20 31.93 -59.21
CA SER I 126 -8.89 31.76 -58.60
C SER I 126 -7.86 32.46 -59.45
N VAL I 127 -6.76 32.89 -58.82
CA VAL I 127 -5.63 33.61 -59.42
C VAL I 127 -4.33 32.98 -58.91
N ILE I 128 -3.47 32.48 -59.81
CA ILE I 128 -2.19 31.85 -59.46
C ILE I 128 -1.07 32.64 -60.10
N GLY I 129 -0.03 32.90 -59.30
CA GLY I 129 1.14 33.67 -59.70
C GLY I 129 2.12 32.91 -60.56
N ASN I 130 3.41 33.02 -60.23
CA ASN I 130 4.49 32.38 -60.98
C ASN I 130 5.31 31.47 -60.10
N HIS I 131 5.73 30.33 -60.64
CA HIS I 131 6.56 29.30 -59.99
C HIS I 131 5.90 28.68 -58.79
N CYS I 132 4.59 28.48 -58.88
CA CYS I 132 3.81 27.86 -57.83
C CYS I 132 3.81 26.34 -57.99
N ILE I 133 3.86 25.62 -56.87
CA ILE I 133 3.72 24.18 -56.91
C ILE I 133 2.41 23.89 -56.21
N LEU I 134 1.49 23.23 -56.93
CA LEU I 134 0.18 22.80 -56.45
C LEU I 134 0.25 21.27 -56.56
N VAL I 135 0.59 20.63 -55.43
CA VAL I 135 0.81 19.18 -55.35
C VAL I 135 -0.54 18.43 -55.45
N ASN I 136 -0.48 17.13 -55.83
CA ASN I 136 -1.59 16.21 -56.02
C ASN I 136 -2.83 16.54 -55.21
N ASN I 137 -3.97 16.58 -55.90
CA ASN I 137 -5.31 16.84 -55.38
C ASN I 137 -5.41 18.16 -54.52
N THR I 138 -4.54 19.18 -54.79
CA THR I 138 -4.69 20.48 -54.08
C THR I 138 -6.00 21.09 -54.65
N ALA I 139 -6.96 21.45 -53.79
CA ALA I 139 -8.23 22.00 -54.28
C ALA I 139 -8.49 23.40 -53.75
N LEU I 140 -8.68 24.36 -54.69
CA LEU I 140 -8.96 25.79 -54.40
C LEU I 140 -10.44 26.03 -54.68
N ALA I 141 -11.26 26.06 -53.61
CA ALA I 141 -12.73 26.18 -53.64
C ALA I 141 -13.31 27.22 -54.64
N GLY I 142 -12.63 28.34 -54.76
CA GLY I 142 -13.03 29.44 -55.62
C GLY I 142 -12.52 30.73 -55.05
N HIS I 143 -12.27 31.70 -55.91
CA HIS I 143 -11.78 33.03 -55.56
C HIS I 143 -10.52 33.01 -54.69
N VAL I 144 -9.78 31.85 -54.62
CA VAL I 144 -8.53 31.67 -53.85
C VAL I 144 -7.39 32.30 -54.62
N HIS I 145 -6.48 33.05 -53.96
CA HIS I 145 -5.37 33.73 -54.64
C HIS I 145 -4.00 33.23 -54.17
N VAL I 146 -3.22 32.63 -55.10
CA VAL I 146 -1.89 32.07 -54.84
C VAL I 146 -0.77 32.98 -55.44
N ASP I 147 0.09 33.50 -54.54
CA ASP I 147 1.20 34.39 -54.92
C ASP I 147 2.38 33.54 -55.30
N ASP I 148 3.40 34.17 -55.93
CA ASP I 148 4.62 33.58 -56.45
C ASP I 148 5.35 32.65 -55.46
N TRP I 149 5.92 31.57 -56.00
CA TRP I 149 6.78 30.60 -55.34
C TRP I 149 6.15 29.79 -54.21
N ALA I 150 4.81 29.85 -54.06
CA ALA I 150 4.13 29.14 -52.99
C ALA I 150 4.05 27.65 -53.27
N ILE I 151 4.39 26.82 -52.28
CA ILE I 151 4.27 25.36 -52.43
C ILE I 151 3.08 24.85 -51.64
N LEU I 152 2.06 24.31 -52.34
CA LEU I 152 0.90 23.75 -51.68
C LEU I 152 1.01 22.23 -51.73
N SER I 153 1.49 21.59 -50.63
CA SER I 153 1.67 20.13 -50.50
C SER I 153 0.39 19.32 -50.82
N GLY I 154 0.58 18.01 -51.04
CA GLY I 154 -0.48 17.09 -51.42
C GLY I 154 -1.74 17.17 -50.61
N TYR I 155 -2.89 17.08 -51.30
CA TYR I 155 -4.26 17.12 -50.78
C TYR I 155 -4.51 18.36 -49.88
N THR I 156 -3.91 19.55 -50.24
CA THR I 156 -4.13 20.80 -49.50
C THR I 156 -5.44 21.36 -50.00
N LEU I 157 -6.39 21.58 -49.08
CA LEU I 157 -7.70 22.14 -49.41
C LEU I 157 -7.76 23.60 -48.99
N VAL I 158 -8.22 24.47 -49.89
CA VAL I 158 -8.26 25.89 -49.57
C VAL I 158 -9.70 26.44 -49.72
N HIS I 159 -10.22 27.05 -48.64
CA HIS I 159 -11.55 27.66 -48.59
C HIS I 159 -11.68 28.84 -49.58
N GLN I 160 -12.92 29.10 -50.04
CA GLN I 160 -13.23 30.21 -50.96
C GLN I 160 -12.73 31.56 -50.41
N TYR I 161 -12.15 32.40 -51.29
CA TYR I 161 -11.68 33.79 -51.05
C TYR I 161 -10.32 33.94 -50.36
N CYS I 162 -9.75 32.85 -49.82
CA CYS I 162 -8.45 32.87 -49.14
C CYS I 162 -7.27 33.32 -50.01
N ARG I 163 -6.20 33.81 -49.37
CA ARG I 163 -4.97 34.21 -50.07
C ARG I 163 -3.74 33.54 -49.46
N ILE I 164 -2.94 32.91 -50.34
CA ILE I 164 -1.69 32.22 -50.08
C ILE I 164 -0.57 33.19 -50.49
N GLY I 165 0.28 33.53 -49.53
CA GLY I 165 1.37 34.47 -49.73
C GLY I 165 2.52 33.95 -50.56
N ALA I 166 3.46 34.84 -50.89
CA ALA I 166 4.65 34.48 -51.69
C ALA I 166 5.56 33.51 -50.91
N HIS I 167 6.03 32.41 -51.54
CA HIS I 167 6.91 31.40 -50.93
C HIS I 167 6.28 30.68 -49.75
N SER I 168 4.99 30.96 -49.45
CA SER I 168 4.34 30.32 -48.32
C SER I 168 4.04 28.87 -48.62
N PHE I 169 4.56 28.00 -47.77
CA PHE I 169 4.44 26.55 -47.86
C PHE I 169 3.23 26.07 -47.06
N SER I 170 2.50 25.07 -47.59
CA SER I 170 1.36 24.45 -46.90
C SER I 170 1.63 22.96 -46.78
N GLY I 171 1.64 22.44 -45.56
CA GLY I 171 1.89 21.03 -45.25
C GLY I 171 0.88 20.08 -45.83
N MET I 172 1.26 18.79 -46.05
CA MET I 172 0.32 17.88 -46.70
C MET I 172 -0.96 17.68 -45.87
N GLY I 173 -2.06 17.46 -46.59
CA GLY I 173 -3.39 17.25 -46.04
C GLY I 173 -3.94 18.38 -45.20
N SER I 174 -3.44 19.61 -45.42
CA SER I 174 -3.87 20.79 -44.68
C SER I 174 -5.16 21.38 -45.18
N ALA I 175 -6.00 21.89 -44.26
CA ALA I 175 -7.25 22.56 -44.56
C ALA I 175 -7.09 24.01 -44.15
N ILE I 176 -6.92 24.88 -45.15
CA ILE I 176 -6.72 26.32 -44.98
C ILE I 176 -8.10 26.94 -45.11
N GLY I 177 -8.44 27.77 -44.13
CA GLY I 177 -9.69 28.51 -44.11
C GLY I 177 -9.50 30.00 -43.97
N LYS I 178 -8.32 30.40 -43.46
CA LYS I 178 -7.92 31.79 -43.29
C LYS I 178 -6.60 32.06 -44.07
N ASP I 179 -6.32 33.32 -44.38
CA ASP I 179 -5.15 33.70 -45.18
C ASP I 179 -3.81 33.20 -44.67
N VAL I 180 -2.94 32.82 -45.62
CA VAL I 180 -1.59 32.35 -45.32
C VAL I 180 -0.60 33.48 -45.70
N PRO I 181 0.09 34.05 -44.66
CA PRO I 181 1.05 35.12 -44.94
C PRO I 181 2.23 34.63 -45.77
N ALA I 182 2.86 35.53 -46.51
CA ALA I 182 4.01 35.17 -47.31
C ALA I 182 5.05 34.44 -46.47
N TYR I 183 5.67 33.40 -47.03
CA TYR I 183 6.73 32.55 -46.48
C TYR I 183 6.26 31.63 -45.36
N VAL I 184 5.19 31.99 -44.63
CA VAL I 184 4.68 31.22 -43.49
C VAL I 184 4.26 29.78 -43.87
N THR I 185 4.79 28.77 -43.12
CA THR I 185 4.48 27.34 -43.27
C THR I 185 3.32 27.01 -42.34
N VAL I 186 2.24 26.44 -42.90
CA VAL I 186 1.03 26.08 -42.14
C VAL I 186 0.77 24.57 -42.24
N PHE I 187 0.13 23.96 -41.21
CA PHE I 187 -0.08 22.50 -41.18
C PHE I 187 -1.42 22.00 -40.57
N GLY I 188 -1.93 20.89 -41.12
CA GLY I 188 -3.11 20.16 -40.64
C GLY I 188 -4.48 20.76 -40.85
N ASN I 189 -5.52 20.05 -40.39
CA ASN I 189 -6.95 20.42 -40.47
C ASN I 189 -7.48 20.79 -39.06
N PRO I 190 -7.68 22.11 -38.73
CA PRO I 190 -7.44 23.33 -39.54
C PRO I 190 -5.98 23.81 -39.56
N ALA I 191 -5.62 24.65 -40.56
CA ALA I 191 -4.25 25.14 -40.73
C ALA I 191 -3.83 26.04 -39.56
N GLU I 192 -2.70 25.69 -38.95
CA GLU I 192 -2.09 26.40 -37.82
C GLU I 192 -0.64 26.74 -38.24
N ALA I 193 -0.17 28.00 -38.05
CA ALA I 193 1.18 28.39 -38.49
C ALA I 193 2.29 27.74 -37.64
N ARG I 194 3.30 27.14 -38.32
CA ARG I 194 4.44 26.42 -37.74
C ARG I 194 5.74 27.23 -37.73
N SER I 195 6.24 27.66 -38.91
CA SER I 195 7.47 28.44 -39.06
C SER I 195 7.41 29.21 -40.38
N MET I 196 8.56 29.39 -41.04
CA MET I 196 8.75 30.13 -42.29
C MET I 196 9.53 29.25 -43.32
N ASN I 197 9.23 29.39 -44.63
CA ASN I 197 9.88 28.62 -45.70
C ASN I 197 11.34 29.06 -45.92
N PHE I 198 12.24 28.62 -45.02
CA PHE I 198 13.64 28.97 -45.11
C PHE I 198 14.33 28.33 -46.30
N GLU I 199 13.83 27.16 -46.74
CA GLU I 199 14.39 26.46 -47.90
C GLU I 199 13.97 27.11 -49.21
N GLY I 200 12.84 27.83 -49.21
CA GLY I 200 12.37 28.57 -50.37
C GLY I 200 13.10 29.90 -50.49
N MET I 201 13.59 30.41 -49.31
CA MET I 201 14.38 31.63 -49.10
C MET I 201 15.82 31.37 -49.54
N ARG I 202 16.42 30.22 -49.13
CA ARG I 202 17.76 29.84 -49.59
C ARG I 202 17.70 29.61 -51.10
N ARG I 203 16.69 28.80 -51.61
CA ARG I 203 16.50 28.52 -53.05
C ARG I 203 16.52 29.81 -53.89
N ARG I 204 15.92 30.92 -53.38
CA ARG I 204 15.85 32.24 -54.07
C ARG I 204 17.04 33.14 -53.79
N GLY I 205 18.07 32.57 -53.16
CA GLY I 205 19.30 33.27 -52.81
C GLY I 205 18.99 34.52 -52.01
N PHE I 206 18.48 34.32 -50.80
CA PHE I 206 18.16 35.44 -49.92
C PHE I 206 19.39 35.75 -49.07
N SER I 207 19.51 37.02 -48.66
CA SER I 207 20.60 37.47 -47.79
C SER I 207 20.39 36.80 -46.43
N SER I 208 21.46 36.37 -45.75
CA SER I 208 21.32 35.77 -44.42
C SER I 208 20.60 36.79 -43.53
N GLU I 209 20.82 38.10 -43.81
CA GLU I 209 20.23 39.29 -43.19
C GLU I 209 18.69 39.27 -43.29
N ALA I 210 18.17 39.02 -44.51
CA ALA I 210 16.74 38.96 -44.84
C ALA I 210 16.07 37.74 -44.22
N ILE I 211 16.71 36.54 -44.36
CA ILE I 211 16.25 35.27 -43.79
C ILE I 211 15.97 35.45 -42.27
N HIS I 212 16.95 36.06 -41.55
CA HIS I 212 16.87 36.36 -40.13
C HIS I 212 15.80 37.42 -39.87
N ALA I 213 15.76 38.54 -40.64
CA ALA I 213 14.72 39.58 -40.50
C ALA I 213 13.31 39.05 -40.67
N LEU I 214 13.15 37.95 -41.46
CA LEU I 214 11.89 37.24 -41.69
C LEU I 214 11.59 36.26 -40.55
N ARG I 215 12.63 35.82 -39.77
CA ARG I 215 12.41 34.96 -38.59
C ARG I 215 11.98 35.88 -37.47
N ARG I 216 12.69 37.01 -37.29
CA ARG I 216 12.33 37.99 -36.28
C ARG I 216 10.87 38.46 -36.58
N ALA I 217 10.48 38.51 -37.89
CA ALA I 217 9.12 38.89 -38.36
C ALA I 217 8.01 37.90 -38.00
N TYR I 218 8.23 36.57 -38.13
CA TYR I 218 7.22 35.55 -37.76
C TYR I 218 6.94 35.69 -36.28
N LYS I 219 8.03 35.69 -35.48
CA LYS I 219 8.00 35.87 -34.03
C LYS I 219 7.16 37.08 -33.64
N VAL I 220 7.37 38.30 -34.23
CA VAL I 220 6.59 39.54 -33.97
C VAL I 220 5.07 39.30 -34.06
N VAL I 221 4.65 38.63 -35.14
CA VAL I 221 3.26 38.33 -35.47
C VAL I 221 2.72 37.29 -34.48
N TYR I 222 3.24 36.07 -34.61
CA TYR I 222 2.84 34.88 -33.90
C TYR I 222 3.38 34.78 -32.46
N ARG I 223 4.65 34.32 -32.31
CA ARG I 223 5.31 34.04 -31.04
C ARG I 223 5.55 35.27 -30.09
N GLN I 224 4.89 36.45 -30.30
CA GLN I 224 5.10 37.64 -29.44
C GLN I 224 3.85 38.11 -28.68
N GLY I 225 2.71 37.47 -28.97
CA GLY I 225 1.45 37.78 -28.32
C GLY I 225 0.90 39.16 -28.63
N HIS I 226 1.17 39.65 -29.84
CA HIS I 226 0.68 40.94 -30.28
C HIS I 226 -0.56 40.67 -31.08
N THR I 227 -1.50 41.65 -31.15
CA THR I 227 -2.68 41.53 -32.01
C THR I 227 -2.20 41.79 -33.43
N VAL I 228 -3.04 41.47 -34.43
CA VAL I 228 -2.74 41.69 -35.85
C VAL I 228 -2.41 43.16 -36.12
N GLU I 229 -3.11 44.09 -35.41
CA GLU I 229 -2.91 45.54 -35.51
C GLU I 229 -1.56 45.99 -34.95
N GLU I 230 -1.12 45.40 -33.82
CA GLU I 230 0.15 45.69 -33.11
C GLU I 230 1.36 45.07 -33.85
N ALA I 231 1.17 43.90 -34.48
CA ALA I 231 2.21 43.19 -35.21
C ALA I 231 2.58 44.00 -36.42
N LEU I 232 1.56 44.38 -37.24
CA LEU I 232 1.71 45.19 -38.47
C LEU I 232 2.42 46.49 -38.18
N ALA I 233 2.04 47.16 -37.05
CA ALA I 233 2.61 48.42 -36.59
C ALA I 233 4.07 48.27 -36.15
N GLU I 234 4.41 47.15 -35.47
CA GLU I 234 5.78 46.84 -35.03
C GLU I 234 6.68 46.52 -36.26
N LEU I 235 6.13 45.74 -37.23
CA LEU I 235 6.77 45.32 -38.47
C LEU I 235 7.08 46.48 -39.41
N ALA I 236 6.42 47.66 -39.25
CA ALA I 236 6.62 48.85 -40.11
C ALA I 236 8.08 49.17 -40.46
N GLU I 237 9.00 49.07 -39.44
CA GLU I 237 10.43 49.33 -39.53
C GLU I 237 11.19 48.29 -40.33
N SER I 238 11.01 46.99 -40.03
CA SER I 238 11.69 45.90 -40.74
C SER I 238 11.27 45.82 -42.20
N ALA I 239 10.00 46.13 -42.52
CA ALA I 239 9.42 46.12 -43.86
C ALA I 239 10.06 47.21 -44.76
N ALA I 240 10.47 48.34 -44.12
CA ALA I 240 11.13 49.46 -44.76
C ALA I 240 12.61 49.09 -45.10
N GLN I 241 13.35 48.46 -44.15
CA GLN I 241 14.76 48.04 -44.33
C GLN I 241 14.88 46.86 -45.30
N PHE I 242 13.95 45.87 -45.19
CA PHE I 242 14.01 44.66 -45.97
C PHE I 242 12.80 44.49 -46.85
N PRO I 243 12.95 44.65 -48.18
CA PRO I 243 11.81 44.44 -49.09
C PRO I 243 11.17 43.04 -49.02
N GLU I 244 11.90 42.07 -48.40
CA GLU I 244 11.46 40.67 -48.20
C GLU I 244 10.42 40.64 -47.06
N VAL I 245 10.61 41.50 -46.05
CA VAL I 245 9.70 41.64 -44.90
C VAL I 245 8.51 42.44 -45.40
N ALA I 246 8.74 43.39 -46.32
CA ALA I 246 7.68 44.21 -46.91
C ALA I 246 6.60 43.32 -47.55
N VAL I 247 7.01 42.27 -48.30
CA VAL I 247 6.13 41.24 -48.91
C VAL I 247 5.26 40.63 -47.80
N PHE I 248 5.93 40.22 -46.71
CA PHE I 248 5.31 39.63 -45.54
C PHE I 248 4.33 40.61 -44.82
N ARG I 249 4.72 41.87 -44.53
CA ARG I 249 3.82 42.83 -43.90
C ARG I 249 2.60 43.06 -44.78
N ASP I 250 2.82 43.30 -46.09
CA ASP I 250 1.73 43.52 -47.06
C ASP I 250 0.82 42.31 -47.20
N SER I 251 1.33 41.09 -46.99
CA SER I 251 0.53 39.85 -47.04
C SER I 251 -0.48 39.82 -45.88
N ILE I 252 -0.04 40.32 -44.71
CA ILE I 252 -0.80 40.42 -43.45
C ILE I 252 -1.77 41.62 -43.49
N GLN I 253 -1.30 42.74 -44.06
CA GLN I 253 -2.05 43.99 -44.18
C GLN I 253 -3.31 43.80 -44.99
N SER I 254 -3.20 43.05 -46.11
CA SER I 254 -4.27 42.77 -47.08
C SER I 254 -5.29 41.67 -46.66
N ALA I 255 -5.11 41.07 -45.46
CA ALA I 255 -6.03 40.06 -44.92
C ALA I 255 -6.93 40.63 -43.81
N THR I 256 -6.32 41.44 -42.90
CA THR I 256 -6.97 42.02 -41.72
C THR I 256 -7.40 43.53 -41.92
N ARG I 257 -8.75 43.77 -42.07
CA ARG I 257 -9.40 45.10 -42.18
C ARG I 257 -10.29 45.40 -40.96
N GLY I 258 -11.16 44.45 -40.62
CA GLY I 258 -12.03 44.50 -39.45
C GLY I 258 -13.15 45.51 -39.45
N ILE I 259 -13.90 45.50 -38.34
CA ILE I 259 -15.08 46.34 -38.04
C ILE I 259 -14.80 47.39 -36.95
N THR I 260 -15.42 48.57 -37.11
CA THR I 260 -15.32 49.74 -36.24
C THR I 260 -15.81 49.42 -34.85
N ARG I 261 -14.89 49.17 -33.91
CA ARG I 261 -15.29 48.90 -32.53
C ARG I 261 -15.25 50.19 -31.75
N MET J 4 -12.63 -10.82 -84.17
CA MET J 4 -11.67 -9.82 -83.73
C MET J 4 -10.44 -10.46 -82.99
N SER J 5 -9.37 -9.62 -82.77
CA SER J 5 -8.13 -9.87 -82.03
C SER J 5 -8.50 -9.77 -80.51
N LEU J 6 -7.54 -9.41 -79.63
CA LEU J 6 -7.81 -9.21 -78.18
C LEU J 6 -7.59 -7.72 -77.91
N ILE J 7 -6.73 -7.12 -78.75
CA ILE J 7 -6.35 -5.72 -78.76
C ILE J 7 -7.32 -4.98 -79.66
N ASP J 8 -8.04 -4.01 -79.08
CA ASP J 8 -9.02 -3.21 -79.80
C ASP J 8 -8.37 -2.33 -80.87
N PRO J 9 -8.96 -2.34 -82.10
CA PRO J 9 -8.39 -1.55 -83.19
C PRO J 9 -8.32 -0.03 -82.99
N ARG J 10 -9.08 0.52 -82.00
CA ARG J 10 -9.14 1.95 -81.65
C ARG J 10 -8.03 2.38 -80.69
N ALA J 11 -7.26 1.39 -80.16
CA ALA J 11 -6.15 1.56 -79.22
C ALA J 11 -4.84 1.74 -79.97
N ILE J 12 -3.88 2.46 -79.32
CA ILE J 12 -2.52 2.75 -79.84
C ILE J 12 -1.46 1.85 -79.17
N ILE J 13 -0.75 1.05 -79.98
CA ILE J 13 0.30 0.14 -79.52
C ILE J 13 1.61 0.48 -80.25
N ASP J 14 2.71 0.62 -79.50
CA ASP J 14 4.01 0.94 -80.09
C ASP J 14 4.71 -0.32 -80.59
N PRO J 15 5.51 -0.26 -81.68
CA PRO J 15 6.20 -1.48 -82.13
C PRO J 15 7.14 -2.09 -81.09
N SER J 16 7.82 -1.23 -80.29
CA SER J 16 8.77 -1.64 -79.24
C SER J 16 8.09 -2.19 -77.99
N ALA J 17 6.74 -2.09 -77.92
CA ALA J 17 5.95 -2.61 -76.82
C ALA J 17 5.71 -4.12 -77.03
N ARG J 18 6.03 -4.93 -75.99
CA ARG J 18 5.87 -6.39 -76.00
C ARG J 18 4.60 -6.74 -75.26
N LEU J 19 3.73 -7.56 -75.87
CA LEU J 19 2.43 -7.95 -75.29
C LEU J 19 2.17 -9.43 -75.56
N ALA J 20 1.73 -10.22 -74.55
CA ALA J 20 1.46 -11.66 -74.72
C ALA J 20 0.31 -11.97 -75.71
N ALA J 21 0.20 -13.24 -76.13
CA ALA J 21 -0.79 -13.64 -77.13
C ALA J 21 -2.24 -13.76 -76.59
N ASP J 22 -2.43 -13.43 -75.29
CA ASP J 22 -3.74 -13.45 -74.61
C ASP J 22 -4.04 -12.13 -73.91
N VAL J 23 -3.13 -11.15 -74.09
CA VAL J 23 -3.23 -9.78 -73.57
C VAL J 23 -4.39 -9.08 -74.31
N GLN J 24 -5.27 -8.41 -73.55
CA GLN J 24 -6.41 -7.68 -74.11
C GLN J 24 -6.20 -6.20 -73.89
N VAL J 25 -6.40 -5.42 -74.94
CA VAL J 25 -6.27 -3.97 -74.84
C VAL J 25 -7.61 -3.34 -75.26
N GLY J 26 -8.15 -2.50 -74.38
CA GLY J 26 -9.39 -1.78 -74.60
C GLY J 26 -9.20 -0.65 -75.60
N PRO J 27 -10.29 -0.01 -76.10
CA PRO J 27 -10.11 1.06 -77.08
C PRO J 27 -9.55 2.32 -76.44
N TRP J 28 -8.92 3.18 -77.25
CA TRP J 28 -8.38 4.47 -76.82
C TRP J 28 -7.35 4.34 -75.69
N SER J 29 -6.64 3.22 -75.67
CA SER J 29 -5.60 2.98 -74.70
C SER J 29 -4.27 3.12 -75.42
N ILE J 30 -3.21 3.51 -74.69
CA ILE J 30 -1.88 3.62 -75.27
C ILE J 30 -0.92 2.66 -74.59
N VAL J 31 -0.44 1.67 -75.35
CA VAL J 31 0.59 0.75 -74.88
C VAL J 31 1.90 1.27 -75.47
N GLY J 32 2.45 2.26 -74.77
CA GLY J 32 3.63 3.00 -75.18
C GLY J 32 4.90 2.20 -75.38
N ALA J 33 5.90 2.88 -75.95
CA ALA J 33 7.23 2.36 -76.24
C ALA J 33 7.88 1.88 -74.97
N GLU J 34 8.57 0.71 -75.02
CA GLU J 34 9.30 0.11 -73.90
C GLU J 34 8.38 -0.55 -72.81
N VAL J 35 7.09 -0.77 -73.13
CA VAL J 35 6.14 -1.41 -72.22
C VAL J 35 6.03 -2.91 -72.55
N GLU J 36 6.33 -3.74 -71.55
CA GLU J 36 6.23 -5.19 -71.63
C GLU J 36 4.96 -5.54 -70.85
N ILE J 37 4.09 -6.40 -71.41
CA ILE J 37 2.83 -6.82 -70.77
C ILE J 37 2.72 -8.34 -70.81
N GLY J 38 2.63 -8.93 -69.64
CA GLY J 38 2.58 -10.38 -69.49
C GLY J 38 1.24 -11.05 -69.72
N GLU J 39 1.30 -12.38 -69.92
CA GLU J 39 0.21 -13.33 -70.16
C GLU J 39 -1.02 -13.09 -69.27
N GLY J 40 -2.19 -13.03 -69.91
CA GLY J 40 -3.48 -12.90 -69.24
C GLY J 40 -3.92 -11.53 -68.77
N THR J 41 -3.06 -10.50 -68.86
CA THR J 41 -3.36 -9.12 -68.45
C THR J 41 -4.46 -8.50 -69.34
N VAL J 42 -5.32 -7.68 -68.72
CA VAL J 42 -6.45 -6.99 -69.36
C VAL J 42 -6.29 -5.49 -69.13
N ILE J 43 -6.23 -4.72 -70.22
CA ILE J 43 -6.13 -3.25 -70.15
C ILE J 43 -7.49 -2.72 -70.63
N GLY J 44 -8.11 -1.86 -69.83
CA GLY J 44 -9.42 -1.29 -70.15
C GLY J 44 -9.36 -0.19 -71.19
N PRO J 45 -10.46 0.57 -71.41
CA PRO J 45 -10.40 1.67 -72.39
C PRO J 45 -9.80 2.90 -71.75
N HIS J 46 -9.34 3.89 -72.54
CA HIS J 46 -8.74 5.13 -72.00
C HIS J 46 -7.67 4.90 -70.94
N VAL J 47 -6.76 3.93 -71.16
CA VAL J 47 -5.62 3.63 -70.25
C VAL J 47 -4.34 4.14 -70.96
N VAL J 48 -3.41 4.79 -70.21
CA VAL J 48 -2.16 5.34 -70.77
C VAL J 48 -0.97 4.65 -70.12
N LEU J 49 -0.14 3.96 -70.93
CA LEU J 49 1.06 3.24 -70.44
C LEU J 49 2.31 3.75 -71.14
N LYS J 50 3.29 4.21 -70.35
CA LYS J 50 4.56 4.77 -70.80
C LYS J 50 5.70 3.89 -70.24
N GLY J 51 6.69 3.59 -71.08
CA GLY J 51 7.84 2.77 -70.67
C GLY J 51 9.06 3.54 -70.19
N PRO J 52 10.11 2.87 -69.67
CA PRO J 52 10.29 1.41 -69.51
C PRO J 52 9.44 0.84 -68.36
N THR J 53 8.48 -0.07 -68.70
CA THR J 53 7.57 -0.69 -67.74
C THR J 53 7.37 -2.16 -68.05
N LYS J 54 7.44 -3.00 -67.00
CA LYS J 54 7.16 -4.44 -67.14
C LYS J 54 5.96 -4.82 -66.26
N ILE J 55 4.83 -5.07 -66.93
CA ILE J 55 3.55 -5.48 -66.37
C ILE J 55 3.52 -7.01 -66.47
N GLY J 56 3.28 -7.65 -65.34
CA GLY J 56 3.26 -9.10 -65.21
C GLY J 56 2.02 -9.79 -65.71
N LYS J 57 1.80 -11.01 -65.22
CA LYS J 57 0.72 -11.89 -65.63
C LYS J 57 -0.62 -11.60 -64.95
N HIS J 58 -1.73 -11.72 -65.69
CA HIS J 58 -3.12 -11.61 -65.21
C HIS J 58 -3.43 -10.41 -64.32
N ASN J 59 -3.05 -9.21 -64.76
CA ASN J 59 -3.31 -7.95 -64.03
C ASN J 59 -4.53 -7.30 -64.67
N ARG J 60 -5.31 -6.50 -63.90
CA ARG J 60 -6.48 -5.80 -64.43
C ARG J 60 -6.32 -4.27 -64.21
N ILE J 61 -5.94 -3.54 -65.29
CA ILE J 61 -5.75 -2.09 -65.24
C ILE J 61 -6.97 -1.38 -65.84
N TYR J 62 -7.69 -0.62 -64.98
CA TYR J 62 -8.94 0.09 -65.29
C TYR J 62 -8.77 1.43 -66.01
N GLN J 63 -9.86 1.85 -66.69
CA GLN J 63 -10.01 3.10 -67.43
C GLN J 63 -9.51 4.32 -66.67
N PHE J 64 -8.89 5.29 -67.42
CA PHE J 64 -8.33 6.60 -66.98
C PHE J 64 -7.10 6.48 -66.03
N SER J 65 -6.41 5.32 -66.10
CA SER J 65 -5.18 5.10 -65.35
C SER J 65 -4.02 5.61 -66.20
N SER J 66 -3.10 6.35 -65.59
CA SER J 66 -1.86 6.83 -66.20
C SER J 66 -0.80 6.03 -65.44
N VAL J 67 -0.21 5.01 -66.11
CA VAL J 67 0.74 4.06 -65.51
C VAL J 67 2.07 4.09 -66.25
N GLY J 68 3.14 4.42 -65.53
CA GLY J 68 4.49 4.50 -66.07
C GLY J 68 4.92 5.86 -66.55
N GLU J 69 4.12 6.89 -66.23
CA GLU J 69 4.45 8.28 -66.58
C GLU J 69 5.64 8.74 -65.76
N ASP J 70 6.43 9.71 -66.26
CA ASP J 70 7.55 10.23 -65.50
C ASP J 70 6.98 11.10 -64.36
N THR J 71 7.66 11.15 -63.18
CA THR J 71 7.18 11.96 -62.07
C THR J 71 7.16 13.43 -62.38
N PRO J 72 6.24 14.21 -61.78
CA PRO J 72 6.27 15.65 -61.99
C PRO J 72 7.40 16.28 -61.15
N ASP J 73 8.07 15.48 -60.26
CA ASP J 73 9.20 15.92 -59.41
C ASP J 73 10.27 16.62 -60.26
N LEU J 74 10.75 17.76 -59.74
CA LEU J 74 11.74 18.61 -60.39
C LEU J 74 13.16 17.98 -60.33
N LYS J 75 13.34 17.00 -59.41
CA LYS J 75 14.52 16.18 -59.12
C LYS J 75 14.85 15.31 -60.35
N TYR J 76 13.79 14.89 -61.06
CA TYR J 76 13.85 14.05 -62.23
C TYR J 76 14.11 14.88 -63.49
N LYS J 77 15.26 14.61 -64.12
CA LYS J 77 15.71 15.27 -65.35
C LYS J 77 15.74 14.30 -66.56
N GLY J 78 14.64 13.55 -66.72
CA GLY J 78 14.39 12.67 -67.86
C GLY J 78 15.15 11.36 -68.05
N GLU J 79 15.93 10.92 -67.03
CA GLU J 79 16.72 9.66 -67.08
C GLU J 79 15.87 8.37 -67.44
N PRO J 80 16.42 7.26 -68.01
CA PRO J 80 15.56 6.09 -68.32
C PRO J 80 15.41 5.12 -67.13
N THR J 81 14.56 5.53 -66.19
CA THR J 81 14.23 4.86 -64.95
C THR J 81 13.01 4.01 -65.20
N ARG J 82 12.88 2.86 -64.51
CA ARG J 82 11.79 1.90 -64.75
C ARG J 82 10.61 1.95 -63.80
N LEU J 83 9.61 1.08 -64.09
CA LEU J 83 8.42 0.69 -63.32
C LEU J 83 8.28 -0.79 -63.56
N VAL J 84 7.99 -1.55 -62.49
CA VAL J 84 7.78 -3.00 -62.54
C VAL J 84 6.48 -3.31 -61.79
N ILE J 85 5.57 -4.08 -62.42
CA ILE J 85 4.31 -4.53 -61.80
C ILE J 85 4.25 -6.07 -61.94
N GLY J 86 4.05 -6.73 -60.83
CA GLY J 86 3.97 -8.18 -60.78
C GLY J 86 2.72 -8.78 -61.39
N ASP J 87 2.28 -9.90 -60.81
CA ASP J 87 1.13 -10.67 -61.28
C ASP J 87 -0.07 -10.49 -60.41
N HIS J 88 -1.27 -10.61 -61.01
CA HIS J 88 -2.57 -10.58 -60.32
C HIS J 88 -2.85 -9.29 -59.50
N ASN J 89 -2.45 -8.15 -60.01
CA ASN J 89 -2.72 -6.88 -59.35
C ASN J 89 -4.02 -6.28 -59.92
N VAL J 90 -4.71 -5.42 -59.14
CA VAL J 90 -5.91 -4.72 -59.60
C VAL J 90 -5.69 -3.20 -59.56
N ILE J 91 -5.39 -2.57 -60.71
CA ILE J 91 -5.22 -1.12 -60.75
C ILE J 91 -6.58 -0.55 -61.15
N ARG J 92 -7.32 0.01 -60.17
CA ARG J 92 -8.66 0.56 -60.36
C ARG J 92 -8.66 1.91 -61.10
N GLU J 93 -9.88 2.42 -61.44
CA GLU J 93 -10.11 3.61 -62.28
C GLU J 93 -9.32 4.85 -61.80
N GLY J 94 -8.69 5.52 -62.75
CA GLY J 94 -7.91 6.71 -62.52
C GLY J 94 -6.66 6.62 -61.65
N VAL J 95 -6.04 5.43 -61.55
CA VAL J 95 -4.82 5.31 -60.73
C VAL J 95 -3.63 5.92 -61.47
N THR J 96 -2.71 6.59 -60.72
CA THR J 96 -1.45 7.18 -61.21
C THR J 96 -0.27 6.43 -60.60
N ILE J 97 0.58 5.83 -61.44
CA ILE J 97 1.78 5.11 -61.02
C ILE J 97 2.94 5.67 -61.82
N HIS J 98 3.94 6.24 -61.13
CA HIS J 98 5.08 6.90 -61.77
C HIS J 98 6.37 6.10 -61.66
N ARG J 99 7.19 6.11 -62.73
CA ARG J 99 8.47 5.39 -62.75
C ARG J 99 9.45 6.09 -61.83
N GLY J 100 10.42 5.33 -61.30
CA GLY J 100 11.46 5.80 -60.39
C GLY J 100 12.32 6.95 -60.87
N THR J 101 13.23 7.43 -59.95
CA THR J 101 14.22 8.51 -60.17
C THR J 101 15.62 7.95 -59.96
N VAL J 102 16.59 8.43 -60.76
CA VAL J 102 17.99 7.97 -60.68
C VAL J 102 18.60 8.19 -59.26
N GLN J 103 18.01 9.13 -58.52
CA GLN J 103 18.38 9.55 -57.19
C GLN J 103 18.29 8.41 -56.12
N ASP J 104 17.50 7.35 -56.38
CA ASP J 104 17.34 6.18 -55.51
C ASP J 104 17.81 4.91 -56.26
N ARG J 105 16.88 3.98 -56.57
CA ARG J 105 17.15 2.72 -57.26
C ARG J 105 16.78 2.76 -58.75
N ALA J 106 16.33 3.96 -59.24
CA ALA J 106 15.90 4.27 -60.62
C ALA J 106 14.77 3.34 -61.13
N GLU J 107 13.83 3.00 -60.21
CA GLU J 107 12.74 2.05 -60.41
C GLU J 107 11.69 2.13 -59.32
N THR J 108 10.38 2.03 -59.72
CA THR J 108 9.19 1.92 -58.86
C THR J 108 8.76 0.45 -59.06
N THR J 109 8.46 -0.27 -57.98
CA THR J 109 8.09 -1.69 -58.08
C THR J 109 6.82 -2.04 -57.29
N ILE J 110 5.96 -2.85 -57.89
CA ILE J 110 4.72 -3.38 -57.31
C ILE J 110 4.73 -4.94 -57.46
N GLY J 111 4.49 -5.62 -56.35
CA GLY J 111 4.48 -7.07 -56.28
C GLY J 111 3.27 -7.72 -56.92
N ASP J 112 2.77 -8.76 -56.25
CA ASP J 112 1.64 -9.56 -56.72
C ASP J 112 0.43 -9.38 -55.82
N HIS J 113 -0.77 -9.67 -56.35
CA HIS J 113 -2.07 -9.67 -55.67
C HIS J 113 -2.45 -8.37 -54.91
N ASN J 114 -1.93 -7.21 -55.36
CA ASN J 114 -2.26 -5.92 -54.74
C ASN J 114 -3.52 -5.29 -55.34
N LEU J 115 -4.44 -4.80 -54.48
CA LEU J 115 -5.66 -4.14 -54.92
C LEU J 115 -5.43 -2.65 -54.71
N ILE J 116 -5.09 -1.97 -55.82
CA ILE J 116 -4.81 -0.53 -55.86
C ILE J 116 -6.06 0.20 -56.40
N MET J 117 -6.92 0.67 -55.49
CA MET J 117 -8.20 1.28 -55.76
C MET J 117 -8.14 2.68 -56.39
N ALA J 118 -9.29 3.12 -56.94
CA ALA J 118 -9.56 4.34 -57.67
C ALA J 118 -8.79 5.61 -57.22
N TYR J 119 -8.18 6.29 -58.19
CA TYR J 119 -7.43 7.55 -58.13
C TYR J 119 -6.24 7.55 -57.13
N ALA J 120 -5.80 6.37 -56.66
CA ALA J 120 -4.65 6.21 -55.78
C ALA J 120 -3.38 6.65 -56.50
N HIS J 121 -2.46 7.30 -55.80
CA HIS J 121 -1.19 7.73 -56.39
C HIS J 121 0.01 6.91 -55.83
N ILE J 122 0.88 6.44 -56.72
CA ILE J 122 2.10 5.72 -56.35
C ILE J 122 3.30 6.51 -56.92
N GLY J 123 3.83 7.42 -56.10
CA GLY J 123 4.94 8.31 -56.45
C GLY J 123 6.21 7.55 -56.71
N HIS J 124 7.20 8.22 -57.35
CA HIS J 124 8.49 7.66 -57.73
C HIS J 124 9.17 6.78 -56.66
N ASP J 125 9.88 5.73 -57.10
CA ASP J 125 10.68 4.78 -56.32
C ASP J 125 9.96 4.07 -55.16
N SER J 126 8.63 4.15 -55.12
CA SER J 126 7.84 3.47 -54.11
C SER J 126 7.94 2.00 -54.38
N VAL J 127 7.99 1.21 -53.31
CA VAL J 127 8.07 -0.23 -53.40
C VAL J 127 6.89 -0.78 -52.61
N ILE J 128 5.99 -1.48 -53.32
CA ILE J 128 4.79 -2.09 -52.77
C ILE J 128 4.98 -3.62 -52.85
N GLY J 129 4.84 -4.30 -51.71
CA GLY J 129 4.99 -5.74 -51.59
C GLY J 129 3.84 -6.51 -52.21
N ASN J 130 3.42 -7.61 -51.56
CA ASN J 130 2.30 -8.44 -52.03
C ASN J 130 1.07 -8.35 -51.11
N HIS J 131 -0.12 -8.64 -51.68
CA HIS J 131 -1.44 -8.66 -51.03
C HIS J 131 -1.83 -7.37 -50.28
N CYS J 132 -1.26 -6.21 -50.69
CA CYS J 132 -1.55 -4.88 -50.15
C CYS J 132 -2.88 -4.32 -50.68
N ILE J 133 -3.68 -3.71 -49.82
CA ILE J 133 -4.88 -3.02 -50.28
C ILE J 133 -4.59 -1.52 -50.14
N LEU J 134 -4.67 -0.80 -51.25
CA LEU J 134 -4.49 0.65 -51.28
C LEU J 134 -5.86 1.19 -51.72
N VAL J 135 -6.68 1.64 -50.76
CA VAL J 135 -8.07 2.10 -50.95
C VAL J 135 -8.07 3.45 -51.73
N ASN J 136 -9.27 4.04 -52.00
CA ASN J 136 -9.47 5.26 -52.77
C ASN J 136 -8.56 6.41 -52.40
N ASN J 137 -8.06 7.13 -53.39
CA ASN J 137 -7.20 8.31 -53.31
C ASN J 137 -6.08 8.22 -52.24
N THR J 138 -5.45 7.03 -52.06
CA THR J 138 -4.29 6.84 -51.18
C THR J 138 -3.16 7.56 -51.94
N ALA J 139 -2.15 8.12 -51.25
CA ALA J 139 -1.08 8.80 -51.96
C ALA J 139 0.26 8.56 -51.30
N LEU J 140 1.18 7.87 -52.03
CA LEU J 140 2.54 7.63 -51.56
C LEU J 140 3.37 8.69 -52.28
N ALA J 141 3.92 9.67 -51.54
CA ALA J 141 4.69 10.79 -52.09
C ALA J 141 5.88 10.37 -52.96
N GLY J 142 6.54 9.29 -52.57
CA GLY J 142 7.71 8.75 -53.25
C GLY J 142 8.66 8.09 -52.28
N HIS J 143 9.39 7.07 -52.75
CA HIS J 143 10.36 6.30 -51.95
C HIS J 143 9.72 5.58 -50.76
N VAL J 144 8.37 5.47 -50.75
CA VAL J 144 7.54 4.83 -49.73
C VAL J 144 7.51 3.31 -49.95
N HIS J 145 7.83 2.54 -48.90
CA HIS J 145 7.88 1.09 -48.96
C HIS J 145 6.74 0.50 -48.17
N VAL J 146 5.76 -0.11 -48.86
CA VAL J 146 4.57 -0.76 -48.29
C VAL J 146 4.77 -2.29 -48.33
N ASP J 147 4.76 -2.93 -47.16
CA ASP J 147 5.01 -4.36 -47.03
C ASP J 147 3.75 -5.18 -47.12
N ASP J 148 3.93 -6.48 -47.43
CA ASP J 148 2.89 -7.50 -47.59
C ASP J 148 1.72 -7.34 -46.63
N TRP J 149 0.50 -7.37 -47.17
CA TRP J 149 -0.84 -7.36 -46.53
C TRP J 149 -1.35 -6.02 -45.98
N ALA J 150 -0.49 -5.04 -45.75
CA ALA J 150 -0.85 -3.70 -45.25
C ALA J 150 -2.11 -3.08 -45.90
N ILE J 151 -3.08 -2.63 -45.06
CA ILE J 151 -4.30 -1.95 -45.55
C ILE J 151 -4.15 -0.43 -45.38
N LEU J 152 -4.33 0.33 -46.49
CA LEU J 152 -4.26 1.79 -46.48
C LEU J 152 -5.62 2.36 -46.88
N SER J 153 -6.44 2.75 -45.88
CA SER J 153 -7.80 3.28 -46.03
C SER J 153 -7.84 4.52 -46.92
N GLY J 154 -9.00 4.78 -47.53
CA GLY J 154 -9.20 5.89 -48.44
C GLY J 154 -8.57 7.19 -47.97
N TYR J 155 -7.89 7.87 -48.87
CA TYR J 155 -7.24 9.16 -48.62
C TYR J 155 -6.17 9.12 -47.49
N THR J 156 -5.46 7.96 -47.37
CA THR J 156 -4.31 7.81 -46.47
C THR J 156 -3.16 8.41 -47.29
N LEU J 157 -2.53 9.46 -46.75
CA LEU J 157 -1.44 10.17 -47.39
C LEU J 157 -0.14 9.75 -46.68
N VAL J 158 0.96 9.59 -47.44
CA VAL J 158 2.25 9.14 -46.93
C VAL J 158 3.37 10.03 -47.38
N HIS J 159 4.13 10.60 -46.44
CA HIS J 159 5.31 11.42 -46.73
C HIS J 159 6.43 10.55 -47.30
N GLN J 160 7.29 11.15 -48.13
CA GLN J 160 8.41 10.44 -48.77
C GLN J 160 9.32 9.69 -47.82
N TYR J 161 9.82 8.53 -48.30
CA TYR J 161 10.80 7.62 -47.68
C TYR J 161 10.22 6.71 -46.57
N CYS J 162 9.00 7.00 -46.07
CA CYS J 162 8.31 6.21 -45.04
C CYS J 162 8.23 4.73 -45.37
N ARG J 163 8.06 3.90 -44.34
CA ARG J 163 7.84 2.48 -44.50
C ARG J 163 6.54 2.12 -43.77
N ILE J 164 5.72 1.27 -44.41
CA ILE J 164 4.45 0.80 -43.88
C ILE J 164 4.62 -0.70 -43.69
N GLY J 165 4.83 -1.10 -42.45
CA GLY J 165 5.08 -2.48 -42.06
C GLY J 165 3.99 -3.45 -42.46
N ALA J 166 4.35 -4.75 -42.56
CA ALA J 166 3.43 -5.84 -42.93
C ALA J 166 2.24 -5.89 -42.04
N HIS J 167 1.08 -6.25 -42.57
CA HIS J 167 -0.20 -6.35 -41.87
C HIS J 167 -0.69 -5.09 -41.14
N SER J 168 -0.01 -3.93 -41.34
CA SER J 168 -0.45 -2.70 -40.69
C SER J 168 -1.73 -2.11 -41.31
N PHE J 169 -2.34 -1.14 -40.62
CA PHE J 169 -3.59 -0.52 -41.07
C PHE J 169 -3.60 0.96 -40.80
N SER J 170 -3.86 1.75 -41.85
CA SER J 170 -3.99 3.19 -41.67
C SER J 170 -5.47 3.51 -41.81
N GLY J 171 -5.97 4.41 -40.97
CA GLY J 171 -7.38 4.81 -40.99
C GLY J 171 -7.70 5.80 -42.07
N MET J 172 -8.97 5.88 -42.50
CA MET J 172 -9.32 6.81 -43.58
C MET J 172 -8.93 8.25 -43.24
N GLY J 173 -8.40 8.97 -44.21
CA GLY J 173 -7.98 10.36 -44.02
C GLY J 173 -6.79 10.56 -43.10
N SER J 174 -5.93 9.52 -42.97
CA SER J 174 -4.68 9.53 -42.21
C SER J 174 -3.69 10.44 -42.91
N ALA J 175 -2.51 10.67 -42.30
CA ALA J 175 -1.40 11.43 -42.89
C ALA J 175 -0.15 10.95 -42.18
N ILE J 176 0.48 9.95 -42.77
CA ILE J 176 1.67 9.29 -42.26
C ILE J 176 2.91 10.13 -42.56
N GLY J 177 3.53 10.60 -41.49
CA GLY J 177 4.74 11.41 -41.53
C GLY J 177 5.98 10.58 -41.23
N LYS J 178 5.87 9.64 -40.25
CA LYS J 178 6.91 8.71 -39.78
C LYS J 178 6.59 7.27 -40.24
N ASP J 179 7.45 6.28 -39.90
CA ASP J 179 7.24 4.89 -40.26
C ASP J 179 6.12 4.25 -39.47
N VAL J 180 5.31 3.39 -40.10
CA VAL J 180 4.24 2.65 -39.40
C VAL J 180 4.76 1.21 -39.15
N PRO J 181 4.97 0.75 -37.87
CA PRO J 181 5.50 -0.61 -37.67
C PRO J 181 4.55 -1.70 -38.17
N ALA J 182 5.08 -2.93 -38.33
CA ALA J 182 4.27 -4.04 -38.79
C ALA J 182 3.09 -4.24 -37.84
N TYR J 183 1.89 -4.54 -38.36
CA TYR J 183 0.61 -4.80 -37.63
C TYR J 183 -0.05 -3.55 -37.02
N VAL J 184 0.71 -2.47 -36.72
CA VAL J 184 0.25 -1.24 -36.05
C VAL J 184 -0.83 -0.51 -36.82
N THR J 185 -1.94 -0.11 -36.14
CA THR J 185 -3.02 0.68 -36.73
C THR J 185 -2.84 2.16 -36.34
N VAL J 186 -2.64 3.04 -37.33
CA VAL J 186 -2.42 4.47 -37.15
C VAL J 186 -3.61 5.24 -37.72
N PHE J 187 -3.98 6.40 -37.13
CA PHE J 187 -5.15 7.18 -37.57
C PHE J 187 -4.97 8.70 -37.52
N GLY J 188 -5.66 9.41 -38.41
CA GLY J 188 -5.65 10.87 -38.43
C GLY J 188 -4.47 11.58 -39.07
N ASN J 189 -4.52 12.92 -39.01
CA ASN J 189 -3.53 13.85 -39.55
C ASN J 189 -3.11 14.77 -38.39
N PRO J 190 -1.91 14.57 -37.78
CA PRO J 190 -0.89 13.56 -38.09
C PRO J 190 -1.32 12.18 -37.61
N ALA J 191 -0.80 11.13 -38.23
CA ALA J 191 -1.10 9.76 -37.84
C ALA J 191 -0.56 9.51 -36.43
N GLU J 192 -1.32 8.73 -35.64
CA GLU J 192 -1.05 8.32 -34.25
C GLU J 192 -1.48 6.86 -34.16
N ALA J 193 -0.63 5.99 -33.57
CA ALA J 193 -0.95 4.57 -33.40
C ALA J 193 -2.08 4.38 -32.37
N ARG J 194 -3.07 3.47 -32.61
CA ARG J 194 -4.25 3.17 -31.74
C ARG J 194 -4.09 1.77 -31.09
N SER J 195 -3.96 0.72 -31.93
CA SER J 195 -3.69 -0.66 -31.50
C SER J 195 -3.04 -1.45 -32.65
N MET J 196 -3.34 -2.76 -32.74
CA MET J 196 -2.81 -3.67 -33.77
C MET J 196 -3.97 -4.16 -34.65
N ASN J 197 -3.65 -4.63 -35.87
CA ASN J 197 -4.65 -5.13 -36.81
C ASN J 197 -4.93 -6.61 -36.50
N PHE J 198 -5.73 -6.86 -35.45
CA PHE J 198 -6.04 -8.19 -34.94
C PHE J 198 -6.91 -9.01 -35.88
N GLU J 199 -7.70 -8.34 -36.76
CA GLU J 199 -8.51 -9.07 -37.76
C GLU J 199 -7.60 -9.57 -38.88
N GLY J 200 -6.56 -8.80 -39.21
CA GLY J 200 -5.55 -9.17 -40.18
C GLY J 200 -4.78 -10.40 -39.74
N MET J 201 -4.59 -10.52 -38.40
CA MET J 201 -3.94 -11.63 -37.73
C MET J 201 -4.91 -12.82 -37.73
N ARG J 202 -6.22 -12.55 -37.55
CA ARG J 202 -7.26 -13.58 -37.53
C ARG J 202 -7.29 -14.31 -38.89
N ARG J 203 -7.25 -13.53 -39.98
CA ARG J 203 -7.32 -14.02 -41.35
C ARG J 203 -6.08 -14.80 -41.77
N ARG J 204 -4.90 -14.48 -41.22
CA ARG J 204 -3.64 -15.13 -41.62
C ARG J 204 -3.34 -16.38 -40.81
N GLY J 205 -4.37 -16.87 -40.11
CA GLY J 205 -4.33 -18.07 -39.28
C GLY J 205 -3.35 -17.97 -38.13
N PHE J 206 -3.23 -16.77 -37.52
CA PHE J 206 -2.33 -16.53 -36.39
C PHE J 206 -2.78 -17.28 -35.14
N SER J 207 -1.82 -17.87 -34.41
CA SER J 207 -2.11 -18.58 -33.15
C SER J 207 -2.57 -17.57 -32.11
N SER J 208 -3.42 -18.02 -31.17
CA SER J 208 -3.86 -17.15 -30.07
C SER J 208 -2.64 -16.76 -29.23
N GLU J 209 -1.60 -17.64 -29.18
CA GLU J 209 -0.33 -17.47 -28.48
C GLU J 209 0.39 -16.26 -29.03
N ALA J 210 0.49 -16.18 -30.37
CA ALA J 210 1.15 -15.10 -31.09
C ALA J 210 0.33 -13.81 -31.15
N ILE J 211 -1.04 -13.87 -31.23
CA ILE J 211 -1.93 -12.68 -31.23
C ILE J 211 -1.77 -11.90 -29.91
N HIS J 212 -1.76 -12.62 -28.77
CA HIS J 212 -1.57 -12.04 -27.43
C HIS J 212 -0.16 -11.53 -27.28
N ALA J 213 0.81 -12.20 -27.93
CA ALA J 213 2.23 -11.85 -27.89
C ALA J 213 2.52 -10.56 -28.63
N LEU J 214 1.67 -10.22 -29.61
CA LEU J 214 1.74 -9.00 -30.43
C LEU J 214 1.01 -7.89 -29.70
N ARG J 215 0.02 -8.23 -28.88
CA ARG J 215 -0.67 -7.23 -28.08
C ARG J 215 0.35 -6.77 -27.00
N ARG J 216 1.11 -7.72 -26.42
CA ARG J 216 2.17 -7.48 -25.45
C ARG J 216 3.29 -6.62 -26.07
N ALA J 217 3.60 -6.82 -27.39
CA ALA J 217 4.63 -6.05 -28.13
C ALA J 217 4.22 -4.61 -28.33
N TYR J 218 2.97 -4.34 -28.77
CA TYR J 218 2.46 -2.98 -28.92
C TYR J 218 2.61 -2.24 -27.60
N LYS J 219 2.27 -2.89 -26.46
CA LYS J 219 2.38 -2.31 -25.13
C LYS J 219 3.83 -1.92 -24.74
N VAL J 220 4.85 -2.74 -25.07
CA VAL J 220 6.26 -2.46 -24.74
C VAL J 220 6.71 -1.16 -25.41
N VAL J 221 6.45 -1.09 -26.71
CA VAL J 221 6.81 -0.01 -27.62
C VAL J 221 6.16 1.31 -27.27
N TYR J 222 4.82 1.29 -27.12
CA TYR J 222 4.00 2.46 -26.86
C TYR J 222 3.65 2.64 -25.37
N ARG J 223 2.47 2.12 -24.96
CA ARG J 223 1.78 2.16 -23.66
C ARG J 223 2.66 1.99 -22.34
N GLN J 224 3.95 1.59 -22.44
CA GLN J 224 4.89 1.38 -21.30
C GLN J 224 5.92 2.50 -21.11
N GLY J 225 6.00 3.43 -22.07
CA GLY J 225 6.89 4.59 -22.04
C GLY J 225 8.37 4.26 -22.10
N HIS J 226 8.74 3.40 -23.03
CA HIS J 226 10.11 3.03 -23.23
C HIS J 226 10.58 3.72 -24.46
N THR J 227 11.87 4.10 -24.48
CA THR J 227 12.49 4.73 -25.66
C THR J 227 12.50 3.68 -26.76
N VAL J 228 12.44 4.10 -28.03
CA VAL J 228 12.46 3.14 -29.14
C VAL J 228 13.61 2.12 -29.01
N GLU J 229 14.77 2.55 -28.42
CA GLU J 229 15.98 1.77 -28.16
C GLU J 229 15.77 0.76 -27.04
N GLU J 230 15.02 1.15 -26.00
CA GLU J 230 14.69 0.31 -24.84
C GLU J 230 13.65 -0.74 -25.24
N ALA J 231 12.62 -0.29 -25.99
CA ALA J 231 11.52 -1.12 -26.48
C ALA J 231 12.05 -2.26 -27.34
N LEU J 232 13.07 -2.00 -28.20
CA LEU J 232 13.73 -2.97 -29.09
C LEU J 232 14.48 -4.05 -28.29
N ALA J 233 15.10 -3.62 -27.18
CA ALA J 233 15.86 -4.44 -26.25
C ALA J 233 14.94 -5.35 -25.40
N GLU J 234 13.77 -4.82 -24.98
CA GLU J 234 12.81 -5.61 -24.21
C GLU J 234 12.18 -6.65 -25.14
N LEU J 235 11.86 -6.24 -26.40
CA LEU J 235 11.26 -7.08 -27.44
C LEU J 235 12.12 -8.27 -27.87
N ALA J 236 13.45 -8.24 -27.65
CA ALA J 236 14.36 -9.31 -28.08
C ALA J 236 13.88 -10.68 -27.67
N GLU J 237 13.48 -10.84 -26.38
CA GLU J 237 13.01 -12.13 -25.85
C GLU J 237 11.81 -12.60 -26.67
N SER J 238 10.79 -11.73 -26.81
CA SER J 238 9.54 -12.00 -27.51
C SER J 238 9.74 -12.36 -28.99
N ALA J 239 10.64 -11.66 -29.66
CA ALA J 239 10.97 -11.84 -31.08
C ALA J 239 11.62 -13.20 -31.38
N ALA J 240 12.34 -13.78 -30.38
CA ALA J 240 13.06 -15.06 -30.47
C ALA J 240 12.08 -16.21 -30.46
N GLN J 241 11.00 -16.07 -29.65
CA GLN J 241 9.91 -17.05 -29.41
C GLN J 241 8.91 -17.09 -30.59
N PHE J 242 8.46 -15.90 -31.04
CA PHE J 242 7.48 -15.73 -32.09
C PHE J 242 8.03 -15.08 -33.31
N PRO J 243 7.92 -15.78 -34.45
CA PRO J 243 8.38 -15.20 -35.72
C PRO J 243 7.60 -13.93 -36.08
N GLU J 244 6.38 -13.81 -35.57
CA GLU J 244 5.45 -12.70 -35.79
C GLU J 244 5.94 -11.44 -35.08
N VAL J 245 6.41 -11.58 -33.81
CA VAL J 245 7.00 -10.48 -33.03
C VAL J 245 8.34 -10.05 -33.72
N ALA J 246 9.07 -11.01 -34.37
CA ALA J 246 10.32 -10.71 -35.10
C ALA J 246 10.03 -9.76 -36.28
N VAL J 247 8.94 -10.00 -37.03
CA VAL J 247 8.44 -9.16 -38.13
C VAL J 247 8.23 -7.72 -37.61
N PHE J 248 7.60 -7.60 -36.42
CA PHE J 248 7.34 -6.33 -35.72
C PHE J 248 8.64 -5.63 -35.24
N ARG J 249 9.54 -6.36 -34.53
CA ARG J 249 10.79 -5.77 -34.01
C ARG J 249 11.68 -5.29 -35.14
N ASP J 250 11.76 -6.04 -36.23
CA ASP J 250 12.56 -5.69 -37.38
C ASP J 250 11.97 -4.50 -38.13
N SER J 251 10.64 -4.33 -38.08
CA SER J 251 9.96 -3.20 -38.70
C SER J 251 10.39 -1.90 -38.00
N ILE J 252 10.54 -1.96 -36.66
CA ILE J 252 10.96 -0.85 -35.80
C ILE J 252 12.47 -0.65 -35.88
N GLN J 253 13.23 -1.75 -36.00
CA GLN J 253 14.69 -1.78 -36.14
C GLN J 253 15.09 -0.88 -37.31
N SER J 254 14.60 -1.22 -38.53
CA SER J 254 14.84 -0.56 -39.82
C SER J 254 14.22 0.86 -39.98
N ALA J 255 13.52 1.37 -38.96
CA ALA J 255 12.91 2.70 -38.94
C ALA J 255 13.79 3.66 -38.13
N THR J 256 14.46 3.13 -37.07
CA THR J 256 15.34 3.89 -36.20
C THR J 256 16.85 3.59 -36.41
N ARG J 257 17.65 4.62 -36.82
CA ARG J 257 19.11 4.48 -36.94
C ARG J 257 19.74 5.34 -35.86
N GLY J 258 19.41 6.64 -35.87
CA GLY J 258 19.86 7.61 -34.89
C GLY J 258 21.25 8.18 -35.08
N ILE J 259 21.52 9.30 -34.36
CA ILE J 259 22.80 10.01 -34.36
C ILE J 259 23.50 9.80 -33.05
N THR J 260 24.81 9.67 -33.12
CA THR J 260 25.71 9.48 -31.97
C THR J 260 25.60 10.70 -31.07
N ARG J 261 25.54 10.50 -29.72
CA ARG J 261 25.54 11.61 -28.75
C ARG J 261 26.11 11.23 -27.40
N MET K 4 73.66 -52.69 72.08
CA MET K 4 72.90 -51.52 71.61
C MET K 4 71.90 -50.95 72.66
N SER K 5 71.68 -49.60 72.66
CA SER K 5 70.80 -48.91 73.61
C SER K 5 69.75 -48.02 72.96
N LEU K 6 68.53 -47.99 73.54
CA LEU K 6 67.41 -47.14 73.12
C LEU K 6 67.81 -45.67 73.28
N ILE K 7 68.29 -45.32 74.49
CA ILE K 7 68.80 -43.99 74.82
C ILE K 7 70.27 -43.98 74.34
N ASP K 8 70.61 -43.11 73.36
CA ASP K 8 71.93 -43.00 72.73
C ASP K 8 73.10 -42.58 73.65
N PRO K 9 74.31 -43.16 73.44
CA PRO K 9 75.48 -42.78 74.28
C PRO K 9 75.99 -41.34 74.16
N ARG K 10 75.59 -40.62 73.09
CA ARG K 10 76.00 -39.24 72.83
C ARG K 10 75.07 -38.23 73.52
N ALA K 11 73.78 -38.59 73.64
CA ALA K 11 72.73 -37.78 74.23
C ALA K 11 72.85 -37.66 75.76
N ILE K 12 72.65 -36.42 76.29
CA ILE K 12 72.69 -36.09 77.73
C ILE K 12 71.31 -36.36 78.39
N ILE K 13 71.27 -37.18 79.47
CA ILE K 13 70.01 -37.43 80.20
C ILE K 13 70.19 -37.00 81.66
N ASP K 14 69.33 -36.08 82.14
CA ASP K 14 69.42 -35.56 83.50
C ASP K 14 68.89 -36.55 84.58
N PRO K 15 69.58 -36.65 85.76
CA PRO K 15 69.12 -37.56 86.81
C PRO K 15 67.69 -37.35 87.30
N SER K 16 67.24 -36.06 87.35
CA SER K 16 65.89 -35.67 87.78
C SER K 16 64.84 -35.93 86.71
N ALA K 17 65.30 -36.27 85.50
CA ALA K 17 64.37 -36.61 84.44
C ALA K 17 63.85 -38.03 84.67
N ARG K 18 62.61 -38.25 84.27
CA ARG K 18 61.95 -39.55 84.39
C ARG K 18 61.59 -40.02 82.98
N LEU K 19 62.15 -41.17 82.58
CA LEU K 19 61.93 -41.77 81.26
C LEU K 19 61.32 -43.15 81.35
N ALA K 20 60.32 -43.42 80.49
CA ALA K 20 59.67 -44.74 80.44
C ALA K 20 60.58 -45.74 79.75
N ALA K 21 60.40 -47.02 80.08
CA ALA K 21 61.18 -48.15 79.61
C ALA K 21 61.62 -48.11 78.12
N ASP K 22 60.66 -48.16 77.17
CA ASP K 22 60.92 -48.23 75.74
C ASP K 22 61.10 -46.86 75.04
N VAL K 23 61.42 -45.81 75.80
CA VAL K 23 61.66 -44.48 75.24
C VAL K 23 63.02 -44.48 74.49
N GLN K 24 63.00 -44.01 73.21
CA GLN K 24 64.17 -43.88 72.34
C GLN K 24 64.70 -42.45 72.39
N VAL K 25 66.03 -42.30 72.47
CA VAL K 25 66.69 -40.99 72.49
C VAL K 25 67.81 -40.99 71.44
N GLY K 26 67.74 -40.04 70.51
CA GLY K 26 68.71 -39.89 69.44
C GLY K 26 70.00 -39.27 69.94
N PRO K 27 71.10 -39.26 69.14
CA PRO K 27 72.35 -38.67 69.63
C PRO K 27 72.31 -37.15 69.71
N TRP K 28 73.16 -36.58 70.58
CA TRP K 28 73.38 -35.16 70.82
C TRP K 28 72.11 -34.44 71.29
N SER K 29 71.17 -35.19 71.88
CA SER K 29 69.93 -34.65 72.41
C SER K 29 70.01 -34.50 73.95
N ILE K 30 69.38 -33.45 74.51
CA ILE K 30 69.43 -33.21 75.96
C ILE K 30 68.06 -33.31 76.62
N VAL K 31 67.89 -34.31 77.52
CA VAL K 31 66.66 -34.46 78.29
C VAL K 31 66.97 -33.80 79.62
N GLY K 32 66.64 -32.52 79.71
CA GLY K 32 66.85 -31.67 80.86
C GLY K 32 66.18 -32.11 82.15
N ALA K 33 66.35 -31.30 83.19
CA ALA K 33 65.80 -31.56 84.51
C ALA K 33 64.29 -31.51 84.51
N GLU K 34 63.67 -32.34 85.36
CA GLU K 34 62.22 -32.43 85.56
C GLU K 34 61.42 -32.63 84.25
N VAL K 35 62.06 -33.27 83.25
CA VAL K 35 61.43 -33.62 81.97
C VAL K 35 60.95 -35.07 82.17
N GLU K 36 59.66 -35.33 81.87
CA GLU K 36 59.02 -36.64 82.01
C GLU K 36 58.59 -37.16 80.64
N ILE K 37 59.07 -38.35 80.24
CA ILE K 37 58.74 -38.91 78.93
C ILE K 37 58.04 -40.27 79.07
N GLY K 38 56.83 -40.35 78.50
CA GLY K 38 55.97 -41.54 78.53
C GLY K 38 56.30 -42.63 77.54
N GLU K 39 55.87 -43.87 77.87
CA GLU K 39 55.99 -45.15 77.15
C GLU K 39 55.94 -45.03 75.61
N GLY K 40 56.93 -45.61 74.93
CA GLY K 40 56.96 -45.66 73.46
C GLY K 40 57.58 -44.51 72.71
N THR K 41 57.45 -43.27 73.25
CA THR K 41 57.94 -41.99 72.70
C THR K 41 59.39 -42.06 72.17
N VAL K 42 59.57 -41.67 70.90
CA VAL K 42 60.86 -41.63 70.21
C VAL K 42 61.33 -40.18 70.11
N ILE K 43 62.54 -39.91 70.59
CA ILE K 43 63.08 -38.56 70.49
C ILE K 43 64.26 -38.60 69.52
N GLY K 44 64.18 -37.78 68.47
CA GLY K 44 65.18 -37.73 67.42
C GLY K 44 66.53 -37.18 67.86
N PRO K 45 67.46 -37.01 66.91
CA PRO K 45 68.76 -36.43 67.29
C PRO K 45 68.62 -34.92 67.40
N HIS K 46 69.59 -34.24 68.05
CA HIS K 46 69.60 -32.76 68.17
C HIS K 46 68.28 -32.15 68.71
N VAL K 47 67.67 -32.74 69.74
CA VAL K 47 66.43 -32.24 70.37
C VAL K 47 66.74 -31.68 71.77
N VAL K 48 66.35 -30.40 72.02
CA VAL K 48 66.55 -29.73 73.32
C VAL K 48 65.26 -29.82 74.14
N LEU K 49 65.30 -30.53 75.28
CA LEU K 49 64.16 -30.64 76.19
C LEU K 49 64.47 -29.97 77.53
N LYS K 50 63.60 -29.04 77.97
CA LYS K 50 63.74 -28.32 79.25
C LYS K 50 62.50 -28.58 80.10
N GLY K 51 62.68 -28.62 81.41
CA GLY K 51 61.60 -28.87 82.34
C GLY K 51 61.24 -27.67 83.21
N PRO K 52 60.19 -27.77 84.05
CA PRO K 52 59.28 -28.91 84.26
C PRO K 52 58.35 -29.17 83.07
N THR K 53 58.50 -30.35 82.45
CA THR K 53 57.75 -30.82 81.29
C THR K 53 57.22 -32.26 81.52
N LYS K 54 56.04 -32.58 80.95
CA LYS K 54 55.44 -33.91 80.96
C LYS K 54 55.10 -34.29 79.50
N ILE K 55 55.53 -35.50 79.06
CA ILE K 55 55.33 -36.08 77.73
C ILE K 55 54.59 -37.44 77.83
N GLY K 56 53.57 -37.61 76.98
CA GLY K 56 52.73 -38.80 76.95
C GLY K 56 53.31 -39.99 76.21
N LYS K 57 52.45 -40.97 75.98
CA LYS K 57 52.77 -42.22 75.29
C LYS K 57 52.86 -42.04 73.78
N HIS K 58 53.77 -42.80 73.14
CA HIS K 58 54.06 -42.88 71.69
C HIS K 58 54.01 -41.55 70.92
N ASN K 59 54.95 -40.64 71.22
CA ASN K 59 55.11 -39.36 70.53
C ASN K 59 56.44 -39.40 69.75
N ARG K 60 56.52 -38.68 68.64
CA ARG K 60 57.76 -38.63 67.86
C ARG K 60 58.11 -37.16 67.76
N ILE K 61 59.22 -36.75 68.41
CA ILE K 61 59.71 -35.36 68.40
C ILE K 61 60.99 -35.30 67.52
N TYR K 62 60.86 -34.78 66.28
CA TYR K 62 61.97 -34.67 65.31
C TYR K 62 63.07 -33.70 65.76
N GLN K 63 64.22 -33.75 65.06
CA GLN K 63 65.44 -32.97 65.26
C GLN K 63 65.25 -31.45 65.33
N PHE K 64 66.23 -30.77 65.98
CA PHE K 64 66.37 -29.30 66.11
C PHE K 64 65.18 -28.61 66.84
N SER K 65 64.32 -29.41 67.48
CA SER K 65 63.19 -28.94 68.26
C SER K 65 63.62 -28.55 69.65
N SER K 66 63.26 -27.33 70.07
CA SER K 66 63.52 -26.80 71.42
C SER K 66 62.14 -26.88 72.10
N VAL K 67 61.89 -27.98 72.84
CA VAL K 67 60.61 -28.30 73.50
C VAL K 67 60.75 -28.22 75.03
N GLY K 68 59.93 -27.38 75.65
CA GLY K 68 59.92 -27.18 77.10
C GLY K 68 60.74 -26.01 77.61
N GLU K 69 61.10 -25.08 76.70
CA GLU K 69 61.91 -23.88 76.95
C GLU K 69 61.08 -22.78 77.64
N ASP K 70 61.75 -21.72 78.10
CA ASP K 70 61.09 -20.61 78.77
C ASP K 70 60.76 -19.57 77.73
N THR K 71 59.61 -18.87 77.88
CA THR K 71 59.25 -17.79 76.93
C THR K 71 60.23 -16.63 77.00
N PRO K 72 60.52 -15.92 75.88
CA PRO K 72 61.41 -14.77 75.97
C PRO K 72 60.65 -13.55 76.47
N ASP K 73 59.31 -13.69 76.66
CA ASP K 73 58.44 -12.61 77.15
C ASP K 73 58.97 -12.06 78.47
N LEU K 74 59.05 -10.72 78.59
CA LEU K 74 59.54 -10.05 79.80
C LEU K 74 58.57 -10.16 81.01
N LYS K 75 57.30 -10.62 80.77
CA LYS K 75 56.27 -10.86 81.79
C LYS K 75 56.66 -12.10 82.59
N TYR K 76 57.30 -13.10 81.93
CA TYR K 76 57.82 -14.34 82.53
C TYR K 76 59.11 -14.00 83.28
N LYS K 77 59.11 -14.22 84.59
CA LYS K 77 60.26 -13.89 85.41
C LYS K 77 60.82 -15.13 86.14
N GLY K 78 61.12 -16.16 85.34
CA GLY K 78 61.71 -17.41 85.78
C GLY K 78 60.86 -18.31 86.66
N GLU K 79 59.57 -17.95 86.84
CA GLU K 79 58.60 -18.68 87.68
C GLU K 79 58.53 -20.17 87.28
N PRO K 80 58.63 -21.14 88.23
CA PRO K 80 58.56 -22.56 87.83
C PRO K 80 57.17 -22.97 87.32
N THR K 81 57.03 -22.92 85.99
CA THR K 81 55.82 -23.20 85.19
C THR K 81 55.96 -24.53 84.47
N ARG K 82 54.87 -25.02 83.85
CA ARG K 82 54.86 -26.35 83.24
C ARG K 82 54.49 -26.40 81.75
N LEU K 83 54.80 -27.56 81.14
CA LEU K 83 54.44 -27.99 79.79
C LEU K 83 53.89 -29.44 79.89
N VAL K 84 52.74 -29.70 79.22
CA VAL K 84 52.08 -31.00 79.20
C VAL K 84 51.72 -31.37 77.76
N ILE K 85 52.39 -32.39 77.25
CA ILE K 85 52.17 -32.94 75.93
C ILE K 85 51.55 -34.30 76.17
N GLY K 86 50.48 -34.59 75.44
CA GLY K 86 49.75 -35.85 75.59
C GLY K 86 50.33 -36.99 74.78
N ASP K 87 49.46 -37.92 74.37
CA ASP K 87 49.80 -39.11 73.60
C ASP K 87 49.66 -38.90 72.09
N HIS K 88 50.39 -39.71 71.30
CA HIS K 88 50.39 -39.77 69.83
C HIS K 88 50.56 -38.45 69.05
N ASN K 89 51.22 -37.44 69.64
CA ASN K 89 51.47 -36.17 68.93
C ASN K 89 52.70 -36.33 68.03
N VAL K 90 52.77 -35.55 66.93
CA VAL K 90 53.90 -35.54 65.97
C VAL K 90 54.54 -34.16 65.92
N ILE K 91 55.60 -33.92 66.71
CA ILE K 91 56.31 -32.64 66.74
C ILE K 91 57.45 -32.72 65.73
N ARG K 92 57.29 -32.06 64.58
CA ARG K 92 58.28 -32.14 63.50
C ARG K 92 59.59 -31.38 63.79
N GLU K 93 60.46 -31.25 62.77
CA GLU K 93 61.78 -30.61 62.86
C GLU K 93 61.70 -29.10 63.08
N GLY K 94 62.57 -28.59 63.96
CA GLY K 94 62.67 -27.17 64.31
C GLY K 94 61.53 -26.55 65.07
N VAL K 95 60.61 -27.35 65.61
CA VAL K 95 59.47 -26.84 66.37
C VAL K 95 59.93 -26.26 67.71
N THR K 96 59.33 -25.13 68.12
CA THR K 96 59.56 -24.43 69.38
C THR K 96 58.26 -24.52 70.17
N ILE K 97 58.36 -24.92 71.48
CA ILE K 97 57.25 -25.02 72.44
C ILE K 97 57.74 -24.45 73.78
N HIS K 98 57.17 -23.29 74.19
CA HIS K 98 57.48 -22.58 75.43
C HIS K 98 56.53 -22.93 76.58
N ARG K 99 57.06 -23.04 77.80
CA ARG K 99 56.27 -23.36 79.00
C ARG K 99 55.38 -22.17 79.42
N GLY K 100 54.43 -22.43 80.33
CA GLY K 100 53.48 -21.42 80.80
C GLY K 100 54.10 -20.23 81.52
N THR K 101 53.26 -19.23 81.86
CA THR K 101 53.65 -18.04 82.66
C THR K 101 52.73 -18.06 83.87
N VAL K 102 53.28 -17.80 85.07
CA VAL K 102 52.51 -17.81 86.32
C VAL K 102 51.24 -16.87 86.26
N GLN K 103 51.21 -15.98 85.24
CA GLN K 103 50.20 -14.99 84.90
C GLN K 103 48.82 -15.62 84.56
N ASP K 104 48.79 -16.63 83.65
CA ASP K 104 47.59 -17.38 83.21
C ASP K 104 47.41 -18.54 84.20
N ARG K 105 47.44 -19.83 83.76
CA ARG K 105 47.31 -20.88 84.77
C ARG K 105 48.64 -21.72 84.82
N ALA K 106 49.76 -21.03 84.57
CA ALA K 106 51.16 -21.48 84.62
C ALA K 106 51.46 -22.76 83.85
N GLU K 107 50.80 -22.97 82.68
CA GLU K 107 51.02 -24.18 81.89
C GLU K 107 50.64 -24.02 80.42
N THR K 108 51.43 -24.69 79.54
CA THR K 108 51.21 -24.84 78.11
C THR K 108 50.69 -26.28 77.97
N THR K 109 49.55 -26.47 77.29
CA THR K 109 48.94 -27.80 77.18
C THR K 109 48.77 -28.23 75.70
N ILE K 110 49.07 -29.53 75.40
CA ILE K 110 48.90 -30.19 74.10
C ILE K 110 48.25 -31.57 74.34
N GLY K 111 47.13 -31.81 73.66
CA GLY K 111 46.37 -33.07 73.79
C GLY K 111 46.96 -34.27 73.07
N ASP K 112 46.11 -35.03 72.36
CA ASP K 112 46.50 -36.23 71.64
C ASP K 112 46.37 -36.11 70.12
N HIS K 113 46.98 -37.06 69.39
CA HIS K 113 46.92 -37.24 67.94
C HIS K 113 47.00 -35.95 67.10
N ASN K 114 47.81 -34.97 67.58
CA ASN K 114 48.07 -33.69 66.92
C ASN K 114 49.28 -33.82 65.94
N LEU K 115 49.40 -32.88 64.99
CA LEU K 115 50.48 -32.83 63.98
C LEU K 115 50.99 -31.42 63.92
N ILE K 116 52.17 -31.25 64.48
CA ILE K 116 52.82 -29.96 64.57
C ILE K 116 54.01 -29.96 63.60
N MET K 117 53.74 -29.48 62.37
CA MET K 117 54.71 -29.45 61.29
C MET K 117 55.88 -28.54 61.60
N ALA K 118 56.97 -28.68 60.83
CA ALA K 118 58.24 -27.99 60.97
C ALA K 118 58.18 -26.49 61.33
N TYR K 119 59.18 -26.04 62.11
CA TYR K 119 59.46 -24.65 62.52
C TYR K 119 58.27 -23.88 63.14
N ALA K 120 57.21 -24.61 63.55
CA ALA K 120 56.02 -24.03 64.18
C ALA K 120 56.39 -23.41 65.55
N HIS K 121 55.42 -22.72 66.18
CA HIS K 121 55.61 -22.11 67.50
C HIS K 121 54.37 -22.19 68.37
N ILE K 122 54.48 -22.92 69.47
CA ILE K 122 53.39 -22.99 70.44
C ILE K 122 53.93 -22.17 71.60
N GLY K 123 53.38 -20.97 71.77
CA GLY K 123 53.83 -20.04 72.80
C GLY K 123 53.15 -20.25 74.13
N HIS K 124 53.76 -19.70 75.20
CA HIS K 124 53.29 -19.77 76.59
C HIS K 124 51.79 -19.81 76.77
N ASP K 125 51.31 -20.73 77.61
CA ASP K 125 49.91 -20.92 78.03
C ASP K 125 48.89 -21.18 76.90
N SER K 126 49.38 -21.64 75.74
CA SER K 126 48.54 -22.04 74.63
C SER K 126 47.94 -23.41 75.01
N VAL K 127 46.72 -23.70 74.54
CA VAL K 127 46.07 -24.97 74.80
C VAL K 127 45.64 -25.58 73.48
N ILE K 128 46.19 -26.76 73.18
CA ILE K 128 45.91 -27.51 71.96
C ILE K 128 45.15 -28.79 72.29
N GLY K 129 44.03 -28.98 71.58
CA GLY K 129 43.17 -30.15 71.70
C GLY K 129 43.75 -31.38 71.04
N ASN K 130 42.92 -32.08 70.29
CA ASN K 130 43.30 -33.33 69.67
C ASN K 130 43.06 -33.31 68.17
N HIS K 131 43.81 -34.12 67.40
CA HIS K 131 43.73 -34.25 65.93
C HIS K 131 43.95 -32.93 65.15
N CYS K 132 44.63 -31.98 65.78
CA CYS K 132 44.90 -30.70 65.15
C CYS K 132 46.04 -30.83 64.15
N ILE K 133 45.99 -30.09 63.04
CA ILE K 133 47.11 -30.00 62.10
C ILE K 133 47.66 -28.56 62.15
N LEU K 134 48.87 -28.40 62.67
CA LEU K 134 49.53 -27.12 62.76
C LEU K 134 50.65 -27.15 61.72
N VAL K 135 50.32 -26.82 60.45
CA VAL K 135 51.23 -26.83 59.30
C VAL K 135 52.50 -25.95 59.58
N ASN K 136 53.47 -25.98 58.66
CA ASN K 136 54.75 -25.31 58.75
C ASN K 136 54.71 -23.87 59.27
N ASN K 137 55.74 -23.49 60.08
CA ASN K 137 55.96 -22.15 60.65
C ASN K 137 54.65 -21.44 61.20
N THR K 138 53.63 -22.23 61.69
CA THR K 138 52.39 -21.70 62.28
C THR K 138 52.76 -21.21 63.68
N ALA K 139 52.56 -19.91 63.98
CA ALA K 139 52.94 -19.37 65.28
C ALA K 139 51.76 -18.90 66.16
N LEU K 140 51.61 -19.50 67.37
CA LEU K 140 50.60 -19.15 68.37
C LEU K 140 51.30 -18.21 69.34
N ALA K 141 51.02 -16.88 69.26
CA ALA K 141 51.66 -15.81 70.08
C ALA K 141 51.84 -16.15 71.57
N GLY K 142 50.78 -16.71 72.14
CA GLY K 142 50.68 -17.12 73.54
C GLY K 142 49.25 -17.04 73.98
N HIS K 143 48.87 -17.85 74.95
CA HIS K 143 47.51 -17.93 75.49
C HIS K 143 46.47 -18.28 74.37
N VAL K 144 46.95 -18.84 73.22
CA VAL K 144 46.08 -19.20 72.09
C VAL K 144 45.43 -20.56 72.41
N HIS K 145 44.17 -20.77 71.99
CA HIS K 145 43.40 -21.99 72.28
C HIS K 145 42.88 -22.68 71.03
N VAL K 146 43.62 -23.71 70.56
CA VAL K 146 43.23 -24.47 69.36
C VAL K 146 42.36 -25.68 69.73
N ASP K 147 41.04 -25.57 69.53
CA ASP K 147 40.09 -26.66 69.80
C ASP K 147 40.28 -27.78 68.77
N ASP K 148 39.95 -29.01 69.16
CA ASP K 148 40.07 -30.25 68.37
C ASP K 148 39.73 -30.14 66.87
N TRP K 149 40.48 -30.89 66.01
CA TRP K 149 40.31 -31.03 64.55
C TRP K 149 40.61 -29.82 63.71
N ALA K 150 41.05 -28.73 64.34
CA ALA K 150 41.39 -27.51 63.62
C ALA K 150 42.64 -27.70 62.77
N ILE K 151 42.63 -27.11 61.56
CA ILE K 151 43.74 -27.14 60.60
C ILE K 151 44.18 -25.70 60.39
N LEU K 152 45.47 -25.44 60.51
CA LEU K 152 46.04 -24.12 60.35
C LEU K 152 47.16 -24.24 59.35
N SER K 153 46.90 -23.77 58.12
CA SER K 153 47.83 -23.84 57.00
C SER K 153 49.18 -23.12 57.23
N GLY K 154 50.15 -23.40 56.38
CA GLY K 154 51.50 -22.86 56.46
C GLY K 154 51.55 -21.38 56.79
N TYR K 155 52.36 -21.04 57.78
CA TYR K 155 52.64 -19.69 58.27
C TYR K 155 51.39 -18.97 58.85
N THR K 156 50.39 -19.72 59.36
CA THR K 156 49.23 -19.09 60.02
C THR K 156 49.75 -18.48 61.32
N LEU K 157 49.66 -17.15 61.43
CA LEU K 157 50.10 -16.40 62.62
C LEU K 157 48.88 -16.13 63.50
N VAL K 158 48.98 -16.34 64.82
CA VAL K 158 47.83 -16.15 65.72
C VAL K 158 48.14 -15.27 66.93
N HIS K 159 47.30 -14.26 67.15
CA HIS K 159 47.42 -13.29 68.23
C HIS K 159 47.18 -13.89 69.61
N GLN K 160 47.76 -13.24 70.65
CA GLN K 160 47.60 -13.67 72.04
C GLN K 160 46.13 -13.70 72.44
N TYR K 161 45.80 -14.69 73.28
CA TYR K 161 44.51 -14.97 73.92
C TYR K 161 43.40 -15.50 72.96
N CYS K 162 43.67 -15.60 71.63
CA CYS K 162 42.71 -16.11 70.62
C CYS K 162 42.27 -17.54 70.86
N ARG K 163 41.05 -17.88 70.43
CA ARG K 163 40.51 -19.22 70.52
C ARG K 163 40.10 -19.64 69.11
N ILE K 164 40.84 -20.60 68.53
CA ILE K 164 40.56 -21.16 67.20
C ILE K 164 39.60 -22.28 67.47
N GLY K 165 38.47 -22.26 66.75
CA GLY K 165 37.39 -23.23 66.92
C GLY K 165 37.67 -24.66 66.56
N ALA K 166 36.67 -25.52 66.77
CA ALA K 166 36.76 -26.94 66.44
C ALA K 166 36.42 -27.10 64.97
N HIS K 167 37.14 -27.95 64.23
CA HIS K 167 36.98 -28.25 62.79
C HIS K 167 37.24 -27.04 61.86
N SER K 168 37.50 -25.86 62.46
CA SER K 168 37.78 -24.60 61.77
C SER K 168 39.00 -24.76 60.88
N PHE K 169 39.23 -23.78 59.98
CA PHE K 169 40.37 -23.85 59.10
C PHE K 169 40.89 -22.48 58.76
N SER K 170 42.20 -22.31 58.78
CA SER K 170 42.80 -21.05 58.35
C SER K 170 43.67 -21.34 57.13
N GLY K 171 43.58 -20.49 56.11
CA GLY K 171 44.37 -20.61 54.88
C GLY K 171 45.83 -20.28 55.12
N MET K 172 46.71 -20.43 54.12
CA MET K 172 48.13 -20.12 54.38
C MET K 172 48.37 -18.62 54.54
N GLY K 173 49.42 -18.31 55.27
CA GLY K 173 49.82 -16.95 55.63
C GLY K 173 48.68 -16.10 56.14
N SER K 174 47.91 -16.65 57.11
CA SER K 174 46.76 -15.98 57.73
C SER K 174 47.18 -15.23 58.97
N ALA K 175 46.49 -14.14 59.31
CA ALA K 175 46.81 -13.36 60.51
C ALA K 175 45.57 -13.08 61.36
N ILE K 176 45.27 -14.11 62.19
CA ILE K 176 44.17 -14.23 63.15
C ILE K 176 44.43 -13.30 64.33
N GLY K 177 43.42 -12.46 64.61
CA GLY K 177 43.48 -11.45 65.66
C GLY K 177 42.33 -11.46 66.64
N LYS K 178 41.24 -12.17 66.27
CA LYS K 178 40.01 -12.39 67.05
C LYS K 178 39.65 -13.92 66.96
N ASP K 179 38.64 -14.37 67.67
CA ASP K 179 38.28 -15.79 67.63
C ASP K 179 37.79 -16.28 66.26
N VAL K 180 38.19 -17.53 65.91
CA VAL K 180 37.75 -18.24 64.71
C VAL K 180 36.64 -19.19 65.20
N PRO K 181 35.33 -18.91 64.94
CA PRO K 181 34.29 -19.84 65.41
C PRO K 181 34.48 -21.26 64.84
N ALA K 182 33.82 -22.27 65.46
CA ALA K 182 33.95 -23.66 65.02
C ALA K 182 33.52 -23.78 63.55
N TYR K 183 34.21 -24.67 62.79
CA TYR K 183 34.06 -25.02 61.36
C TYR K 183 34.44 -23.92 60.39
N VAL K 184 34.21 -22.66 60.77
CA VAL K 184 34.46 -21.47 59.97
C VAL K 184 35.89 -21.42 59.42
N THR K 185 36.03 -21.27 58.09
CA THR K 185 37.31 -21.12 57.36
C THR K 185 37.65 -19.62 57.22
N VAL K 186 38.82 -19.22 57.73
CA VAL K 186 39.28 -17.82 57.67
C VAL K 186 40.44 -17.74 56.70
N PHE K 187 40.66 -16.59 56.02
CA PHE K 187 41.76 -16.48 55.06
C PHE K 187 42.50 -15.15 55.04
N GLY K 188 43.80 -15.21 54.79
CA GLY K 188 44.65 -14.03 54.61
C GLY K 188 44.94 -13.16 55.81
N ASN K 189 45.66 -12.07 55.58
CA ASN K 189 46.08 -11.10 56.59
C ASN K 189 45.38 -9.76 56.29
N PRO K 190 44.49 -9.27 57.19
CA PRO K 190 44.06 -9.92 58.44
C PRO K 190 43.03 -11.01 58.12
N ALA K 191 42.91 -11.99 59.00
CA ALA K 191 41.98 -13.10 58.83
C ALA K 191 40.55 -12.62 58.60
N GLU K 192 39.89 -13.23 57.61
CA GLU K 192 38.50 -12.94 57.25
C GLU K 192 37.79 -14.28 56.98
N ALA K 193 36.61 -14.49 57.61
CA ALA K 193 35.79 -15.69 57.42
C ALA K 193 35.24 -15.75 55.99
N ARG K 194 35.45 -16.90 55.31
CA ARG K 194 35.05 -17.21 53.93
C ARG K 194 33.80 -18.13 53.88
N SER K 195 33.88 -19.29 54.56
CA SER K 195 32.79 -20.26 54.65
C SER K 195 32.99 -21.19 55.84
N MET K 196 32.73 -22.48 55.63
CA MET K 196 32.80 -23.52 56.64
C MET K 196 33.61 -24.68 56.10
N ASN K 197 34.22 -25.48 57.02
CA ASN K 197 35.04 -26.63 56.65
C ASN K 197 34.13 -27.78 56.32
N PHE K 198 33.60 -27.80 55.08
CA PHE K 198 32.69 -28.84 54.66
C PHE K 198 33.37 -30.19 54.53
N GLU K 199 34.67 -30.17 54.16
CA GLU K 199 35.46 -31.38 54.03
C GLU K 199 35.72 -32.03 55.37
N GLY K 200 36.05 -31.23 56.37
CA GLY K 200 36.24 -31.70 57.75
C GLY K 200 34.97 -32.28 58.32
N MET K 201 33.80 -31.81 57.81
CA MET K 201 32.46 -32.29 58.17
C MET K 201 32.20 -33.60 57.41
N ARG K 202 32.62 -33.68 56.11
CA ARG K 202 32.48 -34.88 55.27
C ARG K 202 33.22 -36.01 55.99
N ARG K 203 34.48 -35.71 56.41
CA ARG K 203 35.41 -36.60 57.12
C ARG K 203 34.84 -37.12 58.44
N ARG K 204 34.29 -36.21 59.26
CA ARG K 204 33.70 -36.52 60.56
C ARG K 204 32.29 -37.20 60.49
N GLY K 205 31.87 -37.56 59.26
CA GLY K 205 30.62 -38.24 58.95
C GLY K 205 29.39 -37.55 59.49
N PHE K 206 29.24 -36.26 59.19
CA PHE K 206 28.12 -35.42 59.63
C PHE K 206 26.86 -35.74 58.85
N SER K 207 25.67 -35.38 59.39
CA SER K 207 24.40 -35.60 58.69
C SER K 207 24.39 -34.62 57.52
N SER K 208 23.84 -35.03 56.36
CA SER K 208 23.71 -34.16 55.19
C SER K 208 22.85 -32.94 55.62
N GLU K 209 21.94 -33.19 56.62
CA GLU K 209 21.02 -32.28 57.31
C GLU K 209 21.83 -31.40 58.26
N ALA K 210 22.82 -31.99 58.97
CA ALA K 210 23.70 -31.29 59.91
C ALA K 210 24.72 -30.43 59.21
N ILE K 211 25.08 -30.76 57.95
CA ILE K 211 26.02 -29.99 57.14
C ILE K 211 25.26 -28.74 56.67
N HIS K 212 24.06 -28.94 56.06
CA HIS K 212 23.20 -27.83 55.63
C HIS K 212 22.78 -26.94 56.83
N ALA K 213 22.68 -27.53 58.03
CA ALA K 213 22.34 -26.83 59.28
C ALA K 213 23.41 -25.85 59.67
N LEU K 214 24.66 -26.11 59.25
CA LEU K 214 25.83 -25.28 59.55
C LEU K 214 26.05 -24.22 58.51
N ARG K 215 25.78 -24.52 57.19
CA ARG K 215 25.87 -23.55 56.09
C ARG K 215 24.87 -22.43 56.38
N ARG K 216 23.63 -22.79 56.73
CA ARG K 216 22.56 -21.85 57.08
C ARG K 216 22.93 -21.04 58.32
N ALA K 217 23.67 -21.67 59.28
CA ALA K 217 24.12 -21.06 60.53
C ALA K 217 25.21 -20.04 60.24
N TYR K 218 26.13 -20.33 59.30
CA TYR K 218 27.17 -19.37 58.91
C TYR K 218 26.50 -18.10 58.43
N LYS K 219 25.60 -18.22 57.41
CA LYS K 219 24.83 -17.13 56.83
C LYS K 219 24.20 -16.21 57.91
N VAL K 220 23.43 -16.76 58.90
CA VAL K 220 22.82 -16.02 60.05
C VAL K 220 23.81 -15.01 60.69
N VAL K 221 25.06 -15.47 60.90
CA VAL K 221 26.14 -14.73 61.53
C VAL K 221 26.71 -13.63 60.58
N TYR K 222 27.36 -14.07 59.47
CA TYR K 222 28.13 -13.30 58.48
C TYR K 222 27.33 -12.71 57.29
N ARG K 223 26.88 -13.57 56.36
CA ARG K 223 26.12 -13.21 55.16
C ARG K 223 24.65 -12.69 55.48
N GLN K 224 24.40 -12.11 56.69
CA GLN K 224 23.05 -11.68 57.06
C GLN K 224 22.94 -10.31 57.75
N GLY K 225 24.09 -9.72 58.09
CA GLY K 225 24.17 -8.40 58.72
C GLY K 225 23.41 -8.26 60.03
N HIS K 226 23.54 -9.27 60.86
CA HIS K 226 22.96 -9.25 62.19
C HIS K 226 24.15 -8.98 63.10
N THR K 227 23.90 -8.42 64.30
CA THR K 227 24.97 -8.20 65.29
C THR K 227 25.41 -9.59 65.82
N VAL K 228 26.42 -9.67 66.70
CA VAL K 228 26.74 -10.99 67.26
C VAL K 228 25.59 -11.37 68.20
N GLU K 229 25.01 -10.38 68.93
CA GLU K 229 23.89 -10.55 69.85
C GLU K 229 22.64 -10.99 69.10
N GLU K 230 22.45 -10.48 67.88
CA GLU K 230 21.31 -10.82 67.02
C GLU K 230 21.43 -12.24 66.44
N ALA K 231 22.63 -12.58 65.92
CA ALA K 231 22.95 -13.87 65.32
C ALA K 231 22.72 -15.01 66.30
N LEU K 232 23.36 -14.93 67.51
CA LEU K 232 23.27 -15.90 68.63
C LEU K 232 21.83 -16.18 69.09
N ALA K 233 20.95 -15.20 68.85
CA ALA K 233 19.55 -15.27 69.16
C ALA K 233 18.86 -16.13 68.09
N GLU K 234 19.10 -15.86 66.78
CA GLU K 234 18.53 -16.66 65.68
C GLU K 234 19.12 -18.09 65.65
N LEU K 235 20.40 -18.25 66.10
CA LEU K 235 21.11 -19.55 66.20
C LEU K 235 20.49 -20.42 67.29
N ALA K 236 20.04 -19.82 68.44
CA ALA K 236 19.38 -20.48 69.59
C ALA K 236 18.39 -21.59 69.23
N GLU K 237 17.64 -21.42 68.13
CA GLU K 237 16.69 -22.41 67.63
C GLU K 237 17.43 -23.58 67.01
N SER K 238 18.12 -23.35 65.86
CA SER K 238 18.89 -24.35 65.09
C SER K 238 19.87 -25.10 65.98
N ALA K 239 20.50 -24.36 66.93
CA ALA K 239 21.46 -24.84 67.89
C ALA K 239 20.86 -25.84 68.83
N ALA K 240 19.57 -25.68 69.18
CA ALA K 240 18.89 -26.60 70.10
C ALA K 240 18.55 -27.89 69.37
N GLN K 241 18.24 -27.83 68.05
CA GLN K 241 17.89 -29.01 67.26
C GLN K 241 19.14 -29.75 66.75
N PHE K 242 20.28 -29.06 66.52
CA PHE K 242 21.51 -29.68 66.01
C PHE K 242 22.70 -29.57 66.92
N PRO K 243 23.23 -30.70 67.43
CA PRO K 243 24.41 -30.66 68.32
C PRO K 243 25.67 -30.06 67.72
N GLU K 244 25.79 -30.12 66.39
CA GLU K 244 26.90 -29.61 65.61
C GLU K 244 26.80 -28.08 65.48
N VAL K 245 25.56 -27.53 65.44
CA VAL K 245 25.27 -26.08 65.39
C VAL K 245 25.34 -25.51 66.80
N ALA K 246 25.20 -26.37 67.82
CA ALA K 246 25.28 -25.97 69.23
C ALA K 246 26.70 -25.58 69.50
N VAL K 247 27.68 -26.42 69.01
CA VAL K 247 29.14 -26.28 69.05
C VAL K 247 29.53 -24.97 68.38
N PHE K 248 28.85 -24.67 67.27
CA PHE K 248 29.07 -23.44 66.52
C PHE K 248 28.54 -22.22 67.29
N ARG K 249 27.30 -22.28 67.85
CA ARG K 249 26.69 -21.19 68.63
C ARG K 249 27.58 -20.85 69.82
N ASP K 250 28.06 -21.92 70.52
CA ASP K 250 28.91 -21.87 71.70
C ASP K 250 30.26 -21.21 71.42
N SER K 251 30.83 -21.43 70.23
CA SER K 251 32.12 -20.83 69.87
C SER K 251 32.03 -19.29 69.78
N ILE K 252 30.87 -18.80 69.32
CA ILE K 252 30.54 -17.39 69.15
C ILE K 252 30.15 -16.78 70.51
N GLN K 253 29.37 -17.50 71.33
CA GLN K 253 28.94 -16.99 72.64
C GLN K 253 30.11 -16.80 73.61
N SER K 254 31.02 -17.79 73.68
CA SER K 254 32.21 -17.79 74.53
C SER K 254 33.26 -16.70 74.14
N ALA K 255 33.23 -16.29 72.87
CA ALA K 255 34.14 -15.30 72.31
C ALA K 255 33.64 -13.89 72.54
N THR K 256 32.33 -13.73 72.85
CA THR K 256 31.69 -12.42 72.96
C THR K 256 31.08 -12.11 74.38
N ARG K 257 31.71 -11.12 75.12
CA ARG K 257 31.23 -10.68 76.46
C ARG K 257 30.49 -9.30 76.41
N GLY K 258 31.16 -8.26 75.91
CA GLY K 258 30.57 -6.92 75.75
C GLY K 258 30.45 -6.02 76.97
N ILE K 259 30.14 -4.73 76.71
CA ILE K 259 29.96 -3.66 77.71
C ILE K 259 28.57 -3.01 77.63
N THR K 260 28.01 -2.59 78.80
CA THR K 260 26.69 -1.94 78.93
C THR K 260 26.64 -0.63 78.16
N ARG K 261 25.46 -0.29 77.59
CA ARG K 261 25.30 0.88 76.75
C ARG K 261 24.09 1.71 77.15
N MET L 4 93.53 -33.46 60.39
CA MET L 4 92.15 -33.75 59.97
C MET L 4 92.12 -34.80 58.85
N SER L 5 90.94 -35.47 58.68
CA SER L 5 90.63 -36.45 57.63
C SER L 5 89.16 -36.30 57.16
N LEU L 6 88.94 -35.50 56.07
CA LEU L 6 87.70 -35.13 55.32
C LEU L 6 86.40 -35.12 56.13
N ILE L 7 85.89 -36.34 56.40
CA ILE L 7 84.68 -36.63 57.16
C ILE L 7 85.02 -36.60 58.66
N ASP L 8 84.45 -35.63 59.40
CA ASP L 8 84.65 -35.46 60.84
C ASP L 8 84.23 -36.75 61.58
N PRO L 9 85.04 -37.27 62.55
CA PRO L 9 84.66 -38.52 63.25
C PRO L 9 83.39 -38.47 64.08
N ARG L 10 82.94 -37.27 64.52
CA ARG L 10 81.70 -37.11 65.31
C ARG L 10 80.45 -37.30 64.44
N ALA L 11 80.62 -37.26 63.10
CA ALA L 11 79.58 -37.47 62.09
C ALA L 11 79.27 -38.96 61.95
N ILE L 12 77.96 -39.28 61.91
CA ILE L 12 77.43 -40.64 61.76
C ILE L 12 77.21 -40.97 60.26
N ILE L 13 77.98 -41.93 59.74
CA ILE L 13 77.93 -42.34 58.33
C ILE L 13 77.35 -43.75 58.25
N ASP L 14 76.21 -43.92 57.58
CA ASP L 14 75.58 -45.24 57.45
C ASP L 14 76.33 -46.11 56.42
N PRO L 15 76.51 -47.44 56.65
CA PRO L 15 77.23 -48.27 55.65
C PRO L 15 76.57 -48.33 54.28
N SER L 16 75.26 -48.02 54.20
CA SER L 16 74.53 -48.01 52.92
C SER L 16 74.53 -46.62 52.27
N ALA L 17 75.39 -45.71 52.79
CA ALA L 17 75.62 -44.38 52.22
C ALA L 17 76.89 -44.51 51.38
N ARG L 18 76.81 -44.02 50.14
CA ARG L 18 77.89 -44.08 49.17
C ARG L 18 78.33 -42.64 48.88
N LEU L 19 79.51 -42.27 49.36
CA LEU L 19 80.12 -40.94 49.25
C LEU L 19 81.36 -40.97 48.33
N ALA L 20 81.59 -39.86 47.60
CA ALA L 20 82.80 -39.72 46.78
C ALA L 20 83.97 -39.37 47.72
N ALA L 21 85.23 -39.42 47.22
CA ALA L 21 86.43 -39.15 48.04
C ALA L 21 86.42 -37.75 48.67
N ASP L 22 86.39 -36.71 47.82
CA ASP L 22 86.40 -35.29 48.15
C ASP L 22 85.17 -34.77 48.88
N VAL L 23 84.40 -35.68 49.51
CA VAL L 23 83.20 -35.32 50.27
C VAL L 23 83.55 -35.07 51.74
N GLN L 24 83.24 -33.85 52.21
CA GLN L 24 83.48 -33.42 53.60
C GLN L 24 82.16 -33.49 54.34
N VAL L 25 82.16 -34.13 55.52
CA VAL L 25 80.98 -34.25 56.38
C VAL L 25 81.37 -33.67 57.74
N GLY L 26 80.75 -32.56 58.12
CA GLY L 26 81.02 -31.86 59.37
C GLY L 26 80.65 -32.59 60.65
N PRO L 27 81.10 -32.10 61.82
CA PRO L 27 80.77 -32.78 63.10
C PRO L 27 79.29 -32.81 63.49
N TRP L 28 78.86 -33.89 64.18
CA TRP L 28 77.49 -34.09 64.67
C TRP L 28 76.44 -34.06 63.53
N SER L 29 76.79 -34.62 62.37
CA SER L 29 75.95 -34.70 61.18
C SER L 29 75.58 -36.16 60.90
N ILE L 30 74.40 -36.42 60.32
CA ILE L 30 73.97 -37.79 60.01
C ILE L 30 73.83 -38.00 58.50
N VAL L 31 74.63 -38.92 57.95
CA VAL L 31 74.58 -39.35 56.54
C VAL L 31 73.94 -40.76 56.55
N GLY L 32 72.61 -40.76 56.63
CA GLY L 32 71.76 -41.94 56.71
C GLY L 32 71.84 -42.92 55.57
N ALA L 33 71.07 -44.01 55.72
CA ALA L 33 70.99 -45.11 54.77
C ALA L 33 70.41 -44.66 53.43
N GLU L 34 70.88 -45.28 52.32
CA GLU L 34 70.43 -45.00 50.95
C GLU L 34 70.80 -43.60 50.45
N VAL L 35 71.55 -42.81 51.25
CA VAL L 35 72.01 -41.44 50.92
C VAL L 35 73.29 -41.54 50.06
N GLU L 36 73.21 -41.02 48.82
CA GLU L 36 74.30 -41.01 47.85
C GLU L 36 74.78 -39.57 47.69
N ILE L 37 76.07 -39.31 48.01
CA ILE L 37 76.69 -37.98 47.92
C ILE L 37 77.81 -38.01 46.86
N GLY L 38 77.80 -37.03 45.96
CA GLY L 38 78.73 -36.90 44.85
C GLY L 38 79.97 -36.07 45.11
N GLU L 39 80.87 -36.03 44.09
CA GLU L 39 82.17 -35.35 44.04
C GLU L 39 82.17 -33.93 44.62
N GLY L 40 83.17 -33.64 45.46
CA GLY L 40 83.42 -32.34 46.09
C GLY L 40 82.27 -31.64 46.78
N THR L 41 81.32 -32.43 47.30
CA THR L 41 80.16 -31.90 48.02
C THR L 41 80.56 -31.71 49.47
N VAL L 42 80.19 -30.55 50.04
CA VAL L 42 80.51 -30.22 51.42
C VAL L 42 79.24 -30.30 52.23
N ILE L 43 79.33 -30.97 53.37
CA ILE L 43 78.24 -31.13 54.32
C ILE L 43 78.75 -30.49 55.62
N GLY L 44 78.01 -29.52 56.13
CA GLY L 44 78.39 -28.81 57.34
C GLY L 44 78.10 -29.60 58.61
N PRO L 45 78.18 -28.95 59.79
CA PRO L 45 77.85 -29.66 61.03
C PRO L 45 76.34 -29.70 61.25
N HIS L 46 75.84 -30.54 62.16
CA HIS L 46 74.41 -30.62 62.48
C HIS L 46 73.49 -30.74 61.23
N VAL L 47 73.91 -31.51 60.21
CA VAL L 47 73.14 -31.73 58.99
C VAL L 47 72.56 -33.13 59.08
N VAL L 48 71.26 -33.26 58.89
CA VAL L 48 70.58 -34.54 58.98
C VAL L 48 70.16 -34.92 57.56
N LEU L 49 70.70 -36.04 57.04
CA LEU L 49 70.42 -36.52 55.69
C LEU L 49 69.80 -37.94 55.69
N LYS L 50 68.51 -38.05 55.31
CA LYS L 50 67.77 -39.32 55.25
C LYS L 50 67.61 -39.77 53.79
N GLY L 51 67.66 -41.09 53.57
CA GLY L 51 67.51 -41.65 52.23
C GLY L 51 66.20 -42.39 52.05
N PRO L 52 65.88 -42.87 50.83
CA PRO L 52 66.66 -42.81 49.59
C PRO L 52 66.77 -41.41 48.99
N THR L 53 68.01 -40.87 48.96
CA THR L 53 68.33 -39.53 48.45
C THR L 53 69.65 -39.52 47.67
N LYS L 54 69.71 -38.79 46.54
CA LYS L 54 70.91 -38.63 45.69
C LYS L 54 71.31 -37.14 45.58
N ILE L 55 72.52 -36.82 46.01
CA ILE L 55 73.11 -35.48 46.01
C ILE L 55 74.31 -35.56 45.04
N GLY L 56 74.29 -34.69 44.03
CA GLY L 56 75.33 -34.62 43.01
C GLY L 56 76.65 -34.02 43.44
N LYS L 57 77.39 -33.44 42.46
CA LYS L 57 78.71 -32.86 42.67
C LYS L 57 78.66 -31.40 43.12
N HIS L 58 79.71 -30.98 43.84
CA HIS L 58 80.02 -29.63 44.32
C HIS L 58 78.86 -28.82 44.92
N ASN L 59 77.97 -29.51 45.68
CA ASN L 59 76.87 -28.85 46.42
C ASN L 59 77.41 -28.43 47.77
N ARG L 60 76.83 -27.38 48.36
CA ARG L 60 77.23 -26.94 49.69
C ARG L 60 75.96 -26.95 50.54
N ILE L 61 75.88 -27.89 51.53
CA ILE L 61 74.74 -28.03 52.48
C ILE L 61 75.15 -27.53 53.89
N TYR L 62 74.43 -26.51 54.39
CA TYR L 62 74.69 -25.92 55.70
C TYR L 62 73.96 -26.61 56.86
N GLN L 63 74.40 -26.30 58.09
CA GLN L 63 73.93 -26.77 59.39
C GLN L 63 72.43 -26.64 59.61
N PHE L 64 71.87 -27.52 60.48
CA PHE L 64 70.47 -27.56 60.92
C PHE L 64 69.45 -27.86 59.79
N SER L 65 69.93 -28.35 58.63
CA SER L 65 69.11 -28.71 57.49
C SER L 65 68.69 -30.19 57.55
N SER L 66 67.40 -30.48 57.34
CA SER L 66 66.80 -31.82 57.30
C SER L 66 66.44 -32.09 55.81
N VAL L 67 67.38 -32.75 55.10
CA VAL L 67 67.31 -33.05 53.66
C VAL L 67 67.04 -34.55 53.41
N GLY L 68 65.94 -34.85 52.73
CA GLY L 68 65.53 -36.21 52.41
C GLY L 68 64.66 -36.88 53.46
N GLU L 69 64.10 -36.07 54.39
CA GLU L 69 63.22 -36.54 55.48
C GLU L 69 61.85 -36.92 54.91
N ASP L 70 61.11 -37.81 55.59
CA ASP L 70 59.77 -38.23 55.15
C ASP L 70 58.84 -37.03 55.27
N THR L 71 57.80 -36.93 54.42
CA THR L 71 56.84 -35.83 54.53
C THR L 71 55.91 -36.02 55.72
N PRO L 72 55.47 -34.91 56.37
CA PRO L 72 54.54 -35.06 57.49
C PRO L 72 53.12 -35.36 56.98
N ASP L 73 52.88 -35.16 55.66
CA ASP L 73 51.60 -35.37 54.98
C ASP L 73 51.04 -36.75 55.26
N LEU L 74 49.74 -36.81 55.63
CA LEU L 74 49.08 -38.07 55.97
C LEU L 74 49.00 -39.07 54.80
N LYS L 75 48.92 -38.57 53.53
CA LYS L 75 48.84 -39.42 52.32
C LYS L 75 50.06 -40.35 52.16
N TYR L 76 51.22 -39.93 52.68
CA TYR L 76 52.44 -40.73 52.62
C TYR L 76 52.39 -41.78 53.72
N LYS L 77 52.19 -43.04 53.32
CA LYS L 77 52.09 -44.17 54.24
C LYS L 77 53.42 -44.97 54.36
N GLY L 78 54.54 -44.23 54.40
CA GLY L 78 55.88 -44.78 54.57
C GLY L 78 56.55 -45.45 53.38
N GLU L 79 55.92 -45.36 52.18
CA GLU L 79 56.39 -45.96 50.92
C GLU L 79 57.85 -45.54 50.54
N PRO L 80 58.64 -46.36 49.78
CA PRO L 80 60.04 -45.96 49.52
C PRO L 80 60.17 -44.99 48.33
N THR L 81 60.02 -43.68 48.63
CA THR L 81 60.10 -42.57 47.67
C THR L 81 61.51 -41.95 47.68
N ARG L 82 61.83 -41.08 46.68
CA ARG L 82 63.18 -40.53 46.49
C ARG L 82 63.30 -39.02 46.55
N LEU L 83 64.56 -38.53 46.67
CA LEU L 83 64.95 -37.12 46.60
C LEU L 83 66.18 -37.03 45.73
N VAL L 84 66.17 -36.09 44.75
CA VAL L 84 67.30 -35.85 43.82
C VAL L 84 67.76 -34.38 43.91
N ILE L 85 69.05 -34.18 44.10
CA ILE L 85 69.69 -32.87 44.12
C ILE L 85 70.84 -33.04 43.15
N GLY L 86 70.98 -32.11 42.22
CA GLY L 86 72.03 -32.14 41.21
C GLY L 86 73.32 -31.53 41.68
N ASP L 87 73.99 -30.79 40.79
CA ASP L 87 75.27 -30.15 41.05
C ASP L 87 75.22 -28.65 41.37
N HIS L 88 76.21 -28.18 42.15
CA HIS L 88 76.47 -26.78 42.53
C HIS L 88 75.33 -26.04 43.25
N ASN L 89 74.40 -26.78 43.89
CA ASN L 89 73.31 -26.17 44.66
C ASN L 89 73.83 -25.74 46.03
N VAL L 90 73.31 -24.61 46.55
CA VAL L 90 73.67 -24.04 47.85
C VAL L 90 72.47 -24.11 48.77
N ILE L 91 72.41 -25.15 49.59
CA ILE L 91 71.34 -25.34 50.58
C ILE L 91 71.90 -24.68 51.88
N ARG L 92 71.36 -23.52 52.24
CA ARG L 92 71.84 -22.75 53.39
C ARG L 92 71.44 -23.40 54.72
N GLU L 93 71.40 -22.60 55.80
CA GLU L 93 71.05 -23.09 57.13
C GLU L 93 69.56 -23.41 57.25
N GLY L 94 69.24 -24.34 58.14
CA GLY L 94 67.90 -24.83 58.49
C GLY L 94 66.90 -25.11 57.38
N VAL L 95 67.37 -25.58 56.23
CA VAL L 95 66.52 -25.85 55.08
C VAL L 95 65.86 -27.23 55.17
N THR L 96 64.53 -27.26 55.08
CA THR L 96 63.72 -28.47 55.14
C THR L 96 63.41 -28.97 53.74
N ILE L 97 63.98 -30.12 53.36
CA ILE L 97 63.78 -30.73 52.04
C ILE L 97 63.22 -32.14 52.25
N HIS L 98 62.01 -32.44 51.68
CA HIS L 98 61.32 -33.72 51.85
C HIS L 98 61.27 -34.58 50.59
N ARG L 99 61.21 -35.92 50.76
CA ARG L 99 61.13 -36.82 49.62
C ARG L 99 59.69 -36.91 49.15
N GLY L 100 59.52 -37.34 47.91
CA GLY L 100 58.24 -37.46 47.23
C GLY L 100 57.25 -38.41 47.85
N THR L 101 56.09 -38.57 47.18
CA THR L 101 54.97 -39.46 47.53
C THR L 101 54.55 -40.23 46.27
N VAL L 102 54.13 -41.50 46.43
CA VAL L 102 53.77 -42.39 45.29
C VAL L 102 52.58 -41.90 44.45
N GLN L 103 51.82 -40.90 44.96
CA GLN L 103 50.67 -40.30 44.29
C GLN L 103 51.09 -39.66 42.98
N ASP L 104 52.14 -38.80 43.02
CA ASP L 104 52.74 -38.12 41.86
C ASP L 104 53.73 -39.09 41.16
N ARG L 105 55.03 -38.73 41.10
CA ARG L 105 56.07 -39.55 40.45
C ARG L 105 56.98 -40.28 41.48
N ALA L 106 56.64 -40.17 42.79
CA ALA L 106 57.35 -40.72 43.95
C ALA L 106 58.77 -40.16 44.08
N GLU L 107 58.98 -38.86 43.67
CA GLU L 107 60.27 -38.15 43.68
C GLU L 107 60.16 -36.61 43.75
N THR L 108 61.05 -36.01 44.56
CA THR L 108 61.24 -34.57 44.71
C THR L 108 62.60 -34.31 44.02
N THR L 109 62.63 -33.41 43.02
CA THR L 109 63.89 -33.12 42.30
C THR L 109 64.29 -31.64 42.33
N ILE L 110 65.60 -31.41 42.53
CA ILE L 110 66.31 -30.11 42.57
C ILE L 110 67.43 -30.23 41.52
N GLY L 111 67.48 -29.26 40.62
CA GLY L 111 68.42 -29.23 39.52
C GLY L 111 69.83 -28.80 39.85
N ASP L 112 70.34 -27.80 39.11
CA ASP L 112 71.70 -27.32 39.26
C ASP L 112 71.82 -25.82 39.50
N HIS L 113 72.85 -25.43 40.27
CA HIS L 113 73.18 -24.07 40.65
C HIS L 113 72.01 -23.29 41.28
N ASN L 114 71.32 -23.91 42.27
CA ASN L 114 70.20 -23.29 42.98
C ASN L 114 70.64 -22.75 44.35
N LEU L 115 70.03 -21.63 44.79
CA LEU L 115 70.33 -20.99 46.07
C LEU L 115 69.12 -21.07 47.02
N ILE L 116 69.07 -22.14 47.85
CA ILE L 116 68.01 -22.28 48.84
C ILE L 116 68.51 -21.66 50.14
N MET L 117 68.09 -20.40 50.39
CA MET L 117 68.53 -19.65 51.56
C MET L 117 67.88 -20.17 52.82
N ALA L 118 68.40 -19.73 54.00
CA ALA L 118 67.99 -20.14 55.34
C ALA L 118 66.49 -20.47 55.55
N TYR L 119 66.23 -21.50 56.39
CA TYR L 119 64.95 -22.03 56.92
C TYR L 119 63.84 -22.31 55.91
N ALA L 120 64.10 -22.09 54.61
CA ALA L 120 63.17 -22.30 53.51
C ALA L 120 62.80 -23.76 53.37
N HIS L 121 61.50 -24.03 53.09
CA HIS L 121 60.92 -25.37 52.93
C HIS L 121 60.59 -25.74 51.47
N ILE L 122 61.06 -26.91 51.01
CA ILE L 122 60.77 -27.52 49.70
C ILE L 122 60.17 -28.90 50.03
N GLY L 123 58.83 -28.98 50.01
CA GLY L 123 58.10 -30.20 50.35
C GLY L 123 58.05 -31.24 49.25
N HIS L 124 57.37 -32.39 49.54
CA HIS L 124 57.20 -33.54 48.65
C HIS L 124 56.82 -33.22 47.20
N ASP L 125 57.44 -33.95 46.27
CA ASP L 125 57.25 -33.97 44.82
C ASP L 125 57.57 -32.65 44.08
N SER L 126 58.09 -31.63 44.78
CA SER L 126 58.48 -30.36 44.19
C SER L 126 59.65 -30.56 43.21
N VAL L 127 59.53 -30.00 42.00
CA VAL L 127 60.54 -30.09 40.93
C VAL L 127 61.17 -28.70 40.67
N ILE L 128 62.39 -28.42 41.19
CA ILE L 128 63.10 -27.14 40.99
C ILE L 128 64.05 -27.30 39.81
N GLY L 129 64.04 -26.32 38.90
CA GLY L 129 64.89 -26.27 37.71
C GLY L 129 66.34 -25.93 38.02
N ASN L 130 67.00 -25.19 37.12
CA ASN L 130 68.40 -24.80 37.30
C ASN L 130 68.52 -23.27 37.44
N HIS L 131 69.35 -22.78 38.40
CA HIS L 131 69.66 -21.36 38.68
C HIS L 131 68.61 -20.53 39.40
N CYS L 132 67.82 -21.16 40.27
CA CYS L 132 66.79 -20.50 41.06
C CYS L 132 67.36 -19.90 42.36
N ILE L 133 66.83 -18.73 42.79
CA ILE L 133 67.16 -18.11 44.09
C ILE L 133 65.86 -18.18 44.91
N LEU L 134 65.81 -19.11 45.89
CA LEU L 134 64.68 -19.30 46.78
C LEU L 134 65.12 -18.68 48.09
N VAL L 135 64.69 -17.42 48.35
CA VAL L 135 65.08 -16.62 49.53
C VAL L 135 64.57 -17.30 50.83
N ASN L 136 64.90 -16.72 52.01
CA ASN L 136 64.60 -17.23 53.35
C ASN L 136 63.12 -17.62 53.57
N ASN L 137 62.91 -18.66 54.41
CA ASN L 137 61.61 -19.26 54.78
C ASN L 137 60.59 -19.39 53.60
N THR L 138 61.06 -19.48 52.34
CA THR L 138 60.20 -19.67 51.17
C THR L 138 59.65 -21.10 51.29
N ALA L 139 58.32 -21.24 51.40
CA ALA L 139 57.69 -22.53 51.55
C ALA L 139 56.93 -22.97 50.33
N LEU L 140 57.28 -24.18 49.82
CA LEU L 140 56.64 -24.86 48.68
C LEU L 140 55.86 -26.05 49.29
N ALA L 141 54.52 -25.97 49.23
CA ALA L 141 53.55 -26.90 49.81
C ALA L 141 53.73 -28.35 49.44
N GLY L 142 54.04 -28.59 48.16
CA GLY L 142 54.20 -29.92 47.57
C GLY L 142 53.71 -29.95 46.14
N HIS L 143 54.36 -30.76 45.29
CA HIS L 143 54.05 -30.88 43.84
C HIS L 143 54.21 -29.54 43.07
N VAL L 144 54.88 -28.53 43.71
CA VAL L 144 55.20 -27.20 43.18
C VAL L 144 56.34 -27.38 42.17
N HIS L 145 56.22 -26.78 40.97
CA HIS L 145 57.24 -26.89 39.91
C HIS L 145 57.84 -25.52 39.64
N VAL L 146 59.08 -25.29 40.09
CA VAL L 146 59.73 -23.98 39.88
C VAL L 146 60.69 -24.06 38.71
N ASP L 147 60.35 -23.34 37.62
CA ASP L 147 61.15 -23.32 36.40
C ASP L 147 62.43 -22.52 36.59
N ASP L 148 63.39 -22.74 35.70
CA ASP L 148 64.72 -22.13 35.66
C ASP L 148 64.72 -20.62 35.89
N TRP L 149 65.73 -20.16 36.66
CA TRP L 149 66.08 -18.78 36.99
C TRP L 149 65.21 -18.09 38.04
N ALA L 150 63.91 -18.39 38.09
CA ALA L 150 62.94 -17.81 39.02
C ALA L 150 63.48 -17.38 40.40
N ILE L 151 63.15 -16.14 40.80
CA ILE L 151 63.55 -15.55 42.08
C ILE L 151 62.33 -15.53 42.96
N LEU L 152 62.34 -16.35 44.03
CA LEU L 152 61.25 -16.39 44.99
C LEU L 152 61.72 -15.62 46.21
N SER L 153 61.24 -14.35 46.38
CA SER L 153 61.61 -13.47 47.49
C SER L 153 61.28 -14.05 48.87
N GLY L 154 61.88 -13.48 49.90
CA GLY L 154 61.71 -13.91 51.28
C GLY L 154 60.30 -14.22 51.68
N TYR L 155 60.10 -15.39 52.34
CA TYR L 155 58.85 -15.90 52.88
C TYR L 155 57.75 -16.08 51.82
N THR L 156 58.13 -16.43 50.56
CA THR L 156 57.16 -16.68 49.48
C THR L 156 56.47 -18.03 49.68
N LEU L 157 55.17 -18.00 49.97
CA LEU L 157 54.36 -19.19 50.21
C LEU L 157 53.69 -19.63 48.90
N VAL L 158 53.94 -20.89 48.48
CA VAL L 158 53.37 -21.41 47.23
C VAL L 158 52.47 -22.62 47.57
N HIS L 159 51.23 -22.65 47.04
CA HIS L 159 50.27 -23.74 47.27
C HIS L 159 50.67 -24.98 46.48
N GLN L 160 50.09 -26.14 46.80
CA GLN L 160 50.38 -27.38 46.09
C GLN L 160 50.02 -27.28 44.62
N TYR L 161 50.79 -27.99 43.77
CA TYR L 161 50.63 -28.15 42.31
C TYR L 161 50.73 -26.84 41.48
N CYS L 162 51.22 -25.74 42.07
CA CYS L 162 51.42 -24.47 41.34
C CYS L 162 52.68 -24.59 40.50
N ARG L 163 52.72 -23.85 39.37
CA ARG L 163 53.89 -23.83 38.51
C ARG L 163 54.49 -22.42 38.48
N ILE L 164 55.68 -22.26 39.05
CA ILE L 164 56.36 -20.96 39.01
C ILE L 164 57.12 -20.89 37.67
N GLY L 165 56.95 -19.79 36.95
CA GLY L 165 57.52 -19.56 35.62
C GLY L 165 59.01 -19.33 35.51
N ALA L 166 59.51 -19.34 34.25
CA ALA L 166 60.91 -19.12 33.92
C ALA L 166 61.19 -17.63 34.05
N HIS L 167 62.15 -17.27 34.90
CA HIS L 167 62.57 -15.89 35.21
C HIS L 167 61.58 -15.14 36.07
N SER L 168 60.40 -15.73 36.36
CA SER L 168 59.38 -15.08 37.16
C SER L 168 59.88 -14.70 38.57
N PHE L 169 59.33 -13.61 39.09
CA PHE L 169 59.71 -13.06 40.38
C PHE L 169 58.51 -12.94 41.27
N SER L 170 58.58 -13.57 42.46
CA SER L 170 57.55 -13.44 43.47
C SER L 170 58.13 -12.54 44.57
N GLY L 171 57.43 -11.45 44.89
CA GLY L 171 57.80 -10.46 45.88
C GLY L 171 57.67 -10.98 47.29
N MET L 172 58.39 -10.36 48.27
CA MET L 172 58.41 -10.88 49.64
C MET L 172 57.02 -10.98 50.29
N GLY L 173 56.83 -12.04 51.07
CA GLY L 173 55.58 -12.36 51.74
C GLY L 173 54.42 -12.70 50.80
N SER L 174 54.74 -13.15 49.55
CA SER L 174 53.79 -13.56 48.51
C SER L 174 53.05 -14.87 48.90
N ALA L 175 51.75 -15.01 48.51
CA ALA L 175 50.99 -16.25 48.78
C ALA L 175 50.36 -16.77 47.49
N ILE L 176 51.17 -17.48 46.69
CA ILE L 176 50.86 -18.06 45.39
C ILE L 176 49.90 -19.24 45.53
N GLY L 177 48.86 -19.24 44.72
CA GLY L 177 47.84 -20.29 44.65
C GLY L 177 47.36 -20.55 43.24
N LYS L 178 48.09 -20.05 42.26
CA LYS L 178 47.85 -20.18 40.82
C LYS L 178 49.20 -20.15 40.10
N ASP L 179 49.27 -20.73 38.90
CA ASP L 179 50.52 -20.82 38.17
C ASP L 179 51.02 -19.43 37.81
N VAL L 180 52.30 -19.13 38.13
CA VAL L 180 52.94 -17.85 37.83
C VAL L 180 53.54 -18.03 36.41
N PRO L 181 53.05 -17.30 35.37
CA PRO L 181 53.65 -17.48 34.03
C PRO L 181 55.10 -17.00 34.02
N ALA L 182 55.85 -17.43 32.99
CA ALA L 182 57.24 -17.05 32.83
C ALA L 182 57.36 -15.55 32.88
N TYR L 183 58.47 -15.02 33.44
CA TYR L 183 58.84 -13.60 33.59
C TYR L 183 57.95 -12.73 34.49
N VAL L 184 56.66 -13.12 34.71
CA VAL L 184 55.68 -12.35 35.49
C VAL L 184 56.13 -12.10 36.93
N THR L 185 55.87 -10.87 37.42
CA THR L 185 56.17 -10.46 38.78
C THR L 185 54.87 -10.51 39.60
N VAL L 186 54.77 -11.46 40.55
CA VAL L 186 53.58 -11.62 41.40
C VAL L 186 53.81 -11.02 42.80
N PHE L 187 52.78 -10.41 43.38
CA PHE L 187 52.95 -9.79 44.68
C PHE L 187 51.74 -9.93 45.62
N GLY L 188 52.04 -10.02 46.92
CA GLY L 188 51.04 -10.05 47.99
C GLY L 188 50.35 -11.37 48.29
N ASN L 189 49.44 -11.31 49.28
CA ASN L 189 48.60 -12.42 49.76
C ASN L 189 47.13 -11.99 49.51
N PRO L 190 46.48 -12.50 48.44
CA PRO L 190 46.98 -13.47 47.47
C PRO L 190 47.78 -12.82 46.36
N ALA L 191 48.79 -13.55 45.81
CA ALA L 191 49.66 -13.08 44.74
C ALA L 191 48.87 -12.52 43.60
N GLU L 192 49.30 -11.35 43.10
CA GLU L 192 48.69 -10.59 42.00
C GLU L 192 49.75 -10.29 40.98
N ALA L 193 49.41 -10.34 39.68
CA ALA L 193 50.36 -10.01 38.61
C ALA L 193 50.57 -8.50 38.56
N ARG L 194 51.86 -8.06 38.46
CA ARG L 194 52.23 -6.66 38.44
C ARG L 194 52.80 -6.18 37.11
N SER L 195 53.97 -6.73 36.75
CA SER L 195 54.71 -6.40 35.53
C SER L 195 55.55 -7.64 35.14
N MET L 196 56.79 -7.44 34.66
CA MET L 196 57.66 -8.53 34.24
C MET L 196 59.08 -8.31 34.71
N ASN L 197 59.82 -9.41 34.92
CA ASN L 197 61.20 -9.38 35.42
C ASN L 197 62.15 -8.91 34.34
N PHE L 198 62.19 -7.58 34.13
CA PHE L 198 63.04 -6.97 33.11
C PHE L 198 64.49 -7.02 33.49
N GLU L 199 64.76 -7.01 34.82
CA GLU L 199 66.13 -7.12 35.32
C GLU L 199 66.71 -8.51 35.04
N GLY L 200 65.84 -9.53 35.07
CA GLY L 200 66.18 -10.91 34.74
C GLY L 200 66.38 -11.06 33.25
N MET L 201 65.60 -10.28 32.45
CA MET L 201 65.68 -10.24 30.98
C MET L 201 67.04 -9.68 30.53
N ARG L 202 67.47 -8.50 31.04
CA ARG L 202 68.79 -7.93 30.63
C ARG L 202 69.97 -8.75 31.14
N ARG L 203 69.82 -9.40 32.31
CA ARG L 203 70.83 -10.26 32.91
C ARG L 203 71.05 -11.46 32.01
N ARG L 204 69.96 -11.97 31.36
CA ARG L 204 70.04 -13.12 30.46
C ARG L 204 70.34 -12.71 28.99
N GLY L 205 70.80 -11.47 28.86
CA GLY L 205 71.16 -10.87 27.58
C GLY L 205 70.08 -11.02 26.56
N PHE L 206 68.90 -10.46 26.88
CA PHE L 206 67.75 -10.50 26.01
C PHE L 206 67.88 -9.38 25.02
N SER L 207 67.43 -9.60 23.78
CA SER L 207 67.47 -8.55 22.77
C SER L 207 66.48 -7.46 23.16
N SER L 208 66.81 -6.20 22.90
CA SER L 208 65.96 -5.03 23.18
C SER L 208 64.55 -5.28 22.62
N GLU L 209 64.52 -5.86 21.39
CA GLU L 209 63.36 -6.25 20.60
C GLU L 209 62.48 -7.26 21.37
N ALA L 210 63.11 -8.31 21.96
CA ALA L 210 62.40 -9.32 22.76
C ALA L 210 61.92 -8.75 24.06
N ILE L 211 62.73 -7.87 24.71
CA ILE L 211 62.35 -7.21 25.98
C ILE L 211 61.03 -6.43 25.78
N HIS L 212 60.89 -5.74 24.62
CA HIS L 212 59.67 -5.00 24.30
C HIS L 212 58.56 -5.94 23.93
N ALA L 213 58.85 -6.97 23.12
CA ALA L 213 57.90 -7.98 22.65
C ALA L 213 57.23 -8.67 23.82
N LEU L 214 57.98 -8.84 24.92
CA LEU L 214 57.47 -9.45 26.14
C LEU L 214 56.64 -8.44 26.90
N ARG L 215 57.00 -7.14 26.84
CA ARG L 215 56.22 -6.10 27.50
C ARG L 215 54.82 -6.01 26.86
N ARG L 216 54.79 -5.95 25.51
CA ARG L 216 53.55 -5.93 24.73
C ARG L 216 52.78 -7.24 24.92
N ALA L 217 53.50 -8.36 25.19
CA ALA L 217 52.88 -9.68 25.45
C ALA L 217 52.15 -9.74 26.80
N TYR L 218 52.77 -9.26 27.90
CA TYR L 218 52.17 -9.24 29.23
C TYR L 218 50.87 -8.44 29.18
N LYS L 219 50.91 -7.24 28.57
CA LYS L 219 49.75 -6.37 28.41
C LYS L 219 48.54 -7.12 27.79
N VAL L 220 48.73 -7.91 26.69
CA VAL L 220 47.67 -8.68 25.99
C VAL L 220 46.95 -9.61 26.94
N VAL L 221 47.72 -10.28 27.80
CA VAL L 221 47.21 -11.21 28.81
C VAL L 221 46.38 -10.48 29.91
N TYR L 222 47.03 -9.51 30.60
CA TYR L 222 46.45 -8.82 31.74
C TYR L 222 45.78 -7.47 31.46
N ARG L 223 46.58 -6.42 31.15
CA ARG L 223 46.15 -5.03 30.89
C ARG L 223 45.17 -4.86 29.68
N GLN L 224 44.99 -5.87 28.81
CA GLN L 224 44.07 -5.79 27.66
C GLN L 224 42.66 -6.35 28.00
N GLY L 225 42.61 -7.22 29.00
CA GLY L 225 41.36 -7.81 29.50
C GLY L 225 40.73 -8.78 28.53
N HIS L 226 41.55 -9.63 27.94
CA HIS L 226 41.07 -10.67 27.06
C HIS L 226 40.97 -11.86 27.99
N THR L 227 40.40 -12.97 27.52
CA THR L 227 40.37 -14.17 28.34
C THR L 227 41.79 -14.74 28.26
N VAL L 228 41.99 -15.96 28.73
CA VAL L 228 43.29 -16.60 28.60
C VAL L 228 43.28 -17.17 27.17
N GLU L 229 42.14 -17.74 26.75
CA GLU L 229 41.90 -18.31 25.42
C GLU L 229 42.08 -17.24 24.32
N GLU L 230 41.63 -15.98 24.60
CA GLU L 230 41.70 -14.83 23.69
C GLU L 230 43.12 -14.28 23.56
N ALA L 231 43.83 -14.16 24.69
CA ALA L 231 45.21 -13.67 24.72
C ALA L 231 46.12 -14.66 23.99
N LEU L 232 46.05 -15.97 24.35
CA LEU L 232 46.82 -17.06 23.75
C LEU L 232 46.68 -17.12 22.24
N ALA L 233 45.50 -16.69 21.75
CA ALA L 233 45.19 -16.56 20.33
C ALA L 233 45.94 -15.36 19.70
N GLU L 234 45.99 -14.19 20.40
CA GLU L 234 46.68 -12.97 19.91
C GLU L 234 48.21 -13.22 19.89
N LEU L 235 48.73 -13.77 21.01
CA LEU L 235 50.13 -14.12 21.26
C LEU L 235 50.70 -15.06 20.23
N ALA L 236 49.84 -15.85 19.57
CA ALA L 236 50.17 -16.81 18.51
C ALA L 236 51.23 -16.31 17.54
N GLU L 237 51.10 -15.04 17.10
CA GLU L 237 52.02 -14.38 16.18
C GLU L 237 53.30 -13.99 16.90
N SER L 238 53.22 -13.20 17.99
CA SER L 238 54.38 -12.69 18.75
C SER L 238 55.33 -13.79 19.24
N ALA L 239 54.75 -14.94 19.66
CA ALA L 239 55.45 -16.12 20.18
C ALA L 239 56.18 -16.86 19.05
N ALA L 240 55.71 -16.70 17.81
CA ALA L 240 56.33 -17.31 16.63
C ALA L 240 57.56 -16.50 16.17
N GLN L 241 57.64 -15.21 16.57
CA GLN L 241 58.75 -14.34 16.17
C GLN L 241 59.82 -14.32 17.24
N PHE L 242 59.43 -14.55 18.51
CA PHE L 242 60.33 -14.49 19.67
C PHE L 242 60.26 -15.72 20.54
N PRO L 243 61.31 -16.60 20.54
CA PRO L 243 61.28 -17.80 21.41
C PRO L 243 61.15 -17.48 22.91
N GLU L 244 61.42 -16.20 23.28
CA GLU L 244 61.31 -15.61 24.62
C GLU L 244 59.82 -15.40 24.94
N VAL L 245 59.01 -14.93 23.95
CA VAL L 245 57.57 -14.75 24.10
C VAL L 245 56.91 -16.13 24.07
N ALA L 246 57.46 -17.07 23.25
CA ALA L 246 56.99 -18.45 23.15
C ALA L 246 57.06 -19.12 24.52
N VAL L 247 58.12 -18.83 25.30
CA VAL L 247 58.31 -19.32 26.67
C VAL L 247 57.12 -18.88 27.52
N PHE L 248 56.76 -17.58 27.42
CA PHE L 248 55.63 -16.98 28.12
C PHE L 248 54.27 -17.56 27.65
N ARG L 249 54.00 -17.59 26.32
CA ARG L 249 52.73 -18.12 25.82
C ARG L 249 52.52 -19.58 26.24
N ASP L 250 53.57 -20.41 26.15
CA ASP L 250 53.46 -21.80 26.54
C ASP L 250 53.07 -21.99 28.03
N SER L 251 53.65 -21.19 28.95
CA SER L 251 53.40 -21.23 30.40
C SER L 251 51.93 -20.97 30.82
N ILE L 252 51.19 -20.25 29.96
CA ILE L 252 49.79 -19.89 30.15
C ILE L 252 48.95 -21.02 29.60
N GLN L 253 49.31 -21.49 28.38
CA GLN L 253 48.64 -22.58 27.63
C GLN L 253 48.58 -23.87 28.42
N SER L 254 49.67 -24.18 29.15
CA SER L 254 49.81 -25.38 29.99
C SER L 254 48.97 -25.32 31.28
N ALA L 255 48.94 -24.13 31.94
CA ALA L 255 48.20 -23.86 33.18
C ALA L 255 46.69 -23.97 32.94
N THR L 256 46.23 -23.42 31.79
CA THR L 256 44.83 -23.44 31.37
C THR L 256 44.43 -24.73 30.59
N ARG L 257 43.15 -25.12 30.71
CA ARG L 257 42.49 -26.23 30.00
C ARG L 257 41.01 -25.90 30.04
N GLY L 258 40.42 -25.98 31.23
CA GLY L 258 39.04 -25.61 31.45
C GLY L 258 38.00 -26.64 31.07
N ILE L 259 36.78 -26.37 31.51
CA ILE L 259 35.60 -27.20 31.30
C ILE L 259 34.78 -26.66 30.14
N THR L 260 34.17 -27.59 29.41
CA THR L 260 33.36 -27.36 28.24
C THR L 260 32.10 -26.55 28.58
N ARG L 261 32.14 -25.20 28.43
CA ARG L 261 30.94 -24.39 28.70
C ARG L 261 30.02 -24.49 27.47
N MET M 4 82.38 -29.71 86.45
CA MET M 4 82.06 -29.35 85.07
C MET M 4 82.55 -27.93 84.70
N SER M 5 83.42 -27.81 83.66
CA SER M 5 84.00 -26.54 83.17
C SER M 5 82.99 -25.70 82.37
N LEU M 6 83.27 -24.37 82.28
CA LEU M 6 82.48 -23.34 81.57
C LEU M 6 82.27 -23.77 80.11
N ILE M 7 83.39 -24.08 79.42
CA ILE M 7 83.42 -24.57 78.04
C ILE M 7 83.23 -26.07 78.13
N ASP M 8 82.18 -26.58 77.47
CA ASP M 8 81.87 -28.00 77.45
C ASP M 8 82.92 -28.72 76.58
N PRO M 9 83.35 -29.98 76.92
CA PRO M 9 84.34 -30.67 76.07
C PRO M 9 83.84 -30.95 74.64
N ARG M 10 82.50 -31.03 74.44
CA ARG M 10 81.85 -31.27 73.14
C ARG M 10 81.71 -29.99 72.31
N ALA M 11 82.26 -28.87 72.81
CA ALA M 11 82.22 -27.59 72.13
C ALA M 11 83.54 -27.36 71.43
N ILE M 12 83.48 -27.03 70.13
CA ILE M 12 84.68 -26.75 69.33
C ILE M 12 85.09 -25.25 69.46
N ILE M 13 86.22 -24.98 70.12
CA ILE M 13 86.75 -23.62 70.30
C ILE M 13 88.03 -23.49 69.47
N ASP M 14 88.09 -22.46 68.61
CA ASP M 14 89.21 -22.22 67.69
C ASP M 14 90.41 -21.55 68.39
N PRO M 15 91.68 -21.95 68.07
CA PRO M 15 92.83 -21.30 68.72
C PRO M 15 92.91 -19.79 68.51
N SER M 16 92.29 -19.28 67.42
CA SER M 16 92.24 -17.86 67.06
C SER M 16 91.00 -17.18 67.66
N ALA M 17 90.17 -17.94 68.38
CA ALA M 17 89.00 -17.41 69.06
C ALA M 17 89.45 -16.93 70.43
N ARG M 18 89.13 -15.67 70.74
CA ARG M 18 89.48 -15.04 72.00
C ARG M 18 88.20 -14.85 72.84
N LEU M 19 88.06 -15.66 73.90
CA LEU M 19 86.92 -15.68 74.82
C LEU M 19 87.31 -15.19 76.21
N ALA M 20 86.40 -14.48 76.91
CA ALA M 20 86.65 -13.99 78.28
C ALA M 20 86.61 -15.15 79.28
N ALA M 21 87.03 -14.91 80.53
CA ALA M 21 87.12 -15.94 81.58
C ALA M 21 85.75 -16.58 81.93
N ASP M 22 84.78 -15.76 82.40
CA ASP M 22 83.45 -16.22 82.80
C ASP M 22 82.49 -16.40 81.61
N VAL M 23 83.04 -16.89 80.49
CA VAL M 23 82.29 -17.20 79.27
C VAL M 23 81.93 -18.69 79.33
N GLN M 24 80.68 -19.04 78.98
CA GLN M 24 80.18 -20.41 78.99
C GLN M 24 79.82 -20.90 77.59
N VAL M 25 80.27 -22.12 77.23
CA VAL M 25 79.94 -22.74 75.94
C VAL M 25 79.33 -24.12 76.20
N GLY M 26 78.17 -24.34 75.58
CA GLY M 26 77.41 -25.58 75.69
C GLY M 26 77.91 -26.69 74.77
N PRO M 27 77.43 -27.94 74.96
CA PRO M 27 77.91 -29.03 74.09
C PRO M 27 77.44 -28.91 72.64
N TRP M 28 78.32 -29.32 71.70
CA TRP M 28 78.09 -29.38 70.24
C TRP M 28 77.93 -27.97 69.61
N SER M 29 78.56 -26.95 70.22
CA SER M 29 78.61 -25.58 69.71
C SER M 29 79.94 -25.40 69.03
N ILE M 30 80.05 -24.42 68.11
CA ILE M 30 81.29 -24.11 67.40
C ILE M 30 81.60 -22.61 67.58
N VAL M 31 82.63 -22.28 68.41
CA VAL M 31 83.08 -20.89 68.58
C VAL M 31 84.21 -20.76 67.55
N GLY M 32 83.82 -20.32 66.34
CA GLY M 32 84.70 -20.23 65.18
C GLY M 32 85.97 -19.42 65.28
N ALA M 33 86.70 -19.36 64.15
CA ALA M 33 87.95 -18.61 64.04
C ALA M 33 87.63 -17.12 64.01
N GLU M 34 88.51 -16.30 64.63
CA GLU M 34 88.41 -14.84 64.74
C GLU M 34 87.09 -14.36 65.43
N VAL M 35 86.70 -15.04 66.52
CA VAL M 35 85.51 -14.74 67.33
C VAL M 35 85.98 -14.19 68.69
N GLU M 36 85.27 -13.15 69.20
CA GLU M 36 85.56 -12.50 70.48
C GLU M 36 84.30 -12.58 71.34
N ILE M 37 84.44 -13.05 72.59
CA ILE M 37 83.30 -13.19 73.49
C ILE M 37 83.62 -12.55 74.84
N GLY M 38 82.77 -11.61 75.24
CA GLY M 38 82.93 -10.81 76.44
C GLY M 38 82.46 -11.42 77.75
N GLU M 39 82.94 -10.83 78.86
CA GLU M 39 82.68 -11.17 80.26
C GLU M 39 81.21 -11.51 80.51
N GLY M 40 80.95 -12.71 81.02
CA GLY M 40 79.62 -13.20 81.40
C GLY M 40 78.69 -13.78 80.35
N THR M 41 79.06 -13.68 79.06
CA THR M 41 78.24 -14.19 77.94
C THR M 41 78.09 -15.72 78.01
N VAL M 42 76.87 -16.21 77.72
CA VAL M 42 76.55 -17.63 77.75
C VAL M 42 76.09 -18.09 76.37
N ILE M 43 76.87 -19.03 75.77
CA ILE M 43 76.59 -19.64 74.48
C ILE M 43 75.91 -20.97 74.73
N GLY M 44 74.68 -21.09 74.25
CA GLY M 44 73.87 -22.31 74.39
C GLY M 44 74.44 -23.48 73.62
N PRO M 45 73.81 -24.66 73.72
CA PRO M 45 74.32 -25.82 72.95
C PRO M 45 73.94 -25.71 71.48
N HIS M 46 74.54 -26.53 70.59
CA HIS M 46 74.27 -26.54 69.14
C HIS M 46 74.26 -25.15 68.46
N VAL M 47 75.14 -24.24 68.90
CA VAL M 47 75.29 -22.86 68.35
C VAL M 47 76.48 -22.88 67.41
N VAL M 48 76.41 -22.12 66.29
CA VAL M 48 77.47 -21.99 65.31
C VAL M 48 77.87 -20.53 65.27
N LEU M 49 79.13 -20.25 65.59
CA LEU M 49 79.68 -18.89 65.58
C LEU M 49 80.80 -18.78 64.53
N LYS M 50 80.80 -17.69 63.73
CA LYS M 50 81.80 -17.49 62.68
C LYS M 50 82.32 -16.06 62.71
N GLY M 51 83.64 -15.92 62.68
CA GLY M 51 84.30 -14.62 62.70
C GLY M 51 84.60 -14.08 61.32
N PRO M 52 84.97 -12.77 61.14
CA PRO M 52 85.13 -11.69 62.15
C PRO M 52 83.85 -11.35 62.88
N THR M 53 83.82 -11.63 64.21
CA THR M 53 82.66 -11.38 65.06
C THR M 53 83.07 -11.01 66.49
N LYS M 54 82.47 -9.91 67.01
CA LYS M 54 82.71 -9.41 68.36
C LYS M 54 81.40 -9.42 69.16
N ILE M 55 81.27 -10.37 70.11
CA ILE M 55 80.12 -10.52 71.01
C ILE M 55 80.54 -9.96 72.39
N GLY M 56 79.80 -8.94 72.85
CA GLY M 56 80.07 -8.23 74.08
C GLY M 56 79.78 -8.96 75.37
N LYS M 57 79.69 -8.19 76.46
CA LYS M 57 79.46 -8.66 77.83
C LYS M 57 78.04 -9.20 78.01
N HIS M 58 77.87 -10.07 79.03
CA HIS M 58 76.64 -10.72 79.51
C HIS M 58 75.53 -10.91 78.47
N ASN M 59 75.82 -11.59 77.36
CA ASN M 59 74.83 -11.91 76.31
C ASN M 59 74.35 -13.38 76.48
N ARG M 60 73.20 -13.74 75.88
CA ARG M 60 72.72 -15.11 75.90
C ARG M 60 72.29 -15.47 74.49
N ILE M 61 73.08 -16.35 73.84
CA ILE M 61 72.83 -16.88 72.48
C ILE M 61 72.35 -18.32 72.65
N TYR M 62 71.07 -18.60 72.33
CA TYR M 62 70.44 -19.92 72.47
C TYR M 62 70.77 -20.89 71.34
N GLN M 63 70.48 -22.19 71.57
CA GLN M 63 70.64 -23.34 70.68
C GLN M 63 70.19 -23.10 69.25
N PHE M 64 70.86 -23.74 68.29
CA PHE M 64 70.56 -23.71 66.85
C PHE M 64 70.76 -22.34 66.16
N SER M 65 71.39 -21.37 66.87
CA SER M 65 71.66 -20.05 66.29
C SER M 65 72.92 -20.09 65.46
N SER M 66 72.86 -19.63 64.20
CA SER M 66 74.02 -19.50 63.30
C SER M 66 74.35 -18.00 63.25
N VAL M 67 75.33 -17.57 64.07
CA VAL M 67 75.71 -16.15 64.21
C VAL M 67 77.11 -15.87 63.60
N GLY M 68 77.17 -14.94 62.64
CA GLY M 68 78.40 -14.50 61.99
C GLY M 68 78.75 -15.20 60.69
N GLU M 69 77.75 -15.80 60.03
CA GLU M 69 77.92 -16.52 58.76
C GLU M 69 77.98 -15.53 57.56
N ASP M 70 78.55 -15.95 56.41
CA ASP M 70 78.62 -15.14 55.18
C ASP M 70 77.19 -15.01 54.62
N THR M 71 76.86 -13.89 53.98
CA THR M 71 75.49 -13.74 53.45
C THR M 71 75.33 -14.48 52.16
N PRO M 72 74.18 -15.16 51.89
CA PRO M 72 74.03 -15.86 50.61
C PRO M 72 73.90 -14.92 49.41
N ASP M 73 73.79 -13.59 49.66
CA ASP M 73 73.71 -12.53 48.65
C ASP M 73 74.93 -12.63 47.71
N LEU M 74 74.69 -12.63 46.39
CA LEU M 74 75.74 -12.77 45.37
C LEU M 74 76.64 -11.52 45.24
N LYS M 75 76.27 -10.43 45.95
CA LYS M 75 77.06 -9.19 46.05
C LYS M 75 78.26 -9.49 46.99
N TYR M 76 78.17 -10.62 47.72
CA TYR M 76 79.22 -11.07 48.60
C TYR M 76 80.24 -11.91 47.86
N LYS M 77 81.51 -11.67 48.16
CA LYS M 77 82.63 -12.33 47.51
C LYS M 77 83.78 -12.69 48.52
N GLY M 78 83.45 -13.46 49.56
CA GLY M 78 84.39 -13.94 50.60
C GLY M 78 85.21 -12.88 51.33
N GLU M 79 84.76 -11.60 51.23
CA GLU M 79 85.36 -10.39 51.77
C GLU M 79 85.51 -10.45 53.33
N PRO M 80 86.61 -9.92 53.94
CA PRO M 80 86.78 -10.06 55.39
C PRO M 80 85.95 -9.10 56.24
N THR M 81 84.61 -9.10 56.00
CA THR M 81 83.57 -8.29 56.62
C THR M 81 83.24 -8.71 58.05
N ARG M 82 82.77 -7.78 58.90
CA ARG M 82 82.53 -8.02 60.33
C ARG M 82 81.07 -8.16 60.77
N LEU M 83 80.92 -8.50 62.06
CA LEU M 83 79.69 -8.57 62.84
C LEU M 83 80.06 -8.07 64.25
N VAL M 84 79.16 -7.29 64.89
CA VAL M 84 79.38 -6.77 66.25
C VAL M 84 78.06 -6.79 67.05
N ILE M 85 78.03 -7.55 68.16
CA ILE M 85 76.90 -7.62 69.10
C ILE M 85 77.40 -7.00 70.42
N GLY M 86 76.66 -6.04 70.93
CA GLY M 86 77.03 -5.34 72.16
C GLY M 86 76.82 -6.14 73.42
N ASP M 87 76.36 -5.47 74.47
CA ASP M 87 76.13 -6.07 75.77
C ASP M 87 74.65 -6.36 76.09
N HIS M 88 74.41 -7.33 76.98
CA HIS M 88 73.10 -7.73 77.50
C HIS M 88 72.04 -8.06 76.43
N ASN M 89 72.45 -8.64 75.30
CA ASN M 89 71.48 -9.04 74.26
C ASN M 89 70.99 -10.48 74.49
N VAL M 90 69.77 -10.78 74.02
CA VAL M 90 69.20 -12.13 74.08
C VAL M 90 68.94 -12.60 72.64
N ILE M 91 69.77 -13.53 72.16
CA ILE M 91 69.63 -14.12 70.84
C ILE M 91 69.01 -15.47 71.10
N ARG M 92 67.74 -15.63 70.68
CA ARG M 92 67.01 -16.86 70.96
C ARG M 92 67.34 -17.99 69.98
N GLU M 93 66.61 -19.11 70.13
CA GLU M 93 66.75 -20.38 69.42
C GLU M 93 66.61 -20.26 67.90
N GLY M 94 67.54 -20.91 67.18
CA GLY M 94 67.55 -20.94 65.72
C GLY M 94 67.59 -19.59 65.02
N VAL M 95 68.32 -18.62 65.57
CA VAL M 95 68.41 -17.29 64.95
C VAL M 95 69.53 -17.31 63.90
N THR M 96 69.45 -16.43 62.88
CA THR M 96 70.47 -16.21 61.85
C THR M 96 70.83 -14.75 61.81
N ILE M 97 72.13 -14.45 62.06
CA ILE M 97 72.73 -13.11 62.03
C ILE M 97 73.92 -13.23 61.05
N HIS M 98 73.91 -12.43 59.94
CA HIS M 98 74.94 -12.43 58.87
C HIS M 98 75.91 -11.24 58.92
N ARG M 99 77.17 -11.45 58.49
CA ARG M 99 78.24 -10.45 58.46
C ARG M 99 78.11 -9.57 57.22
N GLY M 100 78.50 -8.30 57.36
CA GLY M 100 78.42 -7.26 56.34
C GLY M 100 78.99 -7.52 54.95
N THR M 101 78.84 -6.52 54.04
CA THR M 101 79.33 -6.52 52.64
C THR M 101 80.12 -5.21 52.39
N VAL M 102 81.32 -5.29 51.76
CA VAL M 102 82.17 -4.11 51.48
C VAL M 102 81.42 -3.00 50.69
N GLN M 103 80.27 -3.39 50.13
CA GLN M 103 79.34 -2.55 49.39
C GLN M 103 78.82 -1.42 50.31
N ASP M 104 78.38 -1.76 51.56
CA ASP M 104 77.93 -0.82 52.60
C ASP M 104 79.15 -0.45 53.47
N ARG M 105 79.06 -0.39 54.82
CA ARG M 105 80.28 -0.06 55.57
C ARG M 105 80.97 -1.35 56.14
N ALA M 106 80.75 -2.51 55.44
CA ALA M 106 81.32 -3.85 55.68
C ALA M 106 81.28 -4.32 57.13
N GLU M 107 80.08 -4.24 57.77
CA GLU M 107 79.85 -4.59 59.16
C GLU M 107 78.36 -4.60 59.43
N THR M 108 77.90 -5.59 60.24
CA THR M 108 76.53 -5.77 60.76
C THR M 108 76.68 -5.50 62.25
N THR M 109 75.86 -4.58 62.80
CA THR M 109 75.95 -4.23 64.22
C THR M 109 74.63 -4.35 64.96
N ILE M 110 74.70 -4.86 66.20
CA ILE M 110 73.60 -5.01 67.15
C ILE M 110 74.10 -4.29 68.42
N GLY M 111 73.28 -3.38 68.94
CA GLY M 111 73.58 -2.59 70.12
C GLY M 111 73.46 -3.34 71.44
N ASP M 112 72.76 -2.74 72.44
CA ASP M 112 72.62 -3.37 73.75
C ASP M 112 71.18 -3.64 74.17
N HIS M 113 70.98 -4.58 75.11
CA HIS M 113 69.68 -4.93 75.69
C HIS M 113 68.56 -5.25 74.69
N ASN M 114 68.93 -5.78 73.52
CA ASN M 114 67.98 -6.15 72.48
C ASN M 114 67.49 -7.57 72.73
N LEU M 115 66.30 -7.89 72.21
CA LEU M 115 65.69 -9.21 72.32
C LEU M 115 65.24 -9.73 70.95
N ILE M 116 66.14 -10.53 70.35
CA ILE M 116 65.95 -11.19 69.06
C ILE M 116 65.41 -12.57 69.37
N MET M 117 64.09 -12.69 69.23
CA MET M 117 63.38 -13.93 69.48
C MET M 117 63.64 -14.97 68.40
N ALA M 118 63.20 -16.20 68.67
CA ALA M 118 63.31 -17.39 67.85
C ALA M 118 63.18 -17.16 66.34
N TYR M 119 64.08 -17.77 65.55
CA TYR M 119 64.13 -17.82 64.07
C TYR M 119 64.24 -16.44 63.31
N ALA M 120 64.30 -15.30 64.04
CA ALA M 120 64.46 -13.97 63.43
C ALA M 120 65.80 -13.91 62.70
N HIS M 121 65.82 -13.22 61.57
CA HIS M 121 66.98 -13.06 60.69
C HIS M 121 67.46 -11.62 60.58
N ILE M 122 68.77 -11.41 60.77
CA ILE M 122 69.41 -10.11 60.67
C ILE M 122 70.47 -10.25 59.60
N GLY M 123 70.06 -10.02 58.35
CA GLY M 123 70.95 -10.15 57.20
C GLY M 123 71.89 -8.98 57.07
N HIS M 124 73.07 -9.25 56.43
CA HIS M 124 74.20 -8.35 56.16
C HIS M 124 73.99 -6.84 56.29
N ASP M 125 74.95 -6.17 56.92
CA ASP M 125 75.04 -4.72 57.13
C ASP M 125 73.86 -4.07 57.92
N SER M 126 73.06 -4.91 58.59
CA SER M 126 71.93 -4.42 59.39
C SER M 126 72.43 -3.80 60.69
N VAL M 127 71.91 -2.61 61.00
CA VAL M 127 72.27 -1.85 62.18
C VAL M 127 71.09 -1.81 63.14
N ILE M 128 71.25 -2.37 64.37
CA ILE M 128 70.23 -2.41 65.43
C ILE M 128 70.74 -1.61 66.65
N GLY M 129 69.91 -0.66 67.12
CA GLY M 129 70.25 0.18 68.27
C GLY M 129 70.14 -0.57 69.57
N ASN M 130 69.50 0.06 70.58
CA ASN M 130 69.34 -0.57 71.90
C ASN M 130 67.87 -0.83 72.28
N HIS M 131 67.63 -1.68 73.32
CA HIS M 131 66.32 -2.04 73.87
C HIS M 131 65.23 -2.32 72.83
N CYS M 132 65.60 -3.02 71.76
CA CYS M 132 64.66 -3.39 70.70
C CYS M 132 64.07 -4.76 70.99
N ILE M 133 62.92 -5.07 70.36
CA ILE M 133 62.25 -6.39 70.40
C ILE M 133 62.07 -6.76 68.94
N LEU M 134 62.61 -7.93 68.56
CA LEU M 134 62.51 -8.48 67.21
C LEU M 134 61.95 -9.87 67.37
N VAL M 135 60.61 -9.94 67.47
CA VAL M 135 59.79 -11.16 67.71
C VAL M 135 60.08 -12.29 66.66
N ASN M 136 59.59 -13.52 66.94
CA ASN M 136 59.76 -14.70 66.10
C ASN M 136 59.72 -14.44 64.61
N ASN M 137 60.69 -15.01 63.86
CA ASN M 137 60.81 -15.00 62.40
C ASN M 137 60.78 -13.60 61.74
N THR M 138 61.12 -12.52 62.50
CA THR M 138 61.23 -11.17 61.91
C THR M 138 62.43 -11.28 60.95
N ALA M 139 62.34 -10.77 59.71
CA ALA M 139 63.48 -10.88 58.80
C ALA M 139 63.94 -9.52 58.31
N LEU M 140 65.26 -9.24 58.40
CA LEU M 140 65.87 -7.97 57.94
C LEU M 140 66.70 -8.28 56.69
N ALA M 141 66.17 -7.98 55.47
CA ALA M 141 66.79 -8.27 54.15
C ALA M 141 68.26 -7.90 54.05
N GLY M 142 68.62 -6.75 54.64
CA GLY M 142 69.98 -6.23 54.64
C GLY M 142 70.06 -4.73 54.59
N HIS M 143 71.08 -4.15 55.26
CA HIS M 143 71.33 -2.70 55.35
C HIS M 143 70.14 -1.97 56.04
N VAL M 144 69.30 -2.75 56.76
CA VAL M 144 68.12 -2.30 57.50
C VAL M 144 68.60 -1.70 58.83
N HIS M 145 68.09 -0.51 59.19
CA HIS M 145 68.48 0.19 60.40
C HIS M 145 67.31 0.31 61.37
N VAL M 146 67.38 -0.44 62.46
CA VAL M 146 66.35 -0.45 63.49
C VAL M 146 66.87 0.43 64.66
N ASP M 147 66.25 1.63 64.85
CA ASP M 147 66.62 2.58 65.93
C ASP M 147 66.10 2.05 67.28
N ASP M 148 66.56 2.65 68.40
CA ASP M 148 66.25 2.27 69.79
C ASP M 148 64.77 2.02 70.06
N TRP M 149 64.47 1.15 71.05
CA TRP M 149 63.11 0.83 71.55
C TRP M 149 62.07 0.42 70.53
N ALA M 150 62.45 0.14 69.28
CA ALA M 150 61.45 -0.29 68.29
C ALA M 150 60.98 -1.74 68.59
N ILE M 151 59.72 -2.07 68.21
CA ILE M 151 59.13 -3.40 68.43
C ILE M 151 58.66 -3.99 67.08
N LEU M 152 59.46 -4.91 66.52
CA LEU M 152 59.09 -5.61 65.28
C LEU M 152 58.35 -6.87 65.70
N SER M 153 57.06 -7.00 65.31
CA SER M 153 56.21 -8.14 65.70
C SER M 153 56.53 -9.42 64.91
N GLY M 154 55.95 -10.55 65.33
CA GLY M 154 56.13 -11.86 64.71
C GLY M 154 56.02 -11.84 63.20
N TYR M 155 56.96 -12.51 62.53
CA TYR M 155 57.05 -12.64 61.06
C TYR M 155 56.98 -11.28 60.31
N THR M 156 57.60 -10.22 60.88
CA THR M 156 57.66 -8.92 60.21
C THR M 156 58.88 -8.91 59.33
N LEU M 157 58.66 -8.82 58.01
CA LEU M 157 59.69 -8.80 56.97
C LEU M 157 59.99 -7.34 56.57
N VAL M 158 61.28 -7.01 56.40
CA VAL M 158 61.70 -5.65 56.10
C VAL M 158 62.61 -5.67 54.88
N HIS M 159 62.23 -4.91 53.82
CA HIS M 159 62.97 -4.76 52.56
C HIS M 159 64.31 -4.07 52.85
N GLN M 160 65.30 -4.33 51.97
CA GLN M 160 66.66 -3.78 52.07
C GLN M 160 66.68 -2.25 52.22
N TYR M 161 67.73 -1.76 52.93
CA TYR M 161 68.09 -0.36 53.20
C TYR M 161 67.11 0.43 54.12
N CYS M 162 65.90 -0.12 54.41
CA CYS M 162 64.84 0.52 55.22
C CYS M 162 65.27 0.89 56.64
N ARG M 163 64.68 1.97 57.17
CA ARG M 163 64.98 2.47 58.52
C ARG M 163 63.72 2.48 59.41
N ILE M 164 63.74 1.65 60.47
CA ILE M 164 62.69 1.48 61.48
C ILE M 164 63.00 2.45 62.64
N GLY M 165 62.22 3.51 62.74
CA GLY M 165 62.39 4.53 63.76
C GLY M 165 62.33 4.04 65.19
N ALA M 166 62.75 4.91 66.13
CA ALA M 166 62.77 4.63 67.55
C ALA M 166 61.36 4.59 68.09
N HIS M 167 61.06 3.60 68.97
CA HIS M 167 59.75 3.33 69.62
C HIS M 167 58.69 2.74 68.67
N SER M 168 58.83 3.03 67.34
CA SER M 168 57.98 2.59 66.23
C SER M 168 57.73 1.09 66.22
N PHE M 169 56.46 0.71 66.34
CA PHE M 169 56.00 -0.67 66.36
C PHE M 169 55.50 -1.10 64.98
N SER M 170 55.72 -2.36 64.62
CA SER M 170 55.22 -2.94 63.36
C SER M 170 54.40 -4.14 63.78
N GLY M 171 53.19 -4.26 63.23
CA GLY M 171 52.26 -5.35 63.53
C GLY M 171 52.73 -6.71 63.05
N MET M 172 52.10 -7.81 63.52
CA MET M 172 52.54 -9.15 63.08
C MET M 172 52.27 -9.36 61.57
N GLY M 173 53.08 -10.18 60.93
CA GLY M 173 52.97 -10.46 59.50
C GLY M 173 53.10 -9.28 58.54
N SER M 174 53.62 -8.12 59.04
CA SER M 174 53.86 -6.88 58.28
C SER M 174 54.93 -7.07 57.21
N ALA M 175 54.83 -6.34 56.06
CA ALA M 175 55.86 -6.37 55.02
C ALA M 175 56.28 -4.92 54.77
N ILE M 176 57.41 -4.52 55.39
CA ILE M 176 57.94 -3.17 55.34
C ILE M 176 58.76 -2.98 54.09
N GLY M 177 58.33 -2.02 53.26
CA GLY M 177 58.97 -1.72 51.99
C GLY M 177 59.65 -0.37 51.93
N LYS M 178 59.07 0.61 52.67
CA LYS M 178 59.53 2.01 52.82
C LYS M 178 59.79 2.28 54.33
N ASP M 179 60.59 3.31 54.65
CA ASP M 179 60.97 3.70 56.02
C ASP M 179 59.78 3.82 56.97
N VAL M 180 59.96 3.39 58.24
CA VAL M 180 58.95 3.51 59.30
C VAL M 180 59.38 4.70 60.19
N PRO M 181 58.64 5.84 60.21
CA PRO M 181 59.08 6.96 61.07
C PRO M 181 59.06 6.56 62.55
N ALA M 182 59.74 7.34 63.41
CA ALA M 182 59.78 7.00 64.83
C ALA M 182 58.37 7.06 65.41
N TYR M 183 58.09 6.20 66.41
CA TYR M 183 56.81 6.05 67.15
C TYR M 183 55.67 5.45 66.31
N VAL M 184 55.68 5.58 64.96
CA VAL M 184 54.57 5.11 64.10
C VAL M 184 54.30 3.58 64.23
N THR M 185 53.02 3.18 64.25
CA THR M 185 52.57 1.80 64.27
C THR M 185 52.11 1.44 62.83
N VAL M 186 52.93 0.63 62.13
CA VAL M 186 52.69 0.16 60.77
C VAL M 186 52.10 -1.25 60.78
N PHE M 187 51.21 -1.54 59.83
CA PHE M 187 50.53 -2.82 59.76
C PHE M 187 50.23 -3.27 58.32
N GLY M 188 50.36 -4.57 58.08
CA GLY M 188 49.99 -5.18 56.81
C GLY M 188 51.11 -5.45 55.84
N ASN M 189 50.75 -6.11 54.73
CA ASN M 189 51.62 -6.44 53.60
C ASN M 189 50.89 -5.90 52.36
N PRO M 190 51.26 -4.72 51.80
CA PRO M 190 52.30 -3.78 52.23
C PRO M 190 51.93 -3.07 53.54
N ALA M 191 52.94 -2.71 54.37
CA ALA M 191 52.73 -2.03 55.66
C ALA M 191 52.05 -0.68 55.49
N GLU M 192 51.27 -0.24 56.48
CA GLU M 192 50.56 1.03 56.44
C GLU M 192 50.53 1.62 57.84
N ALA M 193 50.77 2.94 57.97
CA ALA M 193 50.72 3.65 59.25
C ALA M 193 49.29 3.67 59.80
N ARG M 194 49.06 3.13 61.04
CA ARG M 194 47.76 3.08 61.75
C ARG M 194 47.63 4.23 62.78
N SER M 195 48.69 4.49 63.60
CA SER M 195 48.78 5.61 64.56
C SER M 195 50.18 5.67 65.16
N MET M 196 50.31 5.89 66.48
CA MET M 196 51.59 5.96 67.20
C MET M 196 51.61 5.01 68.40
N ASN M 197 52.81 4.50 68.75
CA ASN M 197 52.99 3.61 69.89
C ASN M 197 52.90 4.47 71.17
N PHE M 198 51.67 4.68 71.67
CA PHE M 198 51.44 5.45 72.89
C PHE M 198 51.81 4.64 74.14
N GLU M 199 51.73 3.30 74.05
CA GLU M 199 52.12 2.45 75.18
C GLU M 199 53.60 2.52 75.45
N GLY M 200 54.41 2.68 74.40
CA GLY M 200 55.85 2.84 74.51
C GLY M 200 56.23 4.21 75.06
N MET M 201 55.41 5.24 74.70
CA MET M 201 55.53 6.63 75.13
C MET M 201 55.26 6.69 76.64
N ARG M 202 54.23 5.95 77.13
CA ARG M 202 53.91 5.95 78.55
C ARG M 202 54.93 5.13 79.34
N ARG M 203 55.48 4.06 78.69
CA ARG M 203 56.48 3.17 79.26
C ARG M 203 57.71 4.04 79.57
N ARG M 204 58.16 4.81 78.57
CA ARG M 204 59.31 5.69 78.69
C ARG M 204 58.96 7.01 79.42
N GLY M 205 57.77 7.05 80.03
CA GLY M 205 57.26 8.19 80.81
C GLY M 205 57.22 9.55 80.14
N PHE M 206 56.80 9.61 78.86
CA PHE M 206 56.65 10.86 78.11
C PHE M 206 55.53 11.65 78.74
N SER M 207 55.72 12.97 78.85
CA SER M 207 54.71 13.87 79.43
C SER M 207 53.39 13.78 78.66
N SER M 208 52.28 14.22 79.28
CA SER M 208 50.99 14.23 78.59
C SER M 208 51.10 15.25 77.41
N GLU M 209 51.92 16.30 77.64
CA GLU M 209 52.27 17.40 76.72
C GLU M 209 52.90 16.76 75.49
N ALA M 210 53.95 15.93 75.72
CA ALA M 210 54.73 15.21 74.70
C ALA M 210 53.92 14.23 73.88
N ILE M 211 52.98 13.52 74.53
CA ILE M 211 52.14 12.53 73.87
C ILE M 211 51.15 13.22 72.92
N HIS M 212 50.47 14.26 73.41
CA HIS M 212 49.54 15.04 72.62
C HIS M 212 50.24 15.68 71.42
N ALA M 213 51.49 16.15 71.63
CA ALA M 213 52.33 16.79 70.61
C ALA M 213 52.72 15.85 69.48
N LEU M 214 52.91 14.56 69.82
CA LEU M 214 53.28 13.52 68.86
C LEU M 214 52.05 13.06 68.12
N ARG M 215 50.87 13.04 68.79
CA ARG M 215 49.61 12.69 68.13
C ARG M 215 49.32 13.77 67.06
N ARG M 216 49.41 15.09 67.46
CA ARG M 216 49.18 16.25 66.59
C ARG M 216 50.17 16.16 65.40
N ALA M 217 51.40 15.65 65.67
CA ALA M 217 52.46 15.42 64.68
C ALA M 217 52.14 14.29 63.68
N TYR M 218 51.61 13.17 64.15
CA TYR M 218 51.22 12.06 63.27
C TYR M 218 50.21 12.62 62.26
N LYS M 219 49.21 13.38 62.77
CA LYS M 219 48.16 13.99 61.98
C LYS M 219 48.72 14.92 60.91
N VAL M 220 49.68 15.81 61.23
CA VAL M 220 50.32 16.76 60.29
C VAL M 220 50.83 16.07 59.01
N VAL M 221 51.42 14.87 59.16
CA VAL M 221 51.93 14.09 58.04
C VAL M 221 50.74 13.40 57.32
N TYR M 222 50.27 12.32 57.93
CA TYR M 222 49.25 11.39 57.48
C TYR M 222 47.84 11.97 57.29
N ARG M 223 47.08 12.15 58.39
CA ARG M 223 45.69 12.63 58.40
C ARG M 223 45.43 13.95 57.61
N GLN M 224 46.26 15.01 57.80
CA GLN M 224 46.11 16.35 57.16
C GLN M 224 46.44 16.42 55.65
N GLY M 225 46.98 15.32 55.11
CA GLY M 225 47.30 15.23 53.69
C GLY M 225 48.26 16.29 53.17
N HIS M 226 49.33 16.51 53.92
CA HIS M 226 50.35 17.45 53.47
C HIS M 226 51.36 16.59 52.76
N THR M 227 52.13 17.18 51.83
CA THR M 227 53.21 16.45 51.16
C THR M 227 54.29 16.24 52.22
N VAL M 228 55.17 15.25 52.04
CA VAL M 228 56.25 14.98 52.99
C VAL M 228 56.99 16.31 53.29
N GLU M 229 57.06 17.17 52.27
CA GLU M 229 57.66 18.50 52.29
C GLU M 229 56.82 19.50 53.07
N GLU M 230 55.49 19.53 52.80
CA GLU M 230 54.54 20.45 53.42
C GLU M 230 54.43 20.19 54.95
N ALA M 231 54.45 18.90 55.32
CA ALA M 231 54.39 18.41 56.70
C ALA M 231 55.64 18.77 57.50
N LEU M 232 56.85 18.45 56.97
CA LEU M 232 58.14 18.75 57.59
C LEU M 232 58.31 20.23 57.96
N ALA M 233 57.64 21.13 57.20
CA ALA M 233 57.61 22.57 57.39
C ALA M 233 56.70 22.91 58.58
N GLU M 234 55.54 22.21 58.70
CA GLU M 234 54.57 22.35 59.80
C GLU M 234 55.15 21.79 61.14
N LEU M 235 55.96 20.72 61.02
CA LEU M 235 56.63 20.01 62.10
C LEU M 235 57.78 20.82 62.69
N ALA M 236 58.17 21.94 62.05
CA ALA M 236 59.29 22.72 62.56
C ALA M 236 58.96 23.31 63.93
N GLU M 237 57.75 23.91 64.11
CA GLU M 237 57.28 24.54 65.35
C GLU M 237 57.32 23.55 66.50
N SER M 238 56.55 22.43 66.37
CA SER M 238 56.43 21.35 67.33
C SER M 238 57.76 20.65 67.65
N ALA M 239 58.73 20.57 66.68
CA ALA M 239 60.06 19.94 66.82
C ALA M 239 60.97 20.73 67.74
N ALA M 240 60.86 22.05 67.68
CA ALA M 240 61.63 22.99 68.49
C ALA M 240 61.11 22.99 69.93
N GLN M 241 59.80 22.72 70.08
CA GLN M 241 59.10 22.73 71.37
C GLN M 241 59.33 21.44 72.17
N PHE M 242 59.30 20.28 71.49
CA PHE M 242 59.43 18.95 72.09
C PHE M 242 60.56 18.19 71.49
N PRO M 243 61.54 17.76 72.30
CA PRO M 243 62.63 16.93 71.75
C PRO M 243 62.09 15.63 71.16
N GLU M 244 60.93 15.19 71.70
CA GLU M 244 60.11 14.03 71.32
C GLU M 244 59.63 14.15 69.84
N VAL M 245 59.07 15.32 69.47
CA VAL M 245 58.59 15.61 68.11
C VAL M 245 59.81 15.74 67.17
N ALA M 246 60.95 16.30 67.65
CA ALA M 246 62.18 16.44 66.88
C ALA M 246 62.62 15.05 66.39
N VAL M 247 62.56 14.03 67.27
CA VAL M 247 62.88 12.63 66.94
C VAL M 247 62.04 12.13 65.76
N PHE M 248 60.75 12.50 65.74
CA PHE M 248 59.77 12.17 64.71
C PHE M 248 59.98 13.01 63.41
N ARG M 249 60.34 14.33 63.51
CA ARG M 249 60.56 15.18 62.31
C ARG M 249 61.80 14.70 61.60
N ASP M 250 62.90 14.47 62.34
CA ASP M 250 64.16 14.01 61.78
C ASP M 250 64.05 12.60 61.17
N SER M 251 63.16 11.73 61.67
CA SER M 251 62.96 10.38 61.13
C SER M 251 62.37 10.41 59.69
N ILE M 252 61.66 11.51 59.39
CA ILE M 252 61.04 11.85 58.11
C ILE M 252 62.06 12.64 57.30
N GLN M 253 62.69 13.67 57.91
CA GLN M 253 63.71 14.51 57.29
C GLN M 253 64.77 13.60 56.65
N SER M 254 65.28 12.60 57.42
CA SER M 254 66.32 11.62 57.04
C SER M 254 65.84 10.47 56.14
N ALA M 255 64.57 10.48 55.71
CA ALA M 255 64.06 9.42 54.84
C ALA M 255 63.69 9.95 53.45
N THR M 256 63.55 11.28 53.33
CA THR M 256 63.17 11.98 52.09
C THR M 256 64.24 12.97 51.55
N ARG M 257 64.49 12.90 50.23
CA ARG M 257 65.38 13.83 49.52
C ARG M 257 64.67 14.26 48.23
N GLY M 258 64.36 13.29 47.38
CA GLY M 258 63.64 13.54 46.14
C GLY M 258 64.44 14.19 45.05
N ILE M 259 63.87 14.22 43.85
CA ILE M 259 64.52 14.76 42.65
C ILE M 259 63.95 16.11 42.25
N THR M 260 64.84 16.99 41.81
CA THR M 260 64.51 18.34 41.39
C THR M 260 63.58 18.30 40.16
N ARG M 261 62.43 18.98 40.24
CA ARG M 261 61.52 19.07 39.10
C ARG M 261 61.00 20.47 38.90
N MET N 4 73.28 -25.62 -48.49
CA MET N 4 72.25 -24.57 -48.45
C MET N 4 72.78 -23.26 -47.86
N SER N 5 72.61 -22.13 -48.60
CA SER N 5 73.07 -20.79 -48.24
C SER N 5 72.17 -20.12 -47.19
N LEU N 6 72.75 -19.21 -46.36
CA LEU N 6 72.05 -18.44 -45.32
C LEU N 6 70.96 -17.57 -45.96
N ILE N 7 71.33 -16.82 -47.02
CA ILE N 7 70.38 -16.01 -47.80
C ILE N 7 69.76 -16.95 -48.86
N ASP N 8 68.42 -17.12 -48.80
CA ASP N 8 67.64 -17.98 -49.68
C ASP N 8 67.62 -17.44 -51.12
N PRO N 9 67.81 -18.32 -52.16
CA PRO N 9 67.81 -17.83 -53.55
C PRO N 9 66.54 -17.11 -54.03
N ARG N 10 65.35 -17.44 -53.45
CA ARG N 10 64.03 -16.86 -53.75
C ARG N 10 63.82 -15.45 -53.13
N ALA N 11 64.79 -14.98 -52.31
CA ALA N 11 64.81 -13.67 -51.65
C ALA N 11 65.49 -12.60 -52.53
N ILE N 12 65.25 -11.30 -52.22
CA ILE N 12 65.81 -10.14 -52.93
C ILE N 12 66.70 -9.34 -52.00
N ILE N 13 67.92 -9.04 -52.46
CA ILE N 13 68.93 -8.28 -51.72
C ILE N 13 69.51 -7.19 -52.65
N ASP N 14 69.37 -5.91 -52.23
CA ASP N 14 69.89 -4.78 -53.00
C ASP N 14 71.40 -4.79 -52.89
N PRO N 15 72.15 -4.55 -53.99
CA PRO N 15 73.62 -4.54 -53.89
C PRO N 15 74.11 -3.55 -52.84
N SER N 16 73.32 -2.47 -52.61
CA SER N 16 73.55 -1.40 -51.65
C SER N 16 73.34 -1.85 -50.20
N ALA N 17 72.58 -2.95 -49.99
CA ALA N 17 72.35 -3.49 -48.66
C ALA N 17 73.63 -4.20 -48.15
N ARG N 18 74.01 -3.91 -46.87
CA ARG N 18 75.19 -4.50 -46.21
C ARG N 18 74.75 -5.46 -45.13
N LEU N 19 75.12 -6.71 -45.30
CA LEU N 19 74.74 -7.80 -44.42
C LEU N 19 75.99 -8.47 -43.92
N ALA N 20 75.97 -8.92 -42.66
CA ALA N 20 77.07 -9.68 -42.06
C ALA N 20 77.09 -11.08 -42.69
N ALA N 21 78.28 -11.72 -42.73
CA ALA N 21 78.51 -13.04 -43.35
C ALA N 21 77.72 -14.25 -42.73
N ASP N 22 76.91 -14.00 -41.65
CA ASP N 22 76.07 -15.03 -40.99
C ASP N 22 74.62 -14.54 -40.84
N VAL N 23 74.24 -13.57 -41.66
CA VAL N 23 72.87 -13.07 -41.69
C VAL N 23 72.09 -14.07 -42.53
N GLN N 24 70.94 -14.48 -42.02
CA GLN N 24 70.03 -15.41 -42.69
C GLN N 24 68.83 -14.61 -43.19
N VAL N 25 68.34 -14.93 -44.40
CA VAL N 25 67.18 -14.25 -45.02
C VAL N 25 66.26 -15.32 -45.63
N GLY N 26 64.99 -15.33 -45.21
CA GLY N 26 63.98 -16.27 -45.65
C GLY N 26 63.54 -16.11 -47.09
N PRO N 27 62.79 -17.07 -47.68
CA PRO N 27 62.37 -16.93 -49.09
C PRO N 27 61.30 -15.89 -49.29
N TRP N 28 61.26 -15.32 -50.49
CA TRP N 28 60.32 -14.29 -50.94
C TRP N 28 60.38 -13.05 -50.05
N SER N 29 61.57 -12.78 -49.47
CA SER N 29 61.84 -11.63 -48.61
C SER N 29 62.64 -10.58 -49.36
N ILE N 30 62.49 -9.30 -48.97
CA ILE N 30 63.14 -8.16 -49.62
C ILE N 30 63.99 -7.36 -48.66
N VAL N 31 65.30 -7.32 -48.95
CA VAL N 31 66.31 -6.52 -48.25
C VAL N 31 66.68 -5.38 -49.22
N GLY N 32 65.81 -4.35 -49.23
CA GLY N 32 65.88 -3.15 -50.06
C GLY N 32 67.09 -2.27 -49.83
N ALA N 33 67.22 -1.22 -50.65
CA ALA N 33 68.36 -0.29 -50.63
C ALA N 33 68.68 0.28 -49.25
N GLU N 34 69.98 0.55 -49.00
CA GLU N 34 70.55 1.16 -47.78
C GLU N 34 70.22 0.44 -46.44
N VAL N 35 69.65 -0.79 -46.49
CA VAL N 35 69.38 -1.56 -45.28
C VAL N 35 70.73 -2.19 -44.85
N GLU N 36 71.08 -2.04 -43.55
CA GLU N 36 72.31 -2.55 -42.91
C GLU N 36 71.90 -3.59 -41.84
N ILE N 37 72.25 -4.88 -42.03
CA ILE N 37 71.91 -5.97 -41.10
C ILE N 37 73.18 -6.56 -40.44
N GLY N 38 73.11 -6.83 -39.13
CA GLY N 38 74.23 -7.31 -38.33
C GLY N 38 74.35 -8.80 -38.06
N GLU N 39 75.50 -9.18 -37.47
CA GLU N 39 75.91 -10.54 -37.08
C GLU N 39 74.85 -11.30 -36.27
N GLY N 40 74.59 -12.53 -36.66
CA GLY N 40 73.64 -13.41 -35.98
C GLY N 40 72.16 -13.15 -36.18
N THR N 41 71.80 -12.13 -36.99
CA THR N 41 70.40 -11.80 -37.28
C THR N 41 69.82 -12.85 -38.25
N VAL N 42 68.51 -13.13 -38.07
CA VAL N 42 67.70 -14.05 -38.86
C VAL N 42 66.49 -13.28 -39.38
N ILE N 43 66.26 -13.38 -40.68
CA ILE N 43 65.13 -12.74 -41.37
C ILE N 43 64.20 -13.86 -41.89
N GLY N 44 62.92 -13.76 -41.58
CA GLY N 44 61.96 -14.78 -41.99
C GLY N 44 61.54 -14.70 -43.44
N PRO N 45 60.59 -15.56 -43.88
CA PRO N 45 60.09 -15.46 -45.26
C PRO N 45 59.10 -14.29 -45.39
N HIS N 46 58.75 -13.85 -46.63
CA HIS N 46 57.81 -12.74 -46.88
C HIS N 46 58.07 -11.50 -45.96
N VAL N 47 59.34 -11.11 -45.79
CA VAL N 47 59.71 -9.97 -44.94
C VAL N 47 60.10 -8.78 -45.85
N VAL N 48 59.57 -7.59 -45.54
CA VAL N 48 59.89 -6.39 -46.31
C VAL N 48 60.70 -5.43 -45.44
N LEU N 49 61.94 -5.11 -45.89
CA LEU N 49 62.87 -4.17 -45.25
C LEU N 49 63.19 -3.07 -46.27
N LYS N 50 62.91 -1.81 -45.90
CA LYS N 50 63.18 -0.63 -46.75
C LYS N 50 64.15 0.27 -45.98
N GLY N 51 65.10 0.88 -46.69
CA GLY N 51 66.10 1.73 -46.07
C GLY N 51 65.93 3.21 -46.35
N PRO N 52 66.77 4.10 -45.73
CA PRO N 52 67.90 3.85 -44.81
C PRO N 52 67.51 3.21 -43.47
N THR N 53 68.02 1.99 -43.24
CA THR N 53 67.74 1.22 -42.03
C THR N 53 69.02 0.53 -41.51
N LYS N 54 69.21 0.47 -40.16
CA LYS N 54 70.38 -0.16 -39.54
C LYS N 54 69.98 -1.15 -38.44
N ILE N 55 69.65 -2.39 -38.85
CA ILE N 55 69.31 -3.50 -37.97
C ILE N 55 70.62 -4.08 -37.44
N GLY N 56 70.73 -4.15 -36.12
CA GLY N 56 71.91 -4.66 -35.45
C GLY N 56 71.95 -6.16 -35.25
N LYS N 57 72.95 -6.61 -34.45
CA LYS N 57 73.23 -8.01 -34.15
C LYS N 57 72.07 -8.79 -33.51
N HIS N 58 72.04 -10.12 -33.75
CA HIS N 58 71.14 -11.16 -33.24
C HIS N 58 69.63 -10.87 -33.20
N ASN N 59 69.11 -10.08 -34.14
CA ASN N 59 67.67 -9.84 -34.17
C ASN N 59 66.95 -11.03 -34.81
N ARG N 60 65.62 -11.07 -34.68
CA ARG N 60 64.78 -12.10 -35.28
C ARG N 60 63.47 -11.43 -35.70
N ILE N 61 63.34 -11.16 -37.04
CA ILE N 61 62.18 -10.50 -37.68
C ILE N 61 61.30 -11.53 -38.45
N TYR N 62 60.17 -11.90 -37.80
CA TYR N 62 59.19 -12.86 -38.30
C TYR N 62 58.47 -12.38 -39.55
N GLN N 63 57.93 -13.36 -40.30
CA GLN N 63 57.21 -13.20 -41.57
C GLN N 63 56.19 -12.06 -41.61
N PHE N 64 55.97 -11.50 -42.82
CA PHE N 64 55.00 -10.45 -43.14
C PHE N 64 55.22 -9.10 -42.41
N SER N 65 56.44 -8.82 -41.93
CA SER N 65 56.75 -7.54 -41.30
C SER N 65 57.09 -6.48 -42.35
N SER N 66 56.58 -5.26 -42.19
CA SER N 66 56.92 -4.17 -43.10
C SER N 66 57.78 -3.17 -42.31
N VAL N 67 59.07 -3.56 -42.07
CA VAL N 67 60.10 -2.83 -41.31
C VAL N 67 60.84 -1.79 -42.19
N GLY N 68 61.00 -0.57 -41.67
CA GLY N 68 61.72 0.54 -42.30
C GLY N 68 61.04 1.21 -43.48
N GLU N 69 59.72 1.18 -43.52
CA GLU N 69 58.91 1.74 -44.60
C GLU N 69 58.63 3.24 -44.41
N ASP N 70 58.39 3.93 -45.53
CA ASP N 70 57.97 5.32 -45.68
C ASP N 70 56.70 5.50 -44.80
N THR N 71 56.56 6.59 -44.00
CA THR N 71 55.33 6.79 -43.19
C THR N 71 54.15 7.29 -44.04
N PRO N 72 52.90 6.84 -43.81
CA PRO N 72 51.81 7.38 -44.64
C PRO N 72 51.38 8.77 -44.20
N ASP N 73 52.00 9.32 -43.09
CA ASP N 73 51.71 10.68 -42.58
C ASP N 73 51.98 11.69 -43.69
N LEU N 74 51.06 12.64 -43.83
CA LEU N 74 51.10 13.64 -44.87
C LEU N 74 52.20 14.73 -44.69
N LYS N 75 52.84 14.80 -43.48
CA LYS N 75 53.93 15.75 -43.19
C LYS N 75 55.23 15.29 -43.84
N TYR N 76 55.32 13.99 -44.07
CA TYR N 76 56.47 13.35 -44.69
C TYR N 76 56.27 13.42 -46.17
N LYS N 77 57.21 14.11 -46.83
CA LYS N 77 57.22 14.33 -48.26
C LYS N 77 58.40 13.60 -48.93
N GLY N 78 58.54 12.31 -48.64
CA GLY N 78 59.56 11.44 -49.23
C GLY N 78 61.01 11.85 -49.04
N GLU N 79 61.33 12.46 -47.89
CA GLU N 79 62.66 12.95 -47.51
C GLU N 79 63.69 11.80 -47.17
N PRO N 80 65.02 12.03 -47.03
CA PRO N 80 65.89 10.90 -46.64
C PRO N 80 66.01 10.74 -45.09
N THR N 81 65.12 9.91 -44.49
CA THR N 81 65.01 9.65 -43.03
C THR N 81 65.51 8.24 -42.63
N ARG N 82 65.75 7.99 -41.32
CA ARG N 82 66.34 6.71 -40.92
C ARG N 82 65.52 5.86 -39.95
N LEU N 83 65.96 4.59 -39.80
CA LEU N 83 65.49 3.62 -38.81
C LEU N 83 66.72 2.87 -38.20
N VAL N 84 66.76 2.73 -36.86
CA VAL N 84 67.85 2.03 -36.14
C VAL N 84 67.26 0.96 -35.23
N ILE N 85 67.69 -0.30 -35.39
CA ILE N 85 67.23 -1.41 -34.53
C ILE N 85 68.48 -2.04 -33.88
N GLY N 86 68.41 -2.20 -32.55
CA GLY N 86 69.50 -2.65 -31.71
C GLY N 86 69.91 -4.09 -31.84
N ASP N 87 70.06 -4.74 -30.70
CA ASP N 87 70.51 -6.12 -30.66
C ASP N 87 69.51 -7.00 -29.92
N HIS N 88 69.54 -8.33 -30.18
CA HIS N 88 68.72 -9.37 -29.53
C HIS N 88 67.21 -9.06 -29.45
N ASN N 89 66.66 -8.45 -30.51
CA ASN N 89 65.24 -8.12 -30.59
C ASN N 89 64.38 -9.24 -31.22
N VAL N 90 63.04 -9.16 -31.01
CA VAL N 90 62.07 -10.08 -31.59
C VAL N 90 60.93 -9.25 -32.15
N ILE N 91 61.02 -8.91 -33.44
CA ILE N 91 59.99 -8.20 -34.18
C ILE N 91 59.18 -9.36 -34.77
N ARG N 92 57.97 -9.58 -34.21
CA ARG N 92 57.09 -10.70 -34.55
C ARG N 92 56.36 -10.54 -35.90
N GLU N 93 55.30 -11.36 -36.14
CA GLU N 93 54.59 -11.44 -37.42
C GLU N 93 53.71 -10.23 -37.72
N GLY N 94 53.84 -9.71 -38.94
CA GLY N 94 53.08 -8.56 -39.43
C GLY N 94 53.27 -7.25 -38.72
N VAL N 95 54.44 -7.08 -38.10
CA VAL N 95 54.78 -5.87 -37.39
C VAL N 95 55.07 -4.81 -38.46
N THR N 96 54.81 -3.52 -38.16
CA THR N 96 55.10 -2.41 -39.08
C THR N 96 55.88 -1.29 -38.36
N ILE N 97 57.19 -1.16 -38.68
CA ILE N 97 58.06 -0.12 -38.14
C ILE N 97 58.34 0.82 -39.30
N HIS N 98 58.18 2.12 -39.06
CA HIS N 98 58.37 3.18 -40.05
C HIS N 98 59.52 4.12 -39.68
N ARG N 99 60.29 4.55 -40.68
CA ARG N 99 61.42 5.47 -40.49
C ARG N 99 60.86 6.86 -40.14
N GLY N 100 61.68 7.64 -39.46
CA GLY N 100 61.30 8.97 -38.98
C GLY N 100 60.89 9.99 -40.02
N THR N 101 60.65 11.22 -39.53
CA THR N 101 60.29 12.41 -40.32
C THR N 101 61.21 13.54 -39.87
N VAL N 102 61.74 14.33 -40.83
CA VAL N 102 62.65 15.48 -40.61
C VAL N 102 62.04 16.54 -39.67
N GLN N 103 60.71 16.46 -39.48
CA GLN N 103 59.88 17.28 -38.61
C GLN N 103 60.37 17.17 -37.15
N ASP N 104 60.79 15.96 -36.70
CA ASP N 104 61.38 15.70 -35.39
C ASP N 104 62.92 15.73 -35.62
N ARG N 105 63.64 14.58 -35.48
CA ARG N 105 65.08 14.53 -35.79
C ARG N 105 65.37 13.39 -36.80
N ALA N 106 64.35 13.09 -37.66
CA ALA N 106 64.38 12.14 -38.75
C ALA N 106 64.96 10.78 -38.42
N GLU N 107 64.39 10.10 -37.40
CA GLU N 107 64.85 8.77 -36.98
C GLU N 107 63.89 8.11 -36.02
N THR N 108 63.59 6.83 -36.30
CA THR N 108 62.80 5.93 -35.44
C THR N 108 63.86 4.98 -34.85
N THR N 109 63.94 4.86 -33.51
CA THR N 109 64.97 4.03 -32.90
C THR N 109 64.46 3.00 -31.91
N ILE N 110 65.01 1.78 -32.01
CA ILE N 110 64.72 0.64 -31.16
C ILE N 110 66.05 0.19 -30.56
N GLY N 111 66.07 0.02 -29.25
CA GLY N 111 67.24 -0.43 -28.50
C GLY N 111 67.46 -1.92 -28.56
N ASP N 112 67.79 -2.53 -27.43
CA ASP N 112 68.10 -3.96 -27.39
C ASP N 112 67.13 -4.77 -26.54
N HIS N 113 67.16 -6.12 -26.71
CA HIS N 113 66.34 -7.10 -25.99
C HIS N 113 64.83 -6.77 -25.89
N ASN N 114 64.22 -6.31 -26.99
CA ASN N 114 62.78 -6.03 -26.96
C ASN N 114 61.95 -7.20 -27.53
N LEU N 115 60.64 -7.22 -27.21
CA LEU N 115 59.66 -8.20 -27.68
C LEU N 115 58.47 -7.42 -28.28
N ILE N 116 58.47 -7.24 -29.61
CA ILE N 116 57.43 -6.48 -30.31
C ILE N 116 56.51 -7.51 -30.98
N MET N 117 55.49 -7.97 -30.24
CA MET N 117 54.56 -9.03 -30.65
C MET N 117 53.77 -8.71 -31.92
N ALA N 118 53.05 -9.74 -32.48
CA ALA N 118 52.32 -9.69 -33.75
C ALA N 118 51.53 -8.40 -34.05
N TYR N 119 51.47 -8.01 -35.33
CA TYR N 119 50.75 -6.87 -35.95
C TYR N 119 50.82 -5.48 -35.21
N ALA N 120 51.81 -5.32 -34.29
CA ALA N 120 52.08 -4.08 -33.56
C ALA N 120 52.60 -3.06 -34.58
N HIS N 121 52.41 -1.75 -34.32
CA HIS N 121 52.86 -0.65 -35.17
C HIS N 121 53.73 0.41 -34.44
N ILE N 122 54.98 0.57 -34.88
CA ILE N 122 55.85 1.57 -34.27
C ILE N 122 55.99 2.73 -35.25
N GLY N 123 55.13 3.74 -35.08
CA GLY N 123 55.06 4.90 -35.96
C GLY N 123 56.25 5.84 -35.95
N HIS N 124 56.39 6.62 -37.05
CA HIS N 124 57.44 7.61 -37.30
C HIS N 124 57.96 8.32 -36.06
N ASP N 125 59.29 8.39 -35.94
CA ASP N 125 60.05 9.08 -34.87
C ASP N 125 59.82 8.51 -33.47
N SER N 126 59.42 7.22 -33.35
CA SER N 126 59.26 6.60 -32.02
C SER N 126 60.62 6.21 -31.43
N VAL N 127 60.69 6.01 -30.10
CA VAL N 127 61.92 5.64 -29.43
C VAL N 127 61.64 4.56 -28.38
N ILE N 128 61.99 3.29 -28.68
CA ILE N 128 61.86 2.14 -27.76
C ILE N 128 63.28 1.88 -27.17
N GLY N 129 63.38 1.84 -25.85
CA GLY N 129 64.65 1.63 -25.17
C GLY N 129 65.06 0.17 -25.17
N ASN N 130 65.18 -0.44 -23.98
CA ASN N 130 65.55 -1.85 -23.85
C ASN N 130 64.55 -2.66 -23.03
N HIS N 131 64.57 -3.98 -23.20
CA HIS N 131 63.74 -4.92 -22.47
C HIS N 131 62.26 -4.56 -22.42
N CYS N 132 61.75 -3.93 -23.48
CA CYS N 132 60.34 -3.59 -23.54
C CYS N 132 59.55 -4.79 -24.07
N ILE N 133 58.25 -4.86 -23.75
CA ILE N 133 57.29 -5.83 -24.28
C ILE N 133 56.16 -5.00 -24.92
N LEU N 134 55.96 -5.14 -26.24
CA LEU N 134 54.92 -4.45 -27.00
C LEU N 134 54.02 -5.51 -27.62
N VAL N 135 53.01 -5.93 -26.86
CA VAL N 135 52.04 -7.01 -27.17
C VAL N 135 51.26 -6.69 -28.50
N ASN N 136 50.51 -7.70 -29.02
CA ASN N 136 49.70 -7.68 -30.24
C ASN N 136 49.01 -6.38 -30.54
N ASN N 137 49.10 -5.94 -31.80
CA ASN N 137 48.48 -4.71 -32.30
C ASN N 137 48.68 -3.48 -31.37
N THR N 138 49.84 -3.36 -30.71
CA THR N 138 50.11 -2.16 -29.91
C THR N 138 50.32 -1.06 -30.97
N ALA N 139 49.76 0.14 -30.77
CA ALA N 139 49.97 1.20 -31.75
C ALA N 139 50.59 2.45 -31.12
N LEU N 140 51.71 2.94 -31.71
CA LEU N 140 52.46 4.16 -31.31
C LEU N 140 52.35 5.09 -32.52
N ALA N 141 51.36 5.99 -32.49
CA ALA N 141 50.96 6.92 -33.55
C ALA N 141 52.12 7.66 -34.24
N GLY N 142 53.11 8.03 -33.44
CA GLY N 142 54.30 8.74 -33.88
C GLY N 142 54.91 9.54 -32.77
N HIS N 143 56.22 9.71 -32.82
CA HIS N 143 57.02 10.47 -31.85
C HIS N 143 56.83 9.98 -30.39
N VAL N 144 56.39 8.70 -30.22
CA VAL N 144 56.16 8.07 -28.91
C VAL N 144 57.50 7.59 -28.35
N HIS N 145 57.69 7.75 -27.03
CA HIS N 145 58.91 7.37 -26.31
C HIS N 145 58.55 6.33 -25.27
N VAL N 146 59.18 5.16 -25.34
CA VAL N 146 58.94 4.02 -24.45
C VAL N 146 60.25 3.68 -23.67
N ASP N 147 60.36 4.16 -22.41
CA ASP N 147 61.55 3.91 -21.56
C ASP N 147 61.54 2.44 -21.12
N ASP N 148 62.73 1.87 -20.90
CA ASP N 148 63.05 0.49 -20.53
C ASP N 148 62.06 -0.25 -19.60
N TRP N 149 61.88 -1.57 -19.81
CA TRP N 149 61.08 -2.49 -19.00
C TRP N 149 59.60 -2.25 -19.04
N ALA N 150 59.15 -1.26 -19.83
CA ALA N 150 57.74 -0.97 -20.00
C ALA N 150 57.05 -2.20 -20.68
N ILE N 151 55.83 -2.56 -20.23
CA ILE N 151 55.06 -3.68 -20.78
C ILE N 151 53.73 -3.11 -21.30
N LEU N 152 53.65 -2.78 -22.60
CA LEU N 152 52.40 -2.27 -23.20
C LEU N 152 51.60 -3.50 -23.57
N SER N 153 50.35 -3.68 -23.04
CA SER N 153 49.51 -4.87 -23.32
C SER N 153 48.84 -4.88 -24.71
N GLY N 154 48.12 -5.95 -25.04
CA GLY N 154 47.46 -6.13 -26.32
C GLY N 154 46.58 -4.96 -26.70
N TYR N 155 46.71 -4.48 -27.94
CA TYR N 155 45.94 -3.37 -28.51
C TYR N 155 46.02 -2.06 -27.68
N THR N 156 47.17 -1.81 -27.03
CA THR N 156 47.43 -0.55 -26.31
C THR N 156 47.78 0.49 -27.36
N LEU N 157 46.92 1.50 -27.48
CA LEU N 157 47.10 2.57 -28.44
C LEU N 157 47.64 3.79 -27.70
N VAL N 158 48.64 4.45 -28.30
CA VAL N 158 49.32 5.61 -27.72
C VAL N 158 49.27 6.72 -28.74
N HIS N 159 48.70 7.88 -28.32
CA HIS N 159 48.62 9.10 -29.13
C HIS N 159 50.04 9.60 -29.40
N GLN N 160 50.22 10.47 -30.41
CA GLN N 160 51.53 11.02 -30.74
C GLN N 160 52.15 11.80 -29.57
N TYR N 161 53.50 11.79 -29.51
CA TYR N 161 54.40 12.51 -28.61
C TYR N 161 54.40 12.06 -27.12
N CYS N 162 53.57 11.07 -26.76
CA CYS N 162 53.47 10.54 -25.39
C CYS N 162 54.76 9.95 -24.91
N ARG N 163 54.98 10.02 -23.59
CA ARG N 163 56.13 9.40 -22.96
C ARG N 163 55.70 8.30 -21.94
N ILE N 164 56.03 7.02 -22.28
CA ILE N 164 55.80 5.81 -21.52
C ILE N 164 57.06 5.57 -20.64
N GLY N 165 56.98 5.95 -19.36
CA GLY N 165 58.04 5.78 -18.38
C GLY N 165 58.46 4.34 -18.13
N ALA N 166 59.63 4.14 -17.49
CA ALA N 166 60.23 2.83 -17.23
C ALA N 166 59.38 1.92 -16.40
N HIS N 167 59.41 0.61 -16.67
CA HIS N 167 58.69 -0.46 -15.96
C HIS N 167 57.17 -0.35 -16.03
N SER N 168 56.64 0.82 -16.41
CA SER N 168 55.21 1.12 -16.51
C SER N 168 54.44 0.11 -17.36
N PHE N 169 53.38 -0.44 -16.79
CA PHE N 169 52.53 -1.40 -17.44
C PHE N 169 51.23 -0.74 -17.85
N SER N 170 50.83 -0.90 -19.11
CA SER N 170 49.54 -0.37 -19.56
C SER N 170 48.65 -1.52 -20.06
N GLY N 171 47.57 -1.80 -19.31
CA GLY N 171 46.59 -2.85 -19.54
C GLY N 171 46.01 -2.97 -20.93
N MET N 172 45.48 -4.17 -21.29
CA MET N 172 44.99 -4.42 -22.65
C MET N 172 43.87 -3.41 -23.10
N GLY N 173 43.91 -3.06 -24.39
CA GLY N 173 42.99 -2.11 -25.01
C GLY N 173 43.02 -0.72 -24.39
N SER N 174 44.21 -0.26 -23.94
CA SER N 174 44.37 1.06 -23.31
C SER N 174 44.54 2.15 -24.35
N ALA N 175 43.93 3.34 -24.11
CA ALA N 175 44.05 4.50 -25.00
C ALA N 175 44.71 5.68 -24.29
N ILE N 176 46.07 5.65 -24.29
CA ILE N 176 46.98 6.64 -23.69
C ILE N 176 46.98 7.96 -24.50
N GLY N 177 46.62 9.05 -23.85
CA GLY N 177 46.58 10.38 -24.43
C GLY N 177 47.64 11.32 -23.89
N LYS N 178 47.95 11.20 -22.58
CA LYS N 178 48.97 11.95 -21.83
C LYS N 178 50.06 10.95 -21.35
N ASP N 179 51.23 11.46 -20.86
CA ASP N 179 52.36 10.66 -20.36
C ASP N 179 52.00 9.61 -19.30
N VAL N 180 52.71 8.46 -19.30
CA VAL N 180 52.56 7.40 -18.30
C VAL N 180 53.83 7.49 -17.42
N PRO N 181 53.76 8.06 -16.17
CA PRO N 181 54.98 8.10 -15.33
C PRO N 181 55.60 6.72 -15.15
N ALA N 182 56.89 6.65 -14.84
CA ALA N 182 57.53 5.36 -14.60
C ALA N 182 56.76 4.55 -13.55
N TYR N 183 56.81 3.23 -13.65
CA TYR N 183 56.18 2.25 -12.75
C TYR N 183 54.67 2.22 -12.77
N VAL N 184 53.99 3.33 -13.16
CA VAL N 184 52.52 3.41 -13.13
C VAL N 184 51.85 2.40 -14.07
N THR N 185 50.73 1.80 -13.58
CA THR N 185 49.89 0.88 -14.34
C THR N 185 48.63 1.65 -14.70
N VAL N 186 48.30 1.73 -16.01
CA VAL N 186 47.14 2.48 -16.54
C VAL N 186 46.22 1.58 -17.36
N PHE N 187 44.89 1.83 -17.32
CA PHE N 187 43.92 0.97 -18.01
C PHE N 187 42.76 1.75 -18.61
N GLY N 188 42.11 1.13 -19.61
CA GLY N 188 40.92 1.66 -20.29
C GLY N 188 41.15 2.71 -21.37
N ASN N 189 40.04 3.07 -22.08
CA ASN N 189 39.96 4.10 -23.12
C ASN N 189 39.03 5.20 -22.56
N PRO N 190 39.58 6.37 -22.13
CA PRO N 190 41.01 6.75 -22.12
C PRO N 190 41.72 6.26 -20.86
N ALA N 191 42.98 5.80 -20.99
CA ALA N 191 43.79 5.27 -19.88
C ALA N 191 43.70 6.12 -18.62
N GLU N 192 43.50 5.48 -17.45
CA GLU N 192 43.51 6.16 -16.14
C GLU N 192 44.50 5.41 -15.27
N ALA N 193 45.32 6.12 -14.47
CA ALA N 193 46.29 5.54 -13.54
C ALA N 193 45.56 4.73 -12.47
N ARG N 194 45.96 3.44 -12.30
CA ARG N 194 45.38 2.46 -11.36
C ARG N 194 46.30 2.19 -10.16
N SER N 195 47.59 1.84 -10.41
CA SER N 195 48.60 1.59 -9.36
C SER N 195 50.02 1.60 -9.93
N MET N 196 50.93 0.78 -9.36
CA MET N 196 52.34 0.68 -9.77
C MET N 196 52.74 -0.78 -9.99
N ASN N 197 53.62 -1.04 -11.00
CA ASN N 197 54.10 -2.37 -11.37
C ASN N 197 54.98 -2.97 -10.28
N PHE N 198 54.35 -3.51 -9.22
CA PHE N 198 55.05 -4.13 -8.10
C PHE N 198 55.76 -5.39 -8.51
N GLU N 199 55.18 -6.10 -9.50
CA GLU N 199 55.76 -7.32 -10.06
C GLU N 199 57.07 -7.01 -10.75
N GLY N 200 57.10 -5.94 -11.54
CA GLY N 200 58.33 -5.49 -12.22
C GLY N 200 59.39 -5.02 -11.24
N MET N 201 58.95 -4.52 -10.08
CA MET N 201 59.84 -4.05 -9.01
C MET N 201 60.46 -5.26 -8.35
N ARG N 202 59.65 -6.32 -8.16
CA ARG N 202 60.08 -7.61 -7.64
C ARG N 202 61.06 -8.25 -8.68
N ARG N 203 60.66 -8.28 -9.98
CA ARG N 203 61.41 -8.85 -11.11
C ARG N 203 62.82 -8.22 -11.20
N ARG N 204 62.90 -6.89 -11.05
CA ARG N 204 64.18 -6.17 -11.12
C ARG N 204 64.90 -6.09 -9.73
N GLY N 205 64.35 -6.80 -8.74
CA GLY N 205 64.89 -6.92 -7.38
C GLY N 205 65.07 -5.65 -6.58
N PHE N 206 64.05 -4.76 -6.58
CA PHE N 206 64.02 -3.49 -5.86
C PHE N 206 63.92 -3.78 -4.37
N SER N 207 64.57 -2.97 -3.51
CA SER N 207 64.52 -3.18 -2.06
C SER N 207 63.11 -3.11 -1.49
N SER N 208 62.87 -3.71 -0.31
CA SER N 208 61.56 -3.69 0.36
C SER N 208 61.28 -2.23 0.76
N GLU N 209 62.36 -1.49 1.09
CA GLU N 209 62.42 -0.08 1.43
C GLU N 209 61.97 0.68 0.18
N ALA N 210 62.64 0.42 -0.97
CA ALA N 210 62.41 1.00 -2.30
C ALA N 210 61.02 0.80 -2.85
N ILE N 211 60.44 -0.42 -2.71
CA ILE N 211 59.07 -0.76 -3.16
C ILE N 211 58.07 0.12 -2.41
N HIS N 212 58.13 0.13 -1.06
CA HIS N 212 57.25 0.96 -0.24
C HIS N 212 57.43 2.44 -0.55
N ALA N 213 58.70 2.88 -0.76
CA ALA N 213 59.06 4.27 -1.08
C ALA N 213 58.33 4.76 -2.32
N LEU N 214 58.12 3.83 -3.26
CA LEU N 214 57.44 4.06 -4.54
C LEU N 214 55.93 4.07 -4.37
N ARG N 215 55.36 3.12 -3.61
CA ARG N 215 53.92 3.11 -3.34
C ARG N 215 53.50 4.46 -2.70
N ARG N 216 54.26 4.91 -1.66
CA ARG N 216 54.08 6.18 -0.93
C ARG N 216 54.07 7.36 -1.91
N ALA N 217 54.94 7.30 -2.97
CA ALA N 217 55.13 8.29 -4.03
C ALA N 217 53.97 8.40 -5.02
N TYR N 218 53.35 7.27 -5.41
CA TYR N 218 52.19 7.26 -6.29
C TYR N 218 51.06 7.98 -5.54
N LYS N 219 50.87 7.62 -4.25
CA LYS N 219 49.89 8.19 -3.35
C LYS N 219 49.96 9.74 -3.33
N VAL N 220 51.18 10.35 -3.26
CA VAL N 220 51.42 11.82 -3.27
C VAL N 220 50.78 12.46 -4.53
N VAL N 221 51.25 11.98 -5.72
CA VAL N 221 50.88 12.34 -7.07
C VAL N 221 49.36 12.20 -7.31
N TYR N 222 48.78 11.05 -6.91
CA TYR N 222 47.39 10.71 -7.17
C TYR N 222 46.43 10.73 -5.95
N ARG N 223 46.49 9.70 -5.06
CA ARG N 223 45.62 9.50 -3.89
C ARG N 223 45.67 10.61 -2.78
N GLN N 224 46.38 11.75 -2.99
CA GLN N 224 46.52 12.84 -2.02
C GLN N 224 45.90 14.16 -2.51
N GLY N 225 45.48 14.19 -3.78
CA GLY N 225 44.83 15.33 -4.42
C GLY N 225 45.67 16.59 -4.49
N HIS N 226 46.96 16.40 -4.70
CA HIS N 226 47.88 17.52 -4.87
C HIS N 226 47.84 17.80 -6.35
N THR N 227 48.38 18.95 -6.77
CA THR N 227 48.54 19.28 -8.19
C THR N 227 49.78 18.50 -8.61
N VAL N 228 50.37 18.84 -9.76
CA VAL N 228 51.63 18.20 -10.12
C VAL N 228 52.71 19.08 -9.44
N GLU N 229 52.44 20.40 -9.38
CA GLU N 229 53.26 21.41 -8.72
C GLU N 229 53.54 21.00 -7.27
N GLU N 230 52.48 20.78 -6.48
CA GLU N 230 52.54 20.38 -5.07
C GLU N 230 53.16 18.99 -4.90
N ALA N 231 52.79 18.04 -5.77
CA ALA N 231 53.26 16.67 -5.71
C ALA N 231 54.76 16.58 -5.88
N LEU N 232 55.33 17.24 -6.92
CA LEU N 232 56.76 17.17 -7.24
C LEU N 232 57.70 17.68 -6.12
N ALA N 233 57.19 18.52 -5.21
CA ALA N 233 57.96 19.03 -4.08
C ALA N 233 57.94 18.07 -2.90
N GLU N 234 56.84 17.33 -2.75
CA GLU N 234 56.73 16.33 -1.70
C GLU N 234 57.68 15.15 -2.05
N LEU N 235 57.78 14.87 -3.36
CA LEU N 235 58.62 13.84 -3.93
C LEU N 235 60.11 14.25 -3.92
N ALA N 236 60.46 15.43 -3.40
CA ALA N 236 61.86 15.85 -3.40
C ALA N 236 62.70 15.08 -2.40
N GLU N 237 62.17 14.90 -1.18
CA GLU N 237 62.84 14.20 -0.10
C GLU N 237 63.06 12.73 -0.49
N SER N 238 61.96 12.03 -0.85
CA SER N 238 61.89 10.63 -1.26
C SER N 238 62.78 10.31 -2.48
N ALA N 239 63.02 11.30 -3.35
CA ALA N 239 63.80 11.11 -4.57
C ALA N 239 65.30 11.24 -4.38
N ALA N 240 65.72 12.14 -3.47
CA ALA N 240 67.12 12.33 -3.12
C ALA N 240 67.56 11.15 -2.24
N GLN N 241 66.57 10.54 -1.55
CA GLN N 241 66.70 9.38 -0.66
C GLN N 241 66.85 8.08 -1.46
N PHE N 242 65.95 7.85 -2.47
CA PHE N 242 65.88 6.64 -3.30
C PHE N 242 66.00 6.90 -4.79
N PRO N 243 67.06 6.35 -5.43
CA PRO N 243 67.26 6.53 -6.88
C PRO N 243 66.14 6.01 -7.79
N GLU N 244 65.21 5.22 -7.24
CA GLU N 244 64.09 4.63 -7.97
C GLU N 244 62.92 5.63 -7.98
N VAL N 245 62.76 6.38 -6.88
CA VAL N 245 61.74 7.42 -6.72
C VAL N 245 62.23 8.57 -7.60
N ALA N 246 63.56 8.76 -7.65
CA ALA N 246 64.22 9.75 -8.48
C ALA N 246 63.75 9.56 -9.93
N VAL N 247 63.71 8.29 -10.43
CA VAL N 247 63.23 7.89 -11.77
C VAL N 247 61.77 8.30 -11.96
N PHE N 248 60.95 8.02 -10.93
CA PHE N 248 59.53 8.37 -10.91
C PHE N 248 59.33 9.90 -11.04
N ARG N 249 59.77 10.75 -10.05
CA ARG N 249 59.61 12.21 -10.13
C ARG N 249 60.12 12.82 -11.44
N ASP N 250 61.27 12.34 -11.93
CA ASP N 250 61.86 12.81 -13.19
C ASP N 250 61.02 12.47 -14.45
N SER N 251 60.02 11.56 -14.35
CA SER N 251 59.17 11.20 -15.49
C SER N 251 57.89 12.04 -15.55
N ILE N 252 57.53 12.66 -14.40
CA ILE N 252 56.39 13.56 -14.20
C ILE N 252 56.88 14.99 -14.43
N GLN N 253 58.17 15.22 -14.09
CA GLN N 253 58.85 16.49 -14.26
C GLN N 253 58.70 16.93 -15.72
N SER N 254 59.20 16.06 -16.59
CA SER N 254 59.30 16.12 -18.06
C SER N 254 57.97 15.93 -18.83
N ALA N 255 56.83 15.98 -18.13
CA ALA N 255 55.54 15.81 -18.81
C ALA N 255 54.82 17.13 -18.90
N THR N 256 54.86 17.91 -17.81
CA THR N 256 54.19 19.21 -17.74
C THR N 256 55.15 20.33 -17.34
N ARG N 257 55.27 21.34 -18.23
CA ARG N 257 56.06 22.56 -17.98
C ARG N 257 55.07 23.63 -17.55
N GLY N 258 53.91 23.61 -18.18
CA GLY N 258 52.83 24.54 -17.87
C GLY N 258 53.04 25.93 -18.41
N ILE N 259 52.03 26.80 -18.16
CA ILE N 259 51.98 28.20 -18.58
C ILE N 259 51.83 29.12 -17.37
N THR N 260 52.43 30.31 -17.44
CA THR N 260 52.37 31.33 -16.39
C THR N 260 50.91 31.68 -16.05
N ARG N 261 50.50 31.68 -14.77
CA ARG N 261 49.13 32.06 -14.43
C ARG N 261 49.14 33.37 -13.61
N MET O 4 47.10 -29.43 -65.14
CA MET O 4 47.07 -28.67 -63.88
C MET O 4 47.56 -29.50 -62.66
N SER O 5 47.93 -28.80 -61.54
CA SER O 5 48.44 -29.38 -60.29
C SER O 5 47.83 -28.72 -59.03
N LEU O 6 47.50 -29.57 -58.00
CA LEU O 6 46.87 -29.21 -56.71
C LEU O 6 47.81 -28.34 -55.90
N ILE O 7 48.90 -28.98 -55.44
CA ILE O 7 49.97 -28.41 -54.65
C ILE O 7 50.87 -27.59 -55.61
N ASP O 8 50.85 -26.24 -55.47
CA ASP O 8 51.63 -25.33 -56.31
C ASP O 8 53.13 -25.61 -56.13
N PRO O 9 53.95 -25.51 -57.20
CA PRO O 9 55.39 -25.78 -57.04
C PRO O 9 56.19 -24.69 -56.28
N ARG O 10 55.71 -23.41 -56.26
CA ARG O 10 56.37 -22.33 -55.51
C ARG O 10 56.13 -22.49 -54.02
N ALA O 11 55.44 -23.56 -53.62
CA ALA O 11 55.18 -23.89 -52.23
C ALA O 11 56.27 -24.85 -51.72
N ILE O 12 56.78 -24.54 -50.52
CA ILE O 12 57.83 -25.29 -49.83
C ILE O 12 57.19 -26.32 -48.90
N ILE O 13 57.47 -27.62 -49.14
CA ILE O 13 56.93 -28.69 -48.30
C ILE O 13 58.08 -29.47 -47.66
N ASP O 14 57.96 -29.75 -46.36
CA ASP O 14 58.94 -30.56 -45.65
C ASP O 14 58.60 -32.01 -45.97
N PRO O 15 59.57 -32.94 -46.15
CA PRO O 15 59.20 -34.35 -46.41
C PRO O 15 58.59 -35.03 -45.17
N SER O 16 58.72 -34.35 -44.00
CA SER O 16 58.19 -34.77 -42.70
C SER O 16 56.72 -34.34 -42.56
N ALA O 17 56.26 -33.46 -43.47
CA ALA O 17 54.88 -32.99 -43.50
C ALA O 17 54.07 -34.00 -44.30
N ARG O 18 52.94 -34.42 -43.74
CA ARG O 18 52.06 -35.38 -44.39
C ARG O 18 50.73 -34.73 -44.72
N LEU O 19 50.36 -34.78 -46.00
CA LEU O 19 49.17 -34.19 -46.59
C LEU O 19 48.28 -35.28 -47.19
N ALA O 20 47.00 -34.94 -47.44
CA ALA O 20 46.07 -35.85 -48.11
C ALA O 20 46.11 -35.57 -49.64
N ALA O 21 45.38 -36.37 -50.46
CA ALA O 21 45.37 -36.24 -51.92
C ALA O 21 44.82 -34.89 -52.45
N ASP O 22 43.53 -34.60 -52.18
CA ASP O 22 42.80 -33.38 -52.60
C ASP O 22 43.21 -32.13 -51.81
N VAL O 23 44.38 -32.16 -51.18
CA VAL O 23 44.93 -31.02 -50.46
C VAL O 23 45.59 -30.11 -51.49
N GLN O 24 45.11 -28.86 -51.56
CA GLN O 24 45.61 -27.82 -52.44
C GLN O 24 46.42 -26.85 -51.64
N VAL O 25 47.61 -26.51 -52.14
CA VAL O 25 48.52 -25.57 -51.50
C VAL O 25 48.84 -24.50 -52.53
N GLY O 26 48.66 -23.25 -52.14
CA GLY O 26 48.90 -22.10 -52.99
C GLY O 26 50.36 -21.74 -53.14
N PRO O 27 50.69 -20.82 -54.10
CA PRO O 27 52.10 -20.43 -54.29
C PRO O 27 52.71 -19.64 -53.13
N TRP O 28 54.02 -19.84 -52.91
CA TRP O 28 54.82 -19.19 -51.87
C TRP O 28 54.31 -19.48 -50.46
N SER O 29 53.84 -20.71 -50.24
CA SER O 29 53.35 -21.18 -48.95
C SER O 29 54.36 -22.15 -48.35
N ILE O 30 54.35 -22.32 -47.01
CA ILE O 30 55.28 -23.23 -46.34
C ILE O 30 54.56 -24.24 -45.46
N VAL O 31 54.65 -25.52 -45.80
CA VAL O 31 54.06 -26.60 -45.01
C VAL O 31 55.25 -27.19 -44.26
N GLY O 32 55.53 -26.60 -43.10
CA GLY O 32 56.66 -26.94 -42.24
C GLY O 32 56.73 -28.35 -41.70
N ALA O 33 57.81 -28.60 -40.94
CA ALA O 33 58.12 -29.89 -40.31
C ALA O 33 56.98 -30.32 -39.38
N GLU O 34 56.55 -31.60 -39.50
CA GLU O 34 55.48 -32.24 -38.72
C GLU O 34 54.08 -31.58 -38.91
N VAL O 35 53.85 -30.92 -40.06
CA VAL O 35 52.54 -30.34 -40.33
C VAL O 35 51.69 -31.39 -41.04
N GLU O 36 50.56 -31.77 -40.41
CA GLU O 36 49.60 -32.74 -40.93
C GLU O 36 48.38 -32.00 -41.47
N ILE O 37 47.98 -32.32 -42.71
CA ILE O 37 46.85 -31.68 -43.39
C ILE O 37 45.94 -32.77 -43.98
N GLY O 38 44.68 -32.74 -43.57
CA GLY O 38 43.71 -33.73 -44.01
C GLY O 38 42.99 -33.44 -45.30
N GLU O 39 42.17 -34.42 -45.72
CA GLU O 39 41.35 -34.43 -46.93
C GLU O 39 40.60 -33.14 -47.23
N GLY O 40 40.70 -32.70 -48.48
CA GLY O 40 40.01 -31.54 -49.04
C GLY O 40 40.36 -30.17 -48.51
N THR O 41 41.44 -30.08 -47.71
CA THR O 41 41.89 -28.80 -47.15
C THR O 41 42.46 -27.94 -48.29
N VAL O 42 42.13 -26.65 -48.29
CA VAL O 42 42.61 -25.71 -49.28
C VAL O 42 43.45 -24.69 -48.57
N ILE O 43 44.78 -24.82 -48.71
CA ILE O 43 45.77 -23.91 -48.16
C ILE O 43 46.00 -22.85 -49.23
N GLY O 44 45.83 -21.59 -48.86
CA GLY O 44 45.98 -20.47 -49.78
C GLY O 44 47.41 -20.11 -50.09
N PRO O 45 47.64 -19.00 -50.83
CA PRO O 45 49.03 -18.58 -51.11
C PRO O 45 49.59 -17.82 -49.91
N HIS O 46 50.92 -17.61 -49.83
CA HIS O 46 51.57 -16.87 -48.74
C HIS O 46 51.12 -17.37 -47.35
N VAL O 47 51.00 -18.69 -47.18
CA VAL O 47 50.57 -19.23 -45.88
C VAL O 47 51.77 -19.83 -45.17
N VAL O 48 51.90 -19.54 -43.87
CA VAL O 48 52.98 -20.10 -43.08
C VAL O 48 52.40 -21.11 -42.08
N LEU O 49 52.70 -22.41 -42.27
CA LEU O 49 52.26 -23.53 -41.43
C LEU O 49 53.49 -24.17 -40.76
N LYS O 50 53.52 -24.19 -39.41
CA LYS O 50 54.63 -24.77 -38.62
C LYS O 50 54.14 -25.88 -37.68
N GLY O 51 54.94 -26.93 -37.56
CA GLY O 51 54.60 -28.07 -36.71
C GLY O 51 55.23 -28.07 -35.33
N PRO O 52 54.83 -28.99 -34.42
CA PRO O 52 53.83 -30.06 -34.57
C PRO O 52 52.38 -29.53 -34.64
N THR O 53 51.76 -29.67 -35.83
CA THR O 53 50.38 -29.26 -36.07
C THR O 53 49.60 -30.34 -36.84
N LYS O 54 48.26 -30.42 -36.57
CA LYS O 54 47.28 -31.30 -37.21
C LYS O 54 46.09 -30.43 -37.70
N ILE O 55 45.78 -30.50 -39.00
CA ILE O 55 44.68 -29.80 -39.69
C ILE O 55 43.78 -30.88 -40.31
N GLY O 56 42.48 -30.82 -40.03
CA GLY O 56 41.53 -31.83 -40.47
C GLY O 56 41.06 -31.79 -41.91
N LYS O 57 39.81 -32.21 -42.09
CA LYS O 57 39.15 -32.25 -43.38
C LYS O 57 38.45 -30.94 -43.74
N HIS O 58 38.34 -30.69 -45.06
CA HIS O 58 37.64 -29.59 -45.74
C HIS O 58 37.78 -28.18 -45.06
N ASN O 59 39.03 -27.79 -44.74
CA ASN O 59 39.36 -26.48 -44.15
C ASN O 59 39.78 -25.49 -45.26
N ARG O 60 39.60 -24.19 -45.03
CA ARG O 60 40.01 -23.16 -45.98
C ARG O 60 40.87 -22.12 -45.25
N ILE O 61 42.22 -22.22 -45.42
CA ILE O 61 43.21 -21.29 -44.85
C ILE O 61 43.52 -20.24 -45.91
N TYR O 62 43.26 -18.97 -45.59
CA TYR O 62 43.50 -17.87 -46.51
C TYR O 62 44.93 -17.36 -46.48
N GLN O 63 45.20 -16.32 -47.27
CA GLN O 63 46.49 -15.64 -47.40
C GLN O 63 47.03 -15.10 -46.06
N PHE O 64 48.36 -14.84 -46.02
CA PHE O 64 49.15 -14.21 -44.94
C PHE O 64 48.86 -14.71 -43.50
N SER O 65 48.25 -15.90 -43.35
CA SER O 65 47.94 -16.51 -42.06
C SER O 65 49.18 -17.24 -41.55
N SER O 66 49.44 -17.14 -40.24
CA SER O 66 50.57 -17.81 -39.60
C SER O 66 50.00 -18.81 -38.59
N VAL O 67 49.95 -20.09 -38.97
CA VAL O 67 49.34 -21.14 -38.18
C VAL O 67 50.38 -22.14 -37.62
N GLY O 68 50.37 -22.33 -36.30
CA GLY O 68 51.26 -23.28 -35.62
C GLY O 68 52.65 -22.78 -35.26
N GLU O 69 52.80 -21.45 -35.17
CA GLU O 69 54.07 -20.82 -34.82
C GLU O 69 54.13 -20.81 -33.31
N ASP O 70 55.32 -20.83 -32.71
CA ASP O 70 55.45 -20.80 -31.24
C ASP O 70 54.95 -19.46 -30.70
N THR O 71 54.53 -19.39 -29.42
CA THR O 71 54.10 -18.10 -28.88
C THR O 71 55.31 -17.24 -28.58
N PRO O 72 55.18 -15.89 -28.64
CA PRO O 72 56.32 -15.04 -28.26
C PRO O 72 56.59 -15.11 -26.75
N ASP O 73 55.55 -15.51 -25.93
CA ASP O 73 55.53 -15.61 -24.46
C ASP O 73 56.77 -16.26 -23.89
N LEU O 74 57.28 -15.65 -22.80
CA LEU O 74 58.50 -15.98 -22.07
C LEU O 74 58.41 -17.20 -21.15
N LYS O 75 57.19 -17.74 -20.95
CA LYS O 75 57.00 -18.95 -20.17
C LYS O 75 57.50 -20.13 -21.01
N TYR O 76 57.27 -20.06 -22.33
CA TYR O 76 57.68 -21.05 -23.31
C TYR O 76 59.17 -20.95 -23.55
N LYS O 77 59.85 -22.12 -23.61
CA LYS O 77 61.29 -22.25 -23.80
C LYS O 77 61.62 -23.41 -24.77
N GLY O 78 61.18 -23.29 -26.04
CA GLY O 78 61.44 -24.23 -27.11
C GLY O 78 60.69 -25.57 -27.15
N GLU O 79 60.00 -25.95 -26.04
CA GLU O 79 59.22 -27.18 -25.80
C GLU O 79 58.42 -27.69 -27.06
N PRO O 80 58.40 -29.00 -27.47
CA PRO O 80 57.67 -29.39 -28.70
C PRO O 80 56.14 -29.53 -28.55
N THR O 81 55.50 -28.45 -28.07
CA THR O 81 54.05 -28.29 -27.86
C THR O 81 53.30 -28.37 -29.21
N ARG O 82 52.03 -28.80 -29.19
CA ARG O 82 51.22 -29.11 -30.38
C ARG O 82 50.10 -28.13 -30.70
N LEU O 83 49.42 -28.34 -31.86
CA LEU O 83 48.24 -27.59 -32.35
C LEU O 83 47.29 -28.53 -33.10
N VAL O 84 45.99 -28.51 -32.74
CA VAL O 84 44.98 -29.36 -33.37
C VAL O 84 43.83 -28.51 -33.93
N ILE O 85 43.57 -28.63 -35.24
CA ILE O 85 42.49 -27.92 -35.94
C ILE O 85 41.62 -29.01 -36.58
N GLY O 86 40.36 -29.10 -36.19
CA GLY O 86 39.45 -30.11 -36.73
C GLY O 86 39.05 -29.87 -38.17
N ASP O 87 37.83 -30.30 -38.50
CA ASP O 87 37.25 -30.24 -39.83
C ASP O 87 36.40 -28.98 -40.10
N HIS O 88 36.15 -28.66 -41.39
CA HIS O 88 35.32 -27.56 -41.90
C HIS O 88 35.49 -26.16 -41.28
N ASN O 89 36.65 -25.87 -40.66
CA ASN O 89 36.94 -24.54 -40.11
C ASN O 89 37.35 -23.64 -41.27
N VAL O 90 37.16 -22.33 -41.10
CA VAL O 90 37.51 -21.33 -42.10
C VAL O 90 38.32 -20.31 -41.37
N ILE O 91 39.61 -20.26 -41.71
CA ILE O 91 40.55 -19.33 -41.13
C ILE O 91 40.85 -18.32 -42.23
N ARG O 92 40.51 -17.05 -41.99
CA ARG O 92 40.65 -16.00 -42.99
C ARG O 92 42.09 -15.45 -43.11
N GLU O 93 42.22 -14.30 -43.80
CA GLU O 93 43.49 -13.63 -44.10
C GLU O 93 44.20 -13.14 -42.84
N GLY O 94 45.53 -13.22 -42.84
CA GLY O 94 46.40 -12.80 -41.74
C GLY O 94 46.12 -13.27 -40.32
N VAL O 95 45.42 -14.40 -40.17
CA VAL O 95 45.10 -14.92 -38.84
C VAL O 95 46.34 -15.57 -38.21
N THR O 96 46.61 -15.28 -36.92
CA THR O 96 47.69 -15.90 -36.15
C THR O 96 47.12 -16.93 -35.19
N ILE O 97 47.72 -18.14 -35.20
CA ILE O 97 47.36 -19.28 -34.33
C ILE O 97 48.69 -19.80 -33.78
N HIS O 98 48.78 -19.97 -32.47
CA HIS O 98 50.00 -20.45 -31.83
C HIS O 98 49.82 -21.76 -31.10
N ARG O 99 50.84 -22.64 -31.13
CA ARG O 99 50.82 -23.93 -30.44
C ARG O 99 50.90 -23.68 -28.93
N GLY O 100 50.48 -24.66 -28.14
CA GLY O 100 50.43 -24.57 -26.68
C GLY O 100 51.75 -24.36 -25.95
N THR O 101 51.70 -24.44 -24.62
CA THR O 101 52.83 -24.34 -23.70
C THR O 101 52.76 -25.53 -22.77
N VAL O 102 53.92 -26.07 -22.41
CA VAL O 102 54.07 -27.24 -21.52
C VAL O 102 53.30 -27.09 -20.17
N GLN O 103 53.12 -25.85 -19.73
CA GLN O 103 52.45 -25.44 -18.52
C GLN O 103 51.01 -26.03 -18.42
N ASP O 104 50.05 -25.57 -19.27
CA ASP O 104 48.64 -26.04 -19.32
C ASP O 104 48.55 -27.51 -19.77
N ARG O 105 48.59 -27.81 -21.10
CA ARG O 105 48.54 -29.20 -21.59
C ARG O 105 49.35 -29.41 -22.90
N ALA O 106 50.07 -28.37 -23.37
CA ALA O 106 50.90 -28.40 -24.59
C ALA O 106 50.09 -28.64 -25.89
N GLU O 107 48.83 -28.12 -25.94
CA GLU O 107 47.95 -28.29 -27.10
C GLU O 107 46.87 -27.20 -27.25
N THR O 108 47.00 -26.36 -28.30
CA THR O 108 46.01 -25.34 -28.67
C THR O 108 45.05 -26.09 -29.56
N THR O 109 43.78 -26.22 -29.15
CA THR O 109 42.82 -27.01 -29.90
C THR O 109 41.67 -26.18 -30.46
N ILE O 110 41.33 -26.42 -31.74
CA ILE O 110 40.24 -25.78 -32.48
C ILE O 110 39.34 -26.88 -33.07
N GLY O 111 38.05 -26.78 -32.78
CA GLY O 111 37.04 -27.75 -33.21
C GLY O 111 36.68 -27.74 -34.67
N ASP O 112 35.34 -27.74 -34.94
CA ASP O 112 34.75 -27.81 -36.29
C ASP O 112 33.85 -26.62 -36.65
N HIS O 113 33.72 -26.32 -37.96
CA HIS O 113 32.89 -25.26 -38.54
C HIS O 113 33.03 -23.86 -37.91
N ASN O 114 34.18 -23.58 -37.29
CA ASN O 114 34.46 -22.27 -36.69
C ASN O 114 34.88 -21.31 -37.79
N LEU O 115 34.35 -20.07 -37.76
CA LEU O 115 34.69 -19.04 -38.73
C LEU O 115 35.61 -18.01 -38.06
N ILE O 116 36.91 -18.03 -38.41
CA ILE O 116 37.89 -17.13 -37.81
C ILE O 116 38.27 -16.09 -38.84
N MET O 117 37.72 -14.87 -38.70
CA MET O 117 37.91 -13.72 -39.60
C MET O 117 39.35 -13.16 -39.55
N ALA O 118 39.68 -12.25 -40.50
CA ALA O 118 40.97 -11.60 -40.70
C ALA O 118 41.72 -11.12 -39.43
N TYR O 119 43.06 -11.22 -39.43
CA TYR O 119 44.01 -10.79 -38.39
C TYR O 119 43.62 -11.15 -36.92
N ALA O 120 42.70 -12.13 -36.74
CA ALA O 120 42.28 -12.64 -35.42
C ALA O 120 43.45 -13.43 -34.80
N HIS O 121 43.53 -13.51 -33.47
CA HIS O 121 44.64 -14.21 -32.82
C HIS O 121 44.21 -15.24 -31.78
N ILE O 122 44.68 -16.48 -31.94
CA ILE O 122 44.44 -17.59 -31.03
C ILE O 122 45.80 -17.99 -30.42
N GLY O 123 46.08 -17.45 -29.22
CA GLY O 123 47.34 -17.69 -28.51
C GLY O 123 47.45 -19.04 -27.83
N HIS O 124 48.63 -19.33 -27.21
CA HIS O 124 48.96 -20.58 -26.48
C HIS O 124 47.84 -21.18 -25.65
N ASP O 125 47.61 -22.49 -25.81
CA ASP O 125 46.64 -23.35 -25.09
C ASP O 125 45.18 -22.91 -25.09
N SER O 126 44.82 -22.07 -26.06
CA SER O 126 43.44 -21.66 -26.25
C SER O 126 42.69 -22.89 -26.79
N VAL O 127 41.43 -23.08 -26.35
CA VAL O 127 40.61 -24.22 -26.70
C VAL O 127 39.28 -23.71 -27.28
N ILE O 128 39.10 -23.83 -28.61
CA ILE O 128 37.89 -23.38 -29.31
C ILE O 128 36.97 -24.57 -29.69
N GLY O 129 35.67 -24.42 -29.45
CA GLY O 129 34.63 -25.41 -29.75
C GLY O 129 34.22 -25.47 -31.21
N ASN O 130 32.88 -25.57 -31.47
CA ASN O 130 32.32 -25.66 -32.84
C ASN O 130 31.32 -24.54 -33.19
N HIS O 131 31.21 -24.18 -34.49
CA HIS O 131 30.34 -23.14 -35.04
C HIS O 131 30.51 -21.77 -34.37
N CYS O 132 31.72 -21.54 -33.83
CA CYS O 132 32.09 -20.27 -33.21
C CYS O 132 32.37 -19.31 -34.35
N ILE O 133 32.24 -18.00 -34.09
CA ILE O 133 32.54 -16.94 -35.04
C ILE O 133 33.46 -15.95 -34.32
N LEU O 134 34.71 -15.83 -34.80
CA LEU O 134 35.72 -14.93 -34.25
C LEU O 134 36.00 -13.87 -35.31
N VAL O 135 35.27 -12.75 -35.24
CA VAL O 135 35.33 -11.64 -36.19
C VAL O 135 36.74 -10.99 -36.21
N ASN O 136 37.00 -10.04 -37.14
CA ASN O 136 38.26 -9.33 -37.33
C ASN O 136 38.99 -8.98 -36.06
N ASN O 137 40.31 -9.20 -36.04
CA ASN O 137 41.22 -8.92 -34.94
C ASN O 137 40.71 -9.32 -33.52
N THR O 138 39.96 -10.45 -33.41
CA THR O 138 39.53 -10.97 -32.12
C THR O 138 40.80 -11.56 -31.49
N ALA O 139 41.26 -11.07 -30.32
CA ALA O 139 42.49 -11.61 -29.72
C ALA O 139 42.23 -12.40 -28.44
N LEU O 140 42.78 -13.64 -28.36
CA LEU O 140 42.67 -14.55 -27.21
C LEU O 140 44.07 -14.69 -26.58
N ALA O 141 44.35 -13.93 -25.50
CA ALA O 141 45.63 -13.81 -24.79
C ALA O 141 46.43 -15.10 -24.60
N GLY O 142 45.71 -16.17 -24.24
CA GLY O 142 46.23 -17.51 -23.97
C GLY O 142 45.30 -18.26 -23.05
N HIS O 143 45.35 -19.60 -23.07
CA HIS O 143 44.57 -20.53 -22.25
C HIS O 143 43.05 -20.26 -22.22
N VAL O 144 42.52 -19.47 -23.19
CA VAL O 144 41.11 -19.07 -23.32
C VAL O 144 40.30 -20.23 -23.89
N HIS O 145 39.21 -20.61 -23.20
CA HIS O 145 38.32 -21.69 -23.63
C HIS O 145 37.01 -21.11 -24.16
N VAL O 146 36.80 -21.19 -25.48
CA VAL O 146 35.62 -20.64 -26.16
C VAL O 146 34.63 -21.77 -26.58
N ASP O 147 33.54 -21.94 -25.81
CA ASP O 147 32.49 -22.95 -26.01
C ASP O 147 31.73 -22.77 -27.34
N ASP O 148 31.09 -23.86 -27.84
CA ASP O 148 30.32 -23.93 -29.09
C ASP O 148 29.35 -22.74 -29.28
N TRP O 149 29.16 -22.29 -30.55
CA TRP O 149 28.26 -21.22 -31.06
C TRP O 149 28.54 -19.77 -30.56
N ALA O 150 29.63 -19.57 -29.83
CA ALA O 150 29.96 -18.25 -29.32
C ALA O 150 30.33 -17.27 -30.46
N ILE O 151 29.70 -16.09 -30.48
CA ILE O 151 30.03 -15.04 -31.47
C ILE O 151 30.84 -13.96 -30.74
N LEU O 152 32.15 -13.86 -31.10
CA LEU O 152 33.08 -12.88 -30.55
C LEU O 152 33.26 -11.76 -31.58
N SER O 153 32.47 -10.63 -31.44
CA SER O 153 32.47 -9.47 -32.34
C SER O 153 33.85 -8.87 -32.60
N GLY O 154 33.98 -8.15 -33.72
CA GLY O 154 35.21 -7.51 -34.17
C GLY O 154 36.00 -6.81 -33.08
N TYR O 155 37.30 -7.13 -33.02
CA TYR O 155 38.30 -6.58 -32.09
C TYR O 155 37.93 -6.89 -30.63
N THR O 156 37.31 -8.07 -30.40
CA THR O 156 36.99 -8.55 -29.06
C THR O 156 38.30 -9.09 -28.46
N LEU O 157 38.74 -8.48 -27.35
CA LEU O 157 39.99 -8.82 -26.67
C LEU O 157 39.70 -9.60 -25.40
N VAL O 158 40.26 -10.80 -25.29
CA VAL O 158 40.02 -11.72 -24.18
C VAL O 158 41.29 -12.01 -23.38
N HIS O 159 41.23 -11.79 -22.05
CA HIS O 159 42.31 -12.03 -21.10
C HIS O 159 42.61 -13.51 -20.93
N GLN O 160 43.82 -13.85 -20.42
CA GLN O 160 44.25 -15.23 -20.21
C GLN O 160 43.35 -15.97 -19.24
N TYR O 161 43.19 -17.29 -19.47
CA TYR O 161 42.38 -18.24 -18.69
C TYR O 161 40.90 -17.82 -18.57
N CYS O 162 40.30 -17.37 -19.69
CA CYS O 162 38.90 -16.95 -19.68
C CYS O 162 38.01 -17.97 -20.37
N ARG O 163 36.97 -18.43 -19.67
CA ARG O 163 36.01 -19.36 -20.24
C ARG O 163 34.84 -18.54 -20.85
N ILE O 164 34.72 -18.53 -22.21
CA ILE O 164 33.65 -17.83 -22.96
C ILE O 164 32.56 -18.87 -23.27
N GLY O 165 31.40 -18.70 -22.64
CA GLY O 165 30.24 -19.59 -22.71
C GLY O 165 29.65 -19.93 -24.07
N ALA O 166 28.80 -20.98 -24.08
CA ALA O 166 28.12 -21.47 -25.28
C ALA O 166 27.00 -20.53 -25.64
N HIS O 167 26.96 -20.12 -26.91
CA HIS O 167 25.97 -19.19 -27.46
C HIS O 167 26.14 -17.77 -26.98
N SER O 168 27.10 -17.53 -26.06
CA SER O 168 27.36 -16.20 -25.53
C SER O 168 27.91 -15.31 -26.62
N PHE O 169 27.61 -14.03 -26.54
CA PHE O 169 27.98 -13.07 -27.55
C PHE O 169 28.71 -11.93 -26.92
N SER O 170 29.80 -11.47 -27.55
CA SER O 170 30.57 -10.33 -27.05
C SER O 170 30.54 -9.22 -28.11
N GLY O 171 30.08 -8.03 -27.72
CA GLY O 171 29.96 -6.85 -28.59
C GLY O 171 31.29 -6.35 -29.10
N MET O 172 31.30 -5.60 -30.24
CA MET O 172 32.56 -5.17 -30.86
C MET O 172 33.43 -4.35 -29.90
N GLY O 173 34.74 -4.51 -30.07
CA GLY O 173 35.77 -3.88 -29.24
C GLY O 173 35.57 -4.09 -27.75
N SER O 174 35.31 -5.35 -27.34
CA SER O 174 35.10 -5.71 -25.93
C SER O 174 36.41 -6.06 -25.28
N ALA O 175 36.51 -5.90 -23.97
CA ALA O 175 37.70 -6.30 -23.22
C ALA O 175 37.27 -7.20 -22.09
N ILE O 176 37.22 -8.52 -22.39
CA ILE O 176 36.81 -9.57 -21.46
C ILE O 176 37.92 -9.85 -20.46
N GLY O 177 37.61 -9.70 -19.17
CA GLY O 177 38.54 -9.93 -18.07
C GLY O 177 38.18 -11.14 -17.24
N LYS O 178 36.87 -11.32 -16.95
CA LYS O 178 36.29 -12.44 -16.21
C LYS O 178 35.42 -13.27 -17.18
N ASP O 179 35.22 -14.59 -16.88
CA ASP O 179 34.44 -15.54 -17.70
C ASP O 179 33.09 -15.01 -18.17
N VAL O 180 32.67 -15.37 -19.39
CA VAL O 180 31.34 -14.97 -19.88
C VAL O 180 30.43 -16.20 -19.72
N PRO O 181 29.36 -16.15 -18.87
CA PRO O 181 28.49 -17.34 -18.74
C PRO O 181 27.86 -17.70 -20.09
N ALA O 182 27.33 -18.91 -20.21
CA ALA O 182 26.72 -19.28 -21.48
C ALA O 182 25.54 -18.36 -21.79
N TYR O 183 25.30 -18.11 -23.09
CA TYR O 183 24.21 -17.27 -23.62
C TYR O 183 24.41 -15.76 -23.43
N VAL O 184 25.03 -15.31 -22.33
CA VAL O 184 25.20 -13.89 -21.92
C VAL O 184 25.79 -12.94 -23.00
N THR O 185 25.23 -11.70 -23.13
CA THR O 185 25.74 -10.66 -24.03
C THR O 185 26.54 -9.67 -23.20
N VAL O 186 27.86 -9.54 -23.53
CA VAL O 186 28.78 -8.67 -22.79
C VAL O 186 29.33 -7.61 -23.73
N PHE O 187 29.46 -6.37 -23.21
CA PHE O 187 29.88 -5.21 -23.99
C PHE O 187 30.88 -4.25 -23.31
N GLY O 188 31.88 -3.82 -24.08
CA GLY O 188 32.87 -2.82 -23.70
C GLY O 188 34.14 -3.22 -22.97
N ASN O 189 34.93 -2.20 -22.60
CA ASN O 189 36.20 -2.21 -21.87
C ASN O 189 35.90 -1.50 -20.53
N PRO O 190 35.65 -2.24 -19.44
CA PRO O 190 35.70 -3.71 -19.33
C PRO O 190 34.38 -4.38 -19.70
N ALA O 191 34.45 -5.68 -20.07
CA ALA O 191 33.30 -6.48 -20.42
C ALA O 191 32.25 -6.42 -19.31
N GLU O 192 31.04 -6.01 -19.68
CA GLU O 192 29.91 -5.91 -18.78
C GLU O 192 28.73 -6.65 -19.37
N ALA O 193 28.18 -7.63 -18.61
CA ALA O 193 27.00 -8.39 -19.01
C ALA O 193 25.82 -7.42 -19.16
N ARG O 194 25.13 -7.50 -20.31
CA ARG O 194 23.99 -6.65 -20.69
C ARG O 194 22.66 -7.41 -20.69
N SER O 195 22.60 -8.53 -21.43
CA SER O 195 21.41 -9.39 -21.56
C SER O 195 21.84 -10.80 -21.95
N MET O 196 21.13 -11.42 -22.92
CA MET O 196 21.37 -12.79 -23.41
C MET O 196 21.12 -12.84 -24.90
N ASN O 197 21.81 -13.76 -25.57
CA ASN O 197 21.72 -13.95 -27.03
C ASN O 197 20.40 -14.62 -27.39
N PHE O 198 19.30 -13.84 -27.48
CA PHE O 198 17.98 -14.37 -27.86
C PHE O 198 17.91 -14.78 -29.33
N GLU O 199 18.81 -14.20 -30.15
CA GLU O 199 18.93 -14.52 -31.58
C GLU O 199 19.56 -15.88 -31.75
N GLY O 200 20.66 -16.15 -31.04
CA GLY O 200 21.37 -17.43 -31.10
C GLY O 200 20.48 -18.60 -30.73
N MET O 201 19.56 -18.34 -29.77
CA MET O 201 18.55 -19.27 -29.28
C MET O 201 17.57 -19.55 -30.38
N ARG O 202 17.05 -18.48 -31.09
CA ARG O 202 16.10 -18.60 -32.23
C ARG O 202 16.71 -19.49 -33.33
N ARG O 203 18.03 -19.28 -33.61
CA ARG O 203 18.84 -19.99 -34.60
C ARG O 203 18.87 -21.48 -34.31
N ARG O 204 19.03 -21.84 -33.02
CA ARG O 204 19.08 -23.23 -32.61
C ARG O 204 17.67 -23.81 -32.20
N GLY O 205 16.62 -23.06 -32.56
CA GLY O 205 15.20 -23.39 -32.36
C GLY O 205 14.81 -23.80 -30.95
N PHE O 206 15.24 -23.01 -29.96
CA PHE O 206 14.94 -23.22 -28.54
C PHE O 206 13.48 -23.03 -28.34
N SER O 207 12.95 -23.76 -27.35
CA SER O 207 11.53 -23.70 -26.97
C SER O 207 11.20 -22.29 -26.53
N SER O 208 10.03 -21.79 -26.93
CA SER O 208 9.55 -20.49 -26.49
C SER O 208 9.58 -20.42 -24.93
N GLU O 209 9.59 -21.62 -24.28
CA GLU O 209 9.65 -21.81 -22.84
C GLU O 209 11.08 -21.61 -22.33
N ALA O 210 12.07 -22.24 -23.02
CA ALA O 210 13.50 -22.21 -22.70
C ALA O 210 14.07 -20.81 -22.82
N ILE O 211 13.60 -20.07 -23.83
CA ILE O 211 14.00 -18.69 -24.03
C ILE O 211 13.58 -17.89 -22.78
N HIS O 212 12.28 -17.96 -22.40
CA HIS O 212 11.78 -17.28 -21.21
C HIS O 212 12.47 -17.76 -19.92
N ALA O 213 12.76 -19.06 -19.83
CA ALA O 213 13.46 -19.67 -18.70
C ALA O 213 14.85 -19.05 -18.55
N LEU O 214 15.61 -18.98 -19.66
CA LEU O 214 16.94 -18.35 -19.72
C LEU O 214 16.84 -16.84 -19.52
N ARG O 215 15.72 -16.21 -19.92
CA ARG O 215 15.53 -14.77 -19.73
C ARG O 215 15.35 -14.49 -18.23
N ARG O 216 14.42 -15.23 -17.57
CA ARG O 216 14.16 -15.14 -16.13
C ARG O 216 15.42 -15.52 -15.32
N ALA O 217 16.30 -16.41 -15.90
CA ALA O 217 17.56 -16.90 -15.31
C ALA O 217 18.68 -15.86 -15.33
N TYR O 218 18.66 -14.89 -16.27
CA TYR O 218 19.67 -13.84 -16.32
C TYR O 218 19.44 -12.93 -15.14
N LYS O 219 18.19 -12.44 -15.02
CA LYS O 219 17.67 -11.57 -13.97
C LYS O 219 18.05 -12.08 -12.57
N VAL O 220 17.84 -13.41 -12.31
CA VAL O 220 18.19 -14.13 -11.05
C VAL O 220 19.65 -13.89 -10.64
N VAL O 221 20.56 -13.96 -11.62
CA VAL O 221 22.00 -13.75 -11.39
C VAL O 221 22.29 -12.24 -11.19
N TYR O 222 22.15 -11.50 -12.30
CA TYR O 222 22.50 -10.12 -12.50
C TYR O 222 21.54 -9.11 -11.88
N ARG O 223 20.36 -8.90 -12.51
CA ARG O 223 19.34 -7.91 -12.16
C ARG O 223 18.61 -8.10 -10.80
N GLN O 224 19.00 -9.07 -9.92
CA GLN O 224 18.25 -9.30 -8.66
C GLN O 224 18.96 -9.02 -7.32
N GLY O 225 20.27 -8.78 -7.32
CA GLY O 225 21.00 -8.47 -6.09
C GLY O 225 21.38 -9.66 -5.25
N HIS O 226 21.62 -10.78 -5.93
CA HIS O 226 22.02 -12.00 -5.31
C HIS O 226 23.48 -12.15 -5.52
N THR O 227 24.14 -12.82 -4.57
CA THR O 227 25.57 -13.14 -4.68
C THR O 227 25.61 -14.27 -5.69
N VAL O 228 26.80 -14.67 -6.15
CA VAL O 228 26.88 -15.78 -7.10
C VAL O 228 26.40 -17.06 -6.38
N GLU O 229 26.76 -17.20 -5.09
CA GLU O 229 26.37 -18.30 -4.22
C GLU O 229 24.83 -18.38 -4.16
N GLU O 230 24.17 -17.23 -3.89
CA GLU O 230 22.71 -17.09 -3.77
C GLU O 230 21.99 -17.34 -5.10
N ALA O 231 22.53 -16.79 -6.23
CA ALA O 231 22.00 -16.90 -7.60
C ALA O 231 21.95 -18.33 -8.10
N LEU O 232 23.06 -19.07 -7.95
CA LEU O 232 23.23 -20.46 -8.33
C LEU O 232 22.26 -21.41 -7.64
N ALA O 233 21.94 -21.14 -6.37
CA ALA O 233 21.02 -21.93 -5.55
C ALA O 233 19.55 -21.71 -6.01
N GLU O 234 19.24 -20.48 -6.50
CA GLU O 234 17.93 -20.11 -7.03
C GLU O 234 17.73 -20.77 -8.40
N LEU O 235 18.83 -20.85 -9.17
CA LEU O 235 18.83 -21.46 -10.49
C LEU O 235 18.64 -22.99 -10.41
N ALA O 236 18.58 -23.58 -9.20
CA ALA O 236 18.44 -25.02 -8.95
C ALA O 236 17.22 -25.61 -9.62
N GLU O 237 16.05 -24.97 -9.44
CA GLU O 237 14.77 -25.39 -9.99
C GLU O 237 14.78 -25.36 -11.51
N SER O 238 15.11 -24.19 -12.10
CA SER O 238 15.13 -23.98 -13.55
C SER O 238 16.05 -24.96 -14.32
N ALA O 239 17.28 -25.18 -13.80
CA ALA O 239 18.32 -26.05 -14.38
C ALA O 239 17.95 -27.55 -14.36
N ALA O 240 17.00 -27.94 -13.49
CA ALA O 240 16.49 -29.30 -13.42
C ALA O 240 15.41 -29.48 -14.49
N GLN O 241 14.71 -28.37 -14.82
CA GLN O 241 13.60 -28.31 -15.79
C GLN O 241 14.06 -28.06 -17.24
N PHE O 242 15.14 -27.28 -17.44
CA PHE O 242 15.60 -26.94 -18.77
C PHE O 242 17.05 -27.23 -18.99
N PRO O 243 17.40 -28.22 -19.84
CA PRO O 243 18.81 -28.51 -20.11
C PRO O 243 19.61 -27.32 -20.63
N GLU O 244 18.89 -26.27 -21.11
CA GLU O 244 19.36 -24.99 -21.62
C GLU O 244 19.80 -24.12 -20.44
N VAL O 245 19.01 -24.11 -19.35
CA VAL O 245 19.34 -23.37 -18.13
C VAL O 245 20.44 -24.13 -17.36
N ALA O 246 20.52 -25.48 -17.55
CA ALA O 246 21.55 -26.32 -16.94
C ALA O 246 22.91 -25.86 -17.48
N VAL O 247 23.00 -25.63 -18.81
CA VAL O 247 24.17 -25.11 -19.52
C VAL O 247 24.60 -23.77 -18.90
N PHE O 248 23.62 -22.89 -18.62
CA PHE O 248 23.81 -21.57 -18.03
C PHE O 248 24.31 -21.64 -16.58
N ARG O 249 23.61 -22.37 -15.69
CA ARG O 249 23.99 -22.51 -14.29
C ARG O 249 25.41 -23.08 -14.15
N ASP O 250 25.71 -24.14 -14.95
CA ASP O 250 26.99 -24.83 -14.94
C ASP O 250 28.16 -23.92 -15.30
N SER O 251 28.04 -23.09 -16.36
CA SER O 251 29.07 -22.15 -16.82
C SER O 251 29.40 -21.10 -15.76
N ILE O 252 28.39 -20.73 -14.97
CA ILE O 252 28.49 -19.79 -13.85
C ILE O 252 29.23 -20.54 -12.73
N GLN O 253 28.73 -21.74 -12.37
CA GLN O 253 29.28 -22.61 -11.34
C GLN O 253 30.77 -22.90 -11.57
N SER O 254 31.15 -23.33 -12.79
CA SER O 254 32.53 -23.67 -13.16
C SER O 254 33.55 -22.50 -13.05
N ALA O 255 33.06 -21.24 -13.13
CA ALA O 255 33.84 -20.00 -13.04
C ALA O 255 34.08 -19.55 -11.58
N THR O 256 33.03 -19.69 -10.74
CA THR O 256 32.97 -19.29 -9.32
C THR O 256 33.34 -20.40 -8.28
N ARG O 257 34.39 -20.14 -7.46
CA ARG O 257 34.81 -21.02 -6.36
C ARG O 257 34.97 -20.20 -5.08
N GLY O 258 35.79 -19.15 -5.11
CA GLY O 258 36.01 -18.25 -3.99
C GLY O 258 36.88 -18.85 -2.90
N ILE O 259 36.98 -18.15 -1.75
CA ILE O 259 37.80 -18.56 -0.60
C ILE O 259 36.98 -18.76 0.67
N THR O 260 37.51 -19.58 1.60
CA THR O 260 36.88 -19.88 2.88
C THR O 260 36.89 -18.58 3.68
N ARG O 261 35.71 -17.94 3.83
CA ARG O 261 35.55 -16.69 4.58
C ARG O 261 35.20 -16.95 6.07
N MET P 4 64.25 -4.22 -67.64
CA MET P 4 63.36 -4.96 -66.73
C MET P 4 61.90 -4.43 -66.72
N SER P 5 60.94 -5.37 -66.92
CA SER P 5 59.47 -5.19 -66.99
C SER P 5 58.86 -4.53 -65.75
N LEU P 6 57.80 -3.72 -65.99
CA LEU P 6 57.03 -3.04 -64.96
C LEU P 6 56.30 -4.11 -64.15
N ILE P 7 55.58 -5.01 -64.84
CA ILE P 7 54.85 -6.14 -64.26
C ILE P 7 55.89 -7.24 -63.97
N ASP P 8 56.35 -7.31 -62.70
CA ASP P 8 57.35 -8.24 -62.23
C ASP P 8 57.05 -9.67 -62.63
N PRO P 9 58.02 -10.34 -63.28
CA PRO P 9 57.82 -11.73 -63.71
C PRO P 9 57.45 -12.74 -62.63
N ARG P 10 57.76 -12.45 -61.35
CA ARG P 10 57.47 -13.34 -60.23
C ARG P 10 55.98 -13.35 -59.83
N ALA P 11 55.23 -12.32 -60.25
CA ALA P 11 53.80 -12.15 -60.00
C ALA P 11 52.94 -12.91 -61.01
N ILE P 12 51.77 -13.39 -60.56
CA ILE P 12 50.82 -14.12 -61.39
C ILE P 12 49.69 -13.17 -61.84
N ILE P 13 49.43 -13.10 -63.15
CA ILE P 13 48.37 -12.26 -63.74
C ILE P 13 47.42 -13.17 -64.52
N ASP P 14 46.10 -13.13 -64.18
CA ASP P 14 45.12 -13.95 -64.89
C ASP P 14 44.82 -13.29 -66.24
N PRO P 15 44.72 -14.05 -67.38
CA PRO P 15 44.48 -13.42 -68.68
C PRO P 15 43.17 -12.64 -68.79
N SER P 16 42.24 -12.86 -67.82
CA SER P 16 40.95 -12.19 -67.68
C SER P 16 41.09 -10.82 -66.99
N ALA P 17 42.33 -10.41 -66.69
CA ALA P 17 42.65 -9.12 -66.09
C ALA P 17 42.97 -8.09 -67.18
N ARG P 18 42.64 -6.80 -66.93
CA ARG P 18 42.89 -5.70 -67.88
C ARG P 18 43.63 -4.56 -67.16
N LEU P 19 44.91 -4.39 -67.52
CA LEU P 19 45.81 -3.41 -66.93
C LEU P 19 46.37 -2.49 -68.01
N ALA P 20 46.61 -1.23 -67.63
CA ALA P 20 47.23 -0.23 -68.50
C ALA P 20 48.75 -0.53 -68.67
N ALA P 21 49.50 0.31 -69.42
CA ALA P 21 50.94 0.07 -69.63
C ALA P 21 51.77 0.48 -68.41
N ASP P 22 51.43 1.64 -67.83
CA ASP P 22 52.09 2.25 -66.67
C ASP P 22 51.76 1.52 -65.36
N VAL P 23 51.26 0.28 -65.47
CA VAL P 23 50.98 -0.54 -64.30
C VAL P 23 52.25 -1.29 -63.94
N GLN P 24 52.69 -1.11 -62.69
CA GLN P 24 53.81 -1.79 -62.06
C GLN P 24 53.15 -2.81 -61.14
N VAL P 25 53.67 -4.03 -61.14
CA VAL P 25 53.17 -5.13 -60.32
C VAL P 25 54.40 -5.74 -59.64
N GLY P 26 54.33 -5.94 -58.32
CA GLY P 26 55.43 -6.46 -57.53
C GLY P 26 55.65 -7.96 -57.58
N PRO P 27 56.81 -8.48 -57.11
CA PRO P 27 57.03 -9.92 -57.13
C PRO P 27 56.13 -10.67 -56.13
N TRP P 28 55.70 -11.89 -56.52
CA TRP P 28 54.84 -12.80 -55.73
C TRP P 28 53.50 -12.17 -55.35
N SER P 29 52.81 -11.64 -56.34
CA SER P 29 51.52 -10.99 -56.18
C SER P 29 50.53 -11.61 -57.17
N ILE P 30 49.24 -11.69 -56.78
CA ILE P 30 48.23 -12.31 -57.64
C ILE P 30 47.15 -11.31 -58.10
N VAL P 31 47.04 -11.10 -59.44
CA VAL P 31 45.99 -10.29 -60.09
C VAL P 31 45.03 -11.28 -60.74
N GLY P 32 43.95 -11.59 -60.02
CA GLY P 32 42.93 -12.55 -60.39
C GLY P 32 42.13 -12.24 -61.65
N ALA P 33 41.13 -13.07 -61.92
CA ALA P 33 40.27 -12.89 -63.08
C ALA P 33 39.35 -11.70 -62.84
N GLU P 34 38.92 -11.02 -63.94
CA GLU P 34 38.04 -9.86 -63.92
C GLU P 34 38.56 -8.69 -63.04
N VAL P 35 39.90 -8.49 -63.02
CA VAL P 35 40.55 -7.40 -62.28
C VAL P 35 41.03 -6.34 -63.28
N GLU P 36 40.50 -5.11 -63.16
CA GLU P 36 40.78 -3.97 -64.03
C GLU P 36 41.64 -2.93 -63.30
N ILE P 37 42.92 -2.74 -63.74
CA ILE P 37 43.85 -1.78 -63.11
C ILE P 37 44.17 -0.64 -64.08
N GLY P 38 43.99 0.60 -63.60
CA GLY P 38 44.15 1.82 -64.40
C GLY P 38 45.54 2.33 -64.75
N GLU P 39 45.59 3.49 -65.43
CA GLU P 39 46.77 4.21 -65.88
C GLU P 39 47.62 4.65 -64.68
N GLY P 40 48.92 4.37 -64.71
CA GLY P 40 49.88 4.74 -63.67
C GLY P 40 49.67 4.23 -62.25
N THR P 41 48.92 3.11 -62.08
CA THR P 41 48.65 2.47 -60.78
C THR P 41 49.80 1.51 -60.42
N VAL P 42 50.37 1.64 -59.20
CA VAL P 42 51.48 0.80 -58.73
C VAL P 42 50.96 -0.25 -57.77
N ILE P 43 51.22 -1.53 -58.05
CA ILE P 43 50.82 -2.64 -57.17
C ILE P 43 52.11 -3.23 -56.59
N GLY P 44 52.22 -3.15 -55.26
CA GLY P 44 53.38 -3.64 -54.52
C GLY P 44 53.58 -5.15 -54.56
N PRO P 45 54.62 -5.65 -53.86
CA PRO P 45 54.82 -7.12 -53.83
C PRO P 45 53.89 -7.76 -52.81
N HIS P 46 53.74 -9.11 -52.83
CA HIS P 46 52.88 -9.83 -51.86
C HIS P 46 51.42 -9.30 -51.77
N VAL P 47 50.86 -8.77 -52.86
CA VAL P 47 49.48 -8.25 -52.88
C VAL P 47 48.56 -9.31 -53.50
N VAL P 48 47.30 -9.38 -53.00
CA VAL P 48 46.29 -10.34 -53.49
C VAL P 48 45.04 -9.58 -54.01
N LEU P 49 44.91 -9.47 -55.34
CA LEU P 49 43.79 -8.82 -56.02
C LEU P 49 42.83 -9.88 -56.57
N LYS P 50 41.53 -9.76 -56.23
CA LYS P 50 40.48 -10.68 -56.68
C LYS P 50 39.37 -9.90 -57.40
N GLY P 51 38.87 -10.47 -58.50
CA GLY P 51 37.78 -9.89 -59.28
C GLY P 51 36.42 -10.50 -58.95
N PRO P 52 35.28 -9.94 -59.44
CA PRO P 52 35.11 -8.77 -60.32
C PRO P 52 35.43 -7.44 -59.60
N THR P 53 36.51 -6.72 -60.08
CA THR P 53 37.05 -5.48 -59.49
C THR P 53 37.66 -4.48 -60.51
N LYS P 54 37.46 -3.16 -60.23
CA LYS P 54 38.00 -2.00 -60.95
C LYS P 54 38.82 -1.14 -59.97
N ILE P 55 40.03 -0.73 -60.40
CA ILE P 55 40.97 0.11 -59.66
C ILE P 55 41.36 1.23 -60.61
N GLY P 56 41.15 2.46 -60.16
CA GLY P 56 41.39 3.67 -60.94
C GLY P 56 42.83 3.98 -61.32
N LYS P 57 43.12 5.27 -61.52
CA LYS P 57 44.43 5.75 -61.91
C LYS P 57 45.27 6.22 -60.71
N HIS P 58 46.60 6.12 -60.84
CA HIS P 58 47.60 6.58 -59.87
C HIS P 58 47.30 6.24 -58.42
N ASN P 59 46.93 4.98 -58.21
CA ASN P 59 46.69 4.39 -56.91
C ASN P 59 48.01 3.69 -56.51
N ARG P 60 48.20 3.44 -55.21
CA ARG P 60 49.38 2.74 -54.73
C ARG P 60 48.91 1.76 -53.64
N ILE P 61 48.77 0.49 -54.04
CA ILE P 61 48.34 -0.64 -53.21
C ILE P 61 49.61 -1.33 -52.64
N TYR P 62 49.92 -1.05 -51.38
CA TYR P 62 51.08 -1.59 -50.67
C TYR P 62 50.98 -3.10 -50.40
N GLN P 63 52.12 -3.71 -50.05
CA GLN P 63 52.29 -5.14 -49.77
C GLN P 63 51.36 -5.73 -48.73
N PHE P 64 51.21 -7.06 -48.76
CA PHE P 64 50.43 -7.89 -47.85
C PHE P 64 48.92 -7.53 -47.76
N SER P 65 48.38 -6.87 -48.79
CA SER P 65 46.98 -6.48 -48.89
C SER P 65 46.14 -7.56 -49.54
N SER P 66 44.83 -7.64 -49.19
CA SER P 66 43.86 -8.58 -49.76
C SER P 66 42.66 -7.73 -50.19
N VAL P 67 42.69 -7.24 -51.45
CA VAL P 67 41.70 -6.32 -52.04
C VAL P 67 40.81 -6.98 -53.11
N GLY P 68 39.50 -7.00 -52.86
CA GLY P 68 38.50 -7.58 -53.77
C GLY P 68 38.05 -8.98 -53.42
N GLU P 69 38.41 -9.44 -52.21
CA GLU P 69 38.11 -10.77 -51.66
C GLU P 69 36.61 -10.91 -51.28
N ASP P 70 36.10 -12.15 -51.27
CA ASP P 70 34.71 -12.46 -50.90
C ASP P 70 34.53 -12.12 -49.42
N THR P 71 33.34 -11.63 -49.00
CA THR P 71 33.14 -11.33 -47.56
C THR P 71 33.06 -12.65 -46.81
N PRO P 72 33.64 -12.74 -45.59
CA PRO P 72 33.53 -14.00 -44.84
C PRO P 72 32.08 -14.25 -44.38
N ASP P 73 31.27 -13.15 -44.25
CA ASP P 73 29.86 -13.12 -43.87
C ASP P 73 29.03 -14.26 -44.46
N LEU P 74 28.17 -14.84 -43.60
CA LEU P 74 27.32 -15.99 -43.94
C LEU P 74 26.09 -15.61 -44.76
N LYS P 75 25.81 -14.29 -44.88
CA LYS P 75 24.74 -13.78 -45.73
C LYS P 75 25.15 -13.95 -47.21
N TYR P 76 26.44 -13.69 -47.52
CA TYR P 76 26.99 -13.83 -48.87
C TYR P 76 27.28 -15.29 -49.09
N LYS P 77 26.45 -15.92 -49.95
CA LYS P 77 26.49 -17.34 -50.28
C LYS P 77 27.40 -17.69 -51.47
N GLY P 78 27.72 -16.72 -52.33
CA GLY P 78 28.62 -16.93 -53.46
C GLY P 78 28.35 -16.08 -54.70
N GLU P 79 27.52 -15.04 -54.57
CA GLU P 79 27.10 -14.09 -55.60
C GLU P 79 28.28 -13.45 -56.42
N PRO P 80 28.09 -12.97 -57.68
CA PRO P 80 29.23 -12.42 -58.44
C PRO P 80 29.35 -10.90 -58.34
N THR P 81 29.34 -10.41 -57.08
CA THR P 81 29.36 -9.00 -56.66
C THR P 81 30.66 -8.26 -57.04
N ARG P 82 30.66 -6.93 -56.87
CA ARG P 82 31.75 -6.04 -57.29
C ARG P 82 32.49 -5.29 -56.20
N LEU P 83 33.64 -4.73 -56.60
CA LEU P 83 34.48 -3.79 -55.89
C LEU P 83 34.88 -2.74 -56.91
N VAL P 84 34.77 -1.46 -56.52
CA VAL P 84 35.12 -0.32 -57.35
C VAL P 84 36.02 0.63 -56.53
N ILE P 85 37.20 0.95 -57.07
CA ILE P 85 38.16 1.86 -56.44
C ILE P 85 38.53 2.97 -57.44
N GLY P 86 38.40 4.21 -56.98
CA GLY P 86 38.67 5.41 -57.76
C GLY P 86 40.15 5.69 -57.97
N ASP P 87 40.46 6.95 -58.23
CA ASP P 87 41.83 7.38 -58.50
C ASP P 87 42.54 7.96 -57.25
N HIS P 88 43.89 8.06 -57.32
CA HIS P 88 44.83 8.61 -56.33
C HIS P 88 44.67 8.16 -54.86
N ASN P 89 44.27 6.89 -54.66
CA ASN P 89 44.13 6.32 -53.32
C ASN P 89 45.43 5.65 -52.87
N VAL P 90 45.68 5.64 -51.55
CA VAL P 90 46.85 5.01 -50.95
C VAL P 90 46.36 3.92 -49.99
N ILE P 91 46.31 2.68 -50.50
CA ILE P 91 45.93 1.51 -49.70
C ILE P 91 47.24 0.99 -49.11
N ARG P 92 47.46 1.25 -47.81
CA ARG P 92 48.71 0.86 -47.16
C ARG P 92 48.80 -0.66 -46.90
N GLU P 93 49.87 -1.12 -46.20
CA GLU P 93 50.18 -2.53 -45.95
C GLU P 93 49.12 -3.27 -45.13
N GLY P 94 48.67 -4.39 -45.69
CA GLY P 94 47.72 -5.28 -45.03
C GLY P 94 46.29 -4.80 -44.96
N VAL P 95 45.88 -3.90 -45.86
CA VAL P 95 44.49 -3.41 -45.90
C VAL P 95 43.58 -4.52 -46.50
N THR P 96 42.44 -4.82 -45.83
CA THR P 96 41.47 -5.81 -46.30
C THR P 96 40.25 -5.10 -46.85
N ILE P 97 40.00 -5.27 -48.14
CA ILE P 97 38.85 -4.68 -48.83
C ILE P 97 38.01 -5.85 -49.42
N HIS P 98 36.70 -5.93 -49.08
CA HIS P 98 35.81 -6.99 -49.59
C HIS P 98 34.78 -6.49 -50.60
N ARG P 99 34.31 -7.39 -51.48
CA ARG P 99 33.30 -7.09 -52.52
C ARG P 99 31.92 -7.14 -51.89
N GLY P 100 30.98 -6.36 -52.45
CA GLY P 100 29.61 -6.24 -51.94
C GLY P 100 28.80 -7.52 -51.78
N THR P 101 27.53 -7.37 -51.39
CA THR P 101 26.57 -8.47 -51.22
C THR P 101 25.32 -8.09 -52.00
N VAL P 102 24.78 -9.04 -52.77
CA VAL P 102 23.59 -8.87 -53.63
C VAL P 102 22.33 -8.32 -52.88
N GLN P 103 22.43 -8.26 -51.51
CA GLN P 103 21.44 -7.79 -50.55
C GLN P 103 21.29 -6.28 -50.52
N ASP P 104 22.39 -5.55 -50.76
CA ASP P 104 22.41 -4.09 -50.82
C ASP P 104 22.37 -3.74 -52.32
N ARG P 105 23.49 -3.29 -52.90
CA ARG P 105 23.53 -3.02 -54.33
C ARG P 105 24.70 -3.80 -55.02
N ALA P 106 25.09 -4.96 -54.39
CA ALA P 106 26.13 -5.91 -54.85
C ALA P 106 27.46 -5.26 -55.22
N GLU P 107 27.95 -4.31 -54.38
CA GLU P 107 29.18 -3.56 -54.67
C GLU P 107 29.72 -2.77 -53.47
N THR P 108 31.07 -2.82 -53.27
CA THR P 108 31.83 -2.03 -52.29
C THR P 108 32.49 -0.93 -53.13
N THR P 109 32.38 0.34 -52.70
CA THR P 109 32.91 1.43 -53.51
C THR P 109 33.86 2.38 -52.73
N ILE P 110 34.94 2.80 -53.41
CA ILE P 110 35.95 3.74 -52.93
C ILE P 110 36.18 4.82 -54.03
N GLY P 111 36.14 6.09 -53.64
CA GLY P 111 36.33 7.23 -54.54
C GLY P 111 37.78 7.61 -54.71
N ASP P 112 38.05 8.91 -54.84
CA ASP P 112 39.41 9.40 -55.06
C ASP P 112 40.10 9.94 -53.81
N HIS P 113 41.44 10.04 -53.89
CA HIS P 113 42.32 10.60 -52.88
C HIS P 113 42.12 10.15 -51.45
N ASN P 114 41.84 8.88 -51.21
CA ASN P 114 41.72 8.43 -49.83
C ASN P 114 43.03 7.84 -49.36
N LEU P 115 43.26 7.87 -48.04
CA LEU P 115 44.43 7.26 -47.44
C LEU P 115 43.87 6.22 -46.49
N ILE P 116 44.07 4.95 -46.82
CA ILE P 116 43.59 3.85 -46.00
C ILE P 116 44.85 3.15 -45.52
N MET P 117 45.29 3.48 -44.27
CA MET P 117 46.52 2.98 -43.63
C MET P 117 46.48 1.51 -43.28
N ALA P 118 47.60 1.01 -42.74
CA ALA P 118 47.81 -0.38 -42.36
C ALA P 118 46.65 -1.08 -41.63
N TYR P 119 46.46 -2.37 -41.97
CA TYR P 119 45.53 -3.35 -41.37
C TYR P 119 44.06 -2.87 -41.23
N ALA P 120 43.75 -1.68 -41.80
CA ALA P 120 42.41 -1.12 -41.84
C ALA P 120 41.54 -2.02 -42.72
N HIS P 121 40.31 -2.24 -42.32
CA HIS P 121 39.37 -3.10 -43.01
C HIS P 121 38.16 -2.32 -43.55
N ILE P 122 37.82 -2.54 -44.84
CA ILE P 122 36.67 -1.95 -45.52
C ILE P 122 35.81 -3.11 -45.99
N GLY P 123 34.80 -3.44 -45.18
CA GLY P 123 33.89 -4.56 -45.42
C GLY P 123 32.84 -4.29 -46.47
N HIS P 124 32.18 -5.37 -46.95
CA HIS P 124 31.12 -5.42 -47.98
C HIS P 124 30.12 -4.25 -48.00
N ASP P 125 29.86 -3.74 -49.23
CA ASP P 125 28.90 -2.68 -49.56
C ASP P 125 29.20 -1.32 -48.90
N SER P 126 30.43 -1.15 -48.36
CA SER P 126 30.86 0.10 -47.76
C SER P 126 31.13 1.09 -48.88
N VAL P 127 30.91 2.39 -48.60
CA VAL P 127 31.02 3.45 -49.61
C VAL P 127 31.92 4.62 -49.15
N ILE P 128 33.16 4.68 -49.64
CA ILE P 128 34.10 5.74 -49.30
C ILE P 128 34.07 6.81 -50.40
N GLY P 129 34.05 8.06 -49.96
CA GLY P 129 33.99 9.21 -50.86
C GLY P 129 35.37 9.64 -51.30
N ASN P 130 35.65 10.93 -51.14
CA ASN P 130 36.97 11.45 -51.52
C ASN P 130 37.68 12.02 -50.30
N HIS P 131 39.01 12.06 -50.36
CA HIS P 131 39.89 12.64 -49.35
C HIS P 131 39.62 12.18 -47.88
N CYS P 132 39.26 10.90 -47.71
CA CYS P 132 39.06 10.28 -46.40
C CYS P 132 40.40 9.77 -45.87
N ILE P 133 40.71 10.02 -44.59
CA ILE P 133 41.88 9.43 -43.96
C ILE P 133 41.31 8.36 -43.03
N LEU P 134 41.68 7.09 -43.24
CA LEU P 134 41.27 5.95 -42.41
C LEU P 134 42.57 5.39 -41.77
N VAL P 135 42.84 5.79 -40.53
CA VAL P 135 44.08 5.42 -39.82
C VAL P 135 44.13 3.88 -39.51
N ASN P 136 45.30 3.39 -39.04
CA ASN P 136 45.64 1.99 -38.76
C ASN P 136 44.56 1.18 -38.09
N ASN P 137 44.31 -0.02 -38.62
CA ASN P 137 43.34 -1.01 -38.13
C ASN P 137 41.87 -0.51 -38.06
N THR P 138 41.52 0.63 -38.71
CA THR P 138 40.13 1.13 -38.79
C THR P 138 39.31 0.08 -39.54
N ALA P 139 38.31 -0.53 -38.90
CA ALA P 139 37.50 -1.53 -39.59
C ALA P 139 36.00 -1.20 -39.70
N LEU P 140 35.45 -1.33 -40.92
CA LEU P 140 34.03 -1.09 -41.23
C LEU P 140 33.35 -2.44 -41.39
N ALA P 141 32.32 -2.69 -40.58
CA ALA P 141 31.61 -3.96 -40.54
C ALA P 141 30.92 -4.32 -41.85
N GLY P 142 30.55 -3.28 -42.59
CA GLY P 142 29.86 -3.40 -43.86
C GLY P 142 28.73 -2.40 -43.97
N HIS P 143 28.32 -2.09 -45.22
CA HIS P 143 27.26 -1.13 -45.56
C HIS P 143 27.47 0.27 -44.90
N VAL P 144 28.73 0.54 -44.41
CA VAL P 144 29.19 1.77 -43.76
C VAL P 144 29.49 2.80 -44.84
N HIS P 145 29.03 4.06 -44.71
CA HIS P 145 29.31 5.09 -45.72
C HIS P 145 30.15 6.19 -45.14
N VAL P 146 31.32 6.44 -45.73
CA VAL P 146 32.26 7.46 -45.27
C VAL P 146 32.32 8.66 -46.28
N ASP P 147 31.50 9.69 -45.99
CA ASP P 147 31.38 10.94 -46.75
C ASP P 147 32.74 11.64 -46.78
N ASP P 148 33.00 12.47 -47.82
CA ASP P 148 34.26 13.19 -48.06
C ASP P 148 34.93 13.83 -46.85
N TRP P 149 36.27 13.94 -46.91
CA TRP P 149 37.12 14.60 -45.93
C TRP P 149 37.01 14.08 -44.49
N ALA P 150 36.41 12.89 -44.32
CA ALA P 150 36.29 12.33 -42.96
C ALA P 150 37.63 11.79 -42.52
N ILE P 151 37.85 11.78 -41.19
CA ILE P 151 39.07 11.27 -40.57
C ILE P 151 38.67 10.30 -39.48
N LEU P 152 38.97 9.04 -39.67
CA LEU P 152 38.70 8.00 -38.70
C LEU P 152 40.08 7.67 -38.15
N SER P 153 40.32 7.95 -36.85
CA SER P 153 41.59 7.72 -36.15
C SER P 153 41.89 6.24 -36.03
N GLY P 154 43.11 5.90 -35.61
CA GLY P 154 43.54 4.51 -35.44
C GLY P 154 42.57 3.66 -34.66
N TYR P 155 42.35 2.43 -35.14
CA TYR P 155 41.48 1.40 -34.56
C TYR P 155 40.03 1.91 -34.28
N THR P 156 39.49 2.76 -35.21
CA THR P 156 38.10 3.24 -35.15
C THR P 156 37.26 2.08 -35.69
N LEU P 157 36.31 1.63 -34.89
CA LEU P 157 35.48 0.50 -35.26
C LEU P 157 34.13 1.05 -35.64
N VAL P 158 33.57 0.57 -36.76
CA VAL P 158 32.29 1.10 -37.21
C VAL P 158 31.33 -0.03 -37.46
N HIS P 159 30.22 -0.03 -36.71
CA HIS P 159 29.13 -1.01 -36.83
C HIS P 159 28.52 -0.94 -38.22
N GLN P 160 27.90 -2.03 -38.67
CA GLN P 160 27.25 -2.11 -39.97
C GLN P 160 26.21 -1.00 -40.17
N TYR P 161 26.09 -0.50 -41.41
CA TYR P 161 25.10 0.48 -41.88
C TYR P 161 25.32 1.94 -41.44
N CYS P 162 26.19 2.18 -40.44
CA CYS P 162 26.52 3.51 -39.92
C CYS P 162 27.04 4.38 -41.03
N ARG P 163 26.59 5.64 -41.09
CA ARG P 163 27.06 6.57 -42.09
C ARG P 163 27.81 7.69 -41.38
N ILE P 164 29.11 7.82 -41.68
CA ILE P 164 30.05 8.82 -41.15
C ILE P 164 29.99 10.06 -42.06
N GLY P 165 29.74 11.21 -41.45
CA GLY P 165 29.52 12.46 -42.16
C GLY P 165 30.75 13.12 -42.74
N ALA P 166 30.52 14.14 -43.59
CA ALA P 166 31.58 14.92 -44.25
C ALA P 166 32.34 15.71 -43.21
N HIS P 167 33.66 15.70 -43.32
CA HIS P 167 34.58 16.38 -42.40
C HIS P 167 34.53 15.85 -40.97
N SER P 168 33.66 14.86 -40.69
CA SER P 168 33.57 14.29 -39.35
C SER P 168 34.83 13.52 -38.95
N PHE P 169 35.16 13.55 -37.67
CA PHE P 169 36.33 12.93 -37.08
C PHE P 169 35.99 12.01 -35.88
N SER P 170 36.58 10.80 -35.85
CA SER P 170 36.43 9.87 -34.74
C SER P 170 37.78 9.75 -34.03
N GLY P 171 37.78 9.75 -32.70
CA GLY P 171 38.99 9.62 -31.90
C GLY P 171 39.55 8.22 -31.99
N MET P 172 40.76 7.98 -31.44
CA MET P 172 41.29 6.62 -31.59
C MET P 172 40.52 5.67 -30.71
N GLY P 173 40.34 4.45 -31.21
CA GLY P 173 39.60 3.40 -30.52
C GLY P 173 38.12 3.67 -30.34
N SER P 174 37.51 4.52 -31.20
CA SER P 174 36.09 4.87 -31.21
C SER P 174 35.23 3.69 -31.66
N ALA P 175 34.06 3.49 -31.00
CA ALA P 175 33.12 2.43 -31.35
C ALA P 175 31.83 3.03 -31.89
N ILE P 176 31.87 3.41 -33.16
CA ILE P 176 30.74 4.04 -33.83
C ILE P 176 29.60 3.00 -34.00
N GLY P 177 28.52 3.22 -33.25
CA GLY P 177 27.33 2.37 -33.27
C GLY P 177 26.13 3.00 -33.94
N LYS P 178 26.09 4.35 -33.96
CA LYS P 178 25.06 5.13 -34.62
C LYS P 178 25.78 6.12 -35.57
N ASP P 179 25.05 6.89 -36.39
CA ASP P 179 25.65 7.83 -37.34
C ASP P 179 26.48 8.94 -36.71
N VAL P 180 27.56 9.34 -37.39
CA VAL P 180 28.36 10.50 -36.98
C VAL P 180 27.93 11.60 -37.95
N PRO P 181 27.19 12.65 -37.49
CA PRO P 181 26.76 13.71 -38.43
C PRO P 181 27.97 14.45 -39.02
N ALA P 182 27.76 15.31 -40.02
CA ALA P 182 28.88 16.02 -40.62
C ALA P 182 29.62 16.90 -39.60
N TYR P 183 30.96 17.02 -39.73
CA TYR P 183 31.86 17.83 -38.88
C TYR P 183 31.98 17.40 -37.40
N VAL P 184 31.08 16.56 -36.87
CA VAL P 184 31.08 16.15 -35.44
C VAL P 184 32.28 15.27 -35.06
N THR P 185 32.89 15.55 -33.88
CA THR P 185 33.98 14.74 -33.34
C THR P 185 33.42 13.79 -32.29
N VAL P 186 33.68 12.49 -32.47
CA VAL P 186 33.16 11.40 -31.64
C VAL P 186 34.25 10.60 -30.96
N PHE P 187 34.06 10.21 -29.69
CA PHE P 187 35.12 9.50 -28.97
C PHE P 187 34.64 8.39 -28.00
N GLY P 188 35.45 7.33 -27.90
CA GLY P 188 35.25 6.25 -26.96
C GLY P 188 34.40 5.08 -27.40
N ASN P 189 34.24 4.13 -26.48
CA ASN P 189 33.46 2.93 -26.68
C ASN P 189 32.34 2.99 -25.66
N PRO P 190 31.12 3.32 -26.09
CA PRO P 190 30.72 3.64 -27.48
C PRO P 190 30.90 5.12 -27.81
N ALA P 191 31.20 5.43 -29.09
CA ALA P 191 31.40 6.78 -29.62
C ALA P 191 30.33 7.75 -29.11
N GLU P 192 30.77 8.88 -28.52
CA GLU P 192 29.92 9.95 -27.98
C GLU P 192 30.40 11.29 -28.59
N ALA P 193 29.46 12.21 -28.92
CA ALA P 193 29.80 13.51 -29.51
C ALA P 193 30.54 14.37 -28.50
N ARG P 194 31.63 15.03 -28.95
CA ARG P 194 32.47 15.88 -28.10
C ARG P 194 32.40 17.35 -28.48
N SER P 195 32.59 17.67 -29.79
CA SER P 195 32.55 19.01 -30.40
C SER P 195 32.53 18.86 -31.94
N MET P 196 33.13 19.82 -32.64
CA MET P 196 33.21 19.81 -34.10
C MET P 196 34.68 19.78 -34.55
N ASN P 197 34.91 19.32 -35.78
CA ASN P 197 36.23 19.26 -36.38
C ASN P 197 36.54 20.66 -36.89
N PHE P 198 36.95 21.58 -35.97
CA PHE P 198 37.28 22.95 -36.34
C PHE P 198 38.56 23.03 -37.16
N GLU P 199 39.49 22.07 -36.98
CA GLU P 199 40.73 22.04 -37.76
C GLU P 199 40.42 21.78 -39.23
N GLY P 200 39.58 20.78 -39.49
CA GLY P 200 39.15 20.44 -40.83
C GLY P 200 38.44 21.58 -41.55
N MET P 201 37.82 22.48 -40.77
CA MET P 201 37.07 23.63 -41.30
C MET P 201 38.03 24.69 -41.81
N ARG P 202 39.12 25.01 -41.05
CA ARG P 202 40.12 26.01 -41.48
C ARG P 202 40.91 25.50 -42.64
N ARG P 203 41.29 24.20 -42.60
CA ARG P 203 41.99 23.50 -43.68
C ARG P 203 41.16 23.60 -44.99
N ARG P 204 39.82 23.76 -44.88
CA ARG P 204 38.91 23.87 -46.02
C ARG P 204 38.54 25.31 -46.35
N GLY P 205 39.22 26.25 -45.71
CA GLY P 205 39.04 27.69 -45.93
C GLY P 205 37.67 28.26 -45.64
N PHE P 206 36.94 27.68 -44.67
CA PHE P 206 35.60 28.09 -44.22
C PHE P 206 35.62 29.51 -43.62
N SER P 207 34.53 30.29 -43.86
CA SER P 207 34.38 31.65 -43.32
C SER P 207 34.19 31.58 -41.83
N SER P 208 34.82 32.50 -41.08
CA SER P 208 34.67 32.56 -39.61
C SER P 208 33.18 32.70 -39.19
N GLU P 209 32.34 33.22 -40.11
CA GLU P 209 30.91 33.39 -39.98
C GLU P 209 30.24 32.01 -39.91
N ALA P 210 30.71 31.05 -40.77
CA ALA P 210 30.24 29.66 -40.87
C ALA P 210 30.84 28.77 -39.80
N ILE P 211 32.14 28.97 -39.45
CA ILE P 211 32.81 28.19 -38.41
C ILE P 211 32.00 28.32 -37.12
N HIS P 212 31.53 29.53 -36.82
CA HIS P 212 30.72 29.81 -35.64
C HIS P 212 29.28 29.30 -35.77
N ALA P 213 28.66 29.42 -36.98
CA ALA P 213 27.29 28.96 -37.26
C ALA P 213 27.15 27.46 -37.12
N LEU P 214 28.25 26.75 -37.41
CA LEU P 214 28.36 25.30 -37.24
C LEU P 214 28.57 24.97 -35.75
N ARG P 215 29.23 25.85 -34.95
CA ARG P 215 29.37 25.62 -33.52
C ARG P 215 28.02 25.86 -32.85
N ARG P 216 27.39 27.03 -33.12
CA ARG P 216 26.07 27.35 -32.59
C ARG P 216 25.03 26.26 -32.95
N ALA P 217 25.24 25.59 -34.13
CA ALA P 217 24.45 24.47 -34.63
C ALA P 217 24.64 23.23 -33.77
N TYR P 218 25.90 22.77 -33.50
CA TYR P 218 26.21 21.59 -32.66
C TYR P 218 25.46 21.79 -31.36
N LYS P 219 25.62 23.00 -30.77
CA LYS P 219 24.97 23.44 -29.54
C LYS P 219 23.45 23.19 -29.60
N VAL P 220 22.74 23.64 -30.68
CA VAL P 220 21.30 23.38 -30.87
C VAL P 220 20.97 21.89 -30.73
N VAL P 221 21.73 21.02 -31.47
CA VAL P 221 21.52 19.58 -31.46
C VAL P 221 21.78 18.98 -30.05
N TYR P 222 23.05 18.97 -29.66
CA TYR P 222 23.56 18.36 -28.45
C TYR P 222 23.38 19.16 -27.13
N ARG P 223 24.17 20.23 -26.93
CA ARG P 223 24.23 21.03 -25.70
C ARG P 223 22.96 21.86 -25.36
N GLN P 224 21.91 21.87 -26.21
CA GLN P 224 20.70 22.67 -25.93
C GLN P 224 19.54 21.86 -25.40
N GLY P 225 19.65 20.54 -25.48
CA GLY P 225 18.64 19.62 -24.98
C GLY P 225 17.30 19.79 -25.66
N HIS P 226 17.26 19.39 -26.91
CA HIS P 226 16.07 19.43 -27.73
C HIS P 226 15.96 18.02 -28.26
N THR P 227 14.77 17.64 -28.74
CA THR P 227 14.63 16.36 -29.42
C THR P 227 15.37 16.49 -30.76
N VAL P 228 15.68 15.36 -31.43
CA VAL P 228 16.36 15.40 -32.73
C VAL P 228 15.46 16.15 -33.70
N GLU P 229 14.13 15.91 -33.60
CA GLU P 229 13.08 16.55 -34.40
C GLU P 229 13.02 18.06 -34.13
N GLU P 230 13.08 18.45 -32.84
CA GLU P 230 13.07 19.84 -32.33
C GLU P 230 14.30 20.63 -32.82
N ALA P 231 15.48 19.97 -32.77
CA ALA P 231 16.77 20.54 -33.16
C ALA P 231 16.76 20.83 -34.63
N LEU P 232 16.32 19.82 -35.45
CA LEU P 232 16.25 19.86 -36.92
C LEU P 232 15.37 21.00 -37.38
N ALA P 233 14.31 21.31 -36.57
CA ALA P 233 13.37 22.38 -36.81
C ALA P 233 14.05 23.74 -36.63
N GLU P 234 14.80 23.91 -35.52
CA GLU P 234 15.57 25.12 -35.18
C GLU P 234 16.66 25.43 -36.25
N LEU P 235 17.44 24.40 -36.65
CA LEU P 235 18.50 24.44 -37.64
C LEU P 235 18.07 24.90 -39.05
N ALA P 236 16.75 25.07 -39.32
CA ALA P 236 16.24 25.48 -40.65
C ALA P 236 16.74 26.83 -41.14
N GLU P 237 16.98 27.76 -40.19
CA GLU P 237 17.47 29.11 -40.46
C GLU P 237 18.94 29.07 -40.80
N SER P 238 19.80 28.58 -39.87
CA SER P 238 21.25 28.47 -40.06
C SER P 238 21.60 27.62 -41.27
N ALA P 239 20.67 26.74 -41.70
CA ALA P 239 20.83 25.90 -42.88
C ALA P 239 20.53 26.70 -44.14
N ALA P 240 19.59 27.66 -44.05
CA ALA P 240 19.23 28.50 -45.22
C ALA P 240 20.31 29.53 -45.44
N GLN P 241 20.88 30.08 -44.34
CA GLN P 241 21.92 31.10 -44.35
C GLN P 241 23.28 30.57 -44.80
N PHE P 242 23.65 29.36 -44.37
CA PHE P 242 24.94 28.74 -44.70
C PHE P 242 24.83 27.34 -45.26
N PRO P 243 25.36 27.12 -46.48
CA PRO P 243 25.39 25.76 -47.04
C PRO P 243 26.19 24.80 -46.16
N GLU P 244 27.14 25.35 -45.39
CA GLU P 244 27.97 24.57 -44.48
C GLU P 244 27.13 23.95 -43.35
N VAL P 245 26.07 24.65 -42.90
CA VAL P 245 25.17 24.16 -41.84
C VAL P 245 24.07 23.22 -42.45
N ALA P 246 23.73 23.39 -43.74
CA ALA P 246 22.80 22.50 -44.43
C ALA P 246 23.43 21.11 -44.57
N VAL P 247 24.76 21.02 -44.68
CA VAL P 247 25.51 19.78 -44.76
C VAL P 247 25.27 18.97 -43.47
N PHE P 248 25.35 19.68 -42.32
CA PHE P 248 25.09 19.18 -40.97
C PHE P 248 23.60 18.87 -40.76
N ARG P 249 22.66 19.78 -41.15
CA ARG P 249 21.22 19.55 -41.00
C ARG P 249 20.73 18.38 -41.84
N ASP P 250 21.25 18.24 -43.06
CA ASP P 250 20.89 17.14 -43.95
C ASP P 250 21.47 15.80 -43.45
N SER P 251 22.62 15.83 -42.74
CA SER P 251 23.26 14.63 -42.17
C SER P 251 22.48 14.04 -41.00
N ILE P 252 21.82 14.93 -40.22
CA ILE P 252 20.97 14.60 -39.08
C ILE P 252 19.59 14.21 -39.63
N GLN P 253 19.14 14.91 -40.68
CA GLN P 253 17.89 14.68 -41.40
C GLN P 253 17.81 13.22 -41.85
N SER P 254 18.74 12.81 -42.74
CA SER P 254 18.83 11.46 -43.30
C SER P 254 19.07 10.33 -42.26
N ALA P 255 19.85 10.58 -41.19
CA ALA P 255 20.17 9.59 -40.16
C ALA P 255 19.01 9.22 -39.26
N THR P 256 17.96 10.08 -39.17
CA THR P 256 16.80 9.82 -38.30
C THR P 256 15.46 9.76 -39.11
N ARG P 257 14.51 8.87 -38.70
CA ARG P 257 13.16 8.75 -39.27
C ARG P 257 12.11 8.33 -38.24
N GLY P 258 12.40 7.25 -37.50
CA GLY P 258 11.58 6.75 -36.41
C GLY P 258 10.19 6.26 -36.75
N ILE P 259 9.49 5.74 -35.73
CA ILE P 259 8.15 5.17 -35.81
C ILE P 259 7.03 6.11 -35.35
N THR P 260 5.91 6.07 -36.06
CA THR P 260 4.72 6.86 -35.78
C THR P 260 4.20 6.51 -34.40
N ARG P 261 3.78 7.52 -33.62
CA ARG P 261 3.13 7.31 -32.32
C ARG P 261 2.10 8.38 -32.05
N MET Q 4 -46.95 -75.86 14.60
CA MET Q 4 -45.99 -75.19 15.48
C MET Q 4 -46.69 -74.64 16.73
N SER Q 5 -46.29 -75.15 17.93
CA SER Q 5 -46.81 -74.70 19.23
C SER Q 5 -45.95 -73.48 19.59
N LEU Q 6 -46.58 -72.35 19.99
CA LEU Q 6 -45.99 -71.04 20.36
C LEU Q 6 -44.48 -71.06 20.51
N ILE Q 7 -43.98 -71.87 21.46
CA ILE Q 7 -42.55 -72.04 21.75
C ILE Q 7 -41.91 -72.97 20.72
N ASP Q 8 -41.02 -72.42 19.86
CA ASP Q 8 -40.30 -73.17 18.82
C ASP Q 8 -39.46 -74.29 19.47
N PRO Q 9 -39.48 -75.55 18.94
CA PRO Q 9 -38.68 -76.62 19.57
C PRO Q 9 -37.18 -76.32 19.66
N ARG Q 10 -36.64 -75.57 18.66
CA ARG Q 10 -35.23 -75.18 18.61
C ARG Q 10 -34.84 -74.19 19.71
N ALA Q 11 -35.83 -73.74 20.53
CA ALA Q 11 -35.61 -72.83 21.66
C ALA Q 11 -35.36 -73.62 22.94
N ILE Q 12 -34.46 -73.14 23.83
CA ILE Q 12 -34.16 -73.79 25.10
C ILE Q 12 -34.92 -73.07 26.22
N ILE Q 13 -35.95 -73.73 26.81
CA ILE Q 13 -36.72 -73.17 27.92
C ILE Q 13 -36.36 -73.94 29.19
N ASP Q 14 -35.78 -73.23 30.17
CA ASP Q 14 -35.33 -73.82 31.43
C ASP Q 14 -36.50 -74.29 32.32
N PRO Q 15 -36.35 -75.37 33.13
CA PRO Q 15 -37.48 -75.80 34.00
C PRO Q 15 -37.94 -74.76 35.03
N SER Q 16 -37.01 -73.88 35.51
CA SER Q 16 -37.30 -72.83 36.48
C SER Q 16 -37.70 -71.52 35.81
N ALA Q 17 -38.00 -71.59 34.49
CA ALA Q 17 -38.50 -70.50 33.66
C ALA Q 17 -40.02 -70.59 33.73
N ARG Q 18 -40.69 -69.45 33.92
CA ARG Q 18 -42.14 -69.44 34.06
C ARG Q 18 -42.78 -68.49 33.03
N LEU Q 19 -43.11 -69.07 31.88
CA LEU Q 19 -43.72 -68.42 30.73
C LEU Q 19 -45.24 -68.58 30.84
N ALA Q 20 -45.99 -67.53 30.50
CA ALA Q 20 -47.44 -67.53 30.58
C ALA Q 20 -48.10 -68.13 29.32
N ALA Q 21 -49.46 -68.14 29.29
CA ALA Q 21 -50.35 -68.70 28.26
C ALA Q 21 -49.83 -68.55 26.79
N ASP Q 22 -50.15 -67.45 26.11
CA ASP Q 22 -49.81 -67.26 24.71
C ASP Q 22 -48.46 -66.60 24.47
N VAL Q 23 -47.43 -67.07 25.20
CA VAL Q 23 -46.06 -66.56 25.05
C VAL Q 23 -45.38 -67.29 23.88
N GLN Q 24 -44.89 -66.55 22.86
CA GLN Q 24 -44.21 -67.14 21.70
C GLN Q 24 -42.71 -66.98 21.86
N VAL Q 25 -41.95 -68.04 21.59
CA VAL Q 25 -40.49 -68.06 21.65
C VAL Q 25 -40.00 -68.57 20.29
N GLY Q 26 -39.21 -67.74 19.60
CA GLY Q 26 -38.65 -68.05 18.28
C GLY Q 26 -37.57 -69.14 18.29
N PRO Q 27 -37.11 -69.63 17.12
CA PRO Q 27 -36.05 -70.67 17.14
C PRO Q 27 -34.68 -70.16 17.61
N TRP Q 28 -33.90 -71.07 18.23
CA TRP Q 28 -32.54 -70.85 18.74
C TRP Q 28 -32.43 -69.76 19.82
N SER Q 29 -33.51 -69.56 20.61
CA SER Q 29 -33.56 -68.63 21.73
C SER Q 29 -33.29 -69.41 23.01
N ILE Q 30 -32.76 -68.74 24.06
CA ILE Q 30 -32.46 -69.39 25.35
C ILE Q 30 -33.18 -68.68 26.52
N VAL Q 31 -34.29 -69.27 27.03
CA VAL Q 31 -34.98 -68.73 28.21
C VAL Q 31 -34.38 -69.47 29.37
N GLY Q 32 -33.49 -68.79 30.07
CA GLY Q 32 -32.76 -69.33 31.20
C GLY Q 32 -33.60 -69.53 32.45
N ALA Q 33 -32.92 -69.94 33.51
CA ALA Q 33 -33.53 -70.17 34.81
C ALA Q 33 -33.98 -68.83 35.39
N GLU Q 34 -35.06 -68.85 36.20
CA GLU Q 34 -35.64 -67.71 36.92
C GLU Q 34 -36.25 -66.60 36.02
N VAL Q 35 -36.36 -66.85 34.70
CA VAL Q 35 -36.97 -65.89 33.78
C VAL Q 35 -38.48 -66.15 33.79
N GLU Q 36 -39.24 -65.14 34.22
CA GLU Q 36 -40.70 -65.14 34.26
C GLU Q 36 -41.14 -64.29 33.06
N ILE Q 37 -42.06 -64.80 32.20
CA ILE Q 37 -42.55 -64.06 31.03
C ILE Q 37 -44.09 -64.00 31.01
N GLY Q 38 -44.63 -62.78 31.04
CA GLY Q 38 -46.06 -62.50 31.06
C GLY Q 38 -46.78 -62.72 29.75
N GLU Q 39 -48.10 -62.94 29.84
CA GLU Q 39 -49.06 -63.20 28.77
C GLU Q 39 -48.96 -62.23 27.59
N GLY Q 40 -49.10 -62.74 26.37
CA GLY Q 40 -49.08 -61.92 25.17
C GLY Q 40 -47.72 -61.76 24.50
N THR Q 41 -46.67 -61.49 25.32
CA THR Q 41 -45.25 -61.31 24.97
C THR Q 41 -44.76 -62.29 23.90
N VAL Q 42 -43.93 -61.78 22.98
CA VAL Q 42 -43.33 -62.52 21.88
C VAL Q 42 -41.82 -62.30 21.88
N ILE Q 43 -41.07 -63.39 22.03
CA ILE Q 43 -39.60 -63.42 22.03
C ILE Q 43 -39.21 -64.04 20.69
N GLY Q 44 -38.48 -63.28 19.88
CA GLY Q 44 -38.10 -63.66 18.53
C GLY Q 44 -37.03 -64.73 18.42
N PRO Q 45 -36.35 -64.85 17.25
CA PRO Q 45 -35.28 -65.86 17.13
C PRO Q 45 -33.99 -65.36 17.81
N HIS Q 46 -33.00 -66.24 18.06
CA HIS Q 46 -31.69 -65.90 18.66
C HIS Q 46 -31.74 -64.87 19.83
N VAL Q 47 -32.70 -65.02 20.76
CA VAL Q 47 -32.80 -64.13 21.92
C VAL Q 47 -32.13 -64.85 23.11
N VAL Q 48 -31.55 -64.10 24.03
CA VAL Q 48 -30.93 -64.69 25.21
C VAL Q 48 -31.48 -63.97 26.42
N LEU Q 49 -32.27 -64.69 27.21
CA LEU Q 49 -32.82 -64.18 28.45
C LEU Q 49 -32.18 -64.95 29.62
N LYS Q 50 -31.67 -64.22 30.64
CA LYS Q 50 -31.01 -64.77 31.84
C LYS Q 50 -31.75 -64.26 33.12
N GLY Q 51 -31.98 -65.14 34.10
CA GLY Q 51 -32.65 -64.77 35.33
C GLY Q 51 -31.72 -64.36 36.45
N PRO Q 52 -32.20 -63.81 37.60
CA PRO Q 52 -33.59 -63.48 37.97
C PRO Q 52 -34.13 -62.31 37.12
N THR Q 53 -35.21 -62.56 36.36
CA THR Q 53 -35.83 -61.60 35.44
C THR Q 53 -37.37 -61.79 35.34
N LYS Q 54 -38.13 -60.69 35.45
CA LYS Q 54 -39.60 -60.70 35.32
C LYS Q 54 -40.03 -59.80 34.15
N ILE Q 55 -40.40 -60.40 33.01
CA ILE Q 55 -40.84 -59.67 31.81
C ILE Q 55 -42.37 -59.64 31.81
N GLY Q 56 -42.92 -58.44 31.63
CA GLY Q 56 -44.36 -58.19 31.65
C GLY Q 56 -45.17 -58.77 30.51
N LYS Q 57 -46.39 -58.24 30.36
CA LYS Q 57 -47.37 -58.61 29.34
C LYS Q 57 -47.14 -57.89 27.99
N HIS Q 58 -47.45 -58.58 26.88
CA HIS Q 58 -47.43 -58.11 25.49
C HIS Q 58 -46.17 -57.37 25.03
N ASN Q 59 -44.97 -57.85 25.42
CA ASN Q 59 -43.72 -57.22 24.99
C ASN Q 59 -43.22 -57.90 23.71
N ARG Q 60 -42.52 -57.20 22.84
CA ARG Q 60 -41.96 -57.85 21.66
C ARG Q 60 -40.41 -57.70 21.75
N ILE Q 61 -39.69 -58.81 22.07
CA ILE Q 61 -38.22 -58.82 22.21
C ILE Q 61 -37.57 -59.44 20.96
N TYR Q 62 -36.93 -58.58 20.13
CA TYR Q 62 -36.33 -58.91 18.83
C TYR Q 62 -35.01 -59.70 18.89
N GLN Q 63 -34.63 -60.27 17.73
CA GLN Q 63 -33.49 -61.14 17.49
C GLN Q 63 -32.14 -60.56 17.85
N PHE Q 64 -31.25 -61.41 18.42
CA PHE Q 64 -29.85 -61.12 18.79
C PHE Q 64 -29.66 -60.20 20.05
N SER Q 65 -30.72 -60.10 20.87
CA SER Q 65 -30.71 -59.32 22.11
C SER Q 65 -30.30 -60.19 23.29
N SER Q 66 -29.53 -59.62 24.23
CA SER Q 66 -29.11 -60.35 25.45
C SER Q 66 -29.71 -59.56 26.61
N VAL Q 67 -30.81 -60.07 27.20
CA VAL Q 67 -31.59 -59.39 28.24
C VAL Q 67 -31.60 -60.12 29.58
N GLY Q 68 -31.09 -59.45 30.61
CA GLY Q 68 -31.04 -59.96 31.97
C GLY Q 68 -29.71 -60.56 32.33
N GLU Q 69 -28.66 -60.19 31.59
CA GLU Q 69 -27.29 -60.66 31.77
C GLU Q 69 -26.59 -59.86 32.88
N ASP Q 70 -25.61 -60.47 33.57
CA ASP Q 70 -24.80 -59.85 34.63
C ASP Q 70 -24.04 -58.63 34.09
N THR Q 71 -23.82 -57.58 34.92
CA THR Q 71 -23.04 -56.44 34.44
C THR Q 71 -21.57 -56.76 34.41
N PRO Q 72 -20.85 -56.31 33.37
CA PRO Q 72 -19.41 -56.56 33.31
C PRO Q 72 -18.68 -55.83 34.43
N ASP Q 73 -19.28 -54.70 34.89
CA ASP Q 73 -18.79 -53.83 35.96
C ASP Q 73 -18.21 -54.65 37.07
N LEU Q 74 -16.95 -54.37 37.40
CA LEU Q 74 -16.16 -55.11 38.38
C LEU Q 74 -16.72 -55.04 39.83
N LYS Q 75 -17.62 -54.06 40.12
CA LYS Q 75 -18.29 -53.90 41.42
C LYS Q 75 -19.30 -55.04 41.64
N TYR Q 76 -19.85 -55.62 40.54
CA TYR Q 76 -20.81 -56.73 40.64
C TYR Q 76 -20.04 -58.02 40.85
N LYS Q 77 -20.31 -58.66 41.99
CA LYS Q 77 -19.70 -59.92 42.42
C LYS Q 77 -20.83 -60.93 42.68
N GLY Q 78 -21.25 -61.62 41.60
CA GLY Q 78 -22.28 -62.67 41.52
C GLY Q 78 -23.53 -62.61 42.38
N GLU Q 79 -23.94 -61.39 42.77
CA GLU Q 79 -25.08 -61.11 43.65
C GLU Q 79 -26.46 -61.58 43.01
N PRO Q 80 -27.51 -61.98 43.79
CA PRO Q 80 -28.78 -62.44 43.17
C PRO Q 80 -29.74 -61.32 42.75
N THR Q 81 -29.15 -60.25 42.22
CA THR Q 81 -29.77 -59.04 41.74
C THR Q 81 -30.68 -59.30 40.54
N ARG Q 82 -31.84 -58.66 40.55
CA ARG Q 82 -32.96 -58.86 39.63
C ARG Q 82 -33.09 -57.84 38.53
N LEU Q 83 -33.89 -58.18 37.49
CA LEU Q 83 -34.26 -57.35 36.33
C LEU Q 83 -35.79 -57.39 36.18
N VAL Q 84 -36.45 -56.23 35.95
CA VAL Q 84 -37.92 -56.19 35.82
C VAL Q 84 -38.36 -55.36 34.60
N ILE Q 85 -39.13 -55.99 33.66
CA ILE Q 85 -39.62 -55.32 32.44
C ILE Q 85 -41.14 -55.22 32.49
N GLY Q 86 -41.66 -54.04 32.20
CA GLY Q 86 -43.08 -53.78 32.22
C GLY Q 86 -43.80 -54.34 31.02
N ASP Q 87 -44.97 -53.76 30.74
CA ASP Q 87 -45.88 -54.14 29.67
C ASP Q 87 -45.71 -53.37 28.35
N HIS Q 88 -46.30 -53.92 27.28
CA HIS Q 88 -46.36 -53.39 25.91
C HIS Q 88 -45.12 -52.64 25.43
N ASN Q 89 -43.92 -53.22 25.62
CA ASN Q 89 -42.63 -52.62 25.20
C ASN Q 89 -42.11 -53.25 23.87
N VAL Q 90 -41.17 -52.55 23.19
CA VAL Q 90 -40.53 -53.01 21.96
C VAL Q 90 -39.00 -52.92 22.15
N ILE Q 91 -38.39 -54.05 22.53
CA ILE Q 91 -36.94 -54.16 22.72
C ILE Q 91 -36.42 -54.72 21.38
N ARG Q 92 -36.07 -53.79 20.47
CA ARG Q 92 -35.62 -54.08 19.09
C ARG Q 92 -34.32 -54.93 19.01
N GLU Q 93 -33.86 -55.28 17.80
CA GLU Q 93 -32.72 -56.17 17.55
C GLU Q 93 -31.45 -55.77 18.28
N GLY Q 94 -30.74 -56.75 18.81
CA GLY Q 94 -29.47 -56.59 19.49
C GLY Q 94 -29.40 -55.71 20.72
N VAL Q 95 -30.50 -55.53 21.46
CA VAL Q 95 -30.46 -54.69 22.67
C VAL Q 95 -29.72 -55.46 23.82
N THR Q 96 -29.13 -54.70 24.76
CA THR Q 96 -28.47 -55.26 25.93
C THR Q 96 -29.08 -54.67 27.21
N ILE Q 97 -29.72 -55.53 28.01
CA ILE Q 97 -30.33 -55.13 29.27
C ILE Q 97 -29.62 -55.92 30.36
N HIS Q 98 -29.07 -55.20 31.34
CA HIS Q 98 -28.29 -55.76 32.42
C HIS Q 98 -28.96 -55.69 33.75
N ARG Q 99 -28.77 -56.72 34.55
CA ARG Q 99 -29.37 -56.83 35.88
C ARG Q 99 -28.70 -55.90 36.86
N GLY Q 100 -29.39 -55.66 37.96
CA GLY Q 100 -28.93 -54.76 39.02
C GLY Q 100 -27.69 -55.23 39.76
N THR Q 101 -27.26 -54.41 40.74
CA THR Q 101 -26.12 -54.67 41.63
C THR Q 101 -26.56 -54.32 43.04
N VAL Q 102 -26.15 -55.15 44.00
CA VAL Q 102 -26.38 -55.07 45.45
C VAL Q 102 -26.09 -53.65 46.03
N GLN Q 103 -25.23 -52.90 45.35
CA GLN Q 103 -24.79 -51.55 45.67
C GLN Q 103 -25.90 -50.49 45.57
N ASP Q 104 -27.06 -50.79 44.92
CA ASP Q 104 -28.19 -49.85 44.81
C ASP Q 104 -29.44 -50.50 45.40
N ARG Q 105 -30.49 -50.70 44.58
CA ARG Q 105 -31.71 -51.37 45.02
C ARG Q 105 -31.66 -52.85 44.56
N ALA Q 106 -30.52 -53.26 43.95
CA ALA Q 106 -30.21 -54.59 43.42
C ALA Q 106 -31.21 -54.98 42.33
N GLU Q 107 -31.57 -53.99 41.51
CA GLU Q 107 -32.55 -54.16 40.44
C GLU Q 107 -32.42 -53.09 39.37
N THR Q 108 -32.72 -53.50 38.10
CA THR Q 108 -32.82 -52.68 36.89
C THR Q 108 -34.31 -52.79 36.48
N THR Q 109 -35.03 -51.67 36.27
CA THR Q 109 -36.46 -51.77 35.95
C THR Q 109 -36.85 -50.89 34.74
N ILE Q 110 -37.83 -51.38 33.95
CA ILE Q 110 -38.38 -50.72 32.74
C ILE Q 110 -39.91 -50.74 32.86
N GLY Q 111 -40.53 -49.59 32.63
CA GLY Q 111 -41.97 -49.42 32.71
C GLY Q 111 -42.70 -49.94 31.49
N ASP Q 112 -43.71 -49.18 31.00
CA ASP Q 112 -44.54 -49.61 29.87
C ASP Q 112 -44.43 -48.74 28.60
N HIS Q 113 -44.93 -49.27 27.47
CA HIS Q 113 -44.98 -48.62 26.14
C HIS Q 113 -43.67 -47.94 25.68
N ASN Q 114 -42.53 -48.51 26.07
CA ASN Q 114 -41.23 -47.97 25.69
C ASN Q 114 -40.71 -48.62 24.39
N LEU Q 115 -40.14 -47.80 23.48
CA LEU Q 115 -39.54 -48.27 22.23
C LEU Q 115 -38.04 -48.17 22.44
N ILE Q 116 -37.39 -49.34 22.60
CA ILE Q 116 -35.94 -49.46 22.86
C ILE Q 116 -35.32 -50.04 21.57
N MET Q 117 -34.84 -49.13 20.70
CA MET Q 117 -34.34 -49.43 19.38
C MET Q 117 -33.01 -50.22 19.37
N ALA Q 118 -32.73 -50.84 18.21
CA ALA Q 118 -31.58 -51.69 17.91
C ALA Q 118 -30.27 -51.30 18.61
N TYR Q 119 -29.51 -52.29 19.04
CA TYR Q 119 -28.17 -52.23 19.67
C TYR Q 119 -27.99 -51.26 20.90
N ALA Q 120 -29.09 -50.64 21.41
CA ALA Q 120 -29.10 -49.79 22.61
C ALA Q 120 -28.69 -50.62 23.84
N HIS Q 121 -28.27 -49.95 24.92
CA HIS Q 121 -27.80 -50.58 26.15
C HIS Q 121 -28.35 -49.89 27.42
N ILE Q 122 -28.97 -50.69 28.31
CA ILE Q 122 -29.51 -50.24 29.59
C ILE Q 122 -28.69 -50.94 30.69
N GLY Q 123 -27.69 -50.23 31.21
CA GLY Q 123 -26.77 -50.74 32.25
C GLY Q 123 -27.41 -51.01 33.59
N HIS Q 124 -26.64 -51.65 34.50
CA HIS Q 124 -27.04 -52.02 35.86
C HIS Q 124 -27.71 -50.90 36.64
N ASP Q 125 -28.75 -51.25 37.39
CA ASP Q 125 -29.53 -50.37 38.28
C ASP Q 125 -30.16 -49.12 37.60
N SER Q 126 -30.50 -49.26 36.31
CA SER Q 126 -31.18 -48.23 35.54
C SER Q 126 -32.70 -48.38 35.70
N VAL Q 127 -33.45 -47.25 35.60
CA VAL Q 127 -34.91 -47.15 35.74
C VAL Q 127 -35.52 -46.30 34.59
N ILE Q 128 -36.36 -46.94 33.77
CA ILE Q 128 -37.03 -46.28 32.66
C ILE Q 128 -38.51 -46.20 33.00
N GLY Q 129 -39.09 -45.01 32.85
CA GLY Q 129 -40.51 -44.78 33.06
C GLY Q 129 -41.38 -45.35 31.95
N ASN Q 130 -42.36 -44.57 31.50
CA ASN Q 130 -43.27 -45.02 30.46
C ASN Q 130 -43.17 -44.20 29.19
N HIS Q 131 -43.59 -44.78 28.04
CA HIS Q 131 -43.58 -44.17 26.70
C HIS Q 131 -42.28 -43.47 26.30
N CYS Q 132 -41.15 -44.07 26.67
CA CYS Q 132 -39.83 -43.57 26.32
C CYS Q 132 -39.46 -44.08 24.93
N ILE Q 133 -38.63 -43.32 24.24
CA ILE Q 133 -38.15 -43.73 22.93
C ILE Q 133 -36.64 -43.63 23.05
N LEU Q 134 -35.95 -44.80 23.03
CA LEU Q 134 -34.49 -44.89 23.07
C LEU Q 134 -34.08 -45.31 21.65
N VAL Q 135 -33.40 -44.42 20.93
CA VAL Q 135 -33.03 -44.67 19.53
C VAL Q 135 -31.77 -45.56 19.46
N ASN Q 136 -31.43 -46.11 18.28
CA ASN Q 136 -30.28 -46.99 18.03
C ASN Q 136 -29.06 -46.65 18.87
N ASN Q 137 -28.39 -47.70 19.39
CA ASN Q 137 -27.14 -47.63 20.18
C ASN Q 137 -27.12 -46.53 21.32
N THR Q 138 -28.30 -46.23 21.96
CA THR Q 138 -28.39 -45.31 23.12
C THR Q 138 -27.79 -46.09 24.30
N ALA Q 139 -26.87 -45.50 25.06
CA ALA Q 139 -26.29 -46.25 26.16
C ALA Q 139 -26.38 -45.54 27.49
N LEU Q 140 -26.94 -46.25 28.50
CA LEU Q 140 -27.09 -45.77 29.88
C LEU Q 140 -26.02 -46.49 30.70
N ALA Q 141 -24.91 -45.78 31.03
CA ALA Q 141 -23.73 -46.32 31.74
C ALA Q 141 -24.05 -47.22 32.95
N GLY Q 142 -25.22 -46.99 33.50
CA GLY Q 142 -25.75 -47.68 34.67
C GLY Q 142 -26.25 -46.66 35.64
N HIS Q 143 -27.16 -47.05 36.54
CA HIS Q 143 -27.79 -46.20 37.57
C HIS Q 143 -28.53 -44.96 37.00
N VAL Q 144 -28.81 -44.96 35.66
CA VAL Q 144 -29.49 -43.87 34.93
C VAL Q 144 -31.00 -43.97 35.15
N HIS Q 145 -31.67 -42.80 35.31
CA HIS Q 145 -33.11 -42.70 35.57
C HIS Q 145 -33.73 -41.87 34.50
N VAL Q 146 -34.41 -42.53 33.55
CA VAL Q 146 -35.06 -41.88 32.41
C VAL Q 146 -36.54 -41.80 32.71
N ASP Q 147 -37.06 -40.58 32.95
CA ASP Q 147 -38.49 -40.38 33.27
C ASP Q 147 -39.36 -40.53 32.03
N ASP Q 148 -40.68 -40.47 32.22
CA ASP Q 148 -41.69 -40.66 31.18
C ASP Q 148 -41.53 -39.79 29.94
N TRP Q 149 -41.85 -40.38 28.75
CA TRP Q 149 -41.91 -39.75 27.42
C TRP Q 149 -40.60 -39.20 26.87
N ALA Q 150 -39.51 -39.32 27.63
CA ALA Q 150 -38.18 -38.87 27.24
C ALA Q 150 -37.75 -39.52 25.91
N ILE Q 151 -37.23 -38.72 24.96
CA ILE Q 151 -36.72 -39.21 23.66
C ILE Q 151 -35.20 -39.10 23.70
N LEU Q 152 -34.49 -40.22 23.51
CA LEU Q 152 -33.03 -40.27 23.46
C LEU Q 152 -32.57 -40.71 22.08
N SER Q 153 -32.09 -39.72 21.26
CA SER Q 153 -31.65 -39.90 19.87
C SER Q 153 -30.49 -40.86 19.66
N GLY Q 154 -30.33 -41.34 18.43
CA GLY Q 154 -29.29 -42.29 18.03
C GLY Q 154 -27.92 -42.02 18.60
N TYR Q 155 -27.35 -43.06 19.26
CA TYR Q 155 -26.03 -43.05 19.89
C TYR Q 155 -25.89 -41.98 21.00
N THR Q 156 -26.94 -41.86 21.87
CA THR Q 156 -26.98 -40.95 23.04
C THR Q 156 -26.35 -41.71 24.20
N LEU Q 157 -25.30 -41.16 24.75
CA LEU Q 157 -24.61 -41.78 25.86
C LEU Q 157 -24.93 -40.95 27.11
N VAL Q 158 -25.23 -41.67 28.22
CA VAL Q 158 -25.60 -41.06 29.50
C VAL Q 158 -24.70 -41.66 30.59
N HIS Q 159 -23.93 -40.81 31.29
CA HIS Q 159 -23.00 -41.24 32.35
C HIS Q 159 -23.78 -41.85 33.50
N GLN Q 160 -23.10 -42.56 34.42
CA GLN Q 160 -23.75 -43.18 35.59
C GLN Q 160 -24.46 -42.14 36.47
N TYR Q 161 -25.54 -42.56 37.14
CA TYR Q 161 -26.33 -41.81 38.12
C TYR Q 161 -27.06 -40.56 37.58
N CYS Q 162 -27.22 -40.46 36.26
CA CYS Q 162 -27.92 -39.33 35.65
C CYS Q 162 -29.43 -39.52 35.70
N ARG Q 163 -30.17 -38.41 35.66
CA ARG Q 163 -31.62 -38.37 35.57
C ARG Q 163 -32.02 -37.61 34.27
N ILE Q 164 -32.68 -38.31 33.36
CA ILE Q 164 -33.21 -37.74 32.12
C ILE Q 164 -34.67 -37.43 32.46
N GLY Q 165 -35.03 -36.15 32.40
CA GLY Q 165 -36.35 -35.66 32.77
C GLY Q 165 -37.48 -36.07 31.86
N ALA Q 166 -38.72 -35.84 32.35
CA ALA Q 166 -39.97 -36.10 31.67
C ALA Q 166 -40.07 -35.25 30.42
N HIS Q 167 -40.33 -35.88 29.27
CA HIS Q 167 -40.51 -35.26 27.95
C HIS Q 167 -39.24 -34.61 27.44
N SER Q 168 -38.16 -34.66 28.23
CA SER Q 168 -36.87 -34.09 27.83
C SER Q 168 -36.37 -34.84 26.64
N PHE Q 169 -35.80 -34.11 25.70
CA PHE Q 169 -35.29 -34.65 24.46
C PHE Q 169 -33.76 -34.47 24.41
N SER Q 170 -33.06 -35.49 23.90
CA SER Q 170 -31.62 -35.36 23.74
C SER Q 170 -31.25 -35.71 22.30
N GLY Q 171 -30.54 -34.81 21.63
CA GLY Q 171 -30.12 -34.96 20.23
C GLY Q 171 -29.18 -36.10 19.92
N MET Q 172 -28.97 -36.46 18.63
CA MET Q 172 -28.11 -37.59 18.29
C MET Q 172 -26.67 -37.33 18.63
N GLY Q 173 -25.99 -38.37 19.08
CA GLY Q 173 -24.60 -38.27 19.50
C GLY Q 173 -24.37 -37.37 20.70
N SER Q 174 -25.36 -37.30 21.62
CA SER Q 174 -25.30 -36.51 22.86
C SER Q 174 -24.48 -37.26 23.89
N ALA Q 175 -23.67 -36.52 24.67
CA ALA Q 175 -22.91 -37.12 25.75
C ALA Q 175 -23.38 -36.43 26.97
N ILE Q 176 -24.38 -37.04 27.65
CA ILE Q 176 -25.00 -36.52 28.87
C ILE Q 176 -24.15 -36.89 30.09
N GLY Q 177 -23.72 -35.87 30.80
CA GLY Q 177 -22.89 -35.99 32.00
C GLY Q 177 -23.63 -35.61 33.27
N LYS Q 178 -24.43 -34.53 33.21
CA LYS Q 178 -25.26 -34.01 34.31
C LYS Q 178 -26.74 -34.31 34.00
N ASP Q 179 -27.65 -34.06 34.94
CA ASP Q 179 -29.07 -34.35 34.75
C ASP Q 179 -29.72 -33.45 33.68
N VAL Q 180 -30.60 -34.03 32.85
CA VAL Q 180 -31.36 -33.30 31.83
C VAL Q 180 -32.70 -32.94 32.51
N PRO Q 181 -32.99 -31.66 32.84
CA PRO Q 181 -34.31 -31.35 33.44
C PRO Q 181 -35.50 -31.70 32.53
N ALA Q 182 -36.72 -31.81 33.10
CA ALA Q 182 -37.92 -32.15 32.34
C ALA Q 182 -38.13 -31.15 31.21
N TYR Q 183 -38.51 -31.65 30.02
CA TYR Q 183 -38.81 -30.94 28.76
C TYR Q 183 -37.57 -30.44 28.03
N VAL Q 184 -36.43 -30.24 28.73
CA VAL Q 184 -35.18 -29.67 28.19
C VAL Q 184 -34.58 -30.45 27.01
N THR Q 185 -34.15 -29.74 25.93
CA THR Q 185 -33.47 -30.34 24.77
C THR Q 185 -31.97 -30.12 24.88
N VAL Q 186 -31.19 -31.22 24.94
CA VAL Q 186 -29.74 -31.18 25.08
C VAL Q 186 -29.08 -31.78 23.85
N PHE Q 187 -27.93 -31.24 23.44
CA PHE Q 187 -27.19 -31.68 22.25
C PHE Q 187 -25.68 -31.60 22.43
N GLY Q 188 -24.95 -32.50 21.77
CA GLY Q 188 -23.48 -32.51 21.75
C GLY Q 188 -22.71 -33.26 22.81
N ASN Q 189 -21.36 -33.31 22.64
CA ASN Q 189 -20.37 -33.96 23.51
C ASN Q 189 -19.37 -32.91 24.03
N PRO Q 190 -19.56 -32.37 25.25
CA PRO Q 190 -20.60 -32.66 26.24
C PRO Q 190 -21.94 -32.03 25.90
N ALA Q 191 -23.06 -32.64 26.36
CA ALA Q 191 -24.42 -32.16 26.15
C ALA Q 191 -24.58 -30.75 26.70
N GLU Q 192 -25.31 -29.91 25.96
CA GLU Q 192 -25.60 -28.54 26.36
C GLU Q 192 -27.09 -28.28 26.12
N ALA Q 193 -27.77 -27.57 27.05
CA ALA Q 193 -29.20 -27.24 26.92
C ALA Q 193 -29.44 -26.22 25.80
N ARG Q 194 -30.57 -26.37 25.05
CA ARG Q 194 -30.92 -25.52 23.90
C ARG Q 194 -32.31 -24.85 23.99
N SER Q 195 -33.37 -25.64 24.25
CA SER Q 195 -34.76 -25.20 24.33
C SER Q 195 -35.55 -26.26 25.09
N MET Q 196 -36.84 -26.44 24.69
CA MET Q 196 -37.78 -27.40 25.28
C MET Q 196 -38.44 -28.21 24.16
N ASN Q 197 -38.85 -29.46 24.46
CA ASN Q 197 -39.48 -30.36 23.50
C ASN Q 197 -40.90 -29.90 23.30
N PHE Q 198 -41.08 -28.76 22.58
CA PHE Q 198 -42.38 -28.14 22.29
C PHE Q 198 -43.23 -29.01 21.41
N GLU Q 199 -42.61 -29.78 20.51
CA GLU Q 199 -43.39 -30.68 19.67
C GLU Q 199 -43.95 -31.88 20.46
N GLY Q 200 -43.25 -32.29 21.52
CA GLY Q 200 -43.67 -33.37 22.40
C GLY Q 200 -44.70 -32.92 23.43
N MET Q 201 -44.74 -31.57 23.67
CA MET Q 201 -45.68 -30.84 24.54
C MET Q 201 -46.97 -30.81 23.74
N ARG Q 202 -46.88 -30.48 22.42
CA ARG Q 202 -48.02 -30.47 21.50
C ARG Q 202 -48.62 -31.86 21.51
N ARG Q 203 -47.78 -32.88 21.20
CA ARG Q 203 -48.11 -34.30 21.17
C ARG Q 203 -48.95 -34.70 22.39
N ARG Q 204 -48.63 -34.15 23.57
CA ARG Q 204 -49.33 -34.47 24.82
C ARG Q 204 -50.39 -33.46 25.21
N GLY Q 205 -51.09 -32.90 24.21
CA GLY Q 205 -52.17 -31.92 24.35
C GLY Q 205 -52.05 -30.93 25.48
N PHE Q 206 -50.90 -30.20 25.53
CA PHE Q 206 -50.55 -29.21 26.55
C PHE Q 206 -51.24 -27.88 26.25
N SER Q 207 -51.69 -27.20 27.32
CA SER Q 207 -52.35 -25.90 27.30
C SER Q 207 -51.43 -24.97 26.56
N SER Q 208 -51.94 -24.19 25.57
CA SER Q 208 -51.09 -23.24 24.85
C SER Q 208 -50.52 -22.20 25.81
N GLU Q 209 -51.20 -22.02 26.99
CA GLU Q 209 -50.86 -21.17 28.14
C GLU Q 209 -49.64 -21.74 28.90
N ALA Q 210 -49.66 -23.06 29.16
CA ALA Q 210 -48.63 -23.83 29.85
C ALA Q 210 -47.37 -23.98 29.01
N ILE Q 211 -47.53 -24.01 27.67
CA ILE Q 211 -46.38 -24.06 26.76
C ILE Q 211 -45.57 -22.76 26.95
N HIS Q 212 -46.21 -21.58 26.82
CA HIS Q 212 -45.57 -20.28 27.06
C HIS Q 212 -45.00 -20.18 28.49
N ALA Q 213 -45.73 -20.71 29.51
CA ALA Q 213 -45.30 -20.78 30.92
C ALA Q 213 -44.02 -21.60 31.08
N LEU Q 214 -43.76 -22.52 30.12
CA LEU Q 214 -42.58 -23.38 30.09
C LEU Q 214 -41.44 -22.73 29.31
N ARG Q 215 -41.71 -21.86 28.29
CA ARG Q 215 -40.59 -21.15 27.63
C ARG Q 215 -40.07 -20.15 28.69
N ARG Q 216 -41.00 -19.41 29.35
CA ARG Q 216 -40.69 -18.45 30.41
C ARG Q 216 -39.87 -19.13 31.50
N ALA Q 217 -40.16 -20.45 31.74
CA ALA Q 217 -39.52 -21.26 32.77
C ALA Q 217 -38.09 -21.60 32.45
N TYR Q 218 -37.81 -22.04 31.20
CA TYR Q 218 -36.44 -22.38 30.72
C TYR Q 218 -35.56 -21.13 30.82
N LYS Q 219 -36.11 -19.99 30.35
CA LYS Q 219 -35.45 -18.68 30.36
C LYS Q 219 -35.02 -18.30 31.76
N VAL Q 220 -35.87 -18.50 32.78
CA VAL Q 220 -35.54 -18.22 34.18
C VAL Q 220 -34.27 -19.01 34.63
N VAL Q 221 -34.19 -20.30 34.26
CA VAL Q 221 -33.09 -21.18 34.65
C VAL Q 221 -31.78 -20.85 33.91
N TYR Q 222 -31.83 -20.86 32.56
CA TYR Q 222 -30.68 -20.65 31.68
C TYR Q 222 -30.44 -19.18 31.29
N ARG Q 223 -31.05 -18.73 30.16
CA ARG Q 223 -30.99 -17.39 29.56
C ARG Q 223 -31.13 -16.16 30.53
N GLN Q 224 -31.52 -16.34 31.81
CA GLN Q 224 -31.70 -15.19 32.74
C GLN Q 224 -30.50 -14.89 33.65
N GLY Q 225 -29.44 -15.68 33.56
CA GLY Q 225 -28.24 -15.48 34.35
C GLY Q 225 -28.53 -15.52 35.84
N HIS Q 226 -29.23 -16.58 36.25
CA HIS Q 226 -29.60 -16.80 37.63
C HIS Q 226 -28.87 -18.02 38.03
N THR Q 227 -28.58 -18.15 39.33
CA THR Q 227 -27.93 -19.35 39.87
C THR Q 227 -28.98 -20.47 39.96
N VAL Q 228 -28.55 -21.72 40.25
CA VAL Q 228 -29.48 -22.83 40.34
C VAL Q 228 -30.53 -22.56 41.43
N GLU Q 229 -30.07 -22.09 42.62
CA GLU Q 229 -30.89 -21.75 43.79
C GLU Q 229 -31.77 -20.51 43.54
N GLU Q 230 -31.28 -19.56 42.70
CA GLU Q 230 -31.96 -18.31 42.33
C GLU Q 230 -33.11 -18.54 41.36
N ALA Q 231 -32.88 -19.46 40.37
CA ALA Q 231 -33.82 -19.87 39.34
C ALA Q 231 -34.97 -20.58 40.02
N LEU Q 232 -34.67 -21.60 40.85
CA LEU Q 232 -35.64 -22.38 41.62
C LEU Q 232 -36.63 -21.52 42.43
N ALA Q 233 -36.13 -20.39 42.99
CA ALA Q 233 -36.92 -19.44 43.76
C ALA Q 233 -37.86 -18.65 42.83
N GLU Q 234 -37.38 -18.22 41.66
CA GLU Q 234 -38.19 -17.48 40.69
C GLU Q 234 -39.31 -18.38 40.11
N LEU Q 235 -39.04 -19.68 39.95
CA LEU Q 235 -39.98 -20.66 39.41
C LEU Q 235 -41.11 -21.00 40.40
N ALA Q 236 -40.84 -20.91 41.73
CA ALA Q 236 -41.72 -21.25 42.86
C ALA Q 236 -43.19 -20.87 42.70
N GLU Q 237 -43.44 -19.73 42.00
CA GLU Q 237 -44.72 -19.13 41.69
C GLU Q 237 -45.35 -19.73 40.44
N SER Q 238 -44.57 -19.81 39.35
CA SER Q 238 -45.00 -20.35 38.07
C SER Q 238 -45.43 -21.81 38.22
N ALA Q 239 -44.64 -22.60 38.97
CA ALA Q 239 -44.86 -24.01 39.24
C ALA Q 239 -46.13 -24.27 40.04
N ALA Q 240 -46.50 -23.30 40.90
CA ALA Q 240 -47.71 -23.33 41.72
C ALA Q 240 -48.96 -23.01 40.87
N GLN Q 241 -48.79 -22.36 39.69
CA GLN Q 241 -49.87 -22.00 38.75
C GLN Q 241 -50.09 -23.05 37.68
N PHE Q 242 -49.00 -23.68 37.21
CA PHE Q 242 -49.01 -24.68 36.17
C PHE Q 242 -48.32 -25.90 36.70
N PRO Q 243 -49.03 -27.00 36.88
CA PRO Q 243 -48.36 -28.21 37.35
C PRO Q 243 -47.35 -28.77 36.34
N GLU Q 244 -47.33 -28.27 35.08
CA GLU Q 244 -46.39 -28.70 34.03
C GLU Q 244 -45.02 -28.09 34.31
N VAL Q 245 -45.02 -26.86 34.86
CA VAL Q 245 -43.83 -26.11 35.28
C VAL Q 245 -43.34 -26.72 36.59
N ALA Q 246 -44.28 -27.24 37.41
CA ALA Q 246 -43.97 -27.88 38.70
C ALA Q 246 -43.11 -29.11 38.50
N VAL Q 247 -43.25 -29.76 37.32
CA VAL Q 247 -42.48 -30.95 36.91
C VAL Q 247 -41.05 -30.48 36.58
N PHE Q 248 -40.96 -29.34 35.87
CA PHE Q 248 -39.71 -28.72 35.46
C PHE Q 248 -38.96 -28.25 36.71
N ARG Q 249 -39.60 -27.48 37.62
CA ARG Q 249 -39.00 -26.98 38.88
C ARG Q 249 -38.38 -28.13 39.69
N ASP Q 250 -39.15 -29.21 39.86
CA ASP Q 250 -38.74 -30.35 40.64
C ASP Q 250 -37.61 -31.15 40.03
N SER Q 251 -37.51 -31.26 38.70
CA SER Q 251 -36.42 -32.00 38.04
C SER Q 251 -35.03 -31.36 38.30
N ILE Q 252 -35.04 -30.02 38.45
CA ILE Q 252 -33.90 -29.15 38.74
C ILE Q 252 -33.58 -29.27 40.22
N GLN Q 253 -34.64 -29.37 41.04
CA GLN Q 253 -34.58 -29.47 42.48
C GLN Q 253 -34.03 -30.83 42.97
N SER Q 254 -34.48 -31.94 42.34
CA SER Q 254 -34.07 -33.33 42.64
C SER Q 254 -32.63 -33.71 42.19
N ALA Q 255 -31.96 -32.75 41.53
CA ALA Q 255 -30.62 -32.88 41.01
C ALA Q 255 -29.70 -31.83 41.60
N THR Q 256 -30.20 -31.03 42.58
CA THR Q 256 -29.45 -29.94 43.22
C THR Q 256 -29.42 -30.04 44.78
N ARG Q 257 -28.19 -30.16 45.34
CA ARG Q 257 -27.93 -30.17 46.77
C ARG Q 257 -26.73 -29.29 47.10
N GLY Q 258 -25.54 -29.72 46.68
CA GLY Q 258 -24.31 -28.97 46.88
C GLY Q 258 -23.77 -29.00 48.29
N ILE Q 259 -22.72 -28.21 48.56
CA ILE Q 259 -22.08 -28.16 49.88
C ILE Q 259 -22.26 -26.82 50.54
N THR Q 260 -22.27 -26.80 51.87
CA THR Q 260 -22.41 -25.59 52.68
C THR Q 260 -21.13 -24.75 52.60
N ARG Q 261 -21.24 -23.48 52.16
CA ARG Q 261 -20.12 -22.53 52.12
C ARG Q 261 -20.24 -21.47 53.23
N MET R 4 -23.09 -82.79 1.09
CA MET R 4 -23.11 -81.41 1.62
C MET R 4 -23.77 -80.40 0.65
N SER R 5 -24.89 -79.76 1.09
CA SER R 5 -25.63 -78.77 0.29
C SER R 5 -25.23 -77.36 0.68
N LEU R 6 -25.46 -76.40 -0.26
CA LEU R 6 -25.15 -74.96 -0.16
C LEU R 6 -25.95 -74.32 0.98
N ILE R 7 -27.26 -74.63 0.97
CA ILE R 7 -28.22 -74.20 1.98
C ILE R 7 -28.11 -75.23 3.12
N ASP R 8 -27.73 -74.77 4.33
CA ASP R 8 -27.56 -75.62 5.50
C ASP R 8 -28.94 -76.11 5.98
N PRO R 9 -29.12 -77.41 6.28
CA PRO R 9 -30.45 -77.88 6.73
C PRO R 9 -30.91 -77.29 8.06
N ARG R 10 -29.98 -76.76 8.88
CA ARG R 10 -30.26 -76.14 10.18
C ARG R 10 -30.84 -74.73 10.04
N ALA R 11 -30.94 -74.24 8.78
CA ALA R 11 -31.49 -72.92 8.45
C ALA R 11 -32.95 -73.03 7.95
N ILE R 12 -33.78 -71.97 8.19
CA ILE R 12 -35.20 -71.88 7.81
C ILE R 12 -35.40 -71.01 6.54
N ILE R 13 -36.11 -71.55 5.53
CA ILE R 13 -36.43 -70.87 4.28
C ILE R 13 -37.93 -71.04 3.97
N ASP R 14 -38.64 -69.91 3.74
CA ASP R 14 -40.07 -69.89 3.41
C ASP R 14 -40.27 -70.34 1.93
N PRO R 15 -41.35 -71.08 1.56
CA PRO R 15 -41.54 -71.46 0.13
C PRO R 15 -41.78 -70.26 -0.79
N SER R 16 -42.12 -69.09 -0.17
CA SER R 16 -42.37 -67.77 -0.75
C SER R 16 -41.07 -67.02 -1.07
N ALA R 17 -39.93 -67.60 -0.66
CA ALA R 17 -38.59 -67.08 -0.89
C ALA R 17 -37.90 -67.90 -1.97
N ARG R 18 -37.56 -67.26 -3.11
CA ARG R 18 -36.86 -67.93 -4.20
C ARG R 18 -35.40 -67.50 -4.24
N LEU R 19 -34.50 -68.49 -4.22
CA LEU R 19 -33.05 -68.35 -4.20
C LEU R 19 -32.45 -69.10 -5.40
N ALA R 20 -31.66 -68.39 -6.23
CA ALA R 20 -31.01 -68.97 -7.41
C ALA R 20 -30.05 -70.09 -7.01
N ALA R 21 -30.26 -71.29 -7.59
CA ALA R 21 -29.60 -72.59 -7.37
C ALA R 21 -28.19 -72.60 -6.72
N ASP R 22 -27.28 -71.66 -7.11
CA ASP R 22 -25.90 -71.62 -6.60
C ASP R 22 -25.72 -70.84 -5.28
N VAL R 23 -26.81 -70.26 -4.75
CA VAL R 23 -26.85 -69.49 -3.48
C VAL R 23 -26.60 -70.43 -2.27
N GLN R 24 -25.88 -69.92 -1.23
CA GLN R 24 -25.56 -70.64 0.02
C GLN R 24 -26.22 -69.94 1.21
N VAL R 25 -26.76 -70.72 2.14
CA VAL R 25 -27.39 -70.20 3.36
C VAL R 25 -26.79 -70.93 4.57
N GLY R 26 -26.24 -70.16 5.50
CA GLY R 26 -25.60 -70.68 6.70
C GLY R 26 -26.54 -71.32 7.70
N PRO R 27 -26.01 -72.13 8.66
CA PRO R 27 -26.90 -72.75 9.67
C PRO R 27 -27.53 -71.72 10.58
N TRP R 28 -28.75 -72.00 11.03
CA TRP R 28 -29.52 -71.14 11.94
C TRP R 28 -29.79 -69.76 11.33
N SER R 29 -30.16 -69.75 10.06
CA SER R 29 -30.47 -68.53 9.32
C SER R 29 -31.91 -68.57 8.83
N ILE R 30 -32.61 -67.43 8.95
CA ILE R 30 -34.00 -67.29 8.52
C ILE R 30 -34.10 -66.51 7.21
N VAL R 31 -34.81 -67.09 6.25
CA VAL R 31 -35.12 -66.47 4.96
C VAL R 31 -36.65 -66.47 4.92
N GLY R 32 -37.24 -65.33 5.29
CA GLY R 32 -38.68 -65.14 5.37
C GLY R 32 -39.40 -65.15 4.03
N ALA R 33 -40.71 -64.83 4.06
CA ALA R 33 -41.54 -64.78 2.86
C ALA R 33 -41.21 -63.55 2.04
N GLU R 34 -41.37 -63.64 0.71
CA GLU R 34 -41.15 -62.56 -0.28
C GLU R 34 -39.69 -62.03 -0.29
N VAL R 35 -38.71 -62.90 0.05
CA VAL R 35 -37.27 -62.60 0.00
C VAL R 35 -36.70 -63.26 -1.27
N GLU R 36 -36.07 -62.46 -2.13
CA GLU R 36 -35.51 -62.92 -3.40
C GLU R 36 -34.01 -62.80 -3.29
N ILE R 37 -33.27 -63.86 -3.68
CA ILE R 37 -31.81 -63.86 -3.59
C ILE R 37 -31.19 -64.32 -4.93
N GLY R 38 -30.50 -63.39 -5.59
CA GLY R 38 -29.87 -63.58 -6.89
C GLY R 38 -28.69 -64.54 -6.89
N GLU R 39 -28.35 -64.99 -8.09
CA GLU R 39 -27.26 -65.90 -8.46
C GLU R 39 -25.93 -65.60 -7.77
N GLY R 40 -25.33 -66.64 -7.21
CA GLY R 40 -24.02 -66.58 -6.56
C GLY R 40 -23.90 -65.92 -5.21
N THR R 41 -25.01 -65.37 -4.66
CA THR R 41 -25.01 -64.70 -3.34
C THR R 41 -24.83 -65.75 -2.21
N VAL R 42 -24.19 -65.32 -1.10
CA VAL R 42 -23.87 -66.14 0.06
C VAL R 42 -24.44 -65.48 1.30
N ILE R 43 -25.19 -66.26 2.09
CA ILE R 43 -25.75 -65.83 3.36
C ILE R 43 -25.02 -66.62 4.45
N GLY R 44 -24.53 -65.90 5.46
CA GLY R 44 -23.79 -66.51 6.55
C GLY R 44 -24.68 -67.21 7.55
N PRO R 45 -24.10 -67.70 8.67
CA PRO R 45 -24.93 -68.30 9.71
C PRO R 45 -25.62 -67.18 10.50
N HIS R 46 -26.61 -67.51 11.34
CA HIS R 46 -27.28 -66.48 12.18
C HIS R 46 -27.69 -65.18 11.44
N VAL R 47 -28.27 -65.28 10.23
CA VAL R 47 -28.74 -64.10 9.51
C VAL R 47 -30.27 -64.16 9.48
N VAL R 48 -30.96 -63.01 9.70
CA VAL R 48 -32.42 -62.93 9.66
C VAL R 48 -32.82 -62.09 8.44
N LEU R 49 -33.66 -62.65 7.55
CA LEU R 49 -34.13 -61.98 6.33
C LEU R 49 -35.66 -61.96 6.30
N LYS R 50 -36.24 -60.77 6.06
CA LYS R 50 -37.70 -60.55 6.05
C LYS R 50 -38.08 -59.74 4.82
N GLY R 51 -39.09 -60.21 4.09
CA GLY R 51 -39.56 -59.57 2.86
C GLY R 51 -40.81 -58.71 3.01
N PRO R 52 -41.26 -57.94 1.96
CA PRO R 52 -40.71 -57.83 0.58
C PRO R 52 -39.24 -57.39 0.50
N THR R 53 -38.37 -58.30 0.02
CA THR R 53 -36.92 -58.05 -0.14
C THR R 53 -36.39 -58.69 -1.42
N LYS R 54 -35.47 -58.00 -2.12
CA LYS R 54 -34.82 -58.46 -3.34
C LYS R 54 -33.32 -58.19 -3.24
N ILE R 55 -32.51 -59.26 -3.16
CA ILE R 55 -31.04 -59.21 -3.06
C ILE R 55 -30.46 -59.69 -4.39
N GLY R 56 -29.55 -58.91 -4.96
CA GLY R 56 -28.93 -59.18 -6.25
C GLY R 56 -27.95 -60.33 -6.33
N LYS R 57 -27.01 -60.24 -7.28
CA LYS R 57 -26.00 -61.24 -7.55
C LYS R 57 -24.66 -61.01 -6.84
N HIS R 58 -24.11 -62.08 -6.25
CA HIS R 58 -22.80 -62.18 -5.60
C HIS R 58 -22.57 -61.23 -4.43
N ASN R 59 -23.56 -61.08 -3.55
CA ASN R 59 -23.41 -60.26 -2.35
C ASN R 59 -22.94 -61.19 -1.24
N ARG R 60 -22.41 -60.65 -0.12
CA ARG R 60 -21.99 -61.48 1.01
C ARG R 60 -22.54 -60.89 2.33
N ILE R 61 -23.66 -61.48 2.81
CA ILE R 61 -24.32 -61.06 4.06
C ILE R 61 -23.78 -61.88 5.24
N TYR R 62 -23.00 -61.21 6.10
CA TYR R 62 -22.37 -61.80 7.27
C TYR R 62 -23.35 -62.04 8.44
N GLN R 63 -22.92 -62.91 9.36
CA GLN R 63 -23.59 -63.36 10.58
C GLN R 63 -24.13 -62.26 11.45
N PHE R 64 -25.25 -62.52 12.13
CA PHE R 64 -25.90 -61.63 13.12
C PHE R 64 -26.59 -60.36 12.52
N SER R 65 -26.84 -60.36 11.21
CA SER R 65 -27.46 -59.25 10.50
C SER R 65 -28.97 -59.35 10.43
N SER R 66 -29.66 -58.19 10.35
CA SER R 66 -31.11 -58.10 10.18
C SER R 66 -31.37 -57.28 8.90
N VAL R 67 -31.71 -57.96 7.81
CA VAL R 67 -31.92 -57.34 6.49
C VAL R 67 -33.40 -57.53 6.06
N GLY R 68 -34.19 -56.46 6.23
CA GLY R 68 -35.60 -56.41 5.84
C GLY R 68 -36.60 -56.19 6.96
N GLU R 69 -36.13 -56.03 8.19
CA GLU R 69 -36.97 -55.84 9.37
C GLU R 69 -37.65 -54.48 9.30
N ASP R 70 -38.99 -54.46 9.47
CA ASP R 70 -39.75 -53.21 9.40
C ASP R 70 -39.26 -52.20 10.43
N THR R 71 -39.07 -50.91 10.02
CA THR R 71 -38.60 -49.84 10.90
C THR R 71 -39.37 -49.72 12.20
N PRO R 72 -38.68 -49.40 13.31
CA PRO R 72 -39.41 -49.22 14.57
C PRO R 72 -40.23 -47.92 14.59
N ASP R 73 -40.09 -47.06 13.54
CA ASP R 73 -40.76 -45.76 13.38
C ASP R 73 -42.27 -45.84 13.51
N LEU R 74 -42.83 -44.87 14.24
CA LEU R 74 -44.26 -44.77 14.55
C LEU R 74 -45.08 -44.23 13.37
N LYS R 75 -44.34 -43.83 12.33
CA LYS R 75 -44.74 -43.37 11.02
C LYS R 75 -45.39 -44.60 10.33
N TYR R 76 -44.63 -45.72 10.34
CA TYR R 76 -44.93 -47.01 9.73
C TYR R 76 -45.95 -47.72 10.53
N LYS R 77 -46.97 -48.20 9.82
CA LYS R 77 -48.10 -48.93 10.36
C LYS R 77 -48.31 -50.23 9.56
N GLY R 78 -47.27 -51.06 9.52
CA GLY R 78 -47.27 -52.38 8.87
C GLY R 78 -47.58 -52.46 7.39
N GLU R 79 -47.32 -51.38 6.62
CA GLU R 79 -47.57 -51.26 5.18
C GLU R 79 -46.73 -52.27 4.32
N PRO R 80 -47.10 -52.61 3.04
CA PRO R 80 -46.34 -53.64 2.31
C PRO R 80 -45.12 -53.13 1.53
N THR R 81 -44.34 -52.25 2.19
CA THR R 81 -43.12 -51.62 1.70
C THR R 81 -42.03 -52.65 1.37
N ARG R 82 -41.02 -52.25 0.56
CA ARG R 82 -39.95 -53.13 0.08
C ARG R 82 -38.56 -52.68 0.51
N LEU R 83 -37.55 -53.56 0.27
CA LEU R 83 -36.12 -53.34 0.45
C LEU R 83 -35.39 -54.01 -0.73
N VAL R 84 -34.50 -53.26 -1.44
CA VAL R 84 -33.74 -53.76 -2.60
C VAL R 84 -32.23 -53.60 -2.38
N ILE R 85 -31.46 -54.64 -2.77
CA ILE R 85 -30.00 -54.65 -2.67
C ILE R 85 -29.43 -55.10 -4.04
N GLY R 86 -28.50 -54.31 -4.57
CA GLY R 86 -27.85 -54.55 -5.86
C GLY R 86 -26.91 -55.73 -5.92
N ASP R 87 -25.78 -55.59 -6.64
CA ASP R 87 -24.82 -56.68 -6.81
C ASP R 87 -23.46 -56.44 -6.12
N HIS R 88 -22.68 -57.52 -5.92
CA HIS R 88 -21.32 -57.51 -5.34
C HIS R 88 -21.16 -56.65 -4.04
N ASN R 89 -22.20 -56.63 -3.21
CA ASN R 89 -22.22 -55.90 -1.95
C ASN R 89 -21.70 -56.77 -0.83
N VAL R 90 -21.03 -56.15 0.15
CA VAL R 90 -20.55 -56.85 1.33
C VAL R 90 -21.35 -56.28 2.49
N ILE R 91 -22.17 -57.10 3.14
CA ILE R 91 -22.93 -56.63 4.29
C ILE R 91 -22.32 -57.34 5.49
N ARG R 92 -21.42 -56.64 6.21
CA ARG R 92 -20.68 -57.20 7.34
C ARG R 92 -21.56 -57.58 8.51
N GLU R 93 -20.93 -58.15 9.56
CA GLU R 93 -21.60 -58.69 10.72
C GLU R 93 -22.47 -57.69 11.49
N GLY R 94 -23.67 -58.13 11.84
CA GLY R 94 -24.60 -57.38 12.66
C GLY R 94 -25.16 -56.10 12.09
N VAL R 95 -25.17 -55.98 10.78
CA VAL R 95 -25.72 -54.80 10.13
C VAL R 95 -27.29 -54.87 10.22
N THR R 96 -27.96 -53.70 10.29
CA THR R 96 -29.41 -53.58 10.30
C THR R 96 -29.85 -52.81 9.05
N ILE R 97 -30.73 -53.40 8.26
CA ILE R 97 -31.26 -52.79 7.04
C ILE R 97 -32.79 -52.91 7.08
N HIS R 98 -33.50 -51.78 7.23
CA HIS R 98 -34.96 -51.74 7.33
C HIS R 98 -35.62 -51.36 6.03
N ARG R 99 -36.78 -51.95 5.71
CA ARG R 99 -37.52 -51.65 4.47
C ARG R 99 -38.14 -50.25 4.52
N GLY R 100 -38.67 -49.78 3.39
CA GLY R 100 -39.28 -48.46 3.29
C GLY R 100 -40.53 -48.21 4.12
N THR R 101 -41.08 -46.98 3.99
CA THR R 101 -42.30 -46.50 4.62
C THR R 101 -43.10 -45.85 3.52
N VAL R 102 -44.43 -46.00 3.54
CA VAL R 102 -45.35 -45.47 2.52
C VAL R 102 -45.29 -43.91 2.36
N GLN R 103 -44.75 -43.24 3.39
CA GLN R 103 -44.58 -41.79 3.52
C GLN R 103 -43.58 -41.22 2.51
N ASP R 104 -42.60 -42.04 2.04
CA ASP R 104 -41.64 -41.70 0.97
C ASP R 104 -42.11 -42.50 -0.24
N ARG R 105 -41.27 -43.38 -0.82
CA ARG R 105 -41.76 -44.15 -1.96
C ARG R 105 -41.65 -45.68 -1.69
N ALA R 106 -42.04 -46.10 -0.45
CA ALA R 106 -42.13 -47.49 0.05
C ALA R 106 -40.91 -48.38 -0.22
N GLU R 107 -39.71 -47.78 -0.22
CA GLU R 107 -38.51 -48.54 -0.60
C GLU R 107 -37.22 -48.01 -0.04
N THR R 108 -36.41 -48.92 0.55
CA THR R 108 -35.02 -48.71 0.97
C THR R 108 -34.23 -49.42 -0.15
N THR R 109 -33.23 -48.73 -0.77
CA THR R 109 -32.43 -49.31 -1.87
C THR R 109 -30.93 -49.13 -1.69
N ILE R 110 -30.17 -50.20 -1.96
CA ILE R 110 -28.71 -50.20 -1.92
C ILE R 110 -28.26 -50.64 -3.32
N GLY R 111 -27.32 -49.88 -3.87
CA GLY R 111 -26.77 -50.15 -5.19
C GLY R 111 -25.78 -51.31 -5.23
N ASP R 112 -24.76 -51.19 -6.07
CA ASP R 112 -23.80 -52.27 -6.24
C ASP R 112 -22.41 -51.94 -5.64
N HIS R 113 -21.62 -52.97 -5.29
CA HIS R 113 -20.24 -52.87 -4.78
C HIS R 113 -20.05 -52.07 -3.52
N ASN R 114 -21.10 -51.97 -2.70
CA ASN R 114 -21.03 -51.22 -1.44
C ASN R 114 -20.48 -52.10 -0.32
N LEU R 115 -19.61 -51.53 0.55
CA LEU R 115 -18.99 -52.22 1.69
C LEU R 115 -19.61 -51.65 2.96
N ILE R 116 -20.68 -52.30 3.46
CA ILE R 116 -21.39 -51.92 4.69
C ILE R 116 -20.79 -52.75 5.83
N MET R 117 -20.03 -52.09 6.72
CA MET R 117 -19.29 -52.74 7.80
C MET R 117 -20.09 -52.93 9.07
N ALA R 118 -19.57 -53.83 9.92
CA ALA R 118 -20.10 -54.29 11.19
C ALA R 118 -20.98 -53.30 11.98
N TYR R 119 -22.23 -53.70 12.25
CA TYR R 119 -23.26 -53.04 13.08
C TYR R 119 -23.78 -51.67 12.52
N ALA R 120 -23.44 -51.32 11.26
CA ALA R 120 -23.93 -50.10 10.61
C ALA R 120 -25.46 -50.18 10.39
N HIS R 121 -26.14 -49.03 10.41
CA HIS R 121 -27.59 -48.97 10.23
C HIS R 121 -27.99 -48.20 8.97
N ILE R 122 -28.89 -48.79 8.17
CA ILE R 122 -29.46 -48.20 6.95
C ILE R 122 -30.97 -48.17 7.17
N GLY R 123 -31.46 -47.02 7.65
CA GLY R 123 -32.86 -46.82 7.97
C GLY R 123 -33.76 -46.73 6.78
N HIS R 124 -35.09 -46.87 7.02
CA HIS R 124 -36.18 -46.80 6.04
C HIS R 124 -36.01 -45.73 4.96
N ASP R 125 -36.28 -46.09 3.70
CA ASP R 125 -36.24 -45.25 2.50
C ASP R 125 -34.88 -44.62 2.14
N SER R 126 -33.79 -45.04 2.81
CA SER R 126 -32.43 -44.62 2.47
C SER R 126 -32.10 -45.19 1.08
N VAL R 127 -31.28 -44.47 0.31
CA VAL R 127 -30.90 -44.83 -1.05
C VAL R 127 -29.38 -44.76 -1.19
N ILE R 128 -28.72 -45.94 -1.24
CA ILE R 128 -27.26 -45.99 -1.41
C ILE R 128 -26.94 -46.28 -2.88
N GLY R 129 -26.01 -45.51 -3.44
CA GLY R 129 -25.55 -45.66 -4.81
C GLY R 129 -24.57 -46.81 -4.95
N ASN R 130 -23.50 -46.61 -5.73
CA ASN R 130 -22.51 -47.66 -5.96
C ASN R 130 -21.12 -47.33 -5.44
N HIS R 131 -20.38 -48.38 -5.05
CA HIS R 131 -19.00 -48.31 -4.56
C HIS R 131 -18.83 -47.44 -3.31
N CYS R 132 -19.80 -47.50 -2.38
CA CYS R 132 -19.75 -46.76 -1.09
C CYS R 132 -19.08 -47.60 0.01
N ILE R 133 -18.46 -46.94 1.00
CA ILE R 133 -17.88 -47.62 2.16
C ILE R 133 -18.60 -47.05 3.37
N LEU R 134 -19.43 -47.87 4.02
CA LEU R 134 -20.10 -47.46 5.22
C LEU R 134 -19.40 -48.18 6.40
N VAL R 135 -18.51 -47.46 7.11
CA VAL R 135 -17.68 -48.04 8.18
C VAL R 135 -18.52 -48.33 9.43
N ASN R 136 -18.00 -49.20 10.32
CA ASN R 136 -18.64 -49.70 11.55
C ASN R 136 -19.52 -48.70 12.24
N ASN R 137 -20.77 -49.10 12.48
CA ASN R 137 -21.77 -48.32 13.20
C ASN R 137 -22.14 -46.97 12.55
N THR R 138 -22.05 -46.88 11.20
CA THR R 138 -22.51 -45.67 10.50
C THR R 138 -24.02 -45.80 10.47
N ALA R 139 -24.77 -44.83 11.07
CA ALA R 139 -26.24 -44.90 11.13
C ALA R 139 -26.90 -43.84 10.29
N LEU R 140 -27.88 -44.23 9.49
CA LEU R 140 -28.63 -43.33 8.61
C LEU R 140 -30.07 -43.37 9.09
N ALA R 141 -30.51 -42.29 9.76
CA ALA R 141 -31.84 -42.15 10.40
C ALA R 141 -33.05 -42.58 9.53
N GLY R 142 -32.95 -42.36 8.21
CA GLY R 142 -33.95 -42.68 7.21
C GLY R 142 -33.97 -41.65 6.11
N HIS R 143 -34.57 -41.97 4.94
CA HIS R 143 -34.68 -41.06 3.78
C HIS R 143 -33.36 -40.35 3.43
N VAL R 144 -32.21 -40.99 3.76
CA VAL R 144 -30.82 -40.55 3.56
C VAL R 144 -30.36 -41.04 2.18
N HIS R 145 -29.66 -40.19 1.41
CA HIS R 145 -29.22 -40.58 0.06
C HIS R 145 -27.70 -40.50 -0.05
N VAL R 146 -27.03 -41.65 0.08
CA VAL R 146 -25.58 -41.79 -0.01
C VAL R 146 -25.24 -42.03 -1.48
N ASP R 147 -24.78 -40.99 -2.19
CA ASP R 147 -24.39 -41.09 -3.59
C ASP R 147 -23.05 -41.81 -3.71
N ASP R 148 -22.72 -42.29 -4.94
CA ASP R 148 -21.55 -43.09 -5.33
C ASP R 148 -20.24 -42.66 -4.69
N TRP R 149 -19.42 -43.66 -4.28
CA TRP R 149 -18.07 -43.51 -3.72
C TRP R 149 -17.94 -42.76 -2.39
N ALA R 150 -19.05 -42.51 -1.67
CA ALA R 150 -18.97 -41.81 -0.38
C ALA R 150 -18.33 -42.67 0.73
N ILE R 151 -17.35 -42.13 1.47
CA ILE R 151 -16.70 -42.88 2.55
C ILE R 151 -17.15 -42.34 3.92
N LEU R 152 -18.16 -43.00 4.52
CA LEU R 152 -18.70 -42.60 5.83
C LEU R 152 -17.96 -43.33 6.94
N SER R 153 -16.91 -42.65 7.52
CA SER R 153 -16.03 -43.15 8.59
C SER R 153 -16.79 -43.62 9.82
N GLY R 154 -16.24 -44.64 10.48
CA GLY R 154 -16.84 -45.27 11.65
C GLY R 154 -17.64 -44.36 12.57
N TYR R 155 -18.85 -44.80 12.90
CA TYR R 155 -19.80 -44.14 13.82
C TYR R 155 -20.28 -42.77 13.30
N THR R 156 -20.39 -42.65 11.95
CA THR R 156 -20.89 -41.44 11.29
C THR R 156 -22.40 -41.50 11.40
N LEU R 157 -22.99 -40.57 12.17
CA LEU R 157 -24.44 -40.53 12.36
C LEU R 157 -25.01 -39.53 11.38
N VAL R 158 -26.01 -39.95 10.62
CA VAL R 158 -26.60 -39.11 9.60
C VAL R 158 -28.04 -38.84 9.96
N HIS R 159 -28.36 -37.54 10.16
CA HIS R 159 -29.73 -37.07 10.44
C HIS R 159 -30.58 -37.40 9.19
N GLN R 160 -31.88 -37.71 9.41
CA GLN R 160 -32.85 -38.05 8.37
C GLN R 160 -32.94 -36.98 7.26
N TYR R 161 -33.31 -37.40 6.05
CA TYR R 161 -33.59 -36.58 4.87
C TYR R 161 -32.38 -35.90 4.22
N CYS R 162 -31.16 -36.15 4.75
CA CYS R 162 -29.88 -35.68 4.24
C CYS R 162 -29.53 -36.33 2.90
N ARG R 163 -28.62 -35.70 2.13
CA ARG R 163 -28.08 -36.20 0.88
C ARG R 163 -26.53 -36.12 0.98
N ILE R 164 -25.88 -37.29 1.02
CA ILE R 164 -24.42 -37.42 1.09
C ILE R 164 -23.94 -37.47 -0.38
N GLY R 165 -23.30 -36.38 -0.83
CA GLY R 165 -22.84 -36.21 -2.20
C GLY R 165 -21.84 -37.23 -2.70
N ALA R 166 -21.76 -37.42 -4.04
CA ALA R 166 -20.83 -38.37 -4.64
C ALA R 166 -19.41 -38.01 -4.26
N HIS R 167 -18.58 -39.03 -3.99
CA HIS R 167 -17.16 -38.92 -3.60
C HIS R 167 -16.88 -38.22 -2.27
N SER R 168 -17.93 -37.80 -1.50
CA SER R 168 -17.75 -37.12 -0.21
C SER R 168 -17.18 -38.02 0.91
N PHE R 169 -16.83 -37.41 2.05
CA PHE R 169 -16.18 -38.12 3.15
C PHE R 169 -16.45 -37.52 4.50
N SER R 170 -16.85 -38.36 5.46
CA SER R 170 -17.05 -37.90 6.83
C SER R 170 -16.06 -38.61 7.74
N GLY R 171 -15.48 -37.88 8.69
CA GLY R 171 -14.53 -38.44 9.66
C GLY R 171 -15.25 -39.17 10.77
N MET R 172 -14.57 -40.12 11.44
CA MET R 172 -15.16 -40.93 12.51
C MET R 172 -15.86 -40.06 13.56
N GLY R 173 -17.05 -40.50 13.97
CA GLY R 173 -17.88 -39.79 14.94
C GLY R 173 -18.43 -38.46 14.42
N SER R 174 -18.89 -38.46 13.18
CA SER R 174 -19.48 -37.27 12.58
C SER R 174 -20.98 -37.26 12.87
N ALA R 175 -21.60 -36.07 12.89
CA ALA R 175 -23.04 -35.96 13.11
C ALA R 175 -23.66 -35.03 12.09
N ILE R 176 -23.79 -35.54 10.83
CA ILE R 176 -24.34 -34.86 9.65
C ILE R 176 -25.80 -34.50 9.88
N GLY R 177 -26.09 -33.22 9.76
CA GLY R 177 -27.43 -32.65 9.91
C GLY R 177 -27.94 -32.07 8.60
N LYS R 178 -27.04 -31.38 7.84
CA LYS R 178 -27.32 -30.74 6.54
C LYS R 178 -26.59 -31.51 5.45
N ASP R 179 -27.17 -31.55 4.21
CA ASP R 179 -26.61 -32.22 3.02
C ASP R 179 -25.10 -32.07 2.89
N VAL R 180 -24.40 -33.16 2.61
CA VAL R 180 -22.97 -33.11 2.36
C VAL R 180 -22.87 -32.94 0.84
N PRO R 181 -22.25 -31.84 0.33
CA PRO R 181 -22.13 -31.71 -1.13
C PRO R 181 -21.10 -32.72 -1.64
N ALA R 182 -21.08 -32.98 -2.95
CA ALA R 182 -20.16 -33.94 -3.58
C ALA R 182 -18.73 -33.58 -3.25
N TYR R 183 -17.87 -34.58 -3.08
CA TYR R 183 -16.42 -34.46 -2.80
C TYR R 183 -16.07 -33.88 -1.40
N VAL R 184 -16.93 -33.00 -0.81
CA VAL R 184 -16.67 -32.30 0.46
C VAL R 184 -16.36 -33.26 1.60
N THR R 185 -15.31 -32.95 2.40
CA THR R 185 -14.96 -33.73 3.58
C THR R 185 -15.56 -32.98 4.78
N VAL R 186 -16.47 -33.64 5.54
CA VAL R 186 -17.14 -33.02 6.71
C VAL R 186 -16.70 -33.73 8.01
N PHE R 187 -16.50 -32.99 9.14
CA PHE R 187 -16.01 -33.55 10.41
C PHE R 187 -16.60 -32.96 11.69
N GLY R 188 -16.94 -33.85 12.63
CA GLY R 188 -17.39 -33.49 13.97
C GLY R 188 -18.86 -33.60 14.30
N ASN R 189 -19.24 -33.16 15.51
CA ASN R 189 -20.62 -33.14 15.97
C ASN R 189 -20.94 -31.72 16.42
N PRO R 190 -21.62 -30.92 15.57
CA PRO R 190 -22.14 -31.28 14.24
C PRO R 190 -21.08 -31.25 13.14
N ALA R 191 -21.37 -31.97 12.03
CA ALA R 191 -20.49 -32.06 10.88
C ALA R 191 -20.27 -30.68 10.31
N GLU R 192 -18.98 -30.39 10.04
CA GLU R 192 -18.49 -29.14 9.49
C GLU R 192 -17.59 -29.42 8.30
N ALA R 193 -17.89 -28.80 7.14
CA ALA R 193 -17.09 -28.91 5.91
C ALA R 193 -15.66 -28.40 6.16
N ARG R 194 -14.66 -29.24 5.83
CA ARG R 194 -13.24 -28.97 6.02
C ARG R 194 -12.49 -28.73 4.68
N SER R 195 -12.57 -29.68 3.74
CA SER R 195 -11.89 -29.62 2.46
C SER R 195 -12.63 -30.51 1.45
N MET R 196 -11.89 -31.13 0.54
CA MET R 196 -12.43 -32.01 -0.49
C MET R 196 -11.66 -33.34 -0.45
N ASN R 197 -12.30 -34.41 -0.94
CA ASN R 197 -11.72 -35.76 -0.97
C ASN R 197 -10.80 -35.86 -2.17
N PHE R 198 -9.65 -35.19 -2.08
CA PHE R 198 -8.68 -35.18 -3.17
C PHE R 198 -8.14 -36.57 -3.48
N GLU R 199 -7.96 -37.39 -2.44
CA GLU R 199 -7.46 -38.75 -2.58
C GLU R 199 -8.42 -39.63 -3.33
N GLY R 200 -9.70 -39.31 -3.24
CA GLY R 200 -10.78 -39.99 -3.95
C GLY R 200 -10.76 -39.64 -5.42
N MET R 201 -10.35 -38.39 -5.76
CA MET R 201 -10.23 -37.86 -7.12
C MET R 201 -9.00 -38.49 -7.78
N ARG R 202 -7.89 -38.61 -7.00
CA ARG R 202 -6.66 -39.26 -7.46
C ARG R 202 -6.92 -40.73 -7.73
N ARG R 203 -7.62 -41.43 -6.78
CA ARG R 203 -8.00 -42.83 -6.90
C ARG R 203 -8.83 -43.08 -8.17
N ARG R 204 -9.63 -42.07 -8.63
CA ARG R 204 -10.49 -42.15 -9.81
C ARG R 204 -9.82 -41.63 -11.10
N GLY R 205 -8.56 -41.24 -10.99
CA GLY R 205 -7.78 -40.72 -12.11
C GLY R 205 -8.32 -39.42 -12.67
N PHE R 206 -8.66 -38.47 -11.77
CA PHE R 206 -9.16 -37.14 -12.14
C PHE R 206 -7.99 -36.35 -12.72
N SER R 207 -8.24 -35.43 -13.69
CA SER R 207 -7.18 -34.60 -14.27
C SER R 207 -6.70 -33.59 -13.24
N SER R 208 -5.41 -33.23 -13.29
CA SER R 208 -4.80 -32.25 -12.38
C SER R 208 -5.53 -30.90 -12.46
N GLU R 209 -6.03 -30.57 -13.68
CA GLU R 209 -6.78 -29.37 -14.04
C GLU R 209 -8.15 -29.37 -13.30
N ALA R 210 -8.82 -30.55 -13.22
CA ALA R 210 -10.13 -30.75 -12.58
C ALA R 210 -10.04 -30.87 -11.07
N ILE R 211 -8.94 -31.43 -10.54
CA ILE R 211 -8.67 -31.55 -9.09
C ILE R 211 -8.50 -30.11 -8.59
N HIS R 212 -7.79 -29.26 -9.35
CA HIS R 212 -7.58 -27.85 -9.02
C HIS R 212 -8.90 -27.09 -9.12
N ALA R 213 -9.68 -27.32 -10.20
CA ALA R 213 -10.98 -26.69 -10.46
C ALA R 213 -11.93 -26.94 -9.33
N LEU R 214 -11.80 -28.14 -8.69
CA LEU R 214 -12.58 -28.54 -7.53
C LEU R 214 -12.08 -27.83 -6.28
N ARG R 215 -10.75 -27.57 -6.14
CA ARG R 215 -10.26 -26.79 -5.01
C ARG R 215 -10.73 -25.32 -5.13
N ARG R 216 -10.76 -24.76 -6.36
CA ARG R 216 -11.26 -23.39 -6.60
C ARG R 216 -12.76 -23.35 -6.29
N ALA R 217 -13.50 -24.43 -6.65
CA ALA R 217 -14.93 -24.55 -6.44
C ALA R 217 -15.31 -24.64 -4.96
N TYR R 218 -14.51 -25.31 -4.10
CA TYR R 218 -14.81 -25.40 -2.67
C TYR R 218 -14.64 -24.00 -2.07
N LYS R 219 -13.57 -23.28 -2.50
CA LYS R 219 -13.23 -21.94 -2.06
C LYS R 219 -14.35 -20.96 -2.28
N VAL R 220 -15.03 -20.98 -3.46
CA VAL R 220 -16.19 -20.13 -3.81
C VAL R 220 -17.32 -20.27 -2.78
N VAL R 221 -17.73 -21.53 -2.57
CA VAL R 221 -18.79 -22.00 -1.66
C VAL R 221 -18.47 -21.68 -0.20
N TYR R 222 -17.38 -22.24 0.33
CA TYR R 222 -17.04 -22.08 1.72
C TYR R 222 -16.14 -20.89 2.03
N ARG R 223 -14.81 -21.06 1.86
CA ARG R 223 -13.74 -20.10 2.19
C ARG R 223 -13.87 -18.63 1.58
N GLN R 224 -14.85 -18.32 0.69
CA GLN R 224 -14.99 -16.98 0.09
C GLN R 224 -16.09 -16.10 0.70
N GLY R 225 -17.03 -16.70 1.40
CA GLY R 225 -18.12 -15.95 2.01
C GLY R 225 -19.22 -15.56 1.02
N HIS R 226 -19.57 -16.50 0.15
CA HIS R 226 -20.65 -16.29 -0.77
C HIS R 226 -21.83 -17.02 -0.18
N THR R 227 -23.04 -16.46 -0.38
CA THR R 227 -24.28 -17.12 0.03
C THR R 227 -24.43 -18.24 -0.97
N VAL R 228 -25.00 -19.38 -0.58
CA VAL R 228 -25.15 -20.50 -1.51
C VAL R 228 -25.63 -20.01 -2.92
N GLU R 229 -26.65 -19.11 -3.01
CA GLU R 229 -27.15 -18.58 -4.29
C GLU R 229 -26.09 -17.85 -5.12
N GLU R 230 -25.20 -17.11 -4.46
CA GLU R 230 -24.09 -16.34 -5.07
C GLU R 230 -23.00 -17.27 -5.55
N ALA R 231 -22.69 -18.29 -4.72
CA ALA R 231 -21.66 -19.27 -5.03
C ALA R 231 -22.08 -20.02 -6.28
N LEU R 232 -23.38 -20.42 -6.36
CA LEU R 232 -24.00 -21.12 -7.50
C LEU R 232 -23.83 -20.36 -8.85
N ALA R 233 -23.83 -19.02 -8.79
CA ALA R 233 -23.64 -18.14 -9.94
C ALA R 233 -22.16 -18.10 -10.39
N GLU R 234 -21.23 -18.09 -9.43
CA GLU R 234 -19.79 -18.08 -9.70
C GLU R 234 -19.39 -19.45 -10.26
N LEU R 235 -20.00 -20.52 -9.69
CA LEU R 235 -19.78 -21.92 -10.06
C LEU R 235 -20.28 -22.28 -11.47
N ALA R 236 -21.23 -21.50 -12.03
CA ALA R 236 -21.83 -21.70 -13.35
C ALA R 236 -20.84 -21.91 -14.48
N GLU R 237 -19.76 -21.08 -14.50
CA GLU R 237 -18.70 -21.17 -15.52
C GLU R 237 -17.94 -22.49 -15.36
N SER R 238 -17.23 -22.65 -14.22
CA SER R 238 -16.42 -23.82 -13.86
C SER R 238 -17.12 -25.14 -14.19
N ALA R 239 -18.37 -25.29 -13.74
CA ALA R 239 -19.22 -26.46 -13.96
C ALA R 239 -19.52 -26.76 -15.43
N ALA R 240 -19.58 -25.71 -16.28
CA ALA R 240 -19.82 -25.85 -17.73
C ALA R 240 -18.54 -26.25 -18.47
N GLN R 241 -17.35 -26.07 -17.84
CA GLN R 241 -16.03 -26.41 -18.39
C GLN R 241 -15.63 -27.82 -17.90
N PHE R 242 -16.13 -28.18 -16.70
CA PHE R 242 -15.82 -29.44 -16.01
C PHE R 242 -17.01 -30.24 -15.58
N PRO R 243 -17.15 -31.47 -16.14
CA PRO R 243 -18.21 -32.38 -15.66
C PRO R 243 -18.05 -32.67 -14.16
N GLU R 244 -16.77 -32.67 -13.67
CA GLU R 244 -16.34 -32.90 -12.29
C GLU R 244 -16.90 -31.82 -11.32
N VAL R 245 -16.81 -30.51 -11.70
CA VAL R 245 -17.35 -29.36 -10.95
C VAL R 245 -18.88 -29.36 -11.14
N ALA R 246 -19.36 -29.77 -12.33
CA ALA R 246 -20.80 -29.81 -12.61
C ALA R 246 -21.51 -30.62 -11.56
N VAL R 247 -20.89 -31.75 -11.14
CA VAL R 247 -21.37 -32.68 -10.10
C VAL R 247 -21.49 -31.99 -8.75
N PHE R 248 -20.47 -31.20 -8.39
CA PHE R 248 -20.40 -30.45 -7.15
C PHE R 248 -21.50 -29.37 -7.14
N ARG R 249 -21.57 -28.49 -8.18
CA ARG R 249 -22.61 -27.44 -8.29
C ARG R 249 -24.01 -28.05 -8.18
N ASP R 250 -24.26 -29.14 -8.95
CA ASP R 250 -25.54 -29.85 -8.96
C ASP R 250 -25.96 -30.31 -7.55
N SER R 251 -25.00 -30.84 -6.76
CA SER R 251 -25.24 -31.30 -5.39
C SER R 251 -25.55 -30.14 -4.40
N ILE R 252 -25.10 -28.94 -4.73
CA ILE R 252 -25.37 -27.74 -3.92
C ILE R 252 -26.73 -27.11 -4.33
N GLN R 253 -27.08 -27.20 -5.64
CA GLN R 253 -28.33 -26.68 -6.16
C GLN R 253 -29.51 -27.50 -5.60
N SER R 254 -29.42 -28.85 -5.68
CA SER R 254 -30.43 -29.80 -5.20
C SER R 254 -30.69 -29.80 -3.66
N ALA R 255 -29.73 -29.31 -2.86
CA ALA R 255 -29.86 -29.27 -1.39
C ALA R 255 -30.87 -28.22 -0.94
N THR R 256 -30.61 -26.95 -1.28
CA THR R 256 -31.46 -25.81 -0.93
C THR R 256 -32.50 -25.48 -2.04
N ARG R 257 -33.30 -24.41 -1.82
CA ARG R 257 -34.28 -23.78 -2.72
C ARG R 257 -34.65 -22.46 -2.06
N GLY R 258 -34.91 -22.53 -0.77
CA GLY R 258 -35.26 -21.40 0.06
C GLY R 258 -36.67 -20.93 -0.14
N ILE R 259 -36.96 -19.78 0.48
CA ILE R 259 -38.26 -19.10 0.46
C ILE R 259 -38.07 -17.68 -0.06
N THR R 260 -39.13 -17.09 -0.63
CA THR R 260 -39.02 -15.72 -1.16
C THR R 260 -38.95 -14.71 -0.01
N ARG R 261 -37.92 -13.82 -0.01
CA ARG R 261 -37.80 -12.76 1.01
C ARG R 261 -38.24 -11.39 0.43
N MET S 4 -25.88 -83.63 29.80
CA MET S 4 -25.19 -82.66 28.94
C MET S 4 -23.65 -82.80 29.02
N SER S 5 -22.93 -82.48 27.90
CA SER S 5 -21.47 -82.50 27.78
C SER S 5 -20.98 -81.09 27.46
N LEU S 6 -19.82 -80.69 28.05
CA LEU S 6 -19.15 -79.38 27.96
C LEU S 6 -19.34 -78.66 26.62
N ILE S 7 -19.00 -79.38 25.53
CA ILE S 7 -19.15 -78.94 24.15
C ILE S 7 -20.53 -79.43 23.70
N ASP S 8 -21.48 -78.49 23.61
CA ASP S 8 -22.89 -78.68 23.25
C ASP S 8 -23.08 -79.35 21.85
N PRO S 9 -24.07 -80.29 21.66
CA PRO S 9 -24.26 -80.90 20.32
C PRO S 9 -24.71 -79.93 19.23
N ARG S 10 -25.44 -78.83 19.59
CA ARG S 10 -25.86 -77.79 18.62
C ARG S 10 -24.67 -76.96 18.11
N ALA S 11 -23.45 -77.20 18.65
CA ALA S 11 -22.21 -76.51 18.25
C ALA S 11 -21.48 -77.25 17.11
N ILE S 12 -20.79 -76.47 16.22
CA ILE S 12 -20.02 -76.95 15.06
C ILE S 12 -18.51 -76.82 15.31
N ILE S 13 -17.81 -77.95 15.53
CA ILE S 13 -16.36 -77.98 15.75
C ILE S 13 -15.66 -78.57 14.50
N ASP S 14 -14.77 -77.77 13.90
CA ASP S 14 -13.95 -78.11 12.75
C ASP S 14 -12.84 -79.06 13.26
N PRO S 15 -12.56 -80.22 12.58
CA PRO S 15 -11.52 -81.14 13.11
C PRO S 15 -10.11 -80.54 13.32
N SER S 16 -9.77 -79.50 12.51
CA SER S 16 -8.51 -78.75 12.53
C SER S 16 -8.43 -77.82 13.72
N ALA S 17 -9.57 -77.54 14.37
CA ALA S 17 -9.64 -76.69 15.56
C ALA S 17 -9.38 -77.59 16.77
N ARG S 18 -8.28 -77.34 17.52
CA ARG S 18 -7.93 -78.17 18.68
C ARG S 18 -8.07 -77.42 20.03
N LEU S 19 -9.03 -77.89 20.84
CA LEU S 19 -9.48 -77.40 22.14
C LEU S 19 -8.89 -78.25 23.29
N ALA S 20 -8.70 -77.65 24.48
CA ALA S 20 -8.23 -78.36 25.67
C ALA S 20 -9.39 -79.17 26.25
N ALA S 21 -9.10 -80.17 27.10
CA ALA S 21 -10.11 -81.08 27.67
C ALA S 21 -11.34 -80.37 28.30
N ASP S 22 -11.10 -79.55 29.33
CA ASP S 22 -12.10 -78.80 30.12
C ASP S 22 -12.84 -77.66 29.39
N VAL S 23 -12.46 -77.37 28.14
CA VAL S 23 -13.03 -76.30 27.31
C VAL S 23 -14.54 -76.50 27.05
N GLN S 24 -15.32 -75.40 27.21
CA GLN S 24 -16.77 -75.35 27.03
C GLN S 24 -17.17 -74.56 25.79
N VAL S 25 -18.08 -75.15 24.99
CA VAL S 25 -18.66 -74.56 23.78
C VAL S 25 -20.18 -74.69 23.84
N GLY S 26 -20.85 -73.54 23.81
CA GLY S 26 -22.31 -73.45 23.89
C GLY S 26 -23.06 -73.82 22.63
N PRO S 27 -24.41 -73.90 22.70
CA PRO S 27 -25.19 -74.24 21.49
C PRO S 27 -25.14 -73.16 20.38
N TRP S 28 -25.26 -73.59 19.11
CA TRP S 28 -25.28 -72.76 17.89
C TRP S 28 -24.05 -71.87 17.72
N SER S 29 -22.89 -72.40 18.08
CA SER S 29 -21.64 -71.71 17.91
C SER S 29 -20.76 -72.49 16.93
N ILE S 30 -19.86 -71.79 16.23
CA ILE S 30 -18.96 -72.38 15.24
C ILE S 30 -17.50 -72.20 15.68
N VAL S 31 -16.79 -73.33 15.86
CA VAL S 31 -15.36 -73.35 16.21
C VAL S 31 -14.59 -73.72 14.93
N GLY S 32 -14.51 -72.74 14.03
CA GLY S 32 -13.89 -72.83 12.72
C GLY S 32 -12.43 -73.23 12.76
N ALA S 33 -11.96 -73.83 11.66
CA ALA S 33 -10.60 -74.35 11.42
C ALA S 33 -9.50 -73.47 11.95
N GLU S 34 -8.39 -74.08 12.36
CA GLU S 34 -7.16 -73.42 12.85
C GLU S 34 -7.38 -72.61 14.14
N VAL S 35 -8.44 -72.93 14.91
CA VAL S 35 -8.75 -72.28 16.19
C VAL S 35 -8.31 -73.22 17.34
N GLU S 36 -7.48 -72.70 18.23
CA GLU S 36 -7.01 -73.41 19.41
C GLU S 36 -7.60 -72.75 20.62
N ILE S 37 -8.09 -73.54 21.56
CA ILE S 37 -8.69 -72.98 22.77
C ILE S 37 -8.05 -73.62 24.00
N GLY S 38 -7.48 -72.75 24.84
CA GLY S 38 -6.77 -73.15 26.04
C GLY S 38 -7.64 -73.57 27.20
N GLU S 39 -7.03 -74.38 28.10
CA GLU S 39 -7.55 -74.91 29.36
C GLU S 39 -8.54 -73.95 30.08
N GLY S 40 -9.73 -74.45 30.41
CA GLY S 40 -10.75 -73.74 31.16
C GLY S 40 -11.40 -72.52 30.54
N THR S 41 -11.33 -72.38 29.19
CA THR S 41 -11.97 -71.28 28.46
C THR S 41 -13.40 -71.67 28.07
N VAL S 42 -14.37 -70.78 28.39
CA VAL S 42 -15.80 -70.96 28.12
C VAL S 42 -16.23 -70.09 26.95
N ILE S 43 -16.91 -70.69 25.98
CA ILE S 43 -17.45 -69.97 24.84
C ILE S 43 -18.95 -70.16 24.94
N GLY S 44 -19.68 -69.05 24.89
CA GLY S 44 -21.14 -69.06 25.03
C GLY S 44 -21.90 -69.52 23.80
N PRO S 45 -23.24 -69.36 23.80
CA PRO S 45 -24.01 -69.72 22.61
C PRO S 45 -23.81 -68.68 21.49
N HIS S 46 -24.25 -68.97 20.26
CA HIS S 46 -24.18 -68.06 19.11
C HIS S 46 -22.86 -67.29 19.01
N VAL S 47 -21.73 -67.99 18.96
CA VAL S 47 -20.41 -67.37 18.84
C VAL S 47 -19.77 -67.87 17.56
N VAL S 48 -19.23 -66.95 16.77
CA VAL S 48 -18.52 -67.29 15.54
C VAL S 48 -17.03 -67.14 15.85
N LEU S 49 -16.25 -68.21 15.57
CA LEU S 49 -14.81 -68.27 15.81
C LEU S 49 -14.05 -68.77 14.58
N LYS S 50 -13.28 -67.87 13.91
CA LYS S 50 -12.49 -68.13 12.69
C LYS S 50 -10.98 -68.21 12.98
N GLY S 51 -10.29 -69.13 12.30
CA GLY S 51 -8.85 -69.32 12.43
C GLY S 51 -8.03 -68.69 11.33
N PRO S 52 -6.68 -68.55 11.46
CA PRO S 52 -5.81 -68.96 12.56
C PRO S 52 -5.98 -68.12 13.80
N THR S 53 -6.35 -68.78 14.92
CA THR S 53 -6.54 -68.13 16.22
C THR S 53 -6.03 -69.01 17.36
N LYS S 54 -5.33 -68.39 18.32
CA LYS S 54 -4.88 -69.10 19.49
C LYS S 54 -5.42 -68.36 20.69
N ILE S 55 -6.46 -68.94 21.33
CA ILE S 55 -7.09 -68.40 22.53
C ILE S 55 -6.54 -69.13 23.76
N GLY S 56 -6.10 -68.35 24.75
CA GLY S 56 -5.49 -68.85 25.97
C GLY S 56 -6.42 -69.52 26.93
N LYS S 57 -5.97 -69.62 28.18
CA LYS S 57 -6.64 -70.27 29.30
C LYS S 57 -7.60 -69.35 30.06
N HIS S 58 -8.68 -69.91 30.60
CA HIS S 58 -9.69 -69.26 31.46
C HIS S 58 -10.32 -67.95 30.94
N ASN S 59 -10.63 -67.93 29.63
CA ASN S 59 -11.34 -66.81 29.02
C ASN S 59 -12.84 -67.14 29.01
N ARG S 60 -13.69 -66.11 28.96
CA ARG S 60 -15.13 -66.29 28.85
C ARG S 60 -15.62 -65.39 27.70
N ILE S 61 -16.00 -66.02 26.57
CA ILE S 61 -16.51 -65.31 25.38
C ILE S 61 -18.05 -65.38 25.36
N TYR S 62 -18.69 -64.21 25.47
CA TYR S 62 -20.15 -64.10 25.48
C TYR S 62 -20.74 -64.30 24.09
N GLN S 63 -22.07 -64.34 24.02
CA GLN S 63 -22.87 -64.56 22.81
C GLN S 63 -22.74 -63.44 21.76
N PHE S 64 -23.11 -63.75 20.51
CA PHE S 64 -23.22 -62.88 19.33
C PHE S 64 -21.88 -62.17 18.90
N SER S 65 -20.75 -62.72 19.39
CA SER S 65 -19.39 -62.24 19.11
C SER S 65 -18.79 -62.95 17.89
N SER S 66 -18.14 -62.17 17.00
CA SER S 66 -17.45 -62.70 15.83
C SER S 66 -15.94 -62.57 16.16
N VAL S 67 -15.22 -63.69 16.45
CA VAL S 67 -13.79 -63.61 16.83
C VAL S 67 -12.87 -64.33 15.83
N GLY S 68 -11.85 -63.62 15.34
CA GLY S 68 -10.89 -64.15 14.37
C GLY S 68 -11.27 -63.89 12.92
N GLU S 69 -12.49 -63.39 12.68
CA GLU S 69 -13.01 -63.08 11.35
C GLU S 69 -12.11 -62.07 10.66
N ASP S 70 -11.79 -62.31 9.37
CA ASP S 70 -10.91 -61.45 8.58
C ASP S 70 -11.51 -60.08 8.33
N THR S 71 -10.67 -59.03 8.42
CA THR S 71 -11.08 -57.62 8.24
C THR S 71 -11.73 -57.34 6.90
N PRO S 72 -12.69 -56.40 6.86
CA PRO S 72 -13.28 -56.03 5.58
C PRO S 72 -12.41 -55.04 4.79
N ASP S 73 -11.30 -54.51 5.43
CA ASP S 73 -10.36 -53.54 4.85
C ASP S 73 -9.85 -54.08 3.54
N LEU S 74 -10.07 -53.31 2.46
CA LEU S 74 -9.70 -53.60 1.07
C LEU S 74 -8.21 -53.97 0.95
N LYS S 75 -7.37 -53.39 1.86
CA LYS S 75 -5.94 -53.63 2.07
C LYS S 75 -5.73 -55.18 2.13
N TYR S 76 -6.46 -55.84 3.06
CA TYR S 76 -6.44 -57.30 3.23
C TYR S 76 -7.10 -57.97 2.04
N LYS S 77 -6.33 -58.83 1.35
CA LYS S 77 -6.75 -59.56 0.18
C LYS S 77 -6.45 -61.09 0.30
N GLY S 78 -7.16 -61.75 1.20
CA GLY S 78 -7.06 -63.21 1.41
C GLY S 78 -5.91 -63.77 2.21
N GLU S 79 -4.83 -62.97 2.42
CA GLU S 79 -3.60 -63.30 3.17
C GLU S 79 -3.89 -64.15 4.46
N PRO S 80 -3.06 -65.13 4.85
CA PRO S 80 -3.43 -65.96 6.01
C PRO S 80 -2.87 -65.48 7.36
N THR S 81 -3.34 -64.32 7.81
CA THR S 81 -2.87 -63.70 9.04
C THR S 81 -3.45 -64.40 10.28
N ARG S 82 -2.93 -64.13 11.50
CA ARG S 82 -3.39 -64.80 12.73
C ARG S 82 -3.96 -63.83 13.77
N LEU S 83 -4.53 -64.42 14.86
CA LEU S 83 -5.05 -63.73 16.05
C LEU S 83 -4.61 -64.48 17.32
N VAL S 84 -4.07 -63.74 18.31
CA VAL S 84 -3.65 -64.33 19.58
C VAL S 84 -4.37 -63.63 20.74
N ILE S 85 -5.03 -64.42 21.60
CA ILE S 85 -5.74 -63.95 22.79
C ILE S 85 -5.10 -64.65 24.03
N GLY S 86 -4.72 -63.86 25.02
CA GLY S 86 -4.08 -64.38 26.23
C GLY S 86 -4.98 -65.16 27.16
N ASP S 87 -4.71 -65.04 28.47
CA ASP S 87 -5.43 -65.75 29.52
C ASP S 87 -6.31 -64.81 30.36
N HIS S 88 -7.34 -65.36 31.07
CA HIS S 88 -8.29 -64.68 31.98
C HIS S 88 -8.93 -63.40 31.41
N ASN S 89 -9.31 -63.43 30.13
CA ASN S 89 -9.96 -62.31 29.43
C ASN S 89 -11.49 -62.49 29.41
N VAL S 90 -12.24 -61.37 29.50
CA VAL S 90 -13.71 -61.39 29.37
C VAL S 90 -13.99 -60.62 28.10
N ILE S 91 -14.60 -61.30 27.13
CA ILE S 91 -14.96 -60.71 25.84
C ILE S 91 -16.49 -60.79 25.83
N ARG S 92 -17.14 -59.66 26.15
CA ARG S 92 -18.59 -59.58 26.31
C ARG S 92 -19.38 -59.77 24.98
N GLU S 93 -20.70 -59.62 25.05
CA GLU S 93 -21.65 -59.83 23.95
C GLU S 93 -21.44 -58.92 22.74
N GLY S 94 -21.44 -59.50 21.56
CA GLY S 94 -21.31 -58.79 20.29
C GLY S 94 -19.95 -58.19 19.95
N VAL S 95 -18.92 -58.48 20.76
CA VAL S 95 -17.56 -57.99 20.52
C VAL S 95 -17.05 -58.56 19.19
N THR S 96 -16.43 -57.71 18.35
CA THR S 96 -15.87 -58.08 17.05
C THR S 96 -14.36 -57.93 17.09
N ILE S 97 -13.66 -59.04 16.90
CA ILE S 97 -12.20 -59.07 16.90
C ILE S 97 -11.78 -59.61 15.53
N HIS S 98 -10.97 -58.84 14.80
CA HIS S 98 -10.47 -59.16 13.45
C HIS S 98 -8.98 -59.50 13.42
N ARG S 99 -8.56 -60.48 12.56
CA ARG S 99 -7.16 -60.90 12.44
C ARG S 99 -6.35 -59.84 11.68
N GLY S 100 -5.03 -59.85 11.85
CA GLY S 100 -4.11 -58.90 11.23
C GLY S 100 -4.09 -58.87 9.71
N THR S 101 -3.13 -58.09 9.15
CA THR S 101 -2.85 -57.91 7.72
C THR S 101 -1.34 -58.13 7.54
N VAL S 102 -0.94 -58.79 6.43
CA VAL S 102 0.46 -59.10 6.08
C VAL S 102 1.31 -57.82 5.86
N GLN S 103 0.64 -56.65 5.87
CA GLN S 103 1.19 -55.31 5.75
C GLN S 103 2.01 -54.96 7.02
N ASP S 104 1.40 -55.03 8.24
CA ASP S 104 2.07 -54.79 9.54
C ASP S 104 2.89 -56.06 9.94
N ARG S 105 2.44 -56.86 10.92
CA ARG S 105 3.16 -58.08 11.30
C ARG S 105 2.29 -59.36 11.15
N ALA S 106 1.07 -59.21 10.55
CA ALA S 106 0.07 -60.25 10.27
C ALA S 106 -0.45 -60.99 11.53
N GLU S 107 -0.73 -60.23 12.61
CA GLU S 107 -1.26 -60.75 13.88
C GLU S 107 -1.94 -59.63 14.64
N THR S 108 -3.12 -59.95 15.24
CA THR S 108 -3.89 -59.10 16.17
C THR S 108 -3.62 -59.73 17.53
N THR S 109 -3.02 -58.99 18.45
CA THR S 109 -2.66 -59.64 19.70
C THR S 109 -3.28 -58.98 20.92
N ILE S 110 -4.15 -59.73 21.62
CA ILE S 110 -4.80 -59.36 22.87
C ILE S 110 -4.07 -60.19 23.97
N GLY S 111 -3.57 -59.50 24.98
CA GLY S 111 -2.85 -60.13 26.08
C GLY S 111 -3.75 -60.82 27.09
N ASP S 112 -3.25 -60.87 28.33
CA ASP S 112 -3.89 -61.53 29.46
C ASP S 112 -4.69 -60.51 30.30
N HIS S 113 -5.74 -60.99 30.98
CA HIS S 113 -6.62 -60.27 31.94
C HIS S 113 -7.41 -59.06 31.46
N ASN S 114 -7.58 -58.86 30.14
CA ASN S 114 -8.34 -57.71 29.61
C ASN S 114 -9.87 -57.91 29.69
N LEU S 115 -10.61 -56.84 30.04
CA LEU S 115 -12.07 -56.86 30.06
C LEU S 115 -12.61 -56.04 28.89
N ILE S 116 -13.14 -56.74 27.88
CA ILE S 116 -13.69 -56.17 26.64
C ILE S 116 -15.23 -56.22 26.68
N MET S 117 -15.83 -55.08 27.05
CA MET S 117 -17.28 -54.91 27.15
C MET S 117 -18.03 -55.07 25.82
N ALA S 118 -19.35 -55.30 25.93
CA ALA S 118 -20.28 -55.53 24.82
C ALA S 118 -20.12 -54.60 23.60
N TYR S 119 -20.34 -55.15 22.40
CA TYR S 119 -20.33 -54.53 21.07
C TYR S 119 -19.02 -53.83 20.65
N ALA S 120 -17.96 -53.80 21.51
CA ALA S 120 -16.65 -53.23 21.18
C ALA S 120 -16.02 -53.89 19.93
N HIS S 121 -15.10 -53.19 19.25
CA HIS S 121 -14.44 -53.63 18.03
C HIS S 121 -12.91 -53.51 18.07
N ILE S 122 -12.18 -54.63 17.79
CA ILE S 122 -10.71 -54.68 17.74
C ILE S 122 -10.26 -55.05 16.30
N GLY S 123 -9.91 -54.05 15.50
CA GLY S 123 -9.49 -54.23 14.11
C GLY S 123 -8.05 -54.69 13.92
N HIS S 124 -7.76 -55.23 12.72
CA HIS S 124 -6.47 -55.76 12.24
C HIS S 124 -5.21 -55.16 12.86
N ASP S 125 -4.25 -56.01 13.23
CA ASP S 125 -2.95 -55.67 13.82
C ASP S 125 -2.99 -54.80 15.09
N SER S 126 -4.11 -54.84 15.81
CA SER S 126 -4.20 -54.12 17.07
C SER S 126 -3.54 -55.00 18.14
N VAL S 127 -2.81 -54.35 19.07
CA VAL S 127 -2.11 -55.00 20.17
C VAL S 127 -2.63 -54.43 21.48
N ILE S 128 -3.24 -55.30 22.32
CA ILE S 128 -3.79 -54.97 23.63
C ILE S 128 -2.95 -55.65 24.72
N GLY S 129 -2.58 -54.87 25.74
CA GLY S 129 -1.76 -55.36 26.84
C GLY S 129 -2.50 -56.21 27.84
N ASN S 130 -2.31 -55.90 29.13
CA ASN S 130 -2.92 -56.59 30.25
C ASN S 130 -3.84 -55.69 31.06
N HIS S 131 -4.91 -56.26 31.60
CA HIS S 131 -5.87 -55.59 32.47
C HIS S 131 -6.45 -54.31 31.89
N CYS S 132 -6.74 -54.33 30.59
CA CYS S 132 -7.33 -53.17 29.95
C CYS S 132 -8.83 -53.26 30.02
N ILE S 133 -9.50 -52.16 30.35
CA ILE S 133 -10.95 -52.14 30.29
C ILE S 133 -11.30 -51.42 28.98
N LEU S 134 -12.07 -52.08 28.14
CA LEU S 134 -12.52 -51.53 26.87
C LEU S 134 -14.04 -51.57 26.94
N VAL S 135 -14.62 -50.48 27.47
CA VAL S 135 -16.07 -50.28 27.68
C VAL S 135 -16.82 -50.38 26.33
N ASN S 136 -18.15 -50.62 26.37
CA ASN S 136 -19.05 -50.77 25.22
C ASN S 136 -18.68 -50.00 23.97
N ASN S 137 -18.92 -50.61 22.79
CA ASN S 137 -18.74 -50.05 21.43
C ASN S 137 -17.40 -49.26 21.17
N THR S 138 -16.30 -49.59 21.89
CA THR S 138 -14.96 -49.01 21.67
C THR S 138 -14.42 -49.52 20.32
N ALA S 139 -13.99 -48.61 19.45
CA ALA S 139 -13.51 -48.98 18.13
C ALA S 139 -12.02 -48.78 18.00
N LEU S 140 -11.32 -49.84 17.59
CA LEU S 140 -9.89 -49.76 17.32
C LEU S 140 -9.85 -50.00 15.84
N ALA S 141 -9.70 -48.90 15.06
CA ALA S 141 -9.72 -48.86 13.60
C ALA S 141 -8.79 -49.88 12.93
N GLY S 142 -7.68 -50.14 13.61
CA GLY S 142 -6.62 -51.04 13.15
C GLY S 142 -5.29 -50.53 13.65
N HIS S 143 -4.29 -51.42 13.69
CA HIS S 143 -2.92 -51.14 14.15
C HIS S 143 -2.82 -50.31 15.47
N VAL S 144 -3.87 -50.35 16.32
CA VAL S 144 -3.89 -49.61 17.60
C VAL S 144 -3.17 -50.39 18.69
N HIS S 145 -2.23 -49.72 19.39
CA HIS S 145 -1.49 -50.35 20.46
C HIS S 145 -1.94 -49.82 21.82
N VAL S 146 -2.73 -50.63 22.54
CA VAL S 146 -3.26 -50.32 23.88
C VAL S 146 -2.33 -51.02 24.91
N ASP S 147 -1.73 -50.22 25.81
CA ASP S 147 -0.84 -50.72 26.86
C ASP S 147 -1.65 -51.00 28.14
N ASP S 148 -1.04 -51.79 29.07
CA ASP S 148 -1.63 -52.26 30.33
C ASP S 148 -2.39 -51.20 31.15
N TRP S 149 -3.48 -51.64 31.83
CA TRP S 149 -4.36 -50.89 32.74
C TRP S 149 -5.12 -49.69 32.10
N ALA S 150 -5.02 -49.52 30.77
CA ALA S 150 -5.71 -48.43 30.08
C ALA S 150 -7.21 -48.71 30.03
N ILE S 151 -8.01 -47.68 30.36
CA ILE S 151 -9.48 -47.74 30.36
C ILE S 151 -10.00 -46.87 29.19
N LEU S 152 -10.66 -47.50 28.21
CA LEU S 152 -11.25 -46.73 27.11
C LEU S 152 -12.75 -46.74 27.39
N SER S 153 -13.35 -45.56 27.74
CA SER S 153 -14.78 -45.42 28.05
C SER S 153 -15.73 -45.73 26.86
N GLY S 154 -17.03 -45.87 27.15
CA GLY S 154 -18.06 -46.22 26.18
C GLY S 154 -18.04 -45.41 24.90
N TYR S 155 -18.14 -46.08 23.76
CA TYR S 155 -18.18 -45.52 22.40
C TYR S 155 -16.94 -44.64 22.04
N THR S 156 -15.75 -44.99 22.64
CA THR S 156 -14.44 -44.38 22.37
C THR S 156 -13.98 -44.90 21.03
N LEU S 157 -13.65 -44.00 20.10
CA LEU S 157 -13.17 -44.40 18.78
C LEU S 157 -11.69 -44.07 18.69
N VAL S 158 -10.91 -44.99 18.07
CA VAL S 158 -9.46 -44.86 17.94
C VAL S 158 -8.98 -45.07 16.49
N HIS S 159 -8.36 -44.00 15.91
CA HIS S 159 -7.81 -43.96 14.56
C HIS S 159 -6.64 -44.92 14.43
N GLN S 160 -6.49 -45.53 13.24
CA GLN S 160 -5.42 -46.47 12.91
C GLN S 160 -4.03 -46.00 13.37
N TYR S 161 -3.16 -46.96 13.76
CA TYR S 161 -1.74 -46.81 14.13
C TYR S 161 -1.47 -46.13 15.52
N CYS S 162 -2.49 -45.53 16.14
CA CYS S 162 -2.43 -44.84 17.44
C CYS S 162 -1.92 -45.71 18.58
N ARG S 163 -1.41 -45.05 19.65
CA ARG S 163 -0.94 -45.73 20.86
C ARG S 163 -1.57 -45.15 22.13
N ILE S 164 -2.19 -46.02 22.91
CA ILE S 164 -2.84 -45.72 24.18
C ILE S 164 -1.89 -46.19 25.29
N GLY S 165 -1.49 -45.25 26.13
CA GLY S 165 -0.53 -45.49 27.20
C GLY S 165 -1.00 -46.35 28.36
N ALA S 166 -0.04 -46.71 29.23
CA ALA S 166 -0.31 -47.51 30.41
C ALA S 166 -1.03 -46.62 31.39
N HIS S 167 -2.07 -47.16 32.04
CA HIS S 167 -2.90 -46.45 33.02
C HIS S 167 -3.62 -45.23 32.46
N SER S 168 -3.59 -45.01 31.13
CA SER S 168 -4.31 -43.89 30.53
C SER S 168 -5.84 -44.10 30.63
N PHE S 169 -6.62 -43.10 30.19
CA PHE S 169 -8.08 -43.17 30.30
C PHE S 169 -8.71 -42.22 29.30
N SER S 170 -9.74 -42.67 28.54
CA SER S 170 -10.46 -41.76 27.63
C SER S 170 -11.92 -41.61 28.07
N GLY S 171 -12.45 -40.38 27.97
CA GLY S 171 -13.84 -40.05 28.35
C GLY S 171 -14.86 -40.67 27.42
N MET S 172 -16.13 -40.81 27.84
CA MET S 172 -17.03 -41.49 26.91
C MET S 172 -17.21 -40.73 25.58
N GLY S 173 -17.51 -41.48 24.53
CA GLY S 173 -17.66 -40.98 23.16
C GLY S 173 -16.47 -40.25 22.58
N SER S 174 -15.27 -40.39 23.23
CA SER S 174 -14.00 -39.76 22.88
C SER S 174 -13.44 -40.27 21.55
N ALA S 175 -13.09 -39.36 20.61
CA ALA S 175 -12.50 -39.75 19.31
C ALA S 175 -11.00 -39.42 19.31
N ILE S 176 -10.18 -40.47 19.55
CA ILE S 176 -8.71 -40.44 19.65
C ILE S 176 -8.11 -40.60 18.26
N GLY S 177 -7.27 -39.64 17.87
CA GLY S 177 -6.60 -39.63 16.56
C GLY S 177 -5.09 -39.51 16.64
N LYS S 178 -4.57 -39.12 17.83
CA LYS S 178 -3.14 -38.95 18.12
C LYS S 178 -2.78 -39.79 19.35
N ASP S 179 -1.50 -40.17 19.49
CA ASP S 179 -1.02 -40.97 20.61
C ASP S 179 -1.45 -40.46 21.98
N VAL S 180 -2.13 -41.28 22.77
CA VAL S 180 -2.46 -40.88 24.15
C VAL S 180 -1.24 -41.27 25.00
N PRO S 181 -0.52 -40.32 25.65
CA PRO S 181 0.61 -40.74 26.49
C PRO S 181 0.09 -41.51 27.71
N ALA S 182 0.98 -42.25 28.37
CA ALA S 182 0.62 -43.04 29.55
C ALA S 182 0.10 -42.15 30.67
N TYR S 183 -0.92 -42.59 31.41
CA TYR S 183 -1.62 -41.92 32.53
C TYR S 183 -2.56 -40.79 32.10
N VAL S 184 -2.27 -40.08 31.00
CA VAL S 184 -3.06 -38.94 30.50
C VAL S 184 -4.52 -39.37 30.23
N THR S 185 -5.50 -38.51 30.67
CA THR S 185 -6.95 -38.64 30.50
C THR S 185 -7.43 -37.68 29.41
N VAL S 186 -7.86 -38.23 28.25
CA VAL S 186 -8.33 -37.50 27.07
C VAL S 186 -9.85 -37.50 26.94
N PHE S 187 -10.44 -36.36 26.49
CA PHE S 187 -11.89 -36.20 26.39
C PHE S 187 -12.41 -35.47 25.13
N GLY S 188 -13.48 -36.03 24.53
CA GLY S 188 -14.24 -35.47 23.40
C GLY S 188 -13.84 -35.81 21.99
N ASN S 189 -14.52 -35.21 20.99
CA ASN S 189 -14.17 -35.37 19.57
C ASN S 189 -13.94 -33.97 19.00
N PRO S 190 -12.66 -33.58 18.73
CA PRO S 190 -11.42 -34.36 18.87
C PRO S 190 -10.91 -34.49 20.30
N ALA S 191 -10.37 -35.69 20.65
CA ALA S 191 -9.83 -36.02 21.98
C ALA S 191 -8.73 -35.05 22.37
N GLU S 192 -8.89 -34.44 23.56
CA GLU S 192 -7.96 -33.44 24.11
C GLU S 192 -7.58 -33.85 25.53
N ALA S 193 -6.27 -33.74 25.86
CA ALA S 193 -5.70 -34.07 27.18
C ALA S 193 -6.27 -33.14 28.28
N ARG S 194 -6.74 -33.72 29.41
CA ARG S 194 -7.32 -32.99 30.53
C ARG S 194 -6.47 -33.06 31.79
N SER S 195 -6.09 -34.27 32.23
CA SER S 195 -5.24 -34.50 33.41
C SER S 195 -4.65 -35.90 33.34
N MET S 196 -4.22 -36.43 34.49
CA MET S 196 -3.68 -37.77 34.64
C MET S 196 -4.67 -38.66 35.42
N ASN S 197 -4.62 -39.97 35.18
CA ASN S 197 -5.49 -40.94 35.82
C ASN S 197 -5.01 -41.22 37.26
N PHE S 198 -5.27 -40.24 38.17
CA PHE S 198 -4.89 -40.33 39.59
C PHE S 198 -5.52 -41.50 40.31
N GLU S 199 -6.65 -42.04 39.78
CA GLU S 199 -7.28 -43.19 40.39
C GLU S 199 -6.51 -44.46 40.14
N GLY S 200 -6.17 -44.75 38.89
CA GLY S 200 -5.40 -45.94 38.50
C GLY S 200 -4.00 -45.99 39.08
N MET S 201 -3.49 -44.81 39.49
CA MET S 201 -2.20 -44.64 40.15
C MET S 201 -2.41 -45.16 41.58
N ARG S 202 -3.49 -44.67 42.27
CA ARG S 202 -3.91 -45.05 43.63
C ARG S 202 -4.30 -46.53 43.69
N ARG S 203 -5.02 -47.02 42.66
CA ARG S 203 -5.47 -48.41 42.50
C ARG S 203 -4.26 -49.34 42.35
N ARG S 204 -3.17 -48.85 41.73
CA ARG S 204 -1.92 -49.60 41.56
C ARG S 204 -0.87 -49.28 42.66
N GLY S 205 -1.33 -48.58 43.70
CA GLY S 205 -0.57 -48.21 44.90
C GLY S 205 0.73 -47.44 44.69
N PHE S 206 0.69 -46.38 43.89
CA PHE S 206 1.88 -45.56 43.61
C PHE S 206 2.24 -44.73 44.82
N SER S 207 3.56 -44.51 45.00
CA SER S 207 4.06 -43.73 46.13
C SER S 207 3.54 -42.32 45.93
N SER S 208 3.08 -41.68 47.01
CA SER S 208 2.58 -40.28 46.99
C SER S 208 3.59 -39.35 46.28
N GLU S 209 4.89 -39.74 46.28
CA GLU S 209 6.02 -39.05 45.65
C GLU S 209 5.92 -39.15 44.14
N ALA S 210 5.56 -40.36 43.65
CA ALA S 210 5.39 -40.68 42.23
C ALA S 210 4.10 -40.08 41.70
N ILE S 211 3.08 -39.92 42.56
CA ILE S 211 1.80 -39.32 42.15
C ILE S 211 1.99 -37.82 41.89
N HIS S 212 2.81 -37.17 42.70
CA HIS S 212 3.08 -35.76 42.52
C HIS S 212 4.07 -35.58 41.36
N ALA S 213 5.06 -36.49 41.24
CA ALA S 213 6.06 -36.47 40.16
C ALA S 213 5.37 -36.53 38.82
N LEU S 214 4.31 -37.36 38.69
CA LEU S 214 3.51 -37.49 37.47
C LEU S 214 2.61 -36.26 37.27
N ARG S 215 2.22 -35.57 38.37
CA ARG S 215 1.44 -34.36 38.23
C ARG S 215 2.37 -33.32 37.62
N ARG S 216 3.55 -33.10 38.24
CA ARG S 216 4.60 -32.19 37.74
C ARG S 216 4.97 -32.56 36.29
N ALA S 217 4.97 -33.87 35.95
CA ALA S 217 5.27 -34.38 34.61
C ALA S 217 4.25 -33.94 33.56
N TYR S 218 2.93 -33.98 33.90
CA TYR S 218 1.88 -33.53 32.97
C TYR S 218 2.05 -32.04 32.68
N LYS S 219 2.42 -31.27 33.73
CA LYS S 219 2.64 -29.83 33.64
C LYS S 219 3.75 -29.51 32.65
N VAL S 220 4.93 -30.18 32.77
CA VAL S 220 6.12 -29.94 31.91
C VAL S 220 5.72 -30.02 30.42
N VAL S 221 5.12 -31.15 30.01
CA VAL S 221 4.64 -31.46 28.67
C VAL S 221 3.63 -30.41 28.19
N TYR S 222 2.48 -30.36 28.86
CA TYR S 222 1.32 -29.54 28.52
C TYR S 222 1.28 -28.11 29.08
N ARG S 223 0.88 -27.94 30.37
CA ARG S 223 0.70 -26.66 31.11
C ARG S 223 1.88 -25.64 31.05
N GLN S 224 3.10 -26.06 30.64
CA GLN S 224 4.29 -25.20 30.66
C GLN S 224 4.64 -24.49 29.35
N GLY S 225 4.09 -24.97 28.24
CA GLY S 225 4.33 -24.36 26.93
C GLY S 225 5.61 -24.78 26.25
N HIS S 226 6.22 -25.85 26.74
CA HIS S 226 7.44 -26.37 26.16
C HIS S 226 7.11 -27.24 24.96
N THR S 227 7.91 -27.13 23.89
CA THR S 227 7.76 -27.97 22.69
C THR S 227 8.05 -29.42 23.10
N VAL S 228 7.42 -30.39 22.43
CA VAL S 228 7.62 -31.82 22.73
C VAL S 228 9.12 -32.15 22.87
N GLU S 229 9.99 -31.41 22.16
CA GLU S 229 11.45 -31.51 22.20
C GLU S 229 11.98 -31.11 23.60
N GLU S 230 11.65 -29.87 24.07
CA GLU S 230 12.05 -29.25 25.36
C GLU S 230 11.38 -29.89 26.58
N ALA S 231 10.17 -30.48 26.37
CA ALA S 231 9.38 -31.17 27.38
C ALA S 231 10.19 -32.35 27.88
N LEU S 232 10.51 -33.31 26.96
CA LEU S 232 11.31 -34.54 27.19
C LEU S 232 12.65 -34.28 27.86
N ALA S 233 13.26 -33.12 27.54
CA ALA S 233 14.52 -32.66 28.08
C ALA S 233 14.41 -32.45 29.58
N GLU S 234 13.34 -31.76 30.04
CA GLU S 234 13.12 -31.50 31.47
C GLU S 234 12.80 -32.79 32.22
N LEU S 235 11.90 -33.62 31.62
CA LEU S 235 11.47 -34.91 32.16
C LEU S 235 12.65 -35.84 32.51
N ALA S 236 13.76 -35.79 31.72
CA ALA S 236 14.99 -36.58 31.88
C ALA S 236 15.37 -36.88 33.34
N GLU S 237 15.20 -35.88 34.23
CA GLU S 237 15.51 -35.96 35.66
C GLU S 237 14.49 -36.80 36.44
N SER S 238 13.20 -36.38 36.45
CA SER S 238 12.11 -37.09 37.13
C SER S 238 11.96 -38.54 36.62
N ALA S 239 12.36 -38.79 35.36
CA ALA S 239 12.35 -40.10 34.72
C ALA S 239 13.47 -40.99 35.28
N ALA S 240 14.57 -40.39 35.77
CA ALA S 240 15.70 -41.10 36.37
C ALA S 240 15.43 -41.41 37.86
N GLN S 241 14.56 -40.59 38.50
CA GLN S 241 14.16 -40.72 39.92
C GLN S 241 12.90 -41.62 40.08
N PHE S 242 11.99 -41.58 39.09
CA PHE S 242 10.73 -42.32 39.11
C PHE S 242 10.53 -43.18 37.88
N PRO S 243 10.45 -44.50 38.08
CA PRO S 243 10.26 -45.42 36.96
C PRO S 243 8.86 -45.30 36.35
N GLU S 244 7.95 -44.81 37.16
CA GLU S 244 6.56 -44.55 36.81
C GLU S 244 6.51 -43.27 35.95
N VAL S 245 7.50 -42.35 36.11
CA VAL S 245 7.60 -41.14 35.30
C VAL S 245 8.34 -41.50 34.04
N ALA S 246 9.21 -42.52 34.12
CA ALA S 246 9.94 -43.02 32.98
C ALA S 246 8.95 -43.56 31.92
N VAL S 247 7.88 -44.27 32.36
CA VAL S 247 6.78 -44.84 31.55
C VAL S 247 6.18 -43.75 30.67
N PHE S 248 5.71 -42.66 31.33
CA PHE S 248 5.13 -41.47 30.72
C PHE S 248 6.09 -40.82 29.71
N ARG S 249 7.35 -40.52 30.14
CA ARG S 249 8.37 -39.92 29.29
C ARG S 249 8.56 -40.77 28.04
N ASP S 250 8.87 -42.07 28.21
CA ASP S 250 9.06 -43.05 27.15
C ASP S 250 7.86 -43.11 26.20
N SER S 251 6.62 -42.85 26.71
CA SER S 251 5.40 -42.90 25.92
C SER S 251 5.28 -41.77 24.87
N ILE S 252 5.94 -40.60 25.16
CA ILE S 252 6.02 -39.35 24.36
C ILE S 252 7.28 -39.39 23.43
N GLN S 253 8.35 -40.01 23.94
CA GLN S 253 9.63 -40.26 23.30
C GLN S 253 9.34 -41.01 22.03
N SER S 254 8.61 -42.14 22.15
CA SER S 254 8.20 -43.04 21.08
C SER S 254 6.95 -42.56 20.29
N ALA S 255 6.32 -41.45 20.71
CA ALA S 255 5.14 -40.91 20.03
C ALA S 255 5.56 -40.02 18.87
N THR S 256 6.54 -39.12 19.15
CA THR S 256 7.04 -38.15 18.18
C THR S 256 8.49 -38.40 17.72
N ARG S 257 8.73 -38.26 16.39
CA ARG S 257 10.05 -38.30 15.77
C ARG S 257 10.27 -36.96 15.04
N GLY S 258 9.32 -36.60 14.17
CA GLY S 258 9.31 -35.35 13.43
C GLY S 258 10.25 -35.25 12.27
N ILE S 259 10.10 -34.19 11.48
CA ILE S 259 10.90 -33.92 10.30
C ILE S 259 11.96 -32.87 10.67
N THR S 260 13.19 -32.97 10.11
CA THR S 260 14.25 -32.03 10.42
C THR S 260 13.92 -30.72 9.74
N ARG S 261 14.10 -29.59 10.44
CA ARG S 261 13.88 -28.25 9.87
C ARG S 261 15.20 -27.49 9.84
N MET T 4 -59.58 -44.28 -42.86
CA MET T 4 -59.38 -42.83 -42.76
C MET T 4 -58.20 -42.39 -43.66
N SER T 5 -58.31 -41.19 -44.33
CA SER T 5 -57.31 -40.64 -45.26
C SER T 5 -56.83 -39.20 -44.94
N LEU T 6 -55.55 -39.08 -44.48
CA LEU T 6 -54.73 -37.91 -44.10
C LEU T 6 -55.47 -36.64 -43.63
N ILE T 7 -56.09 -35.90 -44.57
CA ILE T 7 -56.84 -34.67 -44.34
C ILE T 7 -58.28 -35.03 -43.98
N ASP T 8 -58.70 -34.63 -42.77
CA ASP T 8 -60.03 -34.86 -42.19
C ASP T 8 -61.13 -34.24 -43.06
N PRO T 9 -62.35 -34.86 -43.17
CA PRO T 9 -63.42 -34.25 -44.00
C PRO T 9 -63.92 -32.93 -43.41
N ARG T 10 -63.80 -32.81 -42.08
CA ARG T 10 -64.19 -31.64 -41.30
C ARG T 10 -63.20 -30.48 -41.49
N ALA T 11 -61.98 -30.76 -42.02
CA ALA T 11 -60.97 -29.74 -42.31
C ALA T 11 -61.30 -29.05 -43.63
N ILE T 12 -61.12 -27.71 -43.71
CA ILE T 12 -61.37 -26.92 -44.94
C ILE T 12 -60.03 -26.63 -45.67
N ILE T 13 -59.91 -27.00 -46.97
CA ILE T 13 -58.71 -26.72 -47.77
C ILE T 13 -59.06 -25.93 -49.05
N ASP T 14 -58.35 -24.81 -49.30
CA ASP T 14 -58.50 -23.91 -50.45
C ASP T 14 -57.83 -24.52 -51.68
N PRO T 15 -58.46 -24.50 -52.90
CA PRO T 15 -57.82 -25.07 -54.09
C PRO T 15 -56.39 -24.55 -54.34
N SER T 16 -56.20 -23.24 -54.12
CA SER T 16 -54.94 -22.52 -54.27
C SER T 16 -53.87 -22.93 -53.25
N ALA T 17 -54.28 -23.63 -52.15
CA ALA T 17 -53.35 -24.13 -51.14
C ALA T 17 -52.73 -25.42 -51.66
N ARG T 18 -51.41 -25.58 -51.50
CA ARG T 18 -50.70 -26.77 -51.96
C ARG T 18 -50.14 -27.54 -50.79
N LEU T 19 -50.54 -28.80 -50.68
CA LEU T 19 -50.11 -29.68 -49.61
C LEU T 19 -49.40 -30.89 -50.20
N ALA T 20 -48.20 -31.22 -49.66
CA ALA T 20 -47.40 -32.37 -50.09
C ALA T 20 -48.16 -33.67 -49.78
N ALA T 21 -47.66 -34.84 -50.25
CA ALA T 21 -48.34 -36.12 -50.10
C ALA T 21 -48.76 -36.47 -48.65
N ASP T 22 -47.77 -36.74 -47.77
CA ASP T 22 -47.95 -37.15 -46.37
C ASP T 22 -48.28 -36.00 -45.40
N VAL T 23 -49.03 -35.02 -45.88
CA VAL T 23 -49.46 -33.90 -45.05
C VAL T 23 -50.79 -34.26 -44.43
N GLN T 24 -50.87 -34.09 -43.11
CA GLN T 24 -52.05 -34.40 -42.29
C GLN T 24 -52.73 -33.13 -41.81
N VAL T 25 -54.06 -33.05 -42.00
CA VAL T 25 -54.88 -31.94 -41.53
C VAL T 25 -56.00 -32.48 -40.64
N GLY T 26 -56.04 -31.97 -39.41
CA GLY T 26 -57.01 -32.35 -38.39
C GLY T 26 -58.40 -31.82 -38.65
N PRO T 27 -59.43 -32.31 -37.92
CA PRO T 27 -60.78 -31.81 -38.15
C PRO T 27 -60.93 -30.34 -37.77
N TRP T 28 -61.86 -29.63 -38.44
CA TRP T 28 -62.22 -28.24 -38.17
C TRP T 28 -61.02 -27.28 -38.29
N SER T 29 -60.08 -27.56 -39.21
CA SER T 29 -58.91 -26.72 -39.45
C SER T 29 -59.02 -26.10 -40.84
N ILE T 30 -58.75 -24.78 -40.99
CA ILE T 30 -58.84 -24.05 -42.27
C ILE T 30 -57.46 -23.78 -42.92
N VAL T 31 -57.17 -24.43 -44.06
CA VAL T 31 -55.94 -24.20 -44.84
C VAL T 31 -56.34 -23.18 -45.89
N GLY T 32 -55.97 -21.92 -45.63
CA GLY T 32 -56.32 -20.78 -46.45
C GLY T 32 -55.74 -20.78 -47.84
N ALA T 33 -55.99 -19.70 -48.56
CA ALA T 33 -55.48 -19.56 -49.90
C ALA T 33 -53.98 -19.33 -49.86
N GLU T 34 -53.25 -19.93 -50.82
CA GLU T 34 -51.80 -19.83 -51.00
C GLU T 34 -50.97 -20.31 -49.79
N VAL T 35 -51.53 -21.28 -49.03
CA VAL T 35 -50.83 -21.91 -47.91
C VAL T 35 -50.14 -23.19 -48.46
N GLU T 36 -48.80 -23.11 -48.57
CA GLU T 36 -47.91 -24.16 -49.06
C GLU T 36 -47.43 -24.97 -47.85
N ILE T 37 -47.78 -26.28 -47.79
CA ILE T 37 -47.39 -27.15 -46.66
C ILE T 37 -46.59 -28.37 -47.15
N GLY T 38 -45.36 -28.51 -46.63
CA GLY T 38 -44.38 -29.53 -47.02
C GLY T 38 -44.47 -30.91 -46.39
N GLU T 39 -43.67 -31.87 -46.93
CA GLU T 39 -43.52 -33.31 -46.61
C GLU T 39 -43.57 -33.67 -45.10
N GLY T 40 -44.49 -34.55 -44.73
CA GLY T 40 -44.65 -35.08 -43.38
C GLY T 40 -45.00 -34.11 -42.29
N THR T 41 -45.62 -32.97 -42.63
CA THR T 41 -46.06 -31.94 -41.68
C THR T 41 -47.40 -32.43 -41.10
N VAL T 42 -47.68 -32.05 -39.82
CA VAL T 42 -48.91 -32.41 -39.13
C VAL T 42 -49.62 -31.15 -38.65
N ILE T 43 -50.83 -30.91 -39.14
CA ILE T 43 -51.62 -29.74 -38.73
C ILE T 43 -52.78 -30.26 -37.92
N GLY T 44 -52.71 -30.07 -36.60
CA GLY T 44 -53.71 -30.54 -35.65
C GLY T 44 -55.13 -30.06 -35.85
N PRO T 45 -56.05 -30.41 -34.92
CA PRO T 45 -57.43 -29.93 -35.04
C PRO T 45 -57.52 -28.44 -34.71
N HIS T 46 -58.60 -27.75 -35.11
CA HIS T 46 -58.84 -26.33 -34.85
C HIS T 46 -57.64 -25.40 -35.12
N VAL T 47 -56.91 -25.64 -36.21
CA VAL T 47 -55.80 -24.77 -36.57
C VAL T 47 -56.36 -23.87 -37.69
N VAL T 48 -55.92 -22.60 -37.74
CA VAL T 48 -56.37 -21.60 -38.73
C VAL T 48 -55.15 -21.02 -39.47
N LEU T 49 -54.95 -21.42 -40.74
CA LEU T 49 -53.84 -20.96 -41.58
C LEU T 49 -54.29 -19.98 -42.66
N LYS T 50 -53.52 -18.91 -42.91
CA LYS T 50 -53.79 -17.89 -43.94
C LYS T 50 -52.54 -17.67 -44.80
N GLY T 51 -52.76 -17.39 -46.09
CA GLY T 51 -51.67 -17.17 -47.03
C GLY T 51 -51.51 -15.72 -47.47
N PRO T 52 -50.40 -15.36 -48.19
CA PRO T 52 -49.27 -16.18 -48.66
C PRO T 52 -48.38 -16.73 -47.52
N THR T 53 -48.24 -18.07 -47.43
CA THR T 53 -47.44 -18.70 -46.36
C THR T 53 -46.79 -20.03 -46.81
N LYS T 54 -45.46 -20.18 -46.59
CA LYS T 54 -44.71 -21.42 -46.85
C LYS T 54 -44.35 -22.05 -45.48
N ILE T 55 -44.70 -23.35 -45.28
CA ILE T 55 -44.46 -24.19 -44.09
C ILE T 55 -43.79 -25.46 -44.65
N GLY T 56 -42.50 -25.63 -44.35
CA GLY T 56 -41.73 -26.77 -44.86
C GLY T 56 -42.00 -28.14 -44.29
N LYS T 57 -41.00 -29.02 -44.44
CA LYS T 57 -40.97 -30.42 -44.01
C LYS T 57 -41.14 -30.64 -42.50
N HIS T 58 -41.56 -31.86 -42.12
CA HIS T 58 -41.77 -32.44 -40.79
C HIS T 58 -42.02 -31.45 -39.64
N ASN T 59 -42.95 -30.51 -39.87
CA ASN T 59 -43.38 -29.51 -38.89
C ASN T 59 -44.63 -30.05 -38.17
N ARG T 60 -45.00 -29.45 -37.01
CA ARG T 60 -46.20 -29.84 -36.25
C ARG T 60 -46.81 -28.58 -35.65
N ILE T 61 -47.98 -28.21 -36.16
CA ILE T 61 -48.72 -27.03 -35.70
C ILE T 61 -49.95 -27.49 -34.90
N TYR T 62 -49.86 -27.40 -33.56
CA TYR T 62 -50.89 -27.79 -32.58
C TYR T 62 -52.14 -26.94 -32.66
N GLN T 63 -53.23 -27.49 -32.13
CA GLN T 63 -54.58 -26.95 -32.05
C GLN T 63 -54.68 -25.47 -31.62
N PHE T 64 -55.78 -24.80 -31.99
CA PHE T 64 -56.13 -23.41 -31.63
C PHE T 64 -55.07 -22.32 -32.01
N SER T 65 -54.16 -22.63 -32.97
CA SER T 65 -53.13 -21.71 -33.48
C SER T 65 -53.60 -20.91 -34.68
N SER T 66 -53.28 -19.60 -34.72
CA SER T 66 -53.61 -18.71 -35.86
C SER T 66 -52.27 -18.33 -36.53
N VAL T 67 -51.87 -19.13 -37.54
CA VAL T 67 -50.59 -19.04 -38.25
C VAL T 67 -50.76 -18.54 -39.71
N GLY T 68 -50.37 -17.29 -39.94
CA GLY T 68 -50.44 -16.68 -41.28
C GLY T 68 -51.39 -15.51 -41.41
N GLU T 69 -51.92 -15.03 -40.28
CA GLU T 69 -52.87 -13.94 -40.19
C GLU T 69 -52.21 -12.56 -40.43
N ASP T 70 -52.94 -11.56 -41.02
CA ASP T 70 -52.39 -10.20 -41.22
C ASP T 70 -52.20 -9.56 -39.84
N THR T 71 -51.13 -8.74 -39.61
CA THR T 71 -50.94 -8.11 -38.28
C THR T 71 -51.99 -6.99 -38.06
N PRO T 72 -52.40 -6.70 -36.80
CA PRO T 72 -53.41 -5.65 -36.61
C PRO T 72 -52.80 -4.26 -36.65
N ASP T 73 -51.43 -4.16 -36.67
CA ASP T 73 -50.68 -2.90 -36.69
C ASP T 73 -51.24 -2.03 -37.79
N LEU T 74 -51.68 -0.82 -37.43
CA LEU T 74 -52.28 0.17 -38.32
C LEU T 74 -51.33 0.56 -39.46
N LYS T 75 -50.06 0.16 -39.31
CA LYS T 75 -48.93 0.23 -40.23
C LYS T 75 -49.35 -0.50 -41.53
N TYR T 76 -49.97 -1.69 -41.36
CA TYR T 76 -50.46 -2.56 -42.44
C TYR T 76 -51.76 -2.02 -43.00
N LYS T 77 -51.80 -1.89 -44.33
CA LYS T 77 -52.92 -1.36 -45.09
C LYS T 77 -53.31 -2.34 -46.25
N GLY T 78 -53.53 -3.59 -45.88
CA GLY T 78 -53.94 -4.67 -46.78
C GLY T 78 -52.86 -5.28 -47.66
N GLU T 79 -51.64 -4.70 -47.63
CA GLU T 79 -50.46 -5.08 -48.44
C GLU T 79 -50.23 -6.62 -48.61
N PRO T 80 -49.93 -7.17 -49.83
CA PRO T 80 -49.72 -8.63 -49.93
C PRO T 80 -48.32 -9.08 -49.48
N THR T 81 -48.18 -9.33 -48.16
CA THR T 81 -46.94 -9.77 -47.51
C THR T 81 -46.97 -11.29 -47.28
N ARG T 82 -45.81 -11.90 -46.91
CA ARG T 82 -45.67 -13.36 -46.74
C ARG T 82 -45.17 -13.80 -45.35
N LEU T 83 -45.19 -15.13 -45.11
CA LEU T 83 -44.69 -15.82 -43.91
C LEU T 83 -43.93 -17.09 -44.35
N VAL T 84 -42.73 -17.34 -43.78
CA VAL T 84 -41.93 -18.53 -44.13
C VAL T 84 -41.53 -19.34 -42.87
N ILE T 85 -41.91 -20.63 -42.80
CA ILE T 85 -41.58 -21.52 -41.68
C ILE T 85 -40.76 -22.70 -42.25
N GLY T 86 -39.60 -22.97 -41.64
CA GLY T 86 -38.66 -24.00 -42.10
C GLY T 86 -39.10 -25.42 -41.88
N ASP T 87 -38.14 -26.30 -41.52
CA ASP T 87 -38.42 -27.71 -41.25
C ASP T 87 -38.14 -28.08 -39.77
N HIS T 88 -38.75 -29.18 -39.30
CA HIS T 88 -38.64 -29.71 -37.93
C HIS T 88 -38.97 -28.71 -36.82
N ASN T 89 -39.96 -27.83 -37.09
CA ASN T 89 -40.43 -26.85 -36.12
C ASN T 89 -41.57 -27.45 -35.29
N VAL T 90 -41.86 -26.81 -34.12
CA VAL T 90 -42.93 -27.18 -33.19
C VAL T 90 -43.70 -25.91 -32.80
N ILE T 91 -44.93 -25.76 -33.31
CA ILE T 91 -45.80 -24.63 -32.96
C ILE T 91 -46.89 -25.22 -32.05
N ARG T 92 -46.73 -25.04 -30.70
CA ARG T 92 -47.67 -25.57 -29.70
C ARG T 92 -49.03 -24.89 -29.72
N GLU T 93 -49.93 -25.36 -28.85
CA GLU T 93 -51.32 -24.94 -28.72
C GLU T 93 -51.51 -23.41 -28.62
N GLY T 94 -52.41 -22.87 -29.43
CA GLY T 94 -52.78 -21.46 -29.44
C GLY T 94 -51.72 -20.44 -29.78
N VAL T 95 -50.72 -20.83 -30.56
CA VAL T 95 -49.66 -19.89 -30.93
C VAL T 95 -50.14 -19.00 -32.10
N THR T 96 -49.78 -17.70 -32.07
CA THR T 96 -50.13 -16.73 -33.13
C THR T 96 -48.89 -16.25 -33.87
N ILE T 97 -48.86 -16.40 -35.19
CA ILE T 97 -47.74 -15.95 -36.01
C ILE T 97 -48.32 -15.10 -37.15
N HIS T 98 -47.95 -13.80 -37.22
CA HIS T 98 -48.43 -12.85 -38.23
C HIS T 98 -47.47 -12.70 -39.42
N ARG T 99 -48.03 -12.41 -40.62
CA ARG T 99 -47.28 -12.17 -41.86
C ARG T 99 -46.59 -10.80 -41.81
N GLY T 100 -45.56 -10.61 -42.64
CA GLY T 100 -44.79 -9.38 -42.66
C GLY T 100 -45.53 -8.09 -43.01
N THR T 101 -44.76 -6.99 -43.10
CA THR T 101 -45.25 -5.67 -43.50
C THR T 101 -44.36 -5.12 -44.59
N VAL T 102 -44.96 -4.56 -45.65
CA VAL T 102 -44.31 -3.98 -46.83
C VAL T 102 -43.23 -2.93 -46.47
N GLN T 103 -43.38 -2.29 -45.29
CA GLN T 103 -42.51 -1.29 -44.65
C GLN T 103 -41.03 -1.78 -44.47
N ASP T 104 -40.87 -3.04 -43.99
CA ASP T 104 -39.59 -3.74 -43.80
C ASP T 104 -39.36 -4.56 -45.10
N ARG T 105 -39.21 -5.90 -45.03
CA ARG T 105 -38.98 -6.74 -46.21
C ARG T 105 -40.25 -7.54 -46.64
N ALA T 106 -41.44 -7.21 -46.06
CA ALA T 106 -42.74 -7.84 -46.30
C ALA T 106 -42.75 -9.36 -46.05
N GLU T 107 -41.96 -9.82 -45.06
CA GLU T 107 -41.83 -11.25 -44.75
C GLU T 107 -41.39 -11.48 -43.34
N THR T 108 -42.14 -12.37 -42.66
CA THR T 108 -41.94 -12.91 -41.32
C THR T 108 -41.32 -14.29 -41.58
N THR T 109 -40.11 -14.54 -41.08
CA THR T 109 -39.45 -15.84 -41.32
C THR T 109 -39.02 -16.52 -40.02
N ILE T 110 -39.33 -17.82 -39.92
CA ILE T 110 -38.97 -18.73 -38.82
C ILE T 110 -38.17 -19.82 -39.54
N GLY T 111 -36.99 -20.15 -39.00
CA GLY T 111 -36.09 -21.15 -39.55
C GLY T 111 -36.45 -22.59 -39.24
N ASP T 112 -35.44 -23.46 -39.12
CA ASP T 112 -35.60 -24.88 -38.82
C ASP T 112 -35.42 -25.15 -37.32
N HIS T 113 -35.98 -26.27 -36.83
CA HIS T 113 -35.89 -26.80 -35.47
C HIS T 113 -36.26 -25.85 -34.31
N ASN T 114 -37.13 -24.86 -34.52
CA ASN T 114 -37.53 -24.00 -33.39
C ASN T 114 -38.71 -24.66 -32.65
N LEU T 115 -38.82 -24.43 -31.32
CA LEU T 115 -39.92 -24.96 -30.50
C LEU T 115 -40.59 -23.77 -29.90
N ILE T 116 -41.76 -23.46 -30.42
CA ILE T 116 -42.56 -22.31 -30.04
C ILE T 116 -43.77 -22.79 -29.24
N MET T 117 -43.63 -22.76 -27.91
CA MET T 117 -44.61 -23.22 -26.94
C MET T 117 -45.85 -22.37 -26.86
N ALA T 118 -46.89 -22.93 -26.23
CA ALA T 118 -48.23 -22.42 -26.04
C ALA T 118 -48.42 -20.90 -25.95
N TYR T 119 -49.44 -20.42 -26.66
CA TYR T 119 -49.99 -19.06 -26.70
C TYR T 119 -48.98 -17.93 -27.03
N ALA T 120 -47.75 -18.30 -27.41
CA ALA T 120 -46.72 -17.35 -27.78
C ALA T 120 -47.06 -16.60 -29.08
N HIS T 121 -46.72 -15.30 -29.16
CA HIS T 121 -46.94 -14.42 -30.32
C HIS T 121 -45.64 -14.05 -31.07
N ILE T 122 -45.55 -14.39 -32.38
CA ILE T 122 -44.42 -14.08 -33.29
C ILE T 122 -44.94 -13.04 -34.32
N GLY T 123 -44.89 -11.76 -33.92
CA GLY T 123 -45.38 -10.62 -34.71
C GLY T 123 -44.60 -10.33 -35.97
N HIS T 124 -45.25 -9.58 -36.91
CA HIS T 124 -44.80 -9.18 -38.25
C HIS T 124 -43.28 -9.00 -38.43
N ASP T 125 -42.76 -9.44 -39.59
CA ASP T 125 -41.36 -9.33 -40.05
C ASP T 125 -40.26 -9.91 -39.11
N SER T 126 -40.65 -10.55 -38.00
CA SER T 126 -39.72 -11.17 -37.06
C SER T 126 -38.93 -12.28 -37.76
N VAL T 127 -37.65 -12.34 -37.45
CA VAL T 127 -36.80 -13.33 -38.05
C VAL T 127 -36.28 -14.26 -36.99
N ILE T 128 -36.73 -15.53 -37.03
CA ILE T 128 -36.26 -16.58 -36.12
C ILE T 128 -35.30 -17.48 -36.91
N GLY T 129 -34.14 -17.75 -36.31
CA GLY T 129 -33.10 -18.61 -36.87
C GLY T 129 -33.40 -20.08 -36.63
N ASN T 130 -32.39 -20.83 -36.14
CA ASN T 130 -32.57 -22.26 -35.87
C ASN T 130 -32.45 -22.61 -34.38
N HIS T 131 -32.99 -23.79 -33.99
CA HIS T 131 -32.97 -24.38 -32.64
C HIS T 131 -33.28 -23.45 -31.49
N CYS T 132 -34.27 -22.57 -31.72
CA CYS T 132 -34.75 -21.64 -30.70
C CYS T 132 -35.86 -22.27 -29.86
N ILE T 133 -35.92 -21.85 -28.61
CA ILE T 133 -36.95 -22.26 -27.68
C ILE T 133 -37.64 -20.96 -27.30
N LEU T 134 -38.94 -20.86 -27.61
CA LEU T 134 -39.78 -19.73 -27.26
C LEU T 134 -40.85 -20.28 -26.30
N VAL T 135 -40.59 -20.18 -24.99
CA VAL T 135 -41.47 -20.71 -23.93
C VAL T 135 -42.83 -19.95 -23.90
N ASN T 136 -43.86 -20.53 -23.24
CA ASN T 136 -45.25 -20.05 -23.16
C ASN T 136 -45.43 -18.54 -23.11
N ASN T 137 -46.24 -18.01 -24.04
CA ASN T 137 -46.63 -16.60 -24.14
C ASN T 137 -45.46 -15.62 -24.41
N THR T 138 -44.36 -16.09 -25.02
CA THR T 138 -43.25 -15.20 -25.42
C THR T 138 -43.79 -14.33 -26.54
N ALA T 139 -43.64 -13.01 -26.45
CA ALA T 139 -44.12 -12.10 -27.48
C ALA T 139 -42.99 -11.39 -28.14
N LEU T 140 -43.08 -11.20 -29.46
CA LEU T 140 -42.12 -10.45 -30.28
C LEU T 140 -42.98 -9.45 -31.05
N ALA T 141 -43.01 -8.19 -30.54
CA ALA T 141 -43.80 -7.05 -31.00
C ALA T 141 -43.86 -6.87 -32.53
N GLY T 142 -42.70 -7.03 -33.17
CA GLY T 142 -42.50 -6.90 -34.61
C GLY T 142 -41.06 -6.60 -34.96
N HIS T 143 -40.60 -7.07 -36.14
CA HIS T 143 -39.24 -6.88 -36.67
C HIS T 143 -38.13 -7.35 -35.70
N VAL T 144 -38.41 -8.38 -34.88
CA VAL T 144 -37.48 -8.92 -33.88
C VAL T 144 -36.65 -10.00 -34.55
N HIS T 145 -35.34 -10.00 -34.30
CA HIS T 145 -34.43 -10.97 -34.89
C HIS T 145 -33.82 -11.85 -33.82
N VAL T 146 -34.19 -13.13 -33.82
CA VAL T 146 -33.70 -14.10 -32.85
C VAL T 146 -32.72 -15.07 -33.56
N ASP T 147 -31.42 -14.84 -33.33
CA ASP T 147 -30.34 -15.63 -33.89
C ASP T 147 -30.36 -17.04 -33.25
N ASP T 148 -29.81 -18.05 -33.96
CA ASP T 148 -29.77 -19.48 -33.60
C ASP T 148 -29.55 -19.79 -32.13
N TRP T 149 -30.17 -20.86 -31.63
CA TRP T 149 -30.04 -21.41 -30.27
C TRP T 149 -30.39 -20.48 -29.09
N ALA T 150 -31.16 -19.41 -29.33
CA ALA T 150 -31.56 -18.55 -28.22
C ALA T 150 -32.72 -19.22 -27.46
N ILE T 151 -32.83 -18.98 -26.14
CA ILE T 151 -33.88 -19.52 -25.26
C ILE T 151 -34.63 -18.33 -24.64
N LEU T 152 -35.91 -18.15 -24.98
CA LEU T 152 -36.73 -17.07 -24.42
C LEU T 152 -37.74 -17.70 -23.45
N SER T 153 -37.59 -17.42 -22.13
CA SER T 153 -38.43 -17.97 -21.04
C SER T 153 -39.90 -17.52 -21.10
N GLY T 154 -40.75 -18.18 -20.32
CA GLY T 154 -42.16 -17.84 -20.27
C GLY T 154 -42.45 -16.35 -20.14
N TYR T 155 -43.44 -15.88 -20.90
CA TYR T 155 -43.97 -14.52 -20.89
C TYR T 155 -42.88 -13.43 -21.04
N THR T 156 -41.85 -13.70 -21.86
CA THR T 156 -40.77 -12.77 -22.23
C THR T 156 -41.38 -11.91 -23.31
N LEU T 157 -41.24 -10.61 -23.20
CA LEU T 157 -41.78 -9.68 -24.18
C LEU T 157 -40.63 -8.91 -24.80
N VAL T 158 -40.53 -8.99 -26.11
CA VAL T 158 -39.46 -8.36 -26.87
C VAL T 158 -40.01 -7.20 -27.69
N HIS T 159 -39.42 -6.03 -27.49
CA HIS T 159 -39.81 -4.80 -28.17
C HIS T 159 -39.46 -4.85 -29.65
N GLN T 160 -40.22 -4.08 -30.46
CA GLN T 160 -40.04 -3.96 -31.90
C GLN T 160 -38.61 -3.56 -32.23
N TYR T 161 -38.07 -4.17 -33.32
CA TYR T 161 -36.76 -3.95 -33.97
C TYR T 161 -35.54 -4.54 -33.20
N CYS T 162 -35.78 -5.12 -32.01
CA CYS T 162 -34.76 -5.75 -31.16
C CYS T 162 -34.09 -6.97 -31.80
N ARG T 163 -32.85 -7.21 -31.39
CA ARG T 163 -32.09 -8.36 -31.85
C ARG T 163 -31.60 -9.19 -30.65
N ILE T 164 -32.12 -10.44 -30.54
CA ILE T 164 -31.78 -11.46 -29.53
C ILE T 164 -30.63 -12.28 -30.14
N GLY T 165 -29.50 -12.28 -29.46
CA GLY T 165 -28.29 -12.96 -29.91
C GLY T 165 -28.34 -14.46 -29.83
N ALA T 166 -27.39 -15.13 -30.52
CA ALA T 166 -27.21 -16.58 -30.56
C ALA T 166 -26.82 -17.11 -29.19
N HIS T 167 -27.39 -18.24 -28.80
CA HIS T 167 -27.17 -18.86 -27.48
C HIS T 167 -27.48 -17.96 -26.28
N SER T 168 -28.07 -16.76 -26.53
CA SER T 168 -28.47 -15.86 -25.45
C SER T 168 -29.71 -16.47 -24.76
N PHE T 169 -30.01 -15.99 -23.54
CA PHE T 169 -31.11 -16.50 -22.72
C PHE T 169 -31.86 -15.36 -22.06
N SER T 170 -33.19 -15.40 -22.07
CA SER T 170 -34.01 -14.39 -21.39
C SER T 170 -34.85 -15.04 -20.28
N GLY T 171 -34.86 -14.46 -19.09
CA GLY T 171 -35.58 -14.99 -17.93
C GLY T 171 -37.08 -14.72 -17.95
N MET T 172 -37.88 -15.53 -17.21
CA MET T 172 -39.35 -15.39 -17.26
C MET T 172 -39.87 -13.99 -16.85
N GLY T 173 -40.87 -13.54 -17.60
CA GLY T 173 -41.52 -12.24 -17.44
C GLY T 173 -40.60 -11.06 -17.74
N SER T 174 -39.57 -11.28 -18.62
CA SER T 174 -38.56 -10.30 -19.04
C SER T 174 -39.10 -9.31 -20.06
N ALA T 175 -38.81 -8.03 -19.89
CA ALA T 175 -39.23 -7.06 -20.90
C ALA T 175 -37.97 -6.54 -21.59
N ILE T 176 -37.67 -7.14 -22.74
CA ILE T 176 -36.51 -6.79 -23.55
C ILE T 176 -36.91 -5.57 -24.38
N GLY T 177 -36.08 -4.53 -24.30
CA GLY T 177 -36.30 -3.25 -24.96
C GLY T 177 -35.13 -2.83 -25.81
N LYS T 178 -33.91 -3.33 -25.45
CA LYS T 178 -32.63 -3.12 -26.13
C LYS T 178 -32.09 -4.49 -26.58
N ASP T 179 -31.21 -4.49 -27.57
CA ASP T 179 -30.63 -5.72 -28.11
C ASP T 179 -30.00 -6.56 -27.01
N VAL T 180 -30.26 -7.87 -27.03
CA VAL T 180 -29.67 -8.82 -26.10
C VAL T 180 -28.44 -9.36 -26.85
N PRO T 181 -27.18 -9.09 -26.41
CA PRO T 181 -26.05 -9.61 -27.18
C PRO T 181 -25.98 -11.13 -27.07
N ALA T 182 -25.24 -11.79 -27.99
CA ALA T 182 -25.08 -13.25 -28.03
C ALA T 182 -24.51 -13.78 -26.72
N TYR T 183 -24.99 -14.96 -26.28
CA TYR T 183 -24.59 -15.68 -25.06
C TYR T 183 -25.08 -15.04 -23.76
N VAL T 184 -25.27 -13.68 -23.73
CA VAL T 184 -25.72 -12.91 -22.55
C VAL T 184 -27.10 -13.35 -22.07
N THR T 185 -27.29 -13.47 -20.74
CA THR T 185 -28.56 -13.79 -20.09
C THR T 185 -29.14 -12.49 -19.52
N VAL T 186 -30.39 -12.16 -19.89
CA VAL T 186 -31.10 -10.93 -19.46
C VAL T 186 -32.27 -11.29 -18.55
N PHE T 187 -32.56 -10.42 -17.56
CA PHE T 187 -33.63 -10.70 -16.60
C PHE T 187 -34.45 -9.48 -16.16
N GLY T 188 -35.78 -9.67 -16.04
CA GLY T 188 -36.73 -8.67 -15.53
C GLY T 188 -37.33 -7.62 -16.45
N ASN T 189 -38.08 -6.67 -15.86
CA ASN T 189 -38.70 -5.56 -16.57
C ASN T 189 -38.23 -4.21 -15.97
N PRO T 190 -37.31 -3.49 -16.68
CA PRO T 190 -36.70 -3.84 -17.98
C PRO T 190 -35.60 -4.86 -17.82
N ALA T 191 -35.40 -5.72 -18.86
CA ALA T 191 -34.40 -6.78 -18.87
C ALA T 191 -33.00 -6.21 -18.70
N GLU T 192 -32.20 -6.79 -17.77
CA GLU T 192 -30.81 -6.38 -17.49
C GLU T 192 -29.91 -7.56 -17.59
N ALA T 193 -28.78 -7.42 -18.27
CA ALA T 193 -27.80 -8.50 -18.43
C ALA T 193 -27.22 -8.93 -17.09
N ARG T 194 -27.24 -10.25 -16.86
CA ARG T 194 -26.77 -10.91 -15.64
C ARG T 194 -25.44 -11.66 -15.80
N SER T 195 -25.39 -12.63 -16.74
CA SER T 195 -24.19 -13.45 -17.01
C SER T 195 -24.25 -14.04 -18.40
N MET T 196 -23.45 -15.09 -18.68
CA MET T 196 -23.44 -15.78 -19.97
C MET T 196 -24.12 -17.17 -19.83
N ASN T 197 -24.73 -17.66 -20.92
CA ASN T 197 -25.40 -18.97 -20.95
C ASN T 197 -24.32 -20.05 -21.10
N PHE T 198 -23.55 -20.31 -20.00
CA PHE T 198 -22.46 -21.30 -19.96
C PHE T 198 -22.97 -22.72 -20.19
N GLU T 199 -24.23 -22.99 -19.81
CA GLU T 199 -24.85 -24.29 -20.04
C GLU T 199 -25.19 -24.51 -21.51
N GLY T 200 -25.46 -23.41 -22.22
CA GLY T 200 -25.74 -23.42 -23.65
C GLY T 200 -24.47 -23.65 -24.43
N MET T 201 -23.36 -23.19 -23.82
CA MET T 201 -21.99 -23.34 -24.34
C MET T 201 -21.57 -24.79 -24.14
N ARG T 202 -21.72 -25.34 -22.90
CA ARG T 202 -21.39 -26.74 -22.57
C ARG T 202 -22.09 -27.70 -23.56
N ARG T 203 -23.43 -27.53 -23.72
CA ARG T 203 -24.32 -28.30 -24.59
C ARG T 203 -23.92 -28.32 -26.06
N ARG T 204 -23.51 -27.14 -26.59
CA ARG T 204 -23.10 -27.00 -27.98
C ARG T 204 -21.56 -27.09 -28.13
N GLY T 205 -20.98 -27.99 -27.33
CA GLY T 205 -19.57 -28.38 -27.26
C GLY T 205 -18.56 -27.27 -27.39
N PHE T 206 -18.32 -26.55 -26.30
CA PHE T 206 -17.38 -25.45 -26.30
C PHE T 206 -16.18 -25.87 -25.48
N SER T 207 -14.99 -25.33 -25.80
CA SER T 207 -13.80 -25.66 -25.02
C SER T 207 -13.81 -24.85 -23.74
N SER T 208 -13.09 -25.33 -22.71
CA SER T 208 -12.94 -24.68 -21.41
C SER T 208 -12.25 -23.32 -21.58
N GLU T 209 -11.40 -23.20 -22.62
CA GLU T 209 -10.63 -22.02 -23.01
C GLU T 209 -11.54 -20.96 -23.66
N ALA T 210 -12.53 -21.43 -24.46
CA ALA T 210 -13.52 -20.57 -25.13
C ALA T 210 -14.61 -20.11 -24.18
N ILE T 211 -15.04 -20.96 -23.22
CA ILE T 211 -16.04 -20.61 -22.21
C ILE T 211 -15.48 -19.46 -21.34
N HIS T 212 -14.23 -19.61 -20.85
CA HIS T 212 -13.53 -18.63 -20.04
C HIS T 212 -13.28 -17.34 -20.79
N ALA T 213 -13.01 -17.43 -22.10
CA ALA T 213 -12.81 -16.25 -22.92
C ALA T 213 -14.07 -15.39 -22.86
N LEU T 214 -15.25 -16.04 -22.89
CA LEU T 214 -16.56 -15.39 -22.92
C LEU T 214 -16.97 -14.85 -21.57
N ARG T 215 -16.38 -15.38 -20.48
CA ARG T 215 -16.63 -14.84 -19.13
C ARG T 215 -15.88 -13.52 -19.10
N ARG T 216 -14.64 -13.53 -19.63
CA ARG T 216 -13.78 -12.35 -19.73
C ARG T 216 -14.39 -11.30 -20.66
N ALA T 217 -14.98 -11.76 -21.79
CA ALA T 217 -15.65 -10.89 -22.76
C ALA T 217 -16.92 -10.24 -22.17
N TYR T 218 -17.60 -10.90 -21.21
CA TYR T 218 -18.76 -10.32 -20.54
C TYR T 218 -18.21 -9.19 -19.72
N LYS T 219 -17.36 -9.53 -18.70
CA LYS T 219 -16.74 -8.57 -17.78
C LYS T 219 -16.29 -7.29 -18.50
N VAL T 220 -15.47 -7.40 -19.58
CA VAL T 220 -14.96 -6.29 -20.42
C VAL T 220 -16.08 -5.32 -20.87
N VAL T 221 -17.27 -5.85 -21.23
CA VAL T 221 -18.39 -5.02 -21.65
C VAL T 221 -19.06 -4.40 -20.39
N TYR T 222 -19.74 -5.26 -19.63
CA TYR T 222 -20.53 -4.91 -18.46
C TYR T 222 -19.70 -4.55 -17.17
N ARG T 223 -19.36 -5.56 -16.34
CA ARG T 223 -18.69 -5.50 -15.03
C ARG T 223 -17.25 -4.88 -15.01
N GLN T 224 -16.86 -4.10 -16.04
CA GLN T 224 -15.53 -3.45 -16.16
C GLN T 224 -15.67 -1.96 -16.37
N GLY T 225 -16.91 -1.52 -16.56
CA GLY T 225 -17.26 -0.12 -16.73
C GLY T 225 -16.64 0.64 -17.89
N HIS T 226 -16.59 0.01 -19.06
CA HIS T 226 -16.11 0.64 -20.28
C HIS T 226 -17.34 1.08 -21.05
N THR T 227 -17.14 1.96 -22.04
CA THR T 227 -18.25 2.31 -22.94
C THR T 227 -18.34 1.16 -23.96
N VAL T 228 -19.46 1.06 -24.69
CA VAL T 228 -19.64 0.08 -25.76
C VAL T 228 -18.46 0.26 -26.77
N GLU T 229 -18.12 1.53 -27.10
CA GLU T 229 -17.02 1.95 -27.97
C GLU T 229 -15.70 1.33 -27.49
N GLU T 230 -15.39 1.53 -26.17
CA GLU T 230 -14.19 1.07 -25.43
C GLU T 230 -14.08 -0.42 -25.29
N ALA T 231 -15.22 -1.09 -25.01
CA ALA T 231 -15.28 -2.53 -24.80
C ALA T 231 -14.97 -3.27 -26.09
N LEU T 232 -15.62 -2.86 -27.22
CA LEU T 232 -15.43 -3.42 -28.57
C LEU T 232 -13.96 -3.43 -28.97
N ALA T 233 -13.22 -2.39 -28.52
CA ALA T 233 -11.77 -2.24 -28.74
C ALA T 233 -10.98 -3.27 -27.91
N GLU T 234 -11.35 -3.40 -26.62
CA GLU T 234 -10.73 -4.34 -25.67
C GLU T 234 -10.95 -5.81 -26.11
N LEU T 235 -12.02 -6.03 -26.88
CA LEU T 235 -12.40 -7.33 -27.39
C LEU T 235 -11.63 -7.71 -28.67
N ALA T 236 -10.97 -6.73 -29.35
CA ALA T 236 -10.23 -7.00 -30.60
C ALA T 236 -9.33 -8.22 -30.54
N GLU T 237 -8.52 -8.31 -29.49
CA GLU T 237 -7.60 -9.41 -29.26
C GLU T 237 -8.36 -10.73 -29.16
N SER T 238 -9.27 -10.88 -28.16
CA SER T 238 -10.06 -12.09 -27.92
C SER T 238 -10.92 -12.53 -29.08
N ALA T 239 -11.46 -11.57 -29.86
CA ALA T 239 -12.28 -11.83 -31.04
C ALA T 239 -11.47 -12.56 -32.10
N ALA T 240 -10.22 -12.12 -32.31
CA ALA T 240 -9.28 -12.71 -33.26
C ALA T 240 -8.84 -14.11 -32.83
N GLN T 241 -8.58 -14.30 -31.51
CA GLN T 241 -8.16 -15.55 -30.89
C GLN T 241 -9.27 -16.60 -30.96
N PHE T 242 -10.45 -16.28 -30.42
CA PHE T 242 -11.59 -17.19 -30.38
C PHE T 242 -12.72 -16.77 -31.29
N PRO T 243 -13.15 -17.61 -32.23
CA PRO T 243 -14.29 -17.23 -33.10
C PRO T 243 -15.60 -17.10 -32.32
N GLU T 244 -15.72 -17.76 -31.14
CA GLU T 244 -16.90 -17.73 -30.27
C GLU T 244 -17.04 -16.32 -29.64
N VAL T 245 -15.92 -15.59 -29.47
CA VAL T 245 -15.90 -14.21 -28.94
C VAL T 245 -16.29 -13.28 -30.09
N ALA T 246 -15.87 -13.60 -31.34
CA ALA T 246 -16.20 -12.79 -32.52
C ALA T 246 -17.70 -12.68 -32.68
N VAL T 247 -18.46 -13.79 -32.43
CA VAL T 247 -19.93 -13.90 -32.46
C VAL T 247 -20.55 -12.83 -31.56
N PHE T 248 -19.94 -12.68 -30.36
CA PHE T 248 -20.28 -11.78 -29.28
C PHE T 248 -19.92 -10.32 -29.63
N ARG T 249 -18.68 -10.04 -30.10
CA ARG T 249 -18.23 -8.71 -30.53
C ARG T 249 -19.19 -8.22 -31.62
N ASP T 250 -19.46 -9.07 -32.64
CA ASP T 250 -20.36 -8.82 -33.76
C ASP T 250 -21.77 -8.47 -33.32
N SER T 251 -22.29 -9.10 -32.25
CA SER T 251 -23.63 -8.85 -31.76
C SER T 251 -23.78 -7.48 -31.07
N ILE T 252 -22.65 -6.90 -30.61
CA ILE T 252 -22.58 -5.59 -29.94
C ILE T 252 -22.33 -4.51 -31.01
N GLN T 253 -21.46 -4.84 -31.97
CA GLN T 253 -21.07 -3.97 -33.08
C GLN T 253 -22.27 -3.71 -34.02
N SER T 254 -23.22 -4.66 -34.10
CA SER T 254 -24.40 -4.48 -34.93
C SER T 254 -25.40 -3.53 -34.24
N ALA T 255 -25.57 -3.69 -32.91
CA ALA T 255 -26.49 -2.91 -32.09
C ALA T 255 -26.07 -1.45 -31.93
N THR T 256 -24.84 -1.12 -32.33
CA THR T 256 -24.35 0.24 -32.18
C THR T 256 -23.79 0.83 -33.52
N ARG T 257 -23.98 2.16 -33.67
CA ARG T 257 -23.51 3.01 -34.76
C ARG T 257 -23.36 4.45 -34.24
N GLY T 258 -24.21 4.83 -33.29
CA GLY T 258 -24.23 6.13 -32.61
C GLY T 258 -24.49 7.34 -33.48
N ILE T 259 -24.10 8.52 -32.96
CA ILE T 259 -24.18 9.85 -33.61
C ILE T 259 -22.90 10.66 -33.30
N THR T 260 -22.40 11.44 -34.26
CA THR T 260 -21.19 12.23 -34.07
C THR T 260 -21.38 13.33 -33.02
N ARG T 261 -20.31 13.60 -32.20
CA ARG T 261 -20.20 14.68 -31.21
C ARG T 261 -18.77 14.97 -30.83
N MET U 4 -81.14 -33.15 -28.37
CA MET U 4 -79.67 -33.22 -28.21
C MET U 4 -79.27 -34.07 -26.98
N SER U 5 -78.70 -35.28 -27.23
CA SER U 5 -78.18 -36.19 -26.19
C SER U 5 -76.84 -35.64 -25.73
N LEU U 6 -76.71 -35.34 -24.40
CA LEU U 6 -75.54 -34.78 -23.67
C LEU U 6 -74.29 -34.64 -24.54
N ILE U 7 -73.77 -35.79 -25.01
CA ILE U 7 -72.62 -36.03 -25.87
C ILE U 7 -73.02 -35.58 -27.30
N ASP U 8 -72.71 -34.32 -27.66
CA ASP U 8 -73.03 -33.71 -28.98
C ASP U 8 -72.46 -34.53 -30.16
N PRO U 9 -73.23 -34.77 -31.23
CA PRO U 9 -72.72 -35.60 -32.35
C PRO U 9 -71.55 -35.03 -33.13
N ARG U 10 -71.36 -33.69 -33.05
CA ARG U 10 -70.27 -32.97 -33.72
C ARG U 10 -68.95 -33.26 -33.03
N ALA U 11 -69.03 -33.60 -31.73
CA ALA U 11 -67.88 -33.97 -30.92
C ALA U 11 -67.35 -35.35 -31.34
N ILE U 12 -66.06 -35.60 -31.05
CA ILE U 12 -65.37 -36.85 -31.34
C ILE U 12 -65.02 -37.59 -30.04
N ILE U 13 -65.51 -38.82 -29.87
CA ILE U 13 -65.21 -39.63 -28.67
C ILE U 13 -64.51 -40.95 -29.07
N ASP U 14 -63.33 -41.21 -28.47
CA ASP U 14 -62.58 -42.44 -28.70
C ASP U 14 -63.29 -43.57 -27.96
N PRO U 15 -63.60 -44.71 -28.61
CA PRO U 15 -64.31 -45.79 -27.89
C PRO U 15 -63.53 -46.34 -26.69
N SER U 16 -62.23 -45.98 -26.63
CA SER U 16 -61.29 -46.33 -25.57
C SER U 16 -61.44 -45.40 -24.36
N ALA U 17 -62.24 -44.32 -24.49
CA ALA U 17 -62.54 -43.36 -23.41
C ALA U 17 -63.77 -43.85 -22.63
N ARG U 18 -63.76 -43.62 -21.29
CA ARG U 18 -64.84 -44.06 -20.39
C ARG U 18 -65.48 -42.86 -19.68
N LEU U 19 -66.70 -42.53 -20.11
CA LEU U 19 -67.47 -41.38 -19.61
C LEU U 19 -68.71 -41.84 -18.83
N ALA U 20 -69.00 -41.18 -17.69
CA ALA U 20 -70.17 -41.49 -16.86
C ALA U 20 -71.48 -41.19 -17.60
N ALA U 21 -72.59 -41.79 -17.14
CA ALA U 21 -73.92 -41.73 -17.76
C ALA U 21 -74.57 -40.33 -17.90
N ASP U 22 -74.07 -39.27 -17.20
CA ASP U 22 -74.67 -37.92 -17.30
C ASP U 22 -73.75 -36.85 -17.89
N VAL U 23 -72.44 -37.17 -18.02
CA VAL U 23 -71.39 -36.31 -18.58
C VAL U 23 -71.88 -35.62 -19.88
N GLN U 24 -71.53 -34.35 -20.05
CA GLN U 24 -71.88 -33.59 -21.25
C GLN U 24 -70.63 -33.21 -22.01
N VAL U 25 -70.72 -33.22 -23.34
CA VAL U 25 -69.64 -32.80 -24.24
C VAL U 25 -70.28 -31.92 -25.33
N GLY U 26 -69.74 -30.70 -25.49
CA GLY U 26 -70.20 -29.72 -26.47
C GLY U 26 -69.82 -30.11 -27.89
N PRO U 27 -70.24 -29.33 -28.92
CA PRO U 27 -69.85 -29.70 -30.29
C PRO U 27 -68.39 -29.38 -30.61
N TRP U 28 -67.78 -30.14 -31.52
CA TRP U 28 -66.40 -29.96 -31.98
C TRP U 28 -65.36 -30.10 -30.85
N SER U 29 -65.62 -31.02 -29.91
CA SER U 29 -64.72 -31.36 -28.80
C SER U 29 -64.16 -32.77 -28.99
N ILE U 30 -62.88 -32.96 -28.72
CA ILE U 30 -62.23 -34.27 -28.89
C ILE U 30 -61.94 -34.92 -27.53
N VAL U 31 -62.45 -36.14 -27.34
CA VAL U 31 -62.20 -36.95 -26.14
C VAL U 31 -61.34 -38.14 -26.60
N GLY U 32 -60.03 -37.97 -26.43
CA GLY U 32 -58.98 -38.91 -26.83
C GLY U 32 -58.95 -40.26 -26.15
N ALA U 33 -57.93 -41.06 -26.49
CA ALA U 33 -57.76 -42.39 -25.94
C ALA U 33 -57.36 -42.30 -24.49
N GLU U 34 -57.81 -43.27 -23.68
CA GLU U 34 -57.54 -43.42 -22.24
C GLU U 34 -57.99 -42.18 -21.40
N VAL U 35 -59.08 -41.53 -21.81
CA VAL U 35 -59.65 -40.37 -21.11
C VAL U 35 -60.90 -40.84 -20.36
N GLU U 36 -60.81 -40.83 -19.03
CA GLU U 36 -61.87 -41.26 -18.13
C GLU U 36 -62.53 -40.05 -17.43
N ILE U 37 -63.78 -39.72 -17.82
CA ILE U 37 -64.52 -38.58 -17.25
C ILE U 37 -65.67 -39.04 -16.31
N GLY U 38 -65.60 -38.58 -15.06
CA GLY U 38 -66.54 -38.90 -14.00
C GLY U 38 -67.91 -38.26 -14.11
N GLU U 39 -68.79 -38.63 -13.18
CA GLU U 39 -70.18 -38.21 -13.06
C GLU U 39 -70.42 -36.69 -12.92
N GLY U 40 -71.35 -36.17 -13.71
CA GLY U 40 -71.81 -34.78 -13.62
C GLY U 40 -71.00 -33.68 -14.26
N THR U 41 -69.87 -34.05 -14.91
CA THR U 41 -68.95 -33.14 -15.62
C THR U 41 -69.58 -32.59 -16.90
N VAL U 42 -69.20 -31.37 -17.30
CA VAL U 42 -69.65 -30.72 -18.52
C VAL U 42 -68.40 -30.27 -19.25
N ILE U 43 -68.29 -30.59 -20.55
CA ILE U 43 -67.16 -30.20 -21.39
C ILE U 43 -67.73 -29.28 -22.45
N GLY U 44 -67.23 -28.06 -22.52
CA GLY U 44 -67.72 -27.09 -23.49
C GLY U 44 -67.41 -27.45 -24.93
N PRO U 45 -67.74 -26.56 -25.90
CA PRO U 45 -67.39 -26.84 -27.30
C PRO U 45 -65.87 -26.66 -27.49
N HIS U 46 -65.34 -26.92 -28.70
CA HIS U 46 -63.91 -26.75 -29.02
C HIS U 46 -62.96 -27.07 -27.83
N VAL U 47 -63.06 -28.29 -27.24
CA VAL U 47 -62.19 -28.70 -26.13
C VAL U 47 -61.38 -29.93 -26.56
N VAL U 48 -60.07 -29.92 -26.35
CA VAL U 48 -59.25 -31.08 -26.69
C VAL U 48 -58.87 -31.77 -25.37
N LEU U 49 -59.17 -33.10 -25.27
CA LEU U 49 -58.83 -33.91 -24.11
C LEU U 49 -57.96 -35.11 -24.55
N LYS U 50 -56.68 -35.12 -24.17
CA LYS U 50 -55.73 -36.20 -24.48
C LYS U 50 -55.51 -37.06 -23.21
N GLY U 51 -55.12 -38.33 -23.40
CA GLY U 51 -54.90 -39.26 -22.30
C GLY U 51 -53.47 -39.73 -22.15
N PRO U 52 -53.14 -40.59 -21.14
CA PRO U 52 -54.01 -41.18 -20.11
C PRO U 52 -54.39 -40.18 -19.01
N THR U 53 -55.71 -39.84 -18.94
CA THR U 53 -56.26 -38.83 -18.04
C THR U 53 -57.57 -39.30 -17.38
N LYS U 54 -57.75 -38.90 -16.09
CA LYS U 54 -58.92 -39.14 -15.24
C LYS U 54 -59.42 -37.75 -14.75
N ILE U 55 -60.71 -37.47 -14.95
CA ILE U 55 -61.42 -36.25 -14.53
C ILE U 55 -62.52 -36.74 -13.60
N GLY U 56 -62.63 -36.12 -12.44
CA GLY U 56 -63.60 -36.52 -11.45
C GLY U 56 -65.02 -36.09 -11.74
N LYS U 57 -65.80 -35.92 -10.66
CA LYS U 57 -67.19 -35.54 -10.65
C LYS U 57 -67.40 -34.02 -10.73
N HIS U 58 -68.56 -33.62 -11.24
CA HIS U 58 -69.07 -32.25 -11.34
C HIS U 58 -68.07 -31.20 -11.73
N ASN U 59 -67.29 -31.47 -12.77
CA ASN U 59 -66.30 -30.52 -13.28
C ASN U 59 -66.92 -29.77 -14.45
N ARG U 60 -66.49 -28.52 -14.67
CA ARG U 60 -66.90 -27.72 -15.82
C ARG U 60 -65.61 -27.23 -16.52
N ILE U 61 -65.30 -27.80 -17.72
CA ILE U 61 -64.15 -27.47 -18.58
C ILE U 61 -64.63 -26.65 -19.79
N TYR U 62 -64.23 -25.36 -19.83
CA TYR U 62 -64.63 -24.38 -20.84
C TYR U 62 -63.99 -24.55 -22.22
N GLN U 63 -64.54 -23.83 -23.22
CA GLN U 63 -64.14 -23.86 -24.62
C GLN U 63 -62.71 -23.43 -24.85
N PHE U 64 -62.08 -23.93 -25.93
CA PHE U 64 -60.70 -23.65 -26.39
C PHE U 64 -59.58 -24.11 -25.38
N SER U 65 -59.93 -25.03 -24.47
CA SER U 65 -58.99 -25.59 -23.50
C SER U 65 -58.22 -26.73 -24.16
N SER U 66 -57.03 -27.05 -23.62
CA SER U 66 -56.15 -28.16 -24.03
C SER U 66 -55.79 -28.90 -22.73
N VAL U 67 -56.59 -29.93 -22.35
CA VAL U 67 -56.44 -30.68 -21.10
C VAL U 67 -55.99 -32.13 -21.30
N GLY U 68 -54.76 -32.47 -20.92
CA GLY U 68 -54.23 -33.82 -21.06
C GLY U 68 -53.14 -34.00 -22.11
N GLU U 69 -52.71 -32.90 -22.76
CA GLU U 69 -51.65 -32.85 -23.78
C GLU U 69 -50.28 -33.13 -23.13
N ASP U 70 -49.27 -33.55 -23.90
CA ASP U 70 -47.94 -33.86 -23.33
C ASP U 70 -47.18 -32.54 -23.13
N THR U 71 -46.06 -32.51 -22.33
CA THR U 71 -45.32 -31.25 -22.23
C THR U 71 -44.42 -31.10 -23.43
N PRO U 72 -44.21 -29.85 -23.93
CA PRO U 72 -43.29 -29.69 -25.06
C PRO U 72 -41.83 -29.89 -24.63
N ASP U 73 -41.57 -29.87 -23.30
CA ASP U 73 -40.27 -30.05 -22.62
C ASP U 73 -39.53 -31.22 -23.20
N LEU U 74 -38.38 -30.91 -23.81
CA LEU U 74 -37.45 -31.80 -24.52
C LEU U 74 -36.96 -32.99 -23.64
N LYS U 75 -37.26 -32.92 -22.32
CA LYS U 75 -37.02 -33.90 -21.26
C LYS U 75 -38.00 -35.07 -21.47
N TYR U 76 -39.22 -34.76 -21.90
CA TYR U 76 -40.27 -35.73 -22.15
C TYR U 76 -40.02 -36.41 -23.50
N LYS U 77 -39.68 -37.70 -23.43
CA LYS U 77 -39.42 -38.56 -24.58
C LYS U 77 -40.57 -39.57 -24.72
N GLY U 78 -41.73 -39.10 -25.20
CA GLY U 78 -42.94 -39.89 -25.48
C GLY U 78 -43.69 -40.63 -24.39
N GLU U 79 -43.00 -40.93 -23.25
CA GLU U 79 -43.42 -41.67 -22.03
C GLU U 79 -44.97 -41.63 -21.72
N PRO U 80 -45.66 -42.75 -21.35
CA PRO U 80 -47.11 -42.69 -21.13
C PRO U 80 -47.57 -42.31 -19.68
N THR U 81 -47.08 -41.13 -19.20
CA THR U 81 -47.34 -40.50 -17.90
C THR U 81 -48.82 -40.05 -17.80
N ARG U 82 -49.35 -39.84 -16.58
CA ARG U 82 -50.77 -39.50 -16.39
C ARG U 82 -51.04 -38.08 -15.90
N LEU U 83 -52.33 -37.69 -15.95
CA LEU U 83 -52.93 -36.45 -15.45
C LEU U 83 -54.17 -36.89 -14.67
N VAL U 84 -54.42 -36.28 -13.49
CA VAL U 84 -55.57 -36.57 -12.63
C VAL U 84 -56.18 -35.25 -12.16
N ILE U 85 -57.49 -35.10 -12.38
CA ILE U 85 -58.27 -33.93 -11.97
C ILE U 85 -59.41 -34.39 -11.02
N GLY U 86 -59.49 -33.76 -9.86
CA GLY U 86 -60.48 -34.06 -8.84
C GLY U 86 -61.89 -33.61 -9.19
N ASP U 87 -62.75 -33.51 -8.17
CA ASP U 87 -64.15 -33.13 -8.34
C ASP U 87 -64.40 -31.63 -8.18
N HIS U 88 -65.55 -31.15 -8.68
CA HIS U 88 -66.07 -29.78 -8.58
C HIS U 88 -65.07 -28.67 -8.95
N ASN U 89 -64.34 -28.85 -10.05
CA ASN U 89 -63.38 -27.85 -10.51
C ASN U 89 -63.92 -27.05 -11.70
N VAL U 90 -63.37 -25.85 -11.94
CA VAL U 90 -63.71 -24.97 -13.07
C VAL U 90 -62.44 -24.70 -13.84
N ILE U 91 -62.39 -25.20 -15.06
CA ILE U 91 -61.26 -24.97 -15.95
C ILE U 91 -61.82 -23.99 -16.98
N ARG U 92 -61.45 -22.70 -16.85
CA ARG U 92 -61.96 -21.65 -17.71
C ARG U 92 -61.39 -21.68 -19.14
N GLU U 93 -61.88 -20.77 -20.00
CA GLU U 93 -61.59 -20.73 -21.42
C GLU U 93 -60.10 -20.63 -21.74
N GLY U 94 -59.64 -21.57 -22.56
CA GLY U 94 -58.27 -21.65 -23.07
C GLY U 94 -57.19 -22.06 -22.10
N VAL U 95 -57.55 -22.86 -21.08
CA VAL U 95 -56.58 -23.34 -20.10
C VAL U 95 -55.74 -24.50 -20.70
N THR U 96 -54.40 -24.48 -20.50
CA THR U 96 -53.52 -25.56 -20.96
C THR U 96 -52.98 -26.35 -19.77
N ILE U 97 -53.46 -27.60 -19.59
CA ILE U 97 -53.03 -28.54 -18.53
C ILE U 97 -52.31 -29.70 -19.25
N HIS U 98 -51.03 -29.94 -18.88
CA HIS U 98 -50.16 -30.99 -19.44
C HIS U 98 -49.91 -32.13 -18.46
N ARG U 99 -49.66 -33.34 -18.98
CA ARG U 99 -49.38 -34.57 -18.22
C ARG U 99 -47.94 -34.62 -17.74
N GLY U 100 -47.68 -35.44 -16.72
CA GLY U 100 -46.37 -35.61 -16.10
C GLY U 100 -45.23 -36.07 -16.97
N THR U 101 -44.06 -36.30 -16.34
CA THR U 101 -42.84 -36.80 -16.97
C THR U 101 -42.27 -37.88 -16.06
N VAL U 102 -41.73 -38.96 -16.66
CA VAL U 102 -41.11 -40.10 -15.96
C VAL U 102 -40.23 -39.66 -14.75
N GLN U 103 -39.47 -38.59 -14.97
CA GLN U 103 -38.51 -37.90 -14.11
C GLN U 103 -39.00 -37.70 -12.66
N ASP U 104 -40.24 -37.16 -12.47
CA ASP U 104 -40.87 -36.94 -11.16
C ASP U 104 -41.69 -38.21 -10.82
N ARG U 105 -42.99 -38.07 -10.43
CA ARG U 105 -43.89 -39.18 -10.08
C ARG U 105 -44.68 -39.70 -11.29
N ALA U 106 -44.40 -39.13 -12.49
CA ALA U 106 -45.02 -39.41 -13.79
C ALA U 106 -46.53 -39.14 -13.81
N GLU U 107 -46.94 -38.07 -13.10
CA GLU U 107 -48.34 -37.66 -12.99
C GLU U 107 -48.46 -36.18 -12.60
N THR U 108 -49.33 -35.44 -13.34
CA THR U 108 -49.77 -34.06 -13.05
C THR U 108 -51.04 -34.28 -12.26
N THR U 109 -51.19 -33.60 -11.12
CA THR U 109 -52.32 -33.86 -10.22
C THR U 109 -53.04 -32.57 -9.73
N ILE U 110 -54.34 -32.44 -10.04
CA ILE U 110 -55.20 -31.34 -9.58
C ILE U 110 -56.22 -32.00 -8.63
N GLY U 111 -56.50 -31.34 -7.51
CA GLY U 111 -57.45 -31.79 -6.49
C GLY U 111 -58.84 -31.26 -6.71
N ASP U 112 -59.60 -31.02 -5.61
CA ASP U 112 -60.98 -30.59 -5.67
C ASP U 112 -61.24 -29.08 -5.45
N HIS U 113 -62.38 -28.59 -5.99
CA HIS U 113 -62.91 -27.23 -5.88
C HIS U 113 -61.93 -26.11 -6.27
N ASN U 114 -61.27 -26.25 -7.43
CA ASN U 114 -60.31 -25.26 -7.91
C ASN U 114 -60.89 -24.48 -9.09
N LEU U 115 -60.67 -23.14 -9.09
CA LEU U 115 -61.11 -22.24 -10.15
C LEU U 115 -59.84 -21.85 -10.85
N ILE U 116 -59.58 -22.53 -11.97
CA ILE U 116 -58.42 -22.25 -12.80
C ILE U 116 -58.93 -21.40 -13.99
N MET U 117 -58.72 -20.07 -13.88
CA MET U 117 -59.19 -19.06 -14.84
C MET U 117 -58.50 -19.10 -16.19
N ALA U 118 -59.08 -18.35 -17.16
CA ALA U 118 -58.69 -18.25 -18.56
C ALA U 118 -57.19 -18.25 -18.85
N TYR U 119 -56.81 -18.88 -19.97
CA TYR U 119 -55.47 -18.99 -20.57
C TYR U 119 -54.31 -19.45 -19.61
N ALA U 120 -54.64 -19.80 -18.34
CA ALA U 120 -53.68 -20.29 -17.35
C ALA U 120 -53.09 -21.62 -17.78
N HIS U 121 -51.80 -21.84 -17.46
CA HIS U 121 -51.05 -23.06 -17.78
C HIS U 121 -50.65 -23.83 -16.52
N ILE U 122 -50.82 -25.16 -16.55
CA ILE U 122 -50.41 -26.05 -15.47
C ILE U 122 -49.51 -27.10 -16.11
N GLY U 123 -48.20 -26.89 -16.02
CA GLY U 123 -47.19 -27.76 -16.64
C GLY U 123 -46.94 -29.06 -15.93
N HIS U 124 -46.23 -30.00 -16.65
CA HIS U 124 -45.84 -31.36 -16.22
C HIS U 124 -45.53 -31.54 -14.72
N ASP U 125 -46.04 -32.64 -14.14
CA ASP U 125 -45.85 -33.07 -12.76
C ASP U 125 -46.29 -32.08 -11.65
N SER U 126 -47.02 -31.01 -12.01
CA SER U 126 -47.54 -30.03 -11.04
C SER U 126 -48.60 -30.70 -10.16
N VAL U 127 -48.73 -30.22 -8.92
CA VAL U 127 -49.68 -30.72 -7.93
C VAL U 127 -50.51 -29.53 -7.38
N ILE U 128 -51.84 -29.60 -7.50
CA ILE U 128 -52.74 -28.54 -7.01
C ILE U 128 -53.68 -29.18 -6.00
N GLY U 129 -53.76 -28.58 -4.81
CA GLY U 129 -54.59 -29.06 -3.72
C GLY U 129 -56.06 -28.76 -3.91
N ASN U 130 -56.66 -28.12 -2.88
CA ASN U 130 -58.07 -27.76 -2.90
C ASN U 130 -58.32 -26.27 -2.76
N HIS U 131 -59.48 -25.80 -3.24
CA HIS U 131 -59.97 -24.42 -3.13
C HIS U 131 -59.00 -23.33 -3.59
N CYS U 132 -58.19 -23.64 -4.62
CA CYS U 132 -57.21 -22.71 -5.17
C CYS U 132 -57.87 -21.88 -6.24
N ILE U 133 -57.43 -20.61 -6.36
CA ILE U 133 -57.86 -19.70 -7.42
C ILE U 133 -56.60 -19.34 -8.21
N LEU U 134 -56.47 -19.83 -9.47
CA LEU U 134 -55.33 -19.52 -10.36
C LEU U 134 -55.91 -18.55 -11.41
N VAL U 135 -55.79 -17.23 -11.17
CA VAL U 135 -56.37 -16.17 -12.03
C VAL U 135 -55.76 -16.21 -13.47
N ASN U 136 -56.33 -15.43 -14.42
CA ASN U 136 -55.94 -15.39 -15.82
C ASN U 136 -54.45 -15.50 -16.08
N ASN U 137 -54.06 -16.34 -17.05
CA ASN U 137 -52.68 -16.57 -17.54
C ASN U 137 -51.61 -16.96 -16.45
N THR U 138 -52.02 -17.52 -15.31
CA THR U 138 -51.08 -18.01 -14.29
C THR U 138 -50.24 -19.15 -14.93
N ALA U 139 -48.89 -19.15 -14.78
CA ALA U 139 -48.10 -20.22 -15.39
C ALA U 139 -47.28 -20.98 -14.37
N LEU U 140 -47.47 -22.31 -14.32
CA LEU U 140 -46.78 -23.21 -13.38
C LEU U 140 -45.78 -24.10 -14.14
N ALA U 141 -44.65 -23.51 -14.58
CA ALA U 141 -43.51 -24.07 -15.34
C ALA U 141 -43.46 -25.61 -15.44
N GLY U 142 -43.40 -26.24 -14.26
CA GLY U 142 -43.36 -27.67 -14.04
C GLY U 142 -43.08 -27.98 -12.58
N HIS U 143 -43.51 -29.15 -12.09
CA HIS U 143 -43.30 -29.64 -10.71
C HIS U 143 -43.69 -28.64 -9.60
N VAL U 144 -44.61 -27.70 -9.89
CA VAL U 144 -45.08 -26.68 -8.94
C VAL U 144 -46.17 -27.29 -8.06
N HIS U 145 -45.96 -27.24 -6.74
CA HIS U 145 -46.87 -27.79 -5.75
C HIS U 145 -47.60 -26.62 -5.10
N VAL U 146 -48.89 -26.45 -5.44
CA VAL U 146 -49.78 -25.38 -4.93
C VAL U 146 -50.75 -25.98 -3.90
N ASP U 147 -50.61 -25.54 -2.64
CA ASP U 147 -51.41 -26.02 -1.53
C ASP U 147 -52.76 -25.30 -1.44
N ASP U 148 -53.70 -25.90 -0.68
CA ASP U 148 -55.08 -25.47 -0.48
C ASP U 148 -55.25 -23.99 -0.23
N TRP U 149 -56.37 -23.43 -0.73
CA TRP U 149 -56.79 -22.05 -0.54
C TRP U 149 -55.81 -20.96 -1.06
N ALA U 150 -54.74 -21.35 -1.81
CA ALA U 150 -53.78 -20.38 -2.38
C ALA U 150 -54.47 -19.56 -3.46
N ILE U 151 -54.09 -18.31 -3.60
CA ILE U 151 -54.64 -17.41 -4.62
C ILE U 151 -53.46 -16.90 -5.43
N LEU U 152 -53.48 -17.20 -6.73
CA LEU U 152 -52.41 -16.77 -7.61
C LEU U 152 -53.02 -15.79 -8.59
N SER U 153 -52.75 -14.47 -8.39
CA SER U 153 -53.28 -13.36 -9.18
C SER U 153 -52.98 -13.50 -10.69
N GLY U 154 -53.69 -12.72 -11.49
CA GLY U 154 -53.53 -12.71 -12.93
C GLY U 154 -52.08 -12.55 -13.36
N TYR U 155 -51.64 -13.40 -14.29
CA TYR U 155 -50.31 -13.44 -14.89
C TYR U 155 -49.20 -13.82 -13.89
N THR U 156 -49.53 -14.55 -12.79
CA THR U 156 -48.50 -15.02 -11.85
C THR U 156 -47.68 -16.14 -12.48
N LEU U 157 -46.35 -15.94 -12.58
CA LEU U 157 -45.40 -16.90 -13.14
C LEU U 157 -44.67 -17.59 -12.00
N VAL U 158 -44.56 -18.93 -12.06
CA VAL U 158 -43.91 -19.72 -11.02
C VAL U 158 -42.81 -20.58 -11.62
N HIS U 159 -41.58 -20.55 -11.05
CA HIS U 159 -40.47 -21.37 -11.55
C HIS U 159 -40.70 -22.84 -11.26
N GLN U 160 -39.92 -23.75 -11.89
CA GLN U 160 -40.04 -25.19 -11.67
C GLN U 160 -39.71 -25.56 -10.20
N TYR U 161 -40.26 -26.69 -9.72
CA TYR U 161 -40.08 -27.35 -8.41
C TYR U 161 -40.58 -26.51 -7.20
N CYS U 162 -40.97 -25.25 -7.44
CA CYS U 162 -41.53 -24.29 -6.48
C CYS U 162 -42.72 -24.82 -5.73
N ARG U 163 -42.85 -24.42 -4.47
CA ARG U 163 -43.97 -24.79 -3.63
C ARG U 163 -44.72 -23.54 -3.14
N ILE U 164 -46.03 -23.47 -3.42
CA ILE U 164 -46.89 -22.37 -3.00
C ILE U 164 -47.64 -22.87 -1.77
N GLY U 165 -47.57 -22.11 -0.68
CA GLY U 165 -48.19 -22.47 0.59
C GLY U 165 -49.70 -22.47 0.61
N ALA U 166 -50.27 -22.83 1.75
CA ALA U 166 -51.72 -22.83 1.92
C ALA U 166 -52.13 -21.43 2.26
N HIS U 167 -53.22 -20.94 1.65
CA HIS U 167 -53.76 -19.59 1.80
C HIS U 167 -52.84 -18.51 1.26
N SER U 168 -51.60 -18.85 0.84
CA SER U 168 -50.66 -17.89 0.27
C SER U 168 -51.26 -17.12 -0.91
N PHE U 169 -50.81 -15.89 -1.12
CA PHE U 169 -51.33 -15.01 -2.16
C PHE U 169 -50.18 -14.38 -2.93
N SER U 170 -50.22 -14.48 -4.26
CA SER U 170 -49.22 -13.81 -5.06
C SER U 170 -49.92 -12.69 -5.81
N GLY U 171 -49.24 -11.56 -5.96
CA GLY U 171 -49.78 -10.38 -6.63
C GLY U 171 -49.82 -10.49 -8.13
N MET U 172 -50.47 -9.53 -8.84
CA MET U 172 -50.56 -9.69 -10.28
C MET U 172 -49.20 -9.49 -10.97
N GLY U 173 -48.93 -10.38 -11.92
CA GLY U 173 -47.70 -10.39 -12.69
C GLY U 173 -46.49 -10.92 -11.94
N SER U 174 -46.66 -11.35 -10.66
CA SER U 174 -45.59 -11.89 -9.81
C SER U 174 -44.75 -12.99 -10.47
N ALA U 175 -43.45 -13.09 -10.14
CA ALA U 175 -42.59 -14.13 -10.72
C ALA U 175 -41.87 -14.91 -9.62
N ILE U 176 -42.57 -15.91 -9.08
CA ILE U 176 -42.11 -16.76 -7.98
C ILE U 176 -40.90 -17.60 -8.40
N GLY U 177 -39.79 -17.29 -7.75
CA GLY U 177 -38.51 -17.96 -7.97
C GLY U 177 -38.30 -19.07 -6.97
N LYS U 178 -38.42 -18.71 -5.66
CA LYS U 178 -38.30 -19.58 -4.47
C LYS U 178 -39.68 -19.83 -3.77
N ASP U 179 -39.78 -20.90 -2.95
CA ASP U 179 -41.00 -21.30 -2.20
C ASP U 179 -41.78 -20.14 -1.55
N VAL U 180 -43.13 -20.17 -1.62
CA VAL U 180 -43.94 -19.15 -0.95
C VAL U 180 -44.46 -19.86 0.31
N PRO U 181 -44.05 -19.44 1.53
CA PRO U 181 -44.60 -20.11 2.72
C PRO U 181 -46.13 -19.96 2.80
N ALA U 182 -46.79 -20.76 3.66
CA ALA U 182 -48.24 -20.67 3.84
C ALA U 182 -48.62 -19.28 4.33
N TYR U 183 -49.77 -18.76 3.90
CA TYR U 183 -50.32 -17.45 4.29
C TYR U 183 -49.56 -16.26 3.71
N VAL U 184 -48.24 -16.38 3.49
CA VAL U 184 -47.38 -15.30 2.95
C VAL U 184 -47.91 -14.73 1.62
N THR U 185 -47.84 -13.37 1.48
CA THR U 185 -48.21 -12.61 0.26
C THR U 185 -46.94 -12.14 -0.46
N VAL U 186 -46.72 -12.61 -1.70
CA VAL U 186 -45.53 -12.27 -2.50
C VAL U 186 -45.89 -11.38 -3.66
N PHE U 187 -45.07 -10.34 -3.92
CA PHE U 187 -45.32 -9.36 -4.98
C PHE U 187 -44.10 -9.02 -5.84
N GLY U 188 -44.35 -8.76 -7.13
CA GLY U 188 -43.34 -8.36 -8.11
C GLY U 188 -42.56 -9.46 -8.79
N ASN U 189 -41.61 -9.05 -9.63
CA ASN U 189 -40.69 -9.89 -10.41
C ASN U 189 -39.28 -9.37 -10.04
N PRO U 190 -38.57 -10.06 -9.13
CA PRO U 190 -38.94 -11.33 -8.50
C PRO U 190 -39.90 -11.13 -7.35
N ALA U 191 -40.61 -12.20 -6.95
CA ALA U 191 -41.57 -12.22 -5.85
C ALA U 191 -40.87 -11.86 -4.53
N GLU U 192 -41.48 -10.97 -3.75
CA GLU U 192 -40.94 -10.51 -2.47
C GLU U 192 -42.04 -10.57 -1.45
N ALA U 193 -41.77 -11.16 -0.27
CA ALA U 193 -42.74 -11.32 0.79
C ALA U 193 -43.13 -9.99 1.44
N ARG U 194 -44.40 -9.55 1.23
CA ARG U 194 -45.00 -8.31 1.74
C ARG U 194 -45.55 -8.48 3.16
N SER U 195 -46.54 -9.43 3.34
CA SER U 195 -47.17 -9.72 4.64
C SER U 195 -47.81 -11.11 4.71
N MET U 196 -49.05 -11.17 5.20
CA MET U 196 -49.82 -12.39 5.40
C MET U 196 -51.25 -12.22 4.88
N ASN U 197 -51.88 -13.31 4.40
CA ASN U 197 -53.25 -13.27 3.92
C ASN U 197 -54.23 -13.21 5.09
N PHE U 198 -54.35 -12.03 5.73
CA PHE U 198 -55.26 -11.85 6.84
C PHE U 198 -56.72 -11.97 6.45
N GLU U 199 -57.00 -11.75 5.15
CA GLU U 199 -58.34 -11.91 4.61
C GLU U 199 -58.68 -13.38 4.45
N GLY U 200 -57.69 -14.19 4.05
CA GLY U 200 -57.82 -15.64 3.89
C GLY U 200 -58.01 -16.35 5.21
N MET U 201 -57.44 -15.75 6.26
CA MET U 201 -57.54 -16.20 7.64
C MET U 201 -58.93 -15.90 8.17
N ARG U 202 -59.42 -14.64 8.04
CA ARG U 202 -60.76 -14.34 8.58
C ARG U 202 -61.87 -15.03 7.78
N ARG U 203 -61.62 -15.27 6.47
CA ARG U 203 -62.55 -15.97 5.59
C ARG U 203 -62.70 -17.42 6.09
N ARG U 204 -61.56 -18.12 6.36
CA ARG U 204 -61.61 -19.48 6.90
C ARG U 204 -61.97 -19.52 8.40
N GLY U 205 -62.41 -18.38 8.93
CA GLY U 205 -62.81 -18.20 10.32
C GLY U 205 -61.73 -18.62 11.29
N PHE U 206 -60.63 -17.87 11.31
CA PHE U 206 -59.50 -18.15 12.20
C PHE U 206 -59.73 -17.44 13.53
N SER U 207 -59.24 -18.06 14.61
CA SER U 207 -59.29 -17.48 15.95
C SER U 207 -58.42 -16.21 15.94
N SER U 208 -58.92 -15.08 16.50
CA SER U 208 -58.18 -13.82 16.57
C SER U 208 -56.73 -14.05 17.05
N GLU U 209 -56.57 -14.95 18.06
CA GLU U 209 -55.33 -15.44 18.70
C GLU U 209 -54.37 -15.94 17.63
N ALA U 210 -54.83 -16.84 16.74
CA ALA U 210 -54.04 -17.39 15.63
C ALA U 210 -53.74 -16.38 14.48
N ILE U 211 -54.60 -15.34 14.28
CA ILE U 211 -54.39 -14.28 13.27
C ILE U 211 -53.19 -13.45 13.74
N HIS U 212 -53.13 -13.17 15.05
CA HIS U 212 -52.04 -12.46 15.70
C HIS U 212 -50.80 -13.37 15.78
N ALA U 213 -50.98 -14.66 16.06
CA ALA U 213 -49.88 -15.63 16.12
C ALA U 213 -49.24 -15.83 14.76
N LEU U 214 -50.04 -15.71 13.69
CA LEU U 214 -49.50 -15.82 12.34
C LEU U 214 -48.86 -14.53 11.93
N ARG U 215 -49.29 -13.38 12.52
CA ARG U 215 -48.63 -12.10 12.22
C ARG U 215 -47.26 -12.09 12.93
N ARG U 216 -47.22 -12.51 14.22
CA ARG U 216 -46.01 -12.63 15.04
C ARG U 216 -44.96 -13.53 14.35
N ALA U 217 -45.42 -14.68 13.77
CA ALA U 217 -44.61 -15.65 13.03
C ALA U 217 -43.91 -15.02 11.81
N TYR U 218 -44.67 -14.28 10.93
CA TYR U 218 -44.10 -13.62 9.76
C TYR U 218 -42.95 -12.75 10.24
N LYS U 219 -43.21 -11.83 11.23
CA LYS U 219 -42.24 -10.93 11.85
C LYS U 219 -40.93 -11.62 12.20
N VAL U 220 -40.98 -12.81 12.86
CA VAL U 220 -39.80 -13.63 13.25
C VAL U 220 -38.90 -13.95 12.03
N VAL U 221 -39.47 -14.65 11.02
CA VAL U 221 -38.83 -15.08 9.77
C VAL U 221 -38.12 -13.91 9.04
N TYR U 222 -38.89 -12.85 8.72
CA TYR U 222 -38.44 -11.70 7.94
C TYR U 222 -37.90 -10.53 8.79
N ARG U 223 -38.82 -9.66 9.28
CA ARG U 223 -38.67 -8.42 10.06
C ARG U 223 -37.81 -8.50 11.35
N GLN U 224 -37.04 -9.59 11.59
CA GLN U 224 -36.17 -9.71 12.79
C GLN U 224 -34.75 -10.18 12.47
N GLY U 225 -34.46 -10.31 11.18
CA GLY U 225 -33.15 -10.71 10.68
C GLY U 225 -32.65 -12.00 11.29
N HIS U 226 -33.41 -13.06 11.01
CA HIS U 226 -33.07 -14.37 11.52
C HIS U 226 -32.81 -15.27 10.35
N THR U 227 -31.70 -16.03 10.39
CA THR U 227 -31.44 -17.02 9.36
C THR U 227 -32.59 -18.00 9.48
N VAL U 228 -33.04 -18.59 8.38
CA VAL U 228 -34.13 -19.56 8.41
C VAL U 228 -33.93 -20.56 9.57
N GLU U 229 -32.67 -20.99 9.82
CA GLU U 229 -32.29 -21.89 10.93
C GLU U 229 -32.73 -21.34 12.28
N GLU U 230 -32.47 -20.03 12.51
CA GLU U 230 -32.83 -19.28 13.72
C GLU U 230 -34.35 -19.04 13.84
N ALA U 231 -35.03 -18.68 12.72
CA ALA U 231 -36.47 -18.41 12.67
C ALA U 231 -37.23 -19.64 13.11
N LEU U 232 -37.00 -20.79 12.44
CA LEU U 232 -37.59 -22.11 12.72
C LEU U 232 -37.41 -22.53 14.17
N ALA U 233 -36.36 -22.02 14.81
CA ALA U 233 -36.03 -22.27 16.21
C ALA U 233 -36.96 -21.51 17.17
N GLU U 234 -37.21 -20.19 16.93
CA GLU U 234 -38.11 -19.39 17.78
C GLU U 234 -39.57 -19.83 17.55
N LEU U 235 -39.91 -20.19 16.28
CA LEU U 235 -41.24 -20.65 15.86
C LEU U 235 -41.70 -21.94 16.53
N ALA U 236 -40.76 -22.71 17.12
CA ALA U 236 -41.01 -23.97 17.83
C ALA U 236 -42.11 -23.90 18.91
N GLU U 237 -42.15 -22.78 19.68
CA GLU U 237 -43.13 -22.51 20.74
C GLU U 237 -44.53 -22.23 20.17
N SER U 238 -44.61 -21.35 19.15
CA SER U 238 -45.88 -20.94 18.58
C SER U 238 -46.51 -22.04 17.75
N ALA U 239 -45.69 -22.89 17.12
CA ALA U 239 -46.16 -24.00 16.28
C ALA U 239 -46.80 -25.10 17.11
N ALA U 240 -46.32 -25.25 18.37
CA ALA U 240 -46.81 -26.21 19.36
C ALA U 240 -48.12 -25.70 19.94
N GLN U 241 -48.21 -24.37 20.19
CA GLN U 241 -49.37 -23.66 20.72
C GLN U 241 -50.50 -23.68 19.70
N PHE U 242 -50.25 -23.11 18.50
CA PHE U 242 -51.22 -23.00 17.42
C PHE U 242 -50.86 -23.87 16.23
N PRO U 243 -51.75 -24.79 15.78
CA PRO U 243 -51.42 -25.63 14.62
C PRO U 243 -51.74 -24.98 13.26
N GLU U 244 -51.83 -23.65 13.24
CA GLU U 244 -52.00 -22.82 12.05
C GLU U 244 -50.59 -22.26 11.80
N VAL U 245 -49.83 -22.04 12.91
CA VAL U 245 -48.43 -21.58 12.91
C VAL U 245 -47.54 -22.78 12.60
N ALA U 246 -48.05 -24.02 12.87
CA ALA U 246 -47.37 -25.27 12.54
C ALA U 246 -47.34 -25.39 11.00
N VAL U 247 -48.52 -25.23 10.35
CA VAL U 247 -48.71 -25.23 8.88
C VAL U 247 -47.64 -24.33 8.23
N PHE U 248 -47.42 -23.14 8.82
CA PHE U 248 -46.47 -22.14 8.38
C PHE U 248 -45.03 -22.62 8.57
N ARG U 249 -44.65 -23.04 9.80
CA ARG U 249 -43.30 -23.52 10.11
C ARG U 249 -42.93 -24.70 9.21
N ASP U 250 -43.90 -25.59 9.01
CA ASP U 250 -43.76 -26.79 8.20
C ASP U 250 -43.59 -26.48 6.71
N SER U 251 -43.88 -25.23 6.28
CA SER U 251 -43.74 -24.80 4.90
C SER U 251 -42.34 -24.23 4.65
N ILE U 252 -41.76 -23.61 5.71
CA ILE U 252 -40.41 -23.03 5.77
C ILE U 252 -39.38 -24.15 6.05
N GLN U 253 -39.81 -25.20 6.77
CA GLN U 253 -38.99 -26.36 7.10
C GLN U 253 -38.60 -27.09 5.85
N SER U 254 -39.62 -27.46 5.05
CA SER U 254 -39.58 -28.23 3.79
C SER U 254 -38.97 -27.50 2.59
N ALA U 255 -38.87 -26.16 2.65
CA ALA U 255 -38.30 -25.36 1.57
C ALA U 255 -36.78 -25.52 1.45
N THR U 256 -36.06 -25.34 2.59
CA THR U 256 -34.61 -25.41 2.60
C THR U 256 -34.03 -26.48 3.54
N ARG U 257 -33.08 -27.26 3.00
CA ARG U 257 -32.34 -28.29 3.72
C ARG U 257 -30.98 -27.71 4.08
N GLY U 258 -30.31 -27.11 3.09
CA GLY U 258 -29.00 -26.49 3.25
C GLY U 258 -27.85 -27.45 3.04
N ILE U 259 -26.60 -26.96 3.20
CA ILE U 259 -25.37 -27.75 3.06
C ILE U 259 -24.56 -27.53 4.29
N THR U 260 -23.83 -28.57 4.75
CA THR U 260 -22.99 -28.44 5.95
C THR U 260 -21.87 -27.43 5.71
N ARG U 261 -21.58 -26.63 6.75
CA ARG U 261 -20.51 -25.62 6.77
C ARG U 261 -19.63 -25.91 7.99
N MET V 4 -72.00 -18.81 -51.83
CA MET V 4 -72.01 -19.15 -50.40
C MET V 4 -72.98 -18.26 -49.54
N SER V 5 -73.31 -18.74 -48.31
CA SER V 5 -74.20 -18.08 -47.34
C SER V 5 -73.41 -17.29 -46.26
N LEU V 6 -73.92 -16.08 -45.90
CA LEU V 6 -73.36 -15.15 -44.91
C LEU V 6 -73.05 -15.92 -43.62
N ILE V 7 -74.13 -16.48 -43.02
CA ILE V 7 -74.14 -17.34 -41.85
C ILE V 7 -73.77 -18.71 -42.43
N ASP V 8 -72.57 -19.20 -42.08
CA ASP V 8 -72.08 -20.46 -42.60
C ASP V 8 -72.86 -21.63 -42.01
N PRO V 9 -73.31 -22.58 -42.86
CA PRO V 9 -74.11 -23.71 -42.36
C PRO V 9 -73.45 -24.60 -41.29
N ARG V 10 -72.10 -24.59 -41.16
CA ARG V 10 -71.33 -25.36 -40.17
C ARG V 10 -71.35 -24.68 -38.77
N ALA V 11 -72.00 -23.49 -38.66
CA ALA V 11 -72.15 -22.68 -37.44
C ALA V 11 -73.52 -22.87 -36.75
N ILE V 12 -73.57 -22.54 -35.43
CA ILE V 12 -74.76 -22.65 -34.55
C ILE V 12 -75.33 -21.24 -34.19
N ILE V 13 -76.56 -20.94 -34.68
CA ILE V 13 -77.25 -19.66 -34.44
C ILE V 13 -78.52 -19.93 -33.63
N ASP V 14 -78.55 -19.45 -32.36
CA ASP V 14 -79.71 -19.61 -31.48
C ASP V 14 -80.90 -18.83 -32.04
N PRO V 15 -82.14 -19.35 -31.96
CA PRO V 15 -83.28 -18.61 -32.51
C PRO V 15 -83.67 -17.39 -31.68
N SER V 16 -83.11 -17.30 -30.44
CA SER V 16 -83.34 -16.22 -29.46
C SER V 16 -82.44 -15.04 -29.79
N ALA V 17 -81.39 -15.33 -30.58
CA ALA V 17 -80.42 -14.37 -31.06
C ALA V 17 -81.02 -13.55 -32.21
N ARG V 18 -80.44 -12.36 -32.47
CA ARG V 18 -80.88 -11.48 -33.55
C ARG V 18 -79.69 -10.98 -34.37
N LEU V 19 -79.62 -11.39 -35.65
CA LEU V 19 -78.54 -11.06 -36.56
C LEU V 19 -79.05 -10.24 -37.73
N ALA V 20 -78.49 -9.03 -37.90
CA ALA V 20 -78.85 -8.09 -38.98
C ALA V 20 -78.49 -8.66 -40.35
N ALA V 21 -79.29 -8.29 -41.38
CA ALA V 21 -79.25 -8.71 -42.78
C ALA V 21 -77.88 -9.15 -43.35
N ASP V 22 -76.85 -8.25 -43.33
CA ASP V 22 -75.52 -8.50 -43.92
C ASP V 22 -74.44 -8.96 -42.92
N VAL V 23 -74.86 -9.62 -41.82
CA VAL V 23 -73.92 -10.17 -40.82
C VAL V 23 -73.28 -11.43 -41.41
N GLN V 24 -71.96 -11.60 -41.19
CA GLN V 24 -71.16 -12.71 -41.70
C GLN V 24 -70.72 -13.59 -40.55
N VAL V 25 -71.16 -14.86 -40.54
CA VAL V 25 -70.78 -15.80 -39.47
C VAL V 25 -70.00 -16.99 -40.06
N GLY V 26 -68.78 -17.21 -39.56
CA GLY V 26 -67.88 -18.27 -40.00
C GLY V 26 -68.23 -19.65 -39.49
N PRO V 27 -67.62 -20.73 -40.05
CA PRO V 27 -67.94 -22.08 -39.58
C PRO V 27 -67.49 -22.36 -38.15
N TRP V 28 -68.20 -23.28 -37.48
CA TRP V 28 -67.96 -23.75 -36.11
C TRP V 28 -68.02 -22.62 -35.07
N SER V 29 -68.79 -21.56 -35.38
CA SER V 29 -69.05 -20.44 -34.47
C SER V 29 -70.38 -20.68 -33.74
N ILE V 30 -70.54 -20.10 -32.55
CA ILE V 30 -71.76 -20.25 -31.76
C ILE V 30 -72.33 -18.88 -31.40
N VAL V 31 -73.61 -18.67 -31.76
CA VAL V 31 -74.37 -17.45 -31.48
C VAL V 31 -75.46 -17.87 -30.49
N GLY V 32 -75.17 -17.66 -29.21
CA GLY V 32 -76.04 -18.02 -28.09
C GLY V 32 -77.28 -17.17 -28.02
N ALA V 33 -78.18 -17.53 -27.11
CA ALA V 33 -79.44 -16.84 -26.92
C ALA V 33 -79.24 -15.40 -26.48
N GLU V 34 -80.15 -14.49 -26.94
CA GLU V 34 -80.16 -13.04 -26.68
C GLU V 34 -78.85 -12.32 -27.09
N VAL V 35 -78.20 -12.81 -28.19
CA VAL V 35 -77.00 -12.21 -28.79
C VAL V 35 -77.49 -11.40 -30.00
N GLU V 36 -77.27 -10.09 -29.95
CA GLU V 36 -77.68 -9.17 -31.01
C GLU V 36 -76.47 -8.69 -31.80
N ILE V 37 -76.40 -9.05 -33.09
CA ILE V 37 -75.30 -8.69 -33.99
C ILE V 37 -75.86 -7.72 -35.07
N GLY V 38 -75.30 -6.51 -35.14
CA GLY V 38 -75.72 -5.47 -36.06
C GLY V 38 -75.02 -5.42 -37.41
N GLU V 39 -75.64 -4.65 -38.34
CA GLU V 39 -75.27 -4.37 -39.74
C GLU V 39 -73.77 -4.40 -40.06
N GLY V 40 -73.39 -5.28 -40.97
CA GLY V 40 -72.02 -5.43 -41.46
C GLY V 40 -70.98 -6.05 -40.55
N THR V 41 -71.38 -6.65 -39.40
CA THR V 41 -70.44 -7.31 -38.48
C THR V 41 -69.95 -8.64 -39.09
N VAL V 42 -68.73 -9.05 -38.70
CA VAL V 42 -68.09 -10.27 -39.18
C VAL V 42 -67.57 -11.07 -38.01
N ILE V 43 -68.08 -12.30 -37.90
CA ILE V 43 -67.73 -13.31 -36.91
C ILE V 43 -66.99 -14.37 -37.72
N GLY V 44 -65.77 -14.67 -37.32
CA GLY V 44 -64.95 -15.64 -38.03
C GLY V 44 -65.23 -17.07 -37.62
N PRO V 45 -64.26 -18.01 -37.84
CA PRO V 45 -64.48 -19.39 -37.42
C PRO V 45 -64.11 -19.59 -35.95
N HIS V 46 -64.62 -20.65 -35.32
CA HIS V 46 -64.36 -20.96 -33.90
C HIS V 46 -64.57 -19.73 -33.01
N VAL V 47 -65.78 -19.14 -33.02
CA VAL V 47 -66.11 -17.98 -32.17
C VAL V 47 -67.22 -18.42 -31.20
N VAL V 48 -67.23 -17.83 -30.00
CA VAL V 48 -68.18 -18.14 -28.95
C VAL V 48 -68.81 -16.84 -28.45
N LEU V 49 -70.13 -16.71 -28.66
CA LEU V 49 -70.88 -15.53 -28.29
C LEU V 49 -72.09 -15.89 -27.39
N LYS V 50 -72.00 -15.60 -26.09
CA LYS V 50 -73.07 -15.85 -25.11
C LYS V 50 -73.77 -14.54 -24.75
N GLY V 51 -75.09 -14.58 -24.66
CA GLY V 51 -75.86 -13.38 -24.32
C GLY V 51 -76.11 -13.23 -22.83
N PRO V 52 -76.84 -12.17 -22.36
CA PRO V 52 -77.42 -11.03 -23.08
C PRO V 52 -76.34 -10.07 -23.55
N THR V 53 -76.05 -10.12 -24.85
CA THR V 53 -75.01 -9.33 -25.49
C THR V 53 -75.57 -8.53 -26.65
N LYS V 54 -75.00 -7.33 -26.88
CA LYS V 54 -75.38 -6.45 -27.97
C LYS V 54 -74.15 -5.90 -28.70
N ILE V 55 -73.83 -6.50 -29.86
CA ILE V 55 -72.75 -6.12 -30.77
C ILE V 55 -73.39 -5.15 -31.79
N GLY V 56 -72.73 -4.05 -32.07
CA GLY V 56 -73.21 -3.04 -33.01
C GLY V 56 -72.84 -3.33 -34.44
N LYS V 57 -72.66 -2.23 -35.22
CA LYS V 57 -72.35 -2.27 -36.65
C LYS V 57 -70.86 -2.47 -36.99
N HIS V 58 -70.59 -2.92 -38.24
CA HIS V 58 -69.31 -3.17 -38.93
C HIS V 58 -68.13 -3.56 -38.01
N ASN V 59 -68.37 -4.54 -37.12
CA ASN V 59 -67.35 -5.07 -36.22
C ASN V 59 -66.67 -6.29 -36.86
N ARG V 60 -65.48 -6.67 -36.37
CA ARG V 60 -64.73 -7.80 -36.87
C ARG V 60 -64.17 -8.60 -35.70
N ILE V 61 -64.86 -9.72 -35.36
CA ILE V 61 -64.46 -10.63 -34.28
C ILE V 61 -63.79 -11.88 -34.87
N TYR V 62 -62.48 -12.03 -34.59
CA TYR V 62 -61.60 -13.11 -35.06
C TYR V 62 -61.83 -14.43 -34.30
N GLN V 63 -61.07 -15.49 -34.67
CA GLN V 63 -61.18 -16.84 -34.08
C GLN V 63 -60.89 -16.91 -32.60
N PHE V 64 -61.19 -18.07 -32.00
CA PHE V 64 -60.95 -18.48 -30.60
C PHE V 64 -61.25 -17.40 -29.53
N SER V 65 -62.26 -16.54 -29.81
CA SER V 65 -62.71 -15.48 -28.92
C SER V 65 -63.98 -15.89 -28.21
N SER V 66 -64.01 -15.67 -26.89
CA SER V 66 -65.18 -15.95 -26.05
C SER V 66 -65.76 -14.58 -25.65
N VAL V 67 -66.60 -14.00 -26.53
CA VAL V 67 -67.21 -12.68 -26.32
C VAL V 67 -68.59 -12.92 -25.71
N GLY V 68 -68.86 -12.31 -24.55
CA GLY V 68 -70.15 -12.39 -23.87
C GLY V 68 -70.30 -13.37 -22.74
N GLU V 69 -69.21 -14.11 -22.43
CA GLU V 69 -69.18 -15.13 -21.40
C GLU V 69 -69.45 -14.58 -19.99
N ASP V 70 -69.86 -15.49 -19.08
CA ASP V 70 -70.13 -15.16 -17.69
C ASP V 70 -68.80 -14.98 -16.99
N THR V 71 -68.70 -14.01 -16.08
CA THR V 71 -67.43 -13.81 -15.35
C THR V 71 -67.13 -15.00 -14.42
N PRO V 72 -65.84 -15.36 -14.19
CA PRO V 72 -65.57 -16.50 -13.31
C PRO V 72 -65.56 -16.11 -11.83
N ASP V 73 -65.71 -14.78 -11.53
CA ASP V 73 -65.71 -14.20 -10.19
C ASP V 73 -66.77 -14.82 -9.31
N LEU V 74 -66.38 -15.11 -8.06
CA LEU V 74 -67.23 -15.72 -7.05
C LEU V 74 -68.40 -14.76 -6.65
N LYS V 75 -68.23 -13.44 -6.92
CA LYS V 75 -69.24 -12.40 -6.68
C LYS V 75 -70.45 -12.62 -7.57
N TYR V 76 -70.21 -13.12 -8.81
CA TYR V 76 -71.29 -13.38 -9.77
C TYR V 76 -72.04 -14.65 -9.41
N LYS V 77 -73.36 -14.48 -9.24
CA LYS V 77 -74.30 -15.53 -8.91
C LYS V 77 -75.33 -15.77 -10.04
N GLY V 78 -74.83 -15.84 -11.28
CA GLY V 78 -75.63 -16.14 -12.46
C GLY V 78 -76.66 -15.13 -12.92
N GLU V 79 -76.67 -13.93 -12.32
CA GLU V 79 -77.58 -12.80 -12.58
C GLU V 79 -77.74 -12.44 -14.09
N PRO V 80 -78.90 -11.91 -14.57
CA PRO V 80 -79.00 -11.57 -16.01
C PRO V 80 -78.36 -10.21 -16.26
N THR V 81 -77.03 -10.24 -16.40
CA THR V 81 -76.16 -9.09 -16.59
C THR V 81 -75.83 -8.95 -18.09
N ARG V 82 -75.34 -7.76 -18.53
CA ARG V 82 -75.10 -7.48 -19.95
C ARG V 82 -73.66 -7.27 -20.41
N LEU V 83 -73.51 -7.26 -21.75
CA LEU V 83 -72.35 -6.90 -22.55
C LEU V 83 -72.90 -6.03 -23.71
N VAL V 84 -72.14 -4.98 -24.06
CA VAL V 84 -72.47 -4.02 -25.14
C VAL V 84 -71.18 -3.63 -25.87
N ILE V 85 -71.20 -3.69 -27.22
CA ILE V 85 -70.08 -3.33 -28.10
C ILE V 85 -70.67 -2.43 -29.20
N GLY V 86 -70.07 -1.25 -29.37
CA GLY V 86 -70.50 -0.28 -30.36
C GLY V 86 -70.16 -0.67 -31.79
N ASP V 87 -69.77 0.34 -32.59
CA ASP V 87 -69.47 0.14 -34.02
C ASP V 87 -67.98 0.21 -34.35
N HIS V 88 -67.57 -0.49 -35.44
CA HIS V 88 -66.23 -0.56 -36.04
C HIS V 88 -65.10 -1.00 -35.09
N ASN V 89 -65.42 -1.86 -34.13
CA ASN V 89 -64.44 -2.44 -33.20
C ASN V 89 -63.75 -3.68 -33.83
N VAL V 90 -62.49 -3.94 -33.42
CA VAL V 90 -61.73 -5.09 -33.92
C VAL V 90 -61.35 -5.92 -32.71
N ILE V 91 -61.95 -7.12 -32.60
CA ILE V 91 -61.67 -8.06 -31.52
C ILE V 91 -60.83 -9.16 -32.18
N ARG V 92 -59.51 -9.17 -31.92
CA ARG V 92 -58.56 -10.10 -32.53
C ARG V 92 -58.66 -11.52 -31.99
N GLU V 93 -57.80 -12.42 -32.51
CA GLU V 93 -57.76 -13.85 -32.18
C GLU V 93 -57.52 -14.14 -30.68
N GLY V 94 -58.44 -14.86 -30.08
CA GLY V 94 -58.37 -15.29 -28.68
C GLY V 94 -58.80 -14.35 -27.56
N VAL V 95 -59.45 -13.22 -27.89
CA VAL V 95 -59.90 -12.26 -26.86
C VAL V 95 -60.98 -12.90 -25.94
N THR V 96 -61.19 -12.34 -24.73
CA THR V 96 -62.16 -12.81 -23.73
C THR V 96 -62.90 -11.62 -23.14
N ILE V 97 -64.14 -11.42 -23.56
CA ILE V 97 -64.92 -10.33 -23.01
C ILE V 97 -66.06 -10.94 -22.19
N HIS V 98 -66.06 -10.62 -20.87
CA HIS V 98 -67.03 -11.05 -19.87
C HIS V 98 -68.12 -10.01 -19.64
N ARG V 99 -69.31 -10.47 -19.26
CA ARG V 99 -70.45 -9.59 -19.00
C ARG V 99 -70.33 -8.96 -17.60
N GLY V 100 -71.28 -8.09 -17.25
CA GLY V 100 -71.29 -7.39 -15.97
C GLY V 100 -71.66 -8.25 -14.77
N THR V 101 -71.64 -7.59 -13.59
CA THR V 101 -72.01 -8.12 -12.27
C THR V 101 -72.97 -7.09 -11.68
N VAL V 102 -74.13 -7.55 -11.14
CA VAL V 102 -75.21 -6.73 -10.58
C VAL V 102 -74.74 -5.78 -9.45
N GLN V 103 -73.54 -6.05 -8.91
CA GLN V 103 -72.86 -5.30 -7.86
C GLN V 103 -72.57 -3.89 -8.34
N ASP V 104 -72.09 -3.74 -9.58
CA ASP V 104 -71.80 -2.46 -10.23
C ASP V 104 -73.06 -2.09 -11.06
N ARG V 105 -72.95 -1.82 -12.38
CA ARG V 105 -74.15 -1.49 -13.16
C ARG V 105 -74.66 -2.67 -14.00
N ALA V 106 -74.14 -3.90 -13.73
CA ALA V 106 -74.45 -5.16 -14.42
C ALA V 106 -74.29 -5.04 -15.94
N GLU V 107 -73.13 -4.48 -16.37
CA GLU V 107 -72.85 -4.26 -17.79
C GLU V 107 -71.42 -3.88 -18.04
N THR V 108 -70.78 -4.64 -19.00
CA THR V 108 -69.45 -4.41 -19.57
C THR V 108 -69.76 -3.65 -20.88
N THR V 109 -69.05 -2.54 -21.18
CA THR V 109 -69.33 -1.76 -22.40
C THR V 109 -68.08 -1.37 -23.18
N ILE V 110 -68.10 -1.60 -24.50
CA ILE V 110 -67.03 -1.21 -25.42
C ILE V 110 -67.70 -0.25 -26.44
N GLY V 111 -66.99 0.80 -26.83
CA GLY V 111 -67.52 1.82 -27.73
C GLY V 111 -67.29 1.65 -29.21
N ASP V 112 -66.73 2.67 -29.86
CA ASP V 112 -66.53 2.63 -31.29
C ASP V 112 -65.05 2.58 -31.68
N HIS V 113 -64.75 2.25 -32.96
CA HIS V 113 -63.40 2.21 -33.56
C HIS V 113 -62.26 1.75 -32.62
N ASN V 114 -62.51 0.73 -31.77
CA ASN V 114 -61.50 0.19 -30.84
C ASN V 114 -60.72 -0.98 -31.46
N LEU V 115 -59.44 -1.14 -31.06
CA LEU V 115 -58.61 -2.25 -31.49
C LEU V 115 -58.20 -3.04 -30.26
N ILE V 116 -58.82 -4.23 -30.09
CA ILE V 116 -58.55 -5.16 -29.00
C ILE V 116 -57.81 -6.36 -29.62
N MET V 117 -56.48 -6.31 -29.51
CA MET V 117 -55.56 -7.30 -30.07
C MET V 117 -55.59 -8.62 -29.34
N ALA V 118 -54.95 -9.61 -29.95
CA ALA V 118 -54.90 -11.02 -29.54
C ALA V 118 -54.84 -11.26 -28.03
N TYR V 119 -55.49 -12.35 -27.58
CA TYR V 119 -55.56 -12.88 -26.20
C TYR V 119 -55.69 -11.83 -25.04
N ALA V 120 -56.24 -10.64 -25.33
CA ALA V 120 -56.53 -9.60 -24.34
C ALA V 120 -57.68 -10.13 -23.44
N HIS V 121 -58.17 -9.30 -22.47
CA HIS V 121 -59.24 -9.66 -21.53
C HIS V 121 -59.99 -8.40 -21.10
N ILE V 122 -61.32 -8.45 -21.14
CA ILE V 122 -62.15 -7.35 -20.69
C ILE V 122 -63.14 -7.91 -19.64
N GLY V 123 -62.73 -7.91 -18.37
CA GLY V 123 -63.48 -8.42 -17.23
C GLY V 123 -64.77 -7.69 -16.91
N HIS V 124 -65.58 -8.25 -15.98
CA HIS V 124 -66.86 -7.71 -15.52
C HIS V 124 -66.91 -6.19 -15.31
N ASP V 125 -67.93 -5.52 -15.88
CA ASP V 125 -68.20 -4.07 -15.79
C ASP V 125 -67.06 -3.15 -16.21
N SER V 126 -66.18 -3.60 -17.12
CA SER V 126 -65.12 -2.73 -17.64
C SER V 126 -65.79 -1.79 -18.65
N VAL V 127 -65.28 -0.58 -18.82
CA VAL V 127 -65.86 0.37 -19.76
C VAL V 127 -64.78 0.95 -20.65
N ILE V 128 -64.77 0.58 -21.94
CA ILE V 128 -63.83 1.10 -22.93
C ILE V 128 -64.57 2.08 -23.83
N GLY V 129 -63.95 3.24 -24.04
CA GLY V 129 -64.48 4.30 -24.89
C GLY V 129 -64.29 4.02 -26.37
N ASN V 130 -63.59 4.92 -27.07
CA ASN V 130 -63.37 4.77 -28.51
C ASN V 130 -61.94 5.05 -28.91
N HIS V 131 -61.49 4.43 -30.01
CA HIS V 131 -60.17 4.58 -30.58
C HIS V 131 -59.04 4.12 -29.63
N CYS V 132 -59.42 3.23 -28.71
CA CYS V 132 -58.54 2.65 -27.71
C CYS V 132 -57.83 1.43 -28.29
N ILE V 133 -56.49 1.42 -28.20
CA ILE V 133 -55.71 0.28 -28.65
C ILE V 133 -55.36 -0.51 -27.39
N LEU V 134 -55.97 -1.67 -27.21
CA LEU V 134 -55.63 -2.59 -26.13
C LEU V 134 -54.75 -3.65 -26.83
N VAL V 135 -53.41 -3.51 -26.71
CA VAL V 135 -52.44 -4.37 -27.39
C VAL V 135 -52.52 -5.83 -26.81
N ASN V 136 -51.77 -6.77 -27.41
CA ASN V 136 -51.70 -8.18 -27.05
C ASN V 136 -51.73 -8.49 -25.55
N ASN V 137 -52.46 -9.54 -25.17
CA ASN V 137 -52.63 -10.07 -23.81
C ASN V 137 -52.89 -9.01 -22.68
N THR V 138 -53.45 -7.80 -23.00
CA THR V 138 -53.85 -6.80 -21.98
C THR V 138 -54.92 -7.46 -21.04
N ALA V 139 -54.87 -7.17 -19.73
CA ALA V 139 -55.81 -7.76 -18.78
C ALA V 139 -56.48 -6.64 -17.98
N LEU V 140 -57.83 -6.51 -18.08
CA LEU V 140 -58.60 -5.50 -17.33
C LEU V 140 -59.40 -6.28 -16.29
N ALA V 141 -58.86 -6.44 -15.05
CA ALA V 141 -59.39 -7.25 -13.94
C ALA V 141 -60.91 -7.22 -13.81
N GLY V 142 -61.46 -6.01 -13.72
CA GLY V 142 -62.88 -5.76 -13.59
C GLY V 142 -63.16 -4.32 -13.21
N HIS V 143 -64.30 -3.78 -13.65
CA HIS V 143 -64.73 -2.40 -13.41
C HIS V 143 -63.69 -1.33 -13.87
N VAL V 144 -62.77 -1.68 -14.81
CA VAL V 144 -61.74 -0.80 -15.36
C VAL V 144 -62.37 0.15 -16.38
N HIS V 145 -62.08 1.46 -16.30
CA HIS V 145 -62.61 2.43 -17.26
C HIS V 145 -61.45 2.99 -18.09
N VAL V 146 -61.45 2.71 -19.40
CA VAL V 146 -60.45 3.13 -20.38
C VAL V 146 -61.08 4.19 -21.31
N ASP V 147 -60.80 5.49 -21.03
CA ASP V 147 -61.26 6.66 -21.80
C ASP V 147 -60.59 6.61 -23.20
N ASP V 148 -61.14 7.38 -24.16
CA ASP V 148 -60.74 7.45 -25.57
C ASP V 148 -59.25 7.60 -25.85
N TRP V 149 -58.80 7.01 -26.97
CA TRP V 149 -57.44 7.05 -27.57
C TRP V 149 -56.36 6.33 -26.78
N ALA V 150 -56.58 6.04 -25.49
CA ALA V 150 -55.65 5.34 -24.60
C ALA V 150 -54.92 4.14 -25.26
N ILE V 151 -53.58 4.09 -25.21
CA ILE V 151 -52.85 2.96 -25.79
C ILE V 151 -52.25 2.08 -24.68
N LEU V 152 -52.97 1.01 -24.29
CA LEU V 152 -52.45 0.04 -23.33
C LEU V 152 -51.57 -0.91 -24.13
N SER V 153 -50.25 -0.87 -23.89
CA SER V 153 -49.25 -1.72 -24.57
C SER V 153 -49.41 -3.22 -24.24
N GLY V 154 -48.67 -4.07 -24.95
CA GLY V 154 -48.69 -5.52 -24.77
C GLY V 154 -48.46 -5.99 -23.34
N TYR V 155 -49.22 -7.03 -22.95
CA TYR V 155 -49.22 -7.72 -21.65
C TYR V 155 -49.33 -6.72 -20.43
N THR V 156 -50.10 -5.62 -20.63
CA THR V 156 -50.41 -4.61 -19.62
C THR V 156 -51.46 -5.25 -18.72
N LEU V 157 -51.29 -5.13 -17.41
CA LEU V 157 -52.26 -5.68 -16.46
C LEU V 157 -52.82 -4.52 -15.68
N VAL V 158 -54.15 -4.39 -15.65
CA VAL V 158 -54.83 -3.33 -14.94
C VAL V 158 -55.68 -3.91 -13.79
N HIS V 159 -55.46 -3.38 -12.58
CA HIS V 159 -56.20 -3.81 -11.40
C HIS V 159 -57.67 -3.40 -11.52
N GLN V 160 -58.52 -3.91 -10.63
CA GLN V 160 -59.94 -3.58 -10.63
C GLN V 160 -60.22 -2.13 -10.28
N TYR V 161 -61.33 -1.57 -10.84
CA TYR V 161 -61.90 -0.23 -10.61
C TYR V 161 -61.04 1.00 -11.08
N CYS V 162 -59.85 0.73 -11.67
CA CYS V 162 -58.90 1.70 -12.19
C CYS V 162 -59.43 2.47 -13.39
N ARG V 163 -59.00 3.73 -13.50
CA ARG V 163 -59.36 4.58 -14.63
C ARG V 163 -58.11 4.93 -15.45
N ILE V 164 -58.08 4.46 -16.71
CA ILE V 164 -57.04 4.73 -17.73
C ILE V 164 -57.62 5.92 -18.51
N GLY V 165 -57.02 7.09 -18.29
CA GLY V 165 -57.44 8.34 -18.90
C GLY V 165 -57.30 8.44 -20.41
N ALA V 166 -57.79 9.57 -20.95
CA ALA V 166 -57.78 9.86 -22.38
C ALA V 166 -56.38 10.03 -22.90
N HIS V 167 -56.06 9.43 -24.04
CA HIS V 167 -54.75 9.51 -24.70
C HIS V 167 -53.58 8.93 -23.91
N SER V 168 -53.74 8.66 -22.61
CA SER V 168 -52.71 8.08 -21.75
C SER V 168 -52.13 6.78 -22.34
N PHE V 169 -50.86 6.51 -22.05
CA PHE V 169 -50.14 5.37 -22.62
C PHE V 169 -49.55 4.52 -21.53
N SER V 170 -49.78 3.22 -21.59
CA SER V 170 -49.19 2.34 -20.60
C SER V 170 -48.13 1.49 -21.28
N GLY V 171 -46.90 1.45 -20.75
CA GLY V 171 -45.78 0.71 -21.32
C GLY V 171 -45.94 -0.81 -21.31
N MET V 172 -45.16 -1.56 -22.13
CA MET V 172 -45.35 -3.03 -22.15
C MET V 172 -44.92 -3.66 -20.83
N GLY V 173 -45.72 -4.63 -20.37
CA GLY V 173 -45.53 -5.29 -19.09
C GLY V 173 -45.86 -4.41 -17.90
N SER V 174 -46.73 -3.38 -18.08
CA SER V 174 -47.18 -2.48 -17.00
C SER V 174 -48.09 -3.24 -16.05
N ALA V 175 -48.05 -2.90 -14.74
CA ALA V 175 -48.93 -3.48 -13.72
C ALA V 175 -49.58 -2.31 -12.99
N ILE V 176 -50.59 -1.69 -13.66
CA ILE V 176 -51.33 -0.51 -13.21
C ILE V 176 -52.20 -0.85 -12.01
N GLY V 177 -51.87 -0.23 -10.89
CA GLY V 177 -52.57 -0.44 -9.62
C GLY V 177 -53.51 0.68 -9.24
N LYS V 178 -53.07 1.92 -9.48
CA LYS V 178 -53.79 3.16 -9.21
C LYS V 178 -53.96 3.85 -10.54
N ASP V 179 -54.99 4.69 -10.66
CA ASP V 179 -55.38 5.46 -11.85
C ASP V 179 -54.22 6.04 -12.72
N VAL V 180 -54.45 6.04 -14.03
CA VAL V 180 -53.52 6.61 -14.99
C VAL V 180 -54.22 7.90 -15.46
N PRO V 181 -53.77 9.12 -15.06
CA PRO V 181 -54.45 10.35 -15.52
C PRO V 181 -54.29 10.51 -17.03
N ALA V 182 -55.24 11.24 -17.68
CA ALA V 182 -55.20 11.48 -19.12
C ALA V 182 -53.79 11.95 -19.58
N TYR V 183 -53.34 11.54 -20.79
CA TYR V 183 -52.03 11.86 -21.42
C TYR V 183 -50.80 11.21 -20.79
N VAL V 184 -50.86 10.77 -19.52
CA VAL V 184 -49.72 10.23 -18.77
C VAL V 184 -49.20 8.88 -19.32
N THR V 185 -47.86 8.77 -19.46
CA THR V 185 -47.18 7.53 -19.85
C THR V 185 -46.73 6.83 -18.55
N VAL V 186 -47.19 5.59 -18.32
CA VAL V 186 -46.83 4.78 -17.15
C VAL V 186 -45.98 3.58 -17.57
N PHE V 187 -45.03 3.15 -16.74
CA PHE V 187 -44.17 2.03 -17.13
C PHE V 187 -43.75 1.16 -15.95
N GLY V 188 -43.77 -0.17 -16.15
CA GLY V 188 -43.27 -1.11 -15.16
C GLY V 188 -44.25 -1.81 -14.22
N ASN V 189 -43.71 -2.50 -13.21
CA ASN V 189 -44.49 -3.26 -12.23
C ASN V 189 -44.04 -2.90 -10.78
N PRO V 190 -44.78 -2.04 -10.03
CA PRO V 190 -46.01 -1.35 -10.42
C PRO V 190 -45.72 -0.11 -11.28
N ALA V 191 -46.71 0.27 -12.10
CA ALA V 191 -46.65 1.41 -13.00
C ALA V 191 -46.12 2.66 -12.31
N GLU V 192 -45.33 3.44 -13.03
CA GLU V 192 -44.77 4.73 -12.59
C GLU V 192 -44.91 5.71 -13.75
N ALA V 193 -45.29 6.97 -13.46
CA ALA V 193 -45.47 8.00 -14.47
C ALA V 193 -44.10 8.44 -15.01
N ARG V 194 -43.97 8.59 -16.36
CA ARG V 194 -42.71 8.95 -17.03
C ARG V 194 -42.74 10.36 -17.63
N SER V 195 -43.78 10.65 -18.47
CA SER V 195 -44.05 11.94 -19.12
C SER V 195 -45.49 11.93 -19.65
N MET V 196 -45.70 12.44 -20.85
CA MET V 196 -46.99 12.51 -21.52
C MET V 196 -46.87 11.93 -22.94
N ASN V 197 -47.98 11.41 -23.48
CA ASN V 197 -48.06 10.86 -24.83
C ASN V 197 -48.05 12.03 -25.82
N PHE V 198 -46.86 12.58 -26.07
CA PHE V 198 -46.72 13.70 -26.97
C PHE V 198 -46.94 13.29 -28.41
N GLU V 199 -46.78 11.98 -28.74
CA GLU V 199 -47.06 11.53 -30.10
C GLU V 199 -48.57 11.49 -30.32
N GLY V 200 -49.32 11.16 -29.27
CA GLY V 200 -50.77 11.12 -29.32
C GLY V 200 -51.38 12.50 -29.48
N MET V 201 -50.75 13.52 -28.87
CA MET V 201 -51.15 14.92 -28.96
C MET V 201 -50.79 15.39 -30.37
N ARG V 202 -49.63 14.95 -30.89
CA ARG V 202 -49.11 15.26 -32.22
C ARG V 202 -50.09 14.77 -33.29
N ARG V 203 -50.54 13.49 -33.15
CA ARG V 203 -51.41 12.77 -34.08
C ARG V 203 -52.80 13.31 -34.08
N ARG V 204 -53.26 13.80 -32.91
CA ARG V 204 -54.60 14.37 -32.73
C ARG V 204 -54.66 15.88 -33.04
N GLY V 205 -53.56 16.38 -33.62
CA GLY V 205 -53.39 17.77 -34.05
C GLY V 205 -53.61 18.80 -32.97
N PHE V 206 -52.98 18.59 -31.81
CA PHE V 206 -53.06 19.53 -30.69
C PHE V 206 -52.22 20.78 -31.05
N SER V 207 -52.58 21.97 -30.50
CA SER V 207 -51.81 23.20 -30.74
C SER V 207 -50.49 23.09 -30.00
N SER V 208 -49.41 23.59 -30.59
CA SER V 208 -48.07 23.60 -30.01
C SER V 208 -48.16 24.13 -28.54
N GLU V 209 -49.01 25.18 -28.34
CA GLU V 209 -49.37 25.84 -27.07
C GLU V 209 -49.96 24.82 -26.05
N ALA V 210 -50.90 23.94 -26.51
CA ALA V 210 -51.54 22.89 -25.71
C ALA V 210 -50.55 21.84 -25.31
N ILE V 211 -49.70 21.38 -26.25
CA ILE V 211 -48.64 20.39 -25.99
C ILE V 211 -47.66 20.92 -24.91
N HIS V 212 -47.43 22.25 -24.89
CA HIS V 212 -46.58 22.85 -23.86
C HIS V 212 -47.31 22.96 -22.54
N ALA V 213 -48.54 23.50 -22.56
CA ALA V 213 -49.39 23.65 -21.37
C ALA V 213 -49.56 22.32 -20.64
N LEU V 214 -49.70 21.20 -21.41
CA LEU V 214 -49.85 19.86 -20.88
C LEU V 214 -48.55 19.36 -20.28
N ARG V 215 -47.37 19.79 -20.81
CA ARG V 215 -46.08 19.42 -20.19
C ARG V 215 -46.00 20.05 -18.79
N ARG V 216 -46.16 21.41 -18.76
CA ARG V 216 -46.20 22.27 -17.56
C ARG V 216 -47.15 21.64 -16.52
N ALA V 217 -48.32 21.14 -16.98
CA ALA V 217 -49.30 20.52 -16.09
C ALA V 217 -48.77 19.22 -15.45
N TYR V 218 -47.98 18.42 -16.16
CA TYR V 218 -47.43 17.20 -15.61
C TYR V 218 -46.43 17.59 -14.57
N LYS V 219 -45.55 18.55 -14.91
CA LYS V 219 -44.50 19.13 -14.08
C LYS V 219 -45.06 19.52 -12.69
N VAL V 220 -46.29 20.13 -12.63
CA VAL V 220 -47.02 20.51 -11.39
C VAL V 220 -47.36 19.28 -10.55
N VAL V 221 -48.07 18.33 -11.17
CA VAL V 221 -48.55 17.10 -10.55
C VAL V 221 -47.40 16.26 -9.99
N TYR V 222 -46.34 16.01 -10.80
CA TYR V 222 -45.25 15.14 -10.37
C TYR V 222 -43.92 15.82 -10.01
N ARG V 223 -43.17 16.28 -11.03
CA ARG V 223 -41.82 16.87 -10.97
C ARG V 223 -41.69 18.22 -10.16
N GLN V 224 -42.64 18.53 -9.25
CA GLN V 224 -42.63 19.76 -8.44
C GLN V 224 -42.72 19.50 -6.92
N GLY V 225 -43.30 18.38 -6.52
CA GLY V 225 -43.41 18.03 -5.10
C GLY V 225 -44.67 18.51 -4.41
N HIS V 226 -45.70 18.77 -5.19
CA HIS V 226 -46.99 19.19 -4.64
C HIS V 226 -47.84 17.99 -4.25
N THR V 227 -48.71 18.17 -3.22
CA THR V 227 -49.69 17.14 -2.87
C THR V 227 -50.70 17.19 -3.99
N VAL V 228 -51.50 16.16 -4.17
CA VAL V 228 -52.47 16.21 -5.25
C VAL V 228 -53.43 17.41 -5.09
N GLU V 229 -53.69 17.86 -3.85
CA GLU V 229 -54.55 19.03 -3.55
C GLU V 229 -53.88 20.28 -4.06
N GLU V 230 -52.57 20.43 -3.73
CA GLU V 230 -51.69 21.54 -4.11
C GLU V 230 -51.59 21.63 -5.62
N ALA V 231 -51.36 20.46 -6.26
CA ALA V 231 -51.20 20.25 -7.69
C ALA V 231 -52.46 20.63 -8.47
N LEU V 232 -53.64 20.11 -8.05
CA LEU V 232 -54.94 20.37 -8.67
C LEU V 232 -55.30 21.84 -8.58
N ALA V 233 -54.97 22.45 -7.43
CA ALA V 233 -55.22 23.85 -7.16
C ALA V 233 -54.47 24.68 -8.21
N GLU V 234 -53.15 24.54 -8.28
CA GLU V 234 -52.29 25.22 -9.24
C GLU V 234 -52.83 25.07 -10.69
N LEU V 235 -53.24 23.85 -11.05
CA LEU V 235 -53.78 23.48 -12.37
C LEU V 235 -55.05 24.19 -12.81
N ALA V 236 -55.82 24.80 -11.88
CA ALA V 236 -57.09 25.47 -12.18
C ALA V 236 -56.99 26.62 -13.21
N GLU V 237 -55.88 27.38 -13.19
CA GLU V 237 -55.66 28.49 -14.11
C GLU V 237 -55.53 27.98 -15.54
N SER V 238 -54.53 27.08 -15.74
CA SER V 238 -54.14 26.41 -16.98
C SER V 238 -55.35 25.69 -17.62
N ALA V 239 -56.19 25.03 -16.79
CA ALA V 239 -57.38 24.25 -17.14
C ALA V 239 -58.56 25.09 -17.60
N ALA V 240 -58.58 26.36 -17.17
CA ALA V 240 -59.59 27.33 -17.57
C ALA V 240 -59.24 27.85 -18.98
N GLN V 241 -57.90 28.09 -19.24
CA GLN V 241 -57.25 28.55 -20.48
C GLN V 241 -57.24 27.48 -21.57
N PHE V 242 -56.97 26.19 -21.19
CA PHE V 242 -56.87 25.05 -22.09
C PHE V 242 -57.85 23.98 -21.78
N PRO V 243 -58.77 23.66 -22.72
CA PRO V 243 -59.69 22.55 -22.48
C PRO V 243 -58.90 21.23 -22.40
N GLU V 244 -57.73 21.15 -23.07
CA GLU V 244 -56.84 19.99 -23.09
C GLU V 244 -56.28 19.71 -21.67
N VAL V 245 -55.88 20.78 -20.94
CA VAL V 245 -55.38 20.71 -19.56
C VAL V 245 -56.56 20.41 -18.61
N ALA V 246 -57.78 20.80 -19.00
CA ALA V 246 -58.95 20.50 -18.19
C ALA V 246 -59.19 18.99 -18.13
N VAL V 247 -59.01 18.26 -19.26
CA VAL V 247 -59.14 16.79 -19.35
C VAL V 247 -58.17 16.16 -18.37
N PHE V 248 -56.92 16.68 -18.35
CA PHE V 248 -55.87 16.27 -17.46
C PHE V 248 -56.29 16.51 -15.98
N ARG V 249 -56.52 17.78 -15.55
CA ARG V 249 -56.94 18.11 -14.18
C ARG V 249 -58.16 17.27 -13.71
N ASP V 250 -59.23 17.16 -14.55
CA ASP V 250 -60.43 16.36 -14.27
C ASP V 250 -60.15 14.86 -14.03
N SER V 251 -59.09 14.30 -14.64
CA SER V 251 -58.74 12.88 -14.45
C SER V 251 -58.09 12.62 -13.09
N ILE V 252 -57.38 13.64 -12.55
CA ILE V 252 -56.70 13.65 -11.24
C ILE V 252 -57.74 13.99 -10.17
N GLN V 253 -58.56 15.00 -10.47
CA GLN V 253 -59.68 15.48 -9.66
C GLN V 253 -60.58 14.30 -9.23
N SER V 254 -60.96 13.44 -10.21
CA SER V 254 -61.86 12.30 -10.04
C SER V 254 -61.19 11.00 -9.57
N ALA V 255 -59.87 10.96 -9.48
CA ALA V 255 -59.16 9.78 -9.02
C ALA V 255 -58.93 9.88 -7.52
N THR V 256 -58.87 11.12 -7.00
CA THR V 256 -58.62 11.42 -5.58
C THR V 256 -59.83 12.08 -4.85
N ARG V 257 -60.18 11.55 -3.62
CA ARG V 257 -61.21 12.08 -2.71
C ARG V 257 -60.71 12.09 -1.26
N GLY V 258 -60.14 10.96 -0.83
CA GLY V 258 -59.52 10.75 0.48
C GLY V 258 -60.41 10.88 1.68
N ILE V 259 -59.77 10.85 2.87
CA ILE V 259 -60.39 10.93 4.20
C ILE V 259 -60.14 12.26 4.91
N THR V 260 -61.01 12.60 5.87
CA THR V 260 -60.90 13.80 6.70
C THR V 260 -59.72 13.62 7.70
N ARG V 261 -58.99 14.69 8.04
CA ARG V 261 -57.88 14.63 9.01
C ARG V 261 -58.07 15.66 10.13
N MET W 4 -36.41 81.84 -73.45
CA MET W 4 -35.19 81.37 -72.79
C MET W 4 -34.80 79.93 -73.22
N SER W 5 -33.48 79.69 -73.41
CA SER W 5 -32.90 78.38 -73.73
C SER W 5 -32.45 77.74 -72.42
N LEU W 6 -32.75 76.44 -72.25
CA LEU W 6 -32.42 75.65 -71.06
C LEU W 6 -30.93 75.75 -70.75
N ILE W 7 -30.09 75.53 -71.80
CA ILE W 7 -28.62 75.61 -71.81
C ILE W 7 -28.31 77.09 -71.98
N ASP W 8 -27.81 77.72 -70.88
CA ASP W 8 -27.45 79.14 -70.83
C ASP W 8 -26.37 79.52 -71.87
N PRO W 9 -26.53 80.63 -72.63
CA PRO W 9 -25.50 81.01 -73.63
C PRO W 9 -24.09 81.24 -73.06
N ARG W 10 -23.99 81.62 -71.75
CA ARG W 10 -22.73 81.87 -71.02
C ARG W 10 -21.99 80.58 -70.56
N ALA W 11 -22.59 79.40 -70.80
CA ALA W 11 -22.00 78.11 -70.47
C ALA W 11 -21.19 77.52 -71.66
N ILE W 12 -20.22 76.64 -71.37
CA ILE W 12 -19.39 75.98 -72.36
C ILE W 12 -19.80 74.50 -72.46
N ILE W 13 -20.28 74.07 -73.65
CA ILE W 13 -20.64 72.67 -73.91
C ILE W 13 -19.74 72.13 -75.01
N ASP W 14 -19.04 71.00 -74.75
CA ASP W 14 -18.12 70.37 -75.72
C ASP W 14 -18.91 69.66 -76.84
N PRO W 15 -18.40 69.63 -78.11
CA PRO W 15 -19.16 68.95 -79.17
C PRO W 15 -19.36 67.46 -78.92
N SER W 16 -18.48 66.84 -78.10
CA SER W 16 -18.52 65.43 -77.72
C SER W 16 -19.21 65.21 -76.35
N ALA W 17 -20.06 66.16 -75.96
CA ALA W 17 -20.88 66.06 -74.76
C ALA W 17 -22.27 65.74 -75.28
N ARG W 18 -22.99 64.89 -74.55
CA ARG W 18 -24.33 64.46 -74.96
C ARG W 18 -25.30 64.82 -73.85
N LEU W 19 -26.30 65.62 -74.21
CA LEU W 19 -27.33 66.12 -73.29
C LEU W 19 -28.72 65.94 -73.88
N ALA W 20 -29.66 65.44 -73.04
CA ALA W 20 -31.07 65.23 -73.40
C ALA W 20 -31.73 66.58 -73.65
N ALA W 21 -32.76 66.63 -74.50
CA ALA W 21 -33.42 67.86 -74.94
C ALA W 21 -33.98 68.78 -73.81
N ASP W 22 -34.08 68.31 -72.54
CA ASP W 22 -34.61 69.12 -71.44
C ASP W 22 -33.63 69.34 -70.27
N VAL W 23 -32.34 69.13 -70.56
CA VAL W 23 -31.23 69.31 -69.61
C VAL W 23 -30.94 70.82 -69.56
N GLN W 24 -30.84 71.36 -68.33
CA GLN W 24 -30.57 72.78 -68.08
C GLN W 24 -29.11 73.03 -67.70
N VAL W 25 -28.47 74.04 -68.31
CA VAL W 25 -27.09 74.37 -67.94
C VAL W 25 -27.06 75.83 -67.49
N GLY W 26 -26.51 76.08 -66.30
CA GLY W 26 -26.43 77.40 -65.72
C GLY W 26 -25.36 78.25 -66.38
N PRO W 27 -25.35 79.59 -66.20
CA PRO W 27 -24.30 80.40 -66.84
C PRO W 27 -22.92 80.17 -66.24
N TRP W 28 -21.87 80.30 -67.07
CA TRP W 28 -20.47 80.14 -66.66
C TRP W 28 -20.17 78.72 -66.18
N SER W 29 -20.86 77.75 -66.77
CA SER W 29 -20.64 76.35 -66.44
C SER W 29 -19.92 75.64 -67.59
N ILE W 30 -19.11 74.61 -67.28
CA ILE W 30 -18.35 73.86 -68.29
C ILE W 30 -18.80 72.38 -68.36
N VAL W 31 -19.25 71.96 -69.53
CA VAL W 31 -19.66 70.56 -69.77
C VAL W 31 -18.56 70.04 -70.66
N GLY W 32 -17.69 69.24 -70.07
CA GLY W 32 -16.51 68.67 -70.69
C GLY W 32 -16.76 67.62 -71.74
N ALA W 33 -15.69 67.19 -72.39
CA ALA W 33 -15.73 66.18 -73.42
C ALA W 33 -15.90 64.82 -72.76
N GLU W 34 -16.77 63.98 -73.35
CA GLU W 34 -17.18 62.61 -72.95
C GLU W 34 -18.08 62.60 -71.68
N VAL W 35 -18.82 63.70 -71.45
CA VAL W 35 -19.81 63.91 -70.39
C VAL W 35 -21.17 63.57 -71.03
N GLU W 36 -21.99 62.80 -70.31
CA GLU W 36 -23.33 62.43 -70.74
C GLU W 36 -24.28 62.89 -69.64
N ILE W 37 -25.17 63.84 -69.95
CA ILE W 37 -26.12 64.36 -68.97
C ILE W 37 -27.51 63.92 -69.37
N GLY W 38 -28.09 63.03 -68.55
CA GLY W 38 -29.41 62.43 -68.75
C GLY W 38 -30.58 63.39 -68.64
N GLU W 39 -31.77 62.92 -69.10
CA GLU W 39 -33.08 63.60 -69.16
C GLU W 39 -33.53 64.26 -67.84
N GLY W 40 -34.07 65.47 -67.94
CA GLY W 40 -34.63 66.22 -66.81
C GLY W 40 -33.70 66.71 -65.71
N THR W 41 -32.37 66.54 -65.92
CA THR W 41 -31.28 66.98 -65.03
C THR W 41 -31.09 68.51 -65.19
N VAL W 42 -30.71 69.18 -64.07
CA VAL W 42 -30.48 70.63 -63.97
C VAL W 42 -29.09 70.92 -63.38
N ILE W 43 -28.18 71.50 -64.20
CA ILE W 43 -26.82 71.90 -63.82
C ILE W 43 -26.84 73.40 -63.56
N GLY W 44 -26.35 73.78 -62.39
CA GLY W 44 -26.29 75.16 -61.92
C GLY W 44 -25.21 75.99 -62.58
N PRO W 45 -25.07 77.26 -62.17
CA PRO W 45 -24.01 78.11 -62.74
C PRO W 45 -22.67 77.70 -62.14
N HIS W 46 -21.54 78.17 -62.69
CA HIS W 46 -20.21 77.85 -62.14
C HIS W 46 -19.99 76.34 -61.77
N VAL W 47 -20.51 75.40 -62.58
CA VAL W 47 -20.30 73.96 -62.38
C VAL W 47 -19.29 73.50 -63.46
N VAL W 48 -18.22 72.79 -63.03
CA VAL W 48 -17.25 72.24 -63.96
C VAL W 48 -17.53 70.76 -63.98
N LEU W 49 -17.78 70.23 -65.20
CA LEU W 49 -18.11 68.82 -65.46
C LEU W 49 -17.10 68.24 -66.43
N LYS W 50 -16.45 67.12 -66.09
CA LYS W 50 -15.43 66.50 -66.95
C LYS W 50 -15.80 65.07 -67.22
N GLY W 51 -15.51 64.61 -68.43
CA GLY W 51 -15.73 63.22 -68.81
C GLY W 51 -14.46 62.40 -68.69
N PRO W 52 -14.49 61.06 -68.90
CA PRO W 52 -15.65 60.22 -69.24
C PRO W 52 -16.60 60.12 -68.05
N THR W 53 -17.80 60.70 -68.20
CA THR W 53 -18.81 60.72 -67.14
C THR W 53 -20.21 60.44 -67.67
N LYS W 54 -20.98 59.69 -66.88
CA LYS W 54 -22.36 59.41 -67.14
C LYS W 54 -23.15 59.94 -65.95
N ILE W 55 -24.10 60.84 -66.24
CA ILE W 55 -24.99 61.50 -65.28
C ILE W 55 -26.43 61.09 -65.65
N GLY W 56 -27.18 60.61 -64.66
CA GLY W 56 -28.53 60.11 -64.88
C GLY W 56 -29.64 61.12 -65.10
N LYS W 57 -30.87 60.66 -64.85
CA LYS W 57 -32.10 61.44 -64.99
C LYS W 57 -32.47 62.24 -63.71
N HIS W 58 -33.03 63.44 -63.91
CA HIS W 58 -33.50 64.41 -62.90
C HIS W 58 -32.54 64.66 -61.74
N ASN W 59 -31.26 64.89 -62.02
CA ASN W 59 -30.28 65.23 -60.97
C ASN W 59 -30.24 66.77 -60.83
N ARG W 60 -29.69 67.29 -59.72
CA ARG W 60 -29.55 68.73 -59.50
C ARG W 60 -28.15 68.97 -58.98
N ILE W 61 -27.22 69.42 -59.86
CA ILE W 61 -25.84 69.74 -59.47
C ILE W 61 -25.76 71.24 -59.27
N TYR W 62 -25.52 71.66 -58.02
CA TYR W 62 -25.44 73.06 -57.62
C TYR W 62 -24.15 73.67 -58.08
N GLN W 63 -24.04 74.98 -57.93
CA GLN W 63 -22.90 75.78 -58.33
C GLN W 63 -21.61 75.44 -57.58
N PHE W 64 -20.44 75.87 -58.13
CA PHE W 64 -19.09 75.72 -57.57
C PHE W 64 -18.64 74.26 -57.34
N SER W 65 -19.41 73.30 -57.85
CA SER W 65 -19.11 71.87 -57.80
C SER W 65 -18.06 71.56 -58.85
N SER W 66 -17.24 70.51 -58.63
CA SER W 66 -16.21 70.04 -59.57
C SER W 66 -16.44 68.49 -59.76
N VAL W 67 -17.36 68.12 -60.70
CA VAL W 67 -17.80 66.73 -60.97
C VAL W 67 -17.12 66.07 -62.20
N GLY W 68 -16.50 64.91 -62.00
CA GLY W 68 -15.82 64.13 -63.03
C GLY W 68 -14.35 64.48 -63.25
N GLU W 69 -13.74 65.19 -62.29
CA GLU W 69 -12.34 65.59 -62.36
C GLU W 69 -11.43 64.37 -62.08
N ASP W 70 -10.17 64.43 -62.52
CA ASP W 70 -9.19 63.36 -62.30
C ASP W 70 -8.78 63.41 -60.81
N THR W 71 -8.47 62.27 -60.16
CA THR W 71 -7.99 62.39 -58.78
C THR W 71 -6.62 63.05 -58.75
N PRO W 72 -6.28 63.76 -57.64
CA PRO W 72 -4.93 64.28 -57.52
C PRO W 72 -3.99 63.13 -57.11
N ASP W 73 -4.53 61.91 -56.87
CA ASP W 73 -3.76 60.75 -56.45
C ASP W 73 -2.62 60.47 -57.44
N LEU W 74 -1.42 60.32 -56.87
CA LEU W 74 -0.17 60.09 -57.58
C LEU W 74 -0.11 58.70 -58.26
N LYS W 75 -0.97 57.76 -57.82
CA LYS W 75 -1.13 56.40 -58.37
C LYS W 75 -1.81 56.53 -59.77
N TYR W 76 -2.66 57.58 -59.92
CA TYR W 76 -3.39 57.85 -61.15
C TYR W 76 -2.52 58.59 -62.11
N LYS W 77 -2.10 57.90 -63.16
CA LYS W 77 -1.23 58.45 -64.19
C LYS W 77 -1.94 59.44 -65.13
N GLY W 78 -3.13 59.08 -65.62
CA GLY W 78 -3.90 59.90 -66.55
C GLY W 78 -4.70 59.03 -67.51
N GLU W 79 -5.11 57.88 -66.99
CA GLU W 79 -5.83 56.82 -67.69
C GLU W 79 -7.27 57.25 -68.02
N PRO W 80 -7.94 56.61 -69.02
CA PRO W 80 -9.33 57.02 -69.34
C PRO W 80 -10.39 56.31 -68.48
N THR W 81 -10.25 56.51 -67.17
CA THR W 81 -11.11 56.00 -66.11
C THR W 81 -12.44 56.80 -66.12
N ARG W 82 -13.52 56.26 -65.51
CA ARG W 82 -14.88 56.82 -65.60
C ARG W 82 -15.56 57.21 -64.29
N LEU W 83 -16.73 57.88 -64.41
CA LEU W 83 -17.65 58.29 -63.36
C LEU W 83 -19.11 58.04 -63.82
N VAL W 84 -19.92 57.40 -62.93
CA VAL W 84 -21.35 57.09 -63.12
C VAL W 84 -22.16 57.78 -62.03
N ILE W 85 -23.28 58.39 -62.39
CA ILE W 85 -24.22 59.00 -61.47
C ILE W 85 -25.62 58.57 -61.91
N GLY W 86 -26.36 57.99 -60.96
CA GLY W 86 -27.71 57.51 -61.21
C GLY W 86 -28.75 58.60 -61.35
N ASP W 87 -29.95 58.29 -60.91
CA ASP W 87 -31.06 59.20 -61.05
C ASP W 87 -31.45 59.91 -59.76
N HIS W 88 -32.14 61.05 -59.88
CA HIS W 88 -32.70 61.88 -58.80
C HIS W 88 -31.73 62.14 -57.62
N ASN W 89 -30.47 62.45 -57.90
CA ASN W 89 -29.44 62.77 -56.89
C ASN W 89 -29.35 64.28 -56.73
N VAL W 90 -28.91 64.75 -55.55
CA VAL W 90 -28.70 66.17 -55.26
C VAL W 90 -27.24 66.39 -54.84
N ILE W 91 -26.52 67.12 -55.69
CA ILE W 91 -25.11 67.46 -55.46
C ILE W 91 -25.11 68.95 -55.15
N ARG W 92 -25.00 69.31 -53.83
CA ARG W 92 -25.02 70.71 -53.36
C ARG W 92 -23.76 71.47 -53.78
N GLU W 93 -23.55 72.68 -53.21
CA GLU W 93 -22.45 73.57 -53.60
C GLU W 93 -21.04 73.09 -53.22
N GLY W 94 -20.12 73.21 -54.18
CA GLY W 94 -18.69 72.93 -54.02
C GLY W 94 -18.27 71.49 -53.85
N VAL W 95 -19.19 70.56 -54.07
CA VAL W 95 -18.95 69.13 -54.00
C VAL W 95 -17.86 68.72 -55.02
N THR W 96 -16.93 67.85 -54.62
CA THR W 96 -15.86 67.30 -55.47
C THR W 96 -16.18 65.80 -55.70
N ILE W 97 -16.33 65.40 -56.96
CA ILE W 97 -16.58 64.00 -57.32
C ILE W 97 -15.56 63.68 -58.38
N HIS W 98 -14.56 62.86 -58.00
CA HIS W 98 -13.44 62.44 -58.85
C HIS W 98 -13.72 61.08 -59.48
N ARG W 99 -13.20 60.84 -60.70
CA ARG W 99 -13.37 59.57 -61.40
C ARG W 99 -12.39 58.55 -60.81
N GLY W 100 -12.58 57.28 -61.15
CA GLY W 100 -11.75 56.19 -60.65
C GLY W 100 -10.30 56.19 -61.11
N THR W 101 -9.53 55.17 -60.65
CA THR W 101 -8.13 54.91 -61.04
C THR W 101 -8.13 53.52 -61.68
N VAL W 102 -7.20 53.28 -62.62
CA VAL W 102 -7.12 51.99 -63.31
C VAL W 102 -6.88 50.80 -62.36
N GLN W 103 -6.36 51.09 -61.16
CA GLN W 103 -6.03 50.18 -60.07
C GLN W 103 -7.25 49.35 -59.59
N ASP W 104 -8.42 50.00 -59.32
CA ASP W 104 -9.66 49.32 -58.93
C ASP W 104 -10.43 48.92 -60.20
N ARG W 105 -11.79 49.09 -60.28
CA ARG W 105 -12.51 48.72 -61.51
C ARG W 105 -12.56 49.90 -62.52
N ALA W 106 -11.69 50.91 -62.29
CA ALA W 106 -11.50 52.15 -63.07
C ALA W 106 -12.79 52.98 -63.19
N GLU W 107 -13.62 53.01 -62.11
CA GLU W 107 -14.89 53.71 -62.12
C GLU W 107 -15.39 54.18 -60.74
N THR W 108 -15.81 55.46 -60.66
CA THR W 108 -16.46 56.03 -59.47
C THR W 108 -17.97 55.91 -59.75
N THR W 109 -18.73 55.28 -58.82
CA THR W 109 -20.14 55.02 -59.03
C THR W 109 -21.03 55.57 -57.94
N ILE W 110 -22.13 56.21 -58.34
CA ILE W 110 -23.17 56.76 -57.47
C ILE W 110 -24.52 56.22 -57.95
N GLY W 111 -25.34 55.82 -57.01
CA GLY W 111 -26.65 55.30 -57.34
C GLY W 111 -27.69 56.38 -57.47
N ASP W 112 -28.88 56.11 -56.94
CA ASP W 112 -30.02 57.00 -57.02
C ASP W 112 -30.44 57.62 -55.68
N HIS W 113 -31.21 58.71 -55.78
CA HIS W 113 -31.79 59.48 -54.68
C HIS W 113 -30.80 59.80 -53.53
N ASN W 114 -29.55 60.17 -53.87
CA ASN W 114 -28.53 60.53 -52.87
C ASN W 114 -28.46 62.03 -52.62
N LEU W 115 -28.27 62.43 -51.37
CA LEU W 115 -28.14 63.84 -51.00
C LEU W 115 -26.69 64.07 -50.54
N ILE W 116 -25.87 64.55 -51.49
CA ILE W 116 -24.46 64.85 -51.29
C ILE W 116 -24.42 66.38 -51.14
N MET W 117 -24.37 66.84 -49.87
CA MET W 117 -24.40 68.24 -49.46
C MET W 117 -23.07 68.96 -49.61
N ALA W 118 -23.05 70.29 -49.33
CA ALA W 118 -21.92 71.22 -49.48
C ALA W 118 -20.52 70.67 -49.21
N TYR W 119 -19.57 71.05 -50.08
CA TYR W 119 -18.12 70.80 -50.04
C TYR W 119 -17.69 69.34 -49.73
N ALA W 120 -18.59 68.37 -49.94
CA ALA W 120 -18.35 66.94 -49.72
C ALA W 120 -17.38 66.35 -50.75
N HIS W 121 -16.47 65.46 -50.34
CA HIS W 121 -15.54 64.79 -51.25
C HIS W 121 -15.87 63.31 -51.45
N ILE W 122 -16.08 62.92 -52.72
CA ILE W 122 -16.29 61.55 -53.17
C ILE W 122 -15.06 61.24 -54.06
N GLY W 123 -14.06 60.58 -53.47
CA GLY W 123 -12.81 60.25 -54.14
C GLY W 123 -12.85 58.96 -54.95
N HIS W 124 -11.92 58.81 -55.91
CA HIS W 124 -11.76 57.67 -56.82
C HIS W 124 -12.30 56.34 -56.39
N ASP W 125 -12.92 55.62 -57.34
CA ASP W 125 -13.46 54.27 -57.24
C ASP W 125 -14.42 54.02 -56.04
N SER W 126 -15.03 55.11 -55.54
CA SER W 126 -15.99 55.04 -54.44
C SER W 126 -17.31 54.55 -55.01
N VAL W 127 -18.09 53.78 -54.23
CA VAL W 127 -19.38 53.32 -54.71
C VAL W 127 -20.45 53.69 -53.73
N ILE W 128 -21.32 54.65 -54.11
CA ILE W 128 -22.47 55.08 -53.30
C ILE W 128 -23.76 54.37 -53.82
N GLY W 129 -24.57 53.86 -52.88
CA GLY W 129 -25.79 53.14 -53.17
C GLY W 129 -26.96 54.06 -53.42
N ASN W 130 -28.10 53.76 -52.81
CA ASN W 130 -29.31 54.57 -53.00
C ASN W 130 -29.82 55.19 -51.70
N HIS W 131 -30.32 56.42 -51.77
CA HIS W 131 -30.89 57.19 -50.66
C HIS W 131 -29.93 57.45 -49.48
N CYS W 132 -28.64 57.70 -49.78
CA CYS W 132 -27.62 58.01 -48.76
C CYS W 132 -27.58 59.53 -48.56
N ILE W 133 -27.31 60.01 -47.33
CA ILE W 133 -27.11 61.43 -47.05
C ILE W 133 -25.65 61.57 -46.64
N LEU W 134 -24.89 62.37 -47.40
CA LEU W 134 -23.50 62.70 -47.14
C LEU W 134 -23.51 64.21 -46.84
N VAL W 135 -23.46 64.53 -45.55
CA VAL W 135 -23.60 65.90 -45.03
C VAL W 135 -22.32 66.69 -45.30
N ASN W 136 -22.46 68.02 -45.29
CA ASN W 136 -21.40 69.00 -45.54
C ASN W 136 -20.01 68.50 -45.19
N ASN W 137 -19.06 68.73 -46.10
CA ASN W 137 -17.63 68.40 -45.97
C ASN W 137 -17.33 66.93 -45.52
N THR W 138 -18.20 65.95 -45.89
CA THR W 138 -17.93 64.53 -45.63
C THR W 138 -16.85 64.16 -46.67
N ALA W 139 -15.74 63.51 -46.29
CA ALA W 139 -14.74 63.17 -47.31
C ALA W 139 -14.49 61.70 -47.31
N LEU W 140 -14.55 61.06 -48.51
CA LEU W 140 -14.32 59.63 -48.71
C LEU W 140 -13.08 59.49 -49.55
N ALA W 141 -11.93 59.20 -48.91
CA ALA W 141 -10.57 59.13 -49.47
C ALA W 141 -10.42 58.45 -50.84
N GLY W 142 -11.07 57.30 -50.99
CA GLY W 142 -11.05 56.50 -52.19
C GLY W 142 -11.49 55.09 -51.93
N HIS W 143 -12.08 54.45 -52.95
CA HIS W 143 -12.56 53.08 -52.87
C HIS W 143 -13.52 52.85 -51.73
N VAL W 144 -14.09 53.95 -51.19
CA VAL W 144 -15.07 53.89 -50.10
C VAL W 144 -16.43 53.44 -50.68
N HIS W 145 -16.95 52.33 -50.16
CA HIS W 145 -18.21 51.76 -50.57
C HIS W 145 -19.24 52.12 -49.52
N VAL W 146 -20.34 52.75 -49.94
CA VAL W 146 -21.42 53.18 -49.07
C VAL W 146 -22.71 52.47 -49.49
N ASP W 147 -23.29 51.69 -48.57
CA ASP W 147 -24.53 50.98 -48.85
C ASP W 147 -25.74 51.88 -48.52
N ASP W 148 -26.89 51.56 -49.14
CA ASP W 148 -28.16 52.26 -49.07
C ASP W 148 -28.54 52.82 -47.72
N TRP W 149 -29.13 54.02 -47.73
CA TRP W 149 -29.70 54.76 -46.59
C TRP W 149 -28.68 55.33 -45.59
N ALA W 150 -27.36 55.02 -45.72
CA ALA W 150 -26.30 55.48 -44.81
C ALA W 150 -26.30 56.99 -44.66
N ILE W 151 -26.43 57.48 -43.41
CA ILE W 151 -26.38 58.91 -43.08
C ILE W 151 -24.98 59.19 -42.53
N LEU W 152 -24.26 60.11 -43.19
CA LEU W 152 -22.89 60.48 -42.85
C LEU W 152 -22.81 61.95 -42.42
N SER W 153 -23.07 62.23 -41.11
CA SER W 153 -23.10 63.56 -40.48
C SER W 153 -21.90 64.44 -40.83
N GLY W 154 -22.12 65.74 -40.89
CA GLY W 154 -21.15 66.75 -41.29
C GLY W 154 -19.73 66.49 -40.88
N TYR W 155 -18.82 66.52 -41.84
CA TYR W 155 -17.37 66.35 -41.67
C TYR W 155 -16.93 64.91 -41.34
N THR W 156 -17.78 63.85 -41.62
CA THR W 156 -17.37 62.46 -41.42
C THR W 156 -16.32 62.16 -42.46
N LEU W 157 -15.08 61.93 -42.02
CA LEU W 157 -13.97 61.61 -42.88
C LEU W 157 -13.88 60.10 -42.94
N VAL W 158 -13.67 59.52 -44.13
CA VAL W 158 -13.63 58.07 -44.27
C VAL W 158 -12.34 57.59 -44.97
N HIS W 159 -11.60 56.66 -44.31
CA HIS W 159 -10.37 56.06 -44.87
C HIS W 159 -10.61 55.27 -46.15
N GLN W 160 -9.54 55.03 -46.95
CA GLN W 160 -9.59 54.27 -48.20
C GLN W 160 -10.03 52.83 -47.96
N TYR W 161 -10.80 52.28 -48.94
CA TYR W 161 -11.28 50.89 -49.07
C TYR W 161 -12.44 50.49 -48.13
N CYS W 162 -12.78 51.37 -47.15
CA CYS W 162 -13.84 51.24 -46.17
C CYS W 162 -15.18 50.93 -46.73
N ARG W 163 -15.99 50.24 -45.92
CA ARG W 163 -17.36 49.89 -46.24
C ARG W 163 -18.28 50.50 -45.16
N ILE W 164 -19.28 51.30 -45.62
CA ILE W 164 -20.26 51.96 -44.76
C ILE W 164 -21.59 51.25 -44.98
N GLY W 165 -21.94 50.39 -44.02
CA GLY W 165 -23.10 49.53 -44.03
C GLY W 165 -24.43 50.20 -44.29
N ALA W 166 -25.45 49.41 -44.72
CA ALA W 166 -26.78 49.94 -45.01
C ALA W 166 -27.44 50.42 -43.74
N HIS W 167 -28.04 51.61 -43.79
CA HIS W 167 -28.71 52.29 -42.66
C HIS W 167 -27.76 52.61 -41.52
N SER W 168 -26.43 52.57 -41.76
CA SER W 168 -25.49 52.93 -40.69
C SER W 168 -25.47 54.45 -40.54
N PHE W 169 -24.91 54.97 -39.46
CA PHE W 169 -24.94 56.41 -39.22
C PHE W 169 -23.67 56.90 -38.57
N SER W 170 -22.96 57.80 -39.25
CA SER W 170 -21.76 58.33 -38.63
C SER W 170 -22.00 59.76 -38.12
N GLY W 171 -21.78 59.99 -36.83
CA GLY W 171 -21.93 61.30 -36.20
C GLY W 171 -21.02 62.37 -36.78
N MET W 172 -21.31 63.65 -36.51
CA MET W 172 -20.50 64.71 -37.08
C MET W 172 -19.05 64.60 -36.60
N GLY W 173 -18.13 65.03 -37.46
CA GLY W 173 -16.69 65.00 -37.22
C GLY W 173 -16.11 63.63 -36.90
N SER W 174 -16.60 62.57 -37.57
CA SER W 174 -16.13 61.20 -37.37
C SER W 174 -14.95 60.91 -38.25
N ALA W 175 -14.04 60.03 -37.80
CA ALA W 175 -12.87 59.65 -38.58
C ALA W 175 -12.88 58.13 -38.63
N ILE W 176 -13.56 57.60 -39.69
CA ILE W 176 -13.79 56.17 -39.92
C ILE W 176 -12.59 55.51 -40.57
N GLY W 177 -12.01 54.53 -39.89
CA GLY W 177 -10.87 53.77 -40.36
C GLY W 177 -11.17 52.37 -40.91
N LYS W 178 -11.96 51.56 -40.16
CA LYS W 178 -12.38 50.19 -40.52
C LYS W 178 -13.85 50.20 -41.00
N ASP W 179 -14.38 49.03 -41.35
CA ASP W 179 -15.75 48.96 -41.85
C ASP W 179 -16.81 49.25 -40.81
N VAL W 180 -17.80 50.07 -41.17
CA VAL W 180 -18.95 50.34 -40.30
C VAL W 180 -20.02 49.30 -40.66
N PRO W 181 -20.35 48.33 -39.76
CA PRO W 181 -21.40 47.35 -40.08
C PRO W 181 -22.75 48.00 -40.40
N ALA W 182 -23.67 47.23 -41.02
CA ALA W 182 -24.98 47.78 -41.36
C ALA W 182 -25.71 48.16 -40.08
N TYR W 183 -26.55 49.21 -40.15
CA TYR W 183 -27.37 49.75 -39.05
C TYR W 183 -26.58 50.36 -37.90
N VAL W 184 -25.23 50.21 -37.84
CA VAL W 184 -24.45 50.70 -36.69
C VAL W 184 -24.22 52.19 -36.69
N THR W 185 -24.37 52.83 -35.51
CA THR W 185 -24.05 54.24 -35.31
C THR W 185 -22.63 54.32 -34.69
N VAL W 186 -21.67 54.97 -35.41
CA VAL W 186 -20.29 55.14 -34.96
C VAL W 186 -20.00 56.63 -34.73
N PHE W 187 -19.24 56.95 -33.66
CA PHE W 187 -18.92 58.35 -33.31
C PHE W 187 -17.47 58.58 -32.82
N GLY W 188 -16.86 59.70 -33.26
CA GLY W 188 -15.53 60.16 -32.81
C GLY W 188 -14.36 60.07 -33.78
N ASN W 189 -13.18 60.52 -33.33
CA ASN W 189 -11.91 60.44 -34.07
C ASN W 189 -10.84 59.80 -33.15
N PRO W 190 -10.58 58.48 -33.31
CA PRO W 190 -11.16 57.56 -34.30
C PRO W 190 -12.56 57.07 -33.93
N ALA W 191 -13.34 56.71 -34.97
CA ALA W 191 -14.70 56.19 -34.89
C ALA W 191 -14.81 54.96 -33.96
N GLU W 192 -15.82 54.95 -33.07
CA GLU W 192 -16.11 53.83 -32.16
C GLU W 192 -17.62 53.58 -32.24
N ALA W 193 -18.08 52.33 -32.14
CA ALA W 193 -19.53 52.03 -32.14
C ALA W 193 -20.23 52.44 -30.83
N ARG W 194 -21.52 52.79 -30.94
CA ARG W 194 -22.36 53.24 -29.84
C ARG W 194 -23.58 52.32 -29.75
N SER W 195 -24.53 52.41 -30.73
CA SER W 195 -25.74 51.58 -30.78
C SER W 195 -26.13 51.39 -32.23
N MET W 196 -27.42 51.23 -32.54
CA MET W 196 -27.92 51.04 -33.92
C MET W 196 -28.80 52.23 -34.34
N ASN W 197 -28.95 52.47 -35.65
CA ASN W 197 -29.76 53.54 -36.23
C ASN W 197 -31.23 53.13 -36.14
N PHE W 198 -31.83 53.28 -34.94
CA PHE W 198 -33.23 52.90 -34.72
C PHE W 198 -34.21 53.80 -35.45
N GLU W 199 -33.78 55.03 -35.85
CA GLU W 199 -34.64 55.92 -36.63
C GLU W 199 -34.84 55.36 -38.04
N GLY W 200 -33.74 54.92 -38.66
CA GLY W 200 -33.74 54.32 -39.99
C GLY W 200 -34.57 53.06 -40.03
N MET W 201 -34.58 52.30 -38.92
CA MET W 201 -35.38 51.08 -38.78
C MET W 201 -36.85 51.51 -38.71
N ARG W 202 -37.19 52.51 -37.86
CA ARG W 202 -38.55 53.07 -37.70
C ARG W 202 -39.13 53.58 -39.02
N ARG W 203 -38.31 54.38 -39.77
CA ARG W 203 -38.63 55.03 -41.04
C ARG W 203 -38.93 54.02 -42.12
N ARG W 204 -38.06 52.98 -42.28
CA ARG W 204 -38.22 51.95 -43.31
C ARG W 204 -39.23 50.87 -42.94
N GLY W 205 -40.04 51.15 -41.91
CA GLY W 205 -41.12 50.30 -41.42
C GLY W 205 -40.68 48.91 -41.02
N PHE W 206 -39.56 48.81 -40.29
CA PHE W 206 -39.05 47.53 -39.82
C PHE W 206 -40.00 46.99 -38.74
N SER W 207 -40.32 45.67 -38.81
CA SER W 207 -41.19 45.05 -37.81
C SER W 207 -40.49 45.22 -36.46
N SER W 208 -41.24 45.65 -35.41
CA SER W 208 -40.69 45.87 -34.07
C SER W 208 -39.87 44.66 -33.59
N GLU W 209 -40.28 43.44 -34.03
CA GLU W 209 -39.68 42.14 -33.76
C GLU W 209 -38.24 42.10 -34.29
N ALA W 210 -37.98 42.75 -35.45
CA ALA W 210 -36.68 42.87 -36.15
C ALA W 210 -35.82 44.01 -35.60
N ILE W 211 -36.46 45.13 -35.17
CA ILE W 211 -35.82 46.29 -34.52
C ILE W 211 -35.13 45.74 -33.24
N HIS W 212 -35.85 44.89 -32.49
CA HIS W 212 -35.31 44.25 -31.29
C HIS W 212 -34.29 43.16 -31.66
N ALA W 213 -34.59 42.32 -32.68
CA ALA W 213 -33.69 41.23 -33.12
C ALA W 213 -32.32 41.73 -33.43
N LEU W 214 -32.23 42.95 -34.04
CA LEU W 214 -31.01 43.69 -34.45
C LEU W 214 -30.37 44.37 -33.23
N ARG W 215 -31.17 44.67 -32.17
CA ARG W 215 -30.65 45.23 -30.92
C ARG W 215 -29.87 44.10 -30.26
N ARG W 216 -30.49 42.90 -30.16
CA ARG W 216 -29.81 41.72 -29.62
C ARG W 216 -28.52 41.43 -30.42
N ALA W 217 -28.59 41.51 -31.78
CA ALA W 217 -27.48 41.25 -32.70
C ALA W 217 -26.27 42.15 -32.52
N TYR W 218 -26.52 43.44 -32.20
CA TYR W 218 -25.47 44.42 -31.92
C TYR W 218 -24.75 44.00 -30.65
N LYS W 219 -25.54 43.68 -29.60
CA LYS W 219 -25.08 43.26 -28.27
C LYS W 219 -24.11 42.05 -28.36
N VAL W 220 -24.33 41.11 -29.33
CA VAL W 220 -23.50 39.91 -29.60
C VAL W 220 -22.04 40.29 -30.01
N VAL W 221 -21.94 41.06 -31.10
CA VAL W 221 -20.71 41.54 -31.76
C VAL W 221 -19.85 42.42 -30.82
N TYR W 222 -20.49 43.38 -30.15
CA TYR W 222 -19.81 44.31 -29.26
C TYR W 222 -19.94 43.94 -27.78
N ARG W 223 -21.01 44.44 -27.13
CA ARG W 223 -21.40 44.35 -25.72
C ARG W 223 -21.39 42.92 -25.07
N GLN W 224 -21.10 41.82 -25.81
CA GLN W 224 -21.10 40.47 -25.22
C GLN W 224 -19.73 39.87 -24.95
N GLY W 225 -18.70 40.54 -25.45
CA GLY W 225 -17.32 40.12 -25.26
C GLY W 225 -16.89 38.97 -26.14
N HIS W 226 -17.67 38.69 -27.19
CA HIS W 226 -17.30 37.64 -28.12
C HIS W 226 -16.26 38.23 -29.04
N THR W 227 -15.52 37.36 -29.75
CA THR W 227 -14.56 37.79 -30.75
C THR W 227 -15.36 38.16 -32.00
N VAL W 228 -14.74 38.13 -33.16
CA VAL W 228 -15.52 38.45 -34.36
C VAL W 228 -16.06 37.15 -34.95
N GLU W 229 -15.21 36.08 -34.95
CA GLU W 229 -15.50 34.73 -35.45
C GLU W 229 -16.55 34.03 -34.61
N GLU W 230 -16.59 34.36 -33.30
CA GLU W 230 -17.54 33.84 -32.32
C GLU W 230 -18.87 34.54 -32.53
N ALA W 231 -18.84 35.90 -32.64
CA ALA W 231 -20.01 36.74 -32.84
C ALA W 231 -20.79 36.37 -34.08
N LEU W 232 -20.09 36.05 -35.19
CA LEU W 232 -20.70 35.64 -36.47
C LEU W 232 -21.37 34.29 -36.38
N ALA W 233 -20.83 33.44 -35.49
CA ALA W 233 -21.32 32.10 -35.24
C ALA W 233 -22.64 32.14 -34.46
N GLU W 234 -22.73 33.02 -33.43
CA GLU W 234 -23.94 33.20 -32.61
C GLU W 234 -25.07 33.71 -33.50
N LEU W 235 -24.75 34.73 -34.33
CA LEU W 235 -25.64 35.42 -35.26
C LEU W 235 -26.34 34.48 -36.24
N ALA W 236 -25.64 33.44 -36.79
CA ALA W 236 -26.20 32.41 -37.70
C ALA W 236 -27.68 32.15 -37.53
N GLU W 237 -28.18 31.94 -36.26
CA GLU W 237 -29.60 31.69 -35.95
C GLU W 237 -30.49 32.89 -36.23
N SER W 238 -30.17 34.05 -35.61
CA SER W 238 -30.92 35.31 -35.73
C SER W 238 -31.00 35.81 -37.19
N ALA W 239 -29.93 35.58 -37.95
CA ALA W 239 -29.81 35.96 -39.36
C ALA W 239 -30.65 35.09 -40.32
N ALA W 240 -30.99 33.84 -39.92
CA ALA W 240 -31.77 32.92 -40.74
C ALA W 240 -33.26 33.16 -40.47
N GLN W 241 -33.55 33.81 -39.35
CA GLN W 241 -34.92 34.11 -38.96
C GLN W 241 -35.26 35.48 -39.49
N PHE W 242 -34.27 36.37 -39.56
CA PHE W 242 -34.50 37.74 -39.97
C PHE W 242 -33.60 38.19 -41.07
N PRO W 243 -34.19 38.64 -42.20
CA PRO W 243 -33.37 39.17 -43.30
C PRO W 243 -32.59 40.39 -42.84
N GLU W 244 -33.22 41.25 -42.00
CA GLU W 244 -32.62 42.46 -41.44
C GLU W 244 -31.31 42.16 -40.71
N VAL W 245 -31.30 41.08 -39.89
CA VAL W 245 -30.14 40.62 -39.13
C VAL W 245 -29.04 40.03 -40.09
N ALA W 246 -29.45 39.38 -41.19
CA ALA W 246 -28.51 38.82 -42.16
C ALA W 246 -27.73 39.92 -42.86
N VAL W 247 -28.38 41.05 -43.20
CA VAL W 247 -27.77 42.24 -43.82
C VAL W 247 -26.62 42.69 -42.94
N PHE W 248 -26.86 42.64 -41.63
CA PHE W 248 -25.90 42.95 -40.59
C PHE W 248 -24.79 41.88 -40.59
N ARG W 249 -25.13 40.60 -40.25
CA ARG W 249 -24.14 39.51 -40.24
C ARG W 249 -23.24 39.51 -41.49
N ASP W 250 -23.82 39.66 -42.69
CA ASP W 250 -23.05 39.68 -43.93
C ASP W 250 -22.07 40.87 -43.95
N SER W 251 -22.52 42.06 -43.50
CA SER W 251 -21.71 43.28 -43.40
C SER W 251 -20.44 43.09 -42.54
N ILE W 252 -20.55 42.33 -41.45
CA ILE W 252 -19.44 42.02 -40.54
C ILE W 252 -18.53 40.96 -41.15
N GLN W 253 -19.14 39.91 -41.72
CA GLN W 253 -18.43 38.79 -42.32
C GLN W 253 -17.45 39.21 -43.39
N SER W 254 -17.86 40.13 -44.27
CA SER W 254 -17.05 40.63 -45.39
C SER W 254 -15.87 41.49 -44.96
N ALA W 255 -16.02 42.22 -43.85
CA ALA W 255 -15.02 43.10 -43.28
C ALA W 255 -13.88 42.34 -42.64
N THR W 256 -14.17 41.14 -42.12
CA THR W 256 -13.20 40.28 -41.41
C THR W 256 -12.78 39.00 -42.20
N ARG W 257 -11.47 38.89 -42.58
CA ARG W 257 -10.90 37.67 -43.17
C ARG W 257 -9.88 37.11 -42.17
N GLY W 258 -8.76 37.81 -41.99
CA GLY W 258 -7.75 37.44 -41.02
C GLY W 258 -6.79 36.38 -41.49
N ILE W 259 -5.69 36.22 -40.74
CA ILE W 259 -4.60 35.28 -41.04
C ILE W 259 -4.68 34.00 -40.21
N THR W 260 -4.08 32.91 -40.71
CA THR W 260 -3.98 31.60 -40.06
C THR W 260 -3.18 31.79 -38.74
N ARG W 261 -3.64 31.25 -37.57
CA ARG W 261 -2.93 31.36 -36.28
C ARG W 261 -2.47 29.99 -35.75
N MET X 4 -17.06 103.62 -66.13
CA MET X 4 -17.28 102.36 -65.41
C MET X 4 -18.53 102.40 -64.49
N SER X 5 -19.29 101.27 -64.41
CA SER X 5 -20.48 101.13 -63.55
C SER X 5 -20.22 100.15 -62.38
N LEU X 6 -20.66 100.54 -61.15
CA LEU X 6 -20.51 99.82 -59.86
C LEU X 6 -20.91 98.34 -59.96
N ILE X 7 -22.09 98.10 -60.58
CA ILE X 7 -22.65 96.78 -60.88
C ILE X 7 -22.01 96.38 -62.24
N ASP X 8 -20.94 95.55 -62.18
CA ASP X 8 -20.17 95.06 -63.33
C ASP X 8 -21.10 94.44 -64.37
N PRO X 9 -20.94 94.74 -65.66
CA PRO X 9 -21.87 94.19 -66.66
C PRO X 9 -21.95 92.66 -66.74
N ARG X 10 -20.83 91.93 -66.44
CA ARG X 10 -20.83 90.46 -66.47
C ARG X 10 -21.77 89.79 -65.49
N ALA X 11 -22.17 90.49 -64.40
CA ALA X 11 -23.06 90.02 -63.33
C ALA X 11 -24.55 90.06 -63.67
N ILE X 12 -25.35 89.10 -63.15
CA ILE X 12 -26.80 89.00 -63.35
C ILE X 12 -27.60 89.54 -62.13
N ILE X 13 -28.30 90.67 -62.32
CA ILE X 13 -29.14 91.31 -61.30
C ILE X 13 -30.63 91.19 -61.73
N ASP X 14 -31.50 90.70 -60.82
CA ASP X 14 -32.93 90.48 -61.07
C ASP X 14 -33.72 91.79 -61.04
N PRO X 15 -34.72 91.99 -61.93
CA PRO X 15 -35.53 93.23 -61.86
C PRO X 15 -36.23 93.43 -60.52
N SER X 16 -36.38 92.33 -59.73
CA SER X 16 -37.02 92.28 -58.41
C SER X 16 -36.03 92.37 -57.26
N ALA X 17 -34.74 92.58 -57.59
CA ALA X 17 -33.68 92.78 -56.62
C ALA X 17 -33.62 94.29 -56.33
N ARG X 18 -33.45 94.66 -55.03
CA ARG X 18 -33.38 96.05 -54.57
C ARG X 18 -31.95 96.37 -54.08
N LEU X 19 -31.16 97.08 -54.91
CA LEU X 19 -29.79 97.46 -54.59
C LEU X 19 -29.70 98.96 -54.41
N ALA X 20 -28.85 99.43 -53.45
CA ALA X 20 -28.63 100.86 -53.21
C ALA X 20 -27.76 101.40 -54.35
N ALA X 21 -27.63 102.74 -54.47
CA ALA X 21 -26.85 103.29 -55.58
C ALA X 21 -25.35 102.97 -55.51
N ASP X 22 -24.76 102.99 -54.30
CA ASP X 22 -23.34 102.74 -54.09
C ASP X 22 -22.96 101.26 -53.98
N VAL X 23 -23.95 100.35 -54.03
CA VAL X 23 -23.76 98.90 -53.99
C VAL X 23 -22.94 98.50 -55.25
N GLN X 24 -21.96 97.60 -55.04
CA GLN X 24 -21.05 97.10 -56.09
C GLN X 24 -21.21 95.62 -56.27
N VAL X 25 -21.32 95.16 -57.52
CA VAL X 25 -21.44 93.74 -57.85
C VAL X 25 -20.36 93.41 -58.85
N GLY X 26 -19.54 92.42 -58.52
CA GLY X 26 -18.41 91.98 -59.33
C GLY X 26 -18.79 91.23 -60.58
N PRO X 27 -17.81 90.83 -61.41
CA PRO X 27 -18.14 90.08 -62.62
C PRO X 27 -18.63 88.67 -62.28
N TRP X 28 -19.47 88.13 -63.17
CA TRP X 28 -20.04 86.78 -63.12
C TRP X 28 -20.73 86.42 -61.77
N SER X 29 -21.37 87.41 -61.13
CA SER X 29 -22.08 87.20 -59.87
C SER X 29 -23.60 87.24 -60.09
N ILE X 30 -24.37 86.55 -59.23
CA ILE X 30 -25.83 86.53 -59.34
C ILE X 30 -26.53 87.15 -58.13
N VAL X 31 -27.35 88.21 -58.35
CA VAL X 31 -28.20 88.83 -57.31
C VAL X 31 -29.63 88.45 -57.69
N GLY X 32 -30.12 87.36 -57.08
CA GLY X 32 -31.41 86.74 -57.35
C GLY X 32 -32.64 87.59 -57.10
N ALA X 33 -33.83 86.99 -57.35
CA ALA X 33 -35.13 87.64 -57.11
C ALA X 33 -35.31 87.76 -55.60
N GLU X 34 -36.01 88.83 -55.16
CA GLU X 34 -36.27 89.18 -53.76
C GLU X 34 -34.99 89.24 -52.89
N VAL X 35 -33.84 89.72 -53.47
CA VAL X 35 -32.55 89.96 -52.78
C VAL X 35 -32.41 91.47 -52.66
N GLU X 36 -32.34 91.98 -51.45
CA GLU X 36 -32.21 93.41 -51.18
C GLU X 36 -30.82 93.67 -50.59
N ILE X 37 -30.02 94.56 -51.22
CA ILE X 37 -28.65 94.88 -50.77
C ILE X 37 -28.57 96.37 -50.37
N GLY X 38 -27.97 96.62 -49.21
CA GLY X 38 -27.89 97.95 -48.62
C GLY X 38 -26.68 98.81 -48.89
N GLU X 39 -26.88 100.11 -48.67
CA GLU X 39 -25.95 101.23 -48.81
C GLU X 39 -24.52 100.93 -48.33
N GLY X 40 -23.57 100.82 -49.28
CA GLY X 40 -22.16 100.59 -48.98
C GLY X 40 -21.62 99.20 -49.16
N THR X 41 -22.51 98.21 -49.48
CA THR X 41 -22.10 96.81 -49.65
C THR X 41 -21.25 96.64 -50.95
N VAL X 42 -20.43 95.58 -50.94
CA VAL X 42 -19.52 95.13 -51.99
C VAL X 42 -19.73 93.61 -52.16
N ILE X 43 -20.10 93.18 -53.37
CA ILE X 43 -20.31 91.77 -53.72
C ILE X 43 -19.26 91.47 -54.77
N GLY X 44 -18.30 90.62 -54.43
CA GLY X 44 -17.19 90.28 -55.32
C GLY X 44 -17.52 89.47 -56.55
N PRO X 45 -16.52 88.94 -57.28
CA PRO X 45 -16.83 88.10 -58.45
C PRO X 45 -17.31 86.72 -58.01
N HIS X 46 -17.96 85.96 -58.90
CA HIS X 46 -18.43 84.59 -58.63
C HIS X 46 -19.17 84.39 -57.29
N VAL X 47 -20.17 85.24 -57.00
CA VAL X 47 -20.99 85.17 -55.79
C VAL X 47 -22.41 84.77 -56.23
N VAL X 48 -23.13 84.02 -55.39
CA VAL X 48 -24.49 83.59 -55.70
C VAL X 48 -25.41 83.99 -54.56
N LEU X 49 -26.32 84.95 -54.84
CA LEU X 49 -27.29 85.46 -53.87
C LEU X 49 -28.70 85.07 -54.30
N LYS X 50 -29.40 84.31 -53.44
CA LYS X 50 -30.77 83.85 -53.65
C LYS X 50 -31.67 84.59 -52.67
N GLY X 51 -32.95 84.70 -53.00
CA GLY X 51 -33.92 85.37 -52.15
C GLY X 51 -34.99 84.44 -51.59
N PRO X 52 -35.89 84.91 -50.69
CA PRO X 52 -35.98 86.25 -50.10
C PRO X 52 -34.94 86.48 -49.00
N THR X 53 -33.89 87.24 -49.34
CA THR X 53 -32.76 87.59 -48.50
C THR X 53 -32.65 89.13 -48.40
N LYS X 54 -32.29 89.64 -47.20
CA LYS X 54 -32.11 91.07 -46.95
C LYS X 54 -30.70 91.32 -46.43
N ILE X 55 -29.90 92.09 -47.16
CA ILE X 55 -28.52 92.42 -46.81
C ILE X 55 -28.40 93.90 -46.47
N GLY X 56 -27.81 94.16 -45.31
CA GLY X 56 -27.64 95.51 -44.79
C GLY X 56 -26.51 96.30 -45.43
N LYS X 57 -26.17 97.41 -44.74
CA LYS X 57 -25.17 98.41 -45.09
C LYS X 57 -23.73 97.91 -44.92
N HIS X 58 -22.81 98.47 -45.71
CA HIS X 58 -21.36 98.25 -45.69
C HIS X 58 -20.89 96.80 -45.42
N ASN X 59 -21.33 95.84 -46.26
CA ASN X 59 -20.91 94.45 -46.15
C ASN X 59 -19.90 94.10 -47.24
N ARG X 60 -18.99 93.15 -46.99
CA ARG X 60 -18.06 92.68 -48.03
C ARG X 60 -18.26 91.16 -48.11
N ILE X 61 -18.77 90.68 -49.26
CA ILE X 61 -19.06 89.26 -49.53
C ILE X 61 -18.10 88.79 -50.65
N TYR X 62 -17.20 87.85 -50.30
CA TYR X 62 -16.14 87.35 -51.17
C TYR X 62 -16.56 86.32 -52.25
N GLN X 63 -15.62 85.97 -53.11
CA GLN X 63 -15.79 85.03 -54.20
C GLN X 63 -16.17 83.62 -53.76
N PHE X 64 -16.88 82.90 -54.65
CA PHE X 64 -17.34 81.50 -54.53
C PHE X 64 -18.28 81.26 -53.31
N SER X 65 -18.91 82.36 -52.82
CA SER X 65 -19.89 82.37 -51.72
C SER X 65 -21.28 82.00 -52.28
N SER X 66 -22.09 81.29 -51.49
CA SER X 66 -23.46 80.92 -51.86
C SER X 66 -24.34 81.38 -50.69
N VAL X 67 -24.72 82.68 -50.74
CA VAL X 67 -25.47 83.35 -49.69
C VAL X 67 -26.97 83.42 -50.03
N GLY X 68 -27.81 82.79 -49.22
CA GLY X 68 -29.26 82.79 -49.39
C GLY X 68 -29.95 81.51 -49.85
N GLU X 69 -29.20 80.50 -50.37
CA GLU X 69 -29.78 79.26 -50.93
C GLU X 69 -30.66 78.50 -49.93
N ASP X 70 -31.60 77.67 -50.40
CA ASP X 70 -32.49 76.90 -49.51
C ASP X 70 -31.63 75.88 -48.79
N THR X 71 -32.09 75.36 -47.63
CA THR X 71 -31.30 74.31 -46.96
C THR X 71 -31.51 72.98 -47.66
N PRO X 72 -30.54 72.04 -47.67
CA PRO X 72 -30.79 70.75 -48.33
C PRO X 72 -31.69 69.85 -47.48
N ASP X 73 -31.84 70.20 -46.16
CA ASP X 73 -32.62 69.50 -45.14
C ASP X 73 -33.94 69.06 -45.72
N LEU X 74 -34.28 67.80 -45.52
CA LEU X 74 -35.52 67.20 -46.02
C LEU X 74 -36.81 67.83 -45.42
N LYS X 75 -36.70 68.47 -44.23
CA LYS X 75 -37.79 69.15 -43.52
C LYS X 75 -38.26 70.39 -44.29
N TYR X 76 -37.40 70.95 -45.16
CA TYR X 76 -37.68 72.13 -45.97
C TYR X 76 -38.49 71.79 -47.23
N LYS X 77 -39.77 72.15 -47.22
CA LYS X 77 -40.69 71.86 -48.32
C LYS X 77 -40.98 73.13 -49.16
N GLY X 78 -39.95 73.63 -49.83
CA GLY X 78 -40.03 74.80 -50.71
C GLY X 78 -40.62 76.12 -50.23
N GLU X 79 -41.01 76.21 -48.92
CA GLU X 79 -41.63 77.39 -48.24
C GLU X 79 -40.84 78.72 -48.49
N PRO X 80 -41.46 79.94 -48.47
CA PRO X 80 -40.67 81.15 -48.77
C PRO X 80 -40.06 81.81 -47.51
N THR X 81 -39.13 81.06 -46.89
CA THR X 81 -38.41 81.39 -45.65
C THR X 81 -37.38 82.47 -45.91
N ARG X 82 -36.92 83.19 -44.86
CA ARG X 82 -36.01 84.34 -45.03
C ARG X 82 -34.60 84.21 -44.44
N LEU X 83 -33.74 85.19 -44.82
CA LEU X 83 -32.37 85.45 -44.39
C LEU X 83 -32.25 86.96 -44.27
N VAL X 84 -31.72 87.41 -43.14
CA VAL X 84 -31.50 88.81 -42.81
C VAL X 84 -30.04 88.98 -42.33
N ILE X 85 -29.22 89.69 -43.13
CA ILE X 85 -27.82 90.02 -42.86
C ILE X 85 -27.77 91.54 -42.51
N GLY X 86 -27.08 91.86 -41.43
CA GLY X 86 -26.98 93.22 -40.92
C GLY X 86 -25.94 94.09 -41.58
N ASP X 87 -25.30 94.98 -40.81
CA ASP X 87 -24.28 95.87 -41.33
C ASP X 87 -22.87 95.46 -40.92
N HIS X 88 -21.88 95.99 -41.63
CA HIS X 88 -20.45 95.85 -41.39
C HIS X 88 -19.93 94.42 -41.25
N ASN X 89 -20.58 93.46 -41.92
CA ASN X 89 -20.14 92.06 -41.91
C ASN X 89 -19.07 91.79 -42.95
N VAL X 90 -18.36 90.65 -42.80
CA VAL X 90 -17.30 90.20 -43.72
C VAL X 90 -17.53 88.72 -44.02
N ILE X 91 -18.16 88.42 -45.19
CA ILE X 91 -18.41 87.04 -45.61
C ILE X 91 -17.23 86.70 -46.50
N ARG X 92 -16.27 85.88 -45.98
CA ARG X 92 -15.05 85.54 -46.74
C ARG X 92 -15.31 84.55 -47.89
N GLU X 93 -14.23 84.08 -48.54
CA GLU X 93 -14.28 83.19 -49.70
C GLU X 93 -14.96 81.85 -49.43
N GLY X 94 -15.95 81.55 -50.25
CA GLY X 94 -16.70 80.29 -50.23
C GLY X 94 -17.63 80.01 -49.06
N VAL X 95 -18.17 81.04 -48.41
CA VAL X 95 -19.11 80.84 -47.29
C VAL X 95 -20.47 80.30 -47.84
N THR X 96 -21.27 79.61 -47.00
CA THR X 96 -22.59 79.06 -47.33
C THR X 96 -23.59 79.46 -46.25
N ILE X 97 -24.50 80.37 -46.59
CA ILE X 97 -25.52 80.82 -45.63
C ILE X 97 -26.90 80.49 -46.22
N HIS X 98 -27.63 79.52 -45.62
CA HIS X 98 -29.00 79.13 -46.03
C HIS X 98 -30.11 79.89 -45.25
N ARG X 99 -31.28 80.09 -45.87
CA ARG X 99 -32.43 80.77 -45.25
C ARG X 99 -33.15 79.79 -44.29
N GLY X 100 -34.08 80.35 -43.51
CA GLY X 100 -34.83 79.60 -42.52
C GLY X 100 -35.69 78.46 -43.06
N THR X 101 -36.40 77.81 -42.10
CA THR X 101 -37.39 76.77 -42.30
C THR X 101 -38.60 77.25 -41.49
N VAL X 102 -39.82 77.12 -42.04
CA VAL X 102 -41.09 77.52 -41.43
C VAL X 102 -41.27 76.91 -40.02
N GLN X 103 -40.57 75.81 -39.82
CA GLN X 103 -40.46 74.96 -38.65
C GLN X 103 -39.96 75.72 -37.41
N ASP X 104 -39.08 76.73 -37.56
CA ASP X 104 -38.61 77.55 -36.43
C ASP X 104 -39.27 78.92 -36.48
N ARG X 105 -38.61 79.92 -37.06
CA ARG X 105 -39.18 81.26 -37.17
C ARG X 105 -39.26 81.68 -38.63
N ALA X 106 -38.76 80.80 -39.53
CA ALA X 106 -38.66 80.99 -40.99
C ALA X 106 -37.71 82.17 -41.32
N GLU X 107 -36.58 82.20 -40.59
CA GLU X 107 -35.52 83.20 -40.74
C GLU X 107 -34.22 82.72 -40.09
N THR X 108 -33.11 83.05 -40.79
CA THR X 108 -31.68 82.93 -40.45
C THR X 108 -31.25 84.39 -40.30
N THR X 109 -30.76 84.79 -39.11
CA THR X 109 -30.39 86.17 -38.83
C THR X 109 -28.91 86.31 -38.51
N ILE X 110 -28.26 87.32 -39.15
CA ILE X 110 -26.85 87.71 -38.95
C ILE X 110 -26.86 89.22 -38.66
N GLY X 111 -26.35 89.63 -37.50
CA GLY X 111 -26.34 91.02 -37.09
C GLY X 111 -25.29 91.86 -37.79
N ASP X 112 -24.69 92.78 -37.03
CA ASP X 112 -23.67 93.68 -37.51
C ASP X 112 -22.27 93.18 -37.10
N HIS X 113 -21.24 93.76 -37.72
CA HIS X 113 -19.81 93.59 -37.46
C HIS X 113 -19.26 92.16 -37.23
N ASN X 114 -19.79 91.15 -37.93
CA ASN X 114 -19.29 89.76 -37.78
C ASN X 114 -18.29 89.39 -38.88
N LEU X 115 -17.24 88.62 -38.54
CA LEU X 115 -16.23 88.14 -39.49
C LEU X 115 -16.39 86.63 -39.69
N ILE X 116 -16.95 86.24 -40.83
CA ILE X 116 -17.20 84.84 -41.18
C ILE X 116 -16.22 84.39 -42.26
N MET X 117 -15.16 83.68 -41.82
CA MET X 117 -14.05 83.22 -42.64
C MET X 117 -14.44 82.18 -43.71
N ALA X 118 -13.48 81.85 -44.58
CA ALA X 118 -13.59 80.93 -45.70
C ALA X 118 -14.34 79.63 -45.42
N TYR X 119 -15.08 79.15 -46.42
CA TYR X 119 -15.84 77.88 -46.49
C TYR X 119 -16.70 77.56 -45.22
N ALA X 120 -17.00 78.58 -44.41
CA ALA X 120 -17.83 78.45 -43.22
C ALA X 120 -19.27 78.17 -43.66
N HIS X 121 -20.05 77.45 -42.84
CA HIS X 121 -21.44 77.14 -43.11
C HIS X 121 -22.33 77.63 -41.99
N ILE X 122 -23.30 78.49 -42.32
CA ILE X 122 -24.33 78.99 -41.41
C ILE X 122 -25.63 78.35 -41.88
N GLY X 123 -26.02 77.26 -41.24
CA GLY X 123 -27.23 76.49 -41.59
C GLY X 123 -28.51 77.14 -41.13
N HIS X 124 -29.62 76.80 -41.81
CA HIS X 124 -30.99 77.29 -41.56
C HIS X 124 -31.33 77.65 -40.10
N ASP X 125 -32.16 78.71 -39.95
CA ASP X 125 -32.70 79.27 -38.69
C ASP X 125 -31.63 79.65 -37.65
N SER X 126 -30.32 79.71 -38.05
CA SER X 126 -29.21 80.11 -37.17
C SER X 126 -29.33 81.58 -36.90
N VAL X 127 -28.95 82.02 -35.70
CA VAL X 127 -29.05 83.41 -35.31
C VAL X 127 -27.67 83.86 -34.79
N ILE X 128 -26.96 84.72 -35.57
CA ILE X 128 -25.62 85.25 -35.27
C ILE X 128 -25.73 86.72 -34.83
N GLY X 129 -25.13 87.02 -33.68
CA GLY X 129 -25.16 88.35 -33.10
C GLY X 129 -24.22 89.35 -33.77
N ASN X 130 -23.41 90.03 -32.94
CA ASN X 130 -22.47 91.07 -33.39
C ASN X 130 -21.02 90.79 -32.96
N HIS X 131 -20.05 91.26 -33.76
CA HIS X 131 -18.61 91.12 -33.51
C HIS X 131 -18.13 89.68 -33.27
N CYS X 132 -18.75 88.74 -33.98
CA CYS X 132 -18.43 87.32 -33.90
C CYS X 132 -17.32 87.01 -34.88
N ILE X 133 -16.59 85.90 -34.63
CA ILE X 133 -15.60 85.34 -35.54
C ILE X 133 -15.94 83.86 -35.71
N LEU X 134 -16.18 83.46 -36.95
CA LEU X 134 -16.51 82.09 -37.34
C LEU X 134 -15.42 81.78 -38.35
N VAL X 135 -14.33 81.14 -37.86
CA VAL X 135 -13.11 80.82 -38.63
C VAL X 135 -13.41 79.73 -39.70
N ASN X 136 -12.49 79.51 -40.64
CA ASN X 136 -12.59 78.59 -41.76
C ASN X 136 -13.35 77.31 -41.50
N ASN X 137 -14.17 76.89 -42.46
CA ASN X 137 -14.97 75.66 -42.42
C ASN X 137 -15.72 75.42 -41.07
N THR X 138 -16.15 76.51 -40.36
CA THR X 138 -16.95 76.40 -39.13
C THR X 138 -18.35 75.98 -39.62
N ALA X 139 -19.02 75.04 -38.93
CA ALA X 139 -20.33 74.62 -39.38
C ALA X 139 -21.33 74.75 -38.28
N LEU X 140 -22.46 75.41 -38.59
CA LEU X 140 -23.58 75.60 -37.68
C LEU X 140 -24.71 74.79 -38.28
N ALA X 141 -24.85 73.51 -37.87
CA ALA X 141 -25.83 72.54 -38.40
C ALA X 141 -27.22 73.11 -38.69
N GLY X 142 -27.67 74.05 -37.83
CA GLY X 142 -28.96 74.72 -37.94
C GLY X 142 -29.58 75.06 -36.60
N HIS X 143 -30.35 76.16 -36.58
CA HIS X 143 -31.04 76.66 -35.38
C HIS X 143 -30.01 76.97 -34.29
N VAL X 144 -28.72 77.21 -34.70
CA VAL X 144 -27.62 77.48 -33.78
C VAL X 144 -27.57 78.98 -33.50
N HIS X 145 -27.71 79.36 -32.23
CA HIS X 145 -27.74 80.74 -31.78
C HIS X 145 -26.40 81.12 -31.20
N VAL X 146 -25.66 82.02 -31.90
CA VAL X 146 -24.33 82.53 -31.54
C VAL X 146 -24.50 83.99 -31.04
N ASP X 147 -23.93 84.30 -29.84
CA ASP X 147 -24.03 85.62 -29.20
C ASP X 147 -22.78 86.44 -29.45
N ASP X 148 -22.87 87.76 -29.12
CA ASP X 148 -21.86 88.81 -29.32
C ASP X 148 -20.47 88.45 -28.83
N TRP X 149 -19.47 88.71 -29.69
CA TRP X 149 -18.04 88.55 -29.41
C TRP X 149 -17.54 87.11 -29.33
N ALA X 150 -18.42 86.13 -29.62
CA ALA X 150 -18.05 84.73 -29.60
C ALA X 150 -16.97 84.46 -30.68
N ILE X 151 -15.92 83.69 -30.32
CA ILE X 151 -14.87 83.30 -31.26
C ILE X 151 -15.02 81.79 -31.48
N LEU X 152 -15.26 81.39 -32.75
CA LEU X 152 -15.37 80.00 -33.18
C LEU X 152 -14.17 79.76 -34.08
N SER X 153 -13.23 78.91 -33.63
CA SER X 153 -11.99 78.56 -34.32
C SER X 153 -12.22 77.59 -35.48
N GLY X 154 -11.25 77.53 -36.37
CA GLY X 154 -11.23 76.71 -37.59
C GLY X 154 -11.82 75.34 -37.42
N TYR X 155 -12.76 75.01 -38.30
CA TYR X 155 -13.46 73.74 -38.39
C TYR X 155 -14.19 73.35 -37.09
N THR X 156 -14.69 74.38 -36.36
CA THR X 156 -15.51 74.22 -35.16
C THR X 156 -16.87 73.83 -35.70
N LEU X 157 -17.37 72.68 -35.25
CA LEU X 157 -18.63 72.09 -35.68
C LEU X 157 -19.64 72.21 -34.57
N VAL X 158 -20.87 72.65 -34.91
CA VAL X 158 -21.92 72.85 -33.92
C VAL X 158 -23.16 72.07 -34.27
N HIS X 159 -23.55 71.12 -33.39
CA HIS X 159 -24.76 70.29 -33.53
C HIS X 159 -26.00 71.24 -33.48
N GLN X 160 -27.08 70.89 -34.19
CA GLN X 160 -28.29 71.70 -34.28
C GLN X 160 -28.80 72.13 -32.94
N TYR X 161 -29.52 73.25 -32.92
CA TYR X 161 -30.25 73.83 -31.78
C TYR X 161 -29.40 74.43 -30.61
N CYS X 162 -28.06 74.18 -30.58
CA CYS X 162 -27.10 74.70 -29.58
C CYS X 162 -27.12 76.23 -29.46
N ARG X 163 -26.50 76.73 -28.36
CA ARG X 163 -26.42 78.16 -28.09
C ARG X 163 -25.00 78.54 -27.62
N ILE X 164 -24.27 79.32 -28.44
CA ILE X 164 -22.89 79.79 -28.19
C ILE X 164 -22.92 81.18 -27.49
N GLY X 165 -22.64 81.20 -26.18
CA GLY X 165 -22.67 82.38 -25.32
C GLY X 165 -21.72 83.51 -25.69
N ALA X 166 -22.03 84.73 -25.21
CA ALA X 166 -21.23 85.93 -25.47
C ALA X 166 -19.79 85.75 -25.02
N HIS X 167 -18.83 86.26 -25.80
CA HIS X 167 -17.39 86.20 -25.53
C HIS X 167 -16.82 84.77 -25.44
N SER X 168 -17.66 83.71 -25.61
CA SER X 168 -17.18 82.33 -25.53
C SER X 168 -16.19 82.00 -26.64
N PHE X 169 -15.23 81.11 -26.35
CA PHE X 169 -14.22 80.65 -27.30
C PHE X 169 -14.34 79.14 -27.54
N SER X 170 -14.25 78.70 -28.80
CA SER X 170 -14.25 77.27 -29.10
C SER X 170 -12.98 76.92 -29.89
N GLY X 171 -12.15 76.02 -29.34
CA GLY X 171 -10.88 75.58 -29.93
C GLY X 171 -11.01 74.93 -31.29
N MET X 172 -9.98 75.08 -32.17
CA MET X 172 -10.05 74.56 -33.54
C MET X 172 -10.34 73.06 -33.60
N GLY X 173 -11.18 72.66 -34.55
CA GLY X 173 -11.62 71.29 -34.73
C GLY X 173 -12.55 70.71 -33.67
N SER X 174 -13.28 71.59 -32.93
CA SER X 174 -14.25 71.26 -31.88
C SER X 174 -15.53 70.64 -32.41
N ALA X 175 -16.18 69.80 -31.60
CA ALA X 175 -17.48 69.22 -31.90
C ALA X 175 -18.37 69.61 -30.74
N ILE X 176 -19.17 70.67 -30.92
CA ILE X 176 -20.05 71.21 -29.88
C ILE X 176 -21.40 70.55 -30.06
N GLY X 177 -21.89 69.90 -29.01
CA GLY X 177 -23.16 69.21 -29.03
C GLY X 177 -24.16 69.66 -27.99
N LYS X 178 -23.66 70.35 -26.93
CA LYS X 178 -24.44 70.92 -25.83
C LYS X 178 -24.07 72.43 -25.70
N ASP X 179 -24.99 73.28 -25.18
CA ASP X 179 -24.81 74.74 -25.02
C ASP X 179 -23.44 75.18 -24.50
N VAL X 180 -22.80 76.14 -25.18
CA VAL X 180 -21.53 76.71 -24.72
C VAL X 180 -21.89 77.99 -23.94
N PRO X 181 -21.69 78.03 -22.58
CA PRO X 181 -22.02 79.26 -21.82
C PRO X 181 -21.13 80.45 -22.21
N ALA X 182 -21.54 81.68 -21.80
CA ALA X 182 -20.78 82.87 -22.12
C ALA X 182 -19.45 82.80 -21.42
N TYR X 183 -18.41 83.30 -22.09
CA TYR X 183 -17.00 83.38 -21.67
C TYR X 183 -16.30 82.02 -21.69
N VAL X 184 -16.99 80.94 -21.29
CA VAL X 184 -16.42 79.58 -21.26
C VAL X 184 -15.63 79.23 -22.54
N THR X 185 -14.40 78.64 -22.40
CA THR X 185 -13.58 78.13 -23.52
C THR X 185 -13.81 76.62 -23.55
N VAL X 186 -14.15 76.12 -24.74
CA VAL X 186 -14.46 74.70 -24.94
C VAL X 186 -13.53 74.13 -25.96
N PHE X 187 -13.18 72.84 -25.86
CA PHE X 187 -12.24 72.23 -26.78
C PHE X 187 -12.45 70.74 -27.09
N GLY X 188 -12.16 70.38 -28.34
CA GLY X 188 -12.13 69.00 -28.81
C GLY X 188 -13.42 68.32 -29.20
N ASN X 189 -13.30 67.04 -29.56
CA ASN X 189 -14.44 66.20 -29.98
C ASN X 189 -14.61 65.09 -28.97
N PRO X 190 -15.63 65.21 -28.07
CA PRO X 190 -16.62 66.30 -27.99
C PRO X 190 -16.17 67.46 -27.11
N ALA X 191 -16.63 68.68 -27.47
CA ALA X 191 -16.34 69.92 -26.75
C ALA X 191 -16.42 69.71 -25.26
N GLU X 192 -15.40 70.25 -24.55
CA GLU X 192 -15.20 70.16 -23.10
C GLU X 192 -14.77 71.52 -22.55
N ALA X 193 -15.34 71.96 -21.40
CA ALA X 193 -14.94 73.23 -20.79
C ALA X 193 -13.50 73.12 -20.28
N ARG X 194 -12.73 74.22 -20.36
CA ARG X 194 -11.33 74.28 -19.94
C ARG X 194 -11.12 75.49 -19.06
N SER X 195 -11.60 76.65 -19.50
CA SER X 195 -11.55 77.92 -18.76
C SER X 195 -12.54 78.94 -19.33
N MET X 196 -12.19 80.23 -19.22
CA MET X 196 -12.95 81.39 -19.68
C MET X 196 -12.06 82.17 -20.64
N ASN X 197 -12.67 82.97 -21.53
CA ASN X 197 -11.94 83.77 -22.50
C ASN X 197 -11.48 85.07 -21.84
N PHE X 198 -10.34 85.00 -21.14
CA PHE X 198 -9.78 86.14 -20.44
C PHE X 198 -9.21 87.17 -21.37
N GLU X 199 -8.73 86.78 -22.55
CA GLU X 199 -8.22 87.79 -23.46
C GLU X 199 -9.36 88.52 -24.17
N GLY X 200 -10.52 87.89 -24.23
CA GLY X 200 -11.73 88.47 -24.79
C GLY X 200 -12.36 89.42 -23.81
N MET X 201 -12.10 89.19 -22.51
CA MET X 201 -12.52 90.00 -21.37
C MET X 201 -11.58 91.21 -21.31
N ARG X 202 -10.28 91.02 -21.69
CA ARG X 202 -9.28 92.08 -21.67
C ARG X 202 -9.64 93.07 -22.74
N ARG X 203 -9.79 92.60 -24.00
CA ARG X 203 -10.13 93.40 -25.17
C ARG X 203 -11.36 94.28 -24.89
N ARG X 204 -12.35 93.72 -24.16
CA ARG X 204 -13.58 94.44 -23.80
C ARG X 204 -13.49 95.36 -22.54
N GLY X 205 -12.26 95.59 -22.04
CA GLY X 205 -11.99 96.44 -20.88
C GLY X 205 -12.67 96.11 -19.56
N PHE X 206 -12.98 94.80 -19.32
CA PHE X 206 -13.60 94.31 -18.07
C PHE X 206 -12.73 94.71 -16.88
N SER X 207 -13.35 95.07 -15.74
CA SER X 207 -12.58 95.44 -14.55
C SER X 207 -11.86 94.21 -14.00
N SER X 208 -10.76 94.43 -13.26
CA SER X 208 -10.00 93.33 -12.67
C SER X 208 -10.91 92.54 -11.70
N GLU X 209 -11.86 93.25 -11.06
CA GLU X 209 -12.85 92.70 -10.14
C GLU X 209 -13.86 91.84 -10.86
N ALA X 210 -14.23 92.23 -12.09
CA ALA X 210 -15.21 91.54 -12.93
C ALA X 210 -14.63 90.28 -13.53
N ILE X 211 -13.34 90.31 -13.91
CA ILE X 211 -12.60 89.19 -14.48
C ILE X 211 -12.48 88.13 -13.41
N HIS X 212 -12.02 88.52 -12.20
CA HIS X 212 -11.87 87.61 -11.07
C HIS X 212 -13.21 87.05 -10.57
N ALA X 213 -14.32 87.83 -10.72
CA ALA X 213 -15.68 87.40 -10.38
C ALA X 213 -16.16 86.38 -11.42
N LEU X 214 -15.71 86.51 -12.69
CA LEU X 214 -16.03 85.57 -13.76
C LEU X 214 -15.26 84.27 -13.60
N ARG X 215 -14.02 84.32 -13.07
CA ARG X 215 -13.19 83.13 -12.81
C ARG X 215 -13.74 82.31 -11.65
N ARG X 216 -14.17 82.99 -10.56
CA ARG X 216 -14.77 82.35 -9.37
C ARG X 216 -16.12 81.82 -9.77
N ALA X 217 -16.72 82.35 -10.85
CA ALA X 217 -18.02 81.90 -11.34
C ALA X 217 -17.88 80.64 -12.15
N TYR X 218 -16.78 80.47 -12.92
CA TYR X 218 -16.55 79.24 -13.69
C TYR X 218 -16.32 78.13 -12.72
N LYS X 219 -15.45 78.35 -11.70
CA LYS X 219 -15.16 77.36 -10.66
C LYS X 219 -16.48 76.83 -10.02
N VAL X 220 -17.41 77.73 -9.60
CA VAL X 220 -18.73 77.37 -9.02
C VAL X 220 -19.48 76.31 -9.87
N VAL X 221 -19.53 76.53 -11.19
CA VAL X 221 -20.24 75.67 -12.15
C VAL X 221 -19.54 74.29 -12.30
N TYR X 222 -18.34 74.31 -12.88
CA TYR X 222 -17.52 73.15 -13.24
C TYR X 222 -16.60 72.57 -12.13
N ARG X 223 -15.53 73.31 -11.75
CA ARG X 223 -14.50 72.90 -10.79
C ARG X 223 -14.99 72.66 -9.32
N GLN X 224 -16.19 73.13 -8.93
CA GLN X 224 -16.70 73.00 -7.55
C GLN X 224 -17.63 71.76 -7.35
N GLY X 225 -18.07 71.20 -8.47
CA GLY X 225 -18.89 69.99 -8.53
C GLY X 225 -20.26 70.08 -7.88
N HIS X 226 -21.09 70.99 -8.39
CA HIS X 226 -22.46 71.18 -7.93
C HIS X 226 -23.34 70.78 -9.10
N THR X 227 -24.65 70.56 -8.85
CA THR X 227 -25.61 70.31 -9.94
C THR X 227 -25.71 71.62 -10.74
N VAL X 228 -26.27 71.61 -11.96
CA VAL X 228 -26.40 72.86 -12.73
C VAL X 228 -27.31 73.81 -11.90
N GLU X 229 -28.39 73.25 -11.32
CA GLU X 229 -29.39 73.92 -10.49
C GLU X 229 -28.77 74.43 -9.21
N GLU X 230 -27.79 73.69 -8.65
CA GLU X 230 -27.06 74.04 -7.42
C GLU X 230 -26.10 75.17 -7.72
N ALA X 231 -25.46 75.11 -8.91
CA ALA X 231 -24.50 76.11 -9.38
C ALA X 231 -25.25 77.41 -9.59
N LEU X 232 -26.39 77.35 -10.30
CA LEU X 232 -27.27 78.50 -10.58
C LEU X 232 -27.65 79.31 -9.33
N ALA X 233 -27.88 78.60 -8.22
CA ALA X 233 -28.20 79.19 -6.94
C ALA X 233 -26.99 80.02 -6.40
N GLU X 234 -25.80 79.38 -6.29
CA GLU X 234 -24.55 79.96 -5.84
C GLU X 234 -24.18 81.25 -6.62
N LEU X 235 -24.48 81.20 -7.93
CA LEU X 235 -24.24 82.29 -8.86
C LEU X 235 -25.11 83.51 -8.62
N ALA X 236 -26.35 83.37 -8.12
CA ALA X 236 -27.24 84.51 -7.88
C ALA X 236 -26.58 85.77 -7.29
N GLU X 237 -25.66 85.56 -6.30
CA GLU X 237 -24.91 86.61 -5.57
C GLU X 237 -24.00 87.42 -6.47
N SER X 238 -22.97 86.76 -7.07
CA SER X 238 -21.98 87.32 -8.00
C SER X 238 -22.67 88.03 -9.19
N ALA X 239 -23.74 87.40 -9.74
CA ALA X 239 -24.54 87.87 -10.88
C ALA X 239 -25.39 89.11 -10.57
N ALA X 240 -25.63 89.39 -9.30
CA ALA X 240 -26.37 90.57 -8.89
C ALA X 240 -25.38 91.73 -8.75
N GLN X 241 -24.16 91.44 -8.27
CA GLN X 241 -23.08 92.40 -8.08
C GLN X 241 -22.42 92.81 -9.40
N PHE X 242 -22.40 91.89 -10.38
CA PHE X 242 -21.73 92.08 -11.66
C PHE X 242 -22.56 91.80 -12.88
N PRO X 243 -22.88 92.80 -13.73
CA PRO X 243 -23.63 92.50 -14.97
C PRO X 243 -22.86 91.57 -15.91
N GLU X 244 -21.54 91.48 -15.73
CA GLU X 244 -20.65 90.60 -16.52
C GLU X 244 -20.93 89.14 -16.12
N VAL X 245 -21.00 88.87 -14.80
CA VAL X 245 -21.31 87.55 -14.22
C VAL X 245 -22.78 87.24 -14.47
N ALA X 246 -23.64 88.29 -14.59
CA ALA X 246 -25.08 88.15 -14.83
C ALA X 246 -25.40 87.52 -16.19
N VAL X 247 -24.48 87.67 -17.16
CA VAL X 247 -24.55 87.13 -18.52
C VAL X 247 -24.25 85.61 -18.47
N PHE X 248 -23.29 85.24 -17.62
CA PHE X 248 -22.85 83.88 -17.44
C PHE X 248 -23.98 83.04 -16.88
N ARG X 249 -24.60 83.46 -15.74
CA ARG X 249 -25.72 82.76 -15.09
C ARG X 249 -26.88 82.56 -16.07
N ASP X 250 -27.22 83.63 -16.84
CA ASP X 250 -28.29 83.64 -17.85
C ASP X 250 -28.08 82.64 -18.98
N SER X 251 -26.83 82.51 -19.52
CA SER X 251 -26.48 81.56 -20.60
C SER X 251 -26.67 80.09 -20.15
N ILE X 252 -26.44 79.83 -18.85
CA ILE X 252 -26.59 78.54 -18.17
C ILE X 252 -28.08 78.25 -17.91
N GLN X 253 -28.80 79.27 -17.39
CA GLN X 253 -30.23 79.22 -17.12
C GLN X 253 -31.03 78.97 -18.42
N SER X 254 -30.66 79.63 -19.53
CA SER X 254 -31.30 79.46 -20.85
C SER X 254 -31.01 78.09 -21.56
N ALA X 255 -30.35 77.14 -20.86
CA ALA X 255 -29.96 75.82 -21.38
C ALA X 255 -30.66 74.71 -20.60
N THR X 256 -30.70 74.87 -19.26
CA THR X 256 -31.33 73.92 -18.35
C THR X 256 -32.84 74.18 -18.18
N ARG X 257 -33.67 73.15 -18.47
CA ARG X 257 -35.12 73.16 -18.22
C ARG X 257 -35.47 71.95 -17.39
N GLY X 258 -34.95 70.80 -17.81
CA GLY X 258 -35.12 69.50 -17.17
C GLY X 258 -36.54 69.00 -17.14
N ILE X 259 -36.73 67.80 -16.61
CA ILE X 259 -38.05 67.18 -16.48
C ILE X 259 -38.33 66.92 -15.01
N THR X 260 -39.61 67.04 -14.60
CA THR X 260 -40.04 66.83 -13.20
C THR X 260 -39.77 65.39 -12.77
N ARG X 261 -39.21 65.17 -11.57
CA ARG X 261 -38.94 63.84 -11.01
C ARG X 261 -39.80 63.64 -9.78
N MET Y 4 -5.61 80.11 -82.44
CA MET Y 4 -6.03 80.07 -81.03
C MET Y 4 -4.99 80.75 -80.06
N SER Y 5 -5.30 80.80 -78.73
CA SER Y 5 -4.49 81.39 -77.65
C SER Y 5 -4.81 80.77 -76.29
N LEU Y 6 -3.74 80.55 -75.48
CA LEU Y 6 -3.77 79.94 -74.13
C LEU Y 6 -4.43 80.85 -73.10
N ILE Y 7 -4.36 82.17 -73.33
CA ILE Y 7 -4.98 83.15 -72.45
C ILE Y 7 -6.38 83.45 -73.02
N ASP Y 8 -7.40 82.69 -72.55
CA ASP Y 8 -8.82 82.74 -72.92
C ASP Y 8 -9.39 84.16 -72.85
N PRO Y 9 -10.23 84.59 -73.85
CA PRO Y 9 -10.78 85.96 -73.82
C PRO Y 9 -11.68 86.33 -72.63
N ARG Y 10 -12.32 85.32 -71.97
CA ARG Y 10 -13.26 85.48 -70.83
C ARG Y 10 -12.59 85.73 -69.50
N ALA Y 11 -11.24 85.75 -69.49
CA ALA Y 11 -10.46 86.00 -68.29
C ALA Y 11 -10.11 87.47 -68.17
N ILE Y 12 -10.02 87.99 -66.93
CA ILE Y 12 -9.65 89.37 -66.55
C ILE Y 12 -8.16 89.35 -66.07
N ILE Y 13 -7.30 90.16 -66.68
CA ILE Y 13 -5.90 90.29 -66.28
C ILE Y 13 -5.61 91.77 -66.05
N ASP Y 14 -5.35 92.14 -64.77
CA ASP Y 14 -5.11 93.52 -64.35
C ASP Y 14 -3.90 94.13 -65.07
N PRO Y 15 -3.93 95.45 -65.42
CA PRO Y 15 -2.77 96.06 -66.14
C PRO Y 15 -1.39 95.91 -65.49
N SER Y 16 -1.35 95.64 -64.15
CA SER Y 16 -0.10 95.47 -63.39
C SER Y 16 0.48 94.06 -63.48
N ALA Y 17 -0.29 93.10 -64.05
CA ALA Y 17 0.12 91.70 -64.15
C ALA Y 17 1.16 91.40 -65.28
N ARG Y 18 2.07 90.43 -65.01
CA ARG Y 18 3.14 89.91 -65.88
C ARG Y 18 2.96 88.37 -66.08
N LEU Y 19 2.86 87.90 -67.36
CA LEU Y 19 2.62 86.48 -67.71
C LEU Y 19 3.57 85.96 -68.82
N ALA Y 20 4.29 84.85 -68.52
CA ALA Y 20 5.28 84.27 -69.44
C ALA Y 20 4.71 83.56 -70.68
N ALA Y 21 5.61 83.33 -71.66
CA ALA Y 21 5.42 82.77 -72.99
C ALA Y 21 4.34 81.67 -73.17
N ASP Y 22 4.20 80.71 -72.23
CA ASP Y 22 3.22 79.65 -72.43
C ASP Y 22 2.34 79.43 -71.22
N VAL Y 23 1.93 80.54 -70.61
CA VAL Y 23 1.01 80.52 -69.47
C VAL Y 23 -0.41 80.37 -70.06
N GLN Y 24 -1.22 79.49 -69.47
CA GLN Y 24 -2.59 79.18 -69.82
C GLN Y 24 -3.53 79.87 -68.84
N VAL Y 25 -4.54 80.63 -69.31
CA VAL Y 25 -5.49 81.23 -68.34
C VAL Y 25 -6.90 80.83 -68.75
N GLY Y 26 -7.59 80.09 -67.89
CA GLY Y 26 -8.94 79.59 -68.11
C GLY Y 26 -10.02 80.66 -68.16
N PRO Y 27 -11.24 80.34 -68.66
CA PRO Y 27 -12.28 81.37 -68.74
C PRO Y 27 -12.84 81.78 -67.38
N TRP Y 28 -13.30 83.05 -67.28
CA TRP Y 28 -13.91 83.64 -66.08
C TRP Y 28 -12.95 83.57 -64.86
N SER Y 29 -11.66 83.84 -65.10
CA SER Y 29 -10.56 83.83 -64.14
C SER Y 29 -10.05 85.25 -63.99
N ILE Y 30 -9.75 85.68 -62.77
CA ILE Y 30 -9.18 87.02 -62.56
C ILE Y 30 -7.70 86.89 -62.14
N VAL Y 31 -6.83 87.67 -62.78
CA VAL Y 31 -5.39 87.72 -62.53
C VAL Y 31 -5.10 89.21 -62.12
N GLY Y 32 -5.17 89.45 -60.81
CA GLY Y 32 -5.07 90.73 -60.13
C GLY Y 32 -3.85 91.59 -60.39
N ALA Y 33 -3.79 92.75 -59.70
CA ALA Y 33 -2.64 93.64 -59.86
C ALA Y 33 -1.49 93.04 -59.10
N GLU Y 34 -0.28 93.22 -59.64
CA GLU Y 34 0.97 92.73 -59.09
C GLU Y 34 1.01 91.19 -58.97
N VAL Y 35 0.25 90.48 -59.84
CA VAL Y 35 0.30 89.03 -59.95
C VAL Y 35 1.26 88.83 -61.12
N GLU Y 36 2.28 87.99 -60.94
CA GLU Y 36 3.29 87.72 -61.96
C GLU Y 36 3.43 86.17 -62.05
N ILE Y 37 3.12 85.60 -63.24
CA ILE Y 37 3.03 84.15 -63.50
C ILE Y 37 4.10 83.64 -64.51
N GLY Y 38 4.82 82.59 -64.09
CA GLY Y 38 5.93 81.99 -64.84
C GLY Y 38 5.54 81.05 -65.95
N GLU Y 39 6.50 80.80 -66.87
CA GLU Y 39 6.41 79.94 -68.05
C GLU Y 39 5.77 78.61 -67.74
N GLY Y 40 4.83 78.17 -68.57
CA GLY Y 40 4.21 76.85 -68.42
C GLY Y 40 3.10 76.60 -67.42
N THR Y 41 2.79 77.60 -66.58
CA THR Y 41 1.72 77.56 -65.58
C THR Y 41 0.35 77.46 -66.27
N VAL Y 42 -0.58 76.68 -65.67
CA VAL Y 42 -1.94 76.52 -66.17
C VAL Y 42 -2.90 77.02 -65.11
N ILE Y 43 -3.49 78.17 -65.38
CA ILE Y 43 -4.49 78.77 -64.50
C ILE Y 43 -5.84 78.26 -65.03
N GLY Y 44 -6.61 77.66 -64.15
CA GLY Y 44 -7.91 77.08 -64.49
C GLY Y 44 -9.05 78.08 -64.67
N PRO Y 45 -10.30 77.60 -64.89
CA PRO Y 45 -11.43 78.53 -65.00
C PRO Y 45 -11.82 78.97 -63.60
N HIS Y 46 -12.61 80.06 -63.46
CA HIS Y 46 -13.03 80.53 -62.12
C HIS Y 46 -11.89 80.54 -61.05
N VAL Y 47 -10.71 81.10 -61.37
CA VAL Y 47 -9.57 81.19 -60.41
C VAL Y 47 -9.34 82.68 -60.08
N VAL Y 48 -9.30 83.04 -58.77
CA VAL Y 48 -9.02 84.42 -58.39
C VAL Y 48 -7.61 84.47 -57.86
N LEU Y 49 -6.75 85.21 -58.57
CA LEU Y 49 -5.36 85.46 -58.20
C LEU Y 49 -5.23 86.90 -57.73
N LYS Y 50 -4.54 87.13 -56.60
CA LYS Y 50 -4.38 88.48 -56.07
C LYS Y 50 -2.89 88.81 -55.86
N GLY Y 51 -2.55 90.10 -55.82
CA GLY Y 51 -1.17 90.52 -55.67
C GLY Y 51 -0.87 91.45 -54.52
N PRO Y 52 0.44 91.73 -54.23
CA PRO Y 52 1.68 91.26 -54.87
C PRO Y 52 1.93 89.76 -54.72
N THR Y 53 1.96 89.02 -55.85
CA THR Y 53 2.14 87.55 -55.85
C THR Y 53 3.01 87.11 -57.02
N LYS Y 54 3.95 86.19 -56.72
CA LYS Y 54 4.87 85.60 -57.70
C LYS Y 54 4.58 84.08 -57.77
N ILE Y 55 4.24 83.61 -58.99
CA ILE Y 55 3.90 82.22 -59.28
C ILE Y 55 4.96 81.69 -60.25
N GLY Y 56 5.64 80.62 -59.85
CA GLY Y 56 6.73 79.98 -60.59
C GLY Y 56 6.41 79.38 -61.94
N LYS Y 57 7.30 78.51 -62.43
CA LYS Y 57 7.17 77.86 -63.71
C LYS Y 57 6.44 76.55 -63.59
N HIS Y 58 5.69 76.19 -64.62
CA HIS Y 58 4.94 74.94 -64.78
C HIS Y 58 4.08 74.53 -63.63
N ASN Y 59 3.32 75.44 -63.06
CA ASN Y 59 2.37 75.07 -62.00
C ASN Y 59 1.04 74.71 -62.68
N ARG Y 60 0.14 74.06 -61.95
CA ARG Y 60 -1.21 73.73 -62.43
C ARG Y 60 -2.12 74.11 -61.27
N ILE Y 61 -2.77 75.30 -61.36
CA ILE Y 61 -3.71 75.86 -60.37
C ILE Y 61 -5.18 75.70 -60.85
N TYR Y 62 -5.99 74.93 -60.08
CA TYR Y 62 -7.39 74.54 -60.37
C TYR Y 62 -8.45 75.56 -59.96
N GLN Y 63 -9.62 75.44 -60.60
CA GLN Y 63 -10.81 76.26 -60.45
C GLN Y 63 -11.27 76.47 -59.00
N PHE Y 64 -11.94 77.61 -58.76
CA PHE Y 64 -12.56 78.06 -57.51
C PHE Y 64 -11.53 78.33 -56.37
N SER Y 65 -10.27 78.56 -56.75
CA SER Y 65 -9.20 78.83 -55.82
C SER Y 65 -8.92 80.31 -55.68
N SER Y 66 -8.81 80.82 -54.43
CA SER Y 66 -8.48 82.23 -54.16
C SER Y 66 -7.01 82.32 -53.64
N VAL Y 67 -6.03 82.31 -54.59
CA VAL Y 67 -4.58 82.31 -54.37
C VAL Y 67 -4.03 83.76 -54.39
N GLY Y 68 -3.40 84.17 -53.29
CA GLY Y 68 -2.84 85.51 -53.10
C GLY Y 68 -3.75 86.52 -52.42
N GLU Y 69 -4.96 86.11 -52.03
CA GLU Y 69 -5.93 86.96 -51.34
C GLU Y 69 -5.35 87.33 -49.94
N ASP Y 70 -5.63 88.52 -49.43
CA ASP Y 70 -5.09 88.91 -48.13
C ASP Y 70 -5.87 88.22 -47.03
N THR Y 71 -5.20 87.71 -45.95
CA THR Y 71 -5.88 87.03 -44.83
C THR Y 71 -6.98 87.86 -44.21
N PRO Y 72 -8.05 87.20 -43.66
CA PRO Y 72 -9.13 87.96 -43.01
C PRO Y 72 -8.71 88.52 -41.66
N ASP Y 73 -7.57 88.00 -41.09
CA ASP Y 73 -6.93 88.33 -39.80
C ASP Y 73 -6.93 89.83 -39.49
N LEU Y 74 -7.39 90.16 -38.27
CA LEU Y 74 -7.55 91.53 -37.79
C LEU Y 74 -6.21 92.28 -37.60
N LYS Y 75 -5.06 91.55 -37.41
CA LYS Y 75 -3.74 92.19 -37.26
C LYS Y 75 -3.24 92.76 -38.61
N TYR Y 76 -3.73 92.18 -39.73
CA TYR Y 76 -3.41 92.64 -41.08
C TYR Y 76 -4.37 93.75 -41.35
N LYS Y 77 -3.79 94.95 -41.59
CA LYS Y 77 -4.53 96.17 -41.85
C LYS Y 77 -4.71 96.42 -43.36
N GLY Y 78 -3.60 96.43 -44.12
CA GLY Y 78 -3.64 96.62 -45.57
C GLY Y 78 -2.28 96.74 -46.24
N GLU Y 79 -1.21 96.45 -45.48
CA GLU Y 79 0.22 96.49 -45.85
C GLU Y 79 0.47 95.86 -47.25
N PRO Y 80 1.44 96.31 -48.07
CA PRO Y 80 1.66 95.66 -49.38
C PRO Y 80 2.53 94.38 -49.30
N THR Y 81 2.05 93.38 -48.51
CA THR Y 81 2.68 92.07 -48.25
C THR Y 81 2.63 91.15 -49.46
N ARG Y 82 3.22 89.93 -49.38
CA ARG Y 82 3.30 89.10 -50.59
C ARG Y 82 3.21 87.60 -50.38
N LEU Y 83 3.04 86.88 -51.51
CA LEU Y 83 3.03 85.42 -51.66
C LEU Y 83 4.01 85.07 -52.78
N VAL Y 84 4.79 83.99 -52.58
CA VAL Y 84 5.78 83.45 -53.54
C VAL Y 84 5.55 81.93 -53.66
N ILE Y 85 5.36 81.45 -54.91
CA ILE Y 85 5.15 80.02 -55.22
C ILE Y 85 6.25 79.56 -56.21
N GLY Y 86 6.90 78.44 -55.89
CA GLY Y 86 7.95 77.88 -56.72
C GLY Y 86 7.42 77.20 -57.97
N ASP Y 87 8.13 76.16 -58.39
CA ASP Y 87 7.81 75.41 -59.61
C ASP Y 87 7.10 74.08 -59.37
N HIS Y 88 6.37 73.61 -60.40
CA HIS Y 88 5.65 72.32 -60.48
C HIS Y 88 4.73 71.97 -59.31
N ASN Y 89 4.04 72.98 -58.75
CA ASN Y 89 3.10 72.78 -57.68
C ASN Y 89 1.72 72.48 -58.28
N VAL Y 90 0.94 71.57 -57.65
CA VAL Y 90 -0.43 71.28 -58.05
C VAL Y 90 -1.31 71.86 -56.98
N ILE Y 91 -1.96 72.99 -57.27
CA ILE Y 91 -2.88 73.64 -56.35
C ILE Y 91 -4.24 73.26 -56.90
N ARG Y 92 -4.91 72.29 -56.22
CA ARG Y 92 -6.20 71.72 -56.63
C ARG Y 92 -7.39 72.67 -56.41
N GLU Y 93 -8.62 72.14 -56.59
CA GLU Y 93 -9.86 72.94 -56.51
C GLU Y 93 -10.06 73.63 -55.16
N GLY Y 94 -10.71 74.79 -55.21
CA GLY Y 94 -11.03 75.64 -54.07
C GLY Y 94 -9.95 75.87 -53.04
N VAL Y 95 -8.67 75.87 -53.43
CA VAL Y 95 -7.60 76.09 -52.44
C VAL Y 95 -7.50 77.60 -52.16
N THR Y 96 -7.31 77.97 -50.88
CA THR Y 96 -7.12 79.35 -50.47
C THR Y 96 -5.72 79.50 -49.91
N ILE Y 97 -4.89 80.30 -50.59
CA ILE Y 97 -3.53 80.60 -50.18
C ILE Y 97 -3.55 82.11 -49.99
N HIS Y 98 -3.28 82.56 -48.76
CA HIS Y 98 -3.27 83.97 -48.41
C HIS Y 98 -1.87 84.55 -48.37
N ARG Y 99 -1.75 85.87 -48.59
CA ARG Y 99 -0.46 86.58 -48.57
C ARG Y 99 0.07 86.80 -47.15
N GLY Y 100 1.35 87.14 -47.01
CA GLY Y 100 1.95 87.38 -45.70
C GLY Y 100 1.37 88.57 -44.97
N THR Y 101 1.81 88.78 -43.70
CA THR Y 101 1.46 89.94 -42.87
C THR Y 101 2.78 90.59 -42.48
N VAL Y 102 2.80 91.91 -42.30
CA VAL Y 102 4.04 92.66 -41.95
C VAL Y 102 4.61 92.28 -40.55
N GLN Y 103 3.76 91.67 -39.72
CA GLN Y 103 4.08 91.25 -38.36
C GLN Y 103 5.24 90.23 -38.36
N ASP Y 104 5.24 89.27 -39.32
CA ASP Y 104 6.30 88.28 -39.50
C ASP Y 104 7.32 88.90 -40.45
N ARG Y 105 7.50 88.34 -41.66
CA ARG Y 105 8.44 88.95 -42.59
C ARG Y 105 7.76 89.26 -43.96
N ALA Y 106 6.45 89.62 -43.91
CA ALA Y 106 5.57 90.02 -45.02
C ALA Y 106 5.52 89.06 -46.21
N GLU Y 107 5.67 87.74 -45.96
CA GLU Y 107 5.66 86.77 -47.07
C GLU Y 107 5.23 85.38 -46.68
N THR Y 108 4.38 84.79 -47.56
CA THR Y 108 3.85 83.42 -47.56
C THR Y 108 4.60 82.77 -48.71
N THR Y 109 5.51 81.83 -48.39
CA THR Y 109 6.39 81.14 -49.35
C THR Y 109 6.00 79.68 -49.50
N ILE Y 110 6.08 79.15 -50.74
CA ILE Y 110 5.80 77.76 -51.15
C ILE Y 110 6.92 77.39 -52.14
N GLY Y 111 7.50 76.22 -51.95
CA GLY Y 111 8.61 75.78 -52.79
C GLY Y 111 8.18 75.11 -54.07
N ASP Y 112 8.81 73.98 -54.39
CA ASP Y 112 8.57 73.21 -55.60
C ASP Y 112 7.80 71.95 -55.34
N HIS Y 113 7.37 71.28 -56.42
CA HIS Y 113 6.68 69.99 -56.50
C HIS Y 113 5.69 69.64 -55.37
N ASN Y 114 4.99 70.65 -54.81
CA ASN Y 114 4.00 70.39 -53.76
C ASN Y 114 2.65 70.02 -54.35
N LEU Y 115 1.89 69.16 -53.65
CA LEU Y 115 0.56 68.70 -54.05
C LEU Y 115 -0.41 69.22 -52.98
N ILE Y 116 -0.92 70.43 -53.21
CA ILE Y 116 -1.88 71.06 -52.30
C ILE Y 116 -3.27 70.71 -52.85
N MET Y 117 -3.90 69.68 -52.23
CA MET Y 117 -5.17 69.14 -52.64
C MET Y 117 -6.34 70.01 -52.31
N ALA Y 118 -7.52 69.63 -52.86
CA ALA Y 118 -8.80 70.32 -52.77
C ALA Y 118 -9.12 71.01 -51.41
N TYR Y 119 -9.75 72.21 -51.48
CA TYR Y 119 -10.24 73.10 -50.40
C TYR Y 119 -9.27 73.29 -49.21
N ALA Y 120 -7.98 72.95 -49.40
CA ALA Y 120 -6.94 73.16 -48.38
C ALA Y 120 -6.78 74.69 -48.16
N HIS Y 121 -6.03 75.09 -47.12
CA HIS Y 121 -5.81 76.50 -46.77
C HIS Y 121 -4.39 76.73 -46.28
N ILE Y 122 -3.67 77.67 -46.91
CA ILE Y 122 -2.33 78.05 -46.48
C ILE Y 122 -2.44 79.50 -46.00
N GLY Y 123 -2.60 79.67 -44.70
CA GLY Y 123 -2.76 81.00 -44.13
C GLY Y 123 -1.49 81.80 -44.14
N HIS Y 124 -1.63 83.14 -43.98
CA HIS Y 124 -0.58 84.15 -43.89
C HIS Y 124 0.76 83.68 -43.25
N ASP Y 125 1.89 84.05 -43.88
CA ASP Y 125 3.26 83.80 -43.40
C ASP Y 125 3.68 82.31 -43.26
N SER Y 126 2.87 81.38 -43.77
CA SER Y 126 3.24 79.97 -43.81
C SER Y 126 4.44 79.81 -44.80
N VAL Y 127 5.20 78.74 -44.63
CA VAL Y 127 6.33 78.40 -45.50
C VAL Y 127 6.25 76.89 -45.77
N ILE Y 128 6.18 76.50 -47.06
CA ILE Y 128 6.13 75.09 -47.48
C ILE Y 128 7.37 74.83 -48.33
N GLY Y 129 8.09 73.77 -48.00
CA GLY Y 129 9.29 73.38 -48.72
C GLY Y 129 8.97 72.76 -50.07
N ASN Y 130 9.61 71.62 -50.36
CA ASN Y 130 9.45 70.93 -51.63
C ASN Y 130 8.91 69.51 -51.46
N HIS Y 131 8.20 69.01 -52.49
CA HIS Y 131 7.61 67.67 -52.55
C HIS Y 131 6.65 67.34 -51.45
N CYS Y 132 6.04 68.35 -50.81
CA CYS Y 132 5.06 68.16 -49.73
C CYS Y 132 3.74 67.65 -50.32
N ILE Y 133 2.92 66.95 -49.52
CA ILE Y 133 1.56 66.56 -49.91
C ILE Y 133 0.65 67.12 -48.84
N LEU Y 134 -0.25 68.06 -49.22
CA LEU Y 134 -1.21 68.65 -48.30
C LEU Y 134 -2.61 68.21 -48.70
N VAL Y 135 -2.97 67.00 -48.29
CA VAL Y 135 -4.23 66.33 -48.60
C VAL Y 135 -5.43 67.22 -48.19
N ASN Y 136 -6.56 67.03 -48.90
CA ASN Y 136 -7.86 67.69 -48.80
C ASN Y 136 -8.15 68.40 -47.50
N ASN Y 137 -8.67 69.65 -47.62
CA ASN Y 137 -9.14 70.53 -46.55
C ASN Y 137 -8.15 70.70 -45.33
N THR Y 138 -6.82 70.60 -45.56
CA THR Y 138 -5.81 70.84 -44.51
C THR Y 138 -5.85 72.35 -44.22
N ALA Y 139 -5.62 72.78 -42.97
CA ALA Y 139 -5.61 74.21 -42.70
C ALA Y 139 -4.40 74.60 -41.89
N LEU Y 140 -3.62 75.57 -42.38
CA LEU Y 140 -2.43 76.10 -41.71
C LEU Y 140 -2.85 77.49 -41.23
N ALA Y 141 -3.22 77.60 -39.94
CA ALA Y 141 -3.74 78.83 -39.31
C ALA Y 141 -2.94 80.05 -39.70
N GLY Y 142 -1.65 79.84 -39.91
CA GLY Y 142 -0.69 80.86 -40.30
C GLY Y 142 0.63 80.70 -39.60
N HIS Y 143 1.69 81.33 -40.13
CA HIS Y 143 3.06 81.27 -39.57
C HIS Y 143 3.58 79.80 -39.39
N VAL Y 144 2.87 78.84 -40.03
CA VAL Y 144 3.15 77.39 -40.05
C VAL Y 144 4.32 77.14 -41.03
N HIS Y 145 5.33 76.38 -40.59
CA HIS Y 145 6.48 76.03 -41.43
C HIS Y 145 6.44 74.52 -41.69
N VAL Y 146 6.30 74.12 -42.98
CA VAL Y 146 6.22 72.74 -43.47
C VAL Y 146 7.52 72.40 -44.26
N ASP Y 147 8.34 71.50 -43.71
CA ASP Y 147 9.61 71.05 -44.31
C ASP Y 147 9.34 70.00 -45.38
N ASP Y 148 10.30 69.81 -46.30
CA ASP Y 148 10.20 68.91 -47.44
C ASP Y 148 9.62 67.53 -47.14
N TRP Y 149 8.80 67.00 -48.08
CA TRP Y 149 8.19 65.65 -48.08
C TRP Y 149 7.09 65.40 -47.02
N ALA Y 150 6.82 66.38 -46.13
CA ALA Y 150 5.77 66.25 -45.13
C ALA Y 150 4.46 65.91 -45.83
N ILE Y 151 3.75 64.85 -45.33
CA ILE Y 151 2.46 64.37 -45.82
C ILE Y 151 1.43 64.72 -44.77
N LEU Y 152 0.53 65.64 -45.10
CA LEU Y 152 -0.49 66.07 -44.17
C LEU Y 152 -1.79 65.51 -44.65
N SER Y 153 -2.30 64.47 -43.96
CA SER Y 153 -3.55 63.79 -44.30
C SER Y 153 -4.80 64.67 -44.21
N GLY Y 154 -5.86 64.22 -44.87
CA GLY Y 154 -7.15 64.90 -44.95
C GLY Y 154 -7.59 65.59 -43.67
N TYR Y 155 -7.88 66.89 -43.80
CA TYR Y 155 -8.39 67.76 -42.74
C TYR Y 155 -7.40 67.94 -41.56
N THR Y 156 -6.06 67.96 -41.85
CA THR Y 156 -5.08 68.21 -40.78
C THR Y 156 -5.10 69.70 -40.46
N LEU Y 157 -5.46 70.05 -39.23
CA LEU Y 157 -5.50 71.44 -38.79
C LEU Y 157 -4.20 71.77 -38.01
N VAL Y 158 -3.51 72.83 -38.41
CA VAL Y 158 -2.24 73.22 -37.81
C VAL Y 158 -2.31 74.62 -37.21
N HIS Y 159 -2.12 74.72 -35.87
CA HIS Y 159 -2.11 75.98 -35.13
C HIS Y 159 -0.99 76.85 -35.62
N GLN Y 160 -1.10 78.15 -35.42
CA GLN Y 160 -0.04 79.08 -35.84
C GLN Y 160 1.31 78.75 -35.20
N TYR Y 161 2.37 79.09 -35.93
CA TYR Y 161 3.79 78.99 -35.57
C TYR Y 161 4.31 77.55 -35.49
N CYS Y 162 3.46 76.54 -35.75
CA CYS Y 162 3.93 75.15 -35.71
C CYS Y 162 4.86 74.85 -36.84
N ARG Y 163 5.88 74.05 -36.55
CA ARG Y 163 6.85 73.60 -37.52
C ARG Y 163 6.63 72.10 -37.71
N ILE Y 164 6.17 71.71 -38.91
CA ILE Y 164 5.88 70.34 -39.34
C ILE Y 164 7.14 69.84 -40.05
N GLY Y 165 7.92 69.01 -39.38
CA GLY Y 165 9.18 68.45 -39.87
C GLY Y 165 9.16 67.74 -41.20
N ALA Y 166 10.37 67.50 -41.75
CA ALA Y 166 10.62 66.81 -43.02
C ALA Y 166 10.21 65.35 -42.91
N HIS Y 167 9.48 64.85 -43.93
CA HIS Y 167 8.94 63.49 -44.05
C HIS Y 167 7.82 63.19 -43.05
N SER Y 168 7.81 63.89 -41.91
CA SER Y 168 6.81 63.78 -40.87
C SER Y 168 5.39 63.80 -41.43
N PHE Y 169 4.67 62.68 -41.18
CA PHE Y 169 3.28 62.40 -41.60
C PHE Y 169 2.37 62.75 -40.46
N SER Y 170 1.12 63.13 -40.77
CA SER Y 170 0.11 63.42 -39.77
C SER Y 170 -1.19 62.79 -40.27
N GLY Y 171 -1.87 62.03 -39.41
CA GLY Y 171 -3.10 61.30 -39.72
C GLY Y 171 -4.29 62.13 -40.15
N MET Y 172 -5.39 61.49 -40.65
CA MET Y 172 -6.52 62.30 -41.11
C MET Y 172 -7.29 62.84 -39.92
N GLY Y 173 -7.69 64.10 -40.01
CA GLY Y 173 -8.38 64.82 -38.94
C GLY Y 173 -7.53 65.23 -37.75
N SER Y 174 -6.19 65.15 -37.86
CA SER Y 174 -5.21 65.51 -36.80
C SER Y 174 -5.32 66.99 -36.41
N ALA Y 175 -5.01 67.34 -35.14
CA ALA Y 175 -5.06 68.73 -34.70
C ALA Y 175 -3.75 69.16 -34.02
N ILE Y 176 -2.77 69.57 -34.87
CA ILE Y 176 -1.40 69.96 -34.50
C ILE Y 176 -1.40 71.34 -33.89
N GLY Y 177 -0.88 71.43 -32.67
CA GLY Y 177 -0.79 72.67 -31.91
C GLY Y 177 0.55 72.90 -31.23
N LYS Y 178 1.55 72.08 -31.63
CA LYS Y 178 2.95 72.05 -31.19
C LYS Y 178 3.81 71.49 -32.36
N ASP Y 179 5.12 71.71 -32.33
CA ASP Y 179 5.98 71.21 -33.40
C ASP Y 179 5.89 69.71 -33.60
N VAL Y 180 5.91 69.26 -34.88
CA VAL Y 180 5.94 67.85 -35.25
C VAL Y 180 7.39 67.59 -35.67
N PRO Y 181 8.17 66.79 -34.91
CA PRO Y 181 9.57 66.58 -35.31
C PRO Y 181 9.65 65.91 -36.66
N ALA Y 182 10.84 65.92 -37.29
CA ALA Y 182 11.04 65.28 -38.59
C ALA Y 182 10.77 63.78 -38.50
N TYR Y 183 10.24 63.19 -39.56
CA TYR Y 183 9.91 61.76 -39.67
C TYR Y 183 8.77 61.30 -38.76
N VAL Y 184 8.46 62.01 -37.66
CA VAL Y 184 7.42 61.60 -36.71
C VAL Y 184 5.99 61.63 -37.32
N THR Y 185 5.20 60.55 -37.06
CA THR Y 185 3.80 60.40 -37.47
C THR Y 185 2.91 60.82 -36.29
N VAL Y 186 2.06 61.85 -36.47
CA VAL Y 186 1.19 62.34 -35.39
C VAL Y 186 -0.27 62.03 -35.71
N PHE Y 187 -1.09 61.77 -34.66
CA PHE Y 187 -2.50 61.41 -34.86
C PHE Y 187 -3.52 62.05 -33.86
N GLY Y 188 -4.76 62.21 -34.33
CA GLY Y 188 -5.93 62.71 -33.60
C GLY Y 188 -5.96 64.17 -33.22
N ASN Y 189 -7.00 64.54 -32.45
CA ASN Y 189 -7.25 65.86 -31.87
C ASN Y 189 -7.28 65.65 -30.32
N PRO Y 190 -6.24 66.10 -29.56
CA PRO Y 190 -5.04 66.82 -30.02
C PRO Y 190 -4.04 65.87 -30.67
N ALA Y 191 -3.17 66.39 -31.55
CA ALA Y 191 -2.17 65.55 -32.20
C ALA Y 191 -1.32 64.90 -31.13
N GLU Y 192 -1.11 63.59 -31.27
CA GLU Y 192 -0.32 62.78 -30.35
C GLU Y 192 0.63 61.98 -31.22
N ALA Y 193 1.97 62.11 -31.01
CA ALA Y 193 2.98 61.39 -31.78
C ALA Y 193 2.75 59.88 -31.60
N ARG Y 194 2.82 59.08 -32.71
CA ARG Y 194 2.55 57.64 -32.70
C ARG Y 194 3.74 56.77 -33.04
N SER Y 195 4.58 57.16 -34.03
CA SER Y 195 5.78 56.41 -34.49
C SER Y 195 6.53 57.28 -35.50
N MET Y 196 7.18 56.66 -36.50
CA MET Y 196 7.87 57.40 -37.55
C MET Y 196 7.48 56.92 -38.95
N ASN Y 197 7.58 57.81 -39.97
CA ASN Y 197 7.21 57.53 -41.35
C ASN Y 197 8.26 56.63 -41.99
N PHE Y 198 8.29 55.36 -41.53
CA PHE Y 198 9.23 54.35 -42.03
C PHE Y 198 9.00 54.06 -43.50
N GLU Y 199 7.74 54.25 -43.99
CA GLU Y 199 7.43 54.07 -45.41
C GLU Y 199 8.13 55.12 -46.27
N GLY Y 200 8.05 56.39 -45.85
CA GLY Y 200 8.67 57.54 -46.50
C GLY Y 200 10.17 57.42 -46.59
N MET Y 201 10.82 56.84 -45.55
CA MET Y 201 12.26 56.55 -45.43
C MET Y 201 12.65 55.51 -46.49
N ARG Y 202 11.84 54.42 -46.63
CA ARG Y 202 12.03 53.36 -47.64
C ARG Y 202 11.93 54.03 -48.99
N ARG Y 203 10.81 54.73 -49.25
CA ARG Y 203 10.54 55.49 -50.48
C ARG Y 203 11.72 56.42 -50.84
N ARG Y 204 12.32 57.07 -49.82
CA ARG Y 204 13.44 58.01 -50.01
C ARG Y 204 14.83 57.34 -49.93
N GLY Y 205 14.86 56.01 -50.00
CA GLY Y 205 16.07 55.17 -49.99
C GLY Y 205 17.05 55.39 -48.84
N PHE Y 206 16.65 55.02 -47.63
CA PHE Y 206 17.49 55.16 -46.44
C PHE Y 206 18.15 53.83 -46.16
N SER Y 207 19.39 53.85 -45.59
CA SER Y 207 20.09 52.61 -45.25
C SER Y 207 19.32 51.85 -44.15
N SER Y 208 19.49 50.51 -44.10
CA SER Y 208 18.83 49.69 -43.07
C SER Y 208 19.28 50.26 -41.72
N GLU Y 209 20.58 50.65 -41.62
CA GLU Y 209 21.24 51.26 -40.46
C GLU Y 209 20.55 52.56 -40.04
N ALA Y 210 20.16 53.39 -41.03
CA ALA Y 210 19.51 54.69 -40.82
C ALA Y 210 18.12 54.59 -40.27
N ILE Y 211 17.29 53.71 -40.87
CA ILE Y 211 15.89 53.44 -40.48
C ILE Y 211 15.87 53.00 -39.00
N HIS Y 212 16.75 52.08 -38.61
CA HIS Y 212 16.87 51.59 -37.24
C HIS Y 212 17.38 52.65 -36.26
N ALA Y 213 18.34 53.50 -36.67
CA ALA Y 213 18.91 54.54 -35.81
C ALA Y 213 17.91 55.61 -35.50
N LEU Y 214 16.93 55.80 -36.43
CA LEU Y 214 15.81 56.72 -36.30
C LEU Y 214 14.75 56.04 -35.46
N ARG Y 215 14.61 54.71 -35.58
CA ARG Y 215 13.64 53.97 -34.77
C ARG Y 215 14.07 54.18 -33.31
N ARG Y 216 15.37 53.91 -32.98
CA ARG Y 216 16.00 54.07 -31.65
C ARG Y 216 15.91 55.53 -31.17
N ALA Y 217 15.99 56.52 -32.12
CA ALA Y 217 15.90 57.96 -31.82
C ALA Y 217 14.54 58.31 -31.21
N TYR Y 218 13.44 57.84 -31.83
CA TYR Y 218 12.07 58.05 -31.35
C TYR Y 218 11.95 57.50 -29.95
N LYS Y 219 12.52 56.29 -29.72
CA LYS Y 219 12.53 55.61 -28.41
C LYS Y 219 13.18 56.50 -27.33
N VAL Y 220 14.32 57.14 -27.65
CA VAL Y 220 15.04 58.04 -26.74
C VAL Y 220 14.23 59.29 -26.37
N VAL Y 221 13.46 59.82 -27.33
CA VAL Y 221 12.65 61.02 -27.12
C VAL Y 221 11.41 60.65 -26.25
N TYR Y 222 10.51 59.88 -26.85
CA TYR Y 222 9.20 59.48 -26.32
C TYR Y 222 9.19 58.28 -25.34
N ARG Y 223 9.21 57.05 -25.89
CA ARG Y 223 9.20 55.73 -25.25
C ARG Y 223 10.31 55.49 -24.15
N GLN Y 224 10.96 56.51 -23.59
CA GLN Y 224 12.01 56.32 -22.58
C GLN Y 224 11.85 57.19 -21.31
N GLY Y 225 10.86 58.08 -21.33
CA GLY Y 225 10.60 58.97 -20.21
C GLY Y 225 11.78 59.89 -19.93
N HIS Y 226 12.38 60.39 -20.99
CA HIS Y 226 13.51 61.30 -20.89
C HIS Y 226 12.92 62.67 -21.12
N THR Y 227 13.45 63.73 -20.46
CA THR Y 227 13.00 65.11 -20.73
C THR Y 227 13.47 65.49 -22.13
N VAL Y 228 13.03 66.63 -22.66
CA VAL Y 228 13.47 67.09 -23.97
C VAL Y 228 14.99 67.24 -23.99
N GLU Y 229 15.56 67.97 -23.01
CA GLU Y 229 17.00 68.18 -22.92
C GLU Y 229 17.78 66.90 -22.77
N GLU Y 230 17.28 66.01 -21.91
CA GLU Y 230 17.85 64.68 -21.64
C GLU Y 230 17.96 63.86 -22.94
N ALA Y 231 16.87 63.91 -23.77
CA ALA Y 231 16.72 63.21 -25.04
C ALA Y 231 17.70 63.75 -26.04
N LEU Y 232 17.79 65.10 -26.17
CA LEU Y 232 18.70 65.76 -27.10
C LEU Y 232 20.14 65.46 -26.74
N ALA Y 233 20.43 65.37 -25.42
CA ALA Y 233 21.75 65.03 -24.89
C ALA Y 233 22.08 63.59 -25.30
N GLU Y 234 21.07 62.71 -25.23
CA GLU Y 234 21.16 61.31 -25.61
C GLU Y 234 21.38 61.13 -27.14
N LEU Y 235 20.57 61.83 -27.96
CA LEU Y 235 20.62 61.79 -29.41
C LEU Y 235 21.97 62.24 -30.01
N ALA Y 236 22.86 62.83 -29.19
CA ALA Y 236 24.18 63.34 -29.61
C ALA Y 236 25.00 62.41 -30.45
N GLU Y 237 25.19 61.17 -29.96
CA GLU Y 237 26.00 60.14 -30.63
C GLU Y 237 25.42 59.73 -31.97
N SER Y 238 24.12 59.41 -31.99
CA SER Y 238 23.35 58.97 -33.16
C SER Y 238 23.34 60.06 -34.24
N ALA Y 239 23.10 61.33 -33.86
CA ALA Y 239 23.06 62.48 -34.78
C ALA Y 239 24.40 62.71 -35.44
N ALA Y 240 25.50 62.33 -34.75
CA ALA Y 240 26.88 62.46 -35.24
C ALA Y 240 27.20 61.41 -36.33
N GLN Y 241 26.76 60.15 -36.09
CA GLN Y 241 26.95 59.00 -36.97
C GLN Y 241 26.10 59.13 -38.22
N PHE Y 242 24.86 59.60 -38.05
CA PHE Y 242 23.83 59.68 -39.08
C PHE Y 242 23.31 61.06 -39.43
N PRO Y 243 23.54 61.49 -40.69
CA PRO Y 243 22.96 62.75 -41.17
C PRO Y 243 21.42 62.76 -41.28
N GLU Y 244 20.72 61.63 -40.97
CA GLU Y 244 19.25 61.50 -40.97
C GLU Y 244 18.76 61.68 -39.52
N VAL Y 245 19.56 61.19 -38.54
CA VAL Y 245 19.26 61.36 -37.11
C VAL Y 245 19.58 62.82 -36.75
N ALA Y 246 20.51 63.43 -37.49
CA ALA Y 246 20.86 64.82 -37.32
C ALA Y 246 19.62 65.65 -37.64
N VAL Y 247 18.96 65.38 -38.80
CA VAL Y 247 17.72 66.02 -39.28
C VAL Y 247 16.74 66.13 -38.13
N PHE Y 248 16.47 64.97 -37.48
CA PHE Y 248 15.57 64.77 -36.36
C PHE Y 248 16.07 65.47 -35.07
N ARG Y 249 17.38 65.37 -34.71
CA ARG Y 249 17.90 66.03 -33.50
C ARG Y 249 17.70 67.53 -33.63
N ASP Y 250 18.19 68.10 -34.76
CA ASP Y 250 18.06 69.50 -35.11
C ASP Y 250 16.58 69.91 -35.09
N SER Y 251 15.67 69.02 -35.54
CA SER Y 251 14.22 69.26 -35.57
C SER Y 251 13.59 69.44 -34.19
N ILE Y 252 14.20 68.83 -33.17
CA ILE Y 252 13.72 68.91 -31.81
C ILE Y 252 14.41 70.06 -31.08
N GLN Y 253 15.73 70.23 -31.34
CA GLN Y 253 16.58 71.28 -30.79
C GLN Y 253 16.08 72.66 -31.19
N SER Y 254 15.55 72.79 -32.43
CA SER Y 254 15.00 74.04 -32.98
C SER Y 254 13.47 74.17 -32.71
N ALA Y 255 13.06 73.72 -31.53
CA ALA Y 255 11.68 73.74 -31.06
C ALA Y 255 11.70 73.98 -29.56
N THR Y 256 12.69 73.35 -28.88
CA THR Y 256 12.88 73.45 -27.42
C THR Y 256 14.04 74.41 -27.06
N ARG Y 257 13.67 75.62 -26.55
CA ARG Y 257 14.62 76.59 -26.01
C ARG Y 257 14.43 76.57 -24.48
N GLY Y 258 13.51 77.39 -23.98
CA GLY Y 258 13.16 77.42 -22.57
C GLY Y 258 13.46 78.72 -21.84
N ILE Y 259 13.13 78.72 -20.55
CA ILE Y 259 13.33 79.83 -19.63
C ILE Y 259 14.14 79.37 -18.42
N THR Y 260 15.11 80.18 -18.00
CA THR Y 260 16.00 79.81 -16.89
C THR Y 260 15.26 79.61 -15.57
N ARG Y 261 15.47 78.46 -14.94
CA ARG Y 261 14.87 78.12 -13.65
C ARG Y 261 15.92 77.74 -12.63
N MET Z 4 -109.82 23.93 -17.14
CA MET Z 4 -109.10 23.91 -15.86
C MET Z 4 -108.08 25.10 -15.78
N SER Z 5 -108.39 26.14 -14.95
CA SER Z 5 -107.68 27.43 -14.76
C SER Z 5 -106.20 27.36 -14.36
N LEU Z 6 -105.47 28.52 -14.57
CA LEU Z 6 -104.04 28.76 -14.27
C LEU Z 6 -103.91 29.11 -12.80
N ILE Z 7 -104.70 30.13 -12.41
CA ILE Z 7 -104.83 30.79 -11.11
C ILE Z 7 -105.81 29.96 -10.23
N ASP Z 8 -105.29 28.96 -9.49
CA ASP Z 8 -106.06 28.02 -8.67
C ASP Z 8 -107.17 28.64 -7.83
N PRO Z 9 -108.42 28.10 -7.85
CA PRO Z 9 -109.50 28.69 -7.04
C PRO Z 9 -109.29 28.63 -5.51
N ARG Z 10 -108.15 28.01 -5.06
CA ARG Z 10 -107.72 27.88 -3.65
C ARG Z 10 -106.66 28.92 -3.26
N ALA Z 11 -106.29 29.80 -4.20
CA ALA Z 11 -105.36 30.89 -3.97
C ALA Z 11 -106.19 32.16 -3.63
N ILE Z 12 -105.57 33.08 -2.89
CA ILE Z 12 -106.22 34.34 -2.55
C ILE Z 12 -105.49 35.45 -3.32
N ILE Z 13 -106.21 36.16 -4.22
CA ILE Z 13 -105.61 37.24 -4.99
C ILE Z 13 -106.25 38.56 -4.59
N ASP Z 14 -105.48 39.45 -3.89
CA ASP Z 14 -106.00 40.74 -3.43
C ASP Z 14 -106.47 41.61 -4.58
N PRO Z 15 -107.65 42.26 -4.48
CA PRO Z 15 -108.09 43.16 -5.57
C PRO Z 15 -107.03 44.10 -6.16
N SER Z 16 -106.16 44.71 -5.31
CA SER Z 16 -105.09 45.62 -5.76
C SER Z 16 -103.83 44.91 -6.31
N ALA Z 17 -103.93 43.61 -6.62
CA ALA Z 17 -102.85 42.83 -7.23
C ALA Z 17 -103.12 42.84 -8.70
N ARG Z 18 -102.04 42.92 -9.48
CA ARG Z 18 -102.12 43.01 -10.94
C ARG Z 18 -101.30 41.88 -11.55
N LEU Z 19 -102.00 40.91 -12.14
CA LEU Z 19 -101.42 39.70 -12.74
C LEU Z 19 -101.61 39.67 -14.26
N ALA Z 20 -100.49 39.63 -14.99
CA ALA Z 20 -100.40 39.66 -16.44
C ALA Z 20 -100.95 38.42 -17.15
N ALA Z 21 -102.30 38.34 -17.24
CA ALA Z 21 -103.14 37.36 -17.95
C ALA Z 21 -102.86 35.87 -17.70
N ASP Z 22 -101.68 35.41 -18.18
CA ASP Z 22 -101.12 34.06 -18.20
C ASP Z 22 -100.19 33.74 -17.04
N VAL Z 23 -100.35 34.44 -15.92
CA VAL Z 23 -99.60 34.16 -14.70
C VAL Z 23 -100.33 32.95 -14.11
N GLN Z 24 -99.58 32.05 -13.44
CA GLN Z 24 -100.13 30.85 -12.79
C GLN Z 24 -99.94 30.97 -11.30
N VAL Z 25 -100.97 30.63 -10.53
CA VAL Z 25 -100.89 30.68 -9.08
C VAL Z 25 -101.45 29.38 -8.54
N GLY Z 26 -100.62 28.65 -7.79
CA GLY Z 26 -100.98 27.37 -7.19
C GLY Z 26 -102.04 27.45 -6.09
N PRO Z 27 -102.52 26.29 -5.57
CA PRO Z 27 -103.50 26.35 -4.48
C PRO Z 27 -102.84 26.75 -3.17
N TRP Z 28 -103.62 27.43 -2.30
CA TRP Z 28 -103.21 27.86 -0.95
C TRP Z 28 -102.07 28.88 -0.96
N SER Z 29 -102.01 29.69 -2.03
CA SER Z 29 -101.05 30.78 -2.18
C SER Z 29 -101.77 32.13 -2.03
N ILE Z 30 -101.03 33.17 -1.61
CA ILE Z 30 -101.60 34.51 -1.40
C ILE Z 30 -100.85 35.52 -2.23
N VAL Z 31 -101.60 36.37 -2.96
CA VAL Z 31 -101.07 37.48 -3.75
C VAL Z 31 -101.65 38.76 -3.12
N GLY Z 32 -100.88 39.33 -2.19
CA GLY Z 32 -101.28 40.50 -1.43
C GLY Z 32 -101.51 41.74 -2.28
N ALA Z 33 -102.03 42.79 -1.64
CA ALA Z 33 -102.26 44.07 -2.30
C ALA Z 33 -100.89 44.63 -2.72
N GLU Z 34 -100.90 45.43 -3.80
CA GLU Z 34 -99.72 46.11 -4.37
C GLU Z 34 -98.70 45.18 -5.03
N VAL Z 35 -99.02 43.89 -5.19
CA VAL Z 35 -98.15 42.94 -5.91
C VAL Z 35 -98.49 43.03 -7.42
N GLU Z 36 -97.45 43.08 -8.27
CA GLU Z 36 -97.54 43.16 -9.73
C GLU Z 36 -96.74 41.99 -10.27
N ILE Z 37 -97.41 41.03 -10.96
CA ILE Z 37 -96.74 39.83 -11.49
C ILE Z 37 -96.85 39.80 -13.03
N GLY Z 38 -95.70 39.63 -13.69
CA GLY Z 38 -95.57 39.65 -15.15
C GLY Z 38 -95.81 38.35 -15.88
N GLU Z 39 -95.96 38.47 -17.22
CA GLU Z 39 -96.20 37.42 -18.21
C GLU Z 39 -95.31 36.19 -18.03
N GLY Z 40 -95.93 35.01 -17.96
CA GLY Z 40 -95.22 33.74 -17.90
C GLY Z 40 -94.73 33.27 -16.55
N THR Z 41 -94.90 34.11 -15.52
CA THR Z 41 -94.48 33.78 -14.17
C THR Z 41 -95.41 32.73 -13.56
N VAL Z 42 -94.79 31.70 -12.91
CA VAL Z 42 -95.44 30.57 -12.25
C VAL Z 42 -95.17 30.62 -10.73
N ILE Z 43 -96.24 30.83 -9.95
CA ILE Z 43 -96.22 30.86 -8.48
C ILE Z 43 -96.76 29.51 -8.02
N GLY Z 44 -95.95 28.76 -7.30
CA GLY Z 44 -96.35 27.44 -6.84
C GLY Z 44 -97.38 27.48 -5.73
N PRO Z 45 -97.74 26.32 -5.17
CA PRO Z 45 -98.68 26.29 -4.03
C PRO Z 45 -97.99 26.75 -2.74
N HIS Z 46 -98.77 27.14 -1.72
CA HIS Z 46 -98.25 27.58 -0.41
C HIS Z 46 -97.25 28.74 -0.51
N VAL Z 47 -97.45 29.69 -1.43
CA VAL Z 47 -96.54 30.84 -1.58
C VAL Z 47 -97.23 32.12 -1.07
N VAL Z 48 -96.52 32.91 -0.23
CA VAL Z 48 -96.98 34.18 0.31
C VAL Z 48 -96.28 35.31 -0.44
N LEU Z 49 -97.08 36.15 -1.12
CA LEU Z 49 -96.60 37.32 -1.87
C LEU Z 49 -97.17 38.58 -1.21
N LYS Z 50 -96.28 39.50 -0.78
CA LYS Z 50 -96.67 40.75 -0.11
C LYS Z 50 -96.07 41.95 -0.81
N GLY Z 51 -96.88 43.02 -0.96
CA GLY Z 51 -96.47 44.23 -1.66
C GLY Z 51 -96.16 45.43 -0.79
N PRO Z 52 -95.71 46.59 -1.35
CA PRO Z 52 -95.43 46.92 -2.77
C PRO Z 52 -94.31 46.06 -3.36
N THR Z 53 -94.65 45.24 -4.37
CA THR Z 53 -93.73 44.29 -5.02
C THR Z 53 -94.04 44.16 -6.50
N LYS Z 54 -92.96 44.16 -7.33
CA LYS Z 54 -93.04 43.95 -8.77
C LYS Z 54 -92.20 42.72 -9.10
N ILE Z 55 -92.82 41.72 -9.77
CA ILE Z 55 -92.22 40.44 -10.18
C ILE Z 55 -92.30 40.35 -11.71
N GLY Z 56 -91.14 40.18 -12.35
CA GLY Z 56 -90.96 40.16 -13.79
C GLY Z 56 -91.62 39.06 -14.59
N LYS Z 57 -91.02 38.74 -15.74
CA LYS Z 57 -91.52 37.72 -16.66
C LYS Z 57 -90.81 36.37 -16.52
N HIS Z 58 -91.54 35.28 -16.74
CA HIS Z 58 -91.05 33.90 -16.75
C HIS Z 58 -90.24 33.49 -15.51
N ASN Z 59 -90.74 33.87 -14.32
CA ASN Z 59 -90.12 33.49 -13.05
C ASN Z 59 -90.89 32.29 -12.49
N ARG Z 60 -90.21 31.44 -11.70
CA ARG Z 60 -90.83 30.28 -11.05
C ARG Z 60 -90.52 30.44 -9.54
N ILE Z 61 -91.58 30.76 -8.73
CA ILE Z 61 -91.49 30.94 -7.26
C ILE Z 61 -92.04 29.67 -6.59
N TYR Z 62 -91.15 28.89 -5.99
CA TYR Z 62 -91.53 27.61 -5.37
C TYR Z 62 -92.20 27.75 -4.01
N GLN Z 63 -92.88 26.64 -3.60
CA GLN Z 63 -93.63 26.42 -2.36
C GLN Z 63 -92.93 26.84 -1.07
N PHE Z 64 -93.69 27.40 -0.10
CA PHE Z 64 -93.29 27.81 1.27
C PHE Z 64 -92.40 29.08 1.34
N SER Z 65 -92.29 29.81 0.23
CA SER Z 65 -91.51 31.06 0.17
C SER Z 65 -92.41 32.24 0.59
N SER Z 66 -91.82 33.19 1.35
CA SER Z 66 -92.45 34.44 1.76
C SER Z 66 -91.62 35.51 1.01
N VAL Z 67 -92.21 36.10 -0.08
CA VAL Z 67 -91.59 37.09 -1.00
C VAL Z 67 -92.31 38.44 -0.95
N GLY Z 68 -91.66 39.42 -0.30
CA GLY Z 68 -92.17 40.80 -0.16
C GLY Z 68 -92.66 41.19 1.21
N GLU Z 69 -92.25 40.45 2.23
CA GLU Z 69 -92.59 40.67 3.63
C GLU Z 69 -91.75 41.83 4.17
N ASP Z 70 -92.22 42.56 5.20
CA ASP Z 70 -91.42 43.63 5.80
C ASP Z 70 -90.22 43.00 6.55
N THR Z 71 -89.03 43.68 6.59
CA THR Z 71 -87.91 43.15 7.36
C THR Z 71 -88.23 43.20 8.85
N PRO Z 72 -87.78 42.20 9.65
CA PRO Z 72 -88.05 42.26 11.08
C PRO Z 72 -87.10 43.22 11.79
N ASP Z 73 -86.16 43.90 11.05
CA ASP Z 73 -85.21 44.84 11.65
C ASP Z 73 -86.00 45.95 12.33
N LEU Z 74 -85.62 46.28 13.56
CA LEU Z 74 -86.31 47.30 14.31
C LEU Z 74 -86.27 48.67 13.57
N LYS Z 75 -85.18 48.91 12.80
CA LYS Z 75 -84.87 50.04 11.91
C LYS Z 75 -86.12 50.44 11.07
N TYR Z 76 -86.85 49.43 10.56
CA TYR Z 76 -88.04 49.61 9.73
C TYR Z 76 -89.22 49.82 10.66
N LYS Z 77 -89.80 51.05 10.62
CA LYS Z 77 -90.94 51.46 11.44
C LYS Z 77 -92.25 51.52 10.63
N GLY Z 78 -92.44 50.57 9.71
CA GLY Z 78 -93.66 50.46 8.89
C GLY Z 78 -93.75 51.23 7.59
N GLU Z 79 -92.62 51.80 7.11
CA GLU Z 79 -92.53 52.59 5.86
C GLU Z 79 -93.11 51.85 4.61
N PRO Z 80 -93.52 52.54 3.52
CA PRO Z 80 -94.14 51.81 2.38
C PRO Z 80 -93.16 51.37 1.29
N THR Z 81 -92.00 50.84 1.72
CA THR Z 81 -90.86 50.40 0.93
C THR Z 81 -91.20 49.31 -0.13
N ARG Z 82 -90.41 49.24 -1.23
CA ARG Z 82 -90.64 48.34 -2.37
C ARG Z 82 -89.70 47.13 -2.45
N LEU Z 83 -90.03 46.24 -3.39
CA LEU Z 83 -89.27 45.06 -3.81
C LEU Z 83 -89.46 44.93 -5.33
N VAL Z 84 -88.36 44.69 -6.05
CA VAL Z 84 -88.35 44.52 -7.50
C VAL Z 84 -87.64 43.19 -7.81
N ILE Z 85 -88.23 42.41 -8.73
CA ILE Z 85 -87.71 41.11 -9.20
C ILE Z 85 -87.80 41.11 -10.73
N GLY Z 86 -86.67 40.88 -11.39
CA GLY Z 86 -86.55 40.88 -12.83
C GLY Z 86 -87.13 39.66 -13.52
N ASP Z 87 -86.58 39.32 -14.69
CA ASP Z 87 -87.04 38.20 -15.50
C ASP Z 87 -86.32 36.86 -15.22
N HIS Z 88 -86.81 35.80 -15.87
CA HIS Z 88 -86.38 34.39 -15.88
C HIS Z 88 -85.65 33.90 -14.62
N ASN Z 89 -86.11 34.35 -13.44
CA ASN Z 89 -85.55 33.98 -12.13
C ASN Z 89 -86.13 32.70 -11.60
N VAL Z 90 -85.35 32.00 -10.74
CA VAL Z 90 -85.81 30.80 -10.03
C VAL Z 90 -85.64 31.04 -8.52
N ILE Z 91 -86.76 31.19 -7.83
CA ILE Z 91 -86.78 31.35 -6.39
C ILE Z 91 -87.31 30.01 -5.93
N ARG Z 92 -86.42 29.20 -5.32
CA ARG Z 92 -86.77 27.85 -4.86
C ARG Z 92 -87.59 27.88 -3.56
N GLU Z 93 -87.92 26.71 -3.02
CA GLU Z 93 -88.77 26.52 -1.84
C GLU Z 93 -88.26 27.23 -0.59
N GLY Z 94 -89.19 27.72 0.22
CA GLY Z 94 -88.94 28.39 1.49
C GLY Z 94 -87.98 29.55 1.53
N VAL Z 95 -87.78 30.28 0.41
CA VAL Z 95 -86.88 31.44 0.32
C VAL Z 95 -87.57 32.66 0.95
N THR Z 96 -86.80 33.45 1.76
CA THR Z 96 -87.26 34.71 2.37
C THR Z 96 -86.61 35.86 1.62
N ILE Z 97 -87.42 36.74 1.05
CA ILE Z 97 -87.01 37.97 0.35
C ILE Z 97 -87.87 39.11 0.96
N HIS Z 98 -87.22 40.05 1.69
CA HIS Z 98 -87.85 41.17 2.38
C HIS Z 98 -87.65 42.48 1.66
N ARG Z 99 -88.65 43.38 1.67
CA ARG Z 99 -88.55 44.68 0.98
C ARG Z 99 -87.61 45.63 1.72
N GLY Z 100 -87.22 46.71 1.05
CA GLY Z 100 -86.29 47.70 1.59
C GLY Z 100 -86.71 48.47 2.82
N THR Z 101 -85.83 49.40 3.27
CA THR Z 101 -86.00 50.32 4.42
C THR Z 101 -85.74 51.73 3.93
N VAL Z 102 -86.52 52.69 4.43
CA VAL Z 102 -86.40 54.11 4.06
C VAL Z 102 -84.95 54.66 4.31
N GLN Z 103 -84.21 53.98 5.20
CA GLN Z 103 -82.84 54.22 5.67
C GLN Z 103 -81.80 54.17 4.55
N ASP Z 104 -82.05 53.36 3.51
CA ASP Z 104 -81.22 53.25 2.31
C ASP Z 104 -82.00 53.98 1.22
N ARG Z 105 -82.41 53.27 0.13
CA ARG Z 105 -83.14 53.86 -0.99
C ARG Z 105 -84.58 53.29 -1.07
N ALA Z 106 -84.94 52.49 -0.06
CA ALA Z 106 -86.27 51.87 0.13
C ALA Z 106 -86.67 50.93 -0.98
N GLU Z 107 -85.81 49.92 -1.24
CA GLU Z 107 -86.04 48.91 -2.26
C GLU Z 107 -85.04 47.75 -2.17
N THR Z 108 -85.57 46.49 -2.28
CA THR Z 108 -84.78 45.25 -2.42
C THR Z 108 -84.95 44.91 -3.91
N THR Z 109 -83.86 44.87 -4.68
CA THR Z 109 -83.97 44.61 -6.11
C THR Z 109 -83.25 43.31 -6.48
N ILE Z 110 -83.77 42.57 -7.47
CA ILE Z 110 -83.21 41.32 -7.98
C ILE Z 110 -83.26 41.37 -9.50
N GLY Z 111 -82.13 41.15 -10.15
CA GLY Z 111 -82.04 41.17 -11.62
C GLY Z 111 -82.63 39.96 -12.31
N ASP Z 112 -82.13 39.66 -13.52
CA ASP Z 112 -82.64 38.56 -14.35
C ASP Z 112 -81.81 37.25 -14.25
N HIS Z 113 -82.41 36.11 -14.60
CA HIS Z 113 -81.79 34.77 -14.65
C HIS Z 113 -80.98 34.33 -13.43
N ASN Z 114 -81.43 34.67 -12.21
CA ASN Z 114 -80.74 34.24 -10.97
C ASN Z 114 -81.40 32.99 -10.37
N LEU Z 115 -80.58 32.06 -9.84
CA LEU Z 115 -81.03 30.85 -9.16
C LEU Z 115 -80.78 31.03 -7.67
N ILE Z 116 -81.89 31.05 -6.91
CA ILE Z 116 -81.92 31.25 -5.46
C ILE Z 116 -82.45 29.98 -4.86
N MET Z 117 -81.54 29.17 -4.34
CA MET Z 117 -81.89 27.88 -3.77
C MET Z 117 -82.66 27.97 -2.46
N ALA Z 118 -83.31 26.86 -2.06
CA ALA Z 118 -84.13 26.68 -0.87
C ALA Z 118 -83.63 27.38 0.41
N TYR Z 119 -84.58 27.91 1.20
CA TYR Z 119 -84.44 28.54 2.53
C TYR Z 119 -83.45 29.75 2.63
N ALA Z 120 -82.85 30.16 1.50
CA ALA Z 120 -81.96 31.31 1.40
C ALA Z 120 -82.70 32.63 1.76
N HIS Z 121 -82.02 33.56 2.46
CA HIS Z 121 -82.53 34.87 2.88
C HIS Z 121 -81.91 36.07 2.10
N ILE Z 122 -82.75 36.90 1.43
CA ILE Z 122 -82.33 38.11 0.73
C ILE Z 122 -82.89 39.31 1.55
N GLY Z 123 -82.19 39.71 2.62
CA GLY Z 123 -82.62 40.79 3.51
C GLY Z 123 -82.68 42.17 2.86
N HIS Z 124 -83.47 43.08 3.49
CA HIS Z 124 -83.73 44.48 3.11
C HIS Z 124 -82.64 45.21 2.36
N ASP Z 125 -83.04 45.96 1.34
CA ASP Z 125 -82.21 46.85 0.51
C ASP Z 125 -81.03 46.19 -0.23
N SER Z 126 -80.92 44.85 -0.13
CA SER Z 126 -79.93 44.06 -0.88
C SER Z 126 -80.18 44.28 -2.39
N VAL Z 127 -79.11 44.23 -3.18
CA VAL Z 127 -79.22 44.38 -4.62
C VAL Z 127 -78.55 43.17 -5.28
N ILE Z 128 -79.34 42.42 -6.09
CA ILE Z 128 -78.87 41.23 -6.80
C ILE Z 128 -78.88 41.50 -8.32
N GLY Z 129 -77.78 41.09 -8.96
CA GLY Z 129 -77.57 41.25 -10.40
C GLY Z 129 -78.19 40.17 -11.26
N ASN Z 130 -77.44 39.73 -12.27
CA ASN Z 130 -77.91 38.77 -13.26
C ASN Z 130 -77.06 37.47 -13.31
N HIS Z 131 -77.72 36.30 -13.38
CA HIS Z 131 -77.10 34.96 -13.42
C HIS Z 131 -76.23 34.60 -12.16
N CYS Z 132 -76.68 35.02 -10.98
CA CYS Z 132 -76.03 34.70 -9.72
C CYS Z 132 -76.62 33.39 -9.23
N ILE Z 133 -75.88 32.64 -8.39
CA ILE Z 133 -76.38 31.43 -7.75
C ILE Z 133 -76.21 31.60 -6.26
N LEU Z 134 -77.33 31.53 -5.52
CA LEU Z 134 -77.34 31.69 -4.09
C LEU Z 134 -77.80 30.39 -3.50
N VAL Z 135 -76.88 29.42 -3.46
CA VAL Z 135 -77.08 28.03 -3.01
C VAL Z 135 -77.78 27.98 -1.62
N ASN Z 136 -78.46 26.84 -1.31
CA ASN Z 136 -79.27 26.55 -0.13
C ASN Z 136 -78.81 27.27 1.13
N ASN Z 137 -79.76 27.98 1.76
CA ASN Z 137 -79.63 28.74 3.01
C ASN Z 137 -78.55 29.86 2.98
N THR Z 138 -78.41 30.56 1.85
CA THR Z 138 -77.49 31.69 1.81
C THR Z 138 -78.20 32.86 2.55
N ALA Z 139 -77.47 33.71 3.29
CA ALA Z 139 -78.17 34.79 3.99
C ALA Z 139 -77.49 36.15 3.80
N LEU Z 140 -78.21 37.15 3.25
CA LEU Z 140 -77.69 38.51 3.05
C LEU Z 140 -78.35 39.37 4.13
N ALA Z 141 -77.56 39.81 5.15
CA ALA Z 141 -78.08 40.55 6.30
C ALA Z 141 -78.89 41.80 5.95
N GLY Z 142 -78.49 42.47 4.88
CA GLY Z 142 -79.11 43.68 4.37
C GLY Z 142 -78.15 44.55 3.63
N HIS Z 143 -78.66 45.34 2.68
CA HIS Z 143 -77.88 46.28 1.86
C HIS Z 143 -76.69 45.58 1.15
N VAL Z 144 -76.78 44.23 0.98
CA VAL Z 144 -75.74 43.41 0.37
C VAL Z 144 -75.89 43.50 -1.13
N HIS Z 145 -74.83 43.92 -1.85
CA HIS Z 145 -74.87 44.06 -3.30
C HIS Z 145 -74.07 42.96 -3.97
N VAL Z 146 -74.77 42.10 -4.71
CA VAL Z 146 -74.22 40.93 -5.39
C VAL Z 146 -74.23 41.24 -6.88
N ASP Z 147 -73.04 41.25 -7.52
CA ASP Z 147 -72.90 41.55 -8.93
C ASP Z 147 -73.01 40.27 -9.76
N ASP Z 148 -73.13 40.44 -11.09
CA ASP Z 148 -73.36 39.40 -12.08
C ASP Z 148 -72.46 38.17 -11.94
N TRP Z 149 -73.04 36.96 -12.15
CA TRP Z 149 -72.42 35.63 -12.20
C TRP Z 149 -71.78 35.13 -10.90
N ALA Z 150 -71.96 35.87 -9.79
CA ALA Z 150 -71.44 35.50 -8.47
C ALA Z 150 -72.05 34.18 -8.00
N ILE Z 151 -71.26 33.31 -7.39
CA ILE Z 151 -71.77 32.06 -6.82
C ILE Z 151 -71.48 32.06 -5.30
N LEU Z 152 -72.55 31.96 -4.49
CA LEU Z 152 -72.42 31.92 -3.05
C LEU Z 152 -72.89 30.54 -2.66
N SER Z 153 -71.94 29.62 -2.33
CA SER Z 153 -72.25 28.24 -1.96
C SER Z 153 -73.16 28.12 -0.72
N GLY Z 154 -73.64 26.91 -0.46
CA GLY Z 154 -74.57 26.61 0.62
C GLY Z 154 -74.17 27.17 1.95
N TYR Z 155 -75.13 27.80 2.64
CA TYR Z 155 -74.96 28.40 3.96
C TYR Z 155 -73.92 29.56 4.00
N THR Z 156 -73.67 30.26 2.83
CA THR Z 156 -72.79 31.43 2.78
C THR Z 156 -73.53 32.60 3.43
N LEU Z 157 -72.97 33.17 4.50
CA LEU Z 157 -73.57 34.29 5.23
C LEU Z 157 -72.82 35.56 4.93
N VAL Z 158 -73.55 36.66 4.75
CA VAL Z 158 -72.97 37.93 4.36
C VAL Z 158 -73.43 39.02 5.33
N HIS Z 159 -72.48 39.83 5.85
CA HIS Z 159 -72.80 40.93 6.78
C HIS Z 159 -73.43 42.09 6.01
N GLN Z 160 -74.18 42.96 6.73
CA GLN Z 160 -74.84 44.15 6.18
C GLN Z 160 -73.85 45.07 5.43
N TYR Z 161 -74.32 45.68 4.31
CA TYR Z 161 -73.63 46.67 3.46
C TYR Z 161 -72.51 46.12 2.51
N CYS Z 162 -72.18 44.80 2.65
CA CYS Z 162 -71.18 44.08 1.84
C CYS Z 162 -71.47 44.06 0.38
N ARG Z 163 -70.40 44.19 -0.41
CA ARG Z 163 -70.46 44.11 -1.84
C ARG Z 163 -69.68 42.85 -2.29
N ILE Z 164 -70.41 41.91 -2.94
CA ILE Z 164 -69.94 40.66 -3.50
C ILE Z 164 -69.74 40.97 -4.99
N GLY Z 165 -68.49 40.85 -5.44
CA GLY Z 165 -68.04 41.17 -6.78
C GLY Z 165 -68.57 40.28 -7.89
N ALA Z 166 -68.43 40.76 -9.13
CA ALA Z 166 -68.82 40.05 -10.35
C ALA Z 166 -67.99 38.78 -10.48
N HIS Z 167 -68.62 37.65 -10.78
CA HIS Z 167 -67.99 36.33 -10.94
C HIS Z 167 -67.44 35.70 -9.68
N SER Z 168 -67.23 36.51 -8.59
CA SER Z 168 -66.70 36.06 -7.28
C SER Z 168 -67.39 34.82 -6.78
N PHE Z 169 -66.65 33.94 -6.11
CA PHE Z 169 -67.18 32.68 -5.62
C PHE Z 169 -66.87 32.50 -4.14
N SER Z 170 -67.90 32.22 -3.33
CA SER Z 170 -67.76 32.01 -1.91
C SER Z 170 -68.11 30.56 -1.57
N GLY Z 171 -67.09 29.76 -1.18
CA GLY Z 171 -67.22 28.34 -0.82
C GLY Z 171 -68.21 28.03 0.28
N MET Z 172 -68.71 26.77 0.35
CA MET Z 172 -69.78 26.42 1.31
C MET Z 172 -69.45 26.74 2.76
N GLY Z 173 -70.48 27.19 3.47
CA GLY Z 173 -70.42 27.60 4.87
C GLY Z 173 -69.55 28.80 5.20
N SER Z 174 -69.33 29.72 4.22
CA SER Z 174 -68.53 30.93 4.44
C SER Z 174 -69.28 31.94 5.26
N ALA Z 175 -68.55 32.87 5.88
CA ALA Z 175 -69.11 33.94 6.68
C ALA Z 175 -68.36 35.22 6.32
N ILE Z 176 -68.95 35.92 5.35
CA ILE Z 176 -68.43 37.13 4.75
C ILE Z 176 -68.77 38.31 5.64
N GLY Z 177 -67.76 39.13 5.93
CA GLY Z 177 -67.89 40.35 6.70
C GLY Z 177 -67.36 41.60 6.01
N LYS Z 178 -66.48 41.39 4.99
CA LYS Z 178 -65.82 42.44 4.18
C LYS Z 178 -66.10 42.21 2.69
N ASP Z 179 -65.96 43.25 1.84
CA ASP Z 179 -66.23 43.13 0.40
C ASP Z 179 -65.44 42.03 -0.32
N VAL Z 180 -66.14 41.16 -1.08
CA VAL Z 180 -65.49 40.10 -1.89
C VAL Z 180 -65.13 40.78 -3.25
N PRO Z 181 -63.84 40.87 -3.68
CA PRO Z 181 -63.55 41.52 -4.98
C PRO Z 181 -64.10 40.68 -6.13
N ALA Z 182 -64.15 41.26 -7.34
CA ALA Z 182 -64.68 40.53 -8.49
C ALA Z 182 -63.76 39.35 -8.74
N TYR Z 183 -64.30 38.19 -9.16
CA TYR Z 183 -63.57 36.95 -9.49
C TYR Z 183 -62.94 36.19 -8.27
N VAL Z 184 -62.70 36.84 -7.13
CA VAL Z 184 -62.07 36.20 -5.96
C VAL Z 184 -62.92 35.11 -5.35
N THR Z 185 -62.28 33.96 -4.95
CA THR Z 185 -62.91 32.85 -4.22
C THR Z 185 -62.53 32.93 -2.75
N VAL Z 186 -63.53 33.10 -1.88
CA VAL Z 186 -63.35 33.23 -0.43
C VAL Z 186 -63.88 32.00 0.30
N PHE Z 187 -63.26 31.64 1.45
CA PHE Z 187 -63.64 30.46 2.24
C PHE Z 187 -63.57 30.62 3.76
N GLY Z 188 -64.52 29.99 4.45
CA GLY Z 188 -64.55 29.88 5.91
C GLY Z 188 -65.24 30.97 6.67
N ASN Z 189 -65.22 30.80 8.01
CA ASN Z 189 -65.77 31.72 9.00
C ASN Z 189 -64.61 32.21 9.87
N PRO Z 190 -64.08 33.42 9.59
CA PRO Z 190 -64.50 34.37 8.56
C PRO Z 190 -63.91 34.10 7.18
N ALA Z 191 -64.66 34.47 6.11
CA ALA Z 191 -64.24 34.31 4.72
C ALA Z 191 -62.84 34.85 4.52
N GLU Z 192 -62.03 34.16 3.68
CA GLU Z 192 -60.62 34.48 3.34
C GLU Z 192 -60.38 34.17 1.87
N ALA Z 193 -59.70 35.07 1.15
CA ALA Z 193 -59.36 34.87 -0.26
C ALA Z 193 -58.37 33.72 -0.43
N ARG Z 194 -58.62 32.86 -1.46
CA ARG Z 194 -57.81 31.68 -1.76
C ARG Z 194 -57.16 31.77 -3.13
N SER Z 195 -57.98 32.00 -4.18
CA SER Z 195 -57.57 32.19 -5.56
C SER Z 195 -58.67 32.92 -6.29
N MET Z 196 -58.96 32.53 -7.54
CA MET Z 196 -59.93 33.17 -8.43
C MET Z 196 -60.84 32.16 -9.14
N ASN Z 197 -61.99 32.64 -9.63
CA ASN Z 197 -62.96 31.77 -10.31
C ASN Z 197 -62.48 31.51 -11.74
N PHE Z 198 -61.61 30.49 -11.92
CA PHE Z 198 -61.05 30.20 -13.25
C PHE Z 198 -62.04 29.41 -14.11
N GLU Z 199 -62.89 28.57 -13.50
CA GLU Z 199 -63.93 27.86 -14.25
C GLU Z 199 -65.00 28.86 -14.63
N GLY Z 200 -65.23 29.84 -13.76
CA GLY Z 200 -66.16 30.94 -13.97
C GLY Z 200 -65.74 31.83 -15.13
N MET Z 201 -64.39 32.05 -15.27
CA MET Z 201 -63.75 32.80 -16.36
C MET Z 201 -63.90 31.97 -17.64
N ARG Z 202 -63.49 30.66 -17.59
CA ARG Z 202 -63.61 29.71 -18.70
C ARG Z 202 -65.03 29.68 -19.23
N ARG Z 203 -66.04 29.37 -18.35
CA ARG Z 203 -67.47 29.30 -18.68
C ARG Z 203 -67.94 30.55 -19.41
N ARG Z 204 -67.34 31.72 -19.12
CA ARG Z 204 -67.69 32.99 -19.78
C ARG Z 204 -66.73 33.34 -20.93
N GLY Z 205 -66.22 32.31 -21.60
CA GLY Z 205 -65.30 32.40 -22.73
C GLY Z 205 -64.24 33.47 -22.66
N PHE Z 206 -63.58 33.60 -21.49
CA PHE Z 206 -62.50 34.56 -21.26
C PHE Z 206 -61.28 34.14 -22.06
N SER Z 207 -60.46 35.12 -22.51
CA SER Z 207 -59.23 34.85 -23.26
C SER Z 207 -58.22 34.23 -22.31
N SER Z 208 -57.32 33.37 -22.82
CA SER Z 208 -56.30 32.77 -21.96
C SER Z 208 -55.43 33.88 -21.35
N GLU Z 209 -55.31 35.02 -22.09
CA GLU Z 209 -54.60 36.25 -21.71
C GLU Z 209 -55.17 36.83 -20.41
N ALA Z 210 -56.52 37.05 -20.38
CA ALA Z 210 -57.24 37.61 -19.25
C ALA Z 210 -57.31 36.62 -18.08
N ILE Z 211 -57.29 35.29 -18.37
CA ILE Z 211 -57.34 34.26 -17.34
C ILE Z 211 -56.01 34.29 -16.54
N HIS Z 212 -54.92 34.72 -17.18
CA HIS Z 212 -53.61 34.88 -16.56
C HIS Z 212 -53.43 36.29 -15.96
N ALA Z 213 -53.93 37.32 -16.68
CA ALA Z 213 -53.93 38.74 -16.30
C ALA Z 213 -54.59 38.96 -14.94
N LEU Z 214 -55.51 38.04 -14.59
CA LEU Z 214 -56.26 38.01 -13.34
C LEU Z 214 -55.56 37.19 -12.26
N ARG Z 215 -54.75 36.18 -12.65
CA ARG Z 215 -53.97 35.41 -11.69
C ARG Z 215 -52.88 36.32 -11.14
N ARG Z 216 -52.20 37.05 -12.04
CA ARG Z 216 -51.18 38.03 -11.69
C ARG Z 216 -51.80 39.15 -10.86
N ALA Z 217 -53.08 39.52 -11.17
CA ALA Z 217 -53.84 40.59 -10.50
C ALA Z 217 -54.09 40.28 -9.03
N TYR Z 218 -54.48 39.02 -8.73
CA TYR Z 218 -54.74 38.54 -7.36
C TYR Z 218 -53.44 38.56 -6.57
N LYS Z 219 -52.34 38.14 -7.21
CA LYS Z 219 -51.00 38.12 -6.62
C LYS Z 219 -50.58 39.53 -6.13
N VAL Z 220 -50.82 40.60 -6.94
CA VAL Z 220 -50.52 42.01 -6.61
C VAL Z 220 -51.25 42.44 -5.31
N VAL Z 221 -52.56 42.19 -5.27
CA VAL Z 221 -53.50 42.51 -4.18
C VAL Z 221 -53.17 41.69 -2.89
N TYR Z 222 -53.21 40.34 -2.99
CA TYR Z 222 -53.04 39.40 -1.90
C TYR Z 222 -51.65 38.80 -1.63
N ARG Z 223 -51.08 38.08 -2.64
CA ARG Z 223 -49.83 37.31 -2.55
C ARG Z 223 -48.52 38.13 -2.69
N GLN Z 224 -48.55 39.48 -2.46
CA GLN Z 224 -47.31 40.26 -2.64
C GLN Z 224 -46.95 41.24 -1.50
N GLY Z 225 -47.77 41.30 -0.47
CA GLY Z 225 -47.50 42.17 0.67
C GLY Z 225 -47.69 43.65 0.37
N HIS Z 226 -48.49 43.95 -0.65
CA HIS Z 226 -48.77 45.33 -0.94
C HIS Z 226 -49.97 45.68 -0.13
N THR Z 227 -50.09 46.98 0.17
CA THR Z 227 -51.23 47.58 0.86
C THR Z 227 -52.38 47.60 -0.17
N VAL Z 228 -53.57 48.07 0.20
CA VAL Z 228 -54.66 48.15 -0.78
C VAL Z 228 -54.36 49.29 -1.76
N GLU Z 229 -53.81 50.40 -1.23
CA GLU Z 229 -53.41 51.61 -1.96
C GLU Z 229 -52.26 51.30 -2.95
N GLU Z 230 -51.20 50.60 -2.49
CA GLU Z 230 -50.05 50.18 -3.29
C GLU Z 230 -50.49 49.21 -4.38
N ALA Z 231 -51.47 48.33 -4.09
CA ALA Z 231 -51.96 47.30 -5.02
C ALA Z 231 -52.72 47.92 -6.15
N LEU Z 232 -53.72 48.77 -5.82
CA LEU Z 232 -54.58 49.52 -6.76
C LEU Z 232 -53.79 50.37 -7.72
N ALA Z 233 -52.64 50.87 -7.22
CA ALA Z 233 -51.63 51.64 -7.93
C ALA Z 233 -51.05 50.68 -8.95
N GLU Z 234 -50.23 49.67 -8.52
CA GLU Z 234 -49.60 48.62 -9.36
C GLU Z 234 -50.56 48.01 -10.41
N LEU Z 235 -51.86 48.03 -10.14
CA LEU Z 235 -52.89 47.49 -11.05
C LEU Z 235 -53.13 48.36 -12.24
N ALA Z 236 -53.16 49.70 -12.07
CA ALA Z 236 -53.40 50.72 -13.13
C ALA Z 236 -53.03 50.28 -14.55
N GLU Z 237 -51.81 49.70 -14.76
CA GLU Z 237 -51.36 49.19 -16.06
C GLU Z 237 -52.27 48.07 -16.57
N SER Z 238 -52.31 46.93 -15.84
CA SER Z 238 -53.08 45.74 -16.17
C SER Z 238 -54.56 46.09 -16.46
N ALA Z 239 -55.16 46.90 -15.57
CA ALA Z 239 -56.53 47.39 -15.61
C ALA Z 239 -56.85 48.16 -16.89
N ALA Z 240 -55.83 48.78 -17.51
CA ALA Z 240 -55.99 49.56 -18.74
C ALA Z 240 -55.91 48.69 -19.99
N GLN Z 241 -55.26 47.52 -19.86
CA GLN Z 241 -55.05 46.57 -20.96
C GLN Z 241 -56.18 45.57 -21.09
N PHE Z 242 -56.88 45.27 -19.96
CA PHE Z 242 -57.98 44.30 -19.94
C PHE Z 242 -59.08 44.82 -19.08
N PRO Z 243 -60.29 44.94 -19.65
CA PRO Z 243 -61.44 45.43 -18.87
C PRO Z 243 -61.83 44.49 -17.74
N GLU Z 244 -61.46 43.18 -17.85
CA GLU Z 244 -61.69 42.14 -16.84
C GLU Z 244 -60.81 42.43 -15.62
N VAL Z 245 -59.59 42.97 -15.83
CA VAL Z 245 -58.68 43.33 -14.74
C VAL Z 245 -59.18 44.65 -14.17
N ALA Z 246 -59.92 45.43 -15.00
CA ALA Z 246 -60.49 46.69 -14.55
C ALA Z 246 -61.68 46.37 -13.66
N VAL Z 247 -62.46 45.30 -14.00
CA VAL Z 247 -63.62 44.80 -13.23
C VAL Z 247 -63.18 44.52 -11.78
N PHE Z 248 -61.94 44.05 -11.64
CA PHE Z 248 -61.28 43.73 -10.40
C PHE Z 248 -60.85 45.02 -9.67
N ARG Z 249 -59.96 45.84 -10.26
CA ARG Z 249 -59.46 47.12 -9.70
C ARG Z 249 -60.65 47.94 -9.18
N ASP Z 250 -61.68 48.20 -10.04
CA ASP Z 250 -62.87 48.96 -9.68
C ASP Z 250 -63.57 48.35 -8.44
N SER Z 251 -63.64 47.00 -8.32
CA SER Z 251 -64.26 46.30 -7.18
C SER Z 251 -63.44 46.45 -5.87
N ILE Z 252 -62.13 46.78 -5.98
CA ILE Z 252 -61.19 46.99 -4.86
C ILE Z 252 -61.08 48.48 -4.51
N GLN Z 253 -61.35 49.36 -5.50
CA GLN Z 253 -61.33 50.82 -5.36
C GLN Z 253 -62.61 51.36 -4.77
N SER Z 254 -63.76 50.76 -5.13
CA SER Z 254 -65.08 51.16 -4.64
C SER Z 254 -65.26 50.67 -3.21
N ALA Z 255 -64.48 49.66 -2.81
CA ALA Z 255 -64.53 49.03 -1.49
C ALA Z 255 -63.48 49.61 -0.52
N THR Z 256 -62.72 50.65 -0.95
CA THR Z 256 -61.68 51.26 -0.11
C THR Z 256 -61.55 52.80 -0.34
N ARG Z 257 -61.52 53.59 0.75
CA ARG Z 257 -61.31 55.05 0.73
C ARG Z 257 -60.60 55.47 2.02
N GLY Z 258 -61.22 55.19 3.14
CA GLY Z 258 -60.60 55.44 4.45
C GLY Z 258 -60.37 56.86 4.89
N ILE Z 259 -59.65 56.94 6.01
CA ILE Z 259 -59.34 58.15 6.74
C ILE Z 259 -57.90 58.68 6.49
N THR Z 260 -57.79 60.02 6.51
CA THR Z 260 -56.57 60.81 6.36
C THR Z 260 -55.62 60.51 7.53
N ARG Z 261 -54.29 60.75 7.39
CA ARG Z 261 -53.30 60.63 8.45
C ARG Z 261 -52.05 61.44 8.21
N MET AA 4 -114.86 10.96 9.65
CA MET AA 4 -113.61 11.50 9.13
C MET AA 4 -112.77 10.46 8.32
N SER AA 5 -112.32 10.83 7.08
CA SER AA 5 -111.55 10.00 6.15
C SER AA 5 -110.03 10.06 6.44
N LEU AA 6 -109.29 8.96 6.09
CA LEU AA 6 -107.83 8.80 6.26
C LEU AA 6 -107.10 9.91 5.54
N ILE AA 7 -107.41 10.05 4.24
CA ILE AA 7 -106.88 11.10 3.36
C ILE AA 7 -107.85 12.25 3.49
N ASP AA 8 -107.34 13.38 4.04
CA ASP AA 8 -108.10 14.59 4.28
C ASP AA 8 -108.66 15.16 2.97
N PRO AA 9 -109.98 15.49 2.94
CA PRO AA 9 -110.59 16.04 1.71
C PRO AA 9 -109.92 17.31 1.13
N ARG AA 10 -109.35 18.17 2.02
CA ARG AA 10 -108.63 19.41 1.68
C ARG AA 10 -107.27 19.18 0.99
N ALA AA 11 -106.79 17.92 0.99
CA ALA AA 11 -105.57 17.49 0.32
C ALA AA 11 -105.85 17.21 -1.17
N ILE AA 12 -104.78 17.05 -1.97
CA ILE AA 12 -104.84 16.78 -3.41
C ILE AA 12 -104.08 15.50 -3.70
N ILE AA 13 -104.75 14.53 -4.32
CA ILE AA 13 -104.12 13.26 -4.71
C ILE AA 13 -104.27 13.09 -6.22
N ASP AA 14 -103.15 12.84 -6.90
CA ASP AA 14 -103.15 12.63 -8.35
C ASP AA 14 -103.70 11.23 -8.67
N PRO AA 15 -104.54 11.08 -9.72
CA PRO AA 15 -105.05 9.74 -10.08
C PRO AA 15 -103.97 8.66 -10.14
N SER AA 16 -102.78 9.00 -10.69
CA SER AA 16 -101.63 8.11 -10.85
C SER AA 16 -100.84 7.87 -9.53
N ALA AA 17 -101.23 8.55 -8.44
CA ALA AA 17 -100.61 8.35 -7.14
C ALA AA 17 -101.14 7.05 -6.57
N ARG AA 18 -100.22 6.18 -6.10
CA ARG AA 18 -100.60 4.88 -5.55
C ARG AA 18 -100.33 4.79 -4.04
N LEU AA 19 -101.41 5.02 -3.29
CA LEU AA 19 -101.44 5.01 -1.82
C LEU AA 19 -101.90 3.66 -1.34
N ALA AA 20 -101.34 3.21 -0.21
CA ALA AA 20 -101.71 1.95 0.41
C ALA AA 20 -103.01 2.13 1.22
N ALA AA 21 -103.47 1.04 1.89
CA ALA AA 21 -104.68 1.03 2.71
C ALA AA 21 -104.69 2.12 3.83
N ASP AA 22 -103.95 1.89 4.94
CA ASP AA 22 -103.87 2.74 6.14
C ASP AA 22 -103.11 4.05 5.97
N VAL AA 23 -102.86 4.53 4.72
CA VAL AA 23 -102.15 5.80 4.53
C VAL AA 23 -103.07 6.96 4.95
N GLN AA 24 -102.50 7.93 5.71
CA GLN AA 24 -103.15 9.16 6.15
C GLN AA 24 -102.42 10.32 5.44
N VAL AA 25 -103.22 11.24 4.87
CA VAL AA 25 -102.72 12.43 4.16
C VAL AA 25 -103.41 13.66 4.80
N GLY AA 26 -102.63 14.54 5.40
CA GLY AA 26 -103.13 15.74 6.07
C GLY AA 26 -103.75 16.76 5.13
N PRO AA 27 -104.45 17.79 5.66
CA PRO AA 27 -105.05 18.80 4.78
C PRO AA 27 -104.01 19.69 4.09
N TRP AA 28 -104.39 20.26 2.94
CA TRP AA 28 -103.55 21.17 2.14
C TRP AA 28 -102.20 20.54 1.73
N SER AA 29 -102.18 19.22 1.55
CA SER AA 29 -101.03 18.44 1.10
C SER AA 29 -101.22 17.95 -0.35
N ILE AA 30 -100.15 17.98 -1.14
CA ILE AA 30 -100.21 17.50 -2.52
C ILE AA 30 -99.46 16.19 -2.68
N VAL AA 31 -100.15 15.16 -3.20
CA VAL AA 31 -99.54 13.88 -3.56
C VAL AA 31 -99.57 13.86 -5.09
N GLY AA 32 -98.43 14.28 -5.67
CA GLY AA 32 -98.19 14.38 -7.10
C GLY AA 32 -98.31 13.07 -7.85
N ALA AA 33 -98.18 13.14 -9.17
CA ALA AA 33 -98.26 11.96 -10.00
C ALA AA 33 -97.06 11.08 -9.74
N GLU AA 34 -97.17 9.79 -10.07
CA GLU AA 34 -96.09 8.79 -9.93
C GLU AA 34 -95.54 8.64 -8.47
N VAL AA 35 -96.28 9.17 -7.43
CA VAL AA 35 -95.95 9.04 -6.00
C VAL AA 35 -96.64 7.78 -5.46
N GLU AA 36 -95.87 6.90 -4.79
CA GLU AA 36 -96.34 5.66 -4.16
C GLU AA 36 -96.06 5.78 -2.67
N ILE AA 37 -97.11 5.56 -1.84
CA ILE AA 37 -96.99 5.67 -0.38
C ILE AA 37 -97.41 4.35 0.27
N GLY AA 38 -96.49 3.78 1.03
CA GLY AA 38 -96.63 2.47 1.66
C GLY AA 38 -97.58 2.37 2.83
N GLU AA 39 -97.69 1.13 3.34
CA GLU AA 39 -98.52 0.71 4.45
C GLU AA 39 -98.36 1.59 5.71
N GLY AA 40 -99.45 2.24 6.09
CA GLY AA 40 -99.55 3.06 7.31
C GLY AA 40 -98.62 4.23 7.49
N THR AA 41 -98.21 4.86 6.39
CA THR AA 41 -97.38 6.06 6.42
C THR AA 41 -98.30 7.24 6.75
N VAL AA 42 -97.75 8.29 7.39
CA VAL AA 42 -98.48 9.50 7.78
C VAL AA 42 -97.85 10.74 7.15
N ILE AA 43 -98.55 11.34 6.20
CA ILE AA 43 -98.11 12.55 5.52
C ILE AA 43 -98.89 13.68 6.19
N GLY AA 44 -98.19 14.54 6.93
CA GLY AA 44 -98.82 15.64 7.64
C GLY AA 44 -99.45 16.70 6.77
N PRO AA 45 -99.85 17.87 7.33
CA PRO AA 45 -100.44 18.92 6.49
C PRO AA 45 -99.36 19.71 5.76
N HIS AA 46 -99.74 20.51 4.75
CA HIS AA 46 -98.80 21.34 3.97
C HIS AA 46 -97.55 20.57 3.52
N VAL AA 47 -97.70 19.32 3.07
CA VAL AA 47 -96.59 18.51 2.55
C VAL AA 47 -96.73 18.53 1.03
N VAL AA 48 -95.58 18.56 0.32
CA VAL AA 48 -95.53 18.58 -1.13
C VAL AA 48 -94.76 17.36 -1.62
N LEU AA 49 -95.48 16.26 -1.94
CA LEU AA 49 -94.91 15.02 -2.48
C LEU AA 49 -95.02 15.03 -4.00
N LYS AA 50 -93.87 14.88 -4.69
CA LYS AA 50 -93.75 14.86 -6.15
C LYS AA 50 -93.04 13.58 -6.54
N GLY AA 51 -93.48 12.96 -7.63
CA GLY AA 51 -92.90 11.73 -8.13
C GLY AA 51 -91.98 11.94 -9.30
N PRO AA 52 -91.30 10.89 -9.83
CA PRO AA 52 -91.33 9.47 -9.39
C PRO AA 52 -90.70 9.28 -8.01
N THR AA 53 -91.55 8.90 -7.03
CA THR AA 53 -91.21 8.67 -5.63
C THR AA 53 -91.92 7.44 -5.09
N LYS AA 54 -91.20 6.62 -4.32
CA LYS AA 54 -91.74 5.46 -3.62
C LYS AA 54 -91.37 5.66 -2.15
N ILE AA 55 -92.39 5.71 -1.28
CA ILE AA 55 -92.26 5.89 0.16
C ILE AA 55 -92.78 4.59 0.77
N GLY AA 56 -92.01 4.02 1.68
CA GLY AA 56 -92.31 2.73 2.30
C GLY AA 56 -93.37 2.74 3.38
N LYS AA 57 -93.37 1.70 4.24
CA LYS AA 57 -94.33 1.56 5.35
C LYS AA 57 -93.91 2.31 6.62
N HIS AA 58 -94.89 2.88 7.34
CA HIS AA 58 -94.74 3.53 8.65
C HIS AA 58 -93.79 4.73 8.70
N ASN AA 59 -93.81 5.56 7.67
CA ASN AA 59 -93.01 6.79 7.67
C ASN AA 59 -93.90 7.94 8.18
N ARG AA 60 -93.32 8.93 8.87
CA ARG AA 60 -94.04 10.09 9.35
C ARG AA 60 -93.35 11.30 8.70
N ILE AA 61 -94.05 11.92 7.73
CA ILE AA 61 -93.54 13.09 6.98
C ILE AA 61 -94.23 14.38 7.49
N TYR AA 62 -93.48 15.20 8.28
CA TYR AA 62 -93.96 16.44 8.89
C TYR AA 62 -94.19 17.62 7.92
N GLN AA 63 -95.05 18.56 8.36
CA GLN AA 63 -95.49 19.76 7.66
C GLN AA 63 -94.39 20.55 6.94
N PHE AA 64 -94.76 21.31 5.91
CA PHE AA 64 -93.89 22.23 5.15
C PHE AA 64 -92.67 21.56 4.44
N SER AA 65 -92.63 20.21 4.35
CA SER AA 65 -91.57 19.46 3.64
C SER AA 65 -91.88 19.47 2.13
N SER AA 66 -90.82 19.41 1.29
CA SER AA 66 -90.89 19.37 -0.19
C SER AA 66 -90.11 18.11 -0.66
N VAL AA 67 -90.79 16.93 -0.52
CA VAL AA 67 -90.24 15.59 -0.80
C VAL AA 67 -90.55 15.08 -2.25
N GLY AA 68 -89.49 14.89 -3.06
CA GLY AA 68 -89.56 14.40 -4.43
C GLY AA 68 -89.33 15.44 -5.53
N GLU AA 69 -89.04 16.67 -5.11
CA GLU AA 69 -88.82 17.83 -5.98
C GLU AA 69 -87.60 17.66 -6.90
N ASP AA 70 -87.65 18.29 -8.09
CA ASP AA 70 -86.57 18.23 -9.07
C ASP AA 70 -85.44 19.06 -8.50
N THR AA 71 -84.15 18.60 -8.61
CA THR AA 71 -82.98 19.36 -8.10
C THR AA 71 -82.86 20.73 -8.77
N PRO AA 72 -82.43 21.80 -8.06
CA PRO AA 72 -82.30 23.09 -8.71
C PRO AA 72 -81.01 23.20 -9.53
N ASP AA 73 -80.19 22.12 -9.52
CA ASP AA 73 -78.92 21.99 -10.20
C ASP AA 73 -79.13 22.16 -11.66
N LEU AA 74 -78.14 22.80 -12.29
CA LEU AA 74 -78.09 23.14 -13.72
C LEU AA 74 -77.76 21.89 -14.57
N LYS AA 75 -77.04 20.92 -13.95
CA LYS AA 75 -76.66 19.59 -14.41
C LYS AA 75 -77.96 18.84 -14.84
N TYR AA 76 -79.02 18.91 -13.98
CA TYR AA 76 -80.31 18.27 -14.19
C TYR AA 76 -81.16 19.05 -15.17
N LYS AA 77 -81.50 18.38 -16.28
CA LYS AA 77 -82.26 18.93 -17.41
C LYS AA 77 -83.53 18.07 -17.67
N GLY AA 78 -84.56 18.27 -16.85
CA GLY AA 78 -85.88 17.60 -16.89
C GLY AA 78 -85.94 16.08 -17.03
N GLU AA 79 -84.81 15.37 -16.77
CA GLU AA 79 -84.70 13.91 -16.86
C GLU AA 79 -85.74 13.23 -15.92
N PRO AA 80 -86.15 11.94 -16.10
CA PRO AA 80 -87.20 11.39 -15.22
C PRO AA 80 -86.66 10.59 -14.03
N THR AA 81 -85.70 11.19 -13.31
CA THR AA 81 -85.00 10.61 -12.16
C THR AA 81 -85.95 10.25 -10.99
N ARG AA 82 -85.54 9.30 -10.12
CA ARG AA 82 -86.39 8.77 -9.05
C ARG AA 82 -86.00 9.22 -7.65
N LEU AA 83 -86.78 8.75 -6.66
CA LEU AA 83 -86.62 8.89 -5.22
C LEU AA 83 -87.24 7.63 -4.56
N VAL AA 84 -86.51 7.03 -3.60
CA VAL AA 84 -86.92 5.85 -2.86
C VAL AA 84 -86.65 6.08 -1.36
N ILE AA 85 -87.71 5.94 -0.54
CA ILE AA 85 -87.67 6.09 0.92
C ILE AA 85 -88.24 4.80 1.50
N GLY AA 86 -87.51 4.22 2.43
CA GLY AA 86 -87.89 2.95 3.06
C GLY AA 86 -88.98 3.04 4.09
N ASP AA 87 -88.87 2.17 5.10
CA ASP AA 87 -89.82 2.03 6.18
C ASP AA 87 -89.31 2.64 7.46
N HIS AA 88 -90.23 3.04 8.33
CA HIS AA 88 -89.98 3.59 9.67
C HIS AA 88 -89.07 4.85 9.72
N ASN AA 89 -89.14 5.71 8.68
CA ASN AA 89 -88.39 6.98 8.60
C ASN AA 89 -89.20 8.15 9.17
N VAL AA 90 -88.49 9.16 9.72
CA VAL AA 90 -89.11 10.35 10.31
C VAL AA 90 -88.53 11.59 9.67
N ILE AA 91 -89.21 12.04 8.62
CA ILE AA 91 -88.90 13.26 7.88
C ILE AA 91 -89.63 14.36 8.67
N ARG AA 92 -88.87 15.22 9.34
CA ARG AA 92 -89.42 16.29 10.18
C ARG AA 92 -89.86 17.49 9.36
N GLU AA 93 -90.22 18.60 10.04
CA GLU AA 93 -90.75 19.82 9.41
C GLU AA 93 -89.78 20.49 8.44
N GLY AA 94 -90.32 20.92 7.31
CA GLY AA 94 -89.58 21.60 6.25
C GLY AA 94 -88.33 20.94 5.69
N VAL AA 95 -88.34 19.62 5.53
CA VAL AA 95 -87.17 18.91 4.97
C VAL AA 95 -87.24 19.03 3.43
N THR AA 96 -86.08 19.17 2.79
CA THR AA 96 -86.00 19.22 1.33
C THR AA 96 -85.25 17.96 0.87
N ILE AA 97 -85.97 17.04 0.22
CA ILE AA 97 -85.39 15.81 -0.32
C ILE AA 97 -85.69 15.84 -1.80
N HIS AA 98 -84.63 15.91 -2.65
CA HIS AA 98 -84.70 15.99 -4.12
C HIS AA 98 -84.40 14.67 -4.79
N ARG AA 99 -84.97 14.47 -5.98
CA ARG AA 99 -84.75 13.29 -6.81
C ARG AA 99 -83.38 13.35 -7.47
N GLY AA 100 -82.82 12.18 -7.77
CA GLY AA 100 -81.50 12.00 -8.38
C GLY AA 100 -81.30 12.62 -9.74
N THR AA 101 -80.12 12.35 -10.38
CA THR AA 101 -79.73 12.85 -11.70
C THR AA 101 -79.11 11.72 -12.54
N VAL AA 102 -79.46 11.66 -13.85
CA VAL AA 102 -79.04 10.66 -14.85
C VAL AA 102 -77.49 10.44 -14.87
N GLN AA 103 -76.79 11.46 -14.38
CA GLN AA 103 -75.34 11.57 -14.28
C GLN AA 103 -74.76 10.49 -13.38
N ASP AA 104 -75.48 10.15 -12.30
CA ASP AA 104 -75.04 9.13 -11.38
C ASP AA 104 -75.89 7.87 -11.59
N ARG AA 105 -76.85 7.64 -10.69
CA ARG AA 105 -77.73 6.49 -10.62
C ARG AA 105 -79.18 6.81 -11.00
N ALA AA 106 -79.49 8.11 -11.23
CA ALA AA 106 -80.82 8.66 -11.56
C ALA AA 106 -81.85 8.33 -10.49
N GLU AA 107 -81.42 8.42 -9.21
CA GLU AA 107 -82.21 8.10 -8.03
C GLU AA 107 -81.50 8.52 -6.75
N THR AA 108 -82.27 9.04 -5.79
CA THR AA 108 -81.82 9.40 -4.47
C THR AA 108 -82.47 8.34 -3.61
N THR AA 109 -81.74 7.74 -2.64
CA THR AA 109 -82.32 6.69 -1.81
C THR AA 109 -82.12 6.94 -0.30
N ILE AA 110 -83.15 6.60 0.51
CA ILE AA 110 -83.19 6.71 1.97
C ILE AA 110 -83.63 5.35 2.49
N GLY AA 111 -82.85 4.80 3.42
CA GLY AA 111 -83.09 3.50 4.02
C GLY AA 111 -84.22 3.45 5.01
N ASP AA 112 -84.01 2.70 6.10
CA ASP AA 112 -85.01 2.46 7.14
C ASP AA 112 -84.62 3.02 8.51
N HIS AA 113 -85.62 3.43 9.32
CA HIS AA 113 -85.44 3.96 10.67
C HIS AA 113 -84.56 5.20 10.76
N ASN AA 114 -84.66 6.09 9.77
CA ASN AA 114 -83.87 7.31 9.79
C ASN AA 114 -84.62 8.46 10.44
N LEU AA 115 -83.87 9.34 11.14
CA LEU AA 115 -84.41 10.53 11.79
C LEU AA 115 -83.80 11.77 11.16
N ILE AA 116 -84.43 12.20 10.08
CA ILE AA 116 -84.03 13.40 9.36
C ILE AA 116 -84.78 14.55 10.07
N MET AA 117 -84.08 15.32 10.92
CA MET AA 117 -84.68 16.41 11.69
C MET AA 117 -85.05 17.61 10.78
N ALA AA 118 -85.69 18.63 11.37
CA ALA AA 118 -86.17 19.84 10.72
C ALA AA 118 -85.22 20.47 9.72
N TYR AA 119 -85.76 21.02 8.61
CA TYR AA 119 -85.11 21.82 7.53
C TYR AA 119 -83.91 21.18 6.81
N ALA AA 120 -83.43 20.02 7.29
CA ALA AA 120 -82.34 19.21 6.71
C ALA AA 120 -82.51 19.04 5.17
N HIS AA 121 -81.37 19.00 4.42
CA HIS AA 121 -81.39 18.85 2.98
C HIS AA 121 -80.70 17.58 2.49
N ILE AA 122 -81.44 16.71 1.77
CA ILE AA 122 -80.92 15.51 1.11
C ILE AA 122 -80.96 15.74 -0.45
N GLY AA 123 -79.81 15.93 -1.10
CA GLY AA 123 -79.74 16.25 -2.52
C GLY AA 123 -79.47 15.13 -3.50
N HIS AA 124 -79.83 15.35 -4.79
CA HIS AA 124 -79.70 14.43 -5.92
C HIS AA 124 -78.65 13.33 -5.79
N ASP AA 125 -79.08 12.09 -5.92
CA ASP AA 125 -78.28 10.87 -5.87
C ASP AA 125 -77.51 10.61 -4.56
N SER AA 126 -77.92 11.28 -3.44
CA SER AA 126 -77.37 10.99 -2.10
C SER AA 126 -77.96 9.63 -1.66
N VAL AA 127 -77.23 8.87 -0.83
CA VAL AA 127 -77.69 7.56 -0.37
C VAL AA 127 -77.56 7.45 1.12
N ILE AA 128 -78.69 7.25 1.79
CA ILE AA 128 -78.75 7.07 3.25
C ILE AA 128 -79.14 5.63 3.54
N GLY AA 129 -78.47 5.05 4.52
CA GLY AA 129 -78.69 3.67 4.93
C GLY AA 129 -79.82 3.60 5.95
N ASN AA 130 -79.66 2.72 6.93
CA ASN AA 130 -80.67 2.54 7.96
C ASN AA 130 -80.14 3.05 9.33
N HIS AA 131 -81.04 3.60 10.16
CA HIS AA 131 -80.78 4.12 11.52
C HIS AA 131 -79.91 5.37 11.63
N CYS AA 132 -79.88 6.23 10.59
CA CYS AA 132 -79.13 7.47 10.65
C CYS AA 132 -79.94 8.61 11.31
N ILE AA 133 -79.22 9.53 11.97
CA ILE AA 133 -79.81 10.74 12.55
C ILE AA 133 -79.19 11.89 11.79
N LEU AA 134 -80.03 12.70 11.14
CA LEU AA 134 -79.59 13.87 10.40
C LEU AA 134 -80.22 15.08 11.06
N VAL AA 135 -79.56 15.60 12.13
CA VAL AA 135 -80.00 16.73 12.96
C VAL AA 135 -80.27 17.97 12.10
N ASN AA 136 -81.02 18.93 12.63
CA ASN AA 136 -81.44 20.19 12.02
C ASN AA 136 -80.58 20.76 10.95
N ASN AA 137 -81.19 21.29 9.88
CA ASN AA 137 -80.51 21.97 8.74
C ASN AA 137 -79.16 21.33 8.27
N THR AA 138 -79.01 19.97 8.39
CA THR AA 138 -77.85 19.22 7.89
C THR AA 138 -78.01 19.32 6.38
N ALA AA 139 -76.93 19.61 5.62
CA ALA AA 139 -77.14 19.69 4.18
C ALA AA 139 -76.20 18.80 3.38
N LEU AA 140 -76.76 17.80 2.66
CA LEU AA 140 -76.00 16.90 1.77
C LEU AA 140 -76.10 17.50 0.37
N ALA AA 141 -74.98 18.06 -0.17
CA ALA AA 141 -74.90 18.71 -1.47
C ALA AA 141 -75.41 17.87 -2.67
N GLY AA 142 -74.97 16.62 -2.74
CA GLY AA 142 -75.33 15.67 -3.78
C GLY AA 142 -74.40 14.47 -3.81
N HIS AA 143 -74.90 13.33 -4.28
CA HIS AA 143 -74.16 12.08 -4.36
C HIS AA 143 -73.37 11.79 -3.08
N VAL AA 144 -73.88 12.25 -1.89
CA VAL AA 144 -73.28 12.07 -0.57
C VAL AA 144 -73.80 10.74 -0.03
N HIS AA 145 -72.89 9.85 0.38
CA HIS AA 145 -73.29 8.53 0.84
C HIS AA 145 -73.14 8.33 2.33
N VAL AA 146 -74.25 8.43 3.05
CA VAL AA 146 -74.36 8.27 4.50
C VAL AA 146 -74.69 6.78 4.86
N ASP AA 147 -73.77 6.11 5.57
CA ASP AA 147 -73.92 4.72 5.97
C ASP AA 147 -74.57 4.63 7.36
N ASP AA 148 -75.10 3.44 7.69
CA ASP AA 148 -75.88 3.09 8.88
C ASP AA 148 -75.36 3.66 10.19
N TRP AA 149 -76.31 4.10 11.03
CA TRP AA 149 -76.12 4.64 12.39
C TRP AA 149 -75.29 5.94 12.50
N ALA AA 150 -74.99 6.61 11.39
CA ALA AA 150 -74.23 7.85 11.42
C ALA AA 150 -75.07 8.97 12.02
N ILE AA 151 -74.44 9.84 12.85
CA ILE AA 151 -75.11 11.01 13.47
C ILE AA 151 -74.51 12.30 12.92
N LEU AA 152 -75.32 13.07 12.17
CA LEU AA 152 -74.89 14.35 11.59
C LEU AA 152 -75.51 15.52 12.38
N SER AA 153 -74.77 16.06 13.40
CA SER AA 153 -75.21 17.17 14.25
C SER AA 153 -75.70 18.36 13.43
N GLY AA 154 -76.62 19.15 14.03
CA GLY AA 154 -77.26 20.31 13.42
C GLY AA 154 -76.34 21.20 12.59
N TYR AA 155 -76.75 21.48 11.35
CA TYR AA 155 -76.08 22.35 10.37
C TYR AA 155 -74.73 21.77 9.89
N THR AA 156 -74.62 20.41 9.88
CA THR AA 156 -73.47 19.72 9.33
C THR AA 156 -73.71 19.75 7.82
N LEU AA 157 -72.76 20.35 7.08
CA LEU AA 157 -72.82 20.52 5.64
C LEU AA 157 -71.85 19.56 5.00
N VAL AA 158 -72.34 18.74 4.07
CA VAL AA 158 -71.50 17.79 3.37
C VAL AA 158 -71.40 18.18 1.89
N HIS AA 159 -70.17 18.31 1.37
CA HIS AA 159 -69.86 18.64 -0.04
C HIS AA 159 -70.40 17.50 -0.91
N GLN AA 160 -70.39 17.66 -2.24
CA GLN AA 160 -70.86 16.58 -3.12
C GLN AA 160 -69.95 15.36 -3.07
N TYR AA 161 -70.47 14.18 -3.45
CA TYR AA 161 -69.78 12.88 -3.65
C TYR AA 161 -69.12 12.23 -2.39
N CYS AA 162 -69.09 12.95 -1.22
CA CYS AA 162 -68.54 12.50 0.08
C CYS AA 162 -69.22 11.22 0.59
N ARG AA 163 -68.55 10.51 1.52
CA ARG AA 163 -69.03 9.27 2.13
C ARG AA 163 -68.85 9.31 3.67
N ILE AA 164 -69.99 9.34 4.39
CA ILE AA 164 -70.09 9.38 5.85
C ILE AA 164 -70.27 7.93 6.31
N GLY AA 165 -69.20 7.35 6.86
CA GLY AA 165 -69.12 5.96 7.31
C GLY AA 165 -70.06 5.60 8.44
N ALA AA 166 -70.30 4.29 8.62
CA ALA AA 166 -71.19 3.76 9.65
C ALA AA 166 -70.75 4.19 11.02
N HIS AA 167 -71.71 4.55 11.90
CA HIS AA 167 -71.46 5.00 13.27
C HIS AA 167 -70.61 6.29 13.39
N SER AA 168 -70.18 6.87 12.24
CA SER AA 168 -69.42 8.14 12.24
C SER AA 168 -70.28 9.29 12.77
N PHE AA 169 -69.65 10.33 13.31
CA PHE AA 169 -70.36 11.44 13.94
C PHE AA 169 -69.76 12.74 13.58
N SER AA 170 -70.59 13.73 13.30
CA SER AA 170 -70.09 15.06 12.97
C SER AA 170 -70.68 16.09 13.91
N GLY AA 171 -69.82 16.88 14.57
CA GLY AA 171 -70.21 17.96 15.49
C GLY AA 171 -70.99 19.05 14.79
N MET AA 172 -71.77 19.89 15.55
CA MET AA 172 -72.64 20.89 14.93
C MET AA 172 -71.86 21.91 14.11
N GLY AA 173 -72.51 22.45 13.08
CA GLY AA 173 -71.93 23.42 12.15
C GLY AA 173 -70.73 22.98 11.34
N SER AA 174 -70.44 21.66 11.28
CA SER AA 174 -69.33 21.04 10.52
C SER AA 174 -69.45 21.22 9.00
N ALA AA 175 -68.32 21.49 8.31
CA ALA AA 175 -68.30 21.55 6.85
C ALA AA 175 -67.40 20.39 6.45
N ILE AA 176 -68.00 19.30 5.91
CA ILE AA 176 -67.31 18.07 5.51
C ILE AA 176 -66.93 18.15 4.04
N GLY AA 177 -65.61 18.03 3.80
CA GLY AA 177 -65.02 18.09 2.48
C GLY AA 177 -64.65 16.73 1.94
N LYS AA 178 -63.92 15.95 2.75
CA LYS AA 178 -63.49 14.61 2.37
C LYS AA 178 -64.40 13.54 2.99
N ASP AA 179 -64.02 12.25 2.93
CA ASP AA 179 -64.86 11.21 3.50
C ASP AA 179 -64.68 11.13 5.04
N VAL AA 180 -65.74 10.72 5.78
CA VAL AA 180 -65.63 10.51 7.22
C VAL AA 180 -65.55 8.98 7.39
N PRO AA 181 -64.39 8.39 7.82
CA PRO AA 181 -64.34 6.92 7.96
C PRO AA 181 -65.37 6.43 8.96
N ALA AA 182 -65.67 5.13 8.96
CA ALA AA 182 -66.67 4.64 9.90
C ALA AA 182 -66.24 4.91 11.32
N TYR AA 183 -67.17 5.26 12.18
CA TYR AA 183 -67.00 5.53 13.62
C TYR AA 183 -66.28 6.85 13.94
N VAL AA 184 -65.74 7.58 12.98
CA VAL AA 184 -64.95 8.77 13.32
C VAL AA 184 -65.83 9.96 13.71
N THR AA 185 -65.37 10.77 14.72
CA THR AA 185 -66.00 12.01 15.16
C THR AA 185 -65.20 13.16 14.56
N VAL AA 186 -65.84 13.92 13.63
CA VAL AA 186 -65.24 15.08 12.95
C VAL AA 186 -65.94 16.38 13.38
N PHE AA 187 -65.20 17.50 13.45
CA PHE AA 187 -65.69 18.79 13.93
C PHE AA 187 -65.11 20.04 13.22
N GLY AA 188 -65.96 21.06 13.06
CA GLY AA 188 -65.61 22.36 12.49
C GLY AA 188 -65.68 22.53 10.99
N ASN AA 189 -65.38 23.77 10.53
CA ASN AA 189 -65.35 24.19 9.13
C ASN AA 189 -63.93 24.65 8.91
N PRO AA 190 -63.03 23.87 8.27
CA PRO AA 190 -63.23 22.53 7.67
C PRO AA 190 -63.10 21.41 8.71
N ALA AA 191 -63.90 20.33 8.53
CA ALA AA 191 -63.95 19.16 9.39
C ALA AA 191 -62.57 18.62 9.67
N GLU AA 192 -62.40 18.12 10.88
CA GLU AA 192 -61.16 17.52 11.35
C GLU AA 192 -61.53 16.36 12.24
N ALA AA 193 -60.80 15.23 12.14
CA ALA AA 193 -61.06 14.06 12.98
C ALA AA 193 -60.59 14.38 14.40
N ARG AA 194 -61.39 14.00 15.44
CA ARG AA 194 -61.07 14.25 16.85
C ARG AA 194 -60.85 12.96 17.63
N SER AA 195 -61.73 11.93 17.40
CA SER AA 195 -61.72 10.62 18.05
C SER AA 195 -62.67 9.68 17.31
N MET AA 196 -63.21 8.66 18.00
CA MET AA 196 -64.16 7.68 17.51
C MET AA 196 -65.45 7.85 18.30
N ASN AA 197 -66.60 7.44 17.75
CA ASN AA 197 -67.89 7.57 18.43
C ASN AA 197 -68.04 6.42 19.41
N PHE AA 198 -67.39 6.54 20.60
CA PHE AA 198 -67.43 5.48 21.59
C PHE AA 198 -68.79 5.23 22.13
N GLU AA 199 -69.62 6.29 22.15
CA GLU AA 199 -71.00 6.22 22.60
C GLU AA 199 -71.84 5.29 21.70
N GLY AA 200 -71.69 5.45 20.38
CA GLY AA 200 -72.37 4.65 19.37
C GLY AA 200 -72.02 3.18 19.41
N MET AA 201 -70.74 2.90 19.72
CA MET AA 201 -70.19 1.54 19.87
C MET AA 201 -70.88 0.90 21.08
N ARG AA 202 -71.01 1.66 22.19
CA ARG AA 202 -71.68 1.19 23.41
C ARG AA 202 -73.16 0.94 23.15
N ARG AA 203 -73.89 1.95 22.61
CA ARG AA 203 -75.32 1.85 22.25
C ARG AA 203 -75.61 0.59 21.37
N ARG AA 204 -74.62 0.14 20.58
CA ARG AA 204 -74.74 -1.05 19.74
C ARG AA 204 -74.01 -2.27 20.35
N GLY AA 205 -73.97 -2.31 21.69
CA GLY AA 205 -73.37 -3.36 22.53
C GLY AA 205 -72.03 -3.99 22.15
N PHE AA 206 -71.08 -3.19 21.65
CA PHE AA 206 -69.75 -3.68 21.23
C PHE AA 206 -68.94 -4.33 22.36
N SER AA 207 -68.05 -5.25 22.00
CA SER AA 207 -67.15 -5.90 22.95
C SER AA 207 -66.14 -4.87 23.42
N SER AA 208 -65.80 -4.86 24.71
CA SER AA 208 -64.80 -3.94 25.26
C SER AA 208 -63.54 -4.07 24.38
N GLU AA 209 -63.34 -5.32 23.91
CA GLU AA 209 -62.29 -5.83 23.06
C GLU AA 209 -62.30 -5.12 21.69
N ALA AA 210 -63.49 -5.05 21.04
CA ALA AA 210 -63.73 -4.39 19.75
C ALA AA 210 -63.68 -2.89 19.90
N ILE AA 211 -64.05 -2.35 21.09
CA ILE AA 211 -63.98 -0.90 21.38
C ILE AA 211 -62.50 -0.47 21.45
N HIS AA 212 -61.67 -1.26 22.14
CA HIS AA 212 -60.23 -0.98 22.24
C HIS AA 212 -59.50 -1.23 20.92
N ALA AA 213 -59.90 -2.25 20.14
CA ALA AA 213 -59.35 -2.55 18.82
C ALA AA 213 -59.64 -1.44 17.81
N LEU AA 214 -60.75 -0.70 18.03
CA LEU AA 214 -61.10 0.45 17.19
C LEU AA 214 -60.32 1.69 17.64
N ARG AA 215 -60.05 1.81 18.97
CA ARG AA 215 -59.25 2.91 19.53
C ARG AA 215 -57.86 2.87 18.90
N ARG AA 216 -57.25 1.65 18.84
CA ARG AA 216 -55.94 1.36 18.22
C ARG AA 216 -55.99 1.67 16.70
N ALA AA 217 -57.12 1.33 16.06
CA ALA AA 217 -57.37 1.52 14.63
C ALA AA 217 -57.33 2.98 14.20
N TYR AA 218 -57.89 3.89 15.03
CA TYR AA 218 -57.86 5.33 14.76
C TYR AA 218 -56.43 5.77 14.96
N LYS AA 219 -55.88 5.50 16.17
CA LYS AA 219 -54.50 5.78 16.57
C LYS AA 219 -53.47 5.40 15.46
N VAL AA 220 -53.70 4.30 14.67
CA VAL AA 220 -52.84 3.84 13.53
C VAL AA 220 -52.91 4.85 12.38
N VAL AA 221 -54.15 5.28 12.04
CA VAL AA 221 -54.45 6.19 10.94
C VAL AA 221 -53.92 7.61 11.21
N TYR AA 222 -54.48 8.24 12.24
CA TYR AA 222 -54.23 9.62 12.60
C TYR AA 222 -53.02 9.85 13.53
N ARG AA 223 -53.11 9.47 14.82
CA ARG AA 223 -52.10 9.67 15.86
C ARG AA 223 -50.71 8.97 15.62
N GLN AA 224 -50.46 8.36 14.44
CA GLN AA 224 -49.20 7.65 14.20
C GLN AA 224 -48.37 8.14 13.02
N GLY AA 225 -48.96 9.00 12.20
CA GLY AA 225 -48.24 9.59 11.07
C GLY AA 225 -47.86 8.64 9.94
N HIS AA 226 -48.70 7.64 9.70
CA HIS AA 226 -48.50 6.74 8.58
C HIS AA 226 -49.26 7.35 7.42
N THR AA 227 -48.94 6.95 6.17
CA THR AA 227 -49.75 7.36 5.00
C THR AA 227 -50.99 6.46 5.05
N VAL AA 228 -52.03 6.81 4.27
CA VAL AA 228 -53.23 5.99 4.22
C VAL AA 228 -52.82 4.56 3.75
N GLU AA 229 -51.82 4.46 2.86
CA GLU AA 229 -51.23 3.24 2.30
C GLU AA 229 -50.64 2.35 3.40
N GLU AA 230 -49.75 2.92 4.25
CA GLU AA 230 -49.10 2.28 5.40
C GLU AA 230 -50.13 1.93 6.47
N ALA AA 231 -51.14 2.84 6.71
CA ALA AA 231 -52.22 2.66 7.70
C ALA AA 231 -53.11 1.48 7.37
N LEU AA 232 -53.66 1.41 6.12
CA LEU AA 232 -54.54 0.34 5.60
C LEU AA 232 -53.86 -1.03 5.69
N ALA AA 233 -52.56 -1.04 5.35
CA ALA AA 233 -51.71 -2.23 5.36
C ALA AA 233 -51.54 -2.73 6.81
N GLU AA 234 -51.34 -1.78 7.76
CA GLU AA 234 -51.19 -2.07 9.18
C GLU AA 234 -52.55 -2.60 9.72
N LEU AA 235 -53.66 -1.92 9.38
CA LEU AA 235 -55.02 -2.27 9.77
C LEU AA 235 -55.46 -3.71 9.34
N ALA AA 236 -54.78 -4.35 8.33
CA ALA AA 236 -55.09 -5.70 7.81
C ALA AA 236 -55.33 -6.79 8.84
N GLU AA 237 -54.47 -6.87 9.90
CA GLU AA 237 -54.51 -7.86 10.98
C GLU AA 237 -55.73 -7.67 11.87
N SER AA 238 -55.85 -6.50 12.52
CA SER AA 238 -56.94 -6.12 13.42
C SER AA 238 -58.32 -6.11 12.71
N ALA AA 239 -58.34 -5.84 11.39
CA ALA AA 239 -59.58 -5.84 10.60
C ALA AA 239 -60.05 -7.27 10.33
N ALA AA 240 -59.15 -8.26 10.45
CA ALA AA 240 -59.41 -9.69 10.26
C ALA AA 240 -59.89 -10.35 11.56
N GLN AA 241 -59.41 -9.86 12.71
CA GLN AA 241 -59.82 -10.35 14.04
C GLN AA 241 -61.20 -9.76 14.42
N PHE AA 242 -61.45 -8.49 14.04
CA PHE AA 242 -62.69 -7.78 14.40
C PHE AA 242 -63.44 -7.28 13.16
N PRO AA 243 -64.68 -7.75 12.92
CA PRO AA 243 -65.47 -7.23 11.78
C PRO AA 243 -65.82 -5.74 11.93
N GLU AA 244 -65.77 -5.26 13.18
CA GLU AA 244 -65.98 -3.88 13.62
C GLU AA 244 -64.86 -2.99 13.02
N VAL AA 245 -63.60 -3.48 13.07
CA VAL AA 245 -62.40 -2.79 12.57
C VAL AA 245 -62.38 -2.93 11.04
N ALA AA 246 -62.85 -4.08 10.51
CA ALA AA 246 -62.96 -4.33 9.07
C ALA AA 246 -63.85 -3.28 8.42
N VAL AA 247 -64.97 -2.90 9.08
CA VAL AA 247 -65.91 -1.86 8.64
C VAL AA 247 -65.17 -0.50 8.47
N PHE AA 248 -64.28 -0.19 9.42
CA PHE AA 248 -63.48 1.02 9.44
C PHE AA 248 -62.36 0.99 8.35
N ARG AA 249 -61.64 -0.16 8.18
CA ARG AA 249 -60.59 -0.31 7.14
C ARG AA 249 -61.20 -0.19 5.74
N ASP AA 250 -62.40 -0.78 5.54
CA ASP AA 250 -63.15 -0.76 4.27
C ASP AA 250 -63.71 0.61 3.93
N SER AA 251 -63.89 1.49 4.94
CA SER AA 251 -64.38 2.85 4.76
C SER AA 251 -63.27 3.80 4.30
N ILE AA 252 -62.02 3.40 4.62
CA ILE AA 252 -60.77 4.10 4.31
C ILE AA 252 -60.26 3.62 2.94
N GLN AA 253 -60.47 2.32 2.61
CA GLN AA 253 -60.09 1.72 1.32
C GLN AA 253 -60.89 2.41 0.20
N SER AA 254 -62.23 2.54 0.40
CA SER AA 254 -63.16 3.14 -0.57
C SER AA 254 -63.09 4.69 -0.73
N ALA AA 255 -62.25 5.39 0.07
CA ALA AA 255 -62.14 6.85 0.02
C ALA AA 255 -60.92 7.26 -0.76
N THR AA 256 -59.88 6.43 -0.69
CA THR AA 256 -58.58 6.65 -1.30
C THR AA 256 -58.35 5.69 -2.53
N ARG AA 257 -58.21 6.28 -3.76
CA ARG AA 257 -57.90 5.51 -4.98
C ARG AA 257 -56.52 5.89 -5.54
N GLY AA 258 -56.29 7.19 -5.72
CA GLY AA 258 -55.03 7.78 -6.17
C GLY AA 258 -54.55 7.51 -7.58
N ILE AA 259 -53.56 8.30 -8.03
CA ILE AA 259 -52.93 8.22 -9.36
C ILE AA 259 -51.54 7.62 -9.26
N THR AA 260 -51.09 6.86 -10.28
CA THR AA 260 -49.76 6.23 -10.27
C THR AA 260 -48.67 7.30 -10.30
N ARG AA 261 -47.59 7.16 -9.51
CA ARG AA 261 -46.52 8.16 -9.51
C ARG AA 261 -45.24 7.60 -10.10
N MET BA 4 -118.08 40.33 10.15
CA MET BA 4 -116.78 39.80 9.71
C MET BA 4 -115.82 39.46 10.93
N SER BA 5 -115.38 38.18 11.06
CA SER BA 5 -114.51 37.68 12.15
C SER BA 5 -113.01 37.59 11.81
N LEU BA 6 -112.19 37.78 12.87
CA LEU BA 6 -110.70 37.80 12.89
C LEU BA 6 -110.09 36.42 12.59
N ILE BA 7 -110.86 35.38 12.91
CA ILE BA 7 -110.53 33.97 12.76
C ILE BA 7 -111.05 33.53 11.36
N ASP BA 8 -110.12 33.10 10.49
CA ASP BA 8 -110.38 32.65 9.12
C ASP BA 8 -111.14 31.33 9.11
N PRO BA 9 -112.23 31.24 8.29
CA PRO BA 9 -113.00 29.97 8.23
C PRO BA 9 -112.22 28.79 7.64
N ARG BA 10 -111.11 29.06 6.90
CA ARG BA 10 -110.20 28.08 6.27
C ARG BA 10 -109.16 27.55 7.22
N ALA BA 11 -109.12 28.06 8.46
CA ALA BA 11 -108.22 27.61 9.50
C ALA BA 11 -108.88 26.45 10.29
N ILE BA 12 -108.07 25.56 10.89
CA ILE BA 12 -108.54 24.44 11.72
C ILE BA 12 -108.25 24.70 13.20
N ILE BA 13 -109.30 24.93 14.01
CA ILE BA 13 -109.19 25.11 15.46
C ILE BA 13 -109.78 23.82 16.10
N ASP BA 14 -109.01 23.18 16.99
CA ASP BA 14 -109.36 21.95 17.70
C ASP BA 14 -110.44 22.27 18.72
N PRO BA 15 -111.30 21.30 19.15
CA PRO BA 15 -112.27 21.60 20.21
C PRO BA 15 -111.58 21.94 21.56
N SER BA 16 -110.38 21.36 21.83
CA SER BA 16 -109.59 21.55 23.05
C SER BA 16 -108.88 22.92 23.11
N ALA BA 17 -108.74 23.60 21.96
CA ALA BA 17 -108.12 24.92 21.84
C ALA BA 17 -109.02 26.03 22.43
N ARG BA 18 -108.39 26.99 23.16
CA ARG BA 18 -109.02 28.15 23.82
C ARG BA 18 -108.31 29.44 23.31
N LEU BA 19 -109.04 30.31 22.56
CA LEU BA 19 -108.53 31.56 21.97
C LEU BA 19 -109.25 32.77 22.54
N ALA BA 20 -108.47 33.76 23.01
CA ALA BA 20 -109.01 34.95 23.67
C ALA BA 20 -109.68 35.94 22.74
N ALA BA 21 -110.00 37.15 23.26
CA ALA BA 21 -110.74 38.24 22.63
C ALA BA 21 -110.25 38.66 21.21
N ASP BA 22 -109.41 39.71 21.05
CA ASP BA 22 -109.10 40.09 19.66
C ASP BA 22 -107.94 39.23 19.09
N VAL BA 23 -108.21 37.92 18.95
CA VAL BA 23 -107.26 36.98 18.39
C VAL BA 23 -107.56 36.77 16.90
N GLN BA 24 -106.58 37.13 16.07
CA GLN BA 24 -106.59 37.04 14.61
C GLN BA 24 -105.87 35.75 14.23
N VAL BA 25 -106.53 34.89 13.43
CA VAL BA 25 -106.01 33.60 12.98
C VAL BA 25 -106.19 33.48 11.46
N GLY BA 26 -105.07 33.33 10.76
CA GLY BA 26 -104.97 33.31 9.32
C GLY BA 26 -105.52 32.07 8.61
N PRO BA 27 -105.65 32.12 7.26
CA PRO BA 27 -106.15 30.95 6.54
C PRO BA 27 -105.15 29.79 6.52
N TRP BA 28 -105.69 28.58 6.47
CA TRP BA 28 -104.92 27.33 6.37
C TRP BA 28 -103.97 27.12 7.55
N SER BA 29 -104.40 27.54 8.74
CA SER BA 29 -103.60 27.42 9.95
C SER BA 29 -104.27 26.46 10.93
N ILE BA 30 -103.46 25.63 11.66
CA ILE BA 30 -103.94 24.65 12.65
C ILE BA 30 -103.62 25.10 14.08
N VAL BA 31 -104.66 25.21 14.92
CA VAL BA 31 -104.58 25.52 16.35
C VAL BA 31 -105.00 24.21 17.08
N GLY BA 32 -104.01 23.36 17.34
CA GLY BA 32 -104.16 22.04 17.96
C GLY BA 32 -104.80 22.01 19.33
N ALA BA 33 -104.87 20.79 19.90
CA ALA BA 33 -105.50 20.62 21.22
C ALA BA 33 -104.60 21.19 22.26
N GLU BA 34 -105.22 21.67 23.34
CA GLU BA 34 -104.54 22.28 24.48
C GLU BA 34 -103.60 23.47 24.09
N VAL BA 35 -103.94 24.20 22.99
CA VAL BA 35 -103.27 25.44 22.56
C VAL BA 35 -104.20 26.58 23.07
N GLU BA 36 -103.65 27.53 23.86
CA GLU BA 36 -104.36 28.71 24.38
C GLU BA 36 -103.68 29.98 23.80
N ILE BA 37 -104.44 30.88 23.15
CA ILE BA 37 -103.90 32.08 22.54
C ILE BA 37 -104.53 33.34 23.14
N GLY BA 38 -103.74 34.09 23.91
CA GLY BA 38 -104.18 35.32 24.57
C GLY BA 38 -104.53 36.47 23.64
N GLU BA 39 -105.42 37.34 24.12
CA GLU BA 39 -105.98 38.52 23.44
C GLU BA 39 -104.94 39.39 22.73
N GLY BA 40 -105.26 39.81 21.50
CA GLY BA 40 -104.39 40.66 20.68
C GLY BA 40 -103.34 39.98 19.81
N THR BA 41 -103.17 38.64 19.94
CA THR BA 41 -102.21 37.79 19.20
C THR BA 41 -102.68 37.59 17.75
N VAL BA 42 -101.70 37.47 16.82
CA VAL BA 42 -101.95 37.29 15.40
C VAL BA 42 -101.24 36.08 14.88
N ILE BA 43 -102.03 35.14 14.35
CA ILE BA 43 -101.52 33.93 13.74
C ILE BA 43 -101.67 34.07 12.22
N GLY BA 44 -100.56 34.03 11.50
CA GLY BA 44 -100.55 34.18 10.05
C GLY BA 44 -101.08 32.96 9.29
N PRO BA 45 -100.99 32.95 7.94
CA PRO BA 45 -101.46 31.77 7.20
C PRO BA 45 -100.44 30.62 7.32
N HIS BA 46 -100.85 29.38 7.05
CA HIS BA 46 -99.94 28.22 7.16
C HIS BA 46 -99.15 28.22 8.47
N VAL BA 47 -99.83 28.30 9.64
CA VAL BA 47 -99.14 28.24 10.95
C VAL BA 47 -99.66 27.01 11.68
N VAL BA 48 -98.74 26.13 12.15
CA VAL BA 48 -99.09 24.92 12.89
C VAL BA 48 -98.75 25.13 14.35
N LEU BA 49 -99.79 25.14 15.19
CA LEU BA 49 -99.70 25.28 16.65
C LEU BA 49 -100.14 23.93 17.30
N LYS BA 50 -99.23 23.28 18.06
CA LYS BA 50 -99.50 22.01 18.75
C LYS BA 50 -99.47 22.26 20.27
N GLY BA 51 -100.34 21.56 21.02
CA GLY BA 51 -100.43 21.71 22.47
C GLY BA 51 -99.94 20.51 23.26
N PRO BA 52 -99.80 20.59 24.62
CA PRO BA 52 -100.10 21.69 25.55
C PRO BA 52 -99.25 22.95 25.40
N THR BA 53 -99.83 24.06 24.92
CA THR BA 53 -99.14 25.35 24.72
C THR BA 53 -99.97 26.53 25.23
N LYS BA 54 -99.28 27.54 25.82
CA LYS BA 54 -99.86 28.79 26.30
C LYS BA 54 -99.10 29.96 25.61
N ILE BA 55 -99.84 30.68 24.74
CA ILE BA 55 -99.36 31.81 23.96
C ILE BA 55 -100.05 33.05 24.53
N GLY BA 56 -99.26 33.99 25.00
CA GLY BA 56 -99.76 35.19 25.66
C GLY BA 56 -100.46 36.24 24.82
N LYS BA 57 -100.50 37.48 25.36
CA LYS BA 57 -101.12 38.67 24.77
C LYS BA 57 -100.24 39.32 23.70
N HIS BA 58 -100.91 39.83 22.67
CA HIS BA 58 -100.30 40.58 21.58
C HIS BA 58 -98.99 40.00 21.05
N ASN BA 59 -99.01 38.78 20.51
CA ASN BA 59 -97.82 38.16 19.89
C ASN BA 59 -98.08 38.12 18.39
N ARG BA 60 -97.04 38.16 17.56
CA ARG BA 60 -97.27 38.04 16.13
C ARG BA 60 -96.49 36.78 15.68
N ILE BA 61 -97.22 35.71 15.29
CA ILE BA 61 -96.62 34.46 14.83
C ILE BA 61 -96.83 34.33 13.34
N TYR BA 62 -95.71 34.42 12.60
CA TYR BA 62 -95.63 34.42 11.14
C TYR BA 62 -95.82 33.04 10.47
N GLN BA 63 -96.09 33.10 9.15
CA GLN BA 63 -96.34 31.97 8.28
C GLN BA 63 -95.24 30.91 8.30
N PHE BA 64 -95.66 29.64 8.22
CA PHE BA 64 -94.87 28.41 8.09
C PHE BA 64 -94.09 28.00 9.34
N SER BA 65 -94.49 28.53 10.52
CA SER BA 65 -93.91 28.19 11.83
C SER BA 65 -94.57 26.90 12.40
N SER BA 66 -93.75 26.01 13.05
CA SER BA 66 -94.23 24.78 13.75
C SER BA 66 -93.99 25.01 15.27
N VAL BA 67 -94.90 25.79 15.91
CA VAL BA 67 -94.88 26.23 17.32
C VAL BA 67 -95.63 25.28 18.27
N GLY BA 68 -94.88 24.54 19.09
CA GLY BA 68 -95.44 23.66 20.10
C GLY BA 68 -95.45 22.19 19.73
N GLU BA 69 -94.57 21.80 18.82
CA GLU BA 69 -94.49 20.41 18.37
C GLU BA 69 -93.61 19.55 19.28
N ASP BA 70 -93.92 18.26 19.36
CA ASP BA 70 -93.13 17.30 20.13
C ASP BA 70 -91.69 17.31 19.58
N THR BA 71 -90.67 17.25 20.45
CA THR BA 71 -89.29 17.22 19.97
C THR BA 71 -89.00 15.91 19.28
N PRO BA 72 -88.15 15.92 18.24
CA PRO BA 72 -87.78 14.65 17.61
C PRO BA 72 -86.76 13.88 18.44
N ASP BA 73 -86.22 14.46 19.56
CA ASP BA 73 -85.25 13.82 20.46
C ASP BA 73 -85.75 12.46 20.90
N LEU BA 74 -84.92 11.42 20.73
CA LEU BA 74 -85.28 10.03 21.04
C LEU BA 74 -85.54 9.78 22.54
N LYS BA 75 -85.08 10.69 23.42
CA LYS BA 75 -85.34 10.67 24.87
C LYS BA 75 -86.84 10.98 25.19
N TYR BA 76 -87.51 11.74 24.28
CA TYR BA 76 -88.92 12.13 24.39
C TYR BA 76 -89.71 10.95 23.99
N LYS BA 77 -90.72 10.65 24.79
CA LYS BA 77 -91.60 9.54 24.62
C LYS BA 77 -93.03 9.98 24.88
N GLY BA 78 -93.59 10.80 23.98
CA GLY BA 78 -94.96 11.33 24.03
C GLY BA 78 -95.52 11.88 25.34
N GLU BA 79 -94.62 12.23 26.30
CA GLU BA 79 -94.98 12.75 27.63
C GLU BA 79 -95.79 14.11 27.52
N PRO BA 80 -96.84 14.36 28.36
CA PRO BA 80 -97.62 15.60 28.22
C PRO BA 80 -96.95 16.84 28.85
N THR BA 81 -95.92 17.32 28.15
CA THR BA 81 -95.05 18.45 28.48
C THR BA 81 -95.61 19.77 27.95
N ARG BA 82 -94.92 20.91 28.15
CA ARG BA 82 -95.50 22.20 27.75
C ARG BA 82 -94.59 23.12 27.00
N LEU BA 83 -95.21 24.10 26.36
CA LEU BA 83 -94.56 25.24 25.76
C LEU BA 83 -95.28 26.45 26.33
N VAL BA 84 -94.52 27.46 26.73
CA VAL BA 84 -95.10 28.70 27.23
C VAL BA 84 -94.40 29.86 26.55
N ILE BA 85 -95.20 30.79 26.02
CA ILE BA 85 -94.77 32.02 25.36
C ILE BA 85 -95.48 33.14 26.11
N GLY BA 86 -94.74 34.18 26.44
CA GLY BA 86 -95.26 35.33 27.13
C GLY BA 86 -96.00 36.28 26.20
N ASP BA 87 -95.88 37.58 26.48
CA ASP BA 87 -96.53 38.63 25.73
C ASP BA 87 -95.56 39.47 24.91
N HIS BA 88 -96.05 40.05 23.79
CA HIS BA 88 -95.36 40.93 22.85
C HIS BA 88 -94.19 40.31 22.12
N ASN BA 89 -94.25 39.01 21.83
CA ASN BA 89 -93.20 38.30 21.08
C ASN BA 89 -93.48 38.28 19.56
N VAL BA 90 -92.40 38.25 18.75
CA VAL BA 90 -92.48 38.19 17.28
C VAL BA 90 -91.76 36.88 16.81
N ILE BA 91 -92.54 35.85 16.48
CA ILE BA 91 -92.04 34.57 15.97
C ILE BA 91 -92.24 34.75 14.48
N ARG BA 92 -91.12 34.86 13.74
CA ARG BA 92 -91.14 35.15 12.31
C ARG BA 92 -91.35 33.90 11.45
N GLU BA 93 -91.22 34.04 10.11
CA GLU BA 93 -91.49 32.94 9.19
C GLU BA 93 -90.76 31.65 9.51
N GLY BA 94 -91.45 30.54 9.40
CA GLY BA 94 -90.93 29.19 9.63
C GLY BA 94 -90.04 28.90 10.82
N VAL BA 95 -90.33 29.54 11.94
CA VAL BA 95 -89.55 29.30 13.16
C VAL BA 95 -90.07 27.98 13.73
N THR BA 96 -89.23 27.20 14.45
CA THR BA 96 -89.77 26.04 15.16
C THR BA 96 -89.52 26.21 16.64
N ILE BA 97 -90.53 25.87 17.48
CA ILE BA 97 -90.46 25.97 18.93
C ILE BA 97 -90.96 24.63 19.46
N HIS BA 98 -90.06 23.77 19.96
CA HIS BA 98 -90.46 22.47 20.48
C HIS BA 98 -90.74 22.47 21.99
N ARG BA 99 -91.76 21.75 22.42
CA ARG BA 99 -92.12 21.68 23.83
C ARG BA 99 -91.07 20.92 24.68
N GLY BA 100 -91.23 20.98 26.01
CA GLY BA 100 -90.34 20.35 26.98
C GLY BA 100 -90.32 18.84 26.96
N THR BA 101 -89.38 18.26 27.75
CA THR BA 101 -89.20 16.83 27.96
C THR BA 101 -89.23 16.61 29.47
N VAL BA 102 -89.95 15.56 29.91
CA VAL BA 102 -90.17 15.17 31.31
C VAL BA 102 -88.85 15.01 32.11
N GLN BA 103 -87.74 14.99 31.35
CA GLN BA 103 -86.38 14.80 31.79
C GLN BA 103 -85.83 15.98 32.61
N ASP BA 104 -86.19 17.22 32.22
CA ASP BA 104 -85.80 18.49 32.87
C ASP BA 104 -86.96 18.92 33.76
N ARG BA 105 -87.73 19.96 33.36
CA ARG BA 105 -88.86 20.40 34.17
C ARG BA 105 -90.15 20.52 33.27
N ALA BA 106 -90.16 19.66 32.21
CA ALA BA 106 -91.23 19.45 31.23
C ALA BA 106 -91.80 20.71 30.63
N GLU BA 107 -90.91 21.66 30.26
CA GLU BA 107 -91.37 22.93 29.73
C GLU BA 107 -90.30 23.79 29.01
N THR BA 108 -90.65 24.24 27.77
CA THR BA 108 -89.92 25.21 26.94
C THR BA 108 -90.68 26.49 27.26
N THR BA 109 -89.96 27.54 27.70
CA THR BA 109 -90.62 28.77 28.12
C THR BA 109 -89.92 30.02 27.53
N ILE BA 110 -90.69 30.84 26.83
CA ILE BA 110 -90.27 32.11 26.22
C ILE BA 110 -90.91 33.29 27.01
N GLY BA 111 -90.12 34.35 27.19
CA GLY BA 111 -90.52 35.54 27.93
C GLY BA 111 -91.33 36.59 27.20
N ASP BA 112 -90.96 37.87 27.40
CA ASP BA 112 -91.63 39.05 26.88
C ASP BA 112 -90.80 39.86 25.87
N HIS BA 113 -91.48 40.56 24.93
CA HIS BA 113 -90.93 41.43 23.89
C HIS BA 113 -89.77 40.86 23.05
N ASN BA 114 -89.60 39.51 23.03
CA ASN BA 114 -88.57 38.80 22.27
C ASN BA 114 -88.84 38.79 20.74
N LEU BA 115 -87.76 38.85 19.94
CA LEU BA 115 -87.83 38.78 18.48
C LEU BA 115 -87.00 37.59 17.95
N ILE BA 116 -87.71 36.49 17.68
CA ILE BA 116 -87.21 35.25 17.12
C ILE BA 116 -87.47 35.39 15.60
N MET BA 117 -86.39 35.61 14.83
CA MET BA 117 -86.43 35.82 13.39
C MET BA 117 -86.57 34.55 12.56
N ALA BA 118 -86.75 34.73 11.23
CA ALA BA 118 -86.99 33.69 10.25
C ALA BA 118 -86.18 32.42 10.43
N TYR BA 119 -86.83 31.29 10.22
CA TYR BA 119 -86.32 29.92 10.20
C TYR BA 119 -85.41 29.52 11.41
N ALA BA 120 -85.53 30.23 12.54
CA ALA BA 120 -84.80 29.92 13.77
C ALA BA 120 -85.36 28.59 14.40
N HIS BA 121 -84.93 28.25 15.63
CA HIS BA 121 -85.33 27.02 16.34
C HIS BA 121 -85.04 27.14 17.85
N ILE BA 122 -86.04 26.82 18.68
CA ILE BA 122 -85.92 26.88 20.12
C ILE BA 122 -86.30 25.48 20.59
N GLY BA 123 -85.29 24.69 20.95
CA GLY BA 123 -85.43 23.27 21.30
C GLY BA 123 -85.94 22.97 22.70
N HIS BA 124 -86.31 21.70 22.93
CA HIS BA 124 -86.84 21.17 24.20
C HIS BA 124 -86.19 21.70 25.47
N ASP BA 125 -87.01 22.23 26.39
CA ASP BA 125 -86.68 22.81 27.70
C ASP BA 125 -85.81 24.08 27.64
N SER BA 126 -85.92 24.80 26.53
CA SER BA 126 -85.20 26.05 26.44
C SER BA 126 -86.00 27.17 27.14
N VAL BA 127 -85.28 28.13 27.75
CA VAL BA 127 -85.83 29.23 28.52
C VAL BA 127 -85.26 30.56 28.03
N ILE BA 128 -86.10 31.35 27.35
CA ILE BA 128 -85.73 32.66 26.82
C ILE BA 128 -86.37 33.72 27.70
N GLY BA 129 -85.58 34.68 28.14
CA GLY BA 129 -86.04 35.78 28.98
C GLY BA 129 -86.79 36.84 28.20
N ASN BA 130 -86.43 38.11 28.41
CA ASN BA 130 -87.11 39.22 27.77
C ASN BA 130 -86.20 40.09 26.91
N HIS BA 131 -86.79 40.71 25.88
CA HIS BA 131 -86.09 41.61 24.96
C HIS BA 131 -84.88 41.01 24.24
N CYS BA 132 -84.88 39.68 24.04
CA CYS BA 132 -83.85 38.97 23.27
C CYS BA 132 -84.06 39.21 21.75
N ILE BA 133 -83.00 39.03 20.97
CA ILE BA 133 -83.06 39.03 19.53
C ILE BA 133 -82.41 37.68 19.16
N LEU BA 134 -83.15 36.83 18.47
CA LEU BA 134 -82.66 35.56 17.96
C LEU BA 134 -82.77 35.72 16.44
N VAL BA 135 -81.65 36.05 15.78
CA VAL BA 135 -81.60 36.35 14.32
C VAL BA 135 -81.92 35.09 13.47
N ASN BA 136 -81.81 35.17 12.13
CA ASN BA 136 -82.13 34.04 11.24
C ASN BA 136 -81.50 32.72 11.60
N ASN BA 137 -82.19 31.63 11.31
CA ASN BA 137 -81.73 30.27 11.54
C ASN BA 137 -80.91 30.04 12.87
N THR BA 138 -81.17 30.82 13.96
CA THR BA 138 -80.49 30.61 15.26
C THR BA 138 -81.06 29.29 15.82
N ALA BA 139 -80.19 28.36 16.25
CA ALA BA 139 -80.65 27.07 16.74
C ALA BA 139 -80.16 26.76 18.15
N LEU BA 140 -81.11 26.54 19.08
CA LEU BA 140 -80.83 26.19 20.48
C LEU BA 140 -81.12 24.68 20.62
N ALA BA 141 -80.08 23.81 20.64
CA ALA BA 141 -80.19 22.34 20.69
C ALA BA 141 -81.21 21.79 21.71
N GLY BA 142 -81.31 22.47 22.83
CA GLY BA 142 -82.21 22.10 23.90
C GLY BA 142 -81.60 22.50 25.23
N HIS BA 143 -82.42 22.60 26.26
CA HIS BA 143 -82.01 22.98 27.63
C HIS BA 143 -81.21 24.32 27.72
N VAL BA 144 -81.19 25.13 26.62
CA VAL BA 144 -80.49 26.43 26.52
C VAL BA 144 -81.25 27.56 27.27
N HIS BA 145 -80.51 28.47 27.95
CA HIS BA 145 -81.10 29.57 28.73
C HIS BA 145 -80.61 30.90 28.23
N VAL BA 146 -81.46 31.66 27.55
CA VAL BA 146 -81.07 32.96 27.04
C VAL BA 146 -81.66 33.99 27.99
N ASP BA 147 -80.81 34.76 28.65
CA ASP BA 147 -81.23 35.77 29.62
C ASP BA 147 -81.48 37.09 28.86
N ASP BA 148 -82.18 38.07 29.50
CA ASP BA 148 -82.62 39.34 28.92
C ASP BA 148 -81.63 40.08 28.01
N TRP BA 149 -82.18 40.75 26.97
CA TRP BA 149 -81.50 41.65 26.00
C TRP BA 149 -80.51 40.96 25.00
N ALA BA 150 -79.90 39.80 25.37
CA ALA BA 150 -78.99 38.98 24.57
C ALA BA 150 -79.32 38.93 23.08
N ILE BA 151 -78.32 39.19 22.24
CA ILE BA 151 -78.49 39.19 20.79
C ILE BA 151 -77.74 38.00 20.22
N LEU BA 152 -78.48 37.10 19.57
CA LEU BA 152 -77.92 35.91 18.93
C LEU BA 152 -77.98 36.13 17.43
N SER BA 153 -76.83 36.51 16.82
CA SER BA 153 -76.72 36.80 15.38
C SER BA 153 -77.08 35.64 14.43
N GLY BA 154 -77.25 35.95 13.16
CA GLY BA 154 -77.61 34.97 12.14
C GLY BA 154 -76.86 33.67 12.27
N TYR BA 155 -77.60 32.57 12.24
CA TYR BA 155 -77.08 31.21 12.28
C TYR BA 155 -76.17 30.92 13.52
N THR BA 156 -76.51 31.51 14.69
CA THR BA 156 -75.82 31.20 15.97
C THR BA 156 -76.35 29.81 16.35
N LEU BA 157 -75.44 28.89 16.66
CA LEU BA 157 -75.80 27.56 17.06
C LEU BA 157 -75.39 27.41 18.53
N VAL BA 158 -76.27 26.86 19.38
CA VAL BA 158 -76.05 26.69 20.83
C VAL BA 158 -76.24 25.23 21.27
N HIS BA 159 -75.19 24.65 21.86
CA HIS BA 159 -75.19 23.28 22.34
C HIS BA 159 -76.11 23.19 23.52
N GLN BA 160 -76.69 22.00 23.76
CA GLN BA 160 -77.57 21.73 24.89
C GLN BA 160 -76.96 22.17 26.22
N TYR BA 161 -77.80 22.70 27.11
CA TYR BA 161 -77.53 23.09 28.51
C TYR BA 161 -76.82 24.43 28.73
N CYS BA 162 -76.35 25.09 27.65
CA CYS BA 162 -75.67 26.39 27.70
C CYS BA 162 -76.56 27.53 28.13
N ARG BA 163 -75.93 28.60 28.60
CA ARG BA 163 -76.62 29.78 29.04
C ARG BA 163 -76.00 31.01 28.38
N ILE BA 164 -76.80 31.73 27.61
CA ILE BA 164 -76.38 32.96 26.96
C ILE BA 164 -76.72 34.08 27.97
N GLY BA 165 -75.68 34.72 28.52
CA GLY BA 165 -75.84 35.73 29.56
C GLY BA 165 -76.65 36.93 29.13
N ALA BA 166 -77.10 37.74 30.10
CA ALA BA 166 -77.89 38.95 29.84
C ALA BA 166 -77.04 39.95 29.08
N HIS BA 167 -77.65 40.67 28.11
CA HIS BA 167 -77.03 41.68 27.22
C HIS BA 167 -76.03 41.13 26.22
N SER BA 168 -75.34 40.01 26.58
CA SER BA 168 -74.31 39.30 25.81
C SER BA 168 -74.69 39.10 24.35
N PHE BA 169 -73.74 39.44 23.48
CA PHE BA 169 -73.91 39.38 22.06
C PHE BA 169 -73.04 38.29 21.47
N SER BA 170 -73.63 37.46 20.59
CA SER BA 170 -72.89 36.42 19.89
C SER BA 170 -72.92 36.74 18.38
N GLY BA 171 -71.74 36.74 17.72
CA GLY BA 171 -71.61 37.07 16.30
C GLY BA 171 -72.26 36.12 15.31
N MET BA 172 -72.24 36.44 14.00
CA MET BA 172 -72.92 35.51 13.07
C MET BA 172 -72.08 34.25 12.83
N GLY BA 173 -72.80 33.15 12.58
CA GLY BA 173 -72.22 31.82 12.37
C GLY BA 173 -71.55 31.23 13.60
N SER BA 174 -71.86 31.78 14.79
CA SER BA 174 -71.31 31.33 16.06
C SER BA 174 -71.67 29.90 16.38
N ALA BA 175 -70.76 29.18 17.04
CA ALA BA 175 -71.02 27.83 17.50
C ALA BA 175 -70.66 27.82 18.98
N ILE BA 176 -71.68 28.15 19.83
CA ILE BA 176 -71.61 28.24 21.30
C ILE BA 176 -71.76 26.87 21.87
N GLY BA 177 -70.78 26.48 22.68
CA GLY BA 177 -70.72 25.15 23.30
C GLY BA 177 -70.59 25.16 24.80
N LYS BA 178 -70.21 26.34 25.38
CA LYS BA 178 -70.10 26.61 26.81
C LYS BA 178 -70.78 27.95 27.13
N ASP BA 179 -71.18 28.14 28.39
CA ASP BA 179 -71.83 29.35 28.89
C ASP BA 179 -71.21 30.70 28.39
N VAL BA 180 -72.04 31.65 27.92
CA VAL BA 180 -71.55 32.99 27.53
C VAL BA 180 -71.81 33.91 28.77
N PRO BA 181 -70.77 34.46 29.48
CA PRO BA 181 -71.08 35.32 30.64
C PRO BA 181 -71.85 36.58 30.21
N ALA BA 182 -72.62 37.18 31.13
CA ALA BA 182 -73.40 38.38 30.80
C ALA BA 182 -72.49 39.43 30.18
N TYR BA 183 -73.00 40.16 29.16
CA TYR BA 183 -72.35 41.21 28.35
C TYR BA 183 -71.33 40.74 27.31
N VAL BA 184 -70.57 39.62 27.55
CA VAL BA 184 -69.46 39.10 26.69
C VAL BA 184 -69.84 38.84 25.24
N THR BA 185 -69.00 39.27 24.28
CA THR BA 185 -69.28 39.06 22.87
C THR BA 185 -68.50 37.87 22.35
N VAL BA 186 -69.18 36.87 21.79
CA VAL BA 186 -68.47 35.69 21.30
C VAL BA 186 -68.56 35.54 19.80
N PHE BA 187 -67.49 35.05 19.17
CA PHE BA 187 -67.47 34.85 17.73
C PHE BA 187 -66.82 33.54 17.30
N GLY BA 188 -67.29 33.01 16.17
CA GLY BA 188 -66.72 31.85 15.51
C GLY BA 188 -67.17 30.48 15.91
N ASN BA 189 -66.48 29.49 15.36
CA ASN BA 189 -66.73 28.07 15.57
C ASN BA 189 -65.35 27.45 15.90
N PRO BA 190 -65.08 27.15 17.19
CA PRO BA 190 -65.96 27.32 18.36
C PRO BA 190 -66.07 28.78 18.76
N ALA BA 191 -67.12 29.14 19.53
CA ALA BA 191 -67.29 30.51 19.99
C ALA BA 191 -66.14 30.90 20.87
N GLU BA 192 -65.69 32.14 20.75
CA GLU BA 192 -64.59 32.70 21.54
C GLU BA 192 -64.96 34.14 21.89
N ALA BA 193 -64.79 34.51 23.19
CA ALA BA 193 -65.01 35.88 23.68
C ALA BA 193 -64.03 36.83 22.97
N ARG BA 194 -64.51 38.00 22.49
CA ARG BA 194 -63.70 39.04 21.80
C ARG BA 194 -63.65 40.32 22.64
N SER BA 195 -64.82 40.78 23.15
CA SER BA 195 -64.98 41.97 24.00
C SER BA 195 -66.30 41.88 24.78
N MET BA 196 -66.92 43.04 25.02
CA MET BA 196 -68.19 43.15 25.72
C MET BA 196 -69.11 43.99 24.84
N ASN BA 197 -70.43 43.82 25.00
CA ASN BA 197 -71.44 44.54 24.22
C ASN BA 197 -71.59 45.94 24.79
N PHE BA 198 -70.67 46.81 24.44
CA PHE BA 198 -70.66 48.20 24.92
C PHE BA 198 -71.82 49.01 24.39
N GLU BA 199 -72.34 48.65 23.20
CA GLU BA 199 -73.48 49.32 22.62
C GLU BA 199 -74.72 48.92 23.37
N GLY BA 200 -74.75 47.68 23.87
CA GLY BA 200 -75.82 47.14 24.69
C GLY BA 200 -75.93 47.86 26.02
N MET BA 201 -74.75 48.23 26.56
CA MET BA 201 -74.58 49.03 27.76
C MET BA 201 -75.01 50.48 27.43
N ARG BA 202 -74.57 51.04 26.27
CA ARG BA 202 -74.90 52.40 25.80
C ARG BA 202 -76.42 52.60 25.80
N ARG BA 203 -77.13 51.66 25.13
CA ARG BA 203 -78.58 51.63 24.96
C ARG BA 203 -79.33 51.49 26.27
N ARG BA 204 -78.80 50.70 27.20
CA ARG BA 204 -79.50 50.47 28.47
C ARG BA 204 -79.09 51.47 29.59
N GLY BA 205 -78.64 52.65 29.19
CA GLY BA 205 -78.29 53.79 30.04
C GLY BA 205 -77.31 53.59 31.18
N PHE BA 206 -76.34 52.68 30.98
CA PHE BA 206 -75.28 52.35 31.94
C PHE BA 206 -74.45 53.59 32.21
N SER BA 207 -73.87 53.69 33.41
CA SER BA 207 -73.04 54.85 33.71
C SER BA 207 -71.72 54.70 33.00
N SER BA 208 -71.05 55.83 32.72
CA SER BA 208 -69.73 55.84 32.08
C SER BA 208 -68.73 55.10 32.98
N GLU BA 209 -68.95 55.14 34.31
CA GLU BA 209 -68.16 54.49 35.37
C GLU BA 209 -68.38 52.97 35.34
N ALA BA 210 -69.66 52.53 35.18
CA ALA BA 210 -70.15 51.15 35.09
C ALA BA 210 -69.64 50.44 33.85
N ILE BA 211 -69.71 51.12 32.68
CA ILE BA 211 -69.18 50.64 31.39
C ILE BA 211 -67.67 50.36 31.58
N HIS BA 212 -66.93 51.31 32.18
CA HIS BA 212 -65.50 51.12 32.46
C HIS BA 212 -65.25 50.00 33.46
N ALA BA 213 -66.10 49.88 34.47
CA ALA BA 213 -66.02 48.83 35.49
C ALA BA 213 -66.08 47.45 34.86
N LEU BA 214 -66.81 47.31 33.74
CA LEU BA 214 -67.02 46.07 32.99
C LEU BA 214 -65.90 45.78 31.97
N ARG BA 215 -65.21 46.82 31.42
CA ARG BA 215 -64.07 46.54 30.54
C ARG BA 215 -62.99 46.02 31.48
N ARG BA 216 -62.73 46.76 32.60
CA ARG BA 216 -61.78 46.42 33.65
C ARG BA 216 -62.04 45.00 34.17
N ALA BA 217 -63.34 44.60 34.21
CA ALA BA 217 -63.81 43.29 34.65
C ALA BA 217 -63.60 42.19 33.62
N TYR BA 218 -63.85 42.48 32.32
CA TYR BA 218 -63.67 41.48 31.29
C TYR BA 218 -62.22 41.04 31.30
N LYS BA 219 -61.30 42.04 31.32
CA LYS BA 219 -59.84 41.87 31.34
C LYS BA 219 -59.38 40.89 32.43
N VAL BA 220 -60.00 40.94 33.65
CA VAL BA 220 -59.70 40.07 34.82
C VAL BA 220 -59.82 38.59 34.45
N VAL BA 221 -61.00 38.23 33.92
CA VAL BA 221 -61.42 36.89 33.53
C VAL BA 221 -60.54 36.32 32.41
N TYR BA 222 -60.39 37.11 31.33
CA TYR BA 222 -59.73 36.73 30.10
C TYR BA 222 -58.27 37.21 29.93
N ARG BA 223 -58.10 38.50 29.56
CA ARG BA 223 -56.86 39.19 29.25
C ARG BA 223 -55.80 39.24 30.42
N GLN BA 224 -56.03 38.59 31.59
CA GLN BA 224 -55.10 38.69 32.72
C GLN BA 224 -54.39 37.37 33.21
N GLY BA 225 -54.66 36.24 32.55
CA GLY BA 225 -54.03 34.98 32.89
C GLY BA 225 -54.39 34.46 34.27
N HIS BA 226 -55.69 34.60 34.62
CA HIS BA 226 -56.23 34.15 35.90
C HIS BA 226 -57.05 32.91 35.67
N THR BA 227 -56.96 31.93 36.58
CA THR BA 227 -57.83 30.76 36.47
C THR BA 227 -59.24 31.24 36.83
N VAL BA 228 -60.27 30.64 36.20
CA VAL BA 228 -61.70 30.97 36.38
C VAL BA 228 -62.05 31.29 37.84
N GLU BA 229 -61.40 30.59 38.79
CA GLU BA 229 -61.51 30.71 40.24
C GLU BA 229 -60.91 32.03 40.74
N GLU BA 230 -59.63 32.28 40.40
CA GLU BA 230 -58.84 33.46 40.75
C GLU BA 230 -59.51 34.73 40.25
N ALA BA 231 -60.00 34.69 38.98
CA ALA BA 231 -60.68 35.78 38.30
C ALA BA 231 -61.96 36.15 39.03
N LEU BA 232 -62.73 35.13 39.50
CA LEU BA 232 -63.98 35.29 40.25
C LEU BA 232 -63.76 35.91 41.63
N ALA BA 233 -62.61 35.59 42.25
CA ALA BA 233 -62.26 36.08 43.58
C ALA BA 233 -61.69 37.48 43.52
N GLU BA 234 -61.25 37.90 42.32
CA GLU BA 234 -60.68 39.22 42.04
C GLU BA 234 -61.83 40.19 41.71
N LEU BA 235 -62.90 39.66 41.11
CA LEU BA 235 -64.11 40.40 40.78
C LEU BA 235 -64.92 40.71 42.04
N ALA BA 236 -64.63 40.01 43.17
CA ALA BA 236 -65.35 40.16 44.44
C ALA BA 236 -65.51 41.61 44.87
N GLU BA 237 -64.46 42.44 44.66
CA GLU BA 237 -64.42 43.87 44.97
C GLU BA 237 -65.33 44.67 44.03
N SER BA 238 -65.05 44.62 42.71
CA SER BA 238 -65.78 45.33 41.66
C SER BA 238 -67.30 44.99 41.60
N ALA BA 239 -67.66 43.72 41.89
CA ALA BA 239 -69.05 43.25 41.86
C ALA BA 239 -69.84 43.81 43.02
N ALA BA 240 -69.13 44.10 44.11
CA ALA BA 240 -69.70 44.66 45.34
C ALA BA 240 -69.88 46.19 45.23
N GLN BA 241 -69.17 46.81 44.26
CA GLN BA 241 -69.18 48.25 43.94
C GLN BA 241 -70.21 48.56 42.85
N PHE BA 242 -70.37 47.63 41.89
CA PHE BA 242 -71.27 47.79 40.78
C PHE BA 242 -72.27 46.66 40.62
N PRO BA 243 -73.59 46.98 40.64
CA PRO BA 243 -74.60 45.93 40.41
C PRO BA 243 -74.52 45.25 39.04
N GLU BA 244 -73.91 45.95 38.06
CA GLU BA 244 -73.70 45.49 36.69
C GLU BA 244 -72.55 44.48 36.65
N VAL BA 245 -71.49 44.70 37.48
CA VAL BA 245 -70.36 43.77 37.59
C VAL BA 245 -70.87 42.54 38.38
N ALA BA 246 -71.75 42.74 39.38
CA ALA BA 246 -72.36 41.67 40.17
C ALA BA 246 -73.06 40.67 39.24
N VAL BA 247 -73.81 41.20 38.22
CA VAL BA 247 -74.53 40.46 37.17
C VAL BA 247 -73.52 39.58 36.40
N PHE BA 248 -72.38 40.16 35.98
CA PHE BA 248 -71.35 39.46 35.23
C PHE BA 248 -70.58 38.44 36.09
N ARG BA 249 -70.30 38.75 37.38
CA ARG BA 249 -69.60 37.81 38.25
C ARG BA 249 -70.49 36.64 38.55
N ASP BA 250 -71.76 36.88 38.90
CA ASP BA 250 -72.75 35.83 39.15
C ASP BA 250 -72.94 34.95 37.90
N SER BA 251 -72.81 35.50 36.68
CA SER BA 251 -72.99 34.75 35.41
C SER BA 251 -71.90 33.70 35.17
N ILE BA 252 -70.72 33.94 35.78
CA ILE BA 252 -69.51 33.12 35.75
C ILE BA 252 -69.58 32.16 36.93
N GLN BA 253 -69.98 32.69 38.10
CA GLN BA 253 -70.13 31.93 39.32
C GLN BA 253 -71.07 30.76 39.05
N SER BA 254 -72.23 31.05 38.42
CA SER BA 254 -73.21 30.03 38.05
C SER BA 254 -72.90 29.47 36.63
N ALA BA 255 -71.75 28.77 36.55
CA ALA BA 255 -71.13 28.08 35.42
C ALA BA 255 -69.88 27.40 35.98
N THR BA 256 -69.28 28.00 37.05
CA THR BA 256 -68.09 27.53 37.78
C THR BA 256 -68.45 26.77 39.09
N ARG BA 257 -68.53 25.41 38.99
CA ARG BA 257 -68.78 24.50 40.14
C ARG BA 257 -67.50 23.69 40.39
N GLY BA 258 -67.33 22.64 39.58
CA GLY BA 258 -66.15 21.79 39.61
C GLY BA 258 -66.22 20.54 40.44
N ILE BA 259 -65.09 19.85 40.46
CA ILE BA 259 -64.90 18.63 41.23
C ILE BA 259 -63.81 18.83 42.28
N THR BA 260 -63.90 18.08 43.36
CA THR BA 260 -62.95 18.13 44.47
C THR BA 260 -61.62 17.61 43.97
N ARG BA 261 -60.52 18.33 44.26
CA ARG BA 261 -59.19 17.92 43.80
C ARG BA 261 -58.23 17.60 44.95
N MET CA 4 -58.86 -56.27 76.96
CA MET CA 4 -58.54 -54.96 77.53
C MET CA 4 -59.57 -53.85 77.15
N SER CA 5 -60.21 -53.19 78.15
CA SER CA 5 -61.14 -52.07 77.92
C SER CA 5 -60.34 -50.79 77.57
N LEU CA 6 -60.91 -49.94 76.68
CA LEU CA 6 -60.36 -48.69 76.16
C LEU CA 6 -59.52 -47.90 77.17
N ILE CA 7 -60.05 -47.73 78.40
CA ILE CA 7 -59.36 -47.03 79.48
C ILE CA 7 -58.53 -48.07 80.21
N ASP CA 8 -57.20 -48.07 79.95
CA ASP CA 8 -56.23 -49.01 80.53
C ASP CA 8 -56.27 -48.95 82.05
N PRO CA 9 -56.39 -50.12 82.75
CA PRO CA 9 -56.48 -50.11 84.22
C PRO CA 9 -55.33 -49.42 84.95
N ARG CA 10 -54.15 -49.29 84.29
CA ARG CA 10 -52.95 -48.63 84.81
C ARG CA 10 -53.04 -47.09 84.73
N ALA CA 11 -54.12 -46.54 84.10
CA ALA CA 11 -54.39 -45.10 84.00
C ALA CA 11 -55.22 -44.62 85.21
N ILE CA 12 -55.06 -43.34 85.63
CA ILE CA 12 -55.86 -42.79 86.73
C ILE CA 12 -56.65 -41.59 86.25
N ILE CA 13 -57.98 -41.71 86.35
CA ILE CA 13 -59.01 -40.76 85.91
C ILE CA 13 -59.68 -40.13 87.15
N ASP CA 14 -59.80 -38.79 87.17
CA ASP CA 14 -60.45 -38.07 88.25
C ASP CA 14 -61.95 -38.27 88.14
N PRO CA 15 -62.66 -38.58 89.25
CA PRO CA 15 -64.12 -38.78 89.15
C PRO CA 15 -64.87 -37.54 88.63
N SER CA 16 -64.14 -36.39 88.53
CA SER CA 16 -64.59 -35.09 88.06
C SER CA 16 -64.49 -35.03 86.53
N ALA CA 17 -63.62 -35.85 85.94
CA ALA CA 17 -63.45 -35.92 84.49
C ALA CA 17 -64.66 -36.58 83.82
N ARG CA 18 -64.91 -36.19 82.57
CA ARG CA 18 -66.01 -36.66 81.74
C ARG CA 18 -65.40 -37.07 80.41
N LEU CA 19 -65.47 -38.36 80.11
CA LEU CA 19 -64.91 -38.90 78.89
C LEU CA 19 -66.01 -39.59 78.11
N ALA CA 20 -66.04 -39.40 76.78
CA ALA CA 20 -67.02 -40.06 75.91
C ALA CA 20 -66.82 -41.57 76.01
N ALA CA 21 -67.87 -42.37 75.75
CA ALA CA 21 -67.77 -43.82 75.93
C ALA CA 21 -66.70 -44.53 75.10
N ASP CA 22 -66.35 -44.00 73.93
CA ASP CA 22 -65.37 -44.63 73.05
C ASP CA 22 -63.97 -44.01 73.16
N VAL CA 23 -63.72 -43.30 74.27
CA VAL CA 23 -62.42 -42.69 74.55
C VAL CA 23 -61.48 -43.79 75.06
N GLN CA 24 -60.32 -43.92 74.40
CA GLN CA 24 -59.25 -44.85 74.74
C GLN CA 24 -58.19 -44.08 75.53
N VAL CA 25 -57.77 -44.63 76.69
CA VAL CA 25 -56.75 -44.05 77.57
C VAL CA 25 -55.69 -45.13 77.82
N GLY CA 26 -54.44 -44.81 77.48
CA GLY CA 26 -53.32 -45.73 77.61
C GLY CA 26 -52.85 -45.92 79.03
N PRO CA 27 -51.90 -46.86 79.27
CA PRO CA 27 -51.41 -47.09 80.64
C PRO CA 27 -50.58 -45.93 81.20
N TRP CA 28 -50.54 -45.82 82.55
CA TRP CA 28 -49.78 -44.81 83.31
C TRP CA 28 -50.01 -43.38 82.81
N SER CA 29 -51.26 -43.10 82.47
CA SER CA 29 -51.74 -41.80 82.04
C SER CA 29 -52.63 -41.22 83.18
N ILE CA 30 -52.83 -39.89 83.19
CA ILE CA 30 -53.59 -39.19 84.22
C ILE CA 30 -54.58 -38.23 83.59
N VAL CA 31 -55.89 -38.46 83.83
CA VAL CA 31 -56.95 -37.57 83.35
C VAL CA 31 -57.42 -36.81 84.60
N GLY CA 32 -56.94 -35.58 84.74
CA GLY CA 32 -57.20 -34.70 85.89
C GLY CA 32 -58.63 -34.25 86.04
N ALA CA 33 -58.88 -33.45 87.08
CA ALA CA 33 -60.20 -32.93 87.37
C ALA CA 33 -60.55 -31.88 86.33
N GLU CA 34 -61.86 -31.79 85.99
CA GLU CA 34 -62.48 -30.88 85.02
C GLU CA 34 -62.08 -31.16 83.53
N VAL CA 35 -61.22 -32.20 83.27
CA VAL CA 35 -60.82 -32.62 81.90
C VAL CA 35 -62.02 -33.33 81.24
N GLU CA 36 -62.44 -32.83 80.07
CA GLU CA 36 -63.55 -33.35 79.29
C GLU CA 36 -62.98 -33.87 77.95
N ILE CA 37 -63.29 -35.11 77.59
CA ILE CA 37 -62.71 -35.66 76.36
C ILE CA 37 -63.81 -36.21 75.45
N GLY CA 38 -63.90 -35.61 74.26
CA GLY CA 38 -64.88 -35.95 73.23
C GLY CA 38 -64.64 -37.29 72.55
N GLU CA 39 -65.68 -37.78 71.85
CA GLU CA 39 -65.75 -39.04 71.10
C GLU CA 39 -64.49 -39.41 70.32
N GLY CA 40 -64.15 -40.70 70.35
CA GLY CA 40 -63.04 -41.31 69.63
C GLY CA 40 -61.63 -40.77 69.81
N THR CA 41 -61.42 -39.91 70.83
CA THR CA 41 -60.11 -39.33 71.12
C THR CA 41 -59.25 -40.45 71.75
N VAL CA 42 -58.05 -40.64 71.21
CA VAL CA 42 -57.11 -41.65 71.70
C VAL CA 42 -55.97 -40.99 72.46
N ILE CA 43 -55.86 -41.32 73.79
CA ILE CA 43 -54.81 -40.85 74.69
C ILE CA 43 -53.81 -41.98 74.87
N GLY CA 44 -52.56 -41.73 74.49
CA GLY CA 44 -51.48 -42.69 74.59
C GLY CA 44 -51.02 -42.96 76.01
N PRO CA 45 -49.98 -43.78 76.19
CA PRO CA 45 -49.47 -44.02 77.55
C PRO CA 45 -48.69 -42.80 78.05
N HIS CA 46 -48.35 -42.72 79.34
CA HIS CA 46 -47.58 -41.61 79.94
C HIS CA 46 -47.99 -40.16 79.48
N VAL CA 47 -49.30 -39.86 79.39
CA VAL CA 47 -49.80 -38.52 79.04
C VAL CA 47 -50.39 -37.91 80.34
N VAL CA 48 -50.10 -36.63 80.63
CA VAL CA 48 -50.64 -35.98 81.83
C VAL CA 48 -51.58 -34.89 81.39
N LEU CA 49 -52.86 -35.05 81.70
CA LEU CA 49 -53.92 -34.08 81.38
C LEU CA 49 -54.39 -33.38 82.67
N LYS CA 50 -54.26 -32.02 82.74
CA LYS CA 50 -54.70 -31.19 83.88
C LYS CA 50 -55.86 -30.26 83.46
N GLY CA 51 -56.80 -30.03 84.37
CA GLY CA 51 -57.96 -29.19 84.08
C GLY CA 51 -57.97 -27.78 84.65
N PRO CA 52 -58.97 -26.94 84.26
CA PRO CA 52 -60.10 -27.21 83.34
C PRO CA 52 -59.66 -27.29 81.90
N THR CA 53 -59.99 -28.41 81.22
CA THR CA 53 -59.63 -28.62 79.82
C THR CA 53 -60.77 -29.29 79.05
N LYS CA 54 -61.04 -28.81 77.84
CA LYS CA 54 -62.03 -29.37 76.95
C LYS CA 54 -61.25 -29.90 75.75
N ILE CA 55 -61.30 -31.21 75.52
CA ILE CA 55 -60.64 -31.86 74.38
C ILE CA 55 -61.76 -32.40 73.50
N GLY CA 56 -61.71 -32.01 72.22
CA GLY CA 56 -62.69 -32.36 71.21
C GLY CA 56 -62.69 -33.80 70.76
N LYS CA 57 -63.28 -34.05 69.59
CA LYS CA 57 -63.46 -35.37 69.01
C LYS CA 57 -62.30 -35.83 68.11
N HIS CA 58 -62.16 -37.15 67.98
CA HIS CA 58 -61.19 -37.83 67.13
C HIS CA 58 -59.80 -37.25 67.14
N ASN CA 59 -59.28 -36.94 68.32
CA ASN CA 59 -57.91 -36.43 68.51
C ASN CA 59 -56.99 -37.63 68.87
N ARG CA 60 -55.65 -37.50 68.64
CA ARG CA 60 -54.67 -38.52 69.04
C ARG CA 60 -53.53 -37.83 69.83
N ILE CA 61 -53.45 -38.10 71.18
CA ILE CA 61 -52.41 -37.53 72.07
C ILE CA 61 -51.35 -38.57 72.43
N TYR CA 62 -50.11 -38.31 72.01
CA TYR CA 62 -48.98 -39.21 72.23
C TYR CA 62 -48.36 -39.10 73.59
N GLN CA 63 -47.60 -40.15 73.95
CA GLN CA 63 -46.88 -40.27 75.19
C GLN CA 63 -45.99 -39.06 75.54
N PHE CA 64 -45.85 -38.83 76.85
CA PHE CA 64 -44.96 -37.83 77.46
C PHE CA 64 -45.44 -36.38 77.28
N SER CA 65 -46.66 -36.19 76.79
CA SER CA 65 -47.22 -34.86 76.65
C SER CA 65 -47.77 -34.41 78.01
N SER CA 66 -47.63 -33.11 78.33
CA SER CA 66 -48.17 -32.49 79.55
C SER CA 66 -49.11 -31.41 79.03
N VAL CA 67 -50.38 -31.83 78.75
CA VAL CA 67 -51.45 -31.02 78.17
C VAL CA 67 -52.37 -30.53 79.27
N GLY CA 68 -52.59 -29.22 79.34
CA GLY CA 68 -53.46 -28.59 80.33
C GLY CA 68 -52.76 -28.00 81.54
N GLU CA 69 -51.43 -28.18 81.64
CA GLU CA 69 -50.58 -27.73 82.75
C GLU CA 69 -50.59 -26.18 82.96
N ASP CA 70 -50.41 -25.71 84.21
CA ASP CA 70 -50.38 -24.26 84.54
C ASP CA 70 -49.13 -23.61 83.94
N THR CA 71 -49.22 -22.38 83.37
CA THR CA 71 -47.98 -21.75 82.87
C THR CA 71 -47.06 -21.39 84.02
N PRO CA 72 -45.72 -21.48 83.82
CA PRO CA 72 -44.81 -21.11 84.90
C PRO CA 72 -44.73 -19.59 85.11
N ASP CA 73 -45.23 -18.76 84.12
CA ASP CA 73 -45.24 -17.27 84.08
C ASP CA 73 -45.72 -16.69 85.39
N LEU CA 74 -44.89 -15.85 86.03
CA LEU CA 74 -45.13 -15.20 87.33
C LEU CA 74 -46.41 -14.36 87.34
N LYS CA 75 -46.81 -13.89 86.14
CA LYS CA 75 -48.04 -13.19 85.76
C LYS CA 75 -49.25 -14.04 86.31
N TYR CA 76 -49.21 -15.38 86.08
CA TYR CA 76 -50.21 -16.36 86.52
C TYR CA 76 -49.97 -16.71 87.98
N LYS CA 77 -51.04 -16.55 88.81
CA LYS CA 77 -51.01 -16.75 90.26
C LYS CA 77 -51.84 -17.95 90.76
N GLY CA 78 -52.29 -18.80 89.84
CA GLY CA 78 -53.06 -19.99 90.18
C GLY CA 78 -54.55 -19.80 89.99
N GLU CA 79 -54.90 -18.82 89.14
CA GLU CA 79 -56.28 -18.46 88.80
C GLU CA 79 -56.91 -19.57 87.93
N PRO CA 80 -58.20 -19.94 88.12
CA PRO CA 80 -58.80 -21.00 87.28
C PRO CA 80 -59.11 -20.44 85.90
N THR CA 81 -58.29 -20.91 84.93
CA THR CA 81 -58.27 -20.55 83.52
C THR CA 81 -58.39 -21.86 82.67
N ARG CA 82 -58.76 -21.76 81.37
CA ARG CA 82 -59.03 -22.94 80.56
C ARG CA 82 -58.09 -23.26 79.43
N LEU CA 83 -58.22 -24.49 78.93
CA LEU CA 83 -57.59 -25.02 77.71
C LEU CA 83 -58.72 -25.69 76.93
N VAL CA 84 -58.83 -25.32 75.65
CA VAL CA 84 -59.82 -25.82 74.69
C VAL CA 84 -59.11 -26.35 73.46
N ILE CA 85 -59.29 -27.64 73.20
CA ILE CA 85 -58.69 -28.30 72.04
C ILE CA 85 -59.85 -28.81 71.20
N GLY CA 86 -59.75 -28.53 69.90
CA GLY CA 86 -60.75 -28.90 68.92
C GLY CA 86 -60.84 -30.37 68.60
N ASP CA 87 -61.30 -30.66 67.37
CA ASP CA 87 -61.50 -32.01 66.85
C ASP CA 87 -60.43 -32.36 65.80
N HIS CA 88 -60.07 -33.66 65.63
CA HIS CA 88 -59.08 -34.21 64.65
C HIS CA 88 -57.62 -33.70 64.76
N ASN CA 89 -57.18 -33.37 65.94
CA ASN CA 89 -55.82 -32.89 66.17
C ASN CA 89 -54.85 -34.03 66.47
N VAL CA 90 -53.55 -33.82 66.10
CA VAL CA 90 -52.44 -34.73 66.45
C VAL CA 90 -51.46 -33.95 67.31
N ILE CA 91 -51.39 -34.31 68.60
CA ILE CA 91 -50.49 -33.72 69.59
C ILE CA 91 -49.50 -34.86 69.82
N ARG CA 92 -48.33 -34.78 69.18
CA ARG CA 92 -47.30 -35.82 69.18
C ARG CA 92 -46.58 -35.98 70.54
N GLU CA 93 -45.41 -36.64 70.54
CA GLU CA 93 -44.66 -36.94 71.76
C GLU CA 93 -44.18 -35.68 72.44
N GLY CA 94 -44.22 -35.70 73.76
CA GLY CA 94 -43.78 -34.60 74.63
C GLY CA 94 -44.22 -33.17 74.34
N VAL CA 95 -45.41 -32.97 73.76
CA VAL CA 95 -45.94 -31.62 73.46
C VAL CA 95 -46.44 -31.03 74.77
N THR CA 96 -45.98 -29.81 75.11
CA THR CA 96 -46.39 -29.10 76.32
C THR CA 96 -47.41 -28.03 75.97
N ILE CA 97 -48.66 -28.23 76.38
CA ILE CA 97 -49.72 -27.26 76.12
C ILE CA 97 -50.17 -26.72 77.46
N HIS CA 98 -50.02 -25.38 77.66
CA HIS CA 98 -50.39 -24.69 78.90
C HIS CA 98 -51.72 -23.92 78.82
N ARG CA 99 -52.37 -23.68 79.99
CA ARG CA 99 -53.66 -22.98 80.05
C ARG CA 99 -53.52 -21.49 80.08
N GLY CA 100 -54.64 -20.80 79.83
CA GLY CA 100 -54.70 -19.34 79.75
C GLY CA 100 -54.39 -18.59 81.04
N THR CA 101 -54.21 -17.25 80.90
CA THR CA 101 -53.97 -16.32 82.02
C THR CA 101 -55.07 -15.26 81.97
N VAL CA 102 -55.51 -14.79 83.16
CA VAL CA 102 -56.60 -13.81 83.33
C VAL CA 102 -56.34 -12.46 82.62
N GLN CA 103 -55.07 -12.19 82.32
CA GLN CA 103 -54.59 -11.00 81.65
C GLN CA 103 -55.12 -10.92 80.19
N ASP CA 104 -55.23 -12.07 79.50
CA ASP CA 104 -55.77 -12.16 78.14
C ASP CA 104 -57.26 -12.52 78.38
N ARG CA 105 -57.77 -13.65 77.88
CA ARG CA 105 -59.16 -13.92 78.17
C ARG CA 105 -59.31 -15.27 78.89
N ALA CA 106 -58.30 -15.60 79.74
CA ALA CA 106 -58.21 -16.80 80.56
C ALA CA 106 -58.30 -18.14 79.78
N GLU CA 107 -57.99 -18.15 78.47
CA GLU CA 107 -58.09 -19.38 77.69
C GLU CA 107 -57.04 -19.50 76.63
N THR CA 108 -56.52 -20.74 76.47
CA THR CA 108 -55.62 -21.21 75.42
C THR CA 108 -56.54 -21.93 74.44
N THR CA 109 -56.46 -21.62 73.15
CA THR CA 109 -57.41 -22.20 72.20
C THR CA 109 -56.71 -22.88 71.05
N ILE CA 110 -57.04 -24.14 70.81
CA ILE CA 110 -56.49 -24.93 69.69
C ILE CA 110 -57.70 -25.40 68.87
N GLY CA 111 -57.66 -25.15 67.56
CA GLY CA 111 -58.73 -25.48 66.64
C GLY CA 111 -58.85 -26.95 66.25
N ASP CA 112 -59.36 -27.19 65.05
CA ASP CA 112 -59.56 -28.53 64.50
C ASP CA 112 -58.49 -28.87 63.46
N HIS CA 113 -58.23 -30.18 63.24
CA HIS CA 113 -57.34 -30.74 62.22
C HIS CA 113 -55.88 -30.26 62.20
N ASN CA 114 -55.30 -29.87 63.36
CA ASN CA 114 -53.91 -29.42 63.46
C ASN CA 114 -52.92 -30.58 63.78
N LEU CA 115 -51.65 -30.41 63.33
CA LEU CA 115 -50.54 -31.35 63.59
C LEU CA 115 -49.44 -30.64 64.37
N ILE CA 116 -49.43 -30.86 65.69
CA ILE CA 116 -48.44 -30.35 66.63
C ILE CA 116 -47.46 -31.52 66.88
N MET CA 117 -46.20 -31.35 66.47
CA MET CA 117 -45.18 -32.40 66.53
C MET CA 117 -44.43 -32.45 67.83
N ALA CA 118 -43.47 -33.42 67.93
CA ALA CA 118 -42.68 -33.69 69.12
C ALA CA 118 -42.12 -32.44 69.83
N TYR CA 119 -42.09 -32.46 71.17
CA TYR CA 119 -41.55 -31.49 72.15
C TYR CA 119 -41.92 -29.99 71.94
N ALA CA 120 -42.80 -29.67 70.95
CA ALA CA 120 -43.39 -28.34 70.71
C ALA CA 120 -44.05 -27.74 72.00
N HIS CA 121 -44.26 -26.43 72.00
CA HIS CA 121 -44.81 -25.69 73.13
C HIS CA 121 -45.86 -24.67 72.67
N ILE CA 122 -47.05 -24.76 73.26
CA ILE CA 122 -48.15 -23.85 73.05
C ILE CA 122 -48.35 -23.22 74.42
N GLY CA 123 -47.75 -22.05 74.63
CA GLY CA 123 -47.81 -21.36 75.91
C GLY CA 123 -49.16 -20.71 76.13
N HIS CA 124 -49.38 -20.21 77.36
CA HIS CA 124 -50.63 -19.55 77.77
C HIS CA 124 -51.27 -18.66 76.72
N ASP CA 125 -52.60 -18.71 76.63
CA ASP CA 125 -53.49 -17.89 75.79
C ASP CA 125 -53.25 -17.97 74.26
N SER CA 126 -52.29 -18.81 73.81
CA SER CA 126 -52.02 -18.97 72.38
C SER CA 126 -53.27 -19.49 71.71
N VAL CA 127 -53.66 -18.84 70.61
CA VAL CA 127 -54.85 -19.21 69.87
C VAL CA 127 -54.45 -19.78 68.51
N ILE CA 128 -54.82 -21.04 68.26
CA ILE CA 128 -54.48 -21.74 67.02
C ILE CA 128 -55.74 -22.04 66.22
N GLY CA 129 -55.65 -21.75 64.94
CA GLY CA 129 -56.73 -22.01 63.99
C GLY CA 129 -56.78 -23.47 63.57
N ASN CA 130 -57.01 -23.70 62.27
CA ASN CA 130 -57.14 -25.05 61.73
C ASN CA 130 -56.07 -25.46 60.70
N HIS CA 131 -55.83 -26.79 60.57
CA HIS CA 131 -54.93 -27.43 59.60
C HIS CA 131 -53.48 -26.96 59.64
N CYS CA 132 -53.05 -26.38 60.78
CA CYS CA 132 -51.69 -25.91 61.02
C CYS CA 132 -50.73 -27.07 61.25
N ILE CA 133 -49.48 -26.96 60.74
CA ILE CA 133 -48.43 -27.93 61.00
C ILE CA 133 -47.46 -27.15 61.88
N LEU CA 134 -47.26 -27.62 63.11
CA LEU CA 134 -46.37 -27.00 64.09
C LEU CA 134 -45.30 -28.05 64.34
N VAL CA 135 -44.23 -27.96 63.56
CA VAL CA 135 -43.13 -28.94 63.54
C VAL CA 135 -42.37 -28.99 64.89
N ASN CA 136 -41.58 -30.07 65.09
CA ASN CA 136 -40.77 -30.38 66.25
C ASN CA 136 -40.19 -29.20 67.01
N ASN CA 137 -40.34 -29.22 68.34
CA ASN CA 137 -39.81 -28.26 69.32
C ASN CA 137 -40.20 -26.74 69.02
N THR CA 138 -41.25 -26.49 68.19
CA THR CA 138 -41.76 -25.13 67.91
C THR CA 138 -42.28 -24.55 69.23
N ALA CA 139 -41.86 -23.34 69.64
CA ALA CA 139 -42.34 -22.77 70.91
C ALA CA 139 -43.13 -21.49 70.71
N LEU CA 140 -44.34 -21.41 71.29
CA LEU CA 140 -45.22 -20.22 71.25
C LEU CA 140 -45.25 -19.62 72.68
N ALA CA 141 -44.35 -18.62 72.93
CA ALA CA 141 -44.09 -17.97 74.24
C ALA CA 141 -45.34 -17.71 75.11
N GLY CA 142 -46.36 -17.09 74.51
CA GLY CA 142 -47.61 -16.77 75.17
C GLY CA 142 -48.44 -15.82 74.33
N HIS CA 143 -49.77 -15.91 74.43
CA HIS CA 143 -50.76 -15.08 73.71
C HIS CA 143 -50.50 -14.99 72.17
N VAL CA 144 -49.87 -16.04 71.59
CA VAL CA 144 -49.51 -16.13 70.17
C VAL CA 144 -50.72 -16.57 69.36
N HIS CA 145 -50.98 -15.91 68.25
CA HIS CA 145 -52.10 -16.31 67.42
C HIS CA 145 -51.59 -16.95 66.14
N VAL CA 146 -52.14 -18.10 65.76
CA VAL CA 146 -51.72 -18.82 64.56
C VAL CA 146 -52.95 -19.08 63.68
N ASP CA 147 -53.05 -18.38 62.54
CA ASP CA 147 -54.18 -18.51 61.60
C ASP CA 147 -54.07 -19.83 60.82
N ASP CA 148 -55.19 -20.27 60.21
CA ASP CA 148 -55.32 -21.50 59.44
C ASP CA 148 -54.20 -21.77 58.44
N TRP CA 149 -53.87 -23.05 58.26
CA TRP CA 149 -52.94 -23.62 57.28
C TRP CA 149 -51.46 -23.36 57.52
N ALA CA 150 -51.12 -22.35 58.34
CA ALA CA 150 -49.76 -21.97 58.75
C ALA CA 150 -48.81 -23.16 59.01
N ILE CA 151 -47.56 -23.10 58.52
CA ILE CA 151 -46.55 -24.14 58.71
C ILE CA 151 -45.34 -23.54 59.44
N LEU CA 152 -45.01 -24.06 60.64
CA LEU CA 152 -43.89 -23.57 61.44
C LEU CA 152 -42.84 -24.63 61.48
N SER CA 153 -41.73 -24.44 60.75
CA SER CA 153 -40.66 -25.44 60.71
C SER CA 153 -40.00 -25.70 62.07
N GLY CA 154 -39.30 -26.84 62.18
CA GLY CA 154 -38.65 -27.27 63.40
C GLY CA 154 -37.92 -26.18 64.16
N TYR CA 155 -38.04 -26.21 65.50
CA TYR CA 155 -37.41 -25.27 66.43
C TYR CA 155 -37.67 -23.78 66.09
N THR CA 156 -38.91 -23.46 65.63
CA THR CA 156 -39.36 -22.09 65.36
C THR CA 156 -39.75 -21.53 66.72
N LEU CA 157 -39.32 -20.31 67.03
CA LEU CA 157 -39.62 -19.68 68.33
C LEU CA 157 -40.43 -18.44 68.06
N VAL CA 158 -41.59 -18.36 68.67
CA VAL CA 158 -42.45 -17.21 68.47
C VAL CA 158 -42.59 -16.42 69.76
N HIS CA 159 -42.50 -15.09 69.66
CA HIS CA 159 -42.60 -14.20 70.82
C HIS CA 159 -44.03 -14.06 71.25
N GLN CA 160 -44.26 -13.55 72.46
CA GLN CA 160 -45.59 -13.28 72.97
C GLN CA 160 -46.31 -12.25 72.08
N TYR CA 161 -47.64 -12.30 72.08
CA TYR CA 161 -48.59 -11.39 71.42
C TYR CA 161 -48.53 -11.39 69.88
N CYS CA 162 -47.53 -12.10 69.27
CA CYS CA 162 -47.32 -12.27 67.82
C CYS CA 162 -48.49 -12.92 67.08
N ARG CA 163 -48.68 -12.56 65.80
CA ARG CA 163 -49.70 -13.13 64.93
C ARG CA 163 -49.11 -13.78 63.65
N ILE CA 164 -49.23 -15.12 63.56
CA ILE CA 164 -48.79 -15.90 62.41
C ILE CA 164 -50.02 -16.03 61.47
N GLY CA 165 -49.92 -15.41 60.28
CA GLY CA 165 -50.97 -15.39 59.27
C GLY CA 165 -51.34 -16.72 58.65
N ALA CA 166 -52.39 -16.71 57.81
CA ALA CA 166 -52.93 -17.89 57.11
C ALA CA 166 -52.01 -18.33 56.01
N HIS CA 167 -51.72 -19.64 55.91
CA HIS CA 167 -50.83 -20.23 54.90
C HIS CA 167 -49.35 -19.82 55.04
N SER CA 168 -49.04 -18.81 55.88
CA SER CA 168 -47.68 -18.33 56.10
C SER CA 168 -46.75 -19.42 56.60
N PHE CA 169 -45.53 -19.43 56.06
CA PHE CA 169 -44.49 -20.41 56.37
C PHE CA 169 -43.35 -19.76 57.14
N SER CA 170 -42.77 -20.49 58.09
CA SER CA 170 -41.62 -19.99 58.83
C SER CA 170 -40.57 -21.09 58.83
N GLY CA 171 -39.43 -20.79 58.24
CA GLY CA 171 -38.29 -21.69 58.11
C GLY CA 171 -37.77 -22.22 59.43
N MET CA 172 -36.97 -23.31 59.40
CA MET CA 172 -36.49 -23.92 60.64
C MET CA 172 -35.55 -22.99 61.40
N GLY CA 173 -35.53 -23.14 62.73
CA GLY CA 173 -34.73 -22.32 63.63
C GLY CA 173 -35.17 -20.88 63.77
N SER CA 174 -36.21 -20.46 62.98
CA SER CA 174 -36.79 -19.11 62.95
C SER CA 174 -37.03 -18.54 64.32
N ALA CA 175 -36.66 -17.27 64.55
CA ALA CA 175 -36.96 -16.58 65.80
C ALA CA 175 -37.84 -15.41 65.38
N ILE CA 176 -39.12 -15.45 65.79
CA ILE CA 176 -40.12 -14.48 65.36
C ILE CA 176 -40.38 -13.43 66.41
N GLY CA 177 -40.16 -12.18 66.02
CA GLY CA 177 -40.36 -11.00 66.85
C GLY CA 177 -41.65 -10.26 66.53
N LYS CA 178 -41.83 -9.81 65.26
CA LYS CA 178 -43.03 -9.10 64.80
C LYS CA 178 -44.03 -10.07 64.14
N ASP CA 179 -45.14 -9.56 63.63
CA ASP CA 179 -46.13 -10.42 62.99
C ASP CA 179 -45.56 -10.97 61.70
N VAL CA 180 -46.10 -12.10 61.26
CA VAL CA 180 -45.79 -12.75 59.99
C VAL CA 180 -47.13 -12.66 59.23
N PRO CA 181 -47.26 -11.80 58.19
CA PRO CA 181 -48.55 -11.71 57.49
C PRO CA 181 -48.94 -13.02 56.79
N ALA CA 182 -50.22 -13.12 56.34
CA ALA CA 182 -50.71 -14.31 55.65
C ALA CA 182 -49.93 -14.56 54.37
N TYR CA 183 -49.66 -15.84 54.07
CA TYR CA 183 -48.91 -16.39 52.93
C TYR CA 183 -47.38 -16.18 53.00
N VAL CA 184 -46.87 -15.09 53.64
CA VAL CA 184 -45.45 -14.69 53.76
C VAL CA 184 -44.57 -15.77 54.40
N THR CA 185 -43.42 -16.11 53.75
CA THR CA 185 -42.41 -17.05 54.24
C THR CA 185 -41.34 -16.22 54.94
N VAL CA 186 -41.07 -16.51 56.22
CA VAL CA 186 -40.06 -15.80 57.01
C VAL CA 186 -38.94 -16.75 57.49
N PHE CA 187 -37.68 -16.33 57.38
CA PHE CA 187 -36.57 -17.21 57.78
C PHE CA 187 -35.49 -16.60 58.69
N GLY CA 188 -34.91 -17.47 59.53
CA GLY CA 188 -33.78 -17.13 60.40
C GLY CA 188 -34.09 -16.58 61.77
N ASN CA 189 -33.04 -16.10 62.44
CA ASN CA 189 -33.04 -15.54 63.79
C ASN CA 189 -32.25 -14.21 63.69
N PRO CA 190 -32.88 -13.01 63.65
CA PRO CA 190 -34.32 -12.74 63.70
C PRO CA 190 -34.95 -13.00 62.33
N ALA CA 191 -36.17 -13.56 62.33
CA ALA CA 191 -36.91 -13.89 61.12
C ALA CA 191 -37.06 -12.68 60.21
N GLU CA 192 -36.65 -12.85 58.94
CA GLU CA 192 -36.76 -11.86 57.88
C GLU CA 192 -37.65 -12.45 56.79
N ALA CA 193 -38.50 -11.65 56.14
CA ALA CA 193 -39.38 -12.11 55.05
C ALA CA 193 -38.56 -12.43 53.80
N ARG CA 194 -38.91 -13.52 53.08
CA ARG CA 194 -38.19 -13.98 51.90
C ARG CA 194 -39.07 -14.00 50.66
N SER CA 195 -40.22 -14.68 50.73
CA SER CA 195 -41.17 -14.82 49.62
C SER CA 195 -42.56 -15.15 50.20
N MET CA 196 -43.39 -15.90 49.44
CA MET CA 196 -44.73 -16.34 49.82
C MET CA 196 -44.91 -17.84 49.56
N ASN CA 197 -45.67 -18.51 50.44
CA ASN CA 197 -45.96 -19.94 50.40
C ASN CA 197 -46.82 -20.30 49.18
N PHE CA 198 -46.16 -20.40 48.02
CA PHE CA 198 -46.78 -20.73 46.75
C PHE CA 198 -47.29 -22.18 46.69
N GLU CA 199 -46.69 -23.12 47.49
CA GLU CA 199 -47.16 -24.51 47.54
C GLU CA 199 -48.44 -24.61 48.30
N GLY CA 200 -48.61 -23.77 49.32
CA GLY CA 200 -49.83 -23.70 50.10
C GLY CA 200 -50.99 -23.22 49.25
N MET CA 201 -50.72 -22.26 48.39
CA MET CA 201 -51.68 -21.70 47.42
C MET CA 201 -52.05 -22.79 46.38
N ARG CA 202 -51.04 -23.52 45.86
CA ARG CA 202 -51.21 -24.62 44.89
C ARG CA 202 -52.07 -25.72 45.51
N ARG CA 203 -51.77 -26.06 46.79
CA ARG CA 203 -52.47 -27.10 47.55
C ARG CA 203 -53.93 -26.70 47.82
N ARG CA 204 -54.18 -25.40 48.07
CA ARG CA 204 -55.53 -24.93 48.38
C ARG CA 204 -56.30 -24.46 47.13
N GLY CA 205 -55.83 -24.93 45.98
CA GLY CA 205 -56.41 -24.69 44.65
C GLY CA 205 -56.58 -23.26 44.19
N PHE CA 206 -55.70 -22.34 44.67
CA PHE CA 206 -55.71 -20.91 44.36
C PHE CA 206 -55.71 -20.68 42.88
N SER CA 207 -56.63 -19.81 42.42
CA SER CA 207 -56.75 -19.50 41.01
C SER CA 207 -55.43 -18.98 40.47
N SER CA 208 -55.09 -19.43 39.25
CA SER CA 208 -53.91 -19.06 38.46
C SER CA 208 -53.61 -17.54 38.59
N GLU CA 209 -54.68 -16.69 38.65
CA GLU CA 209 -54.72 -15.21 38.77
C GLU CA 209 -54.42 -14.70 40.18
N ALA CA 210 -54.91 -15.41 41.23
CA ALA CA 210 -54.75 -15.10 42.65
C ALA CA 210 -53.31 -15.26 43.10
N ILE CA 211 -52.69 -16.38 42.73
CA ILE CA 211 -51.30 -16.71 43.02
C ILE CA 211 -50.39 -15.53 42.59
N HIS CA 212 -50.59 -15.01 41.36
CA HIS CA 212 -49.81 -13.89 40.83
C HIS CA 212 -50.15 -12.56 41.52
N ALA CA 213 -51.46 -12.30 41.78
CA ALA CA 213 -51.98 -11.11 42.47
C ALA CA 213 -51.37 -10.99 43.85
N LEU CA 214 -51.03 -12.16 44.44
CA LEU CA 214 -50.41 -12.29 45.77
C LEU CA 214 -48.95 -12.08 45.64
N ARG CA 215 -48.32 -12.54 44.54
CA ARG CA 215 -46.89 -12.31 44.33
C ARG CA 215 -46.66 -10.81 44.19
N ARG CA 216 -47.52 -10.10 43.39
CA ARG CA 216 -47.44 -8.64 43.20
C ARG CA 216 -47.69 -7.91 44.53
N ALA CA 217 -48.58 -8.48 45.39
CA ALA CA 217 -48.94 -7.94 46.70
C ALA CA 217 -47.77 -7.91 47.71
N TYR CA 218 -46.90 -8.94 47.71
CA TYR CA 218 -45.75 -9.03 48.59
C TYR CA 218 -44.74 -7.93 48.23
N LYS CA 219 -44.49 -7.73 46.90
CA LYS CA 219 -43.59 -6.72 46.34
C LYS CA 219 -43.93 -5.33 46.87
N VAL CA 220 -45.22 -4.91 46.77
CA VAL CA 220 -45.77 -3.63 47.29
C VAL CA 220 -45.30 -3.42 48.75
N VAL CA 221 -45.59 -4.41 49.60
CA VAL CA 221 -45.27 -4.44 51.01
C VAL CA 221 -43.75 -4.41 51.27
N TYR CA 222 -43.04 -5.35 50.66
CA TYR CA 222 -41.62 -5.51 50.85
C TYR CA 222 -40.79 -4.75 49.78
N ARG CA 223 -40.43 -5.44 48.66
CA ARG CA 223 -39.62 -5.08 47.50
C ARG CA 223 -39.82 -3.70 46.82
N GLN CA 224 -40.78 -2.85 47.24
CA GLN CA 224 -41.05 -1.57 46.54
C GLN CA 224 -40.66 -0.29 47.27
N GLY CA 225 -40.17 -0.44 48.50
CA GLY CA 225 -39.76 0.70 49.30
C GLY CA 225 -40.88 1.63 49.73
N HIS CA 226 -42.04 1.05 50.07
CA HIS CA 226 -43.19 1.81 50.56
C HIS CA 226 -43.17 1.67 52.06
N THR CA 227 -43.94 2.54 52.76
CA THR CA 227 -44.18 2.45 54.19
C THR CA 227 -45.29 1.42 54.30
N VAL CA 228 -45.63 0.99 55.51
CA VAL CA 228 -46.73 0.04 55.69
C VAL CA 228 -48.07 0.76 55.40
N GLU CA 229 -48.14 2.08 55.69
CA GLU CA 229 -49.31 2.91 55.40
C GLU CA 229 -49.57 2.95 53.88
N GLU CA 230 -48.49 3.14 53.07
CA GLU CA 230 -48.55 3.22 51.60
C GLU CA 230 -48.75 1.87 50.97
N ALA CA 231 -48.25 0.81 51.61
CA ALA CA 231 -48.41 -0.56 51.13
C ALA CA 231 -49.90 -0.91 51.20
N LEU CA 232 -50.57 -0.62 52.34
CA LEU CA 232 -52.02 -0.89 52.55
C LEU CA 232 -52.92 -0.12 51.60
N ALA CA 233 -52.44 1.05 51.15
CA ALA CA 233 -53.05 1.95 50.18
C ALA CA 233 -53.00 1.35 48.76
N GLU CA 234 -51.83 0.81 48.35
CA GLU CA 234 -51.67 0.17 47.03
C GLU CA 234 -52.43 -1.16 47.00
N LEU CA 235 -52.31 -1.93 48.10
CA LEU CA 235 -53.00 -3.20 48.27
C LEU CA 235 -54.52 -2.99 48.19
N ALA CA 236 -55.06 -1.84 48.69
CA ALA CA 236 -56.51 -1.53 48.70
C ALA CA 236 -57.31 -1.99 47.45
N GLU CA 237 -56.77 -1.78 46.23
CA GLU CA 237 -57.36 -2.14 44.94
C GLU CA 237 -57.42 -3.67 44.77
N SER CA 238 -56.25 -4.35 44.85
CA SER CA 238 -56.12 -5.81 44.69
C SER CA 238 -56.88 -6.58 45.78
N ALA CA 239 -56.89 -6.07 47.02
CA ALA CA 239 -57.57 -6.67 48.15
C ALA CA 239 -59.05 -6.72 47.86
N ALA CA 240 -59.58 -5.65 47.23
CA ALA CA 240 -60.98 -5.60 46.81
C ALA CA 240 -61.23 -6.48 45.55
N GLN CA 241 -60.18 -6.85 44.79
CA GLN CA 241 -60.35 -7.69 43.59
C GLN CA 241 -60.40 -9.16 43.96
N PHE CA 242 -59.58 -9.56 44.94
CA PHE CA 242 -59.43 -10.93 45.40
C PHE CA 242 -59.62 -11.04 46.91
N PRO CA 243 -60.49 -11.95 47.40
CA PRO CA 243 -60.57 -12.16 48.87
C PRO CA 243 -59.30 -12.83 49.41
N GLU CA 244 -58.45 -13.33 48.49
CA GLU CA 244 -57.19 -14.00 48.74
C GLU CA 244 -56.17 -12.94 49.18
N VAL CA 245 -56.08 -11.82 48.42
CA VAL CA 245 -55.18 -10.69 48.73
C VAL CA 245 -55.77 -9.96 49.93
N ALA CA 246 -57.11 -9.89 50.02
CA ALA CA 246 -57.73 -9.24 51.15
C ALA CA 246 -57.27 -9.89 52.49
N VAL CA 247 -57.14 -11.25 52.51
CA VAL CA 247 -56.65 -12.04 53.64
C VAL CA 247 -55.21 -11.60 53.97
N PHE CA 248 -54.43 -11.18 52.93
CA PHE CA 248 -53.06 -10.68 53.11
C PHE CA 248 -53.05 -9.20 53.55
N ARG CA 249 -53.93 -8.34 52.97
CA ARG CA 249 -54.04 -6.92 53.36
C ARG CA 249 -54.47 -6.76 54.82
N ASP CA 250 -55.39 -7.61 55.29
CA ASP CA 250 -55.94 -7.60 56.63
C ASP CA 250 -54.91 -8.03 57.66
N SER CA 251 -54.01 -8.98 57.31
CA SER CA 251 -52.95 -9.42 58.23
C SER CA 251 -51.95 -8.31 58.53
N ILE CA 252 -51.73 -7.42 57.56
CA ILE CA 252 -50.85 -6.26 57.65
C ILE CA 252 -51.60 -5.13 58.34
N GLN CA 253 -52.89 -4.96 58.00
CA GLN CA 253 -53.73 -3.91 58.55
C GLN CA 253 -53.86 -4.08 60.03
N SER CA 254 -54.19 -5.30 60.49
CA SER CA 254 -54.37 -5.59 61.92
C SER CA 254 -53.06 -5.50 62.72
N ALA CA 255 -51.93 -5.88 62.08
CA ALA CA 255 -50.59 -5.86 62.67
C ALA CA 255 -50.06 -4.45 62.97
N THR CA 256 -50.54 -3.45 62.21
CA THR CA 256 -50.09 -2.08 62.37
C THR CA 256 -51.18 -1.09 62.91
N ARG CA 257 -50.74 -0.18 63.83
CA ARG CA 257 -51.51 0.94 64.37
C ARG CA 257 -50.64 2.18 64.50
N GLY CA 258 -49.55 2.08 65.27
CA GLY CA 258 -48.61 3.18 65.48
C GLY CA 258 -49.15 4.41 66.20
N ILE CA 259 -48.25 5.37 66.48
CA ILE CA 259 -48.51 6.64 67.16
C ILE CA 259 -48.64 7.78 66.15
N THR CA 260 -49.30 8.87 66.53
CA THR CA 260 -49.40 10.01 65.64
C THR CA 260 -48.09 10.75 65.66
N ARG CA 261 -47.83 11.57 64.60
CA ARG CA 261 -46.66 12.47 64.44
C ARG CA 261 -46.85 13.46 63.33
N MET DA 4 -32.80 -56.94 92.31
CA MET DA 4 -33.12 -56.50 90.95
C MET DA 4 -33.55 -57.71 90.09
N SER DA 5 -34.56 -57.56 89.21
CA SER DA 5 -34.94 -58.61 88.23
C SER DA 5 -34.41 -58.17 86.84
N LEU DA 6 -34.58 -58.95 85.74
CA LEU DA 6 -34.12 -58.41 84.45
C LEU DA 6 -35.22 -57.51 83.89
N ILE DA 7 -36.36 -58.12 83.55
CA ILE DA 7 -37.53 -57.43 83.01
C ILE DA 7 -38.49 -57.14 84.18
N ASP DA 8 -38.71 -55.84 84.45
CA ASP DA 8 -39.53 -55.33 85.56
C ASP DA 8 -41.00 -55.72 85.44
N PRO DA 9 -41.68 -56.10 86.56
CA PRO DA 9 -43.11 -56.51 86.46
C PRO DA 9 -44.04 -55.50 85.77
N ARG DA 10 -43.86 -54.17 86.00
CA ARG DA 10 -44.69 -53.14 85.39
C ARG DA 10 -44.35 -52.84 83.92
N ALA DA 11 -43.50 -53.64 83.26
CA ALA DA 11 -43.22 -53.38 81.84
C ALA DA 11 -44.22 -54.15 80.98
N ILE DA 12 -44.49 -53.67 79.74
CA ILE DA 12 -45.41 -54.34 78.79
C ILE DA 12 -44.57 -54.86 77.60
N ILE DA 13 -44.32 -56.20 77.56
CA ILE DA 13 -43.52 -56.85 76.51
C ILE DA 13 -44.46 -57.59 75.57
N ASP DA 14 -44.68 -57.06 74.35
CA ASP DA 14 -45.60 -57.70 73.39
C ASP DA 14 -45.18 -59.16 73.06
N PRO DA 15 -46.12 -60.14 72.99
CA PRO DA 15 -45.73 -61.55 72.72
C PRO DA 15 -44.96 -61.82 71.42
N SER DA 16 -45.00 -60.85 70.47
CA SER DA 16 -44.34 -60.91 69.17
C SER DA 16 -42.97 -60.24 69.18
N ALA DA 17 -42.61 -59.54 70.28
CA ALA DA 17 -41.31 -58.92 70.46
C ALA DA 17 -40.36 -60.05 70.85
N ARG DA 18 -39.13 -60.07 70.30
CA ARG DA 18 -38.12 -61.10 70.58
C ARG DA 18 -36.88 -60.47 71.24
N LEU DA 19 -36.71 -60.78 72.54
CA LEU DA 19 -35.64 -60.27 73.41
C LEU DA 19 -34.61 -61.36 73.69
N ALA DA 20 -33.29 -61.01 73.70
CA ALA DA 20 -32.23 -61.96 74.08
C ALA DA 20 -32.46 -62.32 75.54
N ALA DA 21 -31.92 -63.45 76.01
CA ALA DA 21 -32.16 -63.91 77.38
C ALA DA 21 -31.74 -62.94 78.53
N ASP DA 22 -30.76 -62.01 78.27
CA ASP DA 22 -30.21 -61.07 79.27
C ASP DA 22 -30.54 -59.58 79.06
N VAL DA 23 -31.64 -59.31 78.36
CA VAL DA 23 -32.11 -57.94 78.10
C VAL DA 23 -32.78 -57.44 79.39
N GLN DA 24 -32.56 -56.15 79.73
CA GLN DA 24 -33.16 -55.48 80.88
C GLN DA 24 -34.24 -54.51 80.40
N VAL DA 25 -35.49 -54.67 80.89
CA VAL DA 25 -36.61 -53.76 80.57
C VAL DA 25 -37.09 -53.17 81.91
N GLY DA 26 -36.95 -51.86 82.05
CA GLY DA 26 -37.28 -51.16 83.27
C GLY DA 26 -38.76 -51.02 83.53
N PRO DA 27 -39.14 -50.48 84.70
CA PRO DA 27 -40.57 -50.30 85.01
C PRO DA 27 -41.28 -49.31 84.09
N TRP DA 28 -42.56 -49.58 83.78
CA TRP DA 28 -43.43 -48.75 82.95
C TRP DA 28 -42.89 -48.52 81.54
N SER DA 29 -42.16 -49.49 81.00
CA SER DA 29 -41.60 -49.44 79.64
C SER DA 29 -42.39 -50.34 78.74
N ILE DA 30 -42.62 -49.91 77.48
CA ILE DA 30 -43.37 -50.70 76.50
C ILE DA 30 -42.47 -51.24 75.38
N VAL DA 31 -42.51 -52.56 75.19
CA VAL DA 31 -41.77 -53.26 74.14
C VAL DA 31 -42.80 -53.80 73.13
N GLY DA 32 -43.18 -52.92 72.21
CA GLY DA 32 -44.19 -53.16 71.17
C GLY DA 32 -43.97 -54.38 70.31
N ALA DA 33 -45.01 -54.72 69.54
CA ALA DA 33 -45.00 -55.83 68.61
C ALA DA 33 -43.92 -55.59 67.52
N GLU DA 34 -43.20 -56.67 67.12
CA GLU DA 34 -42.15 -56.70 66.08
C GLU DA 34 -40.86 -55.92 66.45
N VAL DA 35 -40.59 -55.81 67.78
CA VAL DA 35 -39.39 -55.18 68.34
C VAL DA 35 -38.41 -56.30 68.72
N GLU DA 36 -37.21 -56.28 68.11
CA GLU DA 36 -36.17 -57.26 68.34
C GLU DA 36 -35.13 -56.64 69.24
N ILE DA 37 -34.70 -57.34 70.31
CA ILE DA 37 -33.70 -56.79 71.24
C ILE DA 37 -32.53 -57.78 71.43
N GLY DA 38 -31.32 -57.30 71.09
CA GLY DA 38 -30.07 -58.05 71.14
C GLY DA 38 -29.48 -58.36 72.51
N GLU DA 39 -28.47 -59.23 72.51
CA GLU DA 39 -27.71 -59.70 73.67
C GLU DA 39 -27.17 -58.57 74.54
N GLY DA 40 -27.67 -58.48 75.76
CA GLY DA 40 -27.21 -57.53 76.78
C GLY DA 40 -27.47 -56.06 76.55
N THR DA 41 -28.59 -55.75 75.88
CA THR DA 41 -29.07 -54.38 75.64
C THR DA 41 -29.79 -54.01 76.96
N VAL DA 42 -29.97 -52.70 77.25
CA VAL DA 42 -30.67 -52.23 78.46
C VAL DA 42 -31.67 -51.14 78.08
N ILE DA 43 -32.93 -51.35 78.50
CA ILE DA 43 -34.04 -50.41 78.28
C ILE DA 43 -34.46 -49.89 79.68
N GLY DA 44 -34.24 -48.59 79.87
CA GLY DA 44 -34.54 -47.89 81.12
C GLY DA 44 -36.02 -47.81 81.46
N PRO DA 45 -36.40 -47.07 82.52
CA PRO DA 45 -37.84 -46.96 82.83
C PRO DA 45 -38.50 -45.95 81.90
N HIS DA 46 -39.83 -46.00 81.74
CA HIS DA 46 -40.60 -45.08 80.90
C HIS DA 46 -40.10 -45.00 79.43
N VAL DA 47 -39.92 -46.14 78.74
CA VAL DA 47 -39.45 -46.14 77.34
C VAL DA 47 -40.47 -46.82 76.43
N VAL DA 48 -40.88 -46.15 75.33
CA VAL DA 48 -41.80 -46.73 74.35
C VAL DA 48 -41.00 -47.18 73.12
N LEU DA 49 -41.06 -48.48 72.79
CA LEU DA 49 -40.44 -49.09 71.61
C LEU DA 49 -41.58 -49.65 70.71
N LYS DA 50 -41.63 -49.18 69.45
CA LYS DA 50 -42.63 -49.61 68.46
C LYS DA 50 -41.90 -50.31 67.32
N GLY DA 51 -42.52 -51.34 66.77
CA GLY DA 51 -41.92 -52.08 65.66
C GLY DA 51 -42.54 -51.73 64.33
N PRO DA 52 -42.06 -52.32 63.21
CA PRO DA 52 -40.98 -53.30 63.11
C PRO DA 52 -39.61 -52.62 63.26
N THR DA 53 -38.96 -52.93 64.41
CA THR DA 53 -37.69 -52.37 64.87
C THR DA 53 -36.73 -53.49 65.33
N LYS DA 54 -35.45 -53.43 64.93
CA LYS DA 54 -34.43 -54.39 65.37
C LYS DA 54 -33.35 -53.61 66.09
N ILE DA 55 -33.23 -53.84 67.38
CA ILE DA 55 -32.23 -53.22 68.25
C ILE DA 55 -31.17 -54.32 68.53
N GLY DA 56 -29.92 -53.97 68.28
CA GLY DA 56 -28.80 -54.87 68.49
C GLY DA 56 -28.31 -54.94 69.92
N LYS DA 57 -27.16 -55.59 70.08
CA LYS DA 57 -26.47 -55.89 71.33
C LYS DA 57 -25.93 -54.66 72.11
N HIS DA 58 -25.75 -54.85 73.42
CA HIS DA 58 -25.20 -53.92 74.42
C HIS DA 58 -25.48 -52.44 74.21
N ASN DA 59 -26.75 -52.13 73.88
CA ASN DA 59 -27.21 -50.77 73.74
C ASN DA 59 -27.74 -50.30 75.11
N ARG DA 60 -27.83 -48.97 75.31
CA ARG DA 60 -28.39 -48.35 76.50
C ARG DA 60 -29.40 -47.26 76.03
N ILE DA 61 -30.72 -47.61 76.09
CA ILE DA 61 -31.86 -46.74 75.78
C ILE DA 61 -32.37 -46.22 77.14
N TYR DA 62 -32.49 -44.89 77.27
CA TYR DA 62 -32.87 -44.20 78.50
C TYR DA 62 -34.30 -43.77 78.50
N GLN DA 63 -34.81 -43.40 79.70
CA GLN DA 63 -36.14 -42.89 80.03
C GLN DA 63 -36.70 -41.85 79.06
N PHE DA 64 -38.03 -41.85 78.92
CA PHE DA 64 -38.81 -40.91 78.13
C PHE DA 64 -38.48 -40.93 76.60
N SER DA 65 -37.86 -42.04 76.15
CA SER DA 65 -37.52 -42.24 74.74
C SER DA 65 -38.67 -42.87 73.99
N SER DA 66 -38.84 -42.51 72.70
CA SER DA 66 -39.88 -43.05 71.81
C SER DA 66 -39.14 -43.54 70.54
N VAL DA 67 -38.80 -44.86 70.50
CA VAL DA 67 -37.96 -45.48 69.47
C VAL DA 67 -38.73 -46.43 68.56
N GLY DA 68 -38.92 -46.03 67.32
CA GLY DA 68 -39.63 -46.83 66.33
C GLY DA 68 -41.04 -46.36 66.05
N GLU DA 69 -41.41 -45.19 66.57
CA GLU DA 69 -42.71 -44.56 66.39
C GLU DA 69 -42.88 -44.15 64.90
N ASP DA 70 -44.09 -44.22 64.35
CA ASP DA 70 -44.35 -43.80 62.96
C ASP DA 70 -44.03 -42.27 62.86
N THR DA 71 -43.43 -41.80 61.73
CA THR DA 71 -43.12 -40.36 61.53
C THR DA 71 -44.44 -39.60 61.39
N PRO DA 72 -44.58 -38.38 61.98
CA PRO DA 72 -45.84 -37.65 61.81
C PRO DA 72 -46.11 -37.20 60.38
N ASP DA 73 -45.07 -37.23 59.48
CA ASP DA 73 -45.10 -36.78 58.09
C ASP DA 73 -46.28 -37.31 57.33
N LEU DA 74 -46.96 -36.41 56.63
CA LEU DA 74 -48.16 -36.65 55.83
C LEU DA 74 -47.97 -37.61 54.62
N LYS DA 75 -46.72 -37.76 54.13
CA LYS DA 75 -46.35 -38.66 53.03
C LYS DA 75 -46.45 -40.14 53.48
N TYR DA 76 -46.20 -40.37 54.77
CA TYR DA 76 -46.26 -41.68 55.38
C TYR DA 76 -47.74 -42.00 55.65
N LYS DA 77 -48.22 -43.10 55.03
CA LYS DA 77 -49.60 -43.52 55.09
C LYS DA 77 -49.77 -44.95 55.72
N GLY DA 78 -49.20 -45.13 56.91
CA GLY DA 78 -49.30 -46.36 57.70
C GLY DA 78 -48.70 -47.61 57.10
N GLU DA 79 -47.59 -47.44 56.38
CA GLU DA 79 -46.86 -48.52 55.72
C GLU DA 79 -46.14 -49.42 56.76
N PRO DA 80 -45.72 -50.69 56.48
CA PRO DA 80 -45.10 -51.48 57.56
C PRO DA 80 -43.58 -51.27 57.70
N THR DA 81 -43.09 -50.05 57.35
CA THR DA 81 -41.68 -49.58 57.31
C THR DA 81 -40.84 -49.95 58.57
N ARG DA 82 -39.51 -50.05 58.39
CA ARG DA 82 -38.59 -50.52 59.44
C ARG DA 82 -37.69 -49.45 60.07
N LEU DA 83 -36.97 -49.85 61.16
CA LEU DA 83 -35.93 -49.10 61.88
C LEU DA 83 -34.86 -50.08 62.36
N VAL DA 84 -33.58 -49.75 62.18
CA VAL DA 84 -32.50 -50.63 62.61
C VAL DA 84 -31.54 -49.85 63.48
N ILE DA 85 -31.17 -50.40 64.65
CA ILE DA 85 -30.18 -49.83 65.57
C ILE DA 85 -29.12 -50.93 65.77
N GLY DA 86 -27.83 -50.54 65.66
CA GLY DA 86 -26.69 -51.44 65.77
C GLY DA 86 -26.40 -51.94 67.17
N ASP DA 87 -25.10 -52.02 67.51
CA ASP DA 87 -24.62 -52.47 68.83
C ASP DA 87 -23.92 -51.32 69.53
N HIS DA 88 -23.54 -51.50 70.80
CA HIS DA 88 -22.80 -50.55 71.65
C HIS DA 88 -23.17 -49.01 71.44
N ASN DA 89 -24.48 -48.71 71.38
CA ASN DA 89 -25.08 -47.38 71.21
C ASN DA 89 -25.64 -46.83 72.53
N VAL DA 90 -25.71 -45.49 72.67
CA VAL DA 90 -26.31 -44.86 73.84
C VAL DA 90 -27.31 -43.86 73.36
N ILE DA 91 -28.56 -44.14 73.71
CA ILE DA 91 -29.72 -43.34 73.37
C ILE DA 91 -30.21 -42.76 74.70
N ARG DA 92 -29.93 -41.46 74.88
CA ARG DA 92 -30.22 -40.70 76.09
C ARG DA 92 -31.67 -40.33 76.26
N GLU DA 93 -32.01 -39.71 77.41
CA GLU DA 93 -33.35 -39.32 77.84
C GLU DA 93 -34.10 -38.44 76.84
N GLY DA 94 -35.33 -38.82 76.57
CA GLY DA 94 -36.22 -38.07 75.69
C GLY DA 94 -35.92 -38.10 74.21
N VAL DA 95 -35.02 -39.00 73.76
CA VAL DA 95 -34.68 -39.12 72.34
C VAL DA 95 -35.89 -39.71 71.59
N THR DA 96 -36.17 -39.20 70.38
CA THR DA 96 -37.24 -39.63 69.48
C THR DA 96 -36.61 -40.15 68.18
N ILE DA 97 -36.83 -41.44 67.85
CA ILE DA 97 -36.33 -42.08 66.62
C ILE DA 97 -37.58 -42.59 65.89
N HIS DA 98 -37.72 -42.21 64.61
CA HIS DA 98 -38.87 -42.61 63.82
C HIS DA 98 -38.52 -43.59 62.70
N ARG DA 99 -39.46 -44.43 62.28
CA ARG DA 99 -39.24 -45.42 61.24
C ARG DA 99 -39.10 -44.79 59.84
N GLY DA 100 -38.71 -45.59 58.84
CA GLY DA 100 -38.57 -45.09 57.48
C GLY DA 100 -39.92 -44.87 56.82
N THR DA 101 -39.91 -44.35 55.57
CA THR DA 101 -41.10 -44.19 54.73
C THR DA 101 -40.84 -45.00 53.46
N VAL DA 102 -41.87 -45.60 52.86
CA VAL DA 102 -41.67 -46.42 51.66
C VAL DA 102 -41.01 -45.69 50.49
N GLN DA 103 -41.11 -44.35 50.50
CA GLN DA 103 -40.58 -43.37 49.55
C GLN DA 103 -39.08 -43.54 49.32
N ASP DA 104 -38.27 -43.53 50.41
CA ASP DA 104 -36.82 -43.76 50.35
C ASP DA 104 -36.62 -45.30 50.38
N ARG DA 105 -35.85 -45.88 51.33
CA ARG DA 105 -35.65 -47.33 51.31
C ARG DA 105 -36.52 -48.09 52.34
N ALA DA 106 -37.56 -47.39 52.88
CA ALA DA 106 -38.49 -47.84 53.93
C ALA DA 106 -37.72 -48.34 55.16
N GLU DA 107 -36.71 -47.54 55.62
CA GLU DA 107 -35.83 -47.90 56.74
C GLU DA 107 -34.98 -46.73 57.26
N THR DA 108 -35.07 -46.48 58.59
CA THR DA 108 -34.24 -45.50 59.35
C THR DA 108 -33.16 -46.36 59.98
N THR DA 109 -31.88 -46.05 59.75
CA THR DA 109 -30.86 -46.92 60.36
C THR DA 109 -29.83 -46.16 61.17
N ILE DA 110 -29.41 -46.75 62.29
CA ILE DA 110 -28.39 -46.26 63.20
C ILE DA 110 -27.42 -47.44 63.34
N GLY DA 111 -26.16 -47.24 62.98
CA GLY DA 111 -25.13 -48.26 63.09
C GLY DA 111 -24.59 -48.39 64.50
N ASP DA 112 -23.46 -49.06 64.68
CA ASP DA 112 -22.92 -49.22 66.04
C ASP DA 112 -22.20 -47.96 66.54
N HIS DA 113 -21.86 -47.98 67.84
CA HIS DA 113 -21.08 -47.02 68.60
C HIS DA 113 -21.48 -45.56 68.48
N ASN DA 114 -22.76 -45.26 68.65
CA ASN DA 114 -23.20 -43.86 68.62
C ASN DA 114 -23.60 -43.36 70.00
N LEU DA 115 -23.55 -42.03 70.16
CA LEU DA 115 -23.99 -41.34 71.35
C LEU DA 115 -25.05 -40.36 70.89
N ILE DA 116 -26.31 -40.73 71.08
CA ILE DA 116 -27.44 -39.86 70.76
C ILE DA 116 -27.90 -39.24 72.10
N MET DA 117 -27.59 -37.95 72.30
CA MET DA 117 -27.85 -37.21 73.55
C MET DA 117 -29.32 -36.83 73.73
N ALA DA 118 -29.67 -36.43 74.96
CA ALA DA 118 -31.00 -36.04 75.39
C ALA DA 118 -31.85 -35.21 74.38
N TYR DA 119 -33.15 -35.54 74.26
CA TYR DA 119 -34.21 -34.90 73.46
C TYR DA 119 -33.93 -34.74 71.93
N ALA DA 120 -32.86 -35.38 71.43
CA ALA DA 120 -32.52 -35.39 70.00
C ALA DA 120 -33.60 -36.12 69.18
N HIS DA 121 -33.61 -35.91 67.87
CA HIS DA 121 -34.58 -36.57 66.98
C HIS DA 121 -33.91 -37.16 65.71
N ILE DA 122 -34.27 -38.40 65.37
CA ILE DA 122 -33.79 -39.08 64.17
C ILE DA 122 -35.05 -39.36 63.35
N GLY DA 123 -35.24 -38.59 62.28
CA GLY DA 123 -36.42 -38.69 61.44
C GLY DA 123 -36.37 -39.86 60.50
N HIS DA 124 -37.44 -40.01 59.71
CA HIS DA 124 -37.59 -41.07 58.71
C HIS DA 124 -36.41 -41.20 57.75
N ASP DA 125 -36.02 -42.46 57.44
CA ASP DA 125 -35.01 -42.88 56.46
C ASP DA 125 -33.57 -42.35 56.68
N SER DA 126 -33.35 -41.71 57.86
CA SER DA 126 -32.05 -41.20 58.25
C SER DA 126 -31.09 -42.37 58.45
N VAL DA 127 -29.83 -42.21 57.98
CA VAL DA 127 -28.83 -43.26 58.11
C VAL DA 127 -27.64 -42.74 58.93
N ILE DA 128 -27.37 -43.36 60.08
CA ILE DA 128 -26.26 -42.97 60.95
C ILE DA 128 -25.19 -44.07 60.91
N GLY DA 129 -23.93 -43.63 60.76
CA GLY DA 129 -22.75 -44.48 60.67
C GLY DA 129 -22.39 -45.10 62.01
N ASN DA 130 -21.17 -44.82 62.48
CA ASN DA 130 -20.68 -45.28 63.77
C ASN DA 130 -19.88 -44.14 64.46
N HIS DA 131 -19.68 -44.22 65.75
CA HIS DA 131 -18.92 -43.28 66.57
C HIS DA 131 -19.31 -41.78 66.41
N CYS DA 132 -20.58 -41.51 66.04
CA CYS DA 132 -21.13 -40.16 65.95
C CYS DA 132 -21.70 -39.73 67.31
N ILE DA 133 -21.43 -38.48 67.72
CA ILE DA 133 -22.01 -37.87 68.91
C ILE DA 133 -23.09 -36.88 68.39
N LEU DA 134 -24.30 -36.95 68.94
CA LEU DA 134 -25.42 -36.09 68.57
C LEU DA 134 -25.91 -35.44 69.84
N VAL DA 135 -25.36 -34.27 70.11
CA VAL DA 135 -25.58 -33.50 71.33
C VAL DA 135 -27.09 -33.11 71.46
N ASN DA 136 -27.47 -32.67 72.67
CA ASN DA 136 -28.83 -32.34 73.05
C ASN DA 136 -29.62 -31.69 71.95
N ASN DA 137 -30.83 -32.21 71.75
CA ASN DA 137 -31.84 -31.71 70.81
C ASN DA 137 -31.34 -31.57 69.34
N THR DA 138 -30.41 -32.45 68.87
CA THR DA 138 -30.06 -32.40 67.43
C THR DA 138 -31.33 -32.89 66.70
N ALA DA 139 -31.60 -32.39 65.50
CA ALA DA 139 -32.81 -32.85 64.83
C ALA DA 139 -32.54 -33.11 63.37
N LEU DA 140 -32.62 -34.37 62.94
CA LEU DA 140 -32.37 -34.72 61.54
C LEU DA 140 -33.71 -34.92 60.83
N ALA DA 141 -34.26 -33.82 60.27
CA ALA DA 141 -35.58 -33.71 59.61
C ALA DA 141 -36.10 -34.94 58.87
N GLY DA 142 -35.21 -35.64 58.18
CA GLY DA 142 -35.51 -36.86 57.43
C GLY DA 142 -34.51 -37.09 56.32
N HIS DA 143 -34.31 -38.35 55.96
CA HIS DA 143 -33.42 -38.78 54.87
C HIS DA 143 -31.96 -38.32 55.03
N VAL DA 144 -31.61 -37.78 56.21
CA VAL DA 144 -30.28 -37.27 56.57
C VAL DA 144 -29.26 -38.40 56.72
N HIS DA 145 -28.04 -38.21 56.23
CA HIS DA 145 -27.03 -39.26 56.33
C HIS DA 145 -25.86 -38.76 57.12
N VAL DA 146 -25.65 -39.34 58.30
CA VAL DA 146 -24.54 -38.99 59.19
C VAL DA 146 -23.48 -40.11 59.10
N ASP DA 147 -22.26 -39.75 58.69
CA ASP DA 147 -21.16 -40.69 58.56
C ASP DA 147 -20.34 -40.70 59.84
N ASP DA 148 -19.55 -41.78 60.04
CA ASP DA 148 -18.65 -42.09 61.14
C ASP DA 148 -17.90 -40.91 61.72
N TRP DA 149 -17.87 -40.81 63.05
CA TRP DA 149 -17.15 -39.82 63.85
C TRP DA 149 -17.62 -38.38 63.68
N ALA DA 150 -18.82 -38.18 63.11
CA ALA DA 150 -19.34 -36.82 62.96
C ALA DA 150 -19.80 -36.30 64.32
N ILE DA 151 -19.45 -35.07 64.69
CA ILE DA 151 -19.89 -34.54 65.98
C ILE DA 151 -20.91 -33.47 65.69
N LEU DA 152 -22.18 -33.70 66.07
CA LEU DA 152 -23.26 -32.74 65.86
C LEU DA 152 -23.62 -32.05 67.20
N SER DA 153 -23.13 -30.79 67.39
CA SER DA 153 -23.30 -29.98 68.62
C SER DA 153 -24.76 -29.72 69.02
N GLY DA 154 -24.95 -29.20 70.24
CA GLY DA 154 -26.26 -28.91 70.80
C GLY DA 154 -27.17 -28.14 69.89
N TYR DA 155 -28.39 -28.65 69.76
CA TYR DA 155 -29.49 -28.04 69.01
C TYR DA 155 -29.15 -27.77 67.54
N THR DA 156 -28.42 -28.70 66.89
CA THR DA 156 -28.12 -28.61 65.45
C THR DA 156 -29.37 -29.08 64.71
N LEU DA 157 -29.76 -28.31 63.70
CA LEU DA 157 -30.94 -28.65 62.92
C LEU DA 157 -30.50 -28.99 61.52
N VAL DA 158 -30.93 -30.15 61.04
CA VAL DA 158 -30.49 -30.63 59.73
C VAL DA 158 -31.69 -30.87 58.79
N HIS DA 159 -31.78 -30.05 57.70
CA HIS DA 159 -32.81 -30.13 56.67
C HIS DA 159 -32.86 -31.53 56.00
N GLN DA 160 -33.99 -31.91 55.40
CA GLN DA 160 -34.14 -33.22 54.78
C GLN DA 160 -33.14 -33.49 53.65
N TYR DA 161 -32.75 -34.79 53.48
CA TYR DA 161 -31.89 -35.35 52.42
C TYR DA 161 -30.38 -34.97 52.50
N CYS DA 162 -29.98 -34.24 53.56
CA CYS DA 162 -28.60 -33.75 53.79
C CYS DA 162 -27.60 -34.86 54.12
N ARG DA 163 -26.30 -34.62 53.83
CA ARG DA 163 -25.22 -35.54 54.18
C ARG DA 163 -24.14 -34.86 55.05
N ILE DA 164 -23.92 -35.40 56.27
CA ILE DA 164 -22.93 -34.96 57.26
C ILE DA 164 -21.78 -35.97 57.14
N GLY DA 165 -20.68 -35.52 56.53
CA GLY DA 165 -19.51 -36.33 56.25
C GLY DA 165 -18.73 -36.79 57.47
N ALA DA 166 -17.89 -37.83 57.28
CA ALA DA 166 -17.06 -38.44 58.31
C ALA DA 166 -16.18 -37.45 59.02
N HIS DA 167 -16.08 -37.53 60.33
CA HIS DA 167 -15.24 -36.64 61.13
C HIS DA 167 -15.63 -35.14 61.08
N SER DA 168 -16.72 -34.75 60.35
CA SER DA 168 -17.17 -33.36 60.31
C SER DA 168 -17.77 -32.92 61.63
N PHE DA 169 -18.00 -31.62 61.79
CA PHE DA 169 -18.49 -31.04 63.04
C PHE DA 169 -19.38 -29.82 62.83
N SER DA 170 -20.55 -29.78 63.48
CA SER DA 170 -21.41 -28.62 63.43
C SER DA 170 -21.41 -27.97 64.83
N GLY DA 171 -21.24 -26.66 64.91
CA GLY DA 171 -21.26 -25.90 66.15
C GLY DA 171 -22.67 -25.79 66.71
N MET DA 172 -22.82 -25.37 67.99
CA MET DA 172 -24.17 -25.37 68.57
C MET DA 172 -25.13 -24.40 67.87
N GLY DA 173 -26.39 -24.84 67.75
CA GLY DA 173 -27.46 -24.08 67.10
C GLY DA 173 -27.24 -23.84 65.62
N SER DA 174 -26.61 -24.81 64.90
CA SER DA 174 -26.33 -24.77 63.46
C SER DA 174 -27.54 -25.21 62.65
N ALA DA 175 -27.90 -24.45 61.60
CA ALA DA 175 -29.02 -24.84 60.74
C ALA DA 175 -28.44 -25.27 59.40
N ILE DA 176 -28.28 -26.61 59.26
CA ILE DA 176 -27.69 -27.27 58.09
C ILE DA 176 -28.72 -27.48 56.99
N GLY DA 177 -28.45 -26.87 55.85
CA GLY DA 177 -29.32 -26.92 54.67
C GLY DA 177 -28.71 -27.68 53.52
N LYS DA 178 -27.43 -27.38 53.18
CA LYS DA 178 -26.68 -28.07 52.12
C LYS DA 178 -25.82 -29.15 52.82
N ASP DA 179 -25.22 -30.06 52.04
CA ASP DA 179 -24.36 -31.09 52.64
C ASP DA 179 -23.16 -30.50 53.41
N VAL DA 180 -22.71 -31.19 54.46
CA VAL DA 180 -21.51 -30.83 55.19
C VAL DA 180 -20.46 -31.84 54.69
N PRO DA 181 -19.40 -31.46 53.93
CA PRO DA 181 -18.37 -32.46 53.53
C PRO DA 181 -17.67 -33.06 54.76
N ALA DA 182 -16.94 -34.18 54.57
CA ALA DA 182 -16.19 -34.82 55.65
C ALA DA 182 -15.15 -33.83 56.23
N TYR DA 183 -14.91 -33.88 57.55
CA TYR DA 183 -13.95 -33.09 58.34
C TYR DA 183 -14.32 -31.58 58.52
N VAL DA 184 -15.12 -30.96 57.64
CA VAL DA 184 -15.48 -29.52 57.73
C VAL DA 184 -16.18 -29.13 59.05
N THR DA 185 -15.84 -27.94 59.61
CA THR DA 185 -16.52 -27.40 60.79
C THR DA 185 -17.46 -26.30 60.30
N VAL DA 186 -18.79 -26.56 60.36
CA VAL DA 186 -19.81 -25.62 59.87
C VAL DA 186 -20.50 -24.92 61.04
N PHE DA 187 -20.83 -23.61 60.91
CA PHE DA 187 -21.43 -22.84 62.01
C PHE DA 187 -22.42 -21.76 61.58
N GLY DA 188 -23.55 -21.67 62.28
CA GLY DA 188 -24.51 -20.59 62.05
C GLY DA 188 -25.86 -21.01 61.51
N ASN DA 189 -26.79 -20.06 61.46
CA ASN DA 189 -28.14 -20.26 60.91
C ASN DA 189 -28.31 -19.16 59.85
N PRO DA 190 -28.06 -19.46 58.55
CA PRO DA 190 -27.70 -20.76 57.97
C PRO DA 190 -26.21 -21.11 58.17
N ALA DA 191 -25.90 -22.42 58.39
CA ALA DA 191 -24.53 -22.90 58.63
C ALA DA 191 -23.60 -22.67 57.44
N GLU DA 192 -22.40 -22.14 57.73
CA GLU DA 192 -21.34 -21.84 56.77
C GLU DA 192 -20.07 -22.56 57.21
N ALA DA 193 -19.25 -23.04 56.27
CA ALA DA 193 -18.00 -23.74 56.55
C ALA DA 193 -16.94 -22.79 57.11
N ARG DA 194 -16.35 -23.13 58.31
CA ARG DA 194 -15.34 -22.35 59.04
C ARG DA 194 -13.90 -22.90 58.88
N SER DA 195 -13.68 -24.21 59.09
CA SER DA 195 -12.34 -24.83 58.97
C SER DA 195 -12.47 -26.37 58.86
N MET DA 196 -11.63 -27.12 59.59
CA MET DA 196 -11.62 -28.59 59.59
C MET DA 196 -11.47 -29.10 61.01
N ASN DA 197 -12.06 -30.25 61.36
CA ASN DA 197 -11.99 -30.84 62.70
C ASN DA 197 -10.62 -31.46 62.96
N PHE DA 198 -9.61 -30.62 63.16
CA PHE DA 198 -8.23 -31.05 63.38
C PHE DA 198 -8.10 -31.85 64.65
N GLU DA 199 -8.85 -31.49 65.72
CA GLU DA 199 -8.80 -32.27 66.96
C GLU DA 199 -9.32 -33.67 66.72
N GLY DA 200 -10.34 -33.79 65.86
CA GLY DA 200 -10.91 -35.06 65.43
C GLY DA 200 -9.87 -35.92 64.72
N MET DA 201 -9.02 -35.24 63.90
CA MET DA 201 -7.91 -35.84 63.14
C MET DA 201 -6.84 -36.34 64.11
N ARG DA 202 -6.47 -35.56 65.18
CA ARG DA 202 -5.46 -36.07 66.11
C ARG DA 202 -5.96 -37.28 66.87
N ARG DA 203 -7.22 -37.22 67.41
CA ARG DA 203 -7.86 -38.31 68.18
C ARG DA 203 -7.86 -39.59 67.39
N ARG DA 204 -8.13 -39.51 66.07
CA ARG DA 204 -8.15 -40.67 65.19
C ARG DA 204 -6.75 -41.04 64.60
N GLY DA 205 -5.69 -40.56 65.27
CA GLY DA 205 -4.29 -40.83 64.95
C GLY DA 205 -3.91 -40.62 63.50
N PHE DA 206 -4.24 -39.45 62.96
CA PHE DA 206 -3.92 -39.10 61.58
C PHE DA 206 -2.50 -38.63 61.56
N SER DA 207 -1.81 -38.89 60.44
CA SER DA 207 -0.42 -38.48 60.26
C SER DA 207 -0.36 -37.00 60.02
N SER DA 208 0.62 -36.33 60.61
CA SER DA 208 0.81 -34.88 60.46
C SER DA 208 0.88 -34.47 58.96
N GLU DA 209 1.35 -35.42 58.12
CA GLU DA 209 1.53 -35.31 56.66
C GLU DA 209 0.17 -35.27 55.98
N ALA DA 210 -0.81 -35.99 56.57
CA ALA DA 210 -2.20 -36.12 56.11
C ALA DA 210 -3.15 -35.14 56.77
N ILE DA 211 -2.75 -34.56 57.93
CA ILE DA 211 -3.55 -33.52 58.59
C ILE DA 211 -3.31 -32.30 57.71
N HIS DA 212 -2.04 -32.07 57.36
CA HIS DA 212 -1.64 -30.97 56.50
C HIS DA 212 -2.28 -31.09 55.11
N ALA DA 213 -2.35 -32.30 54.54
CA ALA DA 213 -2.98 -32.54 53.22
C ALA DA 213 -4.44 -32.13 53.24
N LEU DA 214 -5.13 -32.42 54.35
CA LEU DA 214 -6.53 -32.07 54.54
C LEU DA 214 -6.72 -30.55 54.75
N ARG DA 215 -5.72 -29.84 55.33
CA ARG DA 215 -5.80 -28.38 55.51
C ARG DA 215 -5.83 -27.70 54.16
N ARG DA 216 -4.89 -28.12 53.28
CA ARG DA 216 -4.68 -27.69 51.89
C ARG DA 216 -5.92 -28.02 51.07
N ALA DA 217 -6.62 -29.12 51.43
CA ALA DA 217 -7.82 -29.60 50.75
C ALA DA 217 -8.98 -28.63 50.93
N TYR DA 218 -9.27 -28.26 52.20
CA TYR DA 218 -10.31 -27.29 52.52
C TYR DA 218 -9.99 -26.02 51.73
N LYS DA 219 -8.74 -25.53 51.82
CA LYS DA 219 -8.28 -24.32 51.14
C LYS DA 219 -8.69 -24.28 49.64
N VAL DA 220 -8.52 -25.40 48.87
CA VAL DA 220 -8.88 -25.54 47.44
C VAL DA 220 -10.37 -25.21 47.20
N VAL DA 221 -11.24 -25.97 47.88
CA VAL DA 221 -12.69 -25.91 47.79
C VAL DA 221 -13.21 -24.50 48.16
N TYR DA 222 -13.01 -24.15 49.44
CA TYR DA 222 -13.48 -22.96 50.12
C TYR DA 222 -12.64 -21.68 49.94
N ARG DA 223 -11.41 -21.63 50.47
CA ARG DA 223 -10.54 -20.44 50.48
C ARG DA 223 -9.82 -20.08 49.12
N GLN DA 224 -10.26 -20.60 47.94
CA GLN DA 224 -9.44 -20.29 46.73
C GLN DA 224 -10.15 -19.77 45.47
N GLY DA 225 -11.48 -19.62 45.49
CA GLY DA 225 -12.20 -19.11 44.33
C GLY DA 225 -12.49 -20.13 43.24
N HIS DA 226 -12.36 -21.42 43.56
CA HIS DA 226 -12.62 -22.47 42.61
C HIS DA 226 -14.06 -22.83 42.67
N THR DA 227 -14.65 -23.09 41.48
CA THR DA 227 -16.01 -23.59 41.34
C THR DA 227 -15.92 -25.05 41.76
N VAL DA 228 -16.91 -25.59 42.45
CA VAL DA 228 -16.85 -27.00 42.90
C VAL DA 228 -16.29 -27.98 41.82
N GLU DA 229 -16.63 -27.74 40.52
CA GLU DA 229 -16.16 -28.51 39.36
C GLU DA 229 -14.62 -28.56 39.41
N GLU DA 230 -14.00 -27.37 39.46
CA GLU DA 230 -12.55 -27.08 39.53
C GLU DA 230 -11.93 -27.55 40.84
N ALA DA 231 -12.70 -27.49 41.95
CA ALA DA 231 -12.24 -27.86 43.30
C ALA DA 231 -11.90 -29.35 43.30
N LEU DA 232 -12.86 -30.21 42.85
CA LEU DA 232 -12.77 -31.66 42.76
C LEU DA 232 -11.71 -32.15 41.78
N ALA DA 233 -11.33 -31.29 40.86
CA ALA DA 233 -10.35 -31.57 39.83
C ALA DA 233 -8.93 -31.40 40.39
N GLU DA 234 -8.73 -30.32 41.17
CA GLU DA 234 -7.49 -29.99 41.84
C GLU DA 234 -7.24 -31.02 42.96
N LEU DA 235 -8.33 -31.43 43.67
CA LEU DA 235 -8.32 -32.39 44.77
C LEU DA 235 -7.84 -33.81 44.35
N ALA DA 236 -8.13 -34.22 43.09
CA ALA DA 236 -7.78 -35.52 42.50
C ALA DA 236 -6.38 -36.06 42.83
N GLU DA 237 -5.35 -35.19 42.72
CA GLU DA 237 -3.96 -35.54 43.00
C GLU DA 237 -3.79 -35.93 44.47
N SER DA 238 -4.19 -35.02 45.40
CA SER DA 238 -4.12 -35.18 46.84
C SER DA 238 -4.93 -36.37 47.33
N ALA DA 239 -6.09 -36.62 46.70
CA ALA DA 239 -7.00 -37.70 47.03
C ALA DA 239 -6.43 -39.08 46.72
N ALA DA 240 -5.69 -39.20 45.62
CA ALA DA 240 -5.04 -40.45 45.21
C ALA DA 240 -3.80 -40.78 46.08
N GLN DA 241 -3.27 -39.75 46.80
CA GLN DA 241 -2.11 -39.84 47.69
C GLN DA 241 -2.55 -40.15 49.10
N PHE DA 242 -3.65 -39.51 49.53
CA PHE DA 242 -4.15 -39.64 50.87
C PHE DA 242 -5.56 -40.17 50.92
N PRO DA 243 -5.72 -41.36 51.53
CA PRO DA 243 -7.07 -41.91 51.69
C PRO DA 243 -7.96 -41.00 52.54
N GLU DA 244 -7.34 -40.24 53.46
CA GLU DA 244 -8.01 -39.30 54.36
C GLU DA 244 -8.63 -38.18 53.50
N VAL DA 245 -7.86 -37.65 52.53
CA VAL DA 245 -8.26 -36.61 51.57
C VAL DA 245 -9.24 -37.18 50.53
N ALA DA 246 -9.11 -38.49 50.24
CA ALA DA 246 -9.94 -39.17 49.27
C ALA DA 246 -11.36 -39.12 49.76
N VAL DA 247 -11.58 -39.37 51.08
CA VAL DA 247 -12.88 -39.33 51.78
C VAL DA 247 -13.50 -37.95 51.53
N PHE DA 248 -12.71 -36.89 51.78
CA PHE DA 248 -13.11 -35.51 51.63
C PHE DA 248 -13.52 -35.19 50.20
N ARG DA 249 -12.75 -35.68 49.19
CA ARG DA 249 -13.06 -35.46 47.77
C ARG DA 249 -14.41 -36.10 47.42
N ASP DA 250 -14.62 -37.36 47.87
CA ASP DA 250 -15.83 -38.15 47.66
C ASP DA 250 -17.08 -37.52 48.31
N SER DA 251 -16.95 -36.98 49.55
CA SER DA 251 -18.02 -36.32 50.31
C SER DA 251 -18.59 -35.09 49.57
N ILE DA 252 -17.73 -34.43 48.76
CA ILE DA 252 -17.97 -33.28 47.88
C ILE DA 252 -18.48 -33.78 46.54
N GLN DA 253 -17.87 -34.85 46.01
CA GLN DA 253 -18.21 -35.51 44.75
C GLN DA 253 -19.67 -35.94 44.75
N SER DA 254 -20.08 -36.66 45.84
CA SER DA 254 -21.41 -37.23 46.09
C SER DA 254 -22.52 -36.19 46.37
N ALA DA 255 -22.14 -34.96 46.76
CA ALA DA 255 -23.09 -33.89 47.06
C ALA DA 255 -23.57 -33.21 45.77
N THR DA 256 -22.61 -32.79 44.92
CA THR DA 256 -22.80 -32.06 43.64
C THR DA 256 -23.05 -32.96 42.41
N ARG DA 257 -24.32 -33.01 41.92
CA ARG DA 257 -24.62 -33.73 40.68
C ARG DA 257 -24.79 -32.72 39.55
N GLY DA 258 -25.63 -31.72 39.80
CA GLY DA 258 -25.91 -30.63 38.88
C GLY DA 258 -26.82 -31.00 37.73
N ILE DA 259 -27.23 -29.97 36.96
CA ILE DA 259 -28.06 -30.08 35.76
C ILE DA 259 -27.29 -29.56 34.56
N THR DA 260 -27.50 -30.23 33.41
CA THR DA 260 -26.88 -29.94 32.10
C THR DA 260 -27.15 -28.48 31.74
N ARG DA 261 -26.16 -27.78 31.18
CA ARG DA 261 -26.33 -26.41 30.69
C ARG DA 261 -25.47 -26.15 29.47
C15 VFN EA . -41.37 -15.43 83.29
C23 VFN EA . -41.74 -18.79 77.13
C24 VFN EA . -41.76 -20.09 76.65
C11 VFN EA . -39.88 -13.87 82.10
C13 VFN EA . -40.49 -16.01 81.11
C10 VFN EA . -39.12 -13.55 80.98
C14 VFN EA . -39.71 -15.71 80.00
C22 VFN EA . -41.02 -17.80 76.45
C25 VFN EA . -41.05 -20.41 75.48
C12 VFN EA . -40.58 -15.10 82.16
C9 VFN EA . -39.02 -14.48 79.93
C21 VFN EA . -40.29 -18.09 75.29
C26 VFN EA . -40.33 -19.42 74.81
C5 VFN EA . -41.40 -13.64 78.11
C2 VFN EA . -43.03 -14.85 78.75
C17 VFN EA . -38.88 -15.25 76.63
C8 VFN EA . -38.26 -14.10 78.70
C6 VFN EA . -40.18 -13.24 77.34
C19 VFN EA . -39.77 -15.33 75.42
N16 VFN EA . -42.03 -15.70 84.21
N4 VFN EA . -42.00 -12.99 79.09
N3 VFN EA . -43.06 -13.77 79.49
N1 VFN EA . -43.84 -15.94 78.74
N7 VFN EA . -39.11 -14.20 77.52
O18 VFN EA . -38.02 -16.09 76.81
O28 VFN EA . -42.00 -14.83 77.84
S20 VFN EA . -39.37 -16.81 74.43
CL1 VFN EA . -39.49 -19.92 73.38
C15 VFN FA . -19.27 -35.49 74.09
C23 VFN FA . -23.80 -30.51 75.91
C24 VFN FA . -25.18 -30.47 76.12
C11 VFN FA . -18.38 -33.85 72.54
C13 VFN FA . -20.43 -33.38 73.75
C10 VFN FA . -18.44 -32.60 71.88
C14 VFN FA . -20.49 -32.15 73.10
C22 VFN FA . -23.23 -29.54 75.07
C25 VFN FA . -25.95 -29.49 75.50
C12 VFN FA . -19.37 -34.23 73.46
C9 VFN FA . -19.52 -31.75 72.17
C21 VFN FA . -23.98 -28.53 74.44
C26 VFN FA . -25.37 -28.52 74.68
C5 VFN FA . -18.71 -29.81 74.44
C2 VFN FA . -19.46 -30.75 76.18
C17 VFN FA . -21.16 -28.80 72.35
C8 VFN FA . -19.58 -30.44 71.48
C6 VFN FA . -18.79 -28.91 73.28
C19 VFN FA . -21.46 -27.68 73.32
N16 VFN FA . -19.20 -36.52 74.61
N4 VFN FA . -17.79 -30.67 74.79
N3 VFN FA . -18.26 -31.27 75.94
N1 VFN FA . -20.38 -30.97 77.17
N7 VFN FA . -19.87 -29.35 72.40
O18 VFN FA . -22.02 -29.20 71.59
O28 VFN FA . -19.79 -29.80 75.26
S20 VFN FA . -23.24 -27.31 73.37
CL1 VFN FA . -26.41 -27.34 73.98
S SO4 GA . -17.44 -25.77 74.33
O1 SO4 GA . -17.37 -25.96 72.86
O2 SO4 GA . -16.65 -26.80 74.97
O3 SO4 GA . -16.91 -24.43 74.68
O4 SO4 GA . -18.83 -25.87 74.77
C15 VFN HA . 77.18 53.71 0.05
C23 VFN HA . 76.24 47.57 -2.41
C24 VFN HA . 76.52 46.98 -3.65
C11 VFN HA . 74.86 53.49 0.81
C13 VFN HA . 75.75 51.95 -0.85
C10 VFN HA . 73.62 52.83 0.79
C14 VFN HA . 74.50 51.30 -0.87
C22 VFN HA . 75.00 47.31 -1.81
C25 VFN HA . 75.57 46.16 -4.27
C12 VFN HA . 75.92 53.05 0.00
C9 VFN HA . 73.44 51.75 -0.07
C21 VFN HA . 74.03 46.50 -2.42
C26 VFN HA . 74.33 45.94 -3.67
C5 VFN HA . 74.12 49.55 2.01
C2 VFN HA . 76.20 49.33 1.73
C17 VFN HA . 72.22 48.65 -0.65
C8 VFN HA . 72.14 51.03 -0.07
C6 VFN HA . 72.69 49.35 1.70
C19 VFN HA . 72.47 47.24 -0.21
N16 VFN HA . 78.21 54.26 0.11
N4 VFN HA . 74.69 50.27 2.94
N3 VFN HA . 76.05 50.13 2.77
N1 VFN HA . 77.31 48.86 1.11
N7 VFN HA . 72.36 49.63 0.31
O18 VFN HA . 71.93 48.86 -1.82
O28 VFN HA . 75.01 48.91 1.19
S20 VFN HA . 72.45 46.17 -1.66
CL1 VFN HA . 73.20 44.93 -4.49
S SO4 IA . 72.27 46.89 4.66
O1 SO4 IA . 70.99 46.33 5.13
O2 SO4 IA . 72.59 46.31 3.34
O3 SO4 IA . 73.28 46.55 5.63
O4 SO4 IA . 72.18 48.36 4.60
C15 VFN JA . 75.48 25.59 -12.72
C23 VFN JA . 72.22 30.93 -15.67
C24 VFN JA . 72.54 32.21 -16.12
C11 VFN JA . 73.56 25.47 -11.21
C13 VFN JA . 73.91 27.43 -12.58
C10 VFN JA . 72.39 26.06 -10.70
C14 VFN JA . 72.75 28.02 -12.06
C22 VFN JA . 71.08 30.73 -14.88
C25 VFN JA . 71.72 33.29 -15.77
C12 VFN JA . 74.31 26.16 -12.16
C9 VFN JA . 71.98 27.33 -11.11
C21 VFN JA . 70.24 31.80 -14.51
C26 VFN JA . 70.59 33.08 -14.97
C5 VFN JA . 70.14 26.42 -13.41
C2 VFN JA . 71.47 26.40 -15.06
C17 VFN JA . 69.60 29.50 -12.07
C8 VFN JA . 70.70 27.90 -10.60
C6 VFN JA . 69.19 27.02 -12.44
C19 VFN JA . 68.70 29.81 -13.23
N16 VFN JA . 76.42 25.11 -13.22
N4 VFN JA . 70.68 25.22 -13.47
N3 VFN JA . 71.54 25.20 -14.55
N1 VFN JA . 72.12 26.94 -16.13
N7 VFN JA . 69.79 28.16 -11.72
O18 VFN JA . 70.13 30.42 -11.48
O28 VFN JA . 70.61 27.23 -14.41
S20 VFN JA . 68.78 31.60 -13.51
CL1 VFN JA . 69.59 34.41 -14.56
C15 VFN KA . 63.26 49.86 -27.07
C23 VFN KA . 65.23 50.77 -20.57
C24 VFN KA . 66.43 50.49 -19.90
C11 VFN KA . 61.02 49.42 -26.18
C13 VFN KA . 62.97 49.34 -24.72
C10 VFN KA . 60.21 49.08 -25.09
C14 VFN KA . 62.15 49.00 -23.65
C22 VFN KA . 64.01 50.30 -20.05
C25 VFN KA . 66.40 49.75 -18.72
C12 VFN KA . 62.39 49.54 -25.99
C9 VFN KA . 60.76 48.85 -23.82
C21 VFN KA . 63.97 49.58 -18.85
C26 VFN KA . 65.19 49.30 -18.20
C5 VFN KA . 60.40 51.57 -22.25
C2 VFN KA . 62.05 52.71 -22.86
C17 VFN KA . 60.93 48.71 -20.44
C8 VFN KA . 59.88 48.49 -22.66
C6 VFN KA . 59.64 50.63 -21.41
C19 VFN KA . 61.18 49.62 -19.26
N16 VFN KA . 63.98 50.09 -27.95
N4 VFN KA . 60.02 52.18 -23.36
N3 VFN KA . 61.11 52.93 -23.75
N1 VFN KA . 63.33 53.20 -22.78
N7 VFN KA . 60.18 49.28 -21.48
O18 VFN KA . 61.38 47.57 -20.45
O28 VFN KA . 61.67 51.86 -21.87
S20 VFN KA . 62.46 48.96 -18.16
CL1 VFN KA . 65.21 48.41 -16.74
S SO4 LA . 65.94 25.90 -13.88
O1 SO4 LA . 64.70 25.55 -14.58
O2 SO4 LA . 66.86 24.77 -13.89
O3 SO4 LA . 65.65 26.24 -12.49
O4 SO4 LA . 66.56 27.04 -14.56
S SO4 MA . 57.75 52.78 -19.07
O1 SO4 MA . 57.51 53.65 -20.21
O2 SO4 MA . 57.18 51.46 -19.33
O3 SO4 MA . 57.08 53.34 -17.88
O4 SO4 MA . 59.20 52.67 -18.85
C15 VFN NA . 25.25 -49.34 22.93
C23 VFN NA . 26.16 -46.53 16.54
C24 VFN NA . 26.98 -46.57 15.42
C11 VFN NA . 24.51 -47.08 23.49
C13 VFN NA . 25.94 -47.43 21.56
C10 VFN NA . 24.46 -45.71 23.22
C14 VFN NA . 25.89 -46.06 21.28
C22 VFN NA . 25.68 -45.30 17.01
C25 VFN NA . 27.31 -45.39 14.76
C12 VFN NA . 25.24 -47.94 22.66
C9 VFN NA . 25.17 -45.21 22.12
C21 VFN NA . 25.99 -44.11 16.36
C26 VFN NA . 26.81 -44.17 15.23
C5 VFN NA . 22.62 -45.39 20.36
C2 VFN NA . 22.77 -47.31 19.48
C17 VFN NA . 24.98 -43.11 19.47
C8 VFN NA . 25.07 -43.77 21.79
C6 VFN NA . 22.90 -43.95 20.58
C19 VFN NA . 24.17 -42.96 18.20
N16 VFN NA . 25.24 -50.48 23.14
N4 VFN NA . 21.76 -46.15 21.00
N3 VFN NA . 21.87 -47.40 20.43
N1 VFN NA . 23.24 -48.25 18.63
N7 VFN NA . 24.31 -43.62 20.56
O18 VFN NA . 26.16 -42.82 19.45
O28 VFN NA . 23.30 -46.05 19.38
S20 VFN NA . 25.38 -42.53 16.92
CL1 VFN NA . 27.26 -42.75 14.36
C15 VFN OA . 51.62 -35.09 14.04
C23 VFN OA . 45.57 -37.42 16.27
C24 VFN OA . 44.80 -38.54 15.97
C11 VFN OA . 50.49 -32.95 13.83
C13 VFN OA . 49.22 -34.95 14.38
C10 VFN OA . 49.31 -32.19 13.88
C14 VFN OA . 48.04 -34.18 14.44
C22 VFN OA . 44.98 -36.16 16.36
C25 VFN OA . 43.42 -38.38 15.75
C12 VFN OA . 50.43 -34.32 14.07
C9 VFN OA . 48.08 -32.80 14.18
C21 VFN OA . 43.61 -35.98 16.13
C26 VFN OA . 42.83 -37.11 15.83
C5 VFN OA . 47.70 -32.62 17.28
C2 VFN OA . 48.45 -34.47 17.97
C17 VFN OA . 44.91 -32.88 15.37
C8 VFN OA . 46.84 -31.94 14.27
C6 VFN OA . 46.65 -31.70 16.77
C19 VFN OA . 44.15 -33.20 16.62
N16 VFN OA . 52.60 -35.71 14.07
N4 VFN OA . 48.99 -32.44 17.45
N3 VFN OA . 49.47 -33.65 17.91
N1 VFN OA . 48.33 -35.77 18.35
N7 VFN OA . 46.10 -32.19 15.50
O18 VFN OA . 44.49 -33.26 14.29
O28 VFN OA . 47.28 -33.88 17.58
S20 VFN OA . 42.81 -34.39 16.23
CL1 VFN OA . 41.13 -36.97 15.56
S SO4 PA . 45.60 -30.66 20.21
O1 SO4 PA . 45.09 -31.97 19.80
O2 SO4 PA . 47.04 -30.59 19.94
O3 SO4 PA . 44.92 -29.62 19.45
O4 SO4 PA . 45.32 -30.49 21.64
C15 VFN QA . 29.13 -40.65 -6.25
C23 VFN QA . 33.56 -38.57 -1.90
C24 VFN QA . 34.30 -39.30 -0.98
C11 VFN QA . 27.62 -38.88 -5.38
C13 VFN QA . 29.75 -39.34 -4.30
C10 VFN QA . 27.37 -37.87 -4.44
C14 VFN QA . 29.47 -38.34 -3.36
C22 VFN QA . 32.92 -37.38 -1.50
C25 VFN QA . 34.42 -38.83 0.33
C12 VFN QA . 28.83 -39.61 -5.32
C9 VFN QA . 28.28 -37.59 -3.41
C21 VFN QA . 33.02 -36.89 -0.18
C26 VFN QA . 33.79 -37.64 0.73
C5 VFN QA . 30.13 -35.37 -4.61
C2 VFN QA . 31.54 -36.48 -5.73
C17 VFN QA . 29.99 -35.70 -1.16
C8 VFN QA . 28.05 -36.48 -2.44
C6 VFN QA . 29.55 -34.70 -3.42
C19 VFN QA . 31.22 -34.84 -1.06
N16 VFN QA . 29.37 -41.49 -7.00
N4 VFN QA . 29.61 -35.54 -5.81
N3 VFN QA . 30.54 -36.26 -6.54
N1 VFN QA . 32.70 -37.15 -5.92
N7 VFN QA . 29.23 -35.60 -2.32
O18 VFN QA . 29.72 -36.47 -0.25
O28 VFN QA . 31.36 -35.94 -4.49
S20 VFN QA . 32.24 -35.38 0.36
CL1 VFN QA . 33.99 -37.11 2.35
S SO4 RA . 19.72 -42.47 19.28
O1 SO4 RA . 19.04 -43.71 19.70
O2 SO4 RA . 20.81 -42.77 18.34
O3 SO4 RA . 18.75 -41.55 18.65
O4 SO4 RA . 20.30 -41.85 20.47
S SO4 SA . 31.02 -31.38 -4.29
O1 SO4 SA . 31.90 -32.24 -3.51
O2 SO4 SA . 31.03 -31.86 -5.66
O3 SO4 SA . 29.66 -31.42 -3.72
O4 SO4 SA . 31.50 -30.00 -4.24
S SO4 TA . 47.79 -68.34 3.91
O1 SO4 TA . 46.32 -68.36 3.97
O2 SO4 TA . 48.29 -69.69 3.63
O3 SO4 TA . 48.33 -67.91 5.22
O4 SO4 TA . 48.21 -67.39 2.85
C15 VFN UA . -22.36 24.70 -54.56
C23 VFN UA . -15.37 23.48 -54.12
C24 VFN UA . -14.44 22.65 -54.73
C11 VFN UA . -22.28 24.42 -52.10
C13 VFN UA . -20.26 24.26 -53.43
C10 VFN UA . -21.55 24.18 -50.93
C14 VFN UA . -19.54 24.02 -52.27
C22 VFN UA . -15.32 23.66 -52.74
C25 VFN UA . -13.45 22.01 -53.97
C12 VFN UA . -21.63 24.46 -53.35
C9 VFN UA . -20.16 23.98 -51.02
C21 VFN UA . -14.34 23.04 -51.93
C26 VFN UA . -13.41 22.21 -52.58
C5 VFN UA . -18.51 26.58 -50.95
C2 VFN UA . -18.22 27.11 -52.97
C17 VFN UA . -16.92 23.78 -49.86
C8 VFN UA . -19.35 23.77 -49.78
C6 VFN UA . -18.15 25.96 -49.65
C19 VFN UA . -15.60 24.48 -49.85
N16 VFN UA . -22.91 24.90 -55.55
N4 VFN UA . -19.61 27.20 -51.31
N3 VFN UA . -19.41 27.55 -52.64
N1 VFN UA . -17.54 27.16 -54.14
N7 VFN UA . -18.10 24.52 -49.77
O18 VFN UA . -16.93 22.56 -49.97
O28 VFN UA . -17.58 26.48 -51.94
S20 VFN UA . -14.26 23.27 -50.16
CL1 VFN UA . -12.17 21.41 -51.70
C15 VFN VA . -11.49 -3.88 -49.19
C23 VFN VA . -13.90 2.95 -49.90
C24 VFN VA . -13.81 3.99 -50.83
C11 VFN VA . -10.82 -3.16 -46.90
C13 VFN VA . -11.67 -1.57 -48.51
C10 VFN VA . -10.71 -2.13 -45.96
C14 VFN VA . -11.53 -0.55 -47.58
C22 VFN VA . -13.63 3.22 -48.56
C25 VFN VA . -13.47 5.28 -50.41
C12 VFN VA . -11.31 -2.88 -48.19
C9 VFN VA . -11.06 -0.82 -46.29
C21 VFN VA . -13.29 4.51 -48.11
C26 VFN VA . -13.20 5.55 -49.06
C5 VFN VA . -14.11 -0.39 -45.72
C2 VFN VA . -15.18 -0.85 -47.49
C17 VFN VA . -12.10 2.43 -45.66
C8 VFN VA . -10.97 0.29 -45.28
C6 VFN VA . -13.40 0.48 -44.74
C19 VFN VA . -13.36 3.26 -45.62
N16 VFN VA . -11.66 -4.65 -50.02
N4 VFN VA . -14.32 -1.68 -45.69
N3 VFN VA . -15.03 -1.99 -46.85
N1 VFN VA . -15.80 -0.56 -48.68
N7 VFN VA . -12.19 1.11 -45.23
O18 VFN VA . -11.08 2.93 -46.09
O28 VFN VA . -14.64 0.20 -46.83
S20 VFN VA . -12.98 4.86 -46.41
CL1 VFN VA . -12.78 7.15 -48.60
S SO4 WA . -15.84 0.87 -42.19
O1 SO4 WA . -16.17 -0.40 -42.83
O2 SO4 WA . -15.90 1.94 -43.20
O3 SO4 WA . -14.47 0.77 -41.68
O4 SO4 WA . -16.79 1.10 -41.05
S SO4 XA . -16.41 28.84 -48.08
O1 SO4 XA . -17.57 29.16 -48.93
O2 SO4 XA . -15.68 27.71 -48.67
O3 SO4 XA . -16.84 28.49 -46.75
O4 SO4 XA . -15.51 29.99 -47.99
C15 VFN YA . 8.29 18.86 -56.26
C23 VFN YA . 3.49 14.06 -54.06
C24 VFN YA . 2.26 13.53 -54.45
C11 VFN YA . 7.99 19.81 -54.02
C13 VFN YA . 6.61 17.96 -54.74
C10 VFN YA . 7.33 19.81 -52.78
C14 VFN YA . 5.95 17.97 -53.50
C22 VFN YA . 3.70 14.44 -52.73
C25 VFN YA . 1.24 13.38 -53.52
C12 VFN YA . 7.62 18.88 -55.00
C9 VFN YA . 6.31 18.90 -52.51
C21 VFN YA . 2.69 14.30 -51.76
C26 VFN YA . 1.46 13.77 -52.19
C5 VFN YA . 7.79 16.46 -51.33
C2 VFN YA . 8.19 15.28 -53.01
C17 VFN YA . 4.53 16.85 -50.45
C8 VFN YA . 5.69 18.87 -51.16
C6 VFN YA . 7.02 16.97 -50.16
C19 VFN YA . 4.59 15.48 -49.88
N16 VFN YA . 8.90 18.79 -57.24
N4 VFN YA . 8.91 16.92 -51.85
N3 VFN YA . 9.18 16.14 -52.96
N1 VFN YA . 7.94 14.28 -53.89
N7 VFN YA . 5.73 17.53 -50.57
O18 VFN YA . 3.44 17.31 -50.78
O28 VFN YA . 7.26 15.42 -52.02
S20 VFN YA . 2.94 14.77 -50.05
CL1 VFN YA . 0.13 13.57 -51.12
S SO4 ZA . 8.58 14.79 -47.32
O1 SO4 ZA . 7.43 14.25 -48.08
O2 SO4 ZA . 9.75 14.93 -48.18
O3 SO4 ZA . 8.88 13.87 -46.21
O4 SO4 ZA . 8.24 16.11 -46.76
C15 VFN AB . 57.59 -9.22 74.68
C23 VFN AB . 55.10 -13.94 70.28
C24 VFN AB . 55.66 -15.01 69.59
C11 VFN AB . 56.27 -7.68 73.32
C13 VFN AB . 56.75 -9.92 72.51
C10 VFN AB . 55.54 -7.40 72.16
C14 VFN AB . 56.03 -9.64 71.35
C22 VFN AB . 54.21 -13.07 69.62
C25 VFN AB . 55.32 -15.23 68.25
C12 VFN AB . 56.86 -8.93 73.50
C9 VFN AB . 55.43 -8.38 71.16
C21 VFN AB . 53.87 -13.24 68.27
C26 VFN AB . 54.44 -14.35 67.61
C5 VFN AB . 52.78 -9.64 72.06
C2 VFN AB . 53.40 -11.26 73.26
C17 VFN AB . 53.49 -9.90 68.77
C8 VFN AB . 54.60 -8.10 69.96
C6 VFN AB . 52.40 -8.94 70.81
C19 VFN AB . 52.33 -10.85 68.63
N16 VFN AB . 58.14 -9.46 75.67
N4 VFN AB . 52.92 -9.17 73.28
N3 VFN AB . 53.31 -10.24 74.07
N1 VFN AB . 53.74 -12.56 73.51
N7 VFN AB . 53.47 -9.01 69.83
O18 VFN AB . 54.40 -9.95 67.96
O28 VFN AB . 53.07 -10.97 71.97
S20 VFN AB . 52.74 -12.15 67.40
CL1 VFN AB . 54.06 -14.68 65.98
S SO4 BB . 48.75 -9.41 71.16
O1 SO4 BB . 47.43 -9.55 70.55
O2 SO4 BB . 49.59 -10.57 70.79
O3 SO4 BB . 48.57 -9.36 72.60
O4 SO4 BB . 49.37 -8.17 70.71
C15 VFN CB . 48.63 -32.74 56.00
C23 VFN CB . 52.85 -27.71 53.54
C24 VFN CB . 54.01 -27.10 54.02
C11 VFN CB . 46.87 -31.07 55.85
C13 VFN CB . 49.15 -30.50 55.21
C10 VFN CB . 46.46 -29.76 55.53
C14 VFN CB . 48.73 -29.20 54.92
C22 VFN CB . 51.79 -26.94 53.06
C25 VFN CB . 54.11 -25.71 54.01
C12 VFN CB . 48.20 -31.43 55.68
C9 VFN CB . 47.39 -28.82 55.08
C21 VFN CB . 51.86 -25.53 53.05
C26 VFN CB . 53.04 -24.93 53.53
C5 VFN CB . 47.64 -28.86 52.01
C2 VFN CB . 49.31 -30.12 51.70
C17 VFN CB . 48.51 -26.06 53.51
C8 VFN CB . 46.93 -27.44 54.73
C6 VFN CB . 46.94 -27.58 52.24
C19 VFN CB . 49.09 -25.62 52.19
N16 VFN CB . 48.99 -33.81 56.28
N4 VFN CB . 47.17 -30.08 51.96
N3 VFN CB . 48.26 -30.90 51.76
N1 VFN CB . 50.63 -30.40 51.52
N7 VFN CB . 47.47 -26.99 53.47
O18 VFN CB . 48.96 -25.60 54.54
O28 VFN CB . 48.99 -28.81 51.87
S20 VFN CB . 50.51 -24.51 52.44
CL1 VFN CB . 53.27 -23.23 53.56
C15 VFN DB . 70.29 -12.79 46.36
C23 VFN DB . 66.71 -11.60 52.33
C24 VFN DB . 66.44 -12.36 53.47
C11 VFN DB . 68.33 -11.82 45.22
C13 VFN DB . 68.33 -12.31 47.61
C10 VFN DB . 67.01 -11.35 45.33
C14 VFN DB . 67.02 -11.87 47.71
C22 VFN DB . 65.68 -10.88 51.73
C25 VFN DB . 65.15 -12.39 54.01
C12 VFN DB . 68.97 -12.29 46.38
C9 VFN DB . 66.35 -11.39 46.57
C21 VFN DB . 64.38 -10.89 52.24
C26 VFN DB . 64.13 -11.66 53.40
C5 VFN DB . 66.83 -8.68 47.90
C2 VFN DB . 68.55 -9.00 49.06
C17 VFN DB . 64.05 -10.28 48.94
C8 VFN DB . 64.96 -10.88 46.73
C6 VFN DB . 65.38 -8.59 47.64
C19 VFN DB . 63.91 -9.24 50.02
N16 VFN DB . 71.37 -13.22 46.40
N4 VFN DB . 67.84 -8.60 47.06
N3 VFN DB . 68.97 -8.80 47.83
N1 VFN DB . 69.23 -9.24 50.22
N7 VFN DB . 64.79 -9.91 47.81
O18 VFN DB . 63.56 -11.38 49.09
O28 VFN DB . 67.20 -8.95 49.18
S20 VFN DB . 63.07 -9.96 51.48
CL1 VFN DB . 62.55 -11.74 54.11
S SO4 EB . 46.64 -26.73 48.50
O1 SO4 EB . 46.72 -26.45 47.06
O2 SO4 EB . 46.57 -28.17 48.72
O3 SO4 EB . 45.46 -26.08 49.07
O4 SO4 EB . 47.86 -26.22 49.14
S SO4 FB . 64.84 -4.88 48.16
O1 SO4 FB . 63.91 -5.20 47.06
O2 SO4 FB . 66.18 -5.28 47.77
O3 SO4 FB . 64.83 -3.44 48.45
O4 SO4 FB . 64.47 -5.63 49.38
C15 VFN GB . 47.75 11.59 -41.57
C23 VFN GB . 48.75 6.75 -36.69
C24 VFN GB . 49.04 5.39 -36.60
C11 VFN GB . 46.06 12.55 -40.04
C13 VFN GB . 47.00 10.34 -39.64
C10 VFN GB . 45.28 12.43 -38.88
C14 VFN GB . 46.21 10.22 -38.49
C22 VFN GB . 47.85 7.36 -35.80
C25 VFN GB . 48.41 4.64 -35.61
C12 VFN GB . 46.92 11.49 -40.40
C9 VFN GB . 45.34 11.26 -38.11
C21 VFN GB . 47.20 6.64 -34.80
C26 VFN GB . 47.52 5.27 -34.73
C5 VFN GB . 47.46 11.98 -35.86
C2 VFN GB . 49.23 11.32 -36.80
C17 VFN GB . 45.26 9.51 -35.20
C8 VFN GB . 44.53 11.13 -36.87
C6 VFN GB . 46.19 11.85 -35.13
C19 VFN GB . 46.09 9.17 -33.99
N16 VFN GB . 48.43 11.66 -42.51
N4 VFN GB . 48.03 13.06 -36.34
N3 VFN GB . 49.20 12.62 -36.97
N1 VFN GB . 50.13 10.40 -37.22
N7 VFN GB . 45.36 10.81 -35.72
O18 VFN GB . 44.56 8.68 -35.73
O28 VFN GB . 48.15 10.85 -36.10
S20 VFN GB . 46.03 7.38 -33.67
CL1 VFN GB . 46.80 4.28 -33.53
S SO4 HB . 47.58 13.02 -31.91
O1 SO4 HB . 48.42 13.79 -32.86
O2 SO4 HB . 47.73 11.58 -32.21
O3 SO4 HB . 46.17 13.39 -32.07
O4 SO4 HB . 47.98 13.25 -30.50
C15 VFN IB . 54.95 -11.93 -21.94
C23 VFN IB . 48.88 -11.91 -25.69
C24 VFN IB . 48.45 -11.77 -27.01
C11 VFN IB . 53.76 -10.41 -20.43
C13 VFN IB . 52.93 -10.80 -22.70
C10 VFN IB . 52.68 -9.55 -20.18
C14 VFN IB . 51.87 -9.94 -22.44
C22 VFN IB . 48.23 -11.21 -24.66
C25 VFN IB . 47.35 -10.93 -27.28
C12 VFN IB . 53.87 -11.03 -21.68
C9 VFN IB . 51.74 -9.31 -21.19
C21 VFN IB . 47.13 -10.35 -24.91
C26 VFN IB . 46.71 -10.23 -26.25
C5 VFN IB . 49.76 -11.40 -20.13
C2 VFN IB . 50.38 -13.05 -21.26
C17 VFN IB . 48.49 -8.96 -22.07
C8 VFN IB . 50.57 -8.43 -20.91
C6 VFN IB . 49.03 -10.12 -19.91
C19 VFN IB . 47.22 -9.77 -22.12
N16 VFN IB . 55.77 -12.71 -22.13
N4 VFN IB . 50.62 -12.04 -19.36
N3 VFN IB . 51.02 -13.14 -20.11
N1 VFN IB . 50.40 -13.84 -22.36
N7 VFN IB . 49.33 -9.18 -20.98
O18 VFN IB . 48.76 -8.18 -22.98
O28 VFN IB . 49.57 -11.98 -21.34
S20 VFN IB . 46.27 -9.45 -23.64
CL1 VFN IB . 45.35 -9.23 -26.64
S SO4 JB . 46.19 -11.90 -18.01
O1 SO4 JB . 45.82 -11.94 -19.43
O2 SO4 JB . 47.20 -12.92 -17.74
O3 SO4 JB . 46.72 -10.57 -17.69
O4 SO4 JB . 45.00 -12.15 -17.17
C15 VFN KB . 29.04 -13.17 -39.43
C23 VFN KB . 32.91 -7.46 -39.44
C24 VFN KB . 34.26 -7.19 -39.67
C11 VFN KB . 28.32 -12.36 -37.24
C13 VFN KB . 30.10 -11.19 -38.43
C10 VFN KB . 28.39 -11.43 -36.20
C14 VFN KB . 30.17 -10.27 -37.38
C22 VFN KB . 32.23 -6.87 -38.36
C25 VFN KB . 34.93 -6.33 -38.79
C12 VFN KB . 29.16 -12.23 -38.36
C9 VFN KB . 29.32 -10.38 -36.26
C21 VFN KB . 32.90 -6.01 -37.48
C26 VFN KB . 34.25 -5.75 -37.71
C5 VFN KB . 27.85 -7.98 -37.56
C2 VFN KB . 28.33 -8.18 -39.62
C17 VFN KB . 30.48 -7.27 -35.58
C8 VFN KB . 29.34 -9.38 -35.14
C6 VFN KB . 28.04 -7.51 -36.16
C19 VFN KB . 30.41 -5.88 -36.11
N16 VFN KB . 28.89 -13.92 -40.30
N4 VFN KB . 26.96 -8.80 -38.06
N3 VFN KB . 27.26 -8.93 -39.41
N1 VFN KB . 29.05 -7.95 -40.74
N7 VFN KB . 29.31 -8.01 -35.63
O18 VFN KB . 31.55 -7.69 -35.14
O28 VFN KB . 28.77 -7.56 -38.48
S20 VFN KB . 32.10 -5.22 -36.10
CL1 VFN KB . 35.12 -4.69 -36.67
S SO4 LB . 25.62 -4.60 -36.60
O1 SO4 LB . 25.06 -5.67 -37.42
O2 SO4 LB . 27.06 -4.52 -36.86
O3 SO4 LB . 24.99 -3.32 -36.97
O4 SO4 LB . 25.37 -4.92 -35.19
S SO4 MB . -19.32 -42.24 35.46
O1 SO4 MB . -20.11 -42.95 34.44
O2 SO4 MB . -18.51 -43.19 36.21
O3 SO4 MB . -20.22 -41.57 36.41
O4 SO4 MB . -18.44 -41.26 34.83
C15 VFN NB . -39.63 -42.72 16.16
C23 VFN NB . -33.08 -43.43 13.78
C24 VFN NB . -32.14 -44.46 13.84
C11 VFN NB . -38.66 -40.61 16.93
C13 VFN NB . -37.19 -42.43 16.30
C10 VFN NB . -37.57 -39.80 17.22
C14 VFN NB . -36.09 -41.61 16.59
C22 VFN NB . -32.68 -42.10 13.99
C25 VFN NB . -30.81 -44.16 14.09
C12 VFN NB . -38.48 -41.92 16.47
C9 VFN NB . -36.27 -40.30 17.06
C21 VFN NB . -31.34 -41.78 14.25
C26 VFN NB . -30.41 -42.83 14.29
C5 VFN NB . -35.90 -39.06 14.27
C2 VFN NB . -36.42 -40.70 13.04
C17 VFN NB . -33.06 -39.52 15.97
C8 VFN NB . -35.09 -39.40 17.33
C6 VFN NB . -35.00 -38.23 15.11
C19 VFN NB . -32.35 -39.13 14.70
N16 VFN NB . -40.55 -43.35 15.88
N4 VFN NB . -37.19 -38.94 14.03
N3 VFN NB . -37.53 -40.00 13.22
N1 VFN NB . -36.19 -41.83 12.33
N7 VFN NB . -34.35 -39.05 16.12
O18 VFN NB . -32.47 -40.22 16.80
O28 VFN NB . -35.35 -40.16 13.68
S20 VFN NB . -30.83 -40.08 14.49
CL1 VFN NB . -28.73 -42.58 14.58
S SO4 OB . -34.43 -35.81 12.09
O1 SO4 OB . -34.96 -35.54 10.75
O2 SO4 OB . -33.41 -36.86 12.05
O3 SO4 OB . -33.83 -34.59 12.64
O4 SO4 OB . -35.55 -36.22 12.92
C15 VFN PB . -15.89 -50.95 35.18
C23 VFN PB . -20.87 -48.60 30.66
C24 VFN PB . -21.55 -49.05 29.52
C11 VFN PB . -14.80 -48.77 34.82
C13 VFN PB . -16.67 -49.47 33.43
C10 VFN PB . -14.73 -47.56 34.10
C14 VFN PB . -16.58 -48.27 32.71
C22 VFN PB . -20.37 -47.28 30.68
C25 VFN PB . -21.75 -48.20 28.44
C12 VFN PB . -15.78 -49.71 34.48
C9 VFN PB . -15.61 -47.31 33.04
C21 VFN PB . -20.54 -46.42 29.59
C26 VFN PB . -21.24 -46.89 28.47
C5 VFN PB . -17.96 -45.92 34.45
C2 VFN PB . -19.21 -47.55 34.95
C17 VFN PB . -17.60 -45.27 31.13
C8 VFN PB . -15.57 -46.01 32.30
C6 VFN PB . -17.40 -44.85 33.59
C19 VFN PB . -18.97 -44.62 31.20
N16 VFN PB . -15.99 -51.97 35.71
N4 VFN PB . -17.64 -46.27 35.69
N3 VFN PB . -18.46 -47.33 36.02
N1 VFN PB . -20.17 -48.47 34.74
N7 VFN PB . -16.88 -45.36 32.31
O18 VFN PB . -17.19 -45.69 30.06
O28 VFN PB . -18.95 -46.69 33.92
S20 VFN PB . -19.91 -44.76 29.65
CL1 VFN PB . -21.56 -45.92 27.07
C15 VFN QB . -11.82 -49.50 3.94
C23 VFN QB . -12.48 -49.24 11.07
C24 VFN QB . -13.31 -49.78 12.06
C11 VFN QB . -11.24 -47.14 4.12
C13 VFN QB . -12.51 -48.20 5.89
C10 VFN QB . -11.26 -45.92 4.82
C14 VFN QB . -12.54 -46.97 6.59
C22 VFN QB . -12.28 -47.87 11.00
C25 VFN QB . -13.92 -48.91 12.96
C12 VFN QB . -11.86 -48.27 4.66
C9 VFN QB . -11.92 -45.84 6.04
C21 VFN QB . -12.88 -46.98 11.90
C26 VFN QB . -13.71 -47.53 12.88
C5 VFN QB . -9.33 -46.23 7.60
C2 VFN QB . -9.33 -48.35 7.45
C17 VFN QB . -12.04 -44.79 9.21
C8 VFN QB . -11.89 -44.55 6.80
C6 VFN QB . -9.77 -44.89 8.09
C19 VFN QB . -11.38 -44.99 10.56
N16 VFN QB . -11.76 -50.49 3.35
N4 VFN QB . -8.42 -46.54 6.71
N3 VFN QB . -8.42 -47.93 6.61
N1 VFN QB . -9.75 -49.62 7.76
N7 VFN QB . -11.23 -44.74 8.07
O18 VFN QB . -13.26 -44.69 9.18
O28 VFN QB . -9.94 -47.33 8.12
S20 VFN QB . -12.64 -45.21 11.85
CL1 VFN QB . -14.46 -46.48 14.02
S SO4 RB . -6.79 -43.38 9.86
O1 SO4 RB . -5.96 -44.26 9.03
O2 SO4 RB . -7.67 -44.21 10.71
O3 SO4 RB . -7.62 -42.53 8.98
O4 SO4 RB . -5.94 -42.53 10.70
C15 VFN SB . -37.56 -26.66 -22.70
C23 VFN SB . -42.59 -23.58 -19.01
C24 VFN SB . -43.87 -23.09 -19.32
C11 VFN SB . -36.06 -24.98 -21.70
C13 VFN SB . -38.48 -24.79 -21.50
C10 VFN SB . -35.89 -23.79 -20.97
C14 VFN SB . -38.31 -23.61 -20.78
C22 VFN SB . -41.70 -22.79 -18.26
C25 VFN SB . -44.24 -21.81 -18.88
C12 VFN SB . -37.35 -25.46 -21.96
C9 VFN SB . -37.02 -23.11 -20.51
C21 VFN SB . -42.06 -21.52 -17.82
C26 VFN SB . -43.33 -21.04 -18.13
C5 VFN SB . -37.44 -24.31 -17.71
C2 VFN SB . -38.78 -25.90 -17.96
C17 VFN SB . -38.72 -21.19 -18.22
C8 VFN SB . -36.88 -21.87 -19.70
C6 VFN SB . -37.03 -22.90 -17.46
C19 VFN SB . -39.40 -21.36 -16.89
N16 VFN SB . -37.75 -27.63 -23.29
N4 VFN SB . -36.70 -25.35 -18.01
N3 VFN SB . -37.57 -26.40 -18.18
N1 VFN SB . -39.99 -26.51 -17.99
N7 VFN SB . -37.59 -21.97 -18.45
O18 VFN SB . -39.19 -20.40 -19.03
O28 VFN SB . -38.77 -24.59 -17.66
S20 VFN SB . -40.99 -20.48 -16.85
CL1 VFN SB . -43.82 -19.48 -17.60
C15 VFN TB . -50.65 -0.77 -33.12
C23 VFN TB . -47.42 -5.71 -30.35
C24 VFN TB . -47.75 -7.03 -30.05
C11 VFN TB . -49.56 0.69 -31.46
C13 VFN TB . -49.51 -1.74 -31.22
C10 VFN TB . -48.80 0.82 -30.29
C14 VFN TB . -48.78 -1.60 -30.04
C22 VFN TB . -46.66 -4.96 -29.44
C25 VFN TB . -47.30 -7.57 -28.83
C12 VFN TB . -49.90 -0.60 -31.92
C9 VFN TB . -48.43 -0.32 -29.58
C21 VFN TB . -46.21 -5.48 -28.22
C26 VFN TB . -46.54 -6.81 -27.93
C5 VFN TB . -45.70 -0.90 -30.90
C2 VFN TB . -46.22 -2.14 -32.51
C17 VFN TB . -46.25 -2.15 -27.74
C8 VFN TB . -47.59 -0.20 -28.36
C6 VFN TB . -45.37 -0.56 -29.48
C19 VFN TB . -44.99 -2.95 -27.96
N16 VFN TB . -51.23 -0.96 -34.10
N4 VFN TB . -45.81 -0.10 -31.94
N3 VFN TB . -46.16 -0.92 -32.99
N1 VFN TB . -46.51 -3.32 -33.11
N7 VFN TB . -46.39 -1.01 -28.53
O18 VFN TB . -47.08 -2.54 -26.94
O28 VFN TB . -45.95 -2.21 -31.17
S20 VFN TB . -45.22 -4.52 -27.10
CL1 VFN TB . -46.04 -7.57 -26.47
S SO4 UB . -41.74 -0.40 -29.83
O1 SO4 UB . -42.42 0.32 -30.92
O2 SO4 UB . -42.29 -1.76 -29.72
O3 SO4 UB . -41.95 0.32 -28.58
O4 SO4 UB . -40.29 -0.45 -30.09
S SO4 VB . -36.44 -23.56 -13.77
O1 SO4 VB . -37.72 -23.76 -14.46
O2 SO4 VB . -36.07 -24.81 -13.11
O3 SO4 VB . -36.59 -22.52 -12.76
O4 SO4 VB . -35.37 -23.20 -14.71
C15 VFN WB . -62.20 -14.56 -7.97
C23 VFN WB . -59.13 -11.13 -12.99
C24 VFN WB . -58.74 -11.50 -14.28
C11 VFN WB . -60.33 -13.79 -6.62
C13 VFN WB . -60.36 -13.40 -9.03
C10 VFN WB . -59.09 -13.13 -6.52
C14 VFN WB . -59.12 -12.76 -8.93
C22 VFN WB . -58.24 -10.40 -12.18
C25 VFN WB . -57.47 -11.16 -14.73
C12 VFN WB . -60.95 -13.92 -7.87
C9 VFN WB . -58.48 -12.62 -7.68
C21 VFN WB . -56.94 -10.06 -12.61
C26 VFN WB . -56.58 -10.46 -13.91
C5 VFN WB . -59.54 -9.75 -7.98
C2 VFN WB . -61.17 -9.94 -9.31
C17 VFN WB . -56.45 -10.36 -9.30
C8 VFN WB . -57.19 -11.87 -7.56
C6 VFN WB . -58.13 -9.50 -7.62
C19 VFN WB . -56.54 -9.02 -9.96
N16 VFN WB . -63.24 -15.08 -8.03
N4 VFN WB . -60.54 -10.19 -7.26
N3 VFN WB . -61.62 -10.31 -8.13
N1 VFN WB . -61.80 -9.86 -10.52
N7 VFN WB . -57.25 -10.54 -8.18
O18 VFN WB . -55.74 -11.22 -9.79
O28 VFN WB . -59.86 -9.57 -9.29
S20 VFN WB . -55.78 -9.15 -11.60
CL1 VFN WB . -55.02 -10.08 -14.55
S SO4 XB . -57.96 -5.75 -7.01
O1 SO4 XB . -57.95 -5.97 -8.47
O2 SO4 XB . -56.87 -6.52 -6.39
O3 SO4 XB . -59.26 -6.19 -6.44
O4 SO4 XB . -57.69 -4.33 -6.75
C15 VFN YB . -30.95 65.87 -43.61
C23 VFN YB . -25.64 70.13 -41.51
C24 VFN YB . -24.58 70.90 -42.00
C11 VFN YB . -30.35 64.41 -41.72
C13 VFN YB . -28.85 66.16 -42.52
C10 VFN YB . -29.42 64.08 -40.72
C14 VFN YB . -27.92 65.80 -41.53
C22 VFN YB . -25.43 69.28 -40.42
C25 VFN YB . -23.33 70.83 -41.38
C12 VFN YB . -30.05 65.46 -42.60
C9 VFN YB . -28.21 64.77 -40.63
C21 VFN YB . -24.18 69.18 -39.78
C26 VFN YB . -23.15 69.98 -40.28
C5 VFN YB . -29.02 66.96 -38.59
C2 VFN YB . -29.61 68.51 -39.92
C17 VFN YB . -25.75 66.28 -38.80
C8 VFN YB . -27.23 64.48 -39.55
C6 VFN YB . -28.05 66.11 -37.84
C19 VFN YB . -25.51 67.48 -37.94
N16 VFN YB . -31.67 66.28 -44.43
N4 VFN YB . -30.33 66.90 -38.68
N3 VFN YB . -30.72 67.91 -39.54
N1 VFN YB . -29.39 69.56 -40.76
N7 VFN YB . -26.99 65.64 -38.70
O18 VFN YB . -24.89 65.94 -39.58
O28 VFN YB . -28.50 67.96 -39.35
S20 VFN YB . -23.88 68.13 -38.38
CL1 VFN YB . -21.61 69.92 -39.54
C15 VFN ZB . -1.64 61.35 -52.50
C23 VFN ZB . -7.67 61.81 -49.94
C24 VFN ZB . -8.66 62.79 -50.05
C11 VFN ZB . -0.87 60.80 -50.22
C13 VFN ZB . -3.21 61.21 -50.65
C10 VFN ZB . -1.14 60.56 -48.87
C14 VFN ZB . -3.48 60.99 -49.29
C22 VFN ZB . -7.40 61.22 -48.69
C25 VFN ZB . -9.38 63.17 -48.92
C12 VFN ZB . -1.89 61.12 -51.13
C9 VFN ZB . -2.45 60.66 -48.39
C21 VFN ZB . -8.11 61.59 -47.52
C26 VFN ZB . -9.11 62.59 -47.67
C5 VFN ZB . -4.17 58.07 -48.51
C2 VFN ZB . -5.03 58.21 -50.43
C17 VFN ZB . -5.15 60.43 -46.36
C8 VFN ZB . -2.77 60.38 -46.95
C6 VFN ZB . -4.08 58.25 -47.05
C19 VFN ZB . -6.44 59.68 -46.20
N16 VFN ZB . -1.48 61.51 -53.65
N4 VFN ZB . -3.27 57.61 -49.34
N3 VFN ZB . -3.82 57.70 -50.60
N1 VFN ZB . -5.99 58.50 -51.33
N7 VFN ZB . -4.03 59.68 -46.77
O18 VFN ZB . -5.15 61.64 -46.14
O28 VFN ZB . -5.31 58.48 -49.13
S20 VFN ZB . -7.80 60.84 -45.93
CL1 VFN ZB . -10.03 63.12 -46.32
S SO4 AC . -5.68 55.03 -46.15
O1 SO4 AC . -6.39 53.81 -45.75
O2 SO4 AC . -4.75 54.75 -47.25
O3 SO4 AC . -6.65 56.05 -46.56
O4 SO4 AC . -4.95 55.50 -45.00
C15 VFN BC . -8.53 86.64 -35.83
C23 VFN BC . -7.27 80.45 -39.32
C24 VFN BC . -7.65 79.72 -40.44
C11 VFN BC . -8.84 85.15 -33.88
C13 VFN BC . -8.55 84.22 -36.11
C10 VFN BC . -8.95 83.87 -33.33
C14 VFN BC . -8.68 82.94 -35.58
C22 VFN BC . -7.14 79.79 -38.10
C25 VFN BC . -7.89 78.35 -40.34
C12 VFN BC . -8.64 85.32 -35.27
C9 VFN BC . -8.88 82.77 -34.19
C21 VFN BC . -7.40 78.41 -37.96
C26 VFN BC . -7.77 77.70 -39.10
C5 VFN BC . -5.87 82.10 -34.10
C2 VFN BC . -5.15 83.15 -35.77
C17 VFN BC . -7.92 79.64 -34.92
C8 VFN BC . -8.94 81.41 -33.62
C6 VFN BC . -6.49 80.98 -33.37
C19 VFN BC . -6.71 78.84 -35.27
N16 VFN BC . -8.43 87.70 -36.28
N4 VFN BC . -5.52 83.28 -33.66
N3 VFN BC . -5.03 83.97 -34.75
N1 VFN BC . -4.82 83.35 -37.07
N7 VFN BC . -7.77 80.65 -33.98
O18 VFN BC . -8.98 79.40 -35.46
O28 VFN BC . -5.67 81.95 -35.44
S20 VFN BC . -7.24 77.55 -36.41
CL1 VFN BC . -8.06 76.01 -39.02
S SO4 CC . -28.50 67.28 -34.29
O1 SO4 CC . -29.73 66.96 -35.02
O2 SO4 CC . -27.91 66.06 -33.74
O3 SO4 CC . -28.81 68.16 -33.15
O4 SO4 CC . -27.54 67.95 -35.19
S SO4 DC . -3.02 79.77 -32.31
O1 SO4 DC . -3.55 79.48 -33.65
O2 SO4 DC . -3.44 78.71 -31.40
O3 SO4 DC . -3.57 81.03 -31.81
O4 SO4 DC . -1.55 79.81 -32.32
C15 VFN EC . -82.15 43.80 14.66
C23 VFN EC . -80.17 39.68 9.70
C24 VFN EC . -80.76 38.64 8.99
C11 VFN EC . -79.93 43.31 15.59
C13 VFN EC . -80.73 42.17 13.59
C10 VFN EC . -78.72 42.60 15.51
C14 VFN EC . -79.52 41.45 13.54
C22 VFN EC . -78.82 39.59 10.04
C25 VFN EC . -79.99 37.52 8.65
C12 VFN EC . -80.93 43.10 14.62
C9 VFN EC . -78.51 41.67 14.48
C21 VFN EC . -78.01 38.49 9.70
C26 VFN EC . -78.64 37.44 9.00
C5 VFN EC . -77.10 43.03 12.04
C2 VFN EC . -78.71 43.51 10.78
C17 VFN EC . -76.55 39.79 12.33
C8 VFN EC . -77.21 40.94 14.38
C6 VFN EC . -76.01 42.21 12.57
C19 VFN EC . -75.89 39.87 10.98
N16 VFN EC . -83.16 44.37 14.66
N4 VFN EC . -77.57 44.17 12.50
N3 VFN EC . -78.63 44.49 11.66
N1 VFN EC . -79.59 43.32 9.75
N7 VFN EC . -76.58 40.97 13.07
O18 VFN EC . -77.05 38.73 12.70
O28 VFN EC . -77.77 42.55 10.96
S20 VFN EC . -76.27 38.35 10.09
CL1 VFN EC . -77.72 36.05 8.56
S SO4 FC . -73.69 44.11 10.53
O1 SO4 FC . -74.36 43.22 9.58
O2 SO4 FC . -72.98 43.27 11.49
O3 SO4 FC . -74.67 44.95 11.24
O4 SO4 FC . -72.74 44.98 9.84
C15 VFN GC . -75.99 24.87 -9.08
C23 VFN GC . -76.29 21.95 -2.68
C24 VFN GC . -77.24 21.97 -1.66
C11 VFN GC . -73.75 25.70 -8.45
C13 VFN GC . -75.08 24.39 -6.88
C10 VFN GC . -72.72 25.80 -7.50
C14 VFN GC . -74.06 24.54 -5.93
C22 VFN GC . -74.97 22.32 -2.41
C25 VFN GC . -76.84 22.36 -0.38
C12 VFN GC . -74.92 24.98 -8.14
C9 VFN GC . -72.88 25.23 -6.24
C21 VFN GC . -74.54 22.70 -1.13
C26 VFN GC . -75.51 22.72 -0.11
C5 VFN GC . -72.05 22.17 -6.05
C2 VFN GC . -73.80 20.97 -6.28
C17 VFN GC . -72.05 24.06 -3.21
C8 VFN GC . -71.79 25.33 -5.24
C6 VFN GC . -71.05 22.95 -5.27
C19 VFN GC . -71.95 22.81 -2.40
N16 VFN GC . -76.87 24.77 -9.83
N4 VFN GC . -72.19 21.97 -7.34
N3 VFN GC . -73.32 21.18 -7.50
N1 VFN GC . -74.88 20.28 -5.82
N7 VFN GC . -71.64 24.08 -4.54
O18 VFN GC . -72.54 25.04 -2.68
O28 VFN GC . -73.04 21.57 -5.32
S20 VFN GC . -72.83 23.16 -0.85
CL1 VFN GC . -75.19 23.17 1.52
C15 VFN HC . -81.40 13.08 19.05
C23 VFN HC . -80.82 19.93 17.86
C24 VFN HC . -81.36 20.96 17.07
C11 VFN HC . -78.95 12.95 18.83
C13 VFN HC . -80.13 15.04 18.47
C10 VFN HC . -77.71 13.57 18.59
C14 VFN HC . -78.88 15.63 18.21
C22 VFN HC . -79.43 19.86 18.05
C25 VFN HC . -80.52 21.91 16.50
C12 VFN HC . -80.14 13.69 18.77
C9 VFN HC . -77.67 14.93 18.27
C21 VFN HC . -78.56 20.80 17.48
C26 VFN HC . -79.13 21.83 16.69
C5 VFN HC . -77.63 16.58 20.97
C2 VFN HC . -79.69 16.98 21.37
C17 VFN HC . -76.50 18.05 18.18
C8 VFN HC . -76.38 15.63 18.08
C6 VFN HC . -76.28 16.79 20.36
C19 VFN HC . -76.54 19.35 18.93
N16 VFN HC . -82.41 12.60 19.33
N4 VFN HC . -78.05 15.59 21.73
N3 VFN HC . -79.38 15.85 21.99
N1 VFN HC . -80.86 17.67 21.29
N7 VFN HC . -76.37 16.86 18.88
O18 VFN HC . -76.62 18.08 16.97
O28 VFN HC . -78.61 17.49 20.72
S20 VFN HC . -76.81 20.69 17.73
CL1 VFN HC . -78.19 23.06 15.94
S SO4 IC . -68.67 20.26 -4.30
O1 SO4 IC . -68.72 19.86 -5.72
O2 SO4 IC . -67.81 19.33 -3.55
O3 SO4 IC . -70.01 20.23 -3.70
O4 SO4 IC . -68.13 21.62 -4.20
S SO4 JC . -74.80 18.67 23.42
O1 SO4 JC . -73.89 17.94 22.50
O2 SO4 JC . -75.72 17.71 24.06
O3 SO4 JC . -75.57 19.63 22.62
O4 SO4 JC . -74.01 19.40 24.44
S SO4 KC . -41.91 -11.15 74.68
O1 SO4 KC . -42.99 -10.50 73.92
O2 SO4 KC . -42.06 -12.61 74.57
O3 SO4 KC . -42.02 -10.77 76.09
O4 SO4 KC . -40.61 -10.73 74.12
C15 VFN LC . -45.05 -32.29 57.17
C23 VFN LC . -39.30 -32.45 61.03
C24 VFN LC . -38.83 -32.76 62.31
C11 VFN LC . -44.19 -30.17 56.36
C13 VFN LC . -43.06 -31.33 58.18
C10 VFN LC . -43.24 -29.15 56.42
C14 VFN LC . -42.12 -30.29 58.24
C22 VFN LC . -38.74 -31.35 60.36
C25 VFN LC . -37.82 -31.99 62.88
C12 VFN LC . -44.09 -31.26 57.24
C9 VFN LC . -42.20 -29.20 57.36
C21 VFN LC . -37.73 -30.56 60.92
C26 VFN LC . -37.27 -30.89 62.21
C5 VFN LC . -39.93 -30.57 55.91
C2 VFN LC . -40.27 -32.60 56.40
C17 VFN LC . -39.08 -28.64 58.49
C8 VFN LC . -41.17 -28.11 57.37
C6 VFN LC . -39.36 -29.23 56.08
C19 VFN LC . -37.71 -29.24 58.42
N16 VFN LC . -45.81 -33.17 57.10
N4 VFN LC . -40.84 -31.01 55.06
N3 VFN LC . -41.05 -32.34 55.38
N1 VFN LC . -40.08 -33.73 57.12
N7 VFN LC . -39.83 -28.65 57.33
O18 VFN LC . -39.48 -28.18 59.56
O28 VFN LC . -39.53 -31.52 56.79
S20 VFN LC . -36.99 -29.17 60.08
CL1 VFN LC . -36.04 -29.96 62.97
S SO4 MC . -36.60 -29.74 53.60
O1 SO4 MC . -37.39 -30.78 52.97
O2 SO4 MC . -35.35 -29.58 52.85
O3 SO4 MC . -37.36 -28.49 53.60
O4 SO4 MC . -36.29 -30.16 54.97
#